data_8JIV
#
_entry.id   8JIV
#
_cell.length_a   1.00
_cell.length_b   1.00
_cell.length_c   1.00
_cell.angle_alpha   90.00
_cell.angle_beta   90.00
_cell.angle_gamma   90.00
#
_symmetry.space_group_name_H-M   'P 1'
#
loop_
_entity.id
_entity.type
_entity.pdbx_description
1 polymer '25S rRNA'
2 polymer '5S rRNA'
3 polymer '5.8S rRNA'
4 polymer 'Ribosomal protein L2 C-terminal domain-containing protein'
5 polymer 'Ribosomal protein L3'
6 polymer '60S ribosomal protein L4 C-terminal domain-containing protein'
7 polymer 'Ribosomal protein L5 eukaryotic C-terminal domain-containing protein'
8 polymer '60S ribosomal protein L6'
9 polymer '60S ribosomal protein uL30'
10 polymer '60S ribosomal protein L7a'
11 polymer 'Ribosomal protein L6 alpha-beta domain-containing protein'
12 polymer 'Ribosomal protein L10e/L16 domain-containing protein'
13 polymer '60S ribosomal protein L11'
14 polymer '60S ribosomal protein L13'
15 polymer 'Ribosomal protein L14e domain-containing protein'
16 polymer 'Ribosomal protein L15'
17 polymer 'Ribosomal protein L13a'
18 polymer '60S ribosomal protein uL22'
19 polymer 'Ribosomal protein L18e/L15P domain-containing protein'
20 polymer 'Ribosomal protein L19'
21 polymer '60S ribosomal protein L18a'
22 polymer '60S ribosomal protein L21'
23 polymer 'Genome assembly, chromosome: II'
24 polymer 'Ribosomal protein L17'
25 polymer 'TRASH domain-containing protein'
26 polymer 'Genome assembly, chromosome: II'
27 polymer 'KOW domain-containing protein'
28 polymer '60S ribosomal protein L27'
29 polymer 'Ribosomal protein L18e/L15P domain-containing protein'
30 polymer '60S ribosomal protein L29'
31 polymer 'Ribosomal protein L7Ae/L30e/S12e/Gadd45 domain-containing protein'
32 polymer '60S ribosomal protein L31'
33 polymer '60S ribosomal protein eL32'
34 polymer '60S ribosomal protein eL33'
35 polymer '60S ribosomal protein L34'
36 polymer '60S ribosomal protein L35'
37 polymer '60S ribosomal protein L36'
38 polymer 'Ribosomal protein L37'
39 polymer '60S ribosomal protein L38'
40 polymer 'Ribosomal protein L39'
41 polymer 'Ubiquitin-like domain-containing protein'
42 polymer 'Genome assembly, chromosome: II'
43 polymer '60S ribosomal protein L37a, expressed'
44 polymer 'Ribosomal L28e/Mak16 domain-containing protein'
45 non-polymer 'POTASSIUM ION'
46 non-polymer 'MAGNESIUM ION'
47 non-polymer 'ZINC ION'
#
loop_
_entity_poly.entity_id
_entity_poly.type
_entity_poly.pdbx_seq_one_letter_code
_entity_poly.pdbx_strand_id
1 'polyribonucleotide'
;GCGACCCCAGGUCAGGCGGGACUACCCGCUGAGU(PSU)UAAGCAUAUAAA(OMU)AAGCGGAGGAGAAGAAACU(PSU)
ACAAGGAUUCCCCUAGUAACGGCGAGCGAACCGGGAGCAGCCCAGCUUGAGAAUCGGGCGGCUGUGCCGUCCGAA(OMU)
UGUAGUCUGGAGAGGCGUCCUCAGCGACGGACCGGGCCCAAGUCCCCUGGAAAGGGGCGCCUGGGAGGGUGAGAGCCCCG
UCCGGCCCGGACCCUGUCGCCCCACGAGGCGCCGUCAACGAGUCGGGUUGUUUGGGAAUGCAGCCCAAAUCGGGCGGUAG
ACUCCGUCCAAGGCUAAAUACAGGCGAGAGACCGAUAGCGAACAAGUACCGCGAGGGAAAGAUG(A2M)AAAGGACU
(PSU)UGAAAAGAGAGUCAAAGAGUGCUUGAAAUUGCCGGGAGGGAAGCGGAUGGGGGCCGGCGAUGCGCCCCGGCCGUA
UGCGGAACGGCUCUUGCUGGUCCGCCGCUCGGCUCGGGGUGUGGACUGUUGUCGGCCGCGCCGGCGGCCAAAGCCCGGGG
GCCCUAGGUGCCCCCGGUGGCCGUCGUCGGCACGGCCGGUACCCGCGCGCCUAAAGGCGUGUCCCUCGGGGCACUGCGCU
GCAACGGCCUGCGGGCUCCCCAUCCGACCCGUCUUG(1MA)AAC(A2M)CGGACCAAGGAGU(OMC)(OMU)GACAUGCG
UGCGAGUCGACGGGUUCUGAAACCUGGGAUGCGCAAGGAAGCUGACGAGCGGGAGGCCCUCACGGGCCGCACCGCUGGCC
GACCCUGAUCUUCUGUGAAGGGUUCGAGUUGGAGCACGCC(OMU)GUCGGGACCC(OMG)A(A2M)AGAUGGUGA(A2M)
C(PSU)AUGCCUGAGCGGGGCGAAGCCAGAGGAAACUCUGGUGGAGGCUCGAAGCGAUACUG(A2M)CGUGCAAA(PSU)
CGUUCGUCUGACUUGGGUAUAG(OMG)GGCGAAAGACUAAUCGAACCAUCUAGU(A2M)GCUGGUUCCCUCCGAAGUUUC
CC(PSU)CAGGAUAGCUGGAGCCCAUUACGAGUUCUA(PSU)CAGGUAAAGCCAA(PSU)GAUUAGAGGCAUUGGGGACG
CAACGUCCUCGACCUAU(PSU)CUCAAACUU(PSU)AAA(OMU)AGGUAGGAUGGCGCGGCUGCUUCGGUGAGCCGUGCC
AUGGAAUCGGGUGCUCCAAGUGGGCCAU(PSU)(PSU)(PSU)UGGUAAGC(A2M)GAACUGGCGAUGCGGGAUGAACCG
GAAGCCGGGUUACGGUGCCCAACUGCGCGCUAACCUAGAACCCACAAAGGGUGUUGGUCGAUUAAGACAGCAGGACGGUG
GUCAUGGAAGUCGAAAUCCGCUAAGGAGUGUGUAACAACUCACCUGCCGAAUCAACUAGCCCCGAAAAUGGAUGGCGCUG
AAGCGCGCGACCCACACCCGGCCAUCUGGGCGAGCGCCAUGCCCCGAUG(A2M)GUAGGAGGGCGCGGCGGCCGCUGCAA
AACCCGGGGCGCGAGCCCGGGCGGAGCGGCCGUCGGUGCAGAU(OMC)UUGGUGGUAGU(A2M)(OMG)CAAAUAUUCAA
A(PSU)GAGAA(OMC)U(PSU)UGAAGGCCGAAGAGGAGAAAGGUUCCAUGUGAACGG(OMC)ACUUGCACAUGGGUAAG
(OMC)CGAUCCUAAGGGACGGGGUAACCCCGGCAGAUAGCGCGAUCACGCGCAUCCCCCGAAAGGGAAUCGGGUUAAGAU
UUCCCGAGCCGGGAUGUGGCGGUUGACGGCGACGUUAGGAAGUCCGGAGACGCCGGCGGGGGCCUCGGGAAGAGUUAUCU
UUUCUGCUUAACGGCCUGCCAACCCUGGAAACGGUUCAGCCGGAGGUAGGGUCCAGUGGCCGGAAGAGCACCGCACGUCG
CGCGGUGUCCGGUGCGCCCCCGGCGGCCCAUGAAAAUCCGGAGGACCGAGUACCGUUCACGCCCGGUCGUACUCAUAA
(OMC)CG(OMC)AUCA(OMG)GUCU(OMC)CAAGGUGAAC(A2M)GCCUCUGGCCAAUGGAACAA(OMU)GUAGGCAAGG
GAAG(PSU)CGGCAAAACGGAUCCGUAACUUCGGGAAAAGGAUUGGCUCUGAGGACUGGGCUCGGGGGUCCCGGCCCCGA
ACCCGUCGGCUGUCGGCGGAUUGCUCGAGCUGCUCACGCGGCGAGAGCGGGUCGCCGCGUGCCGGCCGGGGGACGGACCG
GGAAUCGCCCCUUCGGGGGCUUUCCCCGAGCAUGAAACAGUCGACUCAGAACUGG(OMU)ACGGACAAG(OMG)(OMG)G
(A2M)AUCCGAC(PSU)G(PSU)UUAAUUAAAACAAAGCAUUGCGAUGGUCCUCGCGGAUGCUGACGCAAUGUGAUU
(PSU)CUGCC(OMC)AGUGCUCUGAAUG(PSU)CAAAGUGA(A2M)GAAA(PSU)UCAACCAAGC(OMG)CGGGUAAACG
GCGGGAGUAACUAUGACUCUCUUAAGGUAGC(5MC)AA(A2M)UGCCUC(OMG)UCAU(OMC)UAAUUAGUGACGCGCAU
GAA(PSU)GGA(PSU)UA(A2M)CGAGAUUCCCACUGU(OMC)CCUGUCUAC(OMU)A(PSU)CCAGCGAAACCACAG
(OMC)CAAGGGAACGGGCUUGGCGGAAUCA(OMG)CGG(OMG)GAAAGAAGACCCU(OMG)(OMU)UGAGC(PSU)UGAC
(OMU)CUAGUCCGAC(PSU)UUGUGAAAUGACUUGAGAGGUGUAGGAUAAGUGGGAGCCCUCACGGGCGCAAGUGAAAUA
CCACUACUUUUAACGUUAUUUUACUUA(PSU)UCCGUGGGUCGGAAGCGGGGCAUGUCCCCUCCUUUUGGCUCCAAGGCC
CGGUCUUACCGGGCCGAUCCGGGCGGAAGACAUUGUCAGGUGGGGAGUU(PSU)GGCUG(OMG)GGCGGCACAUCUGUUA
AAAG(A2M)UAACGCAGG(OMU)(OMG)UCCUAAGAUGAGCUCAACGAGAACAGAAAU(OMC)UCGUGUGGAACAAAAGG
GUAAAAGCUCGU(PSU)UGAU(OMU)CUGAUUUCCAG(OMU)ACGAA(OMU)ACGAACCG(PSU)GAAAGCGUGGCCUAU
CGAUCCUUUAGAUCUUCGGAGUUUGAAGCUA(OMG)A(OMG)GUGUCAGAAAAGUUACCACAG(OMG)GAUAACUGGC
(PSU)UGUGGCAGC(OMC)AAGCGUUCAUAGCGACG(PSU)UGCUUUUUGA(PSU)CCUU(5MC)GAUGUCGG(OMC)
(PSU)CU(OMU)CCUAUCAUUGUGAAGCAGAAUUCACCA(A2M)GUGUU(OMG)GAU(OMU)(OMG)(PSU)UCACCCAC
CA(A2M)UAGGGAACG(PSU)G(A2M)G(OMC)UGGG(UR3)U(PSU)AGA(OMC)CGUCGUGAGACAGGU(PSU)AGUU
UUACCCUACUGA(PSU)GACAGUGUCGCGAUAGUAAUUCAACCUAGUACGAGAGGAACCGUUGAUUCACACAAUUGGUCA
UCGCGCUUGGUUGAAAAGCCAGUGGCGCGAAGCUACCGUGUGCCGGAUU(A2M)UGAC(PSU)GAACGCCUCUAAGUCAG
AAUCCAAGCUAGCAUGCGACGCCUGCGCCCGCCGCCCGCCCCGACCCACGUUAGGGGCGCUUGCGCCCCCAAGGGCCCGU
GCCAUUGGCUAAGCCGGUCCGGCCGAAGUGCCGCGGCCGGCCGCCUCGAAGCUCCCUUCCCAACGGGCGGUGGGCUGAAU
CCUUU(OMG)CAGACGAC(OMU)UAAAUACGCGACGGGGCAUUGUAAGUGGCAGAGUGGCCUUGCUGCCACGAUCCACUG
AGAUCCAGCCCCAUGUCGCACGGAUUCGU
;
Aa
2 'polyribonucleotide'
;GGAUGCGAUCAUACCAGCACUAAGGCAUCGGAUCCCGUCAGAACUCCGAAGUUAAGCGUGCUUGGGCGAGAGUAGUACAA
GGAUGGGUGACCUCUUGGGAAGUCCUCGUGUUGCAUUCC
;
Ab
3 'polyribonucleotide'
;CGACUCUCGGCAACGGA(PSU)AUCUCGGCUCUCGCAUCGAUGAAG(A2M)ACGUAGCGAAAUGCGAUACCUGGUGUGAA
U(PSU)(OMG)CAGAAUCCGUGAACCAUCGAGUCUUUGAACGCAAGUUGCGCCCGAGGCCACUCGGCCGAGGGCACGCCU
GCCUGGGCGUCACG
;
Ac
4 'polypeptide(L)'
;MGRVIRAQRKGAGSVFKSHTHHRKGPARFRSLDFGERNGYLKGVVTDVIHDPGRGAPLAKVTFRHPFRYKHQKELFVAAE
GMYTGQFVYCGRRATLSVGNVLPLRSVPEGGVICNVEHHVGDRGVFARASGDYAIVISHNPDNGTSRIKLPSGAKKIVPS
SCRAMIGQVAGGGRTEKPMLKAGNAYHKYRVKRNSWPKVRGVAMNPVEHPHGGGNHQHIGHASTVRRDAPPGQKVGLIAA
RRTGRLRGQAAASAAKADKAT
;
CA
5 'polypeptide(L)'
;MSHRKFEHPRHGSLGFLPRKRCSRHRGKVKSFPKDDQQKPCHLTAFLGYKAGMTHIVREVEKPGSKLHKKETCEAVTIIE
TPPLVIVGLVAYVKTPRGLRTLNSVWAQHLSEDVRRRFYKNWCKSKKKAFTKYALKYDSDAGKKEIQLQLEKMKKYATIV
RVIAHTQIRKMKGLKQKKAHLMEIQVNGGTIADKVDYGYKFFEKEVPVEAVFQKDEMVDIIGVTKGKGYEGVVTRWGVTR
LPRKT(HIC)RGLRKVACIGAWHPARVSYTVARAGQNGYHHRTEMNKKIYKMGKSGQESHEACTEFDRTEKDITPMGGFP
HYGVVKGDYLMIKGCCVGPKKRVVTLRQSLLKQTSRLALEEIKLKFIDTSSKFGHGRFQTTDEKQKFYG
;
CB
6 'polypeptide(L)'
;MATQTRPLVSVKALEGDMATDNSSSLALAEVFRAPLRPDVVRFVHRLLSCNKRQPYAVSRRAGHQTSAESWGTGRAVSRI
PRVPGGGTHRAGQGAFGNMCRGGRMFAPTKTWRKWHRRVNVHLRRVAVASALAATSVPSLVLARGHRIETVPELPLVISD
SAESIEKTSQAIKILKQVGAYADAEKAKDSVGIRPGKGKMRNRRYINRKGPLIVYGTEGSKIVKAFRNLPGVDVANVERL
NLLDLAPGGHLGRFVIWTESAFKKLEEVYGTFEAPSLKKKGFILPRPKMANADLGRIINSDEVQSVVKPLNKEVKRREKR
KNPLKNVAAVLKLNPYFGTARKMATLAEAARIKARKEKLDSKRTKLSPEEAAKVKAAGKAWYKTMISDSDYAEFDNFSKW
LGVTQ
;
CC
7 'polypeptide(L)'
;MFWMDFQVFVKNQKTRAYSKRFQVKFKRRRQGKTDYRARLRLTNQDKNKYNTPKYRFVVRFTNKDVTAQIVYATIAGDIV
MAAAYSHELPRYGLEVGLTNYAAAYCTGLLLARRVLKCRDLDQEYEGNVEATGEDFSVEPADERRPFRALLDVGLIRTTT
GNRVFGALKGALDGGLDIPHSDKRFAGFKKDEKQLDAEIHRKYIYGGHVADYMKSLADEEPEKYQSHFSEYIKKGIEADN
MEALYKKVHAAIRADPTMAKSTKEPPKTHKRYNPKKLTYEQRKASLVERLNALNSSAGADVDEDDDE
;
CD
8 'polypeptide(L)'
;SPDCRSASTEESPMAPTSKMALGIKRASRSHTYHRRGLWAIKAKHGGALPKAEKPAAVAEPKFYPADDVKPRTVSTRKPH
PTKLRSTITPGTVLILLAGRYMGKRVVFLKQLQSGLLLITGPFKINGVPIRRVNQAYVIATSTKVDISKVNVQKFDDKYF
AREKKTRAKKTEGELFESDKEATKNLPDFKKDDQKVIDAELIKAIDAVPDLKNYLGARFSLRDGDKPHEMTF
;
CE
9 'polypeptide(L)'
;MASEAAKVAVPEKVILKRRREEVWAAEKKQKVAAEKIKAAENTKVIYARAEQYAGEYEAQDKELVQLKREARMKGGFYVS
PEAKLLFVVRIRGINAMHPKTKKILQLLRLRQIFNGVFLKVNKATINMLRRVEPYVAYGYPNLKSVRELIYKRGYGKLNK
QRIPLANNKVIEEGLGKHNIICIEDLVHEILTVGPHFKEANNFLWPFKLKAPLGGLKKKRNHYVEGGDAGNRENYINQLV
RRMN
;
CF
10 'polypeptide(L)'
;MAPKRGGKAPVPAKKKTDKVTNPLFEKRPKQFGIGGALPPKKDLHRFVKWPKVVRIQRQRRILKQRLKVPPALHQFTRTL
DKNLATNLFKMLLKYRPEDKAAKKERLLKRAQAEAEGKTVEAKKPIVVKYGLNHVTYLIEQSKAQLVVIAHDVDPIELVV
WLPALCRKMEVPYCIVKGKSRLGSIVHKKTASVLCLTTVKNEDKLEFSKILEAIKANFNDKFDEVRKKWGGGVMGSKSQA
KTKARERLIAKEAAQRMN
;
CG
11 'polypeptide(L)'
;MKTILASETMEIPEEVTVKVSAKMISVTGPRGTLTRNFKHLNLDFQLQEGGRKLKVDAWFGTRKTMAAIRTAISHVQNLI
TGVTKGFRYKMRFVYAHFPINASITAANKGIEIRNFLGEKKVRKVDMLDGVTILRSEKVKDEIVLDGNDIELVSRSAALI
NQKCHVKNKDIRKFLDGIYVSDKGAIKEE
;
CH
12 'polypeptide(L)'
;MGRRPARCYRQIKNKPYPKSRYCRGVPDPKIRIYDVGMKKKGVDEFPSCVHLVSWEKENVSSEALEAARIACNKYMTKNA
GKDAFHLRVRVHPYHVLRINKMLSCAGADRLQTGMRGAFGKPLGTCARVDIGQVLLSVRCKESNAVHADEALRRAKFKFP
GRQKIIRSRKWGFTKFNRADYIKYKSEGRIVPDGVNAKLLGVHGPIAKRAPGQAILA
;
CI
13 'polypeptide(L)'
;MSTEKKQLNPMREIKVQKLVLNISVGESGDRLTRAAKVLEQLSGQSPVFSKARYTVRSFGIRRNEKIACYVTIRGEKAMQ
LLESGLKVKEYELLRRNFSDTGCFGFGIQEHIDLGMKYDPSTGIYGMDFFVVLERAGYRVSRRRRCKARVGIHQRVTKED
AMKWFQVKYEGVILNKSHAS
;
CJ
14 'polypeptide(L)'
;MVKHNNVIPNGHFKKHWQNYVKTWFNQPARKQRRRIARQKNAVKIFPRPTSGPLRPIVQCQTRKYNMKARAGRGFTLEEL
KSAGIPKKLAPTIGISVDHRRKNRSLEGMQSNIQRLKTYKAKLVIFPRRARKVKAGDSTPEELANATQVQGDYMPIARGE
KRSVEVVKVTEEMKEFKAYGKLRVERMNQRQLGARQKKAAEAEKEEKK
;
CL
15 'polypeptide(L)'
;MPFKRFVEIGRVALVNYGKDYGRLVVIVDVVDQNRALVDAPDMVRCQMNFKRLSLTDIKIDIKRIPKKATLIKAMEEADV
KTKWENSSWGKKLIVQKKRAALNDFDRFKVMLAKIKRGGAIRQELAKLKKEVAAA
;
CM
16 'polypeptide(L)'
;MGAYKFVSELWRRKQSDVMRFVQRVRCWEYRQQPAIVRITRPTRPDRARRLGFKAKQGYVVYRIRVRRGGRKRPVPKGIV
YGKPKHQGITQLKFQRNKRSVAEERAGRRLGGLRVLNSYWVNEDSTYKYFEVILVDVAHSAVRNDPRINWLCKPVHKHRE
LRGLTSAGKKFRGLRGKGHRHHKNRPSRRATWKRNQTVSLRRYR
;
CN
17 'polypeptide(L)'
;MVSGSGVCAKRVVVDARHHMLGRLASIVAKELLNGQRVVVVRCEEICMSGGLVRQKMKYLRFLRKRMNTKPSHGPIHFRA
PAKILWRTIRGMIPHKTARGEAALARLKAYEGVPPPYDRTKRMVIPDALKVLRLQPGHRYCLLGQLSKEVGWNYADTIRE
LEEKRKEKAKVSYDRRKQLAKLRVKAEKAAEEKLGTQLEILAPIKY
;
CO
18 'polypeptide(L)'
;MVKYSTDPANPTKSAKAMGRDLRVHFKNTRETAFALRKMSLNKAKRYLEDVLAHKQAIPFRRYCRGVGRTAQVKNRQPNG
QGRWPAKSAKFVLDLLKNAESNAEVKGLDVDALYISHIQVNQAQKQRRRTYRAHGRINPYMSNPCHIELILSEKEEPVKK
EAESQIARKA
;
CP
19 'polypeptide(L)'
;MGIDLVAGGRNKRTKRVAPKSDDVYLKLLVKLYRFLVRRTKSKFNAVILKRLFMSKTNRPPLSMRRLSNFMKGKEEKNIA
VVVGTITDDMRIQEVPAMKVTALRFTETARARIINAGGECLTFDQLALRAPTGENTILLRGPKNAREAVRHFGKAPGVPH
SHTKPYVRSKGRKFEKARGRRNSRGFKV
;
CQ
20 'polypeptide(L)'
;MVSLKLQKRLASSVLKCGKGKVWLDPNEVNEISMANSRQNIRKLVKDGFIIRKPQKIHSRSRARRAHEAKQKGRHSGYGK
RRGTREARLPTKILWMRRMRVLRRLLRKYREAKKIDKHMYHDMYLKVKGNMFKNKRVLMESIHKSKAEKAREKTLSDQFE
AKRAKSKASRERKIARREERLAQGPRDHAPAPAAAAPAAAPKKAKK
;
CR
21 'polypeptide(L)'
;MVAHRFHQYQVVGRALPAPGDEQPKIYRMKLWATNEVRAKSKFWYFLRKLKKVKKANGQMLAINEIFEKNPTTIKNYGIW
LRYQSRTGYHNMYKEYRDTTLNGGVEQMYTEMASRHRVRAPCIQIIKTATVDFKLCKRDNTKQFHNSKIKFPLVYQKVRP
PTRKLKTTYKATRPNLFM
;
CS
22 'polypeptide(L)'
;MPAGHGLRSRTRDLFARPFRKKGYIPLTTYLRTYKVGEHVDVKVNGAVHKGMPHKFYHGRTGRVWNVTKRAIGVEINKQV
GNRIIKKRIHVRVEHVQPSRCNEEFLQRKLNNDKLKAEAKVRGEVISTKRQPAGPKPGFMVEGTTIETVTPIPYDVVNDL
KGGY
;
CT
23 'polypeptide(L)'
;MARGAAAAAAAAKGKKKGSVSFVIDCTKPVEDKIMEIASLEKFLQERIKVAGGKAGNLGDSVTVTRDKSKVTVTSDGAFS
KRYLKYLTKKYLKKHNVRDWLRVIAANKERNVYELRYFNIAENEGEEED
;
CU
24 'polypeptide(L)'
;GRGGSAGNKFRMSLGLPVAATVNCADNTGAKNLYIISVKGIKGRLNRLPSACVGDMVMATVKKGKPDLRKKVMPAVIVRQ
RKPWRRKDGVFMYFEDNAGVIVNPKGEMKGSAITGPIGKECADLWPRIASAANAIV
;
CV
25 'polypeptide(L)'
;MVLKTELCRFSGQKIYPGKGIRFIRSDSQVFLFANSKCKRYFHNRLKPAKLCWTAMYRKQHKKDIHAEAAKKRRRTTKKP
YSRSIVGATLEVIQKKRAEKPEVRDAAREAALEIKERIKKTKDEKKAKKAEVTKSQKSQGGKGAVQKGSKGPKIGGGGGK
R
;
CW
26 'polypeptide(L)'
;MAPKVAVAKKGDAKAQAAKVAKAVKSGSIKKTAKKIRTSVTFHRPKTLSKARDPKYPRISTPGRNKLDQYQILKYPLTTE
SAMKKIEDNNTLVFIVDLKADKKKIKAAVKKMYDIQAKKVNTLIRPDGKKKAYVKLTPDYDALDVANKIGII
;
CX
27 'polypeptide(L)'
;MKRNPRVTSSRRKCRKAHFTAPSSVRRVLMSAALSSELRHKYNVRSIPIRKDDEVQVVRGTYKGREGKVVQVYRRRWVIH
VERITREKVNGSTVNVGIHPSKVIVTKLKLDKDRKALLDRKARGRAA
;
CY
28 'polypeptide(L)'
;MVKFLKPGKAVILLQGRFAGRKAVIVRVFEEGTRDRPYGHCLVAGLAKYPKKVIRKDSAKKTAKKSRVKCFLKLVNFTHI
MPTRYTLDVDFKDVASGGPDALATRDKKVASCKAAKARLEERFKTGKNRWFFTKLRF
;
CZ
29 'polypeptide(L)'
;MTTRFKKNRKKRGHVSAGHGRVGKHRKHPGGRGNAGGMHHHRILFDKYHPGYFGKVGMRYFHKLSNRFYTPTVNVERLWS
MVPSEKAAEAGGDKAPVVDVSQFGYFKVLGKGMLPEKPIVVKAKLISKIAEKKIKAAGGAVVLVA
;
Ca
30 'polypeptide(L)' MAKSKNHTAHNQSYKAHRNGIKKPKRQRQASTKGMDPKFLRNLRYSRKHNVKAGEGEVEK Cb
31 'polypeptide(L)'
;MAPTKKAKKSGENINNKLQLVMKSGKYTLGYKTVLKTLRSSKGKLIILANNCPPLRKSEIEYYAMLAKISVHHFHGNNVD
LGTACGKYYRVCCLSILDPGDSDIISTTTTTQ
;
Cc
32 'polypeptide(L)'
;MSEKKRAPGPRKDEVVTREYTVNLHKRLHGCTFKKKAPNAIKEIRKFAQKAMGTNDVRIDVKLNKHIWSSGIRSVPRRVR
VRIARKRNDEEDAKEELYSLVTVAEVPQEGLKGLGTKVVEDED
;
Cd
33 'polypeptide(L)'
;MAVPLLTRKIVKKRVKHFKRAHSDRYIGLKQSWRRPKGIDSRVRRKFKGCTLMPNIGYGSDKKTRHYLPNKFKKFVVHNV
SELELLMMHNRTYCAEIAHNVSTKKRKDIVERAAQLDIVVTNKLARLRSQEDE
;
Ce
34 'polypeptide(L)'
;MKGRQGQRVRLYVRGTILGYKRSKSNQYENTSLLQIEGVNTKEEVGWYAGKRIAYVYKAKTKSNDSTIRCIWGKVTRPHG
NSGVVRAKFRSNLPPTSMGKKVRVFMYPSSI
;
Cf
35 'polypeptide(L)'
;MVQRLTYRKRHSYATKSNQTRVVKTPGGKLVYQYTKKRASGPKCPVTGKKIQGIPHLRPTEYKRSRLSRNRRTVNRPYGG
VLSGPAVRERIIRAFLVEEQKIVKKVLKIQKTKEKTTKS
;
Cg
36 'polypeptide(L)'
;MSSGKVKAGELWNKSKDDLTKQLAELKTELGQLRIQKVASSGSKLNRIHDIRKSIARVLTVINAKQRAQLRLFYKNKKYA
PLDLRAKQTRAIRRRLSPDEKSRVLEKTKKRTVHFPQRKFAIKA
;
Ch
37 'polypeptide(L)'
;MAPSQPKSGLFVGINKGHVVTKRELPPRPSDRKGKGTKRVHFVRNLIREVAGFAPYEKRITELLKVGKDKRALKVAKRKL
GTHKRAKKKREEMSSVLRKMRSAGTGTEKKK
;
Ci
38 'polypeptide(L)'
;MTKGTGSFGKRRNKTHTLCIRCGRRSFHLQKSTCSSCGYPAARIRKYNWSVKAIRRKTTGTGRMRYMRHVPRRFKSNFRE
GTEAAPRNRAAAN
;
Cj
39 'polypeptide(L)' MPKQIHEIKDFLLTARRKDARSVRIKRTKDAVKFKVRCSRYLYTLCVHDTDKANKLKQSLPPGLNVQEV Ck
40 'polypeptide(L)' MPSHKTFRIKQKLAKKQRQNRPIPYWIRMRTDNTIRYNAKRRHWRRTKLGF Cl
41 'polypeptide(L)'
;MQIFVKTLTGKTITLEVESSDTIDNVKAKIQDKEGIPPDQQRLIFAGKQLEDGRTLADYNIQKESTLHLVLRLRGGIIEP
SLQALARKYNQEKMICRKCYARLHPRAVNCRKKKCGHSNQLRPKKKIKN
;
Cm
42 'polypeptide(L)'
;MVNVPKTKKTYCKNKECKKHTLHKVTQYKKGKDSLSAQGKRRYDRKQSGYGGQT(MLZ)PVFHKKAKTTKKIVLKLQCQS
CKHYSQRAIKRCKHFEIGGDKKGKGTSLF
;
Co
43 'polypeptide(L)'
;MTKRTKKAGIVGKYGTRYGASLRKQIKKMEVSQHSKYFCEFCGKFAVKRKAVGIWGCKDCGKVKAGGAYTMNTASAVTVR
STIRRLREQTEA
;
Cp
44 'polypeptide(L)'
;MTTVPGSLVWELVKKNNCFLIKQFGNSNAKVQFSKEPNNLYNVHSYKFSGLANSKTVAVQPSAGEDKAVVLSTTKTKKQN
TPAKLQHKTLMRKEFRKMAKSVKNQVCDNYYRPDLTKPALARLSAVYRSLQVSKSGIKKKNRQPTKL
;
Cr
#
# COMPACT_ATOMS: atom_id res chain seq x y z
N GLY D 2 29.35 -20.49 0.34
CA GLY D 2 29.04 -21.87 0.64
C GLY D 2 29.19 -22.21 2.10
N ARG D 3 29.23 -23.50 2.42
CA ARG D 3 29.44 -23.96 3.78
C ARG D 3 30.68 -24.85 3.81
N VAL D 4 31.18 -25.08 5.02
CA VAL D 4 32.39 -25.88 5.20
C VAL D 4 32.15 -27.29 4.68
N ILE D 5 33.06 -27.76 3.83
CA ILE D 5 32.93 -29.09 3.24
C ILE D 5 33.34 -30.15 4.25
N ARG D 6 32.98 -31.40 3.93
CA ARG D 6 33.24 -32.51 4.85
C ARG D 6 34.73 -32.75 5.03
N ALA D 7 35.52 -32.53 3.99
CA ALA D 7 36.96 -32.72 4.11
C ALA D 7 37.58 -31.77 5.12
N GLN D 8 37.02 -30.56 5.24
CA GLN D 8 37.53 -29.59 6.19
C GLN D 8 37.10 -29.91 7.62
N ARG D 9 35.89 -30.46 7.79
CA ARG D 9 35.36 -30.66 9.13
C ARG D 9 36.08 -31.75 9.91
N LYS D 10 36.84 -32.61 9.23
CA LYS D 10 37.52 -33.70 9.93
C LYS D 10 38.68 -33.21 10.78
N GLY D 11 39.27 -32.05 10.46
CA GLY D 11 40.38 -31.56 11.23
C GLY D 11 40.00 -31.02 12.60
N ALA D 12 38.73 -30.65 12.79
CA ALA D 12 38.27 -30.28 14.12
C ALA D 12 38.23 -31.47 15.06
N GLY D 13 38.17 -32.69 14.53
CA GLY D 13 38.20 -33.89 15.34
C GLY D 13 37.03 -34.05 16.27
N SER D 14 35.86 -33.54 15.90
CA SER D 14 34.73 -33.61 16.83
C SER D 14 34.05 -34.98 16.76
N VAL D 15 33.40 -35.29 15.64
CA VAL D 15 32.85 -36.62 15.41
C VAL D 15 33.77 -37.48 14.58
N PHE D 16 34.93 -36.96 14.20
CA PHE D 16 35.87 -37.66 13.32
C PHE D 16 37.08 -38.20 14.06
N LYS D 17 37.09 -38.12 15.38
CA LYS D 17 38.13 -38.74 16.18
C LYS D 17 38.09 -40.26 16.03
N SER D 18 39.24 -40.90 16.21
CA SER D 18 39.31 -42.34 16.03
C SER D 18 38.66 -43.08 17.20
N HIS D 19 38.05 -44.22 16.88
CA HIS D 19 37.39 -45.05 17.87
C HIS D 19 38.42 -45.96 18.53
N THR D 20 38.78 -45.68 19.77
CA THR D 20 39.88 -46.37 20.44
C THR D 20 39.50 -46.92 21.81
N HIS D 21 38.20 -47.06 22.10
CA HIS D 21 37.80 -47.41 23.46
C HIS D 21 38.19 -48.84 23.84
N HIS D 22 38.28 -49.75 22.87
CA HIS D 22 38.59 -51.15 23.16
C HIS D 22 39.97 -51.57 22.66
N ARG D 23 40.89 -50.63 22.49
CA ARG D 23 42.23 -50.95 22.01
C ARG D 23 43.13 -51.33 23.17
N LYS D 24 44.08 -52.21 22.88
CA LYS D 24 44.92 -52.85 23.89
C LYS D 24 46.18 -52.07 24.24
N GLY D 25 46.40 -50.91 23.62
CA GLY D 25 47.58 -50.13 23.90
C GLY D 25 48.49 -50.01 22.69
N PRO D 26 49.39 -49.03 22.72
CA PRO D 26 50.34 -48.89 21.60
C PRO D 26 51.21 -50.12 21.44
N ALA D 27 51.42 -50.52 20.20
CA ALA D 27 52.30 -51.63 19.86
C ALA D 27 53.64 -51.06 19.44
N ARG D 28 54.71 -51.44 20.14
CA ARG D 28 56.02 -50.89 19.86
C ARG D 28 57.07 -51.68 20.63
N PHE D 29 58.32 -51.52 20.22
CA PHE D 29 59.43 -52.17 20.90
C PHE D 29 59.56 -51.65 22.33
N ARG D 30 60.34 -52.37 23.12
CA ARG D 30 60.73 -51.83 24.42
C ARG D 30 61.75 -50.72 24.23
N SER D 31 61.73 -49.76 25.17
CA SER D 31 62.63 -48.62 25.08
C SER D 31 64.08 -49.09 25.03
N LEU D 32 64.85 -48.50 24.11
CA LEU D 32 66.24 -48.92 23.93
C LEU D 32 67.06 -48.58 25.17
N ASP D 33 67.88 -49.54 25.59
CA ASP D 33 68.62 -49.42 26.83
C ASP D 33 69.98 -50.11 26.65
N PHE D 34 70.70 -50.24 27.76
CA PHE D 34 72.07 -50.77 27.69
C PHE D 34 72.10 -52.23 27.27
N GLY D 35 71.21 -53.05 27.83
CA GLY D 35 71.23 -54.47 27.50
C GLY D 35 70.99 -54.73 26.04
N GLU D 36 70.02 -54.03 25.44
CA GLU D 36 69.77 -54.17 24.01
C GLU D 36 70.91 -53.59 23.19
N ARG D 37 71.48 -52.47 23.65
CA ARG D 37 72.53 -51.80 22.88
C ARG D 37 73.81 -52.64 22.80
N ASN D 38 74.04 -53.51 23.77
CA ASN D 38 75.31 -54.22 23.87
C ASN D 38 75.19 -55.73 23.90
N GLY D 39 74.04 -56.29 24.25
CA GLY D 39 73.90 -57.74 24.32
C GLY D 39 72.58 -58.25 23.81
N TYR D 40 71.94 -59.14 24.55
CA TYR D 40 70.58 -59.57 24.24
C TYR D 40 69.79 -59.71 25.54
N LEU D 41 68.47 -59.64 25.42
CA LEU D 41 67.58 -59.84 26.54
C LEU D 41 66.45 -60.75 26.10
N LYS D 42 66.16 -61.78 26.90
CA LYS D 42 65.16 -62.77 26.56
C LYS D 42 63.81 -62.41 27.19
N GLY D 43 62.77 -62.40 26.36
CA GLY D 43 61.41 -62.34 26.84
C GLY D 43 60.64 -63.56 26.35
N VAL D 44 59.48 -63.79 26.98
CA VAL D 44 58.63 -64.92 26.63
C VAL D 44 57.28 -64.39 26.17
N VAL D 45 56.77 -64.96 25.09
CA VAL D 45 55.47 -64.59 24.55
C VAL D 45 54.39 -65.27 25.38
N THR D 46 53.49 -64.48 25.94
CA THR D 46 52.42 -65.02 26.78
C THR D 46 51.06 -65.05 26.09
N ASP D 47 50.79 -64.14 25.16
CA ASP D 47 49.51 -64.13 24.47
C ASP D 47 49.69 -63.61 23.05
N VAL D 48 48.83 -64.08 22.16
CA VAL D 48 48.67 -63.53 20.83
C VAL D 48 47.22 -63.08 20.74
N ILE D 49 47.00 -61.77 20.71
CA ILE D 49 45.67 -61.21 20.91
C ILE D 49 45.26 -60.37 19.69
N HIS D 50 43.97 -60.08 19.63
CA HIS D 50 43.38 -59.26 18.59
C HIS D 50 43.23 -57.83 19.09
N ASP D 51 43.58 -56.88 18.24
CA ASP D 51 43.41 -55.46 18.53
C ASP D 51 42.36 -54.88 17.61
N PRO D 52 41.26 -54.34 18.14
CA PRO D 52 40.23 -53.77 17.27
C PRO D 52 40.78 -52.66 16.39
N GLY D 53 40.37 -52.67 15.13
CA GLY D 53 40.82 -51.70 14.16
C GLY D 53 42.16 -52.01 13.52
N ARG D 54 42.90 -52.97 14.05
CA ARG D 54 44.20 -53.35 13.52
C ARG D 54 44.08 -54.74 12.90
N GLY D 55 44.51 -54.86 11.65
CA GLY D 55 44.47 -56.15 10.99
C GLY D 55 45.43 -57.16 11.60
N ALA D 56 46.62 -56.71 11.96
CA ALA D 56 47.65 -57.63 12.45
C ALA D 56 47.43 -57.98 13.92
N PRO D 57 47.66 -59.22 14.30
CA PRO D 57 47.64 -59.57 15.73
C PRO D 57 48.84 -58.99 16.47
N LEU D 58 48.65 -58.75 17.76
CA LEU D 58 49.69 -58.26 18.65
C LEU D 58 50.18 -59.40 19.53
N ALA D 59 51.43 -59.29 19.97
CA ALA D 59 52.04 -60.30 20.84
C ALA D 59 52.38 -59.68 22.18
N LYS D 60 51.87 -60.28 23.25
CA LYS D 60 52.21 -59.89 24.61
C LYS D 60 53.47 -60.61 25.05
N VAL D 61 54.48 -59.85 25.46
CA VAL D 61 55.78 -60.39 25.83
C VAL D 61 56.17 -59.87 27.20
N THR D 62 56.74 -60.75 28.02
CA THR D 62 57.19 -60.42 29.36
C THR D 62 58.69 -60.56 29.44
N PHE D 63 59.35 -59.49 29.90
CA PHE D 63 60.77 -59.49 30.21
C PHE D 63 60.98 -59.36 31.70
N ARG D 64 62.21 -59.59 32.14
CA ARG D 64 62.66 -59.22 33.46
C ARG D 64 63.35 -57.86 33.37
N HIS D 65 63.04 -56.99 34.31
CA HIS D 65 63.63 -55.65 34.29
C HIS D 65 65.14 -55.75 34.45
N PRO D 66 65.92 -54.96 33.71
CA PRO D 66 67.38 -55.06 33.79
C PRO D 66 67.97 -54.77 35.17
N PHE D 67 67.40 -53.83 35.94
CA PHE D 67 67.97 -53.51 37.25
C PHE D 67 66.97 -53.43 38.38
N ARG D 68 65.68 -53.43 38.10
CA ARG D 68 64.66 -53.45 39.15
C ARG D 68 64.10 -54.86 39.31
N TYR D 69 63.74 -55.19 40.54
CA TYR D 69 63.09 -56.47 40.84
C TYR D 69 61.61 -56.31 40.50
N LYS D 70 61.29 -56.53 39.22
CA LYS D 70 59.99 -56.21 38.66
C LYS D 70 59.85 -56.97 37.35
N HIS D 71 58.62 -57.17 36.93
CA HIS D 71 58.36 -57.69 35.59
C HIS D 71 58.23 -56.53 34.61
N GLN D 72 58.55 -56.80 33.35
CA GLN D 72 58.44 -55.80 32.29
C GLN D 72 57.62 -56.39 31.16
N LYS D 73 56.42 -55.86 30.95
CA LYS D 73 55.49 -56.40 29.97
C LYS D 73 55.45 -55.51 28.74
N GLU D 74 55.68 -56.10 27.58
CA GLU D 74 55.69 -55.38 26.31
C GLU D 74 54.58 -55.87 25.41
N LEU D 75 54.36 -55.12 24.35
CA LEU D 75 53.28 -55.43 23.40
C LEU D 75 53.67 -54.81 22.06
N PHE D 76 54.02 -55.64 21.09
CA PHE D 76 54.30 -55.12 19.76
C PHE D 76 53.56 -55.94 18.71
N VAL D 77 53.70 -55.53 17.45
CA VAL D 77 53.11 -56.25 16.34
C VAL D 77 53.76 -57.61 16.22
N ALA D 78 52.95 -58.65 16.04
CA ALA D 78 53.43 -60.02 15.99
C ALA D 78 53.87 -60.38 14.58
N ALA D 79 55.09 -60.89 14.44
CA ALA D 79 55.54 -61.44 13.18
C ALA D 79 54.90 -62.81 12.95
N GLU D 80 54.71 -63.15 11.68
CA GLU D 80 54.09 -64.41 11.34
C GLU D 80 54.97 -65.56 11.82
N GLY D 81 54.35 -66.54 12.46
CA GLY D 81 55.06 -67.67 13.02
C GLY D 81 55.31 -67.60 14.51
N MET D 82 55.10 -66.45 15.13
CA MET D 82 55.26 -66.35 16.57
C MET D 82 54.15 -67.08 17.30
N TYR D 83 54.47 -67.58 18.49
CA TYR D 83 53.54 -68.42 19.23
C TYR D 83 53.77 -68.25 20.72
N THR D 84 52.77 -68.65 21.50
CA THR D 84 52.82 -68.47 22.94
C THR D 84 53.76 -69.48 23.57
N GLY D 85 54.48 -69.04 24.58
CA GLY D 85 55.52 -69.86 25.16
C GLY D 85 56.82 -69.86 24.40
N GLN D 86 57.00 -68.91 23.49
CA GLN D 86 58.21 -68.81 22.68
C GLN D 86 59.14 -67.76 23.25
N PHE D 87 60.43 -68.07 23.28
CA PHE D 87 61.45 -67.14 23.75
C PHE D 87 61.86 -66.22 22.61
N VAL D 88 61.73 -64.93 22.81
CA VAL D 88 62.21 -63.93 21.87
C VAL D 88 63.39 -63.21 22.51
N TYR D 89 64.30 -62.75 21.66
CA TYR D 89 65.53 -62.11 22.11
C TYR D 89 65.68 -60.77 21.41
N CYS D 90 65.94 -59.73 22.17
CA CYS D 90 66.14 -58.39 21.65
C CYS D 90 67.56 -57.93 21.95
N GLY D 91 68.19 -57.32 20.97
CA GLY D 91 69.49 -56.72 21.21
C GLY D 91 70.51 -56.92 20.12
N ARG D 92 71.73 -56.42 20.36
CA ARG D 92 72.79 -56.48 19.36
C ARG D 92 73.25 -57.90 19.08
N ARG D 93 73.22 -58.77 20.10
CA ARG D 93 73.70 -60.14 19.96
C ARG D 93 72.58 -61.15 19.80
N ALA D 94 71.37 -60.71 19.53
CA ALA D 94 70.27 -61.62 19.27
C ALA D 94 70.49 -62.36 17.95
N THR D 95 70.09 -63.63 17.92
CA THR D 95 70.22 -64.46 16.74
C THR D 95 69.22 -64.03 15.67
N LEU D 96 69.62 -64.18 14.41
CA LEU D 96 68.71 -63.89 13.29
C LEU D 96 67.64 -64.97 13.18
N SER D 97 66.57 -64.82 13.95
CA SER D 97 65.43 -65.73 13.93
C SER D 97 64.15 -64.91 13.89
N VAL D 98 63.10 -65.49 13.31
CA VAL D 98 61.84 -64.77 13.20
C VAL D 98 61.28 -64.52 14.59
N GLY D 99 60.88 -63.28 14.85
CA GLY D 99 60.38 -62.89 16.15
C GLY D 99 61.38 -62.17 17.02
N ASN D 100 62.66 -62.21 16.66
CA ASN D 100 63.71 -61.52 17.41
C ASN D 100 63.84 -60.08 16.93
N VAL D 101 64.29 -59.21 17.83
CA VAL D 101 64.47 -57.80 17.54
C VAL D 101 65.96 -57.50 17.51
N LEU D 102 66.44 -56.98 16.37
CA LEU D 102 67.84 -56.79 16.10
C LEU D 102 68.10 -55.38 15.59
N PRO D 103 69.31 -54.86 15.80
CA PRO D 103 69.74 -53.70 15.03
C PRO D 103 69.95 -54.08 13.57
N LEU D 104 69.80 -53.10 12.69
CA LEU D 104 69.93 -53.35 11.26
C LEU D 104 71.35 -53.74 10.88
N ARG D 105 72.34 -53.30 11.65
CA ARG D 105 73.71 -53.70 11.42
C ARG D 105 73.90 -55.21 11.49
N SER D 106 73.03 -55.90 12.24
CA SER D 106 73.15 -57.33 12.45
C SER D 106 72.35 -58.16 11.44
N VAL D 107 71.60 -57.53 10.55
CA VAL D 107 70.77 -58.21 9.58
C VAL D 107 71.46 -58.13 8.22
N PRO D 108 71.84 -59.26 7.61
CA PRO D 108 72.55 -59.20 6.32
C PRO D 108 71.67 -58.70 5.18
N GLU D 109 72.24 -58.66 3.98
CA GLU D 109 71.52 -58.13 2.83
C GLU D 109 70.48 -59.12 2.36
N GLY D 110 69.26 -58.64 2.17
CA GLY D 110 68.14 -59.46 1.75
C GLY D 110 67.19 -59.87 2.85
N GLY D 111 67.48 -59.50 4.10
CA GLY D 111 66.65 -59.96 5.21
C GLY D 111 65.28 -59.30 5.20
N VAL D 112 64.28 -60.06 5.62
CA VAL D 112 62.91 -59.58 5.75
C VAL D 112 62.69 -59.08 7.16
N ILE D 113 62.25 -57.83 7.30
CA ILE D 113 62.12 -57.20 8.60
C ILE D 113 60.80 -56.45 8.66
N CYS D 114 60.35 -56.19 9.89
CA CYS D 114 59.13 -55.44 10.11
C CYS D 114 59.31 -54.57 11.34
N ASN D 115 58.39 -53.62 11.52
CA ASN D 115 58.45 -52.63 12.59
C ASN D 115 59.84 -52.02 12.70
N VAL D 116 60.24 -51.35 11.64
CA VAL D 116 61.59 -50.81 11.53
C VAL D 116 61.61 -49.39 12.06
N GLU D 117 62.61 -49.09 12.90
CA GLU D 117 62.77 -47.75 13.42
C GLU D 117 63.32 -46.81 12.36
N HIS D 118 62.87 -45.56 12.42
CA HIS D 118 63.43 -44.50 11.58
C HIS D 118 64.51 -43.71 12.31
N HIS D 119 64.33 -43.49 13.61
CA HIS D 119 65.35 -42.95 14.47
C HIS D 119 65.71 -43.98 15.52
N VAL D 120 66.95 -43.94 16.00
CA VAL D 120 67.39 -44.91 16.99
C VAL D 120 66.61 -44.68 18.28
N GLY D 121 65.85 -45.69 18.69
CA GLY D 121 64.94 -45.52 19.81
C GLY D 121 63.53 -45.13 19.44
N ASP D 122 63.17 -45.24 18.15
CA ASP D 122 61.82 -44.88 17.72
C ASP D 122 60.77 -45.87 18.21
N ARG D 123 61.17 -47.12 18.42
CA ARG D 123 60.34 -48.27 18.81
C ARG D 123 59.53 -48.81 17.65
N GLY D 124 59.84 -48.43 16.40
CA GLY D 124 59.23 -49.05 15.25
C GLY D 124 58.27 -48.17 14.51
N VAL D 125 58.57 -47.85 13.24
CA VAL D 125 57.80 -46.87 12.50
C VAL D 125 57.36 -47.43 11.15
N PHE D 126 58.13 -48.37 10.60
CA PHE D 126 57.94 -48.84 9.24
C PHE D 126 57.40 -50.26 9.21
N ALA D 127 56.59 -50.57 8.21
CA ALA D 127 56.12 -51.92 7.90
C ALA D 127 55.46 -52.58 9.11
N ARG D 128 54.33 -51.99 9.49
CA ARG D 128 53.60 -52.43 10.67
C ARG D 128 52.24 -53.03 10.38
N ALA D 129 51.68 -52.78 9.20
CA ALA D 129 50.37 -53.33 8.83
C ALA D 129 50.49 -54.80 8.45
N SER D 130 49.36 -55.51 8.55
CA SER D 130 49.35 -56.96 8.40
C SER D 130 49.87 -57.38 7.03
N GLY D 131 50.78 -58.36 7.03
CA GLY D 131 51.34 -58.88 5.81
C GLY D 131 52.45 -58.07 5.19
N ASP D 132 52.85 -56.96 5.80
CA ASP D 132 53.85 -56.06 5.23
C ASP D 132 55.22 -56.33 5.84
N TYR D 133 56.25 -55.86 5.14
CA TYR D 133 57.63 -56.10 5.55
C TYR D 133 58.54 -55.18 4.76
N ALA D 134 59.75 -55.00 5.27
CA ALA D 134 60.81 -54.28 4.59
C ALA D 134 61.95 -55.23 4.26
N ILE D 135 62.71 -54.89 3.23
CA ILE D 135 63.82 -55.69 2.75
C ILE D 135 65.11 -54.90 2.96
N VAL D 136 66.13 -55.56 3.50
CA VAL D 136 67.44 -54.96 3.66
C VAL D 136 68.16 -55.05 2.30
N ILE D 137 68.55 -53.91 1.76
CA ILE D 137 69.14 -53.86 0.44
C ILE D 137 70.66 -53.85 0.49
N SER D 138 71.24 -52.94 1.28
CA SER D 138 72.68 -52.77 1.31
C SER D 138 73.08 -52.11 2.62
N HIS D 139 74.38 -52.14 2.89
CA HIS D 139 74.94 -51.59 4.12
C HIS D 139 76.09 -50.65 3.76
N ASN D 140 76.15 -49.53 4.46
CA ASN D 140 77.27 -48.58 4.32
C ASN D 140 78.01 -48.49 5.64
N PRO D 141 79.22 -49.05 5.75
CA PRO D 141 79.95 -48.97 7.01
C PRO D 141 80.58 -47.61 7.27
N ASP D 142 80.88 -46.81 6.24
CA ASP D 142 81.48 -45.51 6.44
C ASP D 142 80.52 -44.57 7.17
N ASN D 143 79.37 -44.29 6.55
CA ASN D 143 78.37 -43.46 7.18
C ASN D 143 77.59 -44.18 8.28
N GLY D 144 77.72 -45.50 8.38
CA GLY D 144 76.95 -46.27 9.34
C GLY D 144 75.47 -46.26 9.07
N THR D 145 75.08 -46.22 7.79
CA THR D 145 73.69 -46.20 7.37
C THR D 145 73.36 -47.50 6.65
N SER D 146 72.06 -47.78 6.54
CA SER D 146 71.58 -48.97 5.85
C SER D 146 70.48 -48.57 4.88
N ARG D 147 70.34 -49.34 3.81
CA ARG D 147 69.33 -49.10 2.79
C ARG D 147 68.29 -50.18 2.88
N ILE D 148 67.03 -49.78 3.07
CA ILE D 148 65.93 -50.72 3.16
C ILE D 148 64.88 -50.36 2.10
N LYS D 149 64.08 -51.36 1.74
CA LYS D 149 62.99 -51.18 0.78
C LYS D 149 61.67 -51.29 1.50
N LEU D 150 60.89 -50.21 1.47
CA LEU D 150 59.60 -50.09 2.15
C LEU D 150 58.50 -50.79 1.37
N PRO D 151 57.39 -51.14 2.03
CA PRO D 151 56.29 -51.81 1.31
C PRO D 151 55.76 -51.06 0.12
N SER D 152 55.80 -49.72 0.12
CA SER D 152 55.35 -48.96 -1.03
C SER D 152 56.33 -49.01 -2.19
N GLY D 153 57.52 -49.54 -1.98
CA GLY D 153 58.55 -49.60 -2.99
C GLY D 153 59.65 -48.58 -2.85
N ALA D 154 59.44 -47.55 -2.04
CA ALA D 154 60.46 -46.51 -1.88
C ALA D 154 61.68 -47.05 -1.15
N LYS D 155 62.86 -46.64 -1.63
CA LYS D 155 64.09 -46.88 -0.88
C LYS D 155 64.24 -45.85 0.21
N LYS D 156 64.82 -46.26 1.33
CA LYS D 156 65.01 -45.40 2.48
C LYS D 156 66.35 -45.69 3.12
N ILE D 157 67.02 -44.63 3.56
CA ILE D 157 68.31 -44.74 4.25
C ILE D 157 68.04 -44.58 5.74
N VAL D 158 68.44 -45.57 6.52
CA VAL D 158 68.21 -45.56 7.96
C VAL D 158 69.54 -45.78 8.68
N PRO D 159 69.71 -45.26 9.89
CA PRO D 159 70.91 -45.59 10.66
C PRO D 159 70.98 -47.09 10.92
N SER D 160 72.21 -47.61 10.93
CA SER D 160 72.40 -49.04 11.14
C SER D 160 72.09 -49.48 12.56
N SER D 161 71.92 -48.55 13.49
CA SER D 161 71.54 -48.87 14.86
C SER D 161 70.04 -48.99 15.06
N CYS D 162 69.25 -48.69 14.03
CA CYS D 162 67.81 -48.82 14.15
C CYS D 162 67.41 -50.28 14.29
N ARG D 163 66.36 -50.52 15.06
CA ARG D 163 65.91 -51.87 15.37
C ARG D 163 64.75 -52.29 14.49
N ALA D 164 64.74 -53.58 14.15
CA ALA D 164 63.64 -54.18 13.41
C ALA D 164 63.45 -55.61 13.91
N MET D 165 62.23 -56.10 13.77
CA MET D 165 61.93 -57.49 14.07
C MET D 165 62.10 -58.34 12.82
N ILE D 166 62.59 -59.56 13.01
CA ILE D 166 62.85 -60.47 11.90
C ILE D 166 61.56 -61.16 11.50
N GLY D 167 61.26 -61.14 10.21
CA GLY D 167 60.06 -61.74 9.66
C GLY D 167 59.14 -60.69 9.08
N GLN D 168 57.99 -61.17 8.61
CA GLN D 168 56.93 -60.30 8.12
C GLN D 168 55.79 -60.25 9.12
N VAL D 169 54.96 -59.22 8.99
CA VAL D 169 53.84 -59.05 9.91
C VAL D 169 52.81 -60.14 9.68
N ALA D 170 52.20 -60.62 10.76
CA ALA D 170 51.20 -61.66 10.68
C ALA D 170 49.86 -61.12 10.18
N GLY D 171 49.02 -62.02 9.70
CA GLY D 171 47.72 -61.67 9.18
C GLY D 171 47.66 -61.27 7.73
N GLY D 172 48.64 -61.67 6.93
CA GLY D 172 48.64 -61.28 5.53
C GLY D 172 47.57 -61.98 4.74
N GLY D 173 47.20 -61.36 3.62
CA GLY D 173 46.13 -61.84 2.77
C GLY D 173 44.77 -61.33 3.13
N ARG D 174 44.67 -60.37 4.05
CA ARG D 174 43.37 -59.98 4.60
C ARG D 174 42.49 -59.31 3.55
N THR D 175 43.08 -58.51 2.67
CA THR D 175 42.32 -57.70 1.73
C THR D 175 42.02 -58.42 0.42
N GLU D 176 42.37 -59.70 0.31
CA GLU D 176 42.02 -60.45 -0.89
C GLU D 176 40.58 -60.97 -0.85
N LYS D 177 39.96 -60.96 0.30
CA LYS D 177 38.61 -61.46 0.49
C LYS D 177 37.59 -60.37 0.20
N PRO D 178 36.62 -60.61 -0.68
CA PRO D 178 35.60 -59.59 -0.96
C PRO D 178 34.69 -59.36 0.25
N MET D 179 34.41 -58.09 0.53
CA MET D 179 33.60 -57.75 1.70
C MET D 179 32.15 -58.18 1.50
N LEU D 180 31.63 -58.02 0.29
CA LEU D 180 30.35 -58.53 -0.18
C LEU D 180 29.13 -57.80 0.35
N LYS D 181 29.29 -56.94 1.33
CA LYS D 181 28.12 -56.40 2.01
C LYS D 181 28.44 -55.03 2.56
N ALA D 182 27.47 -54.12 2.47
CA ALA D 182 27.60 -52.85 3.17
C ALA D 182 27.76 -53.06 4.66
N GLY D 183 27.11 -54.09 5.20
CA GLY D 183 27.19 -54.34 6.63
C GLY D 183 28.56 -54.78 7.09
N ASN D 184 29.27 -55.55 6.26
CA ASN D 184 30.64 -55.92 6.60
C ASN D 184 31.55 -54.69 6.62
N ALA D 185 31.31 -53.75 5.69
CA ALA D 185 32.05 -52.49 5.70
C ALA D 185 31.65 -51.64 6.89
N TYR D 186 30.39 -51.71 7.31
CA TYR D 186 29.94 -50.96 8.46
C TYR D 186 30.65 -51.41 9.73
N HIS D 187 30.85 -52.71 9.88
CA HIS D 187 31.52 -53.23 11.08
C HIS D 187 33.01 -52.92 11.05
N LYS D 188 33.62 -52.94 9.88
CA LYS D 188 35.04 -52.63 9.76
C LYS D 188 35.35 -51.22 10.25
N TYR D 189 34.58 -50.24 9.79
CA TYR D 189 34.85 -48.85 10.12
C TYR D 189 34.20 -48.41 11.42
N ARG D 190 33.33 -49.24 12.01
CA ARG D 190 32.74 -48.91 13.29
C ARG D 190 33.80 -48.83 14.38
N VAL D 191 34.87 -49.61 14.25
CA VAL D 191 35.92 -49.64 15.26
C VAL D 191 37.15 -48.86 14.82
N LYS D 192 37.05 -48.08 13.75
CA LYS D 192 38.16 -47.28 13.25
C LYS D 192 37.90 -45.79 13.36
N ARG D 193 36.86 -45.29 12.70
CA ARG D 193 36.66 -43.86 12.49
C ARG D 193 35.26 -43.65 11.91
N ASN D 194 34.82 -42.41 11.89
CA ASN D 194 33.54 -42.03 11.27
C ASN D 194 33.81 -41.61 9.84
N SER D 195 34.00 -42.60 8.97
CA SER D 195 34.37 -42.31 7.60
C SER D 195 33.68 -43.13 6.52
N TRP D 196 32.97 -44.22 6.86
CA TRP D 196 32.72 -45.23 5.83
C TRP D 196 31.72 -44.78 4.79
N PRO D 197 30.45 -44.52 5.12
CA PRO D 197 29.50 -44.22 4.04
C PRO D 197 29.85 -42.88 3.44
N LYS D 198 30.37 -42.89 2.23
CA LYS D 198 30.82 -41.68 1.57
C LYS D 198 29.80 -41.25 0.52
N VAL D 199 29.38 -40.00 0.59
CA VAL D 199 28.47 -39.43 -0.39
C VAL D 199 29.29 -38.73 -1.46
N ARG D 200 28.97 -39.01 -2.72
CA ARG D 200 29.70 -38.42 -3.83
C ARG D 200 29.49 -36.91 -3.86
N GLY D 201 30.55 -36.18 -4.19
CA GLY D 201 30.45 -34.74 -4.29
C GLY D 201 29.53 -34.27 -5.41
N VAL D 202 29.41 -35.05 -6.48
CA VAL D 202 28.46 -34.74 -7.54
C VAL D 202 27.01 -34.92 -7.07
N ALA D 203 26.78 -35.71 -6.04
CA ALA D 203 25.45 -35.91 -5.48
C ALA D 203 25.04 -34.83 -4.49
N MET D 204 25.84 -33.77 -4.36
CA MET D 204 25.60 -32.70 -3.40
C MET D 204 25.12 -31.44 -4.11
N ASN D 205 24.77 -30.46 -3.33
CA ASN D 205 24.46 -29.12 -3.78
C ASN D 205 25.73 -28.28 -3.83
N PRO D 206 25.77 -27.23 -4.65
CA PRO D 206 27.01 -26.45 -4.78
C PRO D 206 27.45 -25.80 -3.48
N VAL D 207 26.53 -25.54 -2.57
CA VAL D 207 26.87 -24.95 -1.28
C VAL D 207 27.78 -25.88 -0.48
N GLU D 208 27.69 -27.20 -0.71
CA GLU D 208 28.40 -28.17 0.10
C GLU D 208 29.69 -28.68 -0.52
N HIS D 209 29.86 -28.57 -1.83
CA HIS D 209 30.98 -29.21 -2.49
C HIS D 209 31.26 -28.51 -3.80
N PRO D 210 32.54 -28.42 -4.21
CA PRO D 210 32.85 -27.91 -5.55
C PRO D 210 32.22 -28.73 -6.68
N HIS D 211 32.02 -30.03 -6.49
CA HIS D 211 31.40 -30.87 -7.49
C HIS D 211 29.88 -30.77 -7.51
N GLY D 212 29.28 -30.07 -6.55
CA GLY D 212 27.83 -30.09 -6.42
C GLY D 212 27.13 -29.26 -7.47
N GLY D 213 25.84 -29.53 -7.61
CA GLY D 213 24.99 -28.76 -8.49
C GLY D 213 24.85 -29.35 -9.88
N GLY D 214 24.22 -28.57 -10.74
CA GLY D 214 24.00 -28.97 -12.11
C GLY D 214 22.66 -29.66 -12.32
N ASN D 215 22.21 -29.65 -13.56
CA ASN D 215 21.04 -30.41 -13.95
C ASN D 215 21.38 -31.84 -14.36
N HIS D 216 22.68 -32.16 -14.46
CA HIS D 216 23.16 -33.53 -14.48
C HIS D 216 24.28 -33.66 -13.47
N GLN D 217 24.47 -34.86 -12.95
CA GLN D 217 25.58 -35.11 -12.03
C GLN D 217 26.86 -35.14 -12.84
N HIS D 218 27.65 -34.07 -12.75
CA HIS D 218 28.89 -33.97 -13.47
C HIS D 218 29.75 -32.92 -12.77
N ILE D 219 31.06 -33.13 -12.81
CA ILE D 219 31.97 -32.23 -12.12
C ILE D 219 31.96 -30.85 -12.76
N GLY D 220 32.02 -30.80 -14.10
CA GLY D 220 31.97 -29.54 -14.81
C GLY D 220 33.29 -28.82 -14.95
N HIS D 221 34.34 -29.31 -14.32
CA HIS D 221 35.69 -28.78 -14.46
C HIS D 221 36.63 -29.92 -14.13
N ALA D 222 37.91 -29.74 -14.44
CA ALA D 222 38.86 -30.83 -14.23
C ALA D 222 38.92 -31.23 -12.78
N SER D 223 38.91 -32.53 -12.53
CA SER D 223 38.99 -33.05 -11.17
C SER D 223 40.41 -33.04 -10.62
N THR D 224 41.40 -32.76 -11.45
CA THR D 224 42.76 -32.57 -10.97
C THR D 224 42.91 -31.16 -10.42
N VAL D 225 43.51 -31.04 -9.24
CA VAL D 225 43.56 -29.79 -8.51
C VAL D 225 44.99 -29.52 -8.06
N ARG D 226 45.35 -28.22 -8.04
CA ARG D 226 46.68 -27.79 -7.64
C ARG D 226 47.06 -28.29 -6.26
N ARG D 227 48.36 -28.45 -6.05
CA ARG D 227 48.86 -28.80 -4.72
C ARG D 227 48.64 -27.68 -3.72
N ASP D 228 48.60 -26.43 -4.20
CA ASP D 228 48.53 -25.27 -3.32
C ASP D 228 47.13 -24.69 -3.21
N ALA D 229 46.11 -25.41 -3.65
CA ALA D 229 44.75 -24.91 -3.52
C ALA D 229 44.37 -24.81 -2.04
N PRO D 230 43.55 -23.82 -1.69
CA PRO D 230 43.12 -23.67 -0.30
C PRO D 230 42.24 -24.84 0.13
N PRO D 231 42.19 -25.15 1.42
CA PRO D 231 41.21 -26.12 1.89
C PRO D 231 39.80 -25.64 1.58
N GLY D 232 38.93 -26.60 1.23
CA GLY D 232 37.64 -26.32 0.67
C GLY D 232 37.64 -26.35 -0.84
N GLN D 233 38.75 -25.96 -1.46
CA GLN D 233 38.95 -26.04 -2.90
C GLN D 233 39.68 -27.31 -3.32
N LYS D 234 40.53 -27.85 -2.45
CA LYS D 234 41.36 -29.02 -2.76
C LYS D 234 40.54 -30.29 -2.58
N VAL D 235 39.80 -30.64 -3.63
CA VAL D 235 39.02 -31.86 -3.69
C VAL D 235 39.27 -32.51 -5.04
N GLY D 236 38.95 -33.79 -5.14
CA GLY D 236 39.23 -34.54 -6.33
C GLY D 236 40.59 -35.20 -6.29
N LEU D 237 41.32 -35.16 -7.41
CA LEU D 237 42.64 -35.76 -7.50
C LEU D 237 43.68 -34.67 -7.31
N ILE D 238 44.46 -34.77 -6.23
CA ILE D 238 45.29 -33.68 -5.75
C ILE D 238 46.70 -33.84 -6.29
N ALA D 239 47.14 -32.85 -7.07
CA ALA D 239 48.51 -32.80 -7.60
C ALA D 239 48.86 -34.05 -8.41
N ALA D 240 47.92 -34.50 -9.24
CA ALA D 240 48.09 -35.73 -9.99
C ALA D 240 49.04 -35.51 -11.17
N ARG D 241 50.05 -36.36 -11.28
CA ARG D 241 50.95 -36.32 -12.42
C ARG D 241 50.31 -36.90 -13.67
N ARG D 242 49.36 -37.82 -13.51
CA ARG D 242 48.66 -38.43 -14.62
C ARG D 242 47.35 -38.99 -14.10
N THR D 243 46.45 -39.31 -15.03
CA THR D 243 45.17 -39.91 -14.69
C THR D 243 44.89 -41.02 -15.68
N GLY D 244 43.74 -41.67 -15.52
CA GLY D 244 43.34 -42.74 -16.39
C GLY D 244 43.99 -44.05 -16.01
N ARG D 245 43.59 -45.10 -16.71
CA ARG D 245 44.08 -46.45 -16.45
C ARG D 245 45.04 -46.84 -17.57
N LEU D 246 46.29 -47.10 -17.21
CA LEU D 246 47.32 -47.43 -18.17
C LEU D 246 47.19 -48.88 -18.65
N SER E 2 -20.51 -23.04 -22.97
CA SER E 2 -20.48 -23.89 -24.15
C SER E 2 -21.62 -24.92 -24.12
N HIS E 3 -21.92 -25.49 -25.28
CA HIS E 3 -22.98 -26.47 -25.38
C HIS E 3 -22.60 -27.75 -24.65
N ARG E 4 -23.61 -28.49 -24.21
CA ARG E 4 -23.36 -29.75 -23.53
C ARG E 4 -22.86 -30.78 -24.52
N LYS E 5 -21.96 -31.64 -24.04
CA LYS E 5 -21.22 -32.54 -24.93
C LYS E 5 -22.14 -33.56 -25.60
N PHE E 6 -23.08 -34.12 -24.86
CA PHE E 6 -24.02 -35.08 -25.39
C PHE E 6 -25.43 -34.73 -24.94
N GLU E 7 -26.41 -35.14 -25.73
CA GLU E 7 -27.81 -34.88 -25.45
C GLU E 7 -28.44 -36.09 -24.77
N HIS E 8 -29.23 -35.81 -23.73
CA HIS E 8 -30.23 -36.74 -23.21
C HIS E 8 -31.44 -35.92 -22.78
N PRO E 9 -32.63 -36.50 -22.83
CA PRO E 9 -33.82 -35.77 -22.40
C PRO E 9 -33.81 -35.50 -20.89
N ARG E 10 -34.53 -34.46 -20.51
CA ARG E 10 -34.56 -34.02 -19.12
C ARG E 10 -35.29 -35.03 -18.22
N HIS E 11 -34.85 -35.12 -16.98
CA HIS E 11 -35.46 -36.02 -16.00
C HIS E 11 -36.74 -35.40 -15.46
N GLY E 12 -37.84 -36.12 -15.56
CA GLY E 12 -39.08 -35.70 -14.98
C GLY E 12 -39.85 -34.70 -15.84
N SER E 13 -41.12 -34.56 -15.52
CA SER E 13 -42.02 -33.69 -16.28
C SER E 13 -42.22 -32.38 -15.52
N LEU E 14 -42.12 -31.27 -16.24
CA LEU E 14 -42.45 -29.97 -15.70
C LEU E 14 -43.95 -29.72 -15.65
N GLY E 15 -44.76 -30.63 -16.18
CA GLY E 15 -46.20 -30.51 -16.17
C GLY E 15 -46.90 -30.97 -14.92
N PHE E 16 -46.18 -31.43 -13.90
CA PHE E 16 -46.79 -31.87 -12.65
C PHE E 16 -46.30 -31.03 -11.47
N LEU E 17 -45.75 -29.92 -11.74
CA LEU E 17 -45.21 -28.93 -10.82
C LEU E 17 -46.33 -28.16 -10.13
N PRO E 18 -46.14 -27.72 -8.88
CA PRO E 18 -45.05 -28.09 -7.96
C PRO E 18 -45.27 -29.48 -7.38
N ARG E 19 -44.19 -30.19 -7.06
CA ARG E 19 -44.29 -31.52 -6.46
C ARG E 19 -44.47 -31.36 -4.95
N LYS E 20 -45.64 -30.85 -4.59
CA LYS E 20 -46.00 -30.57 -3.21
C LYS E 20 -47.02 -31.58 -2.72
N ARG E 21 -47.37 -31.47 -1.43
CA ARG E 21 -48.47 -32.25 -0.90
C ARG E 21 -49.79 -31.69 -1.40
N CYS E 22 -50.69 -32.58 -1.80
CA CYS E 22 -52.00 -32.15 -2.24
C CYS E 22 -52.73 -31.41 -1.12
N SER E 23 -53.49 -30.40 -1.49
CA SER E 23 -54.27 -29.65 -0.51
C SER E 23 -55.55 -30.36 -0.10
N ARG E 24 -55.88 -31.48 -0.74
CA ARG E 24 -57.05 -32.26 -0.39
C ARG E 24 -56.64 -33.71 -0.24
N HIS E 25 -57.50 -34.48 0.43
CA HIS E 25 -57.30 -35.91 0.58
C HIS E 25 -58.14 -36.70 -0.42
N ARG E 26 -59.42 -36.38 -0.54
CA ARG E 26 -60.27 -37.00 -1.53
C ARG E 26 -59.98 -36.41 -2.91
N GLY E 27 -59.78 -37.27 -3.89
CA GLY E 27 -59.50 -36.79 -5.24
C GLY E 27 -60.67 -36.00 -5.80
N LYS E 28 -60.35 -34.96 -6.56
CA LYS E 28 -61.35 -34.01 -7.03
C LYS E 28 -61.49 -34.11 -8.54
N VAL E 29 -62.73 -34.13 -9.02
CA VAL E 29 -62.98 -34.05 -10.45
C VAL E 29 -62.74 -32.61 -10.89
N LYS E 30 -61.78 -32.41 -11.78
CA LYS E 30 -61.45 -31.09 -12.29
C LYS E 30 -62.21 -30.74 -13.55
N SER E 31 -62.86 -31.70 -14.18
CA SER E 31 -63.67 -31.45 -15.38
C SER E 31 -64.60 -32.63 -15.59
N PHE E 32 -65.90 -32.37 -15.61
CA PHE E 32 -66.90 -33.38 -15.89
C PHE E 32 -67.06 -33.55 -17.40
N PRO E 33 -67.62 -34.68 -17.84
CA PRO E 33 -67.83 -34.87 -19.28
C PRO E 33 -68.81 -33.84 -19.85
N LYS E 34 -68.63 -33.53 -21.13
CA LYS E 34 -69.52 -32.60 -21.80
C LYS E 34 -70.95 -33.13 -21.81
N ASP E 35 -71.89 -32.26 -21.46
CA ASP E 35 -73.29 -32.68 -21.36
C ASP E 35 -73.90 -32.82 -22.75
N ASP E 36 -74.56 -33.95 -22.98
CA ASP E 36 -75.32 -34.20 -24.20
C ASP E 36 -76.78 -34.28 -23.78
N GLN E 37 -77.54 -33.23 -24.07
CA GLN E 37 -78.91 -33.12 -23.60
C GLN E 37 -79.84 -34.12 -24.25
N GLN E 38 -79.41 -34.82 -25.29
CA GLN E 38 -80.26 -35.83 -25.92
C GLN E 38 -80.33 -37.12 -25.10
N LYS E 39 -79.26 -37.46 -24.39
CA LYS E 39 -79.21 -38.70 -23.62
C LYS E 39 -80.04 -38.59 -22.34
N PRO E 40 -80.54 -39.71 -21.82
CA PRO E 40 -81.20 -39.70 -20.53
C PRO E 40 -80.29 -39.26 -19.39
N CYS E 41 -80.94 -38.77 -18.33
CA CYS E 41 -80.24 -38.24 -17.15
C CYS E 41 -79.48 -39.35 -16.44
N HIS E 42 -78.24 -39.06 -16.08
CA HIS E 42 -77.39 -40.05 -15.43
C HIS E 42 -76.27 -39.34 -14.68
N LEU E 43 -75.70 -40.05 -13.72
CA LEU E 43 -74.54 -39.56 -12.99
C LEU E 43 -73.26 -39.84 -13.77
N THR E 44 -72.25 -39.02 -13.51
CA THR E 44 -70.99 -39.06 -14.25
C THR E 44 -69.80 -39.51 -13.42
N ALA E 45 -69.99 -39.78 -12.14
CA ALA E 45 -68.86 -40.09 -11.27
C ALA E 45 -69.36 -40.93 -10.10
N PHE E 46 -68.40 -41.51 -9.38
CA PHE E 46 -68.68 -42.37 -8.24
C PHE E 46 -67.49 -42.30 -7.30
N LEU E 47 -67.72 -42.69 -6.04
CA LEU E 47 -66.68 -42.77 -5.04
C LEU E 47 -66.49 -44.22 -4.61
N GLY E 48 -65.25 -44.62 -4.40
CA GLY E 48 -64.94 -45.97 -3.99
C GLY E 48 -63.67 -46.02 -3.18
N TYR E 49 -63.34 -47.23 -2.71
CA TYR E 49 -62.21 -47.43 -1.82
C TYR E 49 -61.35 -48.57 -2.33
N LYS E 50 -60.05 -48.35 -2.36
CA LYS E 50 -59.10 -49.32 -2.90
C LYS E 50 -58.88 -50.45 -1.91
N ALA E 51 -59.30 -51.66 -2.28
CA ALA E 51 -59.17 -52.82 -1.41
C ALA E 51 -57.83 -53.52 -1.58
N GLY E 52 -57.47 -53.90 -2.80
CA GLY E 52 -56.23 -54.61 -3.02
C GLY E 52 -56.11 -55.03 -4.46
N MET E 53 -55.03 -55.76 -4.73
CA MET E 53 -54.70 -56.24 -6.06
C MET E 53 -54.75 -57.76 -6.10
N THR E 54 -55.07 -58.30 -7.27
CA THR E 54 -54.91 -59.72 -7.56
C THR E 54 -54.67 -59.86 -9.05
N HIS E 55 -54.55 -61.09 -9.53
CA HIS E 55 -54.34 -61.32 -10.95
C HIS E 55 -55.40 -62.27 -11.49
N ILE E 56 -55.75 -62.08 -12.75
CA ILE E 56 -56.76 -62.88 -13.42
C ILE E 56 -56.13 -63.51 -14.65
N VAL E 57 -56.78 -64.56 -15.14
CA VAL E 57 -56.41 -65.22 -16.39
C VAL E 57 -57.61 -65.14 -17.32
N ARG E 58 -57.36 -64.76 -18.56
CA ARG E 58 -58.43 -64.67 -19.54
C ARG E 58 -57.90 -65.05 -20.91
N GLU E 59 -58.80 -65.44 -21.80
CA GLU E 59 -58.45 -65.75 -23.17
C GLU E 59 -58.71 -64.52 -24.03
N VAL E 60 -57.72 -64.14 -24.83
CA VAL E 60 -57.76 -62.88 -25.58
C VAL E 60 -58.33 -63.12 -26.96
N GLU E 61 -59.32 -62.32 -27.33
CA GLU E 61 -59.83 -62.28 -28.70
C GLU E 61 -59.37 -60.95 -29.29
N LYS E 62 -58.33 -61.01 -30.13
CA LYS E 62 -57.79 -59.82 -30.76
C LYS E 62 -57.07 -60.22 -32.04
N PRO E 63 -57.75 -60.15 -33.20
CA PRO E 63 -57.13 -60.58 -34.45
C PRO E 63 -55.90 -59.74 -34.78
N GLY E 64 -54.89 -60.39 -35.35
CA GLY E 64 -53.65 -59.75 -35.70
C GLY E 64 -52.59 -59.75 -34.61
N SER E 65 -52.94 -60.15 -33.40
CA SER E 65 -52.02 -60.22 -32.28
C SER E 65 -51.53 -61.65 -32.08
N LYS E 66 -50.33 -61.77 -31.52
CA LYS E 66 -49.81 -63.08 -31.18
C LYS E 66 -50.53 -63.67 -29.96
N LEU E 67 -51.23 -62.85 -29.20
CA LEU E 67 -52.02 -63.30 -28.07
C LEU E 67 -53.42 -63.75 -28.47
N HIS E 68 -53.74 -63.71 -29.75
CA HIS E 68 -55.08 -64.07 -30.22
C HIS E 68 -55.38 -65.53 -29.91
N LYS E 69 -56.54 -65.76 -29.28
CA LYS E 69 -57.01 -67.09 -28.86
C LYS E 69 -56.09 -67.76 -27.85
N LYS E 70 -55.29 -66.97 -27.14
CA LYS E 70 -54.40 -67.49 -26.13
C LYS E 70 -54.65 -66.75 -24.81
N GLU E 71 -54.35 -67.43 -23.71
CA GLU E 71 -54.67 -66.91 -22.39
C GLU E 71 -53.55 -65.99 -21.90
N THR E 72 -53.94 -64.96 -21.17
CA THR E 72 -53.01 -63.99 -20.61
C THR E 72 -53.31 -63.81 -19.13
N CYS E 73 -52.27 -63.49 -18.36
CA CYS E 73 -52.40 -63.18 -16.96
C CYS E 73 -52.31 -61.67 -16.78
N GLU E 74 -53.23 -61.11 -15.99
CA GLU E 74 -53.34 -59.66 -15.87
C GLU E 74 -53.65 -59.27 -14.43
N ALA E 75 -52.92 -58.27 -13.94
CA ALA E 75 -53.13 -57.77 -12.59
C ALA E 75 -54.32 -56.81 -12.55
N VAL E 76 -55.16 -56.96 -11.53
CA VAL E 76 -56.36 -56.15 -11.39
C VAL E 76 -56.41 -55.56 -10.00
N THR E 77 -57.01 -54.37 -9.90
CA THR E 77 -57.27 -53.70 -8.63
C THR E 77 -58.74 -53.83 -8.29
N ILE E 78 -59.04 -54.09 -7.02
CA ILE E 78 -60.41 -54.19 -6.53
C ILE E 78 -60.77 -52.90 -5.82
N ILE E 79 -61.85 -52.27 -6.25
CA ILE E 79 -62.37 -51.05 -5.65
C ILE E 79 -63.76 -51.36 -5.12
N GLU E 80 -63.92 -51.29 -3.80
CA GLU E 80 -65.20 -51.54 -3.17
C GLU E 80 -66.08 -50.30 -3.29
N THR E 81 -67.22 -50.44 -3.95
CA THR E 81 -68.09 -49.31 -4.27
C THR E 81 -69.53 -49.62 -3.86
N PRO E 82 -69.85 -49.51 -2.57
CA PRO E 82 -71.24 -49.58 -2.15
C PRO E 82 -72.00 -48.35 -2.61
N PRO E 83 -73.34 -48.40 -2.63
CA PRO E 83 -74.10 -47.30 -3.23
C PRO E 83 -73.96 -45.98 -2.49
N LEU E 84 -74.02 -44.89 -3.24
CA LEU E 84 -74.01 -43.55 -2.66
C LEU E 84 -75.42 -43.11 -2.32
N VAL E 85 -75.51 -42.22 -1.32
CA VAL E 85 -76.77 -41.63 -0.92
C VAL E 85 -76.79 -40.18 -1.40
N ILE E 86 -77.85 -39.82 -2.10
CA ILE E 86 -78.05 -38.45 -2.54
C ILE E 86 -78.68 -37.66 -1.40
N VAL E 87 -78.11 -36.50 -1.09
CA VAL E 87 -78.59 -35.71 0.03
C VAL E 87 -78.80 -34.25 -0.36
N GLY E 88 -78.65 -33.92 -1.64
CA GLY E 88 -78.81 -32.53 -2.02
C GLY E 88 -78.68 -32.32 -3.52
N LEU E 89 -78.92 -31.08 -3.91
CA LEU E 89 -78.79 -30.63 -5.30
C LEU E 89 -78.11 -29.28 -5.30
N VAL E 90 -77.23 -29.05 -6.28
CA VAL E 90 -76.54 -27.77 -6.45
C VAL E 90 -76.69 -27.34 -7.90
N ALA E 91 -77.04 -26.08 -8.11
CA ALA E 91 -77.22 -25.52 -9.44
C ALA E 91 -76.13 -24.50 -9.75
N TYR E 92 -75.79 -24.40 -11.02
CA TYR E 92 -74.79 -23.44 -11.48
C TYR E 92 -75.37 -22.63 -12.62
N VAL E 93 -75.06 -21.34 -12.64
CA VAL E 93 -75.44 -20.45 -13.73
C VAL E 93 -74.16 -19.92 -14.38
N LYS E 94 -74.27 -19.54 -15.64
CA LYS E 94 -73.14 -18.97 -16.37
C LYS E 94 -72.95 -17.50 -15.99
N THR E 95 -71.74 -17.02 -16.22
CA THR E 95 -71.31 -15.71 -15.77
C THR E 95 -70.04 -15.35 -16.53
N PRO E 96 -69.79 -14.08 -16.83
CA PRO E 96 -68.54 -13.72 -17.53
C PRO E 96 -67.28 -14.09 -16.77
N ARG E 97 -67.38 -14.38 -15.48
CA ARG E 97 -66.24 -14.83 -14.71
C ARG E 97 -66.15 -16.35 -14.58
N GLY E 98 -67.09 -17.08 -15.18
CA GLY E 98 -67.16 -18.52 -15.05
C GLY E 98 -68.41 -18.95 -14.32
N LEU E 99 -68.50 -20.27 -14.09
CA LEU E 99 -69.66 -20.85 -13.42
C LEU E 99 -69.74 -20.36 -11.97
N ARG E 100 -70.98 -20.23 -11.49
CA ARG E 100 -71.24 -19.76 -10.15
C ARG E 100 -72.37 -20.57 -9.55
N THR E 101 -72.23 -20.96 -8.28
CA THR E 101 -73.28 -21.72 -7.61
C THR E 101 -74.52 -20.84 -7.47
N LEU E 102 -75.65 -21.34 -7.99
CA LEU E 102 -76.89 -20.59 -7.91
C LEU E 102 -77.55 -20.76 -6.54
N ASN E 103 -77.92 -21.99 -6.20
CA ASN E 103 -78.49 -22.32 -4.90
C ASN E 103 -78.35 -23.81 -4.68
N SER E 104 -78.66 -24.25 -3.46
CA SER E 104 -78.63 -25.66 -3.12
C SER E 104 -79.82 -26.02 -2.26
N VAL E 105 -80.28 -27.25 -2.41
CA VAL E 105 -81.40 -27.79 -1.65
C VAL E 105 -80.96 -29.10 -1.03
N TRP E 106 -81.15 -29.25 0.28
CA TRP E 106 -80.76 -30.46 0.97
C TRP E 106 -81.99 -31.28 1.37
N ALA E 107 -81.77 -32.57 1.57
CA ALA E 107 -82.82 -33.49 1.97
C ALA E 107 -83.13 -33.33 3.45
N GLN E 108 -84.32 -33.81 3.84
CA GLN E 108 -84.76 -33.65 5.22
C GLN E 108 -83.96 -34.54 6.17
N HIS E 109 -83.62 -35.75 5.75
CA HIS E 109 -82.89 -36.69 6.58
C HIS E 109 -81.46 -36.80 6.08
N LEU E 110 -80.51 -36.49 6.96
CA LEU E 110 -79.10 -36.70 6.72
C LEU E 110 -78.56 -37.61 7.81
N SER E 111 -77.89 -38.68 7.41
CA SER E 111 -77.31 -39.60 8.39
C SER E 111 -76.22 -38.91 9.20
N GLU E 112 -75.92 -39.48 10.36
CA GLU E 112 -74.87 -38.91 11.19
C GLU E 112 -73.48 -39.16 10.62
N ASP E 113 -73.33 -40.16 9.74
CA ASP E 113 -72.05 -40.37 9.07
C ASP E 113 -71.69 -39.18 8.20
N VAL E 114 -72.65 -38.66 7.44
CA VAL E 114 -72.38 -37.50 6.60
C VAL E 114 -72.38 -36.23 7.42
N ARG E 115 -73.15 -36.18 8.51
CA ARG E 115 -73.14 -34.99 9.35
C ARG E 115 -71.84 -34.86 10.13
N ARG E 116 -71.10 -35.95 10.31
CA ARG E 116 -69.78 -35.86 10.93
C ARG E 116 -68.81 -35.08 10.07
N ARG E 117 -69.04 -35.05 8.74
CA ARG E 117 -68.15 -34.33 7.83
C ARG E 117 -68.14 -32.83 8.10
N PHE E 118 -69.14 -32.31 8.79
CA PHE E 118 -69.23 -30.88 9.05
C PHE E 118 -68.62 -30.48 10.39
N TYR E 119 -67.93 -31.39 11.06
CA TYR E 119 -67.39 -31.16 12.40
C TYR E 119 -65.93 -31.57 12.47
N LYS E 120 -65.13 -30.76 13.17
CA LYS E 120 -63.80 -31.20 13.55
C LYS E 120 -63.82 -32.12 14.76
N ASN E 121 -64.77 -31.92 15.68
CA ASN E 121 -64.91 -32.74 16.89
C ASN E 121 -66.39 -33.04 17.08
N TRP E 122 -66.83 -34.16 16.51
CA TRP E 122 -68.25 -34.51 16.52
C TRP E 122 -68.75 -34.78 17.93
N CYS E 123 -67.95 -35.48 18.74
CA CYS E 123 -68.40 -35.92 20.06
C CYS E 123 -68.36 -34.82 21.11
N LYS E 124 -67.65 -33.72 20.87
CA LYS E 124 -67.65 -32.60 21.79
C LYS E 124 -68.72 -31.56 21.47
N SER E 125 -69.40 -31.67 20.33
CA SER E 125 -70.37 -30.69 19.88
C SER E 125 -71.78 -31.10 20.27
N LYS E 126 -72.71 -30.17 20.07
CA LYS E 126 -74.14 -30.43 20.26
C LYS E 126 -74.79 -31.05 19.04
N LYS E 127 -74.04 -31.18 17.94
CA LYS E 127 -74.52 -31.83 16.72
C LYS E 127 -75.77 -31.12 16.16
N LYS E 128 -75.64 -29.81 15.99
CA LYS E 128 -76.76 -28.96 15.59
C LYS E 128 -76.85 -28.77 14.08
N ALA E 129 -75.90 -29.29 13.31
CA ALA E 129 -75.90 -29.05 11.87
C ALA E 129 -77.17 -29.56 11.22
N PHE E 130 -77.80 -28.70 10.43
CA PHE E 130 -79.02 -28.96 9.67
C PHE E 130 -80.22 -29.28 10.56
N THR E 131 -80.16 -28.96 11.85
CA THR E 131 -81.30 -29.25 12.72
C THR E 131 -82.44 -28.28 12.46
N LYS E 132 -82.13 -27.02 12.18
CA LYS E 132 -83.18 -26.05 11.86
C LYS E 132 -83.54 -26.07 10.39
N TYR E 133 -82.62 -26.47 9.51
CA TYR E 133 -82.96 -26.63 8.11
C TYR E 133 -84.01 -27.71 7.92
N ALA E 134 -83.95 -28.77 8.73
CA ALA E 134 -84.92 -29.86 8.60
C ALA E 134 -86.34 -29.42 8.92
N LEU E 135 -86.50 -28.28 9.59
CA LEU E 135 -87.84 -27.80 9.95
C LEU E 135 -88.62 -27.24 8.78
N LYS E 136 -87.98 -26.98 7.64
CA LYS E 136 -88.73 -26.51 6.47
C LYS E 136 -89.63 -27.60 5.91
N TYR E 137 -89.26 -28.87 6.10
CA TYR E 137 -90.06 -29.97 5.58
C TYR E 137 -91.28 -30.27 6.43
N ASP E 138 -91.43 -29.62 7.57
CA ASP E 138 -92.55 -29.87 8.47
C ASP E 138 -93.69 -28.87 8.29
N SER E 139 -93.39 -27.58 8.24
CA SER E 139 -94.40 -26.56 8.08
C SER E 139 -94.87 -26.51 6.62
N ASP E 140 -95.67 -25.51 6.28
CA ASP E 140 -96.11 -25.31 4.90
C ASP E 140 -95.44 -24.14 4.21
N ALA E 141 -95.06 -23.10 4.95
CA ALA E 141 -94.23 -22.06 4.37
C ALA E 141 -92.83 -22.58 4.07
N GLY E 142 -92.32 -23.48 4.91
CA GLY E 142 -91.02 -24.06 4.65
C GLY E 142 -91.00 -24.91 3.38
N LYS E 143 -92.05 -25.69 3.16
CA LYS E 143 -92.15 -26.49 1.94
C LYS E 143 -92.28 -25.60 0.72
N LYS E 144 -92.87 -24.42 0.89
CA LYS E 144 -92.97 -23.47 -0.23
C LYS E 144 -91.59 -22.99 -0.66
N GLU E 145 -90.70 -22.74 0.30
CA GLU E 145 -89.34 -22.34 -0.04
C GLU E 145 -88.61 -23.44 -0.80
N ILE E 146 -88.77 -24.69 -0.37
CA ILE E 146 -88.08 -25.80 -1.04
C ILE E 146 -88.53 -25.89 -2.48
N GLN E 147 -89.84 -25.80 -2.72
CA GLN E 147 -90.36 -25.87 -4.07
C GLN E 147 -89.94 -24.65 -4.88
N LEU E 148 -89.88 -23.47 -4.26
CA LEU E 148 -89.43 -22.27 -4.96
C LEU E 148 -87.96 -22.37 -5.34
N GLN E 149 -87.13 -22.91 -4.46
CA GLN E 149 -85.72 -23.10 -4.80
C GLN E 149 -85.56 -24.07 -5.97
N LEU E 150 -86.35 -25.15 -5.99
CA LEU E 150 -86.28 -26.11 -7.09
C LEU E 150 -86.74 -25.48 -8.39
N GLU E 151 -87.76 -24.61 -8.33
CA GLU E 151 -88.24 -23.96 -9.54
C GLU E 151 -87.24 -22.94 -10.05
N LYS E 152 -86.52 -22.28 -9.14
CA LYS E 152 -85.43 -21.41 -9.55
C LYS E 152 -84.33 -22.19 -10.25
N MET E 153 -84.06 -23.42 -9.78
CA MET E 153 -83.10 -24.29 -10.44
C MET E 153 -83.52 -24.58 -11.88
N LYS E 154 -84.80 -24.88 -12.09
CA LYS E 154 -85.27 -25.25 -13.41
C LYS E 154 -85.22 -24.08 -14.39
N LYS E 155 -85.29 -22.85 -13.89
CA LYS E 155 -85.38 -21.69 -14.77
C LYS E 155 -84.04 -21.07 -15.10
N TYR E 156 -83.13 -21.00 -14.13
CA TYR E 156 -81.90 -20.24 -14.30
C TYR E 156 -80.65 -21.09 -14.44
N ALA E 157 -80.65 -22.34 -14.00
CA ALA E 157 -79.42 -23.12 -13.98
C ALA E 157 -79.05 -23.61 -15.38
N THR E 158 -77.75 -23.70 -15.63
CA THR E 158 -77.21 -24.37 -16.80
C THR E 158 -76.46 -25.65 -16.46
N ILE E 159 -76.03 -25.82 -15.22
CA ILE E 159 -75.42 -27.04 -14.73
C ILE E 159 -76.11 -27.44 -13.44
N VAL E 160 -76.49 -28.70 -13.32
CA VAL E 160 -77.11 -29.23 -12.11
C VAL E 160 -76.26 -30.39 -11.61
N ARG E 161 -75.90 -30.35 -10.34
CA ARG E 161 -75.07 -31.37 -9.73
C ARG E 161 -75.75 -31.91 -8.49
N VAL E 162 -75.57 -33.16 -8.25
CA VAL E 162 -76.12 -33.85 -7.08
C VAL E 162 -75.07 -33.84 -5.98
N ILE E 163 -75.52 -33.73 -4.74
CA ILE E 163 -74.65 -33.81 -3.58
C ILE E 163 -74.82 -35.20 -2.96
N ALA E 164 -73.76 -36.00 -3.01
CA ALA E 164 -73.84 -37.41 -2.62
C ALA E 164 -72.72 -37.75 -1.64
N HIS E 165 -72.97 -38.73 -0.79
CA HIS E 165 -72.00 -39.18 0.19
C HIS E 165 -71.95 -40.69 0.21
N THR E 166 -70.80 -41.21 0.63
CA THR E 166 -70.59 -42.64 0.73
C THR E 166 -71.09 -43.17 2.07
N GLN E 167 -71.32 -44.49 2.11
CA GLN E 167 -71.74 -45.18 3.33
C GLN E 167 -70.51 -45.83 3.94
N ILE E 168 -69.68 -45.01 4.56
CA ILE E 168 -68.34 -45.42 4.95
C ILE E 168 -68.35 -46.46 6.07
N ARG E 169 -69.46 -46.59 6.81
CA ARG E 169 -69.52 -47.58 7.87
C ARG E 169 -69.75 -49.00 7.38
N LYS E 170 -70.12 -49.18 6.11
CA LYS E 170 -70.22 -50.53 5.56
C LYS E 170 -68.85 -51.21 5.50
N MET E 171 -67.79 -50.45 5.32
CA MET E 171 -66.43 -50.98 5.31
C MET E 171 -65.86 -50.82 6.71
N LYS E 172 -66.03 -51.87 7.53
CA LYS E 172 -65.59 -51.79 8.91
C LYS E 172 -64.08 -51.61 9.01
N GLY E 173 -63.33 -52.25 8.11
CA GLY E 173 -61.88 -52.18 8.13
C GLY E 173 -61.33 -50.79 7.92
N LEU E 174 -62.13 -49.88 7.36
CA LEU E 174 -61.70 -48.49 7.23
C LEU E 174 -61.60 -47.80 8.59
N LYS E 175 -62.32 -48.29 9.60
CA LYS E 175 -62.28 -47.74 10.96
C LYS E 175 -62.63 -46.26 10.98
N GLN E 176 -63.52 -45.83 10.10
CA GLN E 176 -63.89 -44.44 9.97
C GLN E 176 -65.41 -44.30 9.97
N LYS E 177 -65.91 -43.30 10.69
CA LYS E 177 -67.34 -42.99 10.75
C LYS E 177 -67.72 -41.77 9.94
N LYS E 178 -66.75 -41.00 9.49
CA LYS E 178 -66.99 -39.77 8.75
C LYS E 178 -67.07 -40.08 7.26
N ALA E 179 -68.25 -39.83 6.67
CA ALA E 179 -68.47 -40.11 5.27
C ALA E 179 -67.71 -39.13 4.37
N HIS E 180 -67.51 -39.54 3.12
CA HIS E 180 -66.93 -38.68 2.10
C HIS E 180 -68.05 -38.13 1.24
N LEU E 181 -68.01 -36.82 1.00
CA LEU E 181 -69.06 -36.09 0.32
C LEU E 181 -68.50 -35.45 -0.95
N MET E 182 -69.25 -35.53 -2.04
CA MET E 182 -68.81 -34.93 -3.29
C MET E 182 -70.01 -34.50 -4.13
N GLU E 183 -69.75 -33.61 -5.08
CA GLU E 183 -70.73 -33.17 -6.06
C GLU E 183 -70.55 -33.97 -7.34
N ILE E 184 -71.64 -34.51 -7.85
CA ILE E 184 -71.64 -35.26 -9.10
C ILE E 184 -72.60 -34.60 -10.07
N GLN E 185 -72.13 -34.37 -11.29
CA GLN E 185 -72.94 -33.74 -12.32
C GLN E 185 -73.92 -34.73 -12.95
N VAL E 186 -75.12 -34.25 -13.24
CA VAL E 186 -76.09 -34.98 -14.05
C VAL E 186 -75.91 -34.59 -15.50
N ASN E 187 -75.78 -35.57 -16.39
CA ASN E 187 -75.38 -35.31 -17.77
C ASN E 187 -76.40 -35.89 -18.75
N GLY E 188 -77.68 -35.62 -18.54
CA GLY E 188 -78.67 -35.98 -19.53
C GLY E 188 -79.84 -35.03 -19.50
N GLY E 189 -80.59 -35.04 -20.60
CA GLY E 189 -81.87 -34.35 -20.64
C GLY E 189 -81.77 -32.83 -20.53
N THR E 190 -82.90 -32.24 -20.21
CA THR E 190 -83.00 -30.80 -20.01
C THR E 190 -82.73 -30.46 -18.55
N ILE E 191 -82.65 -29.16 -18.26
CA ILE E 191 -82.40 -28.73 -16.88
C ILE E 191 -83.54 -29.15 -15.98
N ALA E 192 -84.78 -29.04 -16.47
CA ALA E 192 -85.92 -29.52 -15.70
C ALA E 192 -85.84 -31.03 -15.50
N ASP E 193 -85.36 -31.75 -16.52
CA ASP E 193 -85.15 -33.19 -16.37
C ASP E 193 -84.09 -33.49 -15.30
N LYS E 194 -82.99 -32.72 -15.30
CA LYS E 194 -81.94 -32.94 -14.31
C LYS E 194 -82.44 -32.66 -12.90
N VAL E 195 -83.19 -31.56 -12.72
CA VAL E 195 -83.68 -31.21 -11.39
C VAL E 195 -84.67 -32.25 -10.89
N ASP E 196 -85.58 -32.68 -11.75
CA ASP E 196 -86.54 -33.72 -11.37
C ASP E 196 -85.83 -35.03 -11.07
N TYR E 197 -84.81 -35.36 -11.86
CA TYR E 197 -84.08 -36.62 -11.65
C TYR E 197 -83.31 -36.61 -10.34
N GLY E 198 -82.62 -35.51 -10.05
CA GLY E 198 -81.84 -35.44 -8.82
C GLY E 198 -82.68 -35.29 -7.57
N TYR E 199 -83.89 -34.73 -7.70
CA TYR E 199 -84.76 -34.56 -6.53
C TYR E 199 -85.42 -35.86 -6.12
N LYS E 200 -85.74 -36.74 -7.08
CA LYS E 200 -86.35 -38.02 -6.76
C LYS E 200 -85.40 -38.98 -6.06
N PHE E 201 -84.10 -38.67 -6.05
CA PHE E 201 -83.08 -39.51 -5.46
C PHE E 201 -82.75 -39.16 -4.02
N PHE E 202 -83.44 -38.17 -3.44
CA PHE E 202 -83.10 -37.71 -2.10
C PHE E 202 -83.25 -38.84 -1.08
N GLU E 203 -82.23 -39.01 -0.23
CA GLU E 203 -82.17 -40.06 0.78
C GLU E 203 -82.28 -41.45 0.19
N LYS E 204 -81.81 -41.63 -1.04
CA LYS E 204 -81.90 -42.89 -1.73
C LYS E 204 -80.52 -43.35 -2.18
N GLU E 205 -80.36 -44.66 -2.30
CA GLU E 205 -79.09 -45.27 -2.64
C GLU E 205 -78.99 -45.46 -4.15
N VAL E 206 -77.90 -44.96 -4.73
CA VAL E 206 -77.62 -45.12 -6.15
C VAL E 206 -76.47 -46.13 -6.28
N PRO E 207 -76.68 -47.26 -6.92
CA PRO E 207 -75.62 -48.28 -7.02
C PRO E 207 -74.64 -47.95 -8.13
N VAL E 208 -73.50 -48.63 -8.08
CA VAL E 208 -72.44 -48.41 -9.05
C VAL E 208 -72.86 -48.82 -10.46
N GLU E 209 -73.84 -49.70 -10.60
CA GLU E 209 -74.29 -50.13 -11.92
C GLU E 209 -75.13 -49.07 -12.62
N ALA E 210 -75.67 -48.11 -11.89
CA ALA E 210 -76.35 -46.98 -12.51
C ALA E 210 -75.41 -45.99 -13.15
N VAL E 211 -74.11 -46.11 -12.90
CA VAL E 211 -73.13 -45.14 -13.37
C VAL E 211 -72.17 -45.75 -14.39
N PHE E 212 -71.69 -46.96 -14.14
CA PHE E 212 -70.73 -47.61 -15.02
C PHE E 212 -71.24 -48.97 -15.43
N GLN E 213 -70.64 -49.54 -16.47
CA GLN E 213 -70.94 -50.88 -16.93
C GLN E 213 -69.64 -51.64 -17.21
N LYS E 214 -69.78 -52.95 -17.38
CA LYS E 214 -68.63 -53.80 -17.68
C LYS E 214 -68.00 -53.41 -19.01
N ASP E 215 -66.67 -53.53 -19.07
CA ASP E 215 -65.88 -53.29 -20.28
C ASP E 215 -65.90 -51.84 -20.70
N GLU E 216 -65.93 -50.92 -19.74
CA GLU E 216 -65.93 -49.49 -19.99
C GLU E 216 -64.62 -48.90 -19.50
N MET E 217 -64.09 -47.94 -20.25
CA MET E 217 -62.90 -47.22 -19.83
C MET E 217 -63.32 -46.04 -18.96
N VAL E 218 -62.75 -45.96 -17.76
CA VAL E 218 -63.06 -44.89 -16.82
C VAL E 218 -61.75 -44.21 -16.41
N ASP E 219 -61.88 -43.05 -15.78
CA ASP E 219 -60.75 -42.32 -15.24
C ASP E 219 -60.79 -42.41 -13.72
N ILE E 220 -59.62 -42.61 -13.11
CA ILE E 220 -59.51 -42.74 -11.67
C ILE E 220 -58.73 -41.54 -11.14
N ILE E 221 -59.28 -40.88 -10.14
CA ILE E 221 -58.71 -39.67 -9.55
C ILE E 221 -58.44 -39.95 -8.08
N GLY E 222 -57.23 -39.62 -7.64
CA GLY E 222 -56.89 -39.82 -6.24
C GLY E 222 -55.56 -39.18 -5.92
N VAL E 223 -55.17 -39.33 -4.66
CA VAL E 223 -53.89 -38.83 -4.18
C VAL E 223 -52.95 -40.02 -4.00
N THR E 224 -51.75 -39.91 -4.54
CA THR E 224 -50.80 -41.01 -4.51
C THR E 224 -50.27 -41.23 -3.09
N LYS E 225 -49.45 -42.26 -2.94
CA LYS E 225 -48.91 -42.58 -1.62
C LYS E 225 -47.82 -41.59 -1.22
N GLY E 226 -47.92 -41.10 0.01
CA GLY E 226 -46.92 -40.18 0.51
C GLY E 226 -45.60 -40.87 0.77
N LYS E 227 -44.51 -40.13 0.59
CA LYS E 227 -43.18 -40.65 0.84
C LYS E 227 -42.28 -39.69 1.60
N GLY E 228 -42.74 -38.48 1.89
CA GLY E 228 -41.97 -37.52 2.65
C GLY E 228 -40.83 -36.91 1.85
N TYR E 229 -39.93 -36.28 2.60
CA TYR E 229 -38.78 -35.59 2.04
C TYR E 229 -37.88 -36.55 1.30
N GLU E 230 -37.51 -36.21 0.07
CA GLU E 230 -36.75 -37.11 -0.78
C GLU E 230 -35.69 -36.37 -1.56
N GLY E 231 -34.58 -37.05 -1.83
CA GLY E 231 -33.50 -36.49 -2.62
C GLY E 231 -33.80 -36.53 -4.10
N VAL E 232 -32.89 -35.93 -4.87
CA VAL E 232 -33.10 -35.75 -6.30
C VAL E 232 -33.07 -37.08 -7.05
N VAL E 233 -32.28 -38.04 -6.57
CA VAL E 233 -32.12 -39.31 -7.28
C VAL E 233 -33.45 -40.06 -7.34
N THR E 234 -34.19 -40.09 -6.23
CA THR E 234 -35.46 -40.79 -6.20
C THR E 234 -36.63 -39.89 -6.60
N ARG E 235 -36.61 -38.61 -6.20
CA ARG E 235 -37.71 -37.72 -6.53
C ARG E 235 -37.79 -37.43 -8.02
N TRP E 236 -36.64 -37.25 -8.68
CA TRP E 236 -36.61 -36.85 -10.07
C TRP E 236 -35.95 -37.85 -10.99
N GLY E 237 -35.23 -38.85 -10.46
CA GLY E 237 -34.64 -39.86 -11.30
C GLY E 237 -33.34 -39.47 -11.97
N VAL E 238 -32.57 -38.55 -11.39
CA VAL E 238 -31.27 -38.19 -11.94
C VAL E 238 -30.27 -39.32 -11.66
N THR E 239 -29.14 -39.30 -12.34
CA THR E 239 -28.13 -40.33 -12.18
C THR E 239 -27.20 -40.01 -11.01
N ARG E 240 -26.71 -41.07 -10.36
CA ARG E 240 -25.74 -40.90 -9.28
C ARG E 240 -24.39 -40.46 -9.82
N LEU E 241 -23.63 -39.81 -8.96
CA LEU E 241 -22.28 -39.38 -9.27
C LEU E 241 -21.30 -40.50 -8.98
N PRO E 242 -20.02 -40.35 -9.36
CA PRO E 242 -19.05 -41.42 -9.10
C PRO E 242 -18.83 -41.66 -7.62
N ARG E 243 -18.36 -42.87 -7.32
CA ARG E 243 -18.10 -43.27 -5.94
C ARG E 243 -17.10 -42.32 -5.26
N LYS E 244 -16.18 -41.75 -6.04
CA LYS E 244 -15.14 -40.87 -5.54
C LYS E 244 -15.63 -39.49 -5.10
N THR E 245 -16.91 -39.16 -5.30
CA THR E 245 -17.39 -37.80 -5.08
C THR E 245 -17.34 -37.34 -3.63
N ARG E 247 -18.16 -35.19 -0.43
CA ARG E 247 -19.41 -34.66 0.14
C ARG E 247 -20.67 -35.35 -0.39
N GLY E 248 -20.52 -36.57 -0.90
CA GLY E 248 -21.65 -37.38 -1.29
C GLY E 248 -21.92 -37.36 -2.77
N LEU E 249 -22.67 -38.36 -3.23
CA LEU E 249 -22.87 -38.62 -4.64
C LEU E 249 -24.33 -38.63 -5.08
N ARG E 250 -25.27 -38.31 -4.20
CA ARG E 250 -26.70 -38.39 -4.54
C ARG E 250 -27.29 -37.02 -4.85
N LYS E 251 -26.53 -36.17 -5.54
CA LYS E 251 -26.95 -34.80 -5.82
C LYS E 251 -26.91 -34.54 -7.31
N VAL E 252 -27.48 -33.41 -7.72
CA VAL E 252 -27.23 -32.84 -9.03
C VAL E 252 -25.94 -32.05 -8.96
N ALA E 253 -25.03 -32.29 -9.90
CA ALA E 253 -23.71 -31.66 -9.83
C ALA E 253 -23.78 -30.17 -10.13
N CYS E 254 -24.25 -29.81 -11.32
CA CYS E 254 -24.43 -28.41 -11.70
C CYS E 254 -25.90 -28.06 -11.62
N ILE E 255 -26.25 -27.10 -10.76
CA ILE E 255 -27.63 -26.64 -10.66
C ILE E 255 -27.85 -25.33 -11.42
N GLY E 256 -26.96 -25.00 -12.35
CA GLY E 256 -27.16 -23.86 -13.21
C GLY E 256 -25.85 -23.21 -13.58
N ALA E 257 -25.90 -22.42 -14.65
CA ALA E 257 -24.75 -21.66 -15.13
C ALA E 257 -24.59 -20.37 -14.33
N TRP E 258 -23.47 -19.69 -14.57
CA TRP E 258 -23.22 -18.40 -13.93
C TRP E 258 -24.32 -17.41 -14.26
N HIS E 259 -24.81 -17.42 -15.51
CA HIS E 259 -25.91 -16.57 -15.90
C HIS E 259 -26.99 -17.39 -16.58
N PRO E 260 -28.27 -17.16 -16.25
CA PRO E 260 -28.83 -16.22 -15.25
C PRO E 260 -28.33 -16.46 -13.84
N ALA E 261 -28.10 -15.41 -13.05
CA ALA E 261 -27.51 -15.57 -11.73
C ALA E 261 -28.58 -15.94 -10.70
N ARG E 262 -29.33 -17.00 -11.00
CA ARG E 262 -30.38 -17.51 -10.16
C ARG E 262 -30.53 -19.00 -10.45
N VAL E 263 -31.11 -19.73 -9.50
CA VAL E 263 -31.50 -21.11 -9.76
C VAL E 263 -32.85 -21.11 -10.45
N SER E 264 -32.98 -21.92 -11.49
CA SER E 264 -34.21 -21.97 -12.27
C SER E 264 -35.19 -22.97 -11.70
N TYR E 265 -36.47 -22.76 -12.02
CA TYR E 265 -37.53 -23.67 -11.61
C TYR E 265 -37.44 -25.02 -12.32
N THR E 266 -36.61 -25.15 -13.34
CA THR E 266 -36.48 -26.38 -14.11
C THR E 266 -35.43 -27.35 -13.56
N VAL E 267 -34.64 -26.95 -12.59
CA VAL E 267 -33.57 -27.78 -12.05
C VAL E 267 -34.14 -28.65 -10.94
N ALA E 268 -33.73 -29.92 -10.94
CA ALA E 268 -34.20 -30.88 -9.94
C ALA E 268 -33.67 -30.55 -8.56
N ARG E 269 -34.56 -30.46 -7.58
CA ARG E 269 -34.19 -30.24 -6.20
C ARG E 269 -34.88 -31.25 -5.31
N ALA E 270 -34.44 -31.32 -4.07
CA ALA E 270 -35.00 -32.23 -3.09
C ALA E 270 -36.20 -31.60 -2.39
N GLY E 271 -37.14 -32.45 -1.98
CA GLY E 271 -38.35 -31.97 -1.34
C GLY E 271 -39.35 -33.09 -1.18
N GLN E 272 -40.63 -32.72 -1.13
CA GLN E 272 -41.68 -33.70 -0.93
C GLN E 272 -41.83 -34.61 -2.14
N ASN E 273 -41.88 -35.91 -1.89
CA ASN E 273 -42.14 -36.91 -2.91
C ASN E 273 -43.38 -37.68 -2.52
N GLY E 274 -44.32 -37.83 -3.45
CA GLY E 274 -45.54 -38.54 -3.20
C GLY E 274 -46.61 -37.69 -2.56
N TYR E 275 -47.80 -38.29 -2.43
CA TYR E 275 -49.01 -37.62 -1.95
C TYR E 275 -49.37 -36.46 -2.88
N HIS E 276 -49.52 -36.80 -4.16
CA HIS E 276 -49.88 -35.85 -5.20
C HIS E 276 -51.23 -36.23 -5.80
N HIS E 277 -51.97 -35.21 -6.24
CA HIS E 277 -53.21 -35.42 -6.97
C HIS E 277 -52.89 -35.90 -8.39
N ARG E 278 -53.55 -36.97 -8.81
CA ARG E 278 -53.30 -37.54 -10.14
C ARG E 278 -54.63 -37.99 -10.74
N THR E 279 -54.78 -37.71 -12.03
CA THR E 279 -55.94 -38.15 -12.82
C THR E 279 -55.45 -39.13 -13.87
N GLU E 280 -55.81 -40.39 -13.72
CA GLU E 280 -55.38 -41.46 -14.62
C GLU E 280 -56.57 -41.99 -15.39
N MET E 281 -56.42 -42.10 -16.70
CA MET E 281 -57.54 -42.43 -17.56
C MET E 281 -57.34 -43.76 -18.26
N ASN E 282 -58.43 -44.24 -18.86
CA ASN E 282 -58.46 -45.42 -19.73
C ASN E 282 -58.15 -46.70 -18.96
N LYS E 283 -58.78 -46.83 -17.80
CA LYS E 283 -58.73 -48.07 -17.03
C LYS E 283 -60.00 -48.86 -17.30
N LYS E 284 -59.85 -50.08 -17.82
CA LYS E 284 -60.98 -50.89 -18.23
C LYS E 284 -61.61 -51.61 -17.04
N ILE E 285 -62.93 -51.70 -17.06
CA ILE E 285 -63.67 -52.44 -16.04
C ILE E 285 -63.81 -53.89 -16.50
N TYR E 286 -63.28 -54.81 -15.72
CA TYR E 286 -63.34 -56.22 -16.07
C TYR E 286 -64.54 -56.92 -15.47
N LYS E 287 -65.07 -56.41 -14.37
CA LYS E 287 -66.14 -57.09 -13.65
C LYS E 287 -66.88 -56.09 -12.78
N MET E 288 -68.16 -56.35 -12.58
CA MET E 288 -68.99 -55.60 -11.64
C MET E 288 -69.57 -56.62 -10.67
N GLY E 289 -69.04 -56.66 -9.45
CA GLY E 289 -69.56 -57.57 -8.45
C GLY E 289 -70.71 -56.98 -7.69
N LYS E 290 -71.91 -57.50 -7.89
CA LYS E 290 -73.10 -57.00 -7.23
C LYS E 290 -73.43 -57.87 -6.03
N SER E 291 -73.58 -57.24 -4.87
CA SER E 291 -73.93 -57.96 -3.66
C SER E 291 -75.26 -58.67 -3.83
N GLY E 292 -75.32 -59.91 -3.36
CA GLY E 292 -76.51 -60.72 -3.53
C GLY E 292 -76.70 -61.30 -4.91
N GLN E 293 -75.62 -61.46 -5.68
CA GLN E 293 -75.70 -62.06 -7.00
C GLN E 293 -74.50 -62.95 -7.24
N GLU E 294 -74.62 -63.82 -8.26
CA GLU E 294 -73.53 -64.74 -8.58
C GLU E 294 -72.30 -64.01 -9.10
N SER E 295 -72.48 -62.81 -9.65
CA SER E 295 -71.33 -62.05 -10.15
C SER E 295 -70.42 -61.56 -9.03
N HIS E 296 -70.86 -61.64 -7.78
CA HIS E 296 -70.01 -61.20 -6.68
C HIS E 296 -68.89 -62.21 -6.40
N GLU E 297 -69.12 -63.48 -6.68
CA GLU E 297 -68.13 -64.51 -6.42
C GLU E 297 -67.00 -64.48 -7.45
N ALA E 298 -65.83 -64.94 -7.03
CA ALA E 298 -64.66 -65.02 -7.90
C ALA E 298 -64.65 -66.26 -8.77
N CYS E 299 -65.78 -66.96 -8.91
CA CYS E 299 -65.88 -68.07 -9.83
C CYS E 299 -66.25 -67.57 -11.23
N THR E 300 -65.74 -68.26 -12.23
CA THR E 300 -65.99 -67.91 -13.62
C THR E 300 -66.80 -69.01 -14.28
N GLU E 301 -67.05 -68.84 -15.58
CA GLU E 301 -67.72 -69.89 -16.34
C GLU E 301 -66.84 -71.12 -16.49
N PHE E 302 -65.52 -70.93 -16.50
CA PHE E 302 -64.58 -72.04 -16.60
C PHE E 302 -64.17 -72.58 -15.24
N ASP E 303 -64.23 -71.77 -14.19
CA ASP E 303 -63.92 -72.19 -12.83
C ASP E 303 -65.18 -72.13 -11.99
N ARG E 304 -65.71 -73.28 -11.60
CA ARG E 304 -66.93 -73.35 -10.81
C ARG E 304 -66.64 -73.49 -9.33
N THR E 305 -65.40 -73.28 -8.90
CA THR E 305 -65.07 -73.35 -7.48
C THR E 305 -65.80 -72.25 -6.72
N GLU E 306 -66.40 -72.61 -5.59
CA GLU E 306 -67.12 -71.64 -4.77
C GLU E 306 -66.12 -70.86 -3.93
N LYS E 307 -65.90 -69.60 -4.29
CA LYS E 307 -65.00 -68.74 -3.53
C LYS E 307 -65.48 -67.29 -3.65
N ASP E 308 -65.04 -66.48 -2.70
CA ASP E 308 -65.35 -65.07 -2.65
C ASP E 308 -64.20 -64.26 -3.27
N ILE E 309 -64.48 -63.00 -3.54
CA ILE E 309 -63.48 -62.13 -4.15
C ILE E 309 -62.31 -61.91 -3.20
N THR E 310 -62.55 -61.96 -1.89
CA THR E 310 -61.50 -61.68 -0.93
C THR E 310 -60.48 -62.82 -0.91
N PRO E 311 -59.18 -62.52 -0.95
CA PRO E 311 -58.17 -63.57 -0.87
C PRO E 311 -58.12 -64.17 0.53
N MET E 312 -57.54 -65.36 0.60
CA MET E 312 -57.39 -66.08 1.86
C MET E 312 -56.69 -65.21 2.91
N GLY E 313 -57.31 -65.07 4.07
CA GLY E 313 -56.77 -64.23 5.11
C GLY E 313 -57.14 -62.77 5.00
N GLY E 314 -58.03 -62.40 4.08
CA GLY E 314 -58.42 -61.02 3.90
C GLY E 314 -57.50 -60.27 2.96
N PHE E 315 -57.98 -59.12 2.52
CA PHE E 315 -57.14 -58.22 1.75
C PHE E 315 -56.15 -57.58 2.70
N PRO E 316 -54.84 -57.69 2.48
CA PRO E 316 -53.88 -57.18 3.44
C PRO E 316 -54.06 -55.68 3.67
N HIS E 317 -54.15 -55.32 4.95
CA HIS E 317 -54.37 -53.96 5.41
C HIS E 317 -55.74 -53.40 5.04
N TYR E 318 -56.63 -54.20 4.46
CA TYR E 318 -57.96 -53.70 4.12
C TYR E 318 -59.08 -54.42 4.86
N GLY E 319 -59.21 -55.74 4.69
CA GLY E 319 -60.33 -56.45 5.26
C GLY E 319 -61.05 -57.24 4.20
N VAL E 320 -62.33 -57.51 4.46
CA VAL E 320 -63.17 -58.35 3.62
C VAL E 320 -64.09 -57.46 2.79
N VAL E 321 -64.20 -57.78 1.50
CA VAL E 321 -65.07 -57.04 0.60
C VAL E 321 -66.46 -57.70 0.62
N LYS E 322 -67.43 -57.01 1.21
CA LYS E 322 -68.81 -57.49 1.26
C LYS E 322 -69.76 -56.71 0.38
N GLY E 323 -69.45 -55.45 0.06
CA GLY E 323 -70.30 -54.64 -0.77
C GLY E 323 -69.98 -54.80 -2.25
N ASP E 324 -70.65 -53.97 -3.06
CA ASP E 324 -70.39 -53.97 -4.49
C ASP E 324 -68.98 -53.50 -4.79
N TYR E 325 -68.40 -54.03 -5.86
CA TYR E 325 -67.03 -53.71 -6.19
C TYR E 325 -66.85 -53.68 -7.70
N LEU E 326 -65.74 -53.10 -8.13
CA LEU E 326 -65.32 -53.10 -9.52
C LEU E 326 -63.96 -53.78 -9.63
N MET E 327 -63.82 -54.65 -10.63
CA MET E 327 -62.53 -55.17 -11.03
C MET E 327 -62.02 -54.30 -12.18
N ILE E 328 -60.80 -53.79 -12.05
CA ILE E 328 -60.22 -52.85 -13.00
C ILE E 328 -58.84 -53.35 -13.40
N LYS E 329 -58.57 -53.35 -14.70
CA LYS E 329 -57.28 -53.77 -15.21
C LYS E 329 -56.18 -52.84 -14.71
N GLY E 330 -55.10 -53.43 -14.19
CA GLY E 330 -53.91 -52.67 -13.87
C GLY E 330 -53.91 -52.10 -12.46
N CYS E 331 -53.03 -51.12 -12.28
CA CYS E 331 -52.80 -50.47 -11.01
C CYS E 331 -53.72 -49.26 -10.84
N CYS E 332 -53.78 -48.75 -9.61
CA CYS E 332 -54.64 -47.62 -9.26
C CYS E 332 -53.92 -46.73 -8.26
N VAL E 333 -54.23 -45.43 -8.33
CA VAL E 333 -53.56 -44.45 -7.50
C VAL E 333 -53.77 -44.73 -6.02
N GLY E 334 -52.74 -44.49 -5.22
CA GLY E 334 -52.86 -44.47 -3.78
C GLY E 334 -52.63 -45.80 -3.11
N PRO E 335 -52.62 -45.80 -1.78
CA PRO E 335 -52.47 -47.06 -1.04
C PRO E 335 -53.80 -47.74 -0.80
N LYS E 336 -53.78 -48.86 -0.09
CA LYS E 336 -55.02 -49.49 0.33
C LYS E 336 -55.76 -48.60 1.32
N LYS E 337 -57.08 -48.70 1.32
CA LYS E 337 -58.06 -47.93 2.08
C LYS E 337 -58.27 -46.54 1.50
N ARG E 338 -57.50 -46.11 0.52
CA ARG E 338 -57.57 -44.74 0.04
C ARG E 338 -58.84 -44.54 -0.79
N VAL E 339 -59.56 -43.47 -0.49
CA VAL E 339 -60.77 -43.13 -1.23
C VAL E 339 -60.36 -42.66 -2.63
N VAL E 340 -61.04 -43.18 -3.64
CA VAL E 340 -60.73 -42.88 -5.04
C VAL E 340 -61.99 -42.42 -5.75
N THR E 341 -61.84 -41.42 -6.61
CA THR E 341 -62.95 -40.91 -7.40
C THR E 341 -62.90 -41.54 -8.79
N LEU E 342 -64.03 -42.07 -9.23
CA LEU E 342 -64.16 -42.72 -10.52
C LEU E 342 -64.99 -41.81 -11.42
N ARG E 343 -64.49 -41.53 -12.61
CA ARG E 343 -65.14 -40.59 -13.51
C ARG E 343 -65.28 -41.23 -14.88
N GLN E 344 -66.39 -40.92 -15.56
CA GLN E 344 -66.57 -41.34 -16.93
C GLN E 344 -65.55 -40.65 -17.83
N SER E 345 -65.17 -41.35 -18.89
CA SER E 345 -64.19 -40.83 -19.84
C SER E 345 -64.67 -39.53 -20.47
N LEU E 346 -63.75 -38.59 -20.66
CA LEU E 346 -64.06 -37.32 -21.30
C LEU E 346 -64.07 -37.40 -22.81
N LEU E 347 -63.54 -38.48 -23.39
CA LEU E 347 -63.47 -38.60 -24.83
C LEU E 347 -64.18 -39.87 -25.29
N LYS E 348 -64.46 -39.93 -26.58
CA LYS E 348 -65.16 -41.07 -27.16
C LYS E 348 -64.21 -42.25 -27.25
N GLN E 349 -64.66 -43.40 -26.74
CA GLN E 349 -63.83 -44.60 -26.71
C GLN E 349 -64.17 -45.50 -27.89
N THR E 350 -63.75 -45.05 -29.06
CA THR E 350 -63.91 -45.82 -30.30
C THR E 350 -62.58 -46.49 -30.67
N SER E 351 -62.26 -47.55 -29.94
CA SER E 351 -61.00 -48.25 -30.12
C SER E 351 -61.19 -49.72 -29.82
N ARG E 352 -60.25 -50.54 -30.30
CA ARG E 352 -60.33 -51.98 -30.09
C ARG E 352 -60.20 -52.32 -28.61
N LEU E 353 -59.21 -51.74 -27.93
CA LEU E 353 -59.07 -51.98 -26.50
C LEU E 353 -60.26 -51.45 -25.74
N ALA E 354 -60.81 -50.32 -26.17
CA ALA E 354 -62.02 -49.79 -25.54
C ALA E 354 -63.20 -50.72 -25.76
N LEU E 355 -63.35 -51.24 -26.97
CA LEU E 355 -64.54 -52.01 -27.34
C LEU E 355 -64.37 -53.51 -27.14
N GLU E 356 -63.23 -53.95 -26.62
CA GLU E 356 -63.01 -55.37 -26.38
C GLU E 356 -63.94 -55.88 -25.28
N GLU E 357 -64.37 -57.13 -25.43
CA GLU E 357 -65.26 -57.76 -24.46
C GLU E 357 -64.45 -58.74 -23.61
N ILE E 358 -64.46 -58.53 -22.30
CA ILE E 358 -63.61 -59.27 -21.38
C ILE E 358 -64.38 -60.48 -20.86
N LYS E 359 -63.76 -61.65 -20.96
CA LYS E 359 -64.31 -62.89 -20.43
C LYS E 359 -63.25 -63.53 -19.53
N LEU E 360 -63.53 -63.56 -18.24
CA LEU E 360 -62.57 -64.05 -17.27
C LEU E 360 -62.54 -65.58 -17.25
N LYS E 361 -61.34 -66.13 -17.17
CA LYS E 361 -61.16 -67.58 -17.05
C LYS E 361 -60.85 -68.02 -15.62
N PHE E 362 -60.13 -67.21 -14.85
CA PHE E 362 -59.72 -67.59 -13.50
C PHE E 362 -59.42 -66.32 -12.71
N ILE E 363 -59.78 -66.34 -11.44
CA ILE E 363 -59.45 -65.27 -10.50
C ILE E 363 -58.65 -65.91 -9.37
N ASP E 364 -57.46 -65.38 -9.11
CA ASP E 364 -56.64 -65.86 -8.02
C ASP E 364 -57.21 -65.36 -6.69
N THR E 365 -57.40 -66.27 -5.74
CA THR E 365 -57.80 -65.89 -4.39
C THR E 365 -56.84 -66.44 -3.33
N SER E 366 -55.61 -66.76 -3.72
CA SER E 366 -54.59 -67.14 -2.74
C SER E 366 -54.25 -65.97 -1.83
N SER E 367 -53.74 -66.30 -0.65
CA SER E 367 -53.32 -65.27 0.28
C SER E 367 -52.25 -64.38 -0.33
N LYS E 368 -52.41 -63.08 -0.17
CA LYS E 368 -51.42 -62.12 -0.60
C LYS E 368 -50.44 -61.76 0.50
N PHE E 369 -50.58 -62.34 1.68
CA PHE E 369 -49.67 -62.11 2.79
C PHE E 369 -48.50 -63.07 2.80
N GLY E 370 -48.38 -63.92 1.78
CA GLY E 370 -47.23 -64.78 1.66
C GLY E 370 -47.24 -65.43 0.30
N HIS E 371 -46.49 -66.53 0.18
CA HIS E 371 -46.48 -67.31 -1.05
C HIS E 371 -47.65 -68.31 -1.03
N GLY E 372 -48.85 -67.74 -1.08
CA GLY E 372 -50.05 -68.54 -0.95
C GLY E 372 -50.17 -69.57 -2.05
N ARG E 373 -50.68 -70.74 -1.70
CA ARG E 373 -50.77 -71.86 -2.63
C ARG E 373 -52.14 -72.51 -2.64
N PHE E 374 -53.09 -72.05 -1.84
CA PHE E 374 -54.43 -72.57 -1.83
C PHE E 374 -55.40 -71.47 -2.28
N GLN E 375 -56.50 -71.89 -2.90
CA GLN E 375 -57.49 -70.93 -3.35
C GLN E 375 -58.57 -70.67 -2.32
N THR E 376 -58.78 -71.58 -1.38
CA THR E 376 -59.79 -71.43 -0.34
C THR E 376 -59.26 -72.04 0.96
N THR E 377 -59.91 -71.67 2.06
CA THR E 377 -59.61 -72.29 3.34
C THR E 377 -60.07 -73.74 3.37
N ASP E 378 -61.13 -74.06 2.61
CA ASP E 378 -61.58 -75.44 2.50
C ASP E 378 -60.52 -76.33 1.87
N GLU E 379 -59.86 -75.84 0.83
CA GLU E 379 -58.82 -76.60 0.16
C GLU E 379 -57.60 -76.79 1.07
N LYS E 380 -57.28 -75.77 1.88
CA LYS E 380 -56.12 -75.88 2.76
C LYS E 380 -56.35 -76.92 3.86
N GLN E 381 -57.59 -77.01 4.36
CA GLN E 381 -57.86 -77.95 5.44
C GLN E 381 -57.98 -79.38 4.93
N LYS E 382 -58.50 -79.56 3.71
CA LYS E 382 -58.54 -80.90 3.13
C LYS E 382 -57.16 -81.41 2.78
N PHE E 383 -56.21 -80.51 2.52
CA PHE E 383 -54.86 -80.92 2.17
C PHE E 383 -54.11 -81.45 3.38
N TYR E 384 -54.29 -80.82 4.54
CA TYR E 384 -53.58 -81.20 5.75
C TYR E 384 -54.32 -82.24 6.59
N GLY E 385 -55.49 -82.69 6.16
CA GLY E 385 -56.25 -83.68 6.88
C GLY E 385 -57.23 -83.11 7.88
N ARG F 6 9.63 73.73 33.27
CA ARG F 6 9.16 72.48 33.84
C ARG F 6 8.20 72.72 35.00
N PRO F 7 6.99 72.19 34.90
CA PRO F 7 6.03 72.33 36.00
C PRO F 7 6.49 71.60 37.25
N LEU F 8 6.10 72.16 38.40
CA LEU F 8 6.54 71.65 39.69
C LEU F 8 5.51 70.66 40.24
N VAL F 9 6.02 69.60 40.87
CA VAL F 9 5.18 68.56 41.47
C VAL F 9 5.24 68.72 42.98
N SER F 10 4.08 68.85 43.61
CA SER F 10 4.02 69.00 45.06
C SER F 10 4.38 67.70 45.76
N VAL F 11 4.93 67.84 46.97
CA VAL F 11 5.32 66.70 47.80
C VAL F 11 4.35 66.63 48.97
N LYS F 12 3.58 65.56 49.03
CA LYS F 12 2.61 65.39 50.11
C LYS F 12 3.34 65.05 51.41
N ALA F 13 2.95 65.72 52.49
CA ALA F 13 3.61 65.57 53.78
C ALA F 13 2.78 64.70 54.71
N LEU F 14 3.43 63.71 55.33
CA LEU F 14 2.76 62.87 56.30
C LEU F 14 2.71 63.51 57.68
N GLU F 15 3.66 64.39 57.98
CA GLU F 15 3.64 65.15 59.22
C GLU F 15 2.85 66.43 58.95
N GLY F 16 1.53 66.32 59.04
CA GLY F 16 0.64 67.45 58.82
C GLY F 16 0.61 68.45 59.95
N ASP F 17 1.29 68.15 61.07
CA ASP F 17 1.40 69.09 62.18
C ASP F 17 2.84 69.49 62.49
N MET F 18 3.84 68.76 61.98
CA MET F 18 5.22 69.15 62.19
C MET F 18 5.60 70.31 61.26
N ALA F 19 5.54 70.07 59.96
CA ALA F 19 5.72 71.11 58.94
C ALA F 19 7.04 71.86 59.13
N THR F 20 8.13 71.12 58.95
CA THR F 20 9.46 71.72 59.07
C THR F 20 9.65 72.84 58.07
N ASP F 21 9.17 72.66 56.85
CA ASP F 21 9.11 73.70 55.84
C ASP F 21 7.65 74.04 55.57
N ASN F 22 7.41 74.91 54.59
CA ASN F 22 6.07 75.24 54.15
C ASN F 22 5.93 75.26 52.64
N SER F 23 7.00 74.99 51.89
CA SER F 23 6.94 74.92 50.44
C SER F 23 7.95 73.90 49.97
N SER F 24 7.52 73.01 49.08
CA SER F 24 8.39 71.95 48.57
C SER F 24 7.80 71.45 47.26
N SER F 25 8.51 71.65 46.16
CA SER F 25 7.99 71.27 44.85
C SER F 25 9.16 71.03 43.91
N LEU F 26 9.16 69.88 43.26
CA LEU F 26 10.27 69.43 42.41
C LEU F 26 9.84 69.46 40.95
N ALA F 27 10.78 69.84 40.08
CA ALA F 27 10.49 69.89 38.66
C ALA F 27 10.17 68.50 38.11
N LEU F 28 9.19 68.43 37.21
CA LEU F 28 8.79 67.16 36.65
C LEU F 28 9.93 66.52 35.86
N ALA F 29 10.19 65.24 36.15
CA ALA F 29 11.30 64.55 35.50
C ALA F 29 11.06 64.44 34.00
N GLU F 30 12.13 64.63 33.22
CA GLU F 30 12.02 64.60 31.77
C GLU F 30 11.56 63.23 31.27
N VAL F 31 11.85 62.16 32.01
CA VAL F 31 11.42 60.83 31.62
C VAL F 31 9.90 60.70 31.60
N PHE F 32 9.19 61.64 32.22
CA PHE F 32 7.73 61.63 32.23
C PHE F 32 7.12 62.29 31.01
N ARG F 33 7.94 62.86 30.13
CA ARG F 33 7.46 63.40 28.87
C ARG F 33 7.81 62.50 27.70
N ALA F 34 8.22 61.26 27.96
CA ALA F 34 8.58 60.33 26.92
C ALA F 34 7.36 59.88 26.13
N PRO F 35 7.55 59.46 24.89
CA PRO F 35 6.43 58.92 24.13
C PRO F 35 5.88 57.66 24.77
N LEU F 36 4.57 57.46 24.64
CA LEU F 36 3.89 56.29 25.19
C LEU F 36 3.67 55.29 24.07
N ARG F 37 4.32 54.13 24.17
CA ARG F 37 4.41 53.17 23.08
C ARG F 37 3.92 51.81 23.57
N PRO F 38 2.61 51.60 23.63
CA PRO F 38 2.11 50.28 24.03
C PRO F 38 2.48 49.17 23.06
N ASP F 39 2.73 49.50 21.80
CA ASP F 39 3.13 48.48 20.84
C ASP F 39 4.50 47.90 21.21
N VAL F 40 5.42 48.74 21.68
CA VAL F 40 6.72 48.24 22.08
C VAL F 40 6.69 47.70 23.50
N VAL F 41 5.78 48.20 24.33
CA VAL F 41 5.64 47.63 25.67
C VAL F 41 5.10 46.21 25.57
N ARG F 42 4.13 45.97 24.69
CA ARG F 42 3.63 44.61 24.50
C ARG F 42 4.70 43.69 23.94
N PHE F 43 5.55 44.20 23.05
CA PHE F 43 6.61 43.39 22.48
C PHE F 43 7.70 43.10 23.51
N VAL F 44 8.15 44.13 24.22
CA VAL F 44 9.25 43.96 25.17
C VAL F 44 8.78 43.22 26.41
N HIS F 45 7.49 43.32 26.76
CA HIS F 45 7.00 42.56 27.90
C HIS F 45 6.95 41.07 27.61
N ARG F 46 6.60 40.70 26.38
CA ARG F 46 6.55 39.29 26.01
C ARG F 46 7.93 38.65 26.10
N LEU F 47 8.95 39.33 25.58
CA LEU F 47 10.28 38.73 25.52
C LEU F 47 10.97 38.72 26.87
N LEU F 48 10.64 39.68 27.75
CA LEU F 48 11.24 39.69 29.08
C LEU F 48 10.59 38.66 30.00
N SER F 49 9.29 38.41 29.83
CA SER F 49 8.62 37.38 30.62
C SER F 49 9.10 35.97 30.26
N CYS F 50 9.73 35.81 29.10
CA CYS F 50 10.25 34.50 28.72
C CYS F 50 11.51 34.14 29.50
N ASN F 51 12.12 35.09 30.19
CA ASN F 51 13.48 34.94 30.68
C ASN F 51 13.57 34.34 32.08
N LYS F 52 12.44 33.96 32.68
CA LYS F 52 12.46 33.30 33.98
C LYS F 52 11.91 31.87 33.93
N ARG F 53 11.55 31.39 32.75
CA ARG F 53 10.95 30.06 32.63
C ARG F 53 11.99 28.97 32.88
N GLN F 54 11.56 27.91 33.56
CA GLN F 54 12.31 26.68 33.72
C GLN F 54 11.96 25.71 32.59
N PRO F 55 12.95 25.00 32.04
CA PRO F 55 12.65 24.08 30.94
C PRO F 55 11.88 22.85 31.40
N TYR F 56 10.99 22.37 30.55
CA TYR F 56 10.30 21.09 30.75
C TYR F 56 10.47 20.23 29.52
N ALA F 57 10.53 18.92 29.73
CA ALA F 57 10.68 17.96 28.65
C ALA F 57 10.23 16.59 29.14
N VAL F 58 9.94 15.71 28.19
CA VAL F 58 9.68 14.32 28.50
C VAL F 58 11.00 13.55 28.53
N SER F 59 10.98 12.32 29.04
CA SER F 59 12.17 11.49 29.01
C SER F 59 12.62 11.23 27.58
N ARG F 60 13.91 10.98 27.42
CA ARG F 60 14.41 10.58 26.11
C ARG F 60 14.06 9.12 25.80
N ARG F 61 13.78 8.30 26.82
CA ARG F 61 13.39 6.92 26.62
C ARG F 61 11.89 6.80 26.33
N ALA F 62 11.06 7.14 27.31
CA ALA F 62 9.68 7.60 27.11
C ALA F 62 8.92 6.94 25.97
N GLY F 63 8.64 5.65 26.07
CA GLY F 63 7.89 4.97 25.04
C GLY F 63 8.74 4.18 24.07
N HIS F 64 10.03 4.06 24.32
CA HIS F 64 10.95 3.34 23.45
C HIS F 64 11.66 2.19 24.16
N GLN F 65 11.38 1.99 25.45
CA GLN F 65 12.04 0.95 26.24
C GLN F 65 11.39 -0.41 26.07
N THR F 66 10.58 -0.60 25.05
CA THR F 66 10.07 -1.91 24.72
C THR F 66 10.85 -2.51 23.57
N SER F 67 10.82 -3.82 23.47
CA SER F 67 11.26 -4.53 22.29
C SER F 67 10.01 -4.84 21.48
N ALA F 68 9.93 -4.28 20.27
CA ALA F 68 8.73 -4.42 19.46
C ALA F 68 9.11 -4.34 18.00
N GLU F 69 8.59 -5.27 17.22
CA GLU F 69 8.86 -5.34 15.79
C GLU F 69 7.53 -5.45 15.05
N SER F 70 7.55 -5.04 13.80
CA SER F 70 6.37 -5.15 12.95
C SER F 70 6.17 -6.59 12.50
N TRP F 71 4.91 -7.01 12.43
CA TRP F 71 4.59 -8.34 11.93
C TRP F 71 4.60 -8.41 10.40
N GLY F 72 4.63 -7.27 9.72
CA GLY F 72 4.55 -7.26 8.28
C GLY F 72 3.13 -7.49 7.80
N THR F 73 3.03 -7.87 6.53
CA THR F 73 1.75 -8.22 5.95
C THR F 73 1.60 -9.74 5.96
N GLY F 74 0.45 -10.20 5.48
CA GLY F 74 0.11 -11.61 5.50
C GLY F 74 -0.68 -12.05 6.70
N ARG F 75 -0.65 -11.27 7.77
CA ARG F 75 -1.56 -11.40 8.89
C ARG F 75 -2.50 -10.21 8.83
N ALA F 76 -3.79 -10.45 9.03
CA ALA F 76 -4.78 -9.43 8.71
C ALA F 76 -4.80 -8.33 9.76
N VAL F 77 -3.65 -7.73 10.02
CA VAL F 77 -3.52 -6.65 10.98
C VAL F 77 -2.63 -5.57 10.37
N SER F 78 -2.70 -4.38 10.95
CA SER F 78 -1.91 -3.26 10.48
C SER F 78 -0.43 -3.48 10.76
N ARG F 79 0.40 -2.71 10.06
CA ARG F 79 1.86 -2.92 10.06
C ARG F 79 2.57 -2.15 11.16
N ILE F 80 1.86 -1.69 12.18
CA ILE F 80 2.44 -1.03 13.34
C ILE F 80 3.34 -2.02 14.08
N PRO F 81 4.44 -1.59 14.70
CA PRO F 81 5.24 -2.51 15.52
C PRO F 81 4.44 -3.04 16.70
N ARG F 82 4.77 -4.27 17.10
CA ARG F 82 3.99 -4.98 18.10
C ARG F 82 4.90 -5.63 19.12
N VAL F 83 4.40 -5.76 20.34
CA VAL F 83 5.14 -6.43 21.43
C VAL F 83 5.09 -7.94 21.19
N PRO F 84 6.22 -8.63 21.19
CA PRO F 84 6.27 -10.04 20.77
C PRO F 84 6.24 -11.08 21.89
N GLY F 85 5.97 -10.70 23.13
CA GLY F 85 6.27 -11.61 24.23
C GLY F 85 5.54 -12.94 24.25
N GLY F 86 4.26 -12.91 24.55
CA GLY F 86 3.50 -14.09 24.90
C GLY F 86 3.27 -14.19 26.39
N GLY F 87 2.11 -14.73 26.77
CA GLY F 87 1.82 -15.02 28.15
C GLY F 87 1.31 -13.87 28.98
N THR F 88 1.15 -12.68 28.40
CA THR F 88 0.63 -11.53 29.13
C THR F 88 -0.17 -10.69 28.15
N HIS F 89 -0.98 -9.78 28.71
CA HIS F 89 -1.86 -8.95 27.89
C HIS F 89 -1.10 -7.99 26.97
N ARG F 90 0.14 -7.65 27.32
CA ARG F 90 0.91 -6.74 26.49
C ARG F 90 1.35 -7.37 25.18
N ALA F 91 1.41 -8.70 25.11
CA ALA F 91 1.88 -9.39 23.92
C ALA F 91 0.99 -9.09 22.72
N GLY F 92 1.60 -8.59 21.65
CA GLY F 92 0.89 -8.32 20.42
C GLY F 92 0.26 -6.96 20.29
N GLN F 93 0.53 -6.04 21.21
CA GLN F 93 -0.08 -4.72 21.18
C GLN F 93 0.81 -3.74 20.42
N GLY F 94 0.18 -2.67 19.93
CA GLY F 94 0.91 -1.66 19.18
C GLY F 94 1.95 -0.94 20.02
N ALA F 95 3.03 -0.52 19.35
CA ALA F 95 4.14 0.14 20.02
C ALA F 95 4.83 1.07 19.04
N PHE F 96 5.58 2.03 19.59
CA PHE F 96 6.41 2.96 18.83
C PHE F 96 5.57 3.78 17.84
N GLY F 97 4.69 4.59 18.40
CA GLY F 97 3.86 5.42 17.56
C GLY F 97 3.07 6.45 18.33
N ASN F 98 2.96 7.66 17.78
CA ASN F 98 2.15 8.68 18.42
C ASN F 98 0.69 8.26 18.52
N MET F 99 0.26 7.30 17.72
CA MET F 99 -1.13 6.84 17.72
C MET F 99 -1.36 5.59 18.58
N CYS F 100 -0.32 5.06 19.22
CA CYS F 100 -0.45 3.86 20.04
C CYS F 100 -0.53 4.23 21.51
N ARG F 101 -1.39 3.52 22.25
CA ARG F 101 -1.38 3.61 23.71
C ARG F 101 -0.03 3.14 24.23
N GLY F 102 0.58 3.95 25.09
CA GLY F 102 1.91 3.65 25.57
C GLY F 102 3.01 3.87 24.56
N GLY F 103 2.78 4.64 23.51
CA GLY F 103 3.77 4.91 22.51
C GLY F 103 4.62 6.12 22.82
N ARG F 104 5.17 6.72 21.77
CA ARG F 104 6.00 7.91 21.88
C ARG F 104 5.27 9.11 21.28
N MET F 105 5.37 10.25 21.95
CA MET F 105 4.78 11.49 21.48
C MET F 105 5.36 11.87 20.11
N PHE F 106 4.55 12.57 19.31
CA PHE F 106 4.91 12.85 17.92
C PHE F 106 6.26 13.55 17.82
N ALA F 107 6.40 14.73 18.42
CA ALA F 107 7.65 15.46 18.42
C ALA F 107 7.99 15.69 19.88
N PRO F 108 8.67 14.74 20.53
CA PRO F 108 8.87 14.85 21.98
C PRO F 108 9.57 16.13 22.33
N THR F 109 9.06 16.79 23.37
CA THR F 109 9.61 18.07 23.78
C THR F 109 11.02 17.86 24.31
N LYS F 110 11.98 18.56 23.71
CA LYS F 110 13.36 18.48 24.12
C LYS F 110 13.70 19.70 24.98
N THR F 111 14.82 19.59 25.70
CA THR F 111 15.20 20.64 26.64
C THR F 111 15.89 21.80 25.95
N TRP F 112 16.35 21.64 24.71
CA TRP F 112 17.02 22.72 23.98
C TRP F 112 16.06 23.52 23.11
N ARG F 113 14.80 23.63 23.51
CA ARG F 113 13.93 24.68 23.03
C ARG F 113 14.52 26.04 23.38
N LYS F 114 14.12 27.07 22.63
CA LYS F 114 14.52 28.43 22.95
C LYS F 114 13.58 28.97 24.01
N TRP F 115 14.04 28.97 25.26
CA TRP F 115 13.22 29.45 26.37
C TRP F 115 13.40 30.95 26.59
N HIS F 116 14.64 31.40 26.66
CA HIS F 116 14.95 32.80 26.93
C HIS F 116 15.09 33.57 25.63
N ARG F 117 14.71 34.84 25.68
CA ARG F 117 14.67 35.69 24.50
C ARG F 117 15.53 36.93 24.73
N ARG F 118 16.30 37.30 23.72
CA ARG F 118 17.15 38.47 23.79
C ARG F 118 16.40 39.71 23.33
N VAL F 119 16.55 40.78 24.11
CA VAL F 119 16.07 42.11 23.74
C VAL F 119 17.26 43.05 23.75
N ASN F 120 17.35 43.91 22.75
CA ASN F 120 18.38 44.94 22.75
C ASN F 120 18.27 45.79 24.00
N VAL F 121 19.43 46.11 24.59
CA VAL F 121 19.45 46.94 25.79
C VAL F 121 18.78 48.28 25.53
N HIS F 122 19.01 48.88 24.37
CA HIS F 122 18.41 50.17 24.07
C HIS F 122 16.90 50.08 23.98
N LEU F 123 16.38 49.00 23.37
CA LEU F 123 14.95 48.85 23.27
C LEU F 123 14.31 48.62 24.63
N ARG F 124 15.02 47.94 25.54
CA ARG F 124 14.51 47.75 26.89
C ARG F 124 14.43 49.07 27.65
N ARG F 125 15.41 49.95 27.43
CA ARG F 125 15.39 51.24 28.11
C ARG F 125 14.30 52.15 27.56
N VAL F 126 14.03 52.05 26.26
CA VAL F 126 12.93 52.80 25.65
C VAL F 126 11.59 52.34 26.24
N ALA F 127 11.43 51.03 26.40
CA ALA F 127 10.18 50.50 26.93
C ALA F 127 9.95 50.95 28.37
N VAL F 128 11.01 50.98 29.18
CA VAL F 128 10.86 51.42 30.56
C VAL F 128 10.52 52.90 30.63
N ALA F 129 11.17 53.70 29.79
CA ALA F 129 10.88 55.13 29.75
C ALA F 129 9.46 55.40 29.28
N SER F 130 8.95 54.57 28.37
CA SER F 130 7.58 54.72 27.91
C SER F 130 6.59 54.25 28.96
N ALA F 131 6.95 53.22 29.72
CA ALA F 131 6.07 52.75 30.79
C ALA F 131 6.14 53.66 32.00
N LEU F 132 7.26 54.37 32.19
CA LEU F 132 7.35 55.31 33.30
C LEU F 132 6.48 56.52 33.09
N ALA F 133 6.43 57.04 31.86
CA ALA F 133 5.64 58.22 31.57
C ALA F 133 4.15 57.93 31.60
N ALA F 134 3.74 56.70 31.28
CA ALA F 134 2.34 56.33 31.36
C ALA F 134 1.81 56.32 32.78
N THR F 135 2.69 56.19 33.78
CA THR F 135 2.27 56.17 35.17
C THR F 135 1.89 57.55 35.69
N SER F 136 2.14 58.62 34.94
CA SER F 136 1.87 59.96 35.42
C SER F 136 0.57 60.55 34.91
N VAL F 137 0.06 60.09 33.78
CA VAL F 137 -1.25 60.53 33.30
C VAL F 137 -2.30 59.70 34.04
N PRO F 138 -3.23 60.33 34.75
CA PRO F 138 -4.18 59.56 35.57
C PRO F 138 -5.21 58.78 34.78
N SER F 139 -5.51 59.15 33.54
CA SER F 139 -6.50 58.40 32.77
C SER F 139 -6.01 56.99 32.44
N LEU F 140 -4.72 56.84 32.11
CA LEU F 140 -4.21 55.52 31.80
C LEU F 140 -4.08 54.66 33.04
N VAL F 141 -3.89 55.28 34.21
CA VAL F 141 -3.86 54.51 35.45
C VAL F 141 -5.25 53.96 35.77
N LEU F 142 -6.29 54.78 35.58
CA LEU F 142 -7.65 54.30 35.79
C LEU F 142 -8.01 53.21 34.79
N ALA F 143 -7.52 53.33 33.55
CA ALA F 143 -7.81 52.31 32.55
C ALA F 143 -7.22 50.96 32.93
N ARG F 144 -6.17 50.94 33.76
CA ARG F 144 -5.62 49.70 34.25
C ARG F 144 -6.37 49.14 35.45
N GLY F 145 -7.36 49.85 35.97
CA GLY F 145 -8.16 49.35 37.06
C GLY F 145 -7.80 49.88 38.43
N HIS F 146 -6.80 50.75 38.54
CA HIS F 146 -6.43 51.28 39.84
C HIS F 146 -7.46 52.30 40.32
N ARG F 147 -7.73 52.29 41.62
CA ARG F 147 -8.70 53.19 42.24
C ARG F 147 -7.94 54.39 42.79
N ILE F 148 -7.99 55.50 42.06
CA ILE F 148 -7.18 56.68 42.37
C ILE F 148 -8.05 57.93 42.47
N GLU F 149 -9.34 57.74 42.77
CA GLU F 149 -10.26 58.87 42.79
C GLU F 149 -9.92 59.87 43.90
N THR F 150 -9.34 59.39 44.99
CA THR F 150 -9.01 60.24 46.13
C THR F 150 -7.50 60.46 46.27
N VAL F 151 -6.75 60.33 45.19
CA VAL F 151 -5.30 60.57 45.20
C VAL F 151 -5.08 62.05 44.93
N PRO F 152 -4.41 62.79 45.83
CA PRO F 152 -4.26 64.24 45.67
C PRO F 152 -3.66 64.65 44.33
N GLU F 153 -2.45 64.20 44.05
CA GLU F 153 -1.80 64.40 42.75
C GLU F 153 -1.33 63.05 42.25
N LEU F 154 -1.50 62.78 40.96
CA LEU F 154 -1.18 61.44 40.50
C LEU F 154 0.32 61.14 40.56
N PRO F 155 1.22 62.06 40.12
CA PRO F 155 2.66 61.78 40.29
C PRO F 155 3.00 61.43 41.73
N LEU F 156 2.13 61.84 42.65
CA LEU F 156 2.06 61.34 44.02
C LEU F 156 3.44 61.16 44.65
N VAL F 157 4.14 62.28 44.77
CA VAL F 157 5.39 62.31 45.49
C VAL F 157 5.09 62.47 46.97
N ILE F 158 5.68 61.61 47.79
CA ILE F 158 5.47 61.62 49.23
C ILE F 158 6.79 61.96 49.90
N SER F 159 6.71 62.59 51.05
CA SER F 159 7.90 63.03 51.77
C SER F 159 8.76 61.84 52.17
N ASP F 160 10.04 62.13 52.41
CA ASP F 160 11.03 61.10 52.73
C ASP F 160 10.84 60.49 54.10
N SER F 161 9.87 60.95 54.89
CA SER F 161 9.59 60.32 56.18
C SER F 161 9.10 58.89 56.02
N ALA F 162 8.37 58.61 54.94
CA ALA F 162 7.90 57.25 54.70
C ALA F 162 9.04 56.28 54.48
N GLU F 163 10.23 56.77 54.13
CA GLU F 163 11.39 55.89 53.98
C GLU F 163 11.82 55.28 55.30
N SER F 164 11.32 55.77 56.43
CA SER F 164 11.75 55.32 57.74
C SER F 164 10.74 54.43 58.44
N ILE F 165 9.50 54.36 57.96
CA ILE F 165 8.51 53.50 58.58
C ILE F 165 8.95 52.04 58.44
N GLU F 166 8.60 51.23 59.45
CA GLU F 166 9.04 49.83 59.47
C GLU F 166 7.95 48.86 59.88
N LYS F 167 6.73 49.32 60.10
CA LYS F 167 5.63 48.44 60.50
C LYS F 167 4.61 48.36 59.37
N THR F 168 3.97 47.20 59.26
CA THR F 168 2.89 47.05 58.29
C THR F 168 1.71 47.95 58.64
N SER F 169 1.43 48.11 59.93
CA SER F 169 0.38 49.03 60.34
C SER F 169 0.77 50.48 60.01
N GLN F 170 2.05 50.81 60.15
CA GLN F 170 2.52 52.12 59.72
C GLN F 170 2.35 52.30 58.22
N ALA F 171 2.65 51.26 57.44
CA ALA F 171 2.49 51.33 56.01
C ALA F 171 1.04 51.54 55.62
N ILE F 172 0.12 50.86 56.31
CA ILE F 172 -1.31 51.07 56.07
C ILE F 172 -1.69 52.50 56.39
N LYS F 173 -1.12 53.07 57.45
CA LYS F 173 -1.40 54.45 57.81
C LYS F 173 -0.89 55.42 56.76
N ILE F 174 0.28 55.14 56.19
CA ILE F 174 0.82 55.99 55.13
C ILE F 174 -0.08 55.96 53.90
N LEU F 175 -0.57 54.78 53.52
CA LEU F 175 -1.41 54.66 52.33
C LEU F 175 -2.72 55.42 52.51
N LYS F 176 -3.29 55.39 53.72
CA LYS F 176 -4.53 56.10 53.97
C LYS F 176 -4.35 57.61 53.85
N GLN F 177 -3.21 58.13 54.29
CA GLN F 177 -2.96 59.57 54.21
C GLN F 177 -2.89 60.05 52.77
N VAL F 178 -2.23 59.27 51.90
CA VAL F 178 -2.10 59.67 50.50
C VAL F 178 -3.27 59.25 49.64
N GLY F 179 -4.35 58.76 50.23
CA GLY F 179 -5.52 58.38 49.47
C GLY F 179 -5.36 57.15 48.61
N ALA F 180 -4.37 56.31 48.91
CA ALA F 180 -4.02 55.17 48.05
C ALA F 180 -4.37 53.84 48.69
N TYR F 181 -5.31 53.81 49.64
CA TYR F 181 -5.63 52.59 50.35
C TYR F 181 -6.77 51.81 49.71
N ALA F 182 -7.67 52.47 49.00
CA ALA F 182 -8.72 51.75 48.29
C ALA F 182 -8.13 50.86 47.21
N ASP F 183 -6.99 51.26 46.64
CA ASP F 183 -6.30 50.39 45.69
C ASP F 183 -5.72 49.17 46.39
N ALA F 184 -5.19 49.35 47.61
CA ALA F 184 -4.66 48.21 48.35
C ALA F 184 -5.77 47.30 48.86
N GLU F 185 -6.92 47.89 49.23
CA GLU F 185 -8.06 47.08 49.66
C GLU F 185 -8.57 46.19 48.54
N LYS F 186 -8.66 46.73 47.33
CA LYS F 186 -9.10 45.92 46.19
C LYS F 186 -8.16 44.74 45.98
N ALA F 187 -6.86 44.96 46.13
CA ALA F 187 -5.91 43.86 46.00
C ALA F 187 -6.02 42.88 47.16
N LYS F 188 -6.32 43.37 48.36
CA LYS F 188 -6.53 42.48 49.50
C LYS F 188 -7.76 41.61 49.28
N ASP F 189 -8.85 42.20 48.83
CA ASP F 189 -9.95 41.42 48.29
C ASP F 189 -9.52 40.79 46.97
N SER F 190 -10.41 40.02 46.37
CA SER F 190 -10.16 39.39 45.08
C SER F 190 -9.06 38.32 45.17
N VAL F 191 -8.45 38.16 46.34
CA VAL F 191 -7.52 37.06 46.55
C VAL F 191 -8.31 35.77 46.59
N GLY F 192 -7.99 34.85 45.69
CA GLY F 192 -8.73 33.61 45.64
C GLY F 192 -7.92 32.53 44.97
N ILE F 193 -8.52 31.34 44.92
CA ILE F 193 -7.86 30.20 44.30
C ILE F 193 -7.81 30.39 42.79
N ARG F 194 -6.67 30.08 42.21
CA ARG F 194 -6.53 30.09 40.76
C ARG F 194 -7.28 28.90 40.15
N PRO F 195 -8.23 29.12 39.26
CA PRO F 195 -8.89 28.00 38.58
C PRO F 195 -7.98 27.35 37.54
N GLY F 196 -8.22 26.08 37.30
CA GLY F 196 -7.42 25.32 36.35
C GLY F 196 -6.37 24.46 37.03
N LYS F 197 -5.47 23.92 36.20
CA LYS F 197 -4.46 23.00 36.70
C LYS F 197 -3.37 23.69 37.51
N GLY F 198 -3.18 25.00 37.31
CA GLY F 198 -2.15 25.71 38.06
C GLY F 198 -2.39 25.69 39.56
N LYS F 199 -3.65 25.54 39.96
CA LYS F 199 -4.02 25.17 41.32
C LYS F 199 -3.19 24.00 41.83
N MET F 200 -3.23 22.87 41.12
CA MET F 200 -2.53 21.66 41.55
C MET F 200 -1.02 21.85 41.50
N ARG F 201 -0.54 22.80 40.71
CA ARG F 201 0.86 23.17 40.72
C ARG F 201 1.09 24.12 41.88
N ASN F 202 2.25 24.75 41.96
CA ASN F 202 2.52 25.59 43.13
C ASN F 202 2.17 27.05 42.86
N ARG F 203 0.97 27.30 42.32
CA ARG F 203 0.43 28.65 42.13
C ARG F 203 -1.04 28.60 42.52
N ARG F 204 -1.32 28.73 43.82
CA ARG F 204 -2.68 28.49 44.28
C ARG F 204 -3.51 29.76 44.39
N TYR F 205 -2.90 30.93 44.55
CA TYR F 205 -3.65 32.16 44.78
C TYR F 205 -3.28 33.21 43.73
N ILE F 206 -4.27 34.00 43.35
CA ILE F 206 -4.10 35.10 42.42
C ILE F 206 -4.81 36.31 43.00
N ASN F 207 -4.43 37.49 42.51
CA ASN F 207 -5.01 38.74 43.00
C ASN F 207 -4.69 39.86 42.02
N ARG F 208 -5.34 40.99 42.23
CA ARG F 208 -5.06 42.19 41.47
C ARG F 208 -3.81 42.88 42.02
N LYS F 209 -3.30 43.84 41.24
CA LYS F 209 -2.15 44.62 41.65
C LYS F 209 -2.59 45.90 42.34
N GLY F 210 -1.87 46.26 43.40
CA GLY F 210 -2.10 47.52 44.08
C GLY F 210 -1.04 48.53 43.72
N PRO F 211 -0.80 49.48 44.63
CA PRO F 211 0.22 50.50 44.38
C PRO F 211 1.63 49.90 44.36
N LEU F 212 2.50 50.56 43.59
CA LEU F 212 3.92 50.25 43.56
C LEU F 212 4.67 51.41 44.20
N ILE F 213 5.41 51.13 45.27
CA ILE F 213 6.12 52.14 46.04
C ILE F 213 7.57 52.15 45.59
N VAL F 214 8.11 53.33 45.34
CA VAL F 214 9.47 53.51 44.85
C VAL F 214 10.24 54.35 45.86
N TYR F 215 11.35 53.82 46.35
CA TYR F 215 12.22 54.51 47.29
C TYR F 215 13.60 54.69 46.67
N GLY F 216 14.42 55.51 47.31
CA GLY F 216 15.73 55.81 46.76
C GLY F 216 16.93 55.58 47.65
N THR F 217 16.73 55.49 48.96
CA THR F 217 17.84 55.54 49.91
C THR F 217 18.77 54.33 49.80
N GLU F 218 18.26 53.17 49.37
CA GLU F 218 18.97 51.90 49.17
C GLU F 218 19.16 51.12 50.47
N GLY F 219 18.73 51.64 51.62
CA GLY F 219 18.86 50.91 52.86
C GLY F 219 17.61 50.98 53.71
N SER F 220 16.55 51.58 53.16
CA SER F 220 15.34 51.85 53.92
C SER F 220 14.64 50.57 54.34
N LYS F 221 13.96 50.65 55.48
CA LYS F 221 13.12 49.57 55.98
C LYS F 221 11.70 49.66 55.47
N ILE F 222 11.41 50.58 54.55
CA ILE F 222 10.12 50.65 53.91
C ILE F 222 9.83 49.36 53.15
N VAL F 223 10.88 48.65 52.72
CA VAL F 223 10.70 47.38 52.02
C VAL F 223 10.04 46.37 52.93
N LYS F 224 10.44 46.34 54.20
CA LYS F 224 9.87 45.41 55.15
C LYS F 224 8.44 45.78 55.52
N ALA F 225 8.16 47.08 55.64
CA ALA F 225 6.84 47.53 56.10
C ALA F 225 5.74 47.23 55.08
N PHE F 226 6.10 47.03 53.83
CA PHE F 226 5.12 46.87 52.77
C PHE F 226 5.06 45.46 52.20
N ARG F 227 5.97 44.57 52.57
CA ARG F 227 6.09 43.30 51.86
C ARG F 227 5.02 42.29 52.25
N ASN F 228 4.23 42.54 53.28
CA ASN F 228 3.14 41.64 53.64
C ASN F 228 1.78 42.11 53.13
N LEU F 229 1.72 43.27 52.50
CA LEU F 229 0.47 43.73 51.91
C LEU F 229 0.28 43.08 50.54
N PRO F 230 -0.85 42.39 50.32
CA PRO F 230 -1.06 41.73 49.02
C PRO F 230 -1.24 42.75 47.90
N GLY F 231 -0.54 42.50 46.79
CA GLY F 231 -0.65 43.32 45.60
C GLY F 231 0.16 44.59 45.63
N VAL F 232 0.91 44.85 46.69
CA VAL F 232 1.68 46.07 46.83
C VAL F 232 3.16 45.70 46.70
N ASP F 233 3.83 46.27 45.71
CA ASP F 233 5.22 45.99 45.43
C ASP F 233 6.09 47.19 45.79
N VAL F 234 7.33 46.88 46.14
CA VAL F 234 8.33 47.90 46.49
C VAL F 234 9.49 47.77 45.51
N ALA F 235 9.89 48.90 44.94
CA ALA F 235 10.99 48.91 43.98
C ALA F 235 11.95 50.03 44.33
N ASN F 236 13.20 49.86 43.97
CA ASN F 236 14.22 50.89 44.11
C ASN F 236 14.42 51.60 42.77
N VAL F 237 14.66 52.90 42.84
CA VAL F 237 14.65 53.75 41.64
C VAL F 237 15.78 53.38 40.69
N GLU F 238 16.88 52.85 41.21
CA GLU F 238 18.02 52.50 40.37
C GLU F 238 17.85 51.19 39.62
N ARG F 239 16.82 50.39 39.92
CA ARG F 239 16.62 49.11 39.25
C ARG F 239 15.13 48.89 38.94
N LEU F 240 14.48 49.90 38.38
CA LEU F 240 13.07 49.78 38.04
C LEU F 240 12.84 48.72 36.97
N ASN F 241 11.80 47.92 37.17
CA ASN F 241 11.49 46.76 36.34
C ASN F 241 10.27 47.05 35.49
N LEU F 242 10.35 46.73 34.19
CA LEU F 242 9.21 46.92 33.32
C LEU F 242 8.06 46.00 33.68
N LEU F 243 8.36 44.84 34.27
CA LEU F 243 7.30 43.90 34.66
C LEU F 243 6.43 44.47 35.76
N ASP F 244 6.95 45.41 36.55
CA ASP F 244 6.16 46.11 37.55
C ASP F 244 5.48 47.35 36.98
N LEU F 245 6.16 48.06 36.08
CA LEU F 245 5.62 49.30 35.55
C LEU F 245 4.44 49.05 34.62
N ALA F 246 4.45 47.92 33.91
CA ALA F 246 3.38 47.56 32.98
C ALA F 246 2.99 46.11 33.22
N PRO F 247 2.27 45.82 34.30
CA PRO F 247 1.88 44.43 34.58
C PRO F 247 0.90 43.91 33.54
N GLY F 248 1.23 42.75 32.97
CA GLY F 248 0.43 42.18 31.91
C GLY F 248 0.62 42.82 30.55
N GLY F 249 1.69 43.61 30.38
CA GLY F 249 1.86 44.39 29.18
C GLY F 249 0.92 45.57 29.06
N HIS F 250 0.26 45.96 30.15
CA HIS F 250 -0.68 47.07 30.15
C HIS F 250 -0.06 48.22 30.93
N LEU F 251 0.19 49.33 30.25
CA LEU F 251 0.80 50.48 30.89
C LEU F 251 -0.19 51.15 31.84
N GLY F 252 0.34 51.80 32.88
CA GLY F 252 -0.49 52.56 33.79
C GLY F 252 -0.49 52.09 35.23
N ARG F 253 0.65 51.56 35.70
CA ARG F 253 0.74 51.14 37.10
C ARG F 253 0.62 52.34 38.02
N PHE F 254 -0.02 52.13 39.16
CA PHE F 254 -0.17 53.17 40.18
C PHE F 254 1.11 53.19 41.01
N VAL F 255 1.83 54.31 40.94
CA VAL F 255 3.17 54.43 41.52
C VAL F 255 3.15 55.54 42.56
N ILE F 256 3.67 55.26 43.75
CA ILE F 256 3.86 56.24 44.80
C ILE F 256 5.36 56.48 44.93
N TRP F 257 5.78 57.71 44.68
CA TRP F 257 7.18 58.09 44.73
C TRP F 257 7.50 58.74 46.06
N THR F 258 8.52 58.25 46.75
CA THR F 258 9.13 59.03 47.80
C THR F 258 9.97 60.15 47.18
N GLU F 259 10.19 61.20 47.95
CA GLU F 259 10.82 62.40 47.41
C GLU F 259 12.22 62.10 46.88
N SER F 260 12.99 61.28 47.61
CA SER F 260 14.34 60.94 47.16
C SER F 260 14.31 60.18 45.84
N ALA F 261 13.34 59.28 45.68
CA ALA F 261 13.21 58.54 44.43
C ALA F 261 12.87 59.47 43.27
N PHE F 262 11.95 60.41 43.50
CA PHE F 262 11.55 61.34 42.44
C PHE F 262 12.71 62.25 42.04
N LYS F 263 13.47 62.74 43.02
CA LYS F 263 14.60 63.60 42.70
C LYS F 263 15.67 62.84 41.92
N LYS F 264 15.87 61.56 42.24
CA LYS F 264 16.81 60.72 41.51
C LYS F 264 16.34 60.41 40.10
N LEU F 265 15.06 60.65 39.80
CA LEU F 265 14.51 60.25 38.51
C LEU F 265 15.11 61.02 37.35
N GLU F 266 15.82 62.12 37.62
CA GLU F 266 16.52 62.85 36.56
C GLU F 266 17.97 62.43 36.42
N GLU F 267 18.61 62.00 37.51
CA GLU F 267 19.93 61.41 37.40
C GLU F 267 19.88 60.12 36.60
N VAL F 268 18.99 59.21 36.99
CA VAL F 268 18.64 58.09 36.14
C VAL F 268 17.78 58.59 34.99
N TYR F 269 17.97 58.01 33.81
CA TYR F 269 17.17 58.27 32.60
C TYR F 269 17.46 59.63 31.99
N GLY F 270 18.21 60.48 32.69
CA GLY F 270 18.63 61.78 32.19
C GLY F 270 17.64 62.59 31.38
N THR F 271 18.12 63.13 30.26
CA THR F 271 17.31 63.97 29.38
C THR F 271 17.79 63.75 27.95
N PHE F 272 17.46 64.68 27.06
CA PHE F 272 17.88 64.60 25.66
C PHE F 272 19.35 64.92 25.47
N GLU F 273 20.05 65.40 26.49
CA GLU F 273 21.49 65.65 26.39
C GLU F 273 22.27 64.35 26.54
N ALA F 274 23.35 64.23 25.78
CA ALA F 274 24.05 62.95 25.64
C ALA F 274 24.63 62.39 26.94
N PRO F 275 25.43 63.14 27.71
CA PRO F 275 26.07 62.52 28.88
C PRO F 275 25.24 62.63 30.14
N SER F 276 23.96 62.93 30.00
CA SER F 276 23.14 63.43 31.10
C SER F 276 22.58 62.33 32.00
N LEU F 277 23.11 61.12 31.98
CA LEU F 277 22.51 60.06 32.80
C LEU F 277 23.52 58.97 33.07
N LYS F 278 23.11 58.03 33.93
CA LYS F 278 23.97 56.92 34.28
C LYS F 278 24.05 55.90 33.14
N LYS F 279 22.93 55.66 32.46
CA LYS F 279 22.88 54.67 31.39
C LYS F 279 23.76 55.12 30.22
N LYS F 280 24.85 54.42 29.99
CA LYS F 280 25.75 54.76 28.90
C LYS F 280 25.13 54.40 27.56
N GLY F 281 25.29 55.28 26.59
CA GLY F 281 24.73 55.07 25.28
C GLY F 281 23.22 55.04 25.26
N PHE F 282 22.59 56.00 25.93
CA PHE F 282 21.14 56.08 25.95
C PHE F 282 20.70 57.53 25.96
N ILE F 283 19.67 57.83 25.16
CA ILE F 283 18.99 59.11 25.16
C ILE F 283 17.51 58.82 25.26
N LEU F 284 16.77 59.76 25.85
CA LEU F 284 15.32 59.61 25.90
C LEU F 284 14.76 59.55 24.49
N PRO F 285 13.79 58.68 24.23
CA PRO F 285 13.19 58.63 22.89
C PRO F 285 12.39 59.88 22.58
N ARG F 286 12.32 60.20 21.30
CA ARG F 286 11.63 61.37 20.78
C ARG F 286 10.31 60.97 20.15
N PRO F 287 9.25 61.72 20.41
CA PRO F 287 7.95 61.39 19.79
C PRO F 287 7.93 61.72 18.31
N LYS F 288 7.23 60.88 17.55
CA LYS F 288 7.05 61.12 16.12
C LYS F 288 6.14 62.31 15.84
N MET F 289 5.41 62.78 16.84
CA MET F 289 4.45 63.86 16.70
C MET F 289 4.66 64.83 17.86
N ALA F 290 5.12 66.04 17.56
CA ALA F 290 5.46 66.99 18.61
C ALA F 290 4.25 67.41 19.43
N ASN F 291 3.06 67.37 18.84
CA ASN F 291 1.84 67.78 19.52
C ASN F 291 0.73 66.82 19.08
N ALA F 292 0.41 65.86 19.93
CA ALA F 292 -0.59 64.86 19.61
C ALA F 292 -2.02 65.37 19.74
N ASP F 293 -2.21 66.67 19.96
CA ASP F 293 -3.53 67.28 20.00
C ASP F 293 -4.06 67.39 18.58
N LEU F 294 -4.89 66.42 18.19
CA LEU F 294 -5.42 66.40 16.83
C LEU F 294 -6.40 67.54 16.61
N GLY F 295 -7.20 67.86 17.62
CA GLY F 295 -8.16 68.94 17.47
C GLY F 295 -7.51 70.29 17.31
N ARG F 296 -6.40 70.52 18.02
CA ARG F 296 -5.72 71.81 17.94
C ARG F 296 -4.90 71.97 16.67
N ILE F 297 -4.70 70.89 15.91
CA ILE F 297 -4.03 70.98 14.62
C ILE F 297 -5.03 71.07 13.48
N ILE F 298 -6.11 70.29 13.56
CA ILE F 298 -7.14 70.35 12.52
C ILE F 298 -7.88 71.68 12.57
N ASN F 299 -8.18 72.16 13.78
CA ASN F 299 -8.91 73.41 13.95
C ASN F 299 -7.98 74.61 14.17
N SER F 300 -6.77 74.57 13.62
CA SER F 300 -5.90 75.73 13.64
C SER F 300 -6.27 76.68 12.52
N ASP F 301 -5.76 77.91 12.62
CA ASP F 301 -6.07 78.92 11.61
C ASP F 301 -5.48 78.54 10.26
N GLU F 302 -4.23 78.09 10.23
CA GLU F 302 -3.59 77.77 8.97
C GLU F 302 -4.29 76.63 8.25
N VAL F 303 -4.72 75.62 9.00
CA VAL F 303 -5.44 74.51 8.38
C VAL F 303 -6.83 74.96 7.93
N GLN F 304 -7.55 75.69 8.78
CA GLN F 304 -8.91 76.07 8.46
C GLN F 304 -8.99 77.23 7.46
N SER F 305 -7.87 77.84 7.10
CA SER F 305 -7.84 78.87 6.08
C SER F 305 -7.46 78.35 4.70
N VAL F 306 -7.25 77.04 4.56
CA VAL F 306 -6.94 76.44 3.26
C VAL F 306 -7.94 75.36 2.89
N VAL F 307 -9.01 75.20 3.67
CA VAL F 307 -9.98 74.14 3.46
C VAL F 307 -11.13 74.65 2.63
N LYS F 308 -11.67 73.76 1.78
CA LYS F 308 -12.83 74.06 0.97
C LYS F 308 -14.10 74.08 1.85
N PRO F 309 -15.19 74.64 1.33
CA PRO F 309 -16.45 74.62 2.08
C PRO F 309 -16.91 73.20 2.39
N LEU F 310 -17.50 73.04 3.56
CA LEU F 310 -18.03 71.75 3.98
C LEU F 310 -19.15 71.30 3.04
N ASN F 311 -19.32 69.99 2.94
CA ASN F 311 -20.22 69.39 1.96
C ASN F 311 -20.96 68.25 2.63
N LYS F 312 -22.25 68.47 2.92
CA LYS F 312 -23.07 67.46 3.60
C LYS F 312 -24.34 67.17 2.82
N GLU F 313 -24.32 67.30 1.50
CA GLU F 313 -25.48 66.99 0.67
C GLU F 313 -25.37 65.54 0.21
N VAL F 314 -26.14 64.67 0.86
CA VAL F 314 -26.08 63.24 0.58
C VAL F 314 -26.91 62.95 -0.67
N LYS F 315 -26.25 62.53 -1.74
CA LYS F 315 -26.96 62.13 -2.95
C LYS F 315 -27.52 60.72 -2.79
N ARG F 316 -28.40 60.35 -3.71
CA ARG F 316 -28.98 59.02 -3.74
C ARG F 316 -29.43 58.70 -5.15
N ARG F 317 -29.60 57.41 -5.41
CA ARG F 317 -30.15 57.00 -6.70
C ARG F 317 -31.55 57.56 -6.86
N GLU F 318 -31.74 58.41 -7.86
CA GLU F 318 -33.06 58.97 -8.15
C GLU F 318 -34.05 57.85 -8.46
N LYS F 319 -35.25 57.97 -7.91
CA LYS F 319 -36.29 57.00 -8.20
C LYS F 319 -36.63 57.01 -9.68
N ARG F 320 -36.87 55.82 -10.23
CA ARG F 320 -37.29 55.71 -11.62
C ARG F 320 -38.66 56.36 -11.80
N LYS F 321 -38.87 56.93 -12.98
CA LYS F 321 -40.11 57.66 -13.23
C LYS F 321 -40.66 57.42 -14.62
N ASN F 322 -40.33 56.29 -15.24
CA ASN F 322 -40.98 55.86 -16.48
C ASN F 322 -40.99 56.95 -17.56
N PRO F 323 -39.86 57.20 -18.22
CA PRO F 323 -39.78 58.31 -19.19
C PRO F 323 -40.69 58.15 -20.40
N LEU F 324 -41.52 57.12 -20.48
CA LEU F 324 -42.39 56.91 -21.63
C LEU F 324 -43.86 57.19 -21.36
N LYS F 325 -44.33 57.08 -20.11
CA LYS F 325 -45.75 57.27 -19.83
C LYS F 325 -45.99 58.31 -18.74
N ASN F 326 -45.08 58.41 -17.78
CA ASN F 326 -45.20 59.41 -16.72
C ASN F 326 -45.00 60.80 -17.29
N VAL F 327 -46.04 61.62 -17.27
CA VAL F 327 -46.03 62.89 -17.99
C VAL F 327 -44.99 63.84 -17.42
N ALA F 328 -44.90 63.95 -16.09
CA ALA F 328 -43.94 64.86 -15.49
C ALA F 328 -42.51 64.44 -15.82
N ALA F 329 -42.27 63.13 -15.95
CA ALA F 329 -40.95 62.65 -16.32
C ALA F 329 -40.62 62.98 -17.77
N VAL F 330 -41.55 62.70 -18.69
CA VAL F 330 -41.33 62.98 -20.12
C VAL F 330 -41.44 64.47 -20.39
N LEU F 331 -41.70 65.28 -19.37
CA LEU F 331 -41.63 66.73 -19.51
C LEU F 331 -40.22 67.24 -19.23
N LYS F 332 -39.65 66.87 -18.08
CA LYS F 332 -38.31 67.32 -17.73
C LYS F 332 -37.29 66.83 -18.75
N LEU F 333 -37.46 65.61 -19.26
CA LEU F 333 -36.75 65.14 -20.43
C LEU F 333 -37.58 65.49 -21.66
N ASN F 334 -36.97 66.19 -22.61
CA ASN F 334 -37.65 66.63 -23.83
C ASN F 334 -38.87 67.50 -23.50
N PRO F 335 -38.66 68.76 -23.09
CA PRO F 335 -39.81 69.64 -22.84
C PRO F 335 -40.67 69.89 -24.06
N TYR F 336 -40.18 69.56 -25.26
CA TYR F 336 -40.98 69.65 -26.47
C TYR F 336 -42.05 68.58 -26.54
N PHE F 337 -42.06 67.64 -25.60
CA PHE F 337 -43.22 66.76 -25.44
C PHE F 337 -44.43 67.59 -25.04
N GLY F 338 -45.60 67.15 -25.49
CA GLY F 338 -46.80 67.93 -25.31
C GLY F 338 -47.03 68.85 -26.48
N THR F 339 -46.07 69.72 -26.78
CA THR F 339 -46.19 70.55 -27.97
C THR F 339 -46.19 69.69 -29.23
N ALA F 340 -45.32 68.67 -29.28
CA ALA F 340 -45.34 67.76 -30.41
C ALA F 340 -46.66 67.01 -30.50
N ARG F 341 -47.25 66.68 -29.35
CA ARG F 341 -48.55 66.01 -29.34
C ARG F 341 -49.64 66.92 -29.91
N LYS F 342 -49.63 68.20 -29.53
CA LYS F 342 -50.69 69.10 -29.97
C LYS F 342 -50.63 69.34 -31.47
N MET F 343 -49.44 69.49 -32.03
CA MET F 343 -49.35 69.58 -33.49
C MET F 343 -49.72 68.26 -34.14
N ALA F 344 -49.51 67.14 -33.42
CA ALA F 344 -49.96 65.84 -33.92
C ALA F 344 -51.47 65.75 -33.91
N THR F 345 -52.10 66.15 -32.80
CA THR F 345 -53.56 66.13 -32.71
C THR F 345 -54.21 67.17 -33.61
N LEU F 346 -53.43 68.11 -34.16
CA LEU F 346 -53.94 69.06 -35.14
C LEU F 346 -54.10 68.32 -36.47
N ALA F 347 -55.15 67.49 -36.52
CA ALA F 347 -55.45 66.68 -37.69
C ALA F 347 -56.48 67.39 -38.55
N GLU F 348 -56.19 67.53 -39.83
CA GLU F 348 -57.08 68.23 -40.74
C GLU F 348 -58.27 67.37 -41.15
N ALA F 371 -51.50 64.10 -63.21
CA ALA F 371 -52.10 62.89 -62.68
C ALA F 371 -51.97 61.74 -63.69
N ALA F 372 -52.26 62.04 -64.95
CA ALA F 372 -52.12 61.03 -65.99
C ALA F 372 -50.67 60.63 -66.19
N LYS F 373 -49.75 61.60 -66.12
CA LYS F 373 -48.33 61.27 -66.20
C LYS F 373 -47.89 60.43 -65.00
N VAL F 374 -48.48 60.70 -63.83
CA VAL F 374 -48.20 59.88 -62.65
C VAL F 374 -48.62 58.44 -62.89
N LYS F 375 -49.81 58.25 -63.47
CA LYS F 375 -50.30 56.89 -63.73
C LYS F 375 -49.46 56.18 -64.78
N ALA F 376 -49.03 56.90 -65.82
CA ALA F 376 -48.26 56.27 -66.89
C ALA F 376 -46.91 55.77 -66.38
N ALA F 377 -46.26 56.54 -65.51
CA ALA F 377 -44.99 56.10 -64.94
C ALA F 377 -45.17 54.86 -64.06
N GLY F 378 -46.25 54.82 -63.29
CA GLY F 378 -46.54 53.64 -62.49
C GLY F 378 -46.87 52.43 -63.33
N LYS F 379 -47.57 52.63 -64.44
CA LYS F 379 -47.88 51.51 -65.32
C LYS F 379 -46.64 51.07 -66.10
N ALA F 380 -45.77 52.02 -66.47
CA ALA F 380 -44.51 51.65 -67.10
C ALA F 380 -43.63 50.89 -66.14
N TRP F 381 -43.58 51.32 -64.87
CA TRP F 381 -42.80 50.61 -63.87
C TRP F 381 -43.35 49.21 -63.62
N TYR F 382 -44.68 49.08 -63.54
CA TYR F 382 -45.28 47.77 -63.27
C TYR F 382 -44.99 46.80 -64.40
N LYS F 383 -45.04 47.27 -65.65
CA LYS F 383 -44.77 46.39 -66.78
C LYS F 383 -43.32 45.89 -66.75
N THR F 384 -42.38 46.76 -66.40
CA THR F 384 -40.99 46.34 -66.29
C THR F 384 -40.81 45.29 -65.20
N MET F 385 -41.48 45.46 -64.06
CA MET F 385 -41.33 44.53 -62.95
C MET F 385 -41.82 43.14 -63.32
N ILE F 386 -42.88 43.04 -64.11
CA ILE F 386 -43.51 41.76 -64.42
C ILE F 386 -43.06 41.21 -65.77
N SER F 387 -41.98 41.73 -66.34
CA SER F 387 -41.54 41.26 -67.64
C SER F 387 -40.85 39.90 -67.51
N ASP F 388 -40.91 39.13 -68.60
CA ASP F 388 -40.33 37.80 -68.65
C ASP F 388 -39.27 37.74 -69.74
N SER F 389 -38.22 36.95 -69.47
CA SER F 389 -37.12 36.81 -70.42
C SER F 389 -37.57 36.00 -71.64
N ASP F 390 -36.76 36.09 -72.70
CA ASP F 390 -37.07 35.39 -73.93
C ASP F 390 -36.97 33.88 -73.77
N TYR F 391 -36.02 33.41 -72.94
CA TYR F 391 -35.75 31.99 -72.72
C TYR F 391 -35.29 31.29 -74.00
N ALA F 392 -34.84 32.05 -74.99
CA ALA F 392 -34.44 31.51 -76.28
C ALA F 392 -32.99 31.02 -76.30
N GLU F 393 -32.21 31.30 -75.26
CA GLU F 393 -30.81 30.90 -75.23
C GLU F 393 -30.60 29.50 -74.67
N PHE F 394 -31.66 28.82 -74.24
CA PHE F 394 -31.61 27.41 -73.85
C PHE F 394 -32.13 26.60 -75.03
N ASP F 395 -31.21 26.26 -75.95
CA ASP F 395 -31.61 25.72 -77.24
C ASP F 395 -32.25 24.34 -77.11
N ASN F 396 -31.59 23.42 -76.40
CA ASN F 396 -32.10 22.06 -76.32
C ASN F 396 -33.25 21.90 -75.35
N PHE F 397 -33.49 22.89 -74.49
CA PHE F 397 -34.61 22.87 -73.56
C PHE F 397 -35.78 23.71 -74.06
N SER F 398 -35.75 24.14 -75.32
CA SER F 398 -36.78 25.04 -75.83
C SER F 398 -38.15 24.38 -75.82
N LYS F 399 -38.23 23.12 -76.23
CA LYS F 399 -39.52 22.43 -76.26
C LYS F 399 -40.03 22.15 -74.85
N TRP F 400 -39.14 21.73 -73.95
CA TRP F 400 -39.55 21.47 -72.57
C TRP F 400 -40.00 22.76 -71.89
N LEU F 401 -39.28 23.86 -72.11
CA LEU F 401 -39.72 25.14 -71.61
C LEU F 401 -40.86 25.68 -72.47
N GLY F 402 -41.48 26.75 -72.01
CA GLY F 402 -42.54 27.37 -72.77
C GLY F 402 -42.04 28.46 -73.69
N VAL F 403 -41.11 28.11 -74.56
CA VAL F 403 -40.55 29.08 -75.51
C VAL F 403 -41.49 29.23 -76.70
N LYS G 14 17.12 24.21 -82.38
CA LYS G 14 16.87 24.14 -80.94
C LYS G 14 15.41 23.79 -80.66
N THR G 15 15.13 23.39 -79.42
CA THR G 15 13.81 22.97 -79.02
C THR G 15 13.10 24.11 -78.31
N ARG G 16 11.76 24.03 -78.27
CA ARG G 16 11.00 25.02 -77.53
C ARG G 16 11.19 24.84 -76.04
N ALA G 17 11.51 23.62 -75.59
CA ALA G 17 11.83 23.40 -74.19
C ALA G 17 13.13 24.10 -73.81
N TYR G 18 14.10 24.13 -74.73
CA TYR G 18 15.34 24.86 -74.49
C TYR G 18 15.08 26.33 -74.30
N SER G 19 14.23 26.92 -75.15
CA SER G 19 13.91 28.34 -75.02
C SER G 19 13.14 28.62 -73.75
N LYS G 20 12.25 27.70 -73.36
CA LYS G 20 11.41 27.91 -72.19
C LYS G 20 12.25 28.01 -70.92
N ARG G 21 13.36 27.30 -70.86
CA ARG G 21 14.15 27.19 -69.64
C ARG G 21 15.45 27.98 -69.70
N PHE G 22 15.74 28.63 -70.82
CA PHE G 22 16.96 29.38 -70.97
C PHE G 22 16.89 30.68 -70.18
N GLN G 23 17.95 31.00 -69.46
CA GLN G 23 18.10 32.27 -68.76
C GLN G 23 19.20 33.07 -69.44
N VAL G 24 18.88 34.28 -69.87
CA VAL G 24 19.86 35.12 -70.57
C VAL G 24 20.79 35.76 -69.55
N LYS G 25 22.05 35.91 -69.93
CA LYS G 25 23.01 36.60 -69.10
C LYS G 25 22.78 38.10 -69.20
N PHE G 26 23.51 38.87 -68.38
CA PHE G 26 23.43 40.31 -68.47
C PHE G 26 23.82 40.76 -69.87
N LYS G 27 23.24 41.88 -70.30
CA LYS G 27 23.40 42.31 -71.69
C LYS G 27 24.87 42.55 -72.04
N ARG G 28 25.61 43.22 -71.17
CA ARG G 28 27.01 43.49 -71.46
C ARG G 28 27.87 42.24 -71.31
N ARG G 29 27.37 41.21 -70.64
CA ARG G 29 28.04 39.92 -70.67
C ARG G 29 27.82 39.20 -71.99
N ARG G 30 26.61 39.26 -72.52
CA ARG G 30 26.32 38.67 -73.82
C ARG G 30 27.09 39.38 -74.92
N GLN G 31 27.22 40.70 -74.82
CA GLN G 31 28.05 41.46 -75.74
C GLN G 31 29.54 41.22 -75.54
N GLY G 32 29.92 40.59 -74.43
CA GLY G 32 31.32 40.35 -74.14
C GLY G 32 32.11 41.61 -73.83
N LYS G 33 31.51 42.54 -73.10
CA LYS G 33 32.11 43.85 -72.86
C LYS G 33 32.41 44.13 -71.40
N THR G 34 31.89 43.34 -70.45
CA THR G 34 32.01 43.63 -69.04
C THR G 34 32.31 42.36 -68.27
N ASP G 35 33.34 42.39 -67.43
CA ASP G 35 33.58 41.35 -66.43
C ASP G 35 32.84 41.76 -65.16
N TYR G 36 31.72 41.11 -64.89
CA TYR G 36 30.88 41.55 -63.79
C TYR G 36 31.43 41.12 -62.43
N ARG G 37 32.33 40.14 -62.40
CA ARG G 37 33.04 39.85 -61.16
C ARG G 37 33.98 40.99 -60.79
N ALA G 38 34.69 41.53 -61.79
CA ALA G 38 35.64 42.61 -61.53
C ALA G 38 34.92 43.92 -61.27
N ARG G 39 33.83 44.18 -61.99
CA ARG G 39 33.08 45.41 -61.79
C ARG G 39 32.46 45.46 -60.40
N LEU G 40 32.06 44.31 -59.87
CA LEU G 40 31.51 44.26 -58.53
C LEU G 40 32.53 44.68 -57.49
N ARG G 41 33.74 44.10 -57.56
CA ARG G 41 34.78 44.45 -56.61
C ARG G 41 35.32 45.86 -56.82
N LEU G 42 35.14 46.43 -58.01
CA LEU G 42 35.59 47.79 -58.26
C LEU G 42 34.61 48.84 -57.76
N THR G 43 33.31 48.56 -57.82
CA THR G 43 32.30 49.55 -57.47
C THR G 43 31.75 49.38 -56.06
N ASN G 44 31.85 48.19 -55.47
CA ASN G 44 31.27 47.95 -54.16
C ASN G 44 31.99 48.78 -53.10
N GLN G 45 31.23 49.60 -52.38
CA GLN G 45 31.77 50.47 -51.36
C GLN G 45 31.30 50.00 -49.98
N ASP G 46 32.16 50.19 -48.98
CA ASP G 46 31.79 49.84 -47.62
C ASP G 46 30.53 50.58 -47.20
N LYS G 47 29.64 49.85 -46.51
CA LYS G 47 28.33 50.42 -46.22
C LYS G 47 28.41 51.56 -45.21
N ASN G 48 29.38 51.51 -44.30
CA ASN G 48 29.59 52.61 -43.37
C ASN G 48 30.37 53.77 -43.98
N LYS G 49 30.54 53.78 -45.30
CA LYS G 49 30.95 54.97 -46.03
C LYS G 49 29.79 55.65 -46.74
N TYR G 50 28.62 55.00 -46.76
CA TYR G 50 27.35 55.58 -47.19
C TYR G 50 27.45 56.00 -48.65
N ASN G 51 27.20 57.25 -49.01
CA ASN G 51 27.11 57.67 -50.39
C ASN G 51 28.45 58.11 -50.97
N THR G 52 29.54 57.87 -50.28
CA THR G 52 30.86 58.14 -50.83
C THR G 52 31.10 57.26 -52.04
N PRO G 53 31.40 57.81 -53.21
CA PRO G 53 31.59 57.00 -54.40
C PRO G 53 33.00 56.48 -54.56
N LYS G 54 33.09 55.28 -55.13
CA LYS G 54 34.36 54.72 -55.57
C LYS G 54 34.59 55.15 -57.01
N TYR G 55 35.63 55.93 -57.24
CA TYR G 55 35.95 56.40 -58.58
C TYR G 55 36.84 55.41 -59.31
N ARG G 56 36.59 55.25 -60.60
CA ARG G 56 37.35 54.33 -61.43
C ARG G 56 38.19 55.13 -62.42
N PHE G 57 39.31 54.53 -62.82
CA PHE G 57 40.19 55.07 -63.86
C PHE G 57 40.05 54.13 -65.05
N VAL G 58 39.09 54.42 -65.91
CA VAL G 58 38.77 53.54 -67.04
C VAL G 58 39.69 53.89 -68.20
N VAL G 59 40.44 52.88 -68.67
CA VAL G 59 41.32 53.03 -69.82
C VAL G 59 40.95 51.97 -70.84
N ARG G 60 40.57 52.41 -72.03
CA ARG G 60 40.15 51.52 -73.10
C ARG G 60 40.93 51.83 -74.36
N PHE G 61 41.32 50.79 -75.09
CA PHE G 61 42.02 50.92 -76.35
C PHE G 61 41.15 50.36 -77.47
N THR G 62 40.92 51.18 -78.48
CA THR G 62 40.35 50.70 -79.73
C THR G 62 41.49 50.37 -80.68
N ASN G 63 41.18 50.13 -81.95
CA ASN G 63 42.22 49.93 -82.94
C ASN G 63 42.92 51.23 -83.31
N LYS G 64 42.30 52.39 -83.02
CA LYS G 64 42.87 53.67 -83.42
C LYS G 64 42.82 54.76 -82.36
N ASP G 65 42.24 54.52 -81.18
CA ASP G 65 42.04 55.58 -80.21
C ASP G 65 42.23 55.05 -78.80
N VAL G 66 42.60 55.94 -77.89
CA VAL G 66 42.74 55.63 -76.47
C VAL G 66 41.69 56.42 -75.71
N THR G 67 40.88 55.74 -74.92
CA THR G 67 39.82 56.35 -74.13
C THR G 67 40.20 56.30 -72.66
N ALA G 68 40.13 57.45 -72.00
CA ALA G 68 40.40 57.55 -70.57
C ALA G 68 39.27 58.32 -69.90
N GLN G 69 38.71 57.76 -68.85
CA GLN G 69 37.55 58.35 -68.19
C GLN G 69 37.65 58.13 -66.68
N ILE G 70 37.25 59.14 -65.92
CA ILE G 70 37.06 59.02 -64.48
C ILE G 70 35.56 58.84 -64.24
N VAL G 71 35.19 57.68 -63.69
CA VAL G 71 33.80 57.23 -63.70
C VAL G 71 33.44 56.68 -62.32
N TYR G 72 32.24 57.01 -61.86
CA TYR G 72 31.67 56.41 -60.66
C TYR G 72 30.26 55.96 -60.97
N ALA G 73 29.78 54.98 -60.20
CA ALA G 73 28.55 54.27 -60.51
C ALA G 73 27.39 54.74 -59.65
N THR G 74 26.25 55.00 -60.29
CA THR G 74 24.98 55.27 -59.63
C THR G 74 23.95 54.25 -60.08
N ILE G 75 22.74 54.37 -59.52
CA ILE G 75 21.63 53.47 -59.88
C ILE G 75 21.28 53.63 -61.36
N ALA G 76 21.14 54.87 -61.82
CA ALA G 76 20.73 55.12 -63.20
C ALA G 76 21.81 54.81 -64.22
N GLY G 77 23.04 54.54 -63.77
CA GLY G 77 24.14 54.30 -64.69
C GLY G 77 25.40 54.98 -64.21
N ASP G 78 26.50 54.72 -64.89
CA ASP G 78 27.76 55.34 -64.51
C ASP G 78 27.75 56.83 -64.86
N ILE G 79 28.46 57.60 -64.05
CA ILE G 79 28.61 59.04 -64.24
C ILE G 79 30.09 59.34 -64.38
N VAL G 80 30.45 60.12 -65.39
CA VAL G 80 31.84 60.47 -65.66
C VAL G 80 32.14 61.83 -65.04
N MET G 81 33.29 61.91 -64.37
CA MET G 81 33.80 63.16 -63.83
C MET G 81 34.58 63.96 -64.86
N ALA G 82 35.40 63.29 -65.66
CA ALA G 82 36.13 63.91 -66.74
C ALA G 82 36.60 62.81 -67.70
N ALA G 83 36.72 63.17 -68.97
CA ALA G 83 37.13 62.24 -69.99
C ALA G 83 38.20 62.88 -70.87
N ALA G 84 39.01 62.03 -71.48
CA ALA G 84 40.05 62.47 -72.38
C ALA G 84 40.23 61.40 -73.45
N TYR G 85 40.72 61.81 -74.61
CA TYR G 85 40.88 60.91 -75.75
C TYR G 85 42.23 61.13 -76.39
N SER G 86 42.68 60.12 -77.12
CA SER G 86 43.89 60.30 -77.92
C SER G 86 43.64 61.17 -79.13
N HIS G 87 42.45 61.08 -79.73
CA HIS G 87 42.20 61.78 -80.98
C HIS G 87 42.16 63.29 -80.83
N GLU G 88 42.12 63.81 -79.61
CA GLU G 88 42.21 65.25 -79.37
C GLU G 88 43.64 65.70 -79.07
N LEU G 89 44.60 64.79 -79.06
CA LEU G 89 46.00 65.12 -78.83
C LEU G 89 46.60 65.99 -79.94
N PRO G 90 46.17 65.89 -81.21
CA PRO G 90 46.67 66.85 -82.20
C PRO G 90 46.41 68.30 -81.86
N ARG G 91 45.37 68.59 -81.07
CA ARG G 91 45.16 69.96 -80.60
C ARG G 91 46.35 70.45 -79.77
N TYR G 92 47.10 69.53 -79.18
CA TYR G 92 48.28 69.88 -78.40
C TYR G 92 49.60 69.70 -79.15
N GLY G 93 49.64 68.84 -80.17
CA GLY G 93 50.83 68.73 -80.99
C GLY G 93 51.19 67.34 -81.47
N LEU G 94 50.54 66.31 -80.93
CA LEU G 94 50.85 64.92 -81.28
C LEU G 94 49.81 64.43 -82.28
N GLU G 95 50.27 64.04 -83.47
CA GLU G 95 49.37 63.64 -84.55
C GLU G 95 49.51 62.19 -84.99
N VAL G 96 50.60 61.52 -84.64
CA VAL G 96 50.85 60.16 -85.09
C VAL G 96 51.00 59.25 -83.88
N GLY G 97 50.86 57.95 -84.14
CA GLY G 97 51.03 56.97 -83.08
C GLY G 97 50.06 57.14 -81.94
N LEU G 98 48.79 57.39 -82.23
CA LEU G 98 47.81 57.71 -81.21
C LEU G 98 47.33 56.48 -80.44
N THR G 99 48.00 55.33 -80.58
CA THR G 99 47.67 54.15 -79.79
C THR G 99 48.91 53.43 -79.27
N ASN G 100 50.03 54.11 -79.14
CA ASN G 100 51.24 53.46 -78.63
C ASN G 100 51.42 53.80 -77.16
N TYR G 101 52.54 53.37 -76.59
CA TYR G 101 52.80 53.60 -75.17
C TYR G 101 52.95 55.08 -74.88
N ALA G 102 53.50 55.84 -75.82
CA ALA G 102 53.72 57.27 -75.59
C ALA G 102 52.40 58.03 -75.53
N ALA G 103 51.52 57.83 -76.51
CA ALA G 103 50.25 58.53 -76.50
C ALA G 103 49.34 58.05 -75.38
N ALA G 104 49.51 56.80 -74.94
CA ALA G 104 48.82 56.34 -73.75
C ALA G 104 49.27 57.12 -72.53
N TYR G 105 50.57 57.38 -72.41
CA TYR G 105 51.06 58.25 -71.35
C TYR G 105 50.48 59.66 -71.49
N CYS G 106 50.38 60.16 -72.72
CA CYS G 106 49.83 61.49 -72.94
C CYS G 106 48.37 61.56 -72.53
N THR G 107 47.60 60.52 -72.88
CA THR G 107 46.18 60.51 -72.51
C THR G 107 46.01 60.45 -70.99
N GLY G 108 46.82 59.64 -70.30
CA GLY G 108 46.75 59.59 -68.86
C GLY G 108 47.11 60.90 -68.20
N LEU G 109 48.14 61.57 -68.71
CA LEU G 109 48.50 62.87 -68.18
C LEU G 109 47.40 63.91 -68.45
N LEU G 110 46.81 63.88 -69.65
CA LEU G 110 45.77 64.84 -69.98
C LEU G 110 44.55 64.68 -69.11
N LEU G 111 44.13 63.43 -68.86
CA LEU G 111 42.97 63.20 -68.00
C LEU G 111 43.23 63.66 -66.58
N ALA G 112 44.44 63.39 -66.06
CA ALA G 112 44.75 63.76 -64.69
C ALA G 112 44.74 65.27 -64.51
N ARG G 113 45.28 66.00 -65.49
CA ARG G 113 45.27 67.46 -65.42
C ARG G 113 43.83 67.99 -65.46
N ARG G 114 42.96 67.32 -66.22
CA ARG G 114 41.59 67.79 -66.35
C ARG G 114 40.80 67.63 -65.07
N VAL G 115 40.95 66.49 -64.40
CA VAL G 115 40.20 66.24 -63.17
C VAL G 115 40.64 67.20 -62.07
N LEU G 116 41.96 67.39 -61.93
CA LEU G 116 42.46 68.28 -60.89
C LEU G 116 41.96 69.70 -61.08
N LYS G 117 41.81 70.13 -62.33
CA LYS G 117 41.22 71.44 -62.60
C LYS G 117 39.77 71.49 -62.14
N CYS G 118 39.01 70.41 -62.37
CA CYS G 118 37.60 70.41 -61.98
C CYS G 118 37.44 70.49 -60.47
N ARG G 119 38.33 69.85 -59.72
CA ARG G 119 38.26 69.82 -58.27
C ARG G 119 39.11 70.89 -57.62
N ASP G 120 39.68 71.81 -58.40
CA ASP G 120 40.54 72.89 -57.92
C ASP G 120 41.77 72.36 -57.18
N LEU G 121 42.29 71.21 -57.63
CA LEU G 121 43.45 70.59 -57.01
C LEU G 121 44.70 70.65 -57.87
N ASP G 122 44.61 71.22 -59.07
CA ASP G 122 45.75 71.19 -60.00
C ASP G 122 46.95 71.93 -59.44
N GLN G 123 46.74 73.13 -58.91
CA GLN G 123 47.86 73.89 -58.34
C GLN G 123 48.41 73.21 -57.09
N GLU G 124 47.53 72.67 -56.24
CA GLU G 124 47.97 72.05 -55.01
C GLU G 124 48.82 70.81 -55.28
N TYR G 125 48.45 70.02 -56.29
CA TYR G 125 49.14 68.79 -56.64
C TYR G 125 49.60 68.85 -58.08
N GLU G 126 50.79 69.42 -58.29
CA GLU G 126 51.48 69.29 -59.56
C GLU G 126 52.40 68.08 -59.47
N GLY G 127 52.17 67.09 -60.31
CA GLY G 127 52.98 65.89 -60.26
C GLY G 127 54.35 66.11 -60.86
N ASN G 128 54.92 65.06 -61.44
CA ASN G 128 56.18 65.19 -62.16
C ASN G 128 55.92 65.86 -63.50
N VAL G 129 56.59 66.99 -63.73
CA VAL G 129 56.33 67.80 -64.91
C VAL G 129 57.29 67.44 -66.03
N GLU G 130 58.01 66.31 -65.87
CA GLU G 130 58.99 65.93 -66.87
C GLU G 130 59.04 64.42 -67.16
N ALA G 131 58.02 63.67 -66.76
CA ALA G 131 57.89 62.26 -67.13
C ALA G 131 59.14 61.48 -66.73
N THR G 132 59.31 61.35 -65.41
CA THR G 132 60.59 60.91 -64.85
C THR G 132 60.99 59.53 -65.34
N GLY G 133 60.04 58.59 -65.38
CA GLY G 133 60.32 57.25 -65.86
C GLY G 133 60.46 56.18 -64.80
N GLU G 134 60.24 56.51 -63.53
CA GLU G 134 60.24 55.50 -62.48
C GLU G 134 58.95 55.54 -61.67
N ASP G 135 58.91 54.81 -60.56
CA ASP G 135 57.69 54.77 -59.76
C ASP G 135 57.47 56.11 -59.07
N PHE G 136 56.24 56.60 -59.13
CA PHE G 136 55.90 57.87 -58.53
C PHE G 136 54.59 57.76 -57.76
N SER G 137 54.51 58.51 -56.68
CA SER G 137 53.25 58.69 -55.95
C SER G 137 53.28 60.10 -55.38
N VAL G 138 52.31 60.92 -55.77
CA VAL G 138 52.28 62.29 -55.27
C VAL G 138 52.04 62.26 -53.77
N GLU G 139 52.88 62.96 -53.03
CA GLU G 139 52.84 62.88 -51.58
C GLU G 139 51.64 63.66 -51.05
N PRO G 140 50.82 63.05 -50.20
CA PRO G 140 49.69 63.80 -49.60
C PRO G 140 50.18 65.02 -48.86
N ALA G 141 49.47 66.13 -49.06
CA ALA G 141 49.83 67.41 -48.46
C ALA G 141 49.40 67.54 -47.02
N ASP G 142 48.68 66.55 -46.48
CA ASP G 142 48.22 66.44 -45.10
C ASP G 142 47.07 67.36 -44.76
N GLU G 143 46.63 68.23 -45.68
CA GLU G 143 45.43 69.03 -45.51
C GLU G 143 44.35 68.67 -46.52
N ARG G 144 44.72 68.44 -47.77
CA ARG G 144 43.81 67.96 -48.82
C ARG G 144 44.52 66.82 -49.53
N ARG G 145 44.01 65.61 -49.35
CA ARG G 145 44.64 64.45 -49.98
C ARG G 145 44.43 64.51 -51.50
N PRO G 146 45.32 63.90 -52.27
CA PRO G 146 45.15 63.89 -53.73
C PRO G 146 43.95 63.06 -54.15
N PHE G 147 43.43 63.37 -55.33
CA PHE G 147 42.31 62.64 -55.88
C PHE G 147 42.67 61.17 -56.07
N ARG G 148 41.78 60.28 -55.63
CA ARG G 148 42.03 58.85 -55.61
C ARG G 148 41.09 58.15 -56.57
N ALA G 149 41.65 57.37 -57.49
CA ALA G 149 40.88 56.58 -58.43
C ALA G 149 41.50 55.20 -58.54
N LEU G 150 40.70 54.24 -58.98
CA LEU G 150 41.14 52.86 -59.15
C LEU G 150 41.17 52.52 -60.63
N LEU G 151 42.30 52.00 -61.09
CA LEU G 151 42.44 51.64 -62.49
C LEU G 151 41.52 50.48 -62.85
N ASP G 152 40.73 50.65 -63.91
CA ASP G 152 39.85 49.62 -64.44
C ASP G 152 40.35 49.26 -65.83
N VAL G 153 40.90 48.05 -65.98
CA VAL G 153 41.54 47.66 -67.24
C VAL G 153 40.58 46.97 -68.19
N GLY G 154 39.51 46.38 -67.71
CA GLY G 154 38.55 45.73 -68.58
C GLY G 154 38.91 44.28 -68.84
N LEU G 155 38.90 43.89 -70.12
CA LEU G 155 39.13 42.51 -70.52
C LEU G 155 40.53 42.31 -71.09
N ILE G 156 41.39 43.31 -71.04
CA ILE G 156 42.75 43.14 -71.56
C ILE G 156 43.55 42.25 -70.62
N ARG G 157 44.60 41.63 -71.16
CA ARG G 157 45.53 40.86 -70.35
C ARG G 157 46.61 41.78 -69.82
N THR G 158 46.78 41.78 -68.51
CA THR G 158 47.71 42.71 -67.85
C THR G 158 49.10 42.13 -67.90
N THR G 159 49.81 42.42 -68.98
CA THR G 159 51.18 41.98 -69.16
C THR G 159 52.14 43.11 -68.80
N THR G 160 53.43 42.78 -68.74
CA THR G 160 54.44 43.78 -68.41
C THR G 160 54.66 44.68 -69.62
N GLY G 161 54.54 45.99 -69.40
CA GLY G 161 54.63 46.93 -70.50
C GLY G 161 53.34 47.16 -71.25
N ASN G 162 52.23 46.61 -70.77
CA ASN G 162 50.93 46.89 -71.39
C ASN G 162 50.66 48.38 -71.37
N ARG G 163 50.10 48.88 -72.47
CA ARG G 163 49.87 50.31 -72.62
C ARG G 163 48.97 50.88 -71.53
N VAL G 164 48.16 50.03 -70.88
CA VAL G 164 47.32 50.52 -69.80
C VAL G 164 48.17 51.03 -68.65
N PHE G 165 49.38 50.49 -68.49
CA PHE G 165 50.30 51.01 -67.48
C PHE G 165 51.08 52.20 -67.98
N GLY G 166 51.10 52.45 -69.29
CA GLY G 166 51.56 53.74 -69.78
C GLY G 166 50.63 54.87 -69.39
N ALA G 167 49.32 54.65 -69.52
CA ALA G 167 48.34 55.64 -69.08
C ALA G 167 48.34 55.77 -67.56
N LEU G 168 48.53 54.65 -66.86
CA LEU G 168 48.65 54.72 -65.41
C LEU G 168 49.82 55.59 -65.00
N LYS G 169 50.96 55.43 -65.65
CA LYS G 169 52.12 56.26 -65.35
C LYS G 169 51.83 57.72 -65.64
N GLY G 170 51.09 58.01 -66.71
CA GLY G 170 50.74 59.38 -67.02
C GLY G 170 49.84 60.01 -65.97
N ALA G 171 48.88 59.24 -65.46
CA ALA G 171 48.01 59.76 -64.41
C ALA G 171 48.77 59.99 -63.11
N LEU G 172 49.72 59.11 -62.79
CA LEU G 172 50.55 59.32 -61.62
C LEU G 172 51.38 60.59 -61.75
N ASP G 173 51.97 60.82 -62.92
CA ASP G 173 52.72 62.05 -63.13
C ASP G 173 51.80 63.26 -63.24
N GLY G 174 50.54 63.03 -63.58
CA GLY G 174 49.59 64.14 -63.63
C GLY G 174 49.17 64.64 -62.27
N GLY G 175 49.29 63.81 -61.24
CA GLY G 175 48.97 64.24 -59.90
C GLY G 175 47.86 63.46 -59.22
N LEU G 176 47.48 62.31 -59.80
CA LEU G 176 46.43 61.49 -59.23
C LEU G 176 47.01 60.39 -58.35
N ASP G 177 46.27 60.06 -57.30
CA ASP G 177 46.65 58.96 -56.40
C ASP G 177 45.96 57.69 -56.88
N ILE G 178 46.73 56.80 -57.48
CA ILE G 178 46.19 55.53 -57.96
C ILE G 178 46.97 54.39 -57.32
N PRO G 179 46.34 53.57 -56.46
CA PRO G 179 47.05 52.45 -55.84
C PRO G 179 47.57 51.50 -56.90
N HIS G 180 48.89 51.29 -56.89
CA HIS G 180 49.57 50.59 -57.97
C HIS G 180 50.84 49.94 -57.44
N SER G 181 51.53 49.26 -58.35
CA SER G 181 52.88 48.78 -58.13
C SER G 181 53.66 49.02 -59.41
N ASP G 182 54.97 48.81 -59.35
CA ASP G 182 55.85 48.99 -60.50
C ASP G 182 56.13 47.71 -61.26
N LYS G 183 55.54 46.59 -60.85
CA LYS G 183 55.86 45.29 -61.44
C LYS G 183 55.39 45.15 -62.88
N ARG G 184 54.57 46.08 -63.38
CA ARG G 184 53.97 45.95 -64.70
C ARG G 184 54.32 47.10 -65.64
N PHE G 185 55.21 48.00 -65.23
CA PHE G 185 55.65 49.06 -66.14
C PHE G 185 56.58 48.48 -67.19
N ALA G 186 56.67 49.18 -68.33
CA ALA G 186 57.58 48.77 -69.39
C ALA G 186 59.02 48.99 -68.93
N GLY G 187 59.73 47.90 -68.67
CA GLY G 187 61.10 47.98 -68.20
C GLY G 187 61.37 47.03 -67.05
N PHE G 188 60.32 46.59 -66.38
CA PHE G 188 60.48 45.65 -65.29
C PHE G 188 61.08 44.34 -65.80
N LYS G 189 61.99 43.77 -65.01
CA LYS G 189 62.65 42.51 -65.34
C LYS G 189 62.16 41.42 -64.41
N LYS G 190 61.66 40.32 -64.99
CA LYS G 190 61.15 39.23 -64.18
C LYS G 190 62.28 38.48 -63.46
N ASP G 191 63.44 38.38 -64.09
CA ASP G 191 64.55 37.66 -63.48
C ASP G 191 65.30 38.49 -62.43
N GLU G 192 64.99 39.78 -62.31
CA GLU G 192 65.64 40.65 -61.34
C GLU G 192 64.69 41.27 -60.33
N LYS G 193 63.38 41.22 -60.56
CA LYS G 193 62.38 41.75 -59.64
C LYS G 193 62.57 43.24 -59.39
N GLN G 194 63.00 43.97 -60.41
CA GLN G 194 63.16 45.41 -60.29
C GLN G 194 62.94 46.08 -61.63
N LEU G 195 62.65 47.37 -61.59
CA LEU G 195 62.28 48.15 -62.76
C LEU G 195 63.46 48.96 -63.27
N ASP G 196 63.66 48.95 -64.59
CA ASP G 196 64.67 49.77 -65.25
C ASP G 196 64.04 51.10 -65.63
N ALA G 197 64.33 52.14 -64.84
CA ALA G 197 63.70 53.44 -65.11
C ALA G 197 64.20 54.06 -66.40
N GLU G 198 65.34 53.61 -66.92
CA GLU G 198 65.83 54.13 -68.18
C GLU G 198 65.04 53.57 -69.36
N ILE G 199 64.79 52.26 -69.35
CA ILE G 199 63.98 51.65 -70.40
C ILE G 199 62.57 52.19 -70.35
N HIS G 200 62.04 52.43 -69.14
CA HIS G 200 60.71 53.00 -69.01
C HIS G 200 60.63 54.39 -69.62
N ARG G 201 61.64 55.22 -69.36
CA ARG G 201 61.65 56.56 -69.96
C ARG G 201 61.74 56.47 -71.48
N LYS G 202 62.45 55.47 -71.99
CA LYS G 202 62.54 55.28 -73.44
C LYS G 202 61.17 55.01 -74.05
N TYR G 203 60.37 54.17 -73.39
CA TYR G 203 59.03 53.88 -73.90
C TYR G 203 58.12 55.08 -73.79
N ILE G 204 58.20 55.82 -72.68
CA ILE G 204 57.33 56.96 -72.45
C ILE G 204 57.58 58.03 -73.51
N TYR G 205 58.82 58.16 -73.98
CA TYR G 205 59.17 59.13 -75.00
C TYR G 205 59.25 58.54 -76.39
N GLY G 206 58.85 57.28 -76.58
CA GLY G 206 58.75 56.69 -77.90
C GLY G 206 60.00 56.02 -78.43
N GLY G 207 60.94 55.66 -77.56
CA GLY G 207 62.19 55.10 -78.04
C GLY G 207 62.04 53.78 -78.73
N HIS G 208 61.10 52.95 -78.27
CA HIS G 208 60.91 51.64 -78.89
C HIS G 208 60.38 51.78 -80.32
N VAL G 209 59.54 52.78 -80.56
CA VAL G 209 59.10 53.04 -81.94
C VAL G 209 60.24 53.62 -82.76
N ALA G 210 60.99 54.56 -82.20
CA ALA G 210 62.08 55.19 -82.94
C ALA G 210 63.17 54.18 -83.29
N ASP G 211 63.45 53.24 -82.39
CA ASP G 211 64.41 52.19 -82.70
C ASP G 211 63.95 51.35 -83.87
N TYR G 212 62.64 51.10 -83.96
CA TYR G 212 62.10 50.35 -85.09
C TYR G 212 62.27 51.12 -86.40
N MET G 213 62.05 52.44 -86.37
CA MET G 213 62.24 53.24 -87.58
C MET G 213 63.69 53.18 -88.05
N LYS G 214 64.64 53.31 -87.13
CA LYS G 214 66.04 53.12 -87.47
C LYS G 214 66.30 51.68 -87.93
N SER G 215 65.67 50.71 -87.28
CA SER G 215 65.77 49.31 -87.70
C SER G 215 64.89 49.00 -88.90
N LEU G 216 64.36 50.01 -89.58
CA LEU G 216 63.62 49.83 -90.81
C LEU G 216 64.11 50.73 -91.93
N ALA G 217 64.55 51.95 -91.61
CA ALA G 217 64.97 52.89 -92.64
C ALA G 217 66.26 52.48 -93.33
N ASP G 218 67.04 51.59 -92.73
CA ASP G 218 68.35 51.23 -93.26
C ASP G 218 68.33 49.91 -94.02
N GLU G 219 67.96 48.82 -93.35
CA GLU G 219 68.07 47.51 -93.97
C GLU G 219 66.91 47.19 -94.91
N GLU G 220 65.71 47.68 -94.61
CA GLU G 220 64.53 47.43 -95.45
C GLU G 220 63.80 48.75 -95.72
N PRO G 221 64.36 49.59 -96.60
CA PRO G 221 63.67 50.85 -96.92
C PRO G 221 62.30 50.65 -97.55
N GLU G 222 62.10 49.57 -98.31
CA GLU G 222 60.80 49.32 -98.91
C GLU G 222 59.75 49.01 -97.84
N LYS G 223 60.15 48.29 -96.79
CA LYS G 223 59.24 48.03 -95.68
C LYS G 223 59.08 49.28 -94.82
N TYR G 224 60.13 50.09 -94.72
CA TYR G 224 60.08 51.29 -93.89
C TYR G 224 59.04 52.28 -94.41
N GLN G 225 58.97 52.47 -95.72
CA GLN G 225 58.05 53.43 -96.29
C GLN G 225 56.60 53.01 -96.04
N SER G 226 56.27 51.76 -96.33
CA SER G 226 54.90 51.29 -96.20
C SER G 226 54.47 51.23 -94.73
N HIS G 227 55.37 50.86 -93.83
CA HIS G 227 55.00 50.67 -92.43
C HIS G 227 54.72 52.02 -91.77
N PHE G 228 55.71 52.89 -91.72
CA PHE G 228 55.55 54.21 -91.09
C PHE G 228 55.21 55.26 -92.14
N SER G 229 54.12 55.01 -92.87
CA SER G 229 53.73 55.89 -93.95
C SER G 229 53.28 57.26 -93.44
N GLU G 230 52.38 57.29 -92.46
CA GLU G 230 51.88 58.56 -91.96
C GLU G 230 52.95 59.35 -91.22
N TYR G 231 53.90 58.66 -90.59
CA TYR G 231 55.07 59.35 -90.04
C TYR G 231 55.82 60.08 -91.14
N ILE G 232 56.13 59.39 -92.23
CA ILE G 232 56.87 59.99 -93.33
C ILE G 232 56.06 61.10 -93.97
N LYS G 233 54.75 60.86 -94.20
CA LYS G 233 53.92 61.86 -94.85
C LYS G 233 53.86 63.14 -94.04
N LYS G 234 53.78 63.03 -92.72
CA LYS G 234 53.85 64.19 -91.84
C LYS G 234 55.27 64.70 -91.66
N GLY G 235 56.27 63.99 -92.18
CA GLY G 235 57.65 64.42 -92.04
C GLY G 235 58.27 64.15 -90.70
N ILE G 236 57.68 63.28 -89.90
CA ILE G 236 58.23 62.94 -88.59
C ILE G 236 59.38 61.95 -88.77
N GLU G 237 60.52 62.27 -88.17
CA GLU G 237 61.68 61.41 -88.19
C GLU G 237 61.93 60.86 -86.78
N ALA G 238 62.73 59.80 -86.72
CA ALA G 238 62.98 59.12 -85.45
C ALA G 238 63.70 60.01 -84.44
N ASP G 239 64.29 61.12 -84.89
CA ASP G 239 65.01 62.01 -83.99
C ASP G 239 64.13 63.11 -83.40
N ASN G 240 62.94 63.32 -83.93
CA ASN G 240 62.04 64.35 -83.41
C ASN G 240 61.08 63.82 -82.35
N MET G 241 61.08 62.52 -82.08
CA MET G 241 60.07 61.95 -81.18
C MET G 241 60.26 62.45 -79.75
N GLU G 242 61.50 62.50 -79.27
CA GLU G 242 61.74 62.95 -77.90
C GLU G 242 61.30 64.40 -77.72
N ALA G 243 61.57 65.25 -78.70
CA ALA G 243 61.12 66.63 -78.60
C ALA G 243 59.61 66.75 -78.82
N LEU G 244 59.04 65.89 -79.67
CA LEU G 244 57.61 65.96 -79.92
C LEU G 244 56.80 65.61 -78.68
N TYR G 245 57.17 64.52 -78.01
CA TYR G 245 56.43 64.11 -76.82
C TYR G 245 56.71 65.05 -75.65
N LYS G 246 57.92 65.62 -75.59
CA LYS G 246 58.24 66.55 -74.51
C LYS G 246 57.44 67.83 -74.63
N LYS G 247 57.20 68.30 -75.86
CA LYS G 247 56.39 69.50 -76.05
C LYS G 247 54.93 69.24 -75.72
N VAL G 248 54.43 68.04 -76.03
CA VAL G 248 53.03 67.73 -75.77
C VAL G 248 52.73 67.77 -74.28
N HIS G 249 53.62 67.18 -73.48
CA HIS G 249 53.42 67.18 -72.03
C HIS G 249 53.40 68.61 -71.49
N ALA G 250 54.31 69.45 -71.98
CA ALA G 250 54.30 70.85 -71.58
C ALA G 250 53.03 71.56 -72.04
N ALA G 251 52.57 71.26 -73.25
CA ALA G 251 51.37 71.90 -73.78
C ALA G 251 50.12 71.48 -73.01
N ILE G 252 50.04 70.20 -72.63
CA ILE G 252 48.90 69.73 -71.86
C ILE G 252 48.86 70.42 -70.51
N ARG G 253 50.01 70.56 -69.86
CA ARG G 253 50.08 71.20 -68.55
C ARG G 253 49.79 72.69 -68.63
N ALA G 254 49.76 73.27 -69.83
CA ALA G 254 49.51 74.69 -69.97
C ALA G 254 48.02 74.99 -70.07
N ASP G 255 47.32 74.34 -71.00
CA ASP G 255 45.89 74.57 -71.23
C ASP G 255 45.18 73.23 -71.32
N PRO G 256 45.05 72.52 -70.20
CA PRO G 256 44.51 71.15 -70.24
C PRO G 256 43.04 71.08 -70.55
N THR G 257 42.29 72.15 -70.35
CA THR G 257 40.85 72.15 -70.57
C THR G 257 40.49 71.81 -72.02
N HIS G 269 17.49 65.11 -89.62
CA HIS G 269 18.02 63.77 -89.46
C HIS G 269 17.30 62.79 -90.38
N LYS G 270 17.83 62.66 -91.60
CA LYS G 270 17.24 61.74 -92.55
C LYS G 270 17.33 60.31 -92.03
N ARG G 271 16.23 59.57 -92.12
CA ARG G 271 16.23 58.19 -91.69
C ARG G 271 16.96 57.32 -92.70
N TYR G 272 17.92 56.53 -92.23
CA TYR G 272 18.70 55.67 -93.10
C TYR G 272 18.43 54.19 -92.87
N ASN G 273 17.75 53.84 -91.79
CA ASN G 273 17.28 52.50 -91.51
C ASN G 273 15.77 52.44 -91.68
N PRO G 274 15.22 51.29 -92.05
CA PRO G 274 13.77 51.16 -92.10
C PRO G 274 13.14 51.28 -90.72
N LYS G 275 11.90 51.75 -90.67
CA LYS G 275 11.12 51.72 -89.45
C LYS G 275 10.40 50.38 -89.34
N LYS G 276 9.88 50.09 -88.15
CA LYS G 276 9.08 48.90 -87.97
C LYS G 276 7.73 49.08 -88.67
N LEU G 277 7.26 48.01 -89.30
CA LEU G 277 5.98 48.05 -89.98
C LEU G 277 4.85 48.18 -88.95
N THR G 278 3.76 48.81 -89.39
CA THR G 278 2.59 48.95 -88.54
C THR G 278 1.73 47.69 -88.61
N TYR G 279 0.70 47.66 -87.76
CA TYR G 279 -0.28 46.57 -87.82
C TYR G 279 -1.02 46.59 -89.16
N GLU G 280 -1.39 47.76 -89.64
CA GLU G 280 -2.14 47.86 -90.89
C GLU G 280 -1.28 47.67 -92.13
N GLN G 281 0.04 47.69 -91.98
CA GLN G 281 0.93 47.28 -93.06
C GLN G 281 1.30 45.80 -92.96
N ARG G 282 1.53 45.31 -91.73
CA ARG G 282 1.88 43.90 -91.54
C ARG G 282 0.74 42.99 -91.97
N LYS G 283 -0.49 43.33 -91.60
CA LYS G 283 -1.63 42.49 -91.96
C LYS G 283 -1.97 42.61 -93.44
N ALA G 284 -1.76 43.80 -94.01
CA ALA G 284 -2.03 43.98 -95.44
C ALA G 284 -1.11 43.12 -96.29
N SER G 285 0.16 43.03 -95.91
CA SER G 285 1.10 42.16 -96.63
C SER G 285 0.75 40.69 -96.43
N LEU G 286 0.20 40.35 -95.26
CA LEU G 286 -0.10 38.96 -94.96
C LEU G 286 -1.26 38.43 -95.80
N VAL G 287 -2.24 39.29 -96.11
CA VAL G 287 -3.38 38.86 -96.91
C VAL G 287 -2.92 38.50 -98.32
N GLU G 288 -1.92 39.21 -98.84
CA GLU G 288 -1.45 38.92 -100.20
C GLU G 288 -0.65 37.62 -100.26
N ARG G 289 0.18 37.37 -99.24
CA ARG G 289 0.97 36.14 -99.24
C ARG G 289 0.09 34.92 -99.03
N LEU G 290 -0.92 35.03 -98.17
CA LEU G 290 -1.76 33.87 -97.85
C LEU G 290 -2.58 33.45 -99.07
N ASN G 291 -3.13 34.43 -99.80
CA ASN G 291 -3.88 34.10 -101.01
C ASN G 291 -2.96 33.50 -102.07
N ALA G 292 -1.72 34.00 -102.14
CA ALA G 292 -0.78 33.49 -103.14
C ALA G 292 -0.48 32.00 -102.91
N LEU G 293 -0.29 31.60 -101.66
CA LEU G 293 -0.14 30.17 -101.36
C LEU G 293 -1.46 29.45 -101.59
N ASN G 294 -2.57 30.05 -101.20
CA ASN G 294 -3.87 29.39 -101.33
C ASN G 294 -4.22 29.16 -102.79
N SER G 295 -3.95 30.14 -103.65
CA SER G 295 -4.18 29.99 -105.09
C SER G 295 -2.90 29.55 -105.79
N HIS H 31 -54.88 60.40 -19.82
CA HIS H 31 -53.43 60.56 -19.80
C HIS H 31 -53.05 62.02 -19.78
N THR H 32 -53.84 62.82 -19.05
CA THR H 32 -53.65 64.26 -19.01
C THR H 32 -52.50 64.64 -18.09
N TYR H 33 -51.70 65.60 -18.53
CA TYR H 33 -50.60 66.15 -17.73
C TYR H 33 -51.14 67.37 -17.00
N HIS H 34 -51.51 67.19 -15.73
CA HIS H 34 -51.96 68.34 -14.94
C HIS H 34 -50.84 69.36 -14.79
N ARG H 35 -49.67 68.93 -14.37
CA ARG H 35 -48.50 69.80 -14.31
C ARG H 35 -47.79 69.86 -15.65
N ARG H 36 -48.56 70.12 -16.71
CA ARG H 36 -47.97 70.23 -18.04
C ARG H 36 -47.22 71.54 -18.20
N GLY H 37 -47.77 72.62 -17.65
CA GLY H 37 -47.17 73.94 -17.74
C GLY H 37 -46.68 74.39 -16.37
N LEU H 38 -45.63 75.21 -16.37
CA LEU H 38 -45.08 75.73 -15.12
C LEU H 38 -45.89 76.94 -14.65
N TRP H 39 -47.21 76.79 -14.57
CA TRP H 39 -48.07 77.91 -14.19
C TRP H 39 -48.23 78.02 -12.68
N ALA H 40 -48.86 77.01 -12.06
CA ALA H 40 -48.97 76.90 -10.62
C ALA H 40 -49.68 78.11 -10.00
N ILE H 41 -50.11 79.05 -10.84
CA ILE H 41 -50.75 80.26 -10.36
C ILE H 41 -52.25 80.26 -10.58
N LYS H 42 -52.77 79.38 -11.44
CA LYS H 42 -54.22 79.24 -11.53
C LYS H 42 -54.81 78.72 -10.23
N ALA H 43 -53.98 78.16 -9.36
CA ALA H 43 -54.41 77.84 -8.00
C ALA H 43 -54.37 79.07 -7.11
N LYS H 44 -53.18 79.63 -6.92
CA LYS H 44 -53.00 80.83 -6.09
C LYS H 44 -52.64 82.00 -6.99
N HIS H 45 -53.67 82.66 -7.54
CA HIS H 45 -53.45 83.82 -8.37
C HIS H 45 -52.88 84.98 -7.57
N GLY H 46 -53.52 85.31 -6.44
CA GLY H 46 -53.01 86.32 -5.55
C GLY H 46 -51.99 85.76 -4.58
N GLY H 47 -51.06 84.96 -5.10
CA GLY H 47 -50.11 84.23 -4.28
C GLY H 47 -48.86 85.00 -3.88
N ALA H 48 -48.71 86.25 -4.32
CA ALA H 48 -47.56 87.05 -3.92
C ALA H 48 -47.76 87.47 -2.47
N LEU H 49 -47.20 86.69 -1.55
CA LEU H 49 -47.41 86.85 -0.11
C LEU H 49 -46.09 87.07 0.60
N PRO H 50 -46.13 87.36 1.91
CA PRO H 50 -44.90 87.70 2.63
C PRO H 50 -44.19 86.49 3.20
N LYS H 51 -43.10 86.74 3.95
CA LYS H 51 -42.29 85.65 4.48
C LYS H 51 -43.08 84.80 5.47
N ALA H 52 -42.86 83.49 5.40
CA ALA H 52 -43.53 82.57 6.31
C ALA H 52 -43.00 82.74 7.73
N GLU H 53 -43.89 82.62 8.70
CA GLU H 53 -43.54 82.68 10.11
C GLU H 53 -43.56 81.26 10.69
N LYS H 54 -42.38 80.76 11.03
CA LYS H 54 -42.26 79.41 11.58
C LYS H 54 -42.86 79.36 12.97
N PRO H 55 -43.75 78.40 13.26
CA PRO H 55 -44.53 78.10 14.48
C PRO H 55 -43.86 78.55 15.77
N GLU H 60 -41.46 73.05 27.34
CA GLU H 60 -40.46 72.08 27.79
C GLU H 60 -40.97 70.65 27.65
N PRO H 61 -40.13 69.77 27.08
CA PRO H 61 -40.60 68.41 26.78
C PRO H 61 -41.06 67.63 27.98
N LYS H 62 -40.52 67.90 29.17
CA LYS H 62 -40.78 67.17 30.41
C LYS H 62 -40.20 65.75 30.39
N PHE H 63 -39.65 65.31 29.26
CA PHE H 63 -38.99 64.02 29.13
C PHE H 63 -38.23 64.01 27.82
N TYR H 64 -37.09 63.32 27.81
CA TYR H 64 -36.26 63.21 26.62
C TYR H 64 -36.06 61.74 26.28
N PRO H 65 -36.36 61.31 25.04
CA PRO H 65 -36.54 59.89 24.75
C PRO H 65 -35.27 59.10 24.55
N ALA H 66 -34.09 59.72 24.62
CA ALA H 66 -32.81 59.03 24.55
C ALA H 66 -32.52 58.47 23.15
N ASP H 67 -33.47 58.59 22.25
CA ASP H 67 -33.29 58.21 20.86
C ASP H 67 -33.96 59.27 20.00
N ASP H 68 -33.26 59.75 18.99
CA ASP H 68 -33.79 60.80 18.12
C ASP H 68 -34.88 60.21 17.24
N VAL H 69 -36.11 60.26 17.71
CA VAL H 69 -37.26 59.76 16.96
C VAL H 69 -37.95 60.96 16.31
N LYS H 70 -38.07 60.91 14.99
CA LYS H 70 -38.77 61.97 14.28
C LYS H 70 -40.23 62.00 14.69
N PRO H 71 -40.76 63.14 15.13
CA PRO H 71 -42.14 63.16 15.62
C PRO H 71 -43.14 62.84 14.52
N ARG H 72 -44.25 62.24 14.93
CA ARG H 72 -45.31 61.85 14.00
C ARG H 72 -46.35 62.95 13.97
N THR H 73 -46.43 63.66 12.85
CA THR H 73 -47.49 64.64 12.61
C THR H 73 -48.49 64.05 11.62
N VAL H 74 -49.67 64.66 11.58
CA VAL H 74 -50.70 64.16 10.67
C VAL H 74 -50.23 64.34 9.23
N SER H 75 -50.64 63.41 8.37
CA SER H 75 -50.19 63.40 6.98
C SER H 75 -51.06 64.34 6.16
N THR H 76 -50.42 65.15 5.32
CA THR H 76 -51.10 66.13 4.48
C THR H 76 -51.31 65.63 3.07
N ARG H 77 -51.56 64.33 2.91
CA ARG H 77 -51.74 63.72 1.60
C ARG H 77 -53.21 63.42 1.37
N LYS H 78 -53.70 63.74 0.18
CA LYS H 78 -55.08 63.48 -0.19
C LYS H 78 -55.14 62.22 -1.05
N PRO H 79 -55.76 61.14 -0.57
CA PRO H 79 -55.66 59.85 -1.28
C PRO H 79 -56.59 59.66 -2.46
N HIS H 80 -57.17 60.73 -3.03
CA HIS H 80 -57.90 60.62 -4.30
C HIS H 80 -59.01 59.58 -4.27
N PRO H 81 -60.20 59.91 -3.71
CA PRO H 81 -61.23 58.89 -3.47
C PRO H 81 -61.50 57.91 -4.60
N THR H 82 -62.03 56.74 -4.23
CA THR H 82 -62.13 55.61 -5.15
C THR H 82 -63.09 55.89 -6.29
N LYS H 83 -62.83 55.22 -7.41
CA LYS H 83 -63.63 55.40 -8.62
C LYS H 83 -64.77 54.39 -8.64
N LEU H 84 -65.98 54.88 -8.89
CA LEU H 84 -67.14 54.01 -9.01
C LEU H 84 -67.12 53.29 -10.35
N ARG H 85 -67.48 52.01 -10.34
CA ARG H 85 -67.58 51.25 -11.58
C ARG H 85 -68.65 51.88 -12.47
N SER H 86 -68.32 52.05 -13.75
CA SER H 86 -69.18 52.79 -14.68
C SER H 86 -70.50 52.09 -14.96
N THR H 87 -70.64 50.82 -14.60
CA THR H 87 -71.89 50.10 -14.80
C THR H 87 -72.83 50.23 -13.60
N ILE H 88 -72.37 50.82 -12.50
CA ILE H 88 -73.20 51.04 -11.32
C ILE H 88 -73.68 52.48 -11.35
N THR H 89 -74.98 52.66 -11.51
CA THR H 89 -75.61 53.98 -11.50
C THR H 89 -76.80 53.95 -10.56
N PRO H 90 -77.19 55.10 -10.00
CA PRO H 90 -78.25 55.10 -8.99
C PRO H 90 -79.51 54.40 -9.49
N GLY H 91 -80.03 53.49 -8.66
CA GLY H 91 -81.19 52.71 -9.00
C GLY H 91 -80.93 51.43 -9.75
N THR H 92 -79.67 51.13 -10.10
CA THR H 92 -79.37 49.86 -10.74
C THR H 92 -79.41 48.72 -9.72
N VAL H 93 -79.58 47.51 -10.23
CA VAL H 93 -79.73 46.32 -9.39
C VAL H 93 -78.37 45.66 -9.22
N LEU H 94 -78.12 45.14 -8.02
CA LEU H 94 -76.87 44.46 -7.70
C LEU H 94 -77.16 43.09 -7.10
N ILE H 95 -76.38 42.11 -7.54
CA ILE H 95 -76.34 40.81 -6.90
C ILE H 95 -75.20 40.83 -5.88
N LEU H 96 -75.50 40.39 -4.66
CA LEU H 96 -74.47 40.33 -3.62
C LEU H 96 -73.70 39.03 -3.76
N LEU H 97 -72.37 39.13 -3.72
CA LEU H 97 -71.51 37.98 -4.01
C LEU H 97 -71.00 37.26 -2.78
N ALA H 98 -71.04 37.89 -1.60
CA ALA H 98 -70.51 37.26 -0.40
C ALA H 98 -71.30 37.78 0.79
N GLY H 99 -70.83 37.43 2.00
CA GLY H 99 -71.54 37.78 3.21
C GLY H 99 -72.77 36.93 3.43
N ARG H 100 -73.50 37.27 4.50
CA ARG H 100 -74.72 36.55 4.85
C ARG H 100 -75.85 36.79 3.85
N TYR H 101 -75.73 37.78 2.98
CA TYR H 101 -76.74 38.07 1.97
C TYR H 101 -76.25 37.70 0.57
N MET H 102 -75.40 36.69 0.47
CA MET H 102 -74.87 36.29 -0.83
C MET H 102 -76.01 35.90 -1.77
N GLY H 103 -75.98 36.43 -2.98
CA GLY H 103 -76.96 36.12 -3.98
C GLY H 103 -78.21 36.97 -3.94
N LYS H 104 -78.37 37.82 -2.93
CA LYS H 104 -79.53 38.69 -2.84
C LYS H 104 -79.49 39.73 -3.96
N ARG H 105 -80.57 39.80 -4.71
CA ARG H 105 -80.73 40.84 -5.73
C ARG H 105 -81.21 42.11 -5.04
N VAL H 106 -80.43 43.17 -5.16
CA VAL H 106 -80.60 44.37 -4.36
C VAL H 106 -80.44 45.60 -5.25
N VAL H 107 -81.19 46.64 -4.92
CA VAL H 107 -81.18 47.90 -5.68
C VAL H 107 -80.13 48.84 -5.08
N PHE H 108 -79.39 49.51 -5.95
CA PHE H 108 -78.32 50.43 -5.57
C PHE H 108 -78.87 51.85 -5.45
N LEU H 109 -78.42 52.57 -4.43
CA LEU H 109 -78.91 53.92 -4.18
C LEU H 109 -77.85 55.00 -4.38
N LYS H 110 -76.71 54.88 -3.71
CA LYS H 110 -75.75 55.97 -3.67
C LYS H 110 -74.37 55.40 -3.34
N GLN H 111 -73.34 56.17 -3.69
CA GLN H 111 -71.96 55.84 -3.34
C GLN H 111 -71.50 56.80 -2.24
N LEU H 112 -71.11 56.24 -1.11
CA LEU H 112 -70.78 57.04 0.07
C LEU H 112 -69.41 57.72 -0.09
N GLN H 113 -69.13 58.64 0.83
CA GLN H 113 -67.88 59.39 0.77
C GLN H 113 -66.66 58.47 0.93
N SER H 114 -66.77 57.47 1.80
CA SER H 114 -65.68 56.50 1.93
C SER H 114 -65.48 55.69 0.66
N GLY H 115 -66.50 55.63 -0.20
CA GLY H 115 -66.44 54.86 -1.42
C GLY H 115 -67.29 53.60 -1.41
N LEU H 116 -67.86 53.24 -0.27
CA LEU H 116 -68.77 52.11 -0.24
C LEU H 116 -70.10 52.51 -0.86
N LEU H 117 -70.68 51.60 -1.63
CA LEU H 117 -71.98 51.83 -2.21
C LEU H 117 -73.06 51.71 -1.15
N LEU H 118 -74.08 52.54 -1.25
CA LEU H 118 -75.24 52.45 -0.37
C LEU H 118 -76.31 51.61 -1.05
N ILE H 119 -76.80 50.61 -0.34
CA ILE H 119 -77.78 49.68 -0.89
C ILE H 119 -78.93 49.49 0.08
N THR H 120 -80.09 49.16 -0.47
CA THR H 120 -81.23 48.68 0.30
C THR H 120 -81.81 47.47 -0.42
N GLY H 121 -82.52 46.64 0.33
CA GLY H 121 -83.08 45.43 -0.22
C GLY H 121 -84.02 45.62 -1.38
N PRO H 122 -85.19 46.23 -1.14
CA PRO H 122 -85.70 46.78 0.13
C PRO H 122 -86.05 45.72 1.15
N PHE H 123 -86.12 46.13 2.42
CA PHE H 123 -86.26 45.20 3.53
C PHE H 123 -87.55 44.40 3.48
N LYS H 124 -88.56 44.86 2.75
CA LYS H 124 -89.82 44.13 2.70
C LYS H 124 -89.74 42.89 1.82
N ILE H 125 -89.11 42.99 0.65
CA ILE H 125 -89.17 41.89 -0.32
C ILE H 125 -88.19 40.78 0.06
N ASN H 126 -86.90 41.12 0.16
CA ASN H 126 -85.88 40.12 0.42
C ASN H 126 -85.31 40.17 1.83
N GLY H 127 -85.69 41.17 2.63
CA GLY H 127 -85.23 41.21 4.00
C GLY H 127 -83.85 41.79 4.20
N VAL H 128 -83.31 42.50 3.22
CA VAL H 128 -81.99 43.11 3.31
C VAL H 128 -82.17 44.57 3.73
N PRO H 129 -81.67 44.97 4.89
CA PRO H 129 -81.86 46.35 5.33
C PRO H 129 -80.95 47.33 4.60
N ILE H 130 -80.96 48.59 5.04
CA ILE H 130 -80.05 49.58 4.45
C ILE H 130 -78.63 49.25 4.89
N ARG H 131 -77.73 49.16 3.91
CA ARG H 131 -76.35 48.79 4.18
C ARG H 131 -75.44 49.47 3.18
N ARG H 132 -74.17 49.57 3.55
CA ARG H 132 -73.12 50.00 2.65
C ARG H 132 -72.27 48.79 2.30
N VAL H 133 -72.02 48.60 1.00
CA VAL H 133 -71.29 47.44 0.51
C VAL H 133 -70.10 47.91 -0.30
N ASN H 134 -69.03 47.12 -0.27
CA ASN H 134 -67.87 47.40 -1.11
C ASN H 134 -68.23 47.24 -2.58
N GLN H 135 -67.50 47.95 -3.44
CA GLN H 135 -67.75 47.85 -4.88
C GLN H 135 -67.49 46.44 -5.39
N ALA H 136 -66.44 45.80 -4.91
CA ALA H 136 -66.30 44.37 -5.08
C ALA H 136 -67.34 43.66 -4.20
N TYR H 137 -67.54 42.38 -4.46
CA TYR H 137 -68.56 41.55 -3.82
C TYR H 137 -69.97 41.90 -4.31
N VAL H 138 -70.11 42.72 -5.34
CA VAL H 138 -71.38 42.94 -6.00
C VAL H 138 -71.16 42.88 -7.51
N ILE H 139 -72.23 42.56 -8.22
CA ILE H 139 -72.23 42.53 -9.68
C ILE H 139 -73.34 43.46 -10.15
N ALA H 140 -73.00 44.36 -11.08
CA ALA H 140 -73.95 45.35 -11.58
C ALA H 140 -74.69 44.76 -12.77
N THR H 141 -75.98 44.51 -12.61
CA THR H 141 -76.80 44.04 -13.70
C THR H 141 -77.24 45.22 -14.57
N SER H 142 -77.87 44.92 -15.70
CA SER H 142 -78.34 45.94 -16.62
C SER H 142 -79.76 46.40 -16.34
N THR H 143 -80.40 45.90 -15.30
CA THR H 143 -81.73 46.32 -14.92
C THR H 143 -81.64 47.52 -13.98
N LYS H 144 -82.48 48.53 -14.23
CA LYS H 144 -82.44 49.79 -13.51
C LYS H 144 -83.80 50.14 -12.96
N VAL H 145 -83.79 50.98 -11.94
CA VAL H 145 -85.00 51.51 -11.31
C VAL H 145 -84.80 53.01 -11.10
N ASP H 146 -85.84 53.79 -11.35
CA ASP H 146 -85.78 55.22 -11.05
C ASP H 146 -85.96 55.45 -9.56
N ILE H 147 -85.06 56.23 -8.97
CA ILE H 147 -85.11 56.52 -7.55
C ILE H 147 -85.01 58.03 -7.34
N SER H 148 -85.38 58.80 -8.38
CA SER H 148 -85.19 60.25 -8.33
C SER H 148 -85.99 60.89 -7.20
N LYS H 149 -87.23 60.48 -7.02
CA LYS H 149 -88.10 61.03 -5.99
C LYS H 149 -87.91 60.35 -4.63
N VAL H 150 -86.78 59.69 -4.41
CA VAL H 150 -86.46 59.03 -3.15
C VAL H 150 -85.36 59.83 -2.47
N ASN H 151 -85.56 60.15 -1.20
CA ASN H 151 -84.60 60.95 -0.45
C ASN H 151 -83.67 60.02 0.33
N VAL H 152 -82.42 59.95 -0.12
CA VAL H 152 -81.36 59.27 0.64
C VAL H 152 -80.30 60.32 0.91
N GLN H 153 -80.46 61.03 2.02
CA GLN H 153 -79.55 62.10 2.42
C GLN H 153 -78.97 61.85 3.80
N LYS H 154 -79.82 61.52 4.77
CA LYS H 154 -79.38 61.24 6.13
C LYS H 154 -78.56 59.97 6.22
N PHE H 155 -78.54 59.15 5.18
CA PHE H 155 -77.75 57.94 5.15
C PHE H 155 -76.35 58.27 4.65
N ASP H 156 -75.35 57.99 5.47
CA ASP H 156 -73.96 58.30 5.18
C ASP H 156 -73.09 57.52 6.16
N ASP H 157 -71.77 57.71 6.06
CA ASP H 157 -70.83 56.89 6.83
C ASP H 157 -71.05 57.04 8.33
N LYS H 158 -71.34 58.26 8.78
CA LYS H 158 -71.60 58.48 10.20
C LYS H 158 -72.81 57.70 10.69
N TYR H 159 -73.81 57.51 9.82
CA TYR H 159 -75.00 56.77 10.20
C TYR H 159 -74.66 55.32 10.55
N PHE H 160 -73.58 54.78 9.99
CA PHE H 160 -73.15 53.41 10.24
C PHE H 160 -72.02 53.31 11.25
N ALA H 161 -71.72 54.38 11.98
CA ALA H 161 -70.64 54.34 12.96
C ALA H 161 -70.91 53.29 14.04
N ARG H 162 -69.92 52.44 14.29
CA ARG H 162 -70.05 51.41 15.31
C ARG H 162 -70.20 52.01 16.69
N GLU H 163 -71.36 51.79 17.31
CA GLU H 163 -71.68 52.39 18.59
C GLU H 163 -72.47 51.43 19.47
N PRO H 187 -81.87 51.67 17.85
CA PRO H 187 -82.24 50.98 16.60
C PRO H 187 -83.68 51.24 16.19
N ASP H 188 -84.48 51.77 17.11
CA ASP H 188 -85.89 52.00 16.83
C ASP H 188 -86.07 53.01 15.70
N PHE H 189 -85.28 54.08 15.70
CA PHE H 189 -85.37 55.05 14.62
C PHE H 189 -84.80 54.50 13.32
N LYS H 190 -83.86 53.55 13.40
CA LYS H 190 -83.38 52.88 12.20
C LYS H 190 -84.50 52.08 11.54
N LYS H 191 -85.36 51.46 12.35
CA LYS H 191 -86.53 50.78 11.80
C LYS H 191 -87.46 51.78 11.10
N ASP H 192 -87.57 52.99 11.64
CA ASP H 192 -88.42 54.00 11.01
C ASP H 192 -87.83 54.45 9.67
N ASP H 193 -86.51 54.71 9.65
CA ASP H 193 -85.87 55.14 8.41
C ASP H 193 -85.96 54.07 7.34
N GLN H 194 -85.76 52.81 7.72
CA GLN H 194 -85.92 51.72 6.77
C GLN H 194 -87.36 51.65 6.29
N LYS H 195 -88.32 51.81 7.21
CA LYS H 195 -89.74 51.73 6.86
C LYS H 195 -90.14 52.84 5.89
N VAL H 196 -89.57 54.04 6.05
CA VAL H 196 -89.96 55.16 5.20
C VAL H 196 -89.18 55.23 3.91
N ILE H 197 -88.24 54.30 3.68
CA ILE H 197 -87.48 54.28 2.44
C ILE H 197 -87.94 53.17 1.51
N ASP H 198 -88.65 52.16 2.03
CA ASP H 198 -89.16 51.13 1.13
C ASP H 198 -90.43 51.60 0.45
N ALA H 199 -91.40 52.11 1.22
CA ALA H 199 -92.67 52.54 0.65
C ALA H 199 -92.48 53.59 -0.43
N GLU H 200 -91.37 54.32 -0.40
CA GLU H 200 -90.96 55.19 -1.50
C GLU H 200 -90.35 54.41 -2.65
N LEU H 201 -90.13 53.11 -2.50
CA LEU H 201 -89.43 52.32 -3.52
C LEU H 201 -90.21 51.09 -3.94
N ILE H 202 -91.14 50.59 -3.10
CA ILE H 202 -91.92 49.43 -3.49
C ILE H 202 -92.75 49.75 -4.73
N LYS H 203 -93.33 50.94 -4.78
CA LYS H 203 -94.19 51.30 -5.90
C LYS H 203 -93.43 51.30 -7.21
N ALA H 204 -92.23 51.90 -7.21
CA ALA H 204 -91.42 51.89 -8.42
C ALA H 204 -91.02 50.47 -8.80
N ILE H 205 -90.88 49.58 -7.82
CA ILE H 205 -90.67 48.17 -8.12
C ILE H 205 -91.92 47.55 -8.72
N ASP H 206 -93.10 47.92 -8.20
CA ASP H 206 -94.35 47.46 -8.78
C ASP H 206 -94.59 48.06 -10.16
N ALA H 207 -93.93 49.18 -10.50
CA ALA H 207 -94.12 49.79 -11.80
C ALA H 207 -93.67 48.85 -12.92
N VAL H 208 -92.55 48.18 -12.74
CA VAL H 208 -92.03 47.24 -13.74
C VAL H 208 -92.63 45.86 -13.46
N PRO H 209 -93.22 45.21 -14.46
CA PRO H 209 -93.76 43.87 -14.24
C PRO H 209 -92.67 42.90 -13.83
N ASP H 210 -93.02 42.00 -12.92
CA ASP H 210 -92.18 40.90 -12.42
C ASP H 210 -90.94 41.36 -11.67
N LEU H 211 -90.72 42.67 -11.51
CA LEU H 211 -89.54 43.14 -10.80
C LEU H 211 -89.61 42.82 -9.32
N LYS H 212 -90.82 42.70 -8.76
CA LYS H 212 -90.95 42.38 -7.35
C LYS H 212 -90.48 40.96 -7.05
N ASN H 213 -90.96 39.99 -7.83
CA ASN H 213 -90.52 38.62 -7.64
C ASN H 213 -89.07 38.42 -8.03
N TYR H 214 -88.55 39.28 -8.91
CA TYR H 214 -87.13 39.22 -9.24
C TYR H 214 -86.27 39.65 -8.07
N LEU H 215 -86.63 40.77 -7.43
CA LEU H 215 -85.87 41.27 -6.29
C LEU H 215 -86.02 40.37 -5.06
N GLY H 216 -87.09 39.59 -4.98
CA GLY H 216 -87.29 38.70 -3.86
C GLY H 216 -86.70 37.32 -4.01
N ALA H 217 -85.95 37.09 -5.08
CA ALA H 217 -85.29 35.81 -5.33
C ALA H 217 -83.78 35.99 -5.29
N ARG H 218 -83.08 34.95 -4.88
CA ARG H 218 -81.62 34.98 -4.81
C ARG H 218 -81.03 34.46 -6.11
N PHE H 219 -79.94 35.07 -6.53
CA PHE H 219 -79.19 34.59 -7.70
C PHE H 219 -78.37 33.37 -7.31
N SER H 220 -78.33 32.39 -8.21
CA SER H 220 -77.52 31.21 -8.00
C SER H 220 -77.05 30.69 -9.35
N LEU H 221 -75.90 30.03 -9.35
CA LEU H 221 -75.41 29.32 -10.52
C LEU H 221 -75.91 27.88 -10.47
N ARG H 222 -76.28 27.35 -11.63
CA ARG H 222 -76.80 26.00 -11.75
C ARG H 222 -75.92 25.22 -12.72
N ASP H 223 -76.32 23.98 -12.99
CA ASP H 223 -75.49 23.09 -13.80
C ASP H 223 -75.31 23.66 -15.20
N GLY H 224 -74.06 23.73 -15.64
CA GLY H 224 -73.73 24.24 -16.95
C GLY H 224 -73.64 25.74 -17.06
N ASP H 225 -73.69 26.46 -15.95
CA ASP H 225 -73.66 27.92 -15.97
C ASP H 225 -72.22 28.40 -15.97
N LYS H 226 -71.88 29.24 -16.95
CA LYS H 226 -70.55 29.82 -17.06
C LYS H 226 -70.62 31.31 -16.74
N PRO H 227 -70.14 31.75 -15.58
CA PRO H 227 -70.25 33.17 -15.23
C PRO H 227 -69.55 34.10 -16.20
N HIS H 228 -68.56 33.60 -16.93
CA HIS H 228 -67.81 34.44 -17.86
C HIS H 228 -68.49 34.56 -19.22
N GLU H 229 -69.63 33.89 -19.42
CA GLU H 229 -70.43 34.05 -20.62
C GLU H 229 -71.75 34.77 -20.38
N MET H 230 -72.26 34.75 -19.15
CA MET H 230 -73.54 35.38 -18.87
C MET H 230 -73.45 36.88 -19.04
N THR H 231 -74.51 37.48 -19.59
CA THR H 231 -74.49 38.88 -19.97
C THR H 231 -74.35 39.80 -18.76
N PHE H 232 -75.13 39.55 -17.72
CA PHE H 232 -75.14 40.38 -16.51
C PHE H 232 -73.75 40.71 -15.97
N PRO I 11 -16.95 83.62 22.91
CA PRO I 11 -15.84 82.74 22.52
C PRO I 11 -15.39 82.97 21.09
N GLU I 12 -14.12 83.34 20.90
CA GLU I 12 -13.61 83.54 19.56
C GLU I 12 -13.64 82.26 18.75
N LYS I 13 -13.53 81.10 19.41
CA LYS I 13 -13.64 79.83 18.71
C LYS I 13 -15.04 79.68 18.12
N VAL I 14 -16.07 80.04 18.88
CA VAL I 14 -17.43 79.98 18.37
C VAL I 14 -17.63 81.01 17.26
N ILE I 15 -17.15 82.23 17.47
CA ILE I 15 -17.44 83.34 16.57
C ILE I 15 -16.88 83.08 15.17
N LEU I 16 -15.66 82.52 15.09
CA LEU I 16 -15.09 82.21 13.79
C LEU I 16 -15.95 81.22 13.03
N LYS I 17 -16.43 80.19 13.72
CA LYS I 17 -17.26 79.19 13.06
C LYS I 17 -18.57 79.79 12.56
N ARG I 18 -19.19 80.67 13.35
CA ARG I 18 -20.44 81.29 12.93
C ARG I 18 -20.22 82.20 11.72
N ARG I 19 -19.12 82.95 11.70
CA ARG I 19 -18.87 83.83 10.56
C ARG I 19 -18.76 83.05 9.27
N ARG I 20 -18.09 81.90 9.31
CA ARG I 20 -17.82 81.16 8.08
C ARG I 20 -18.99 80.30 7.62
N GLU I 21 -19.90 79.92 8.53
CA GLU I 21 -21.06 79.16 8.08
C GLU I 21 -22.06 80.08 7.40
N GLU I 22 -22.12 81.34 7.83
CA GLU I 22 -22.94 82.32 7.12
C GLU I 22 -22.29 82.71 5.79
N VAL I 23 -20.98 82.90 5.79
CA VAL I 23 -20.28 83.32 4.58
C VAL I 23 -20.43 82.28 3.48
N TRP I 24 -20.26 81.00 3.83
CA TRP I 24 -20.46 79.93 2.86
C TRP I 24 -21.92 79.86 2.41
N ALA I 25 -22.85 80.03 3.36
CA ALA I 25 -24.27 79.94 3.02
C ALA I 25 -24.68 81.03 2.06
N ALA I 26 -24.14 82.25 2.24
CA ALA I 26 -24.39 83.31 1.28
C ALA I 26 -23.85 82.95 -0.09
N GLU I 27 -22.64 82.38 -0.14
CA GLU I 27 -22.08 81.95 -1.41
C GLU I 27 -22.80 80.73 -1.97
N LYS I 28 -23.52 79.99 -1.11
CA LYS I 28 -24.37 78.92 -1.61
C LYS I 28 -25.64 79.48 -2.24
N LYS I 29 -26.17 80.57 -1.68
CA LYS I 29 -27.34 81.23 -2.26
C LYS I 29 -27.03 81.77 -3.65
N GLN I 30 -25.84 82.33 -3.83
CA GLN I 30 -25.45 82.86 -5.13
C GLN I 30 -25.38 81.74 -6.17
N LYS I 31 -24.86 80.57 -5.77
CA LYS I 31 -24.72 79.47 -6.72
C LYS I 31 -26.08 79.00 -7.22
N VAL I 32 -27.06 78.87 -6.32
CA VAL I 32 -28.39 78.44 -6.75
C VAL I 32 -29.13 79.58 -7.45
N ALA I 33 -28.95 80.82 -7.00
CA ALA I 33 -29.56 81.95 -7.70
C ALA I 33 -29.02 82.06 -9.11
N ALA I 34 -27.71 81.88 -9.29
CA ALA I 34 -27.15 81.81 -10.63
C ALA I 34 -27.65 80.57 -11.37
N GLU I 35 -27.97 79.50 -10.62
CA GLU I 35 -28.39 78.26 -11.25
C GLU I 35 -29.81 78.33 -11.78
N LYS I 36 -30.69 79.08 -11.10
CA LYS I 36 -32.06 79.21 -11.58
C LYS I 36 -32.10 79.85 -12.96
N ILE I 37 -31.29 80.89 -13.15
CA ILE I 37 -31.22 81.56 -14.46
C ILE I 37 -30.69 80.59 -15.51
N LYS I 38 -29.65 79.83 -15.18
CA LYS I 38 -29.11 78.86 -16.13
C LYS I 38 -30.12 77.76 -16.43
N ALA I 39 -30.78 77.22 -15.40
CA ALA I 39 -31.70 76.12 -15.61
C ALA I 39 -32.90 76.54 -16.45
N ALA I 40 -33.42 77.74 -16.22
CA ALA I 40 -34.54 78.23 -17.01
C ALA I 40 -34.16 78.41 -18.47
N GLU I 41 -32.97 79.00 -18.71
CA GLU I 41 -32.53 79.24 -20.09
C GLU I 41 -32.35 77.93 -20.85
N ASN I 42 -31.74 76.93 -20.20
CA ASN I 42 -31.52 75.65 -20.88
C ASN I 42 -32.82 74.88 -21.07
N THR I 43 -33.85 75.20 -20.27
CA THR I 43 -35.13 74.53 -20.43
C THR I 43 -35.74 74.80 -21.80
N LYS I 44 -35.49 76.00 -22.35
CA LYS I 44 -36.04 76.36 -23.65
C LYS I 44 -35.02 76.29 -24.77
N VAL I 45 -33.73 76.26 -24.46
CA VAL I 45 -32.72 75.99 -25.49
C VAL I 45 -32.89 74.57 -26.03
N ILE I 46 -33.11 73.61 -25.12
CA ILE I 46 -33.30 72.23 -25.56
C ILE I 46 -34.69 72.04 -26.12
N TYR I 47 -35.64 72.90 -25.72
CA TYR I 47 -36.95 72.90 -26.34
C TYR I 47 -36.85 73.27 -27.81
N ALA I 48 -36.09 74.32 -28.12
CA ALA I 48 -35.93 74.75 -29.50
C ALA I 48 -35.23 73.69 -30.33
N ARG I 49 -34.19 73.07 -29.77
CA ARG I 49 -33.45 72.04 -30.49
C ARG I 49 -34.32 70.81 -30.72
N ALA I 50 -35.12 70.44 -29.72
CA ALA I 50 -36.01 69.29 -29.88
C ALA I 50 -37.05 69.54 -30.96
N GLU I 51 -37.53 70.79 -31.06
CA GLU I 51 -38.40 71.15 -32.18
C GLU I 51 -37.66 71.04 -33.51
N GLN I 52 -36.40 71.49 -33.54
CA GLN I 52 -35.62 71.45 -34.76
C GLN I 52 -35.35 70.02 -35.22
N TYR I 53 -35.00 69.13 -34.28
CA TYR I 53 -34.76 67.75 -34.62
C TYR I 53 -36.04 67.06 -35.10
N ALA I 54 -37.15 67.30 -34.41
CA ALA I 54 -38.40 66.63 -34.76
C ALA I 54 -38.84 66.99 -36.17
N GLY I 55 -38.69 68.26 -36.54
CA GLY I 55 -38.99 68.67 -37.90
C GLY I 55 -37.94 68.28 -38.91
N GLU I 56 -36.77 67.82 -38.44
CA GLU I 56 -35.74 67.36 -39.35
C GLU I 56 -35.88 65.89 -39.68
N TYR I 57 -36.46 65.11 -38.78
CA TYR I 57 -36.79 63.72 -39.11
C TYR I 57 -37.78 63.66 -40.27
N GLU I 58 -38.82 64.47 -40.21
CA GLU I 58 -39.60 64.76 -41.40
C GLU I 58 -38.83 65.75 -42.28
N ALA I 59 -39.22 65.83 -43.55
CA ALA I 59 -38.48 66.49 -44.63
C ALA I 59 -37.20 65.73 -44.96
N GLN I 60 -36.87 64.68 -44.21
CA GLN I 60 -35.86 63.72 -44.61
C GLN I 60 -36.49 62.43 -45.09
N ASP I 61 -37.47 61.92 -44.35
CA ASP I 61 -38.32 60.85 -44.85
C ASP I 61 -39.12 61.32 -46.07
N LYS I 62 -39.67 62.53 -45.99
CA LYS I 62 -40.48 63.05 -47.08
C LYS I 62 -39.63 63.30 -48.33
N GLU I 63 -38.42 63.84 -48.16
CA GLU I 63 -37.57 64.13 -49.30
C GLU I 63 -37.20 62.86 -50.05
N LEU I 64 -36.93 61.77 -49.32
CA LEU I 64 -36.65 60.51 -49.97
C LEU I 64 -37.86 60.01 -50.76
N VAL I 65 -39.06 60.32 -50.30
CA VAL I 65 -40.27 59.96 -51.04
C VAL I 65 -40.37 60.79 -52.32
N GLN I 66 -39.97 62.06 -52.27
CA GLN I 66 -39.98 62.88 -53.47
C GLN I 66 -38.89 62.46 -54.45
N LEU I 67 -37.70 62.16 -53.93
CA LEU I 67 -36.59 61.80 -54.81
C LEU I 67 -36.89 60.51 -55.58
N LYS I 68 -37.43 59.51 -54.89
CA LYS I 68 -37.76 58.26 -55.55
C LYS I 68 -38.87 58.45 -56.57
N ARG I 69 -39.86 59.28 -56.26
CA ARG I 69 -40.94 59.53 -57.20
C ARG I 69 -40.43 60.23 -58.46
N GLU I 70 -39.54 61.22 -58.29
CA GLU I 70 -39.00 61.94 -59.43
C GLU I 70 -38.15 61.04 -60.32
N ALA I 71 -37.43 60.10 -59.73
CA ALA I 71 -36.65 59.15 -60.52
C ALA I 71 -37.55 58.29 -61.39
N ARG I 72 -38.66 57.81 -60.83
CA ARG I 72 -39.64 57.09 -61.64
C ARG I 72 -40.35 58.04 -62.60
N MET I 73 -40.47 59.32 -62.24
CA MET I 73 -41.15 60.27 -63.10
C MET I 73 -40.44 60.44 -64.44
N LYS I 74 -39.11 60.46 -64.42
CA LYS I 74 -38.33 60.51 -65.64
C LYS I 74 -37.80 59.15 -66.08
N GLY I 75 -38.25 58.06 -65.43
CA GLY I 75 -37.98 56.73 -65.92
C GLY I 75 -36.73 56.05 -65.40
N GLY I 76 -36.16 56.52 -64.30
CA GLY I 76 -34.94 55.91 -63.78
C GLY I 76 -35.09 55.30 -62.39
N PHE I 77 -33.97 54.99 -61.75
CA PHE I 77 -33.95 54.51 -60.37
C PHE I 77 -33.20 55.52 -59.52
N TYR I 78 -33.79 55.90 -58.40
CA TYR I 78 -33.06 56.58 -57.35
C TYR I 78 -32.57 55.55 -56.34
N VAL I 79 -31.29 55.62 -56.00
CA VAL I 79 -30.68 54.70 -55.05
C VAL I 79 -30.66 55.38 -53.69
N SER I 80 -31.25 54.73 -52.69
CA SER I 80 -31.26 55.28 -51.35
C SER I 80 -29.85 55.27 -50.77
N PRO I 81 -29.50 56.27 -49.97
CA PRO I 81 -28.20 56.26 -49.30
C PRO I 81 -28.04 55.02 -48.42
N GLU I 82 -26.82 54.49 -48.42
CA GLU I 82 -26.52 53.31 -47.62
C GLU I 82 -26.63 53.64 -46.13
N ALA I 83 -26.99 52.62 -45.36
CA ALA I 83 -27.16 52.80 -43.92
C ALA I 83 -25.84 53.14 -43.25
N LYS I 84 -25.90 54.08 -42.31
CA LYS I 84 -24.72 54.49 -41.56
C LYS I 84 -24.70 53.97 -40.14
N LEU I 85 -25.80 53.43 -39.64
CA LEU I 85 -25.94 53.05 -38.25
C LEU I 85 -26.39 51.60 -38.14
N LEU I 86 -25.83 50.89 -37.17
CA LEU I 86 -26.25 49.54 -36.85
C LEU I 86 -26.66 49.46 -35.39
N PHE I 87 -27.63 48.61 -35.10
CA PHE I 87 -27.85 48.12 -33.74
C PHE I 87 -27.51 46.64 -33.71
N VAL I 88 -26.59 46.28 -32.83
CA VAL I 88 -26.00 44.95 -32.78
C VAL I 88 -26.34 44.34 -31.43
N VAL I 89 -26.92 43.15 -31.43
CA VAL I 89 -27.27 42.46 -30.19
C VAL I 89 -26.69 41.05 -30.23
N ARG I 90 -26.01 40.66 -29.16
CA ARG I 90 -25.40 39.35 -29.05
C ARG I 90 -26.45 38.29 -28.72
N ILE I 91 -26.51 37.24 -29.54
CA ILE I 91 -27.55 36.23 -29.42
C ILE I 91 -27.03 34.90 -28.90
N ARG I 92 -25.71 34.74 -28.72
CA ARG I 92 -25.13 33.52 -28.18
C ARG I 92 -24.45 33.82 -26.85
N GLY I 93 -24.28 32.77 -26.06
CA GLY I 93 -23.68 32.88 -24.74
C GLY I 93 -22.17 32.88 -24.79
N ILE I 94 -21.58 32.82 -23.60
CA ILE I 94 -20.15 33.03 -23.42
C ILE I 94 -19.40 31.71 -23.19
N ASN I 95 -19.99 30.59 -23.59
CA ASN I 95 -19.36 29.29 -23.40
C ASN I 95 -18.71 28.82 -24.68
N ALA I 96 -17.51 28.24 -24.55
CA ALA I 96 -16.79 27.60 -25.65
C ALA I 96 -16.55 28.58 -26.80
N MET I 97 -15.77 29.61 -26.50
CA MET I 97 -15.54 30.71 -27.43
C MET I 97 -14.17 30.58 -28.09
N HIS I 98 -14.14 30.84 -29.40
CA HIS I 98 -12.86 30.97 -30.08
C HIS I 98 -12.18 32.26 -29.64
N PRO I 99 -10.86 32.26 -29.46
CA PRO I 99 -10.19 33.46 -28.96
C PRO I 99 -10.37 34.69 -29.84
N LYS I 100 -10.42 34.53 -31.15
CA LYS I 100 -10.64 35.69 -32.02
C LYS I 100 -12.06 36.23 -31.89
N THR I 101 -13.04 35.33 -31.78
CA THR I 101 -14.42 35.76 -31.55
C THR I 101 -14.56 36.43 -30.19
N LYS I 102 -13.87 35.91 -29.18
CA LYS I 102 -13.92 36.49 -27.84
C LYS I 102 -13.38 37.90 -27.83
N LYS I 103 -12.27 38.14 -28.55
CA LYS I 103 -11.66 39.46 -28.57
C LYS I 103 -12.55 40.48 -29.29
N ILE I 104 -13.10 40.11 -30.44
CA ILE I 104 -13.89 41.05 -31.22
C ILE I 104 -15.14 41.48 -30.47
N LEU I 105 -15.81 40.53 -29.81
CA LEU I 105 -17.02 40.86 -29.06
C LEU I 105 -16.70 41.70 -27.83
N GLN I 106 -15.44 41.72 -27.40
CA GLN I 106 -15.02 42.63 -26.34
C GLN I 106 -14.84 44.05 -26.87
N LEU I 107 -14.36 44.19 -28.11
CA LEU I 107 -14.18 45.52 -28.69
C LEU I 107 -15.51 46.13 -29.09
N LEU I 108 -16.53 45.30 -29.34
CA LEU I 108 -17.88 45.79 -29.57
C LEU I 108 -18.67 45.93 -28.28
N ARG I 109 -18.07 45.57 -27.14
CA ARG I 109 -18.68 45.65 -25.81
C ARG I 109 -19.84 44.68 -25.64
N LEU I 110 -19.87 43.61 -26.42
CA LEU I 110 -20.92 42.59 -26.32
C LEU I 110 -20.43 41.41 -25.48
N ARG I 111 -20.31 41.66 -24.19
CA ARG I 111 -19.74 40.66 -23.27
C ARG I 111 -20.78 39.75 -22.67
N GLN I 112 -22.06 39.97 -22.97
CA GLN I 112 -23.15 39.21 -22.37
C GLN I 112 -24.22 39.02 -23.42
N ILE I 113 -25.02 37.97 -23.25
CA ILE I 113 -26.08 37.70 -24.21
C ILE I 113 -27.19 38.72 -24.04
N PHE I 114 -27.81 39.10 -25.16
CA PHE I 114 -28.87 40.11 -25.23
C PHE I 114 -28.36 41.49 -24.80
N ASN I 115 -27.07 41.74 -24.97
CA ASN I 115 -26.54 43.08 -24.86
C ASN I 115 -26.59 43.74 -26.23
N GLY I 116 -26.81 45.04 -26.26
CA GLY I 116 -26.97 45.77 -27.50
C GLY I 116 -26.13 47.03 -27.55
N VAL I 117 -25.59 47.31 -28.74
CA VAL I 117 -24.77 48.50 -28.97
C VAL I 117 -25.15 49.12 -30.31
N PHE I 118 -24.72 50.37 -30.49
CA PHE I 118 -24.84 51.07 -31.76
C PHE I 118 -23.48 51.11 -32.44
N LEU I 119 -23.43 50.66 -33.70
CA LEU I 119 -22.20 50.65 -34.46
C LEU I 119 -22.35 51.54 -35.68
N LYS I 120 -21.41 52.44 -35.89
CA LYS I 120 -21.39 53.21 -37.11
C LYS I 120 -20.67 52.43 -38.20
N VAL I 121 -21.11 52.63 -39.44
CA VAL I 121 -20.74 51.75 -40.55
C VAL I 121 -19.50 52.28 -41.22
N ASN I 122 -18.50 51.42 -41.37
CA ASN I 122 -17.38 51.63 -42.27
C ASN I 122 -16.76 50.26 -42.55
N LYS I 123 -15.78 50.24 -43.45
CA LYS I 123 -15.17 48.97 -43.83
C LYS I 123 -14.49 48.30 -42.65
N ALA I 124 -13.90 49.10 -41.74
CA ALA I 124 -13.22 48.54 -40.59
C ALA I 124 -14.19 47.82 -39.66
N THR I 125 -15.35 48.41 -39.41
CA THR I 125 -16.30 47.79 -38.47
C THR I 125 -17.03 46.61 -39.11
N ILE I 126 -17.33 46.70 -40.41
CA ILE I 126 -18.12 45.67 -41.06
C ILE I 126 -17.35 44.35 -41.14
N ASN I 127 -16.05 44.41 -41.43
CA ASN I 127 -15.26 43.19 -41.47
C ASN I 127 -15.02 42.64 -40.07
N MET I 128 -15.04 43.50 -39.06
CA MET I 128 -15.08 43.01 -37.68
C MET I 128 -16.35 42.23 -37.41
N LEU I 129 -17.48 42.69 -37.95
CA LEU I 129 -18.76 42.04 -37.70
C LEU I 129 -18.87 40.71 -38.42
N ARG I 130 -18.25 40.60 -39.60
CA ARG I 130 -18.36 39.37 -40.38
C ARG I 130 -17.72 38.19 -39.68
N ARG I 131 -16.67 38.44 -38.90
CA ARG I 131 -15.99 37.36 -38.21
C ARG I 131 -16.78 36.85 -37.01
N VAL I 132 -17.65 37.67 -36.43
CA VAL I 132 -18.49 37.26 -35.33
C VAL I 132 -19.96 37.14 -35.76
N GLU I 133 -20.20 36.88 -37.04
CA GLU I 133 -21.56 36.74 -37.57
C GLU I 133 -22.40 35.68 -36.87
N PRO I 134 -21.90 34.47 -36.60
CA PRO I 134 -22.75 33.46 -35.93
C PRO I 134 -23.19 33.82 -34.53
N TYR I 135 -22.56 34.80 -33.89
CA TYR I 135 -22.85 35.13 -32.50
C TYR I 135 -23.77 36.32 -32.33
N VAL I 136 -24.26 36.89 -33.41
CA VAL I 136 -24.82 38.23 -33.32
C VAL I 136 -25.96 38.39 -34.32
N ALA I 137 -26.91 39.25 -33.96
CA ALA I 137 -27.97 39.69 -34.86
C ALA I 137 -27.92 41.21 -34.90
N TYR I 138 -28.02 41.79 -36.10
CA TYR I 138 -27.93 43.23 -36.25
C TYR I 138 -28.73 43.67 -37.45
N GLY I 139 -28.95 44.98 -37.53
CA GLY I 139 -29.66 45.58 -38.65
C GLY I 139 -29.61 47.09 -38.56
N TYR I 140 -30.46 47.73 -39.35
CA TYR I 140 -30.50 49.18 -39.42
C TYR I 140 -31.64 49.71 -38.57
N PRO I 141 -31.39 50.43 -37.49
CA PRO I 141 -32.48 50.91 -36.64
C PRO I 141 -33.12 52.17 -37.21
N ASN I 142 -34.36 52.41 -36.77
CA ASN I 142 -35.10 53.60 -37.11
C ASN I 142 -35.23 54.49 -35.88
N LEU I 143 -35.91 55.63 -36.05
CA LEU I 143 -35.99 56.61 -34.99
C LEU I 143 -36.72 56.06 -33.77
N LYS I 144 -37.80 55.31 -33.98
CA LYS I 144 -38.54 54.74 -32.87
C LYS I 144 -37.68 53.79 -32.04
N SER I 145 -36.82 53.00 -32.71
CA SER I 145 -35.93 52.09 -32.00
C SER I 145 -34.89 52.86 -31.21
N VAL I 146 -34.26 53.85 -31.82
CA VAL I 146 -33.21 54.63 -31.16
C VAL I 146 -33.77 55.36 -29.96
N ARG I 147 -34.94 55.99 -30.12
CA ARG I 147 -35.51 56.77 -29.03
C ARG I 147 -35.93 55.89 -27.86
N GLU I 148 -36.69 54.83 -28.16
CA GLU I 148 -37.20 53.98 -27.09
C GLU I 148 -36.07 53.26 -26.36
N LEU I 149 -35.03 52.85 -27.08
CA LEU I 149 -33.89 52.20 -26.45
C LEU I 149 -33.20 53.13 -25.46
N ILE I 150 -33.00 54.39 -25.86
CA ILE I 150 -32.25 55.32 -25.04
C ILE I 150 -33.11 55.87 -23.90
N TYR I 151 -34.43 55.95 -24.10
CA TYR I 151 -35.30 56.41 -23.02
C TYR I 151 -35.53 55.33 -21.98
N LYS I 152 -35.97 54.15 -22.42
CA LYS I 152 -36.33 53.08 -21.50
C LYS I 152 -35.11 52.40 -20.91
N ARG I 153 -34.01 52.30 -21.66
CA ARG I 153 -32.84 51.55 -21.22
C ARG I 153 -31.57 52.38 -21.34
N GLY I 154 -31.66 53.68 -21.10
CA GLY I 154 -30.50 54.55 -21.24
C GLY I 154 -29.69 54.65 -19.98
N TYR I 155 -28.41 54.33 -20.06
CA TYR I 155 -27.48 54.49 -18.95
C TYR I 155 -26.20 55.12 -19.47
N GLY I 156 -25.62 56.00 -18.67
CA GLY I 156 -24.39 56.68 -19.02
C GLY I 156 -23.20 56.10 -18.28
N LYS I 157 -22.02 56.54 -18.71
CA LYS I 157 -20.75 56.13 -18.12
C LYS I 157 -20.12 57.36 -17.48
N LEU I 158 -20.36 57.53 -16.18
CA LEU I 158 -19.82 58.64 -15.40
C LEU I 158 -18.86 58.07 -14.37
N ASN I 159 -17.57 58.38 -14.53
CA ASN I 159 -16.52 57.85 -13.65
C ASN I 159 -16.53 56.33 -13.66
N LYS I 160 -16.72 55.74 -14.84
CA LYS I 160 -16.77 54.29 -15.05
C LYS I 160 -17.94 53.64 -14.31
N GLN I 161 -18.99 54.40 -14.05
CA GLN I 161 -20.17 53.90 -13.36
C GLN I 161 -21.39 54.01 -14.25
N ARG I 162 -22.32 53.08 -14.08
CA ARG I 162 -23.52 52.96 -14.91
C ARG I 162 -24.61 53.80 -14.27
N ILE I 163 -24.89 54.97 -14.84
CA ILE I 163 -25.78 55.97 -14.26
C ILE I 163 -27.02 56.08 -15.13
N PRO I 164 -28.23 55.88 -14.58
CA PRO I 164 -29.43 56.02 -15.40
C PRO I 164 -29.63 57.46 -15.88
N LEU I 165 -30.05 57.60 -17.14
CA LEU I 165 -30.30 58.90 -17.73
C LEU I 165 -31.69 59.41 -17.31
N ALA I 166 -31.87 59.53 -16.00
CA ALA I 166 -33.14 59.97 -15.45
C ALA I 166 -33.38 61.45 -15.64
N ASN I 167 -32.31 62.25 -15.72
CA ASN I 167 -32.42 63.68 -15.95
C ASN I 167 -31.36 64.11 -16.95
N ASN I 168 -31.47 65.35 -17.41
CA ASN I 168 -30.55 65.89 -18.40
C ASN I 168 -29.20 66.28 -17.82
N LYS I 169 -29.11 66.46 -16.50
CA LYS I 169 -27.84 66.84 -15.90
C LYS I 169 -26.79 65.75 -16.07
N VAL I 170 -27.20 64.49 -16.09
CA VAL I 170 -26.28 63.39 -16.34
C VAL I 170 -25.66 63.51 -17.73
N ILE I 171 -26.49 63.77 -18.74
CA ILE I 171 -25.99 63.93 -20.10
C ILE I 171 -25.16 65.19 -20.22
N GLU I 172 -25.56 66.27 -19.55
CA GLU I 172 -24.77 67.49 -19.55
C GLU I 172 -23.40 67.27 -18.95
N GLU I 173 -23.35 66.63 -17.77
CA GLU I 173 -22.07 66.47 -17.10
C GLU I 173 -21.19 65.42 -17.78
N GLY I 174 -21.77 64.59 -18.65
CA GLY I 174 -20.99 63.66 -19.43
C GLY I 174 -20.56 64.21 -20.77
N LEU I 175 -21.50 64.72 -21.56
CA LEU I 175 -21.24 65.12 -22.94
C LEU I 175 -21.42 66.62 -23.16
N GLY I 176 -21.43 67.42 -22.10
CA GLY I 176 -21.61 68.85 -22.27
C GLY I 176 -20.47 69.52 -23.02
N LYS I 177 -19.25 69.04 -22.83
CA LYS I 177 -18.09 69.58 -23.54
C LYS I 177 -18.15 69.33 -25.03
N HIS I 178 -19.04 68.45 -25.49
CA HIS I 178 -19.23 68.19 -26.92
C HIS I 178 -20.53 68.78 -27.45
N ASN I 179 -21.17 69.66 -26.68
CA ASN I 179 -22.37 70.37 -27.12
C ASN I 179 -23.55 69.42 -27.30
N ILE I 180 -23.69 68.48 -26.37
CA ILE I 180 -24.83 67.57 -26.32
C ILE I 180 -25.42 67.76 -24.92
N ILE I 181 -26.60 68.39 -24.85
CA ILE I 181 -27.09 68.91 -23.58
C ILE I 181 -28.12 67.98 -22.96
N CYS I 182 -29.05 67.45 -23.75
CA CYS I 182 -30.16 66.70 -23.21
C CYS I 182 -30.36 65.42 -24.00
N ILE I 183 -31.44 64.70 -23.69
CA ILE I 183 -31.63 63.38 -24.25
C ILE I 183 -32.05 63.46 -25.71
N GLU I 184 -32.56 64.60 -26.16
CA GLU I 184 -32.89 64.76 -27.57
C GLU I 184 -31.64 64.95 -28.42
N ASP I 185 -30.66 65.71 -27.91
CA ASP I 185 -29.39 65.85 -28.62
C ASP I 185 -28.68 64.51 -28.71
N LEU I 186 -28.74 63.72 -27.65
CA LEU I 186 -28.14 62.39 -27.67
C LEU I 186 -28.81 61.51 -28.71
N VAL I 187 -30.14 61.55 -28.79
CA VAL I 187 -30.84 60.73 -29.77
C VAL I 187 -30.49 61.18 -31.18
N HIS I 188 -30.39 62.49 -31.40
CA HIS I 188 -30.08 63.00 -32.73
C HIS I 188 -28.66 62.61 -33.15
N GLU I 189 -27.72 62.61 -32.21
CA GLU I 189 -26.35 62.23 -32.54
C GLU I 189 -26.26 60.77 -32.94
N ILE I 190 -26.94 59.89 -32.21
CA ILE I 190 -26.90 58.47 -32.53
C ILE I 190 -27.58 58.21 -33.87
N LEU I 191 -28.81 58.72 -34.03
CA LEU I 191 -29.59 58.41 -35.22
C LEU I 191 -28.96 58.99 -36.48
N THR I 192 -28.51 60.24 -36.41
CA THR I 192 -27.77 60.88 -37.48
C THR I 192 -26.31 60.88 -37.06
N VAL I 193 -25.53 59.94 -37.58
CA VAL I 193 -24.19 59.67 -37.08
C VAL I 193 -23.35 60.91 -37.35
N GLY I 194 -23.04 61.65 -36.29
CA GLY I 194 -22.50 62.99 -36.43
C GLY I 194 -21.04 63.09 -36.03
N PRO I 195 -20.57 64.33 -35.87
CA PRO I 195 -19.15 64.55 -35.54
C PRO I 195 -18.75 64.00 -34.18
N HIS I 196 -19.69 63.74 -33.28
CA HIS I 196 -19.38 63.28 -31.93
C HIS I 196 -20.05 61.95 -31.62
N PHE I 197 -20.28 61.13 -32.64
CA PHE I 197 -20.88 59.83 -32.40
C PHE I 197 -20.00 58.97 -31.51
N LYS I 198 -18.68 59.03 -31.73
CA LYS I 198 -17.76 58.22 -30.93
C LYS I 198 -17.88 58.56 -29.45
N GLU I 199 -17.97 59.85 -29.13
CA GLU I 199 -18.08 60.27 -27.73
C GLU I 199 -19.45 59.95 -27.17
N ALA I 200 -20.49 60.15 -27.97
CA ALA I 200 -21.85 59.91 -27.51
C ALA I 200 -22.14 58.42 -27.35
N ASN I 201 -21.73 57.62 -28.33
CA ASN I 201 -22.00 56.19 -28.26
C ASN I 201 -21.23 55.53 -27.13
N ASN I 202 -19.94 55.85 -26.99
CA ASN I 202 -19.14 55.25 -25.93
C ASN I 202 -19.61 55.71 -24.55
N PHE I 203 -20.16 56.92 -24.47
CA PHE I 203 -20.76 57.37 -23.22
C PHE I 203 -21.94 56.50 -22.82
N LEU I 204 -22.62 55.90 -23.78
CA LEU I 204 -23.74 55.02 -23.50
C LEU I 204 -23.22 53.67 -23.02
N TRP I 205 -23.69 53.23 -21.86
CA TRP I 205 -23.41 51.87 -21.41
C TRP I 205 -24.15 50.88 -22.31
N PRO I 206 -23.56 49.72 -22.59
CA PRO I 206 -24.25 48.72 -23.40
C PRO I 206 -25.63 48.39 -22.85
N PHE I 207 -26.61 48.30 -23.75
CA PHE I 207 -27.99 48.09 -23.35
C PHE I 207 -28.23 46.66 -22.91
N LYS I 208 -28.91 46.50 -21.79
CA LYS I 208 -29.25 45.18 -21.25
C LYS I 208 -30.70 44.89 -21.64
N LEU I 209 -30.87 44.21 -22.77
CA LEU I 209 -32.19 43.86 -23.25
C LEU I 209 -32.67 42.56 -22.62
N LYS I 210 -33.99 42.46 -22.45
CA LYS I 210 -34.59 41.25 -21.91
C LYS I 210 -34.63 40.16 -22.97
N ALA I 211 -34.91 38.94 -22.52
CA ALA I 211 -35.13 37.86 -23.45
C ALA I 211 -36.30 38.21 -24.38
N PRO I 212 -36.20 37.91 -25.67
CA PRO I 212 -37.22 38.38 -26.61
C PRO I 212 -38.58 37.74 -26.34
N LEU I 213 -39.58 38.58 -26.14
CA LEU I 213 -40.95 38.10 -25.99
C LEU I 213 -41.41 37.44 -27.28
N GLY I 214 -41.94 36.23 -27.16
CA GLY I 214 -42.30 35.43 -28.30
C GLY I 214 -41.19 34.52 -28.81
N GLY I 215 -39.99 34.63 -28.27
CA GLY I 215 -38.91 33.74 -28.62
C GLY I 215 -38.15 34.13 -29.88
N LEU I 216 -37.34 33.18 -30.33
CA LEU I 216 -36.59 33.28 -31.57
C LEU I 216 -37.03 32.14 -32.50
N LYS I 217 -36.30 31.96 -33.60
CA LYS I 217 -36.57 30.87 -34.51
C LYS I 217 -35.47 29.81 -34.46
N LYS I 218 -34.23 30.17 -34.77
CA LYS I 218 -33.11 29.23 -34.74
C LYS I 218 -31.85 30.08 -34.57
N LYS I 219 -31.33 30.16 -33.35
CA LYS I 219 -30.15 30.98 -33.15
C LYS I 219 -28.91 30.39 -33.82
N ARG I 220 -28.96 29.12 -34.24
CA ARG I 220 -27.78 28.44 -34.75
C ARG I 220 -27.47 28.78 -36.21
N ASN I 221 -28.42 29.28 -36.98
CA ASN I 221 -28.12 29.63 -38.37
C ASN I 221 -28.52 31.06 -38.66
N HIS I 222 -28.30 31.46 -39.90
CA HIS I 222 -28.40 32.83 -40.36
C HIS I 222 -29.85 33.25 -40.56
N TYR I 223 -30.07 34.56 -40.64
CA TYR I 223 -31.40 35.10 -40.87
C TYR I 223 -31.94 34.70 -42.25
N VAL I 224 -31.08 34.65 -43.27
CA VAL I 224 -31.57 34.28 -44.59
C VAL I 224 -31.87 32.79 -44.69
N GLU I 225 -31.35 31.98 -43.78
CA GLU I 225 -31.70 30.56 -43.70
C GLU I 225 -32.94 30.32 -42.86
N GLY I 226 -33.58 31.37 -42.36
CA GLY I 226 -34.68 31.21 -41.44
C GLY I 226 -34.30 31.17 -39.98
N GLY I 227 -33.13 31.69 -39.63
CA GLY I 227 -32.67 31.72 -38.25
C GLY I 227 -32.58 33.11 -37.69
N ASP I 228 -31.55 33.37 -36.89
CA ASP I 228 -31.45 34.62 -36.15
C ASP I 228 -30.19 35.40 -36.41
N ALA I 229 -29.06 34.76 -36.69
CA ALA I 229 -27.80 35.46 -36.82
C ALA I 229 -27.72 36.21 -38.13
N GLY I 230 -26.94 37.30 -38.13
CA GLY I 230 -26.66 38.02 -39.35
C GLY I 230 -27.32 39.38 -39.45
N ASN I 231 -27.60 39.81 -40.67
CA ASN I 231 -28.15 41.13 -40.96
C ASN I 231 -29.59 40.98 -41.44
N ARG I 232 -30.54 41.64 -40.76
CA ARG I 232 -31.93 41.72 -41.20
C ARG I 232 -32.32 43.08 -41.73
N GLU I 233 -31.56 44.12 -41.42
CA GLU I 233 -31.55 45.42 -42.09
C GLU I 233 -32.77 46.29 -41.87
N ASN I 234 -33.90 45.70 -41.50
CA ASN I 234 -35.04 46.52 -41.11
C ASN I 234 -35.81 45.80 -40.02
N TYR I 235 -35.65 44.49 -40.00
CA TYR I 235 -36.35 43.65 -39.03
C TYR I 235 -35.64 43.61 -37.69
N ILE I 236 -34.51 44.31 -37.56
CA ILE I 236 -33.94 44.56 -36.24
C ILE I 236 -34.88 45.44 -35.43
N ASN I 237 -35.71 46.24 -36.11
CA ASN I 237 -36.67 47.07 -35.40
C ASN I 237 -37.80 46.22 -34.83
N GLN I 238 -38.22 45.19 -35.57
CA GLN I 238 -39.20 44.25 -35.02
C GLN I 238 -38.61 43.44 -33.87
N LEU I 239 -37.30 43.18 -33.90
CA LEU I 239 -36.66 42.46 -32.81
C LEU I 239 -36.45 43.35 -31.60
N VAL I 240 -36.21 44.64 -31.83
CA VAL I 240 -36.08 45.58 -30.72
C VAL I 240 -37.42 45.77 -30.00
N ARG I 241 -38.53 45.68 -30.75
CA ARG I 241 -39.84 45.81 -30.12
C ARG I 241 -40.05 44.79 -29.02
N ARG I 242 -39.59 43.56 -29.24
CA ARG I 242 -39.85 42.45 -28.34
C ARG I 242 -38.77 42.25 -27.29
N MET I 243 -37.60 42.87 -27.47
CA MET I 243 -36.52 42.77 -26.49
C MET I 243 -36.45 43.98 -25.58
N ASN I 244 -37.04 45.10 -25.97
CA ASN I 244 -37.01 46.31 -25.16
C ASN I 244 -38.18 46.33 -24.17
N ASN J 22 84.60 -72.12 60.37
CA ASN J 22 83.25 -72.67 60.41
C ASN J 22 82.81 -73.13 59.04
N PRO J 23 82.60 -74.44 58.87
CA PRO J 23 82.27 -74.97 57.54
C PRO J 23 80.94 -74.49 57.01
N LEU J 24 80.04 -74.01 57.86
CA LEU J 24 78.76 -73.49 57.39
C LEU J 24 78.93 -72.24 56.55
N PHE J 25 79.90 -71.40 56.88
CA PHE J 25 80.12 -70.17 56.14
C PHE J 25 80.68 -70.47 54.76
N GLU J 26 80.17 -69.76 53.74
CA GLU J 26 80.56 -70.01 52.38
C GLU J 26 80.32 -68.77 51.53
N LYS J 27 81.00 -68.72 50.38
CA LYS J 27 80.84 -67.63 49.44
C LYS J 27 79.66 -67.89 48.52
N ARG J 28 78.92 -66.83 48.20
CA ARG J 28 77.77 -66.91 47.30
C ARG J 28 77.88 -65.79 46.27
N PRO J 29 78.81 -65.93 45.33
CA PRO J 29 79.07 -64.83 44.39
C PRO J 29 77.94 -64.65 43.39
N LYS J 30 77.85 -63.42 42.88
CA LYS J 30 76.85 -63.06 41.89
C LYS J 30 77.54 -62.55 40.64
N GLN J 31 77.18 -63.09 39.49
CA GLN J 31 77.75 -62.68 38.21
C GLN J 31 76.85 -61.60 37.61
N PHE J 32 77.42 -60.42 37.39
CA PHE J 32 76.65 -59.24 37.00
C PHE J 32 76.71 -59.00 35.49
N GLY J 33 76.15 -59.93 34.74
CA GLY J 33 76.09 -59.80 33.30
C GLY J 33 74.88 -58.99 32.85
N ILE J 34 74.70 -58.94 31.53
CA ILE J 34 73.56 -58.24 30.97
C ILE J 34 72.26 -58.91 31.40
N GLY J 35 72.23 -60.24 31.36
CA GLY J 35 71.06 -60.95 31.86
C GLY J 35 71.38 -61.72 33.13
N GLY J 36 72.24 -61.16 33.96
CA GLY J 36 72.71 -61.79 35.17
C GLY J 36 71.98 -61.30 36.41
N ALA J 37 72.67 -61.37 37.54
CA ALA J 37 72.09 -60.93 38.80
C ALA J 37 71.80 -59.44 38.75
N LEU J 38 70.79 -59.02 39.51
CA LEU J 38 70.45 -57.61 39.55
C LEU J 38 71.60 -56.81 40.16
N PRO J 39 71.94 -55.66 39.59
CA PRO J 39 73.14 -54.96 40.04
C PRO J 39 72.92 -54.29 41.39
N PRO J 40 73.97 -54.07 42.16
CA PRO J 40 73.83 -53.29 43.40
C PRO J 40 73.65 -51.81 43.08
N LYS J 41 73.30 -51.06 44.12
CA LYS J 41 73.19 -49.61 43.99
C LYS J 41 74.53 -49.01 43.59
N LYS J 42 74.51 -48.22 42.52
CA LYS J 42 75.68 -47.48 42.05
C LYS J 42 75.49 -45.99 42.32
N ASP J 43 76.53 -45.22 42.03
CA ASP J 43 76.48 -43.78 42.29
C ASP J 43 75.44 -43.10 41.42
N LEU J 44 75.51 -43.32 40.10
CA LEU J 44 74.55 -42.76 39.14
C LEU J 44 74.47 -41.24 39.20
N HIS J 45 75.48 -40.58 39.76
CA HIS J 45 75.40 -39.14 39.97
C HIS J 45 75.35 -38.37 38.64
N ARG J 46 76.18 -38.74 37.68
CA ARG J 46 76.23 -37.97 36.45
C ARG J 46 75.00 -38.13 35.58
N PHE J 47 74.13 -39.10 35.87
CA PHE J 47 72.92 -39.33 35.09
C PHE J 47 71.68 -38.76 35.77
N VAL J 48 71.84 -37.98 36.83
CA VAL J 48 70.71 -37.46 37.59
C VAL J 48 70.04 -36.33 36.83
N LYS J 49 68.71 -36.32 36.82
CA LYS J 49 67.93 -35.24 36.21
C LYS J 49 67.67 -34.17 37.28
N TRP J 50 68.45 -33.11 37.23
CA TRP J 50 68.41 -32.07 38.24
C TRP J 50 67.24 -31.11 38.01
N PRO J 51 66.88 -30.32 39.03
CA PRO J 51 65.87 -29.28 38.83
C PRO J 51 66.31 -28.27 37.78
N LYS J 52 65.32 -27.59 37.19
CA LYS J 52 65.58 -26.68 36.09
C LYS J 52 66.58 -25.59 36.47
N VAL J 53 66.62 -25.19 37.75
CA VAL J 53 67.55 -24.16 38.18
C VAL J 53 68.99 -24.67 38.12
N VAL J 54 69.20 -25.94 38.45
CA VAL J 54 70.54 -26.52 38.39
C VAL J 54 70.99 -26.69 36.95
N ARG J 55 70.07 -27.10 36.07
CA ARG J 55 70.41 -27.29 34.67
C ARG J 55 70.77 -25.97 34.00
N ILE J 56 70.06 -24.89 34.34
CA ILE J 56 70.30 -23.61 33.69
C ILE J 56 71.66 -23.04 34.09
N GLN J 57 72.05 -23.21 35.36
CA GLN J 57 73.34 -22.70 35.82
C GLN J 57 74.49 -23.53 35.28
N ARG J 58 74.29 -24.82 35.04
CA ARG J 58 75.34 -25.64 34.48
C ARG J 58 75.52 -25.40 32.99
N GLN J 59 74.42 -25.18 32.26
CA GLN J 59 74.52 -24.84 30.86
C GLN J 59 75.10 -23.45 30.65
N ARG J 60 74.86 -22.53 31.59
CA ARG J 60 75.43 -21.20 31.50
C ARG J 60 76.96 -21.25 31.56
N ARG J 61 77.49 -22.15 32.40
CA ARG J 61 78.94 -22.29 32.48
C ARG J 61 79.51 -22.89 31.19
N ILE J 62 78.78 -23.82 30.57
CA ILE J 62 79.27 -24.45 29.35
C ILE J 62 79.21 -23.47 28.18
N LEU J 63 78.13 -22.69 28.09
CA LEU J 63 78.00 -21.74 26.98
C LEU J 63 79.10 -20.70 27.00
N LYS J 64 79.45 -20.21 28.20
CA LYS J 64 80.54 -19.23 28.31
C LYS J 64 81.88 -19.85 27.91
N GLN J 65 82.03 -21.17 28.06
CA GLN J 65 83.26 -21.84 27.66
C GLN J 65 83.35 -21.95 26.14
N ARG J 66 82.24 -22.22 25.48
CA ARG J 66 82.24 -22.44 24.04
C ARG J 66 82.32 -21.14 23.25
N LEU J 67 81.72 -20.07 23.74
CA LEU J 67 81.62 -18.84 22.98
C LEU J 67 82.91 -18.03 23.08
N LYS J 68 83.32 -17.46 21.94
CA LYS J 68 84.50 -16.60 21.91
C LYS J 68 84.32 -15.41 22.83
N VAL J 69 85.20 -15.28 23.81
CA VAL J 69 85.11 -14.26 24.85
C VAL J 69 85.97 -13.07 24.44
N PRO J 70 85.41 -11.86 24.34
CA PRO J 70 86.23 -10.71 23.98
C PRO J 70 87.29 -10.45 25.03
N PRO J 71 88.42 -9.84 24.64
CA PRO J 71 89.54 -9.68 25.60
C PRO J 71 89.17 -8.93 26.87
N ALA J 72 88.33 -7.91 26.79
CA ALA J 72 87.96 -7.14 27.98
C ALA J 72 87.24 -7.98 29.02
N LEU J 73 86.61 -9.08 28.60
CA LEU J 73 86.01 -10.03 29.52
C LEU J 73 86.96 -11.16 29.87
N HIS J 74 87.76 -11.61 28.89
CA HIS J 74 88.69 -12.70 29.10
C HIS J 74 89.78 -12.33 30.11
N GLN J 75 90.02 -11.04 30.32
CA GLN J 75 91.06 -10.61 31.25
C GLN J 75 90.70 -10.90 32.71
N PHE J 76 89.42 -11.06 33.02
CA PHE J 76 89.04 -11.41 34.38
C PHE J 76 89.33 -12.87 34.69
N THR J 77 89.65 -13.66 33.67
CA THR J 77 90.08 -15.04 33.89
C THR J 77 91.45 -15.09 34.55
N ARG J 78 92.33 -14.15 34.21
CA ARG J 78 93.63 -14.07 34.85
C ARG J 78 93.54 -13.41 36.21
N THR J 79 93.69 -14.22 37.25
CA THR J 79 93.49 -13.82 38.63
C THR J 79 94.83 -13.82 39.35
N LEU J 80 94.88 -13.14 40.49
CA LEU J 80 96.07 -13.09 41.32
C LEU J 80 96.47 -14.49 41.77
N ASP J 81 97.77 -14.72 41.86
CA ASP J 81 98.29 -16.01 42.28
C ASP J 81 97.89 -16.32 43.72
N LYS J 82 97.82 -17.61 44.04
CA LYS J 82 97.38 -18.04 45.36
C LYS J 82 98.32 -17.55 46.45
N ASN J 83 99.63 -17.60 46.20
CA ASN J 83 100.58 -17.13 47.20
C ASN J 83 100.47 -15.61 47.39
N LEU J 84 100.37 -14.86 46.30
CA LEU J 84 100.19 -13.42 46.42
C LEU J 84 98.86 -13.08 47.05
N ALA J 85 97.79 -13.79 46.67
CA ALA J 85 96.47 -13.47 47.20
C ALA J 85 96.41 -13.67 48.71
N THR J 86 97.03 -14.72 49.22
CA THR J 86 97.01 -14.95 50.67
C THR J 86 97.90 -13.94 51.38
N ASN J 87 98.91 -13.41 50.69
CA ASN J 87 99.71 -12.34 51.28
C ASN J 87 98.92 -11.05 51.35
N LEU J 88 98.25 -10.68 50.26
CA LEU J 88 97.52 -9.42 50.22
C LEU J 88 96.35 -9.42 51.18
N PHE J 89 95.62 -10.54 51.26
CA PHE J 89 94.44 -10.58 52.12
C PHE J 89 94.82 -10.58 53.60
N LYS J 90 95.93 -11.24 53.96
CA LYS J 90 96.40 -11.17 55.34
C LYS J 90 96.86 -9.76 55.70
N MET J 91 97.21 -8.96 54.71
CA MET J 91 97.54 -7.56 54.96
C MET J 91 96.29 -6.68 54.90
N LEU J 92 95.32 -7.04 54.06
CA LEU J 92 94.07 -6.32 54.02
C LEU J 92 93.27 -6.50 55.31
N LEU J 93 93.50 -7.60 56.03
CA LEU J 93 92.84 -7.81 57.31
C LEU J 93 93.29 -6.80 58.37
N LYS J 94 94.50 -6.25 58.21
CA LYS J 94 94.99 -5.27 59.17
C LYS J 94 94.23 -3.96 59.10
N TYR J 95 93.66 -3.64 57.93
CA TYR J 95 93.00 -2.37 57.68
C TYR J 95 91.50 -2.51 57.53
N ARG J 96 90.93 -3.52 58.18
CA ARG J 96 89.48 -3.70 58.13
C ARG J 96 88.78 -2.50 58.76
N PRO J 97 87.67 -2.06 58.20
CA PRO J 97 86.86 -1.04 58.89
C PRO J 97 86.25 -1.60 60.16
N GLU J 98 85.91 -0.70 61.07
CA GLU J 98 85.32 -1.11 62.32
C GLU J 98 83.92 -1.68 62.11
N ASP J 99 83.57 -2.67 62.92
CA ASP J 99 82.23 -3.23 62.86
C ASP J 99 81.25 -2.31 63.59
N LYS J 100 79.98 -2.69 63.58
CA LYS J 100 78.95 -1.83 64.17
C LYS J 100 79.16 -1.64 65.67
N ALA J 101 79.54 -2.71 66.37
CA ALA J 101 79.78 -2.59 67.81
C ALA J 101 80.99 -1.73 68.11
N ALA J 102 82.06 -1.87 67.33
CA ALA J 102 83.26 -1.08 67.56
C ALA J 102 83.00 0.40 67.31
N LYS J 103 82.24 0.71 66.27
CA LYS J 103 81.87 2.10 66.00
C LYS J 103 81.04 2.67 67.13
N LYS J 104 80.13 1.87 67.68
CA LYS J 104 79.34 2.31 68.83
C LYS J 104 80.23 2.56 70.04
N GLU J 105 81.19 1.67 70.29
CA GLU J 105 82.09 1.84 71.42
C GLU J 105 82.96 3.08 71.26
N ARG J 106 83.44 3.34 70.04
CA ARG J 106 84.25 4.53 69.80
C ARG J 106 83.43 5.80 69.99
N LEU J 107 82.14 5.76 69.64
CA LEU J 107 81.27 6.90 69.89
C LEU J 107 81.13 7.16 71.38
N LEU J 108 80.96 6.10 72.17
CA LEU J 108 80.83 6.26 73.61
C LEU J 108 82.12 6.81 74.23
N LYS J 109 83.27 6.31 73.78
CA LYS J 109 84.53 6.77 74.34
C LYS J 109 84.76 8.24 74.09
N ARG J 110 84.41 8.72 72.89
CA ARG J 110 84.48 10.15 72.61
C ARG J 110 83.51 10.92 73.50
N ALA J 111 82.32 10.37 73.72
CA ALA J 111 81.33 11.04 74.55
C ALA J 111 81.78 11.15 76.00
N GLN J 112 82.63 10.24 76.47
CA GLN J 112 83.10 10.32 77.85
C GLN J 112 84.04 11.50 78.05
N ALA J 113 84.89 11.79 77.06
CA ALA J 113 85.70 13.00 77.14
C ALA J 113 84.83 14.25 77.15
N GLU J 114 83.80 14.27 76.32
CA GLU J 114 82.86 15.38 76.27
C GLU J 114 81.69 15.12 77.20
N ALA J 122 89.99 12.78 67.74
CA ALA J 122 90.64 11.48 67.80
C ALA J 122 91.89 11.44 66.94
N LYS J 123 91.90 10.51 65.98
CA LYS J 123 93.01 10.36 65.04
C LYS J 123 92.44 9.93 63.70
N LYS J 124 93.18 10.23 62.63
CA LYS J 124 92.75 9.83 61.31
C LYS J 124 93.00 8.34 61.12
N PRO J 125 91.97 7.54 60.85
CA PRO J 125 92.17 6.11 60.70
C PRO J 125 92.72 5.76 59.31
N ILE J 126 93.29 4.57 59.22
CA ILE J 126 93.78 4.02 57.97
C ILE J 126 93.05 2.70 57.75
N VAL J 127 92.05 2.70 56.87
CA VAL J 127 91.24 1.52 56.61
C VAL J 127 91.07 1.37 55.10
N VAL J 128 90.69 0.17 54.68
CA VAL J 128 90.38 -0.07 53.28
C VAL J 128 89.15 0.75 52.88
N LYS J 129 89.16 1.22 51.63
CA LYS J 129 88.01 1.90 51.05
C LYS J 129 87.31 0.95 50.10
N TYR J 130 85.98 1.04 50.07
CA TYR J 130 85.18 0.11 49.28
C TYR J 130 83.96 0.85 48.75
N GLY J 131 83.19 0.16 47.93
CA GLY J 131 82.10 0.77 47.20
C GLY J 131 82.54 1.25 45.84
N LEU J 132 81.85 0.78 44.79
CA LEU J 132 82.32 1.04 43.43
C LEU J 132 82.36 2.54 43.14
N ASN J 133 81.33 3.28 43.55
CA ASN J 133 81.31 4.72 43.31
C ASN J 133 82.45 5.42 44.04
N HIS J 134 82.72 5.01 45.27
CA HIS J 134 83.77 5.64 46.06
C HIS J 134 85.16 5.27 45.54
N VAL J 135 85.37 4.00 45.21
CA VAL J 135 86.66 3.58 44.68
C VAL J 135 86.93 4.24 43.33
N THR J 136 85.91 4.30 42.46
CA THR J 136 86.06 4.94 41.17
C THR J 136 86.43 6.41 41.33
N TYR J 137 85.82 7.09 42.31
CA TYR J 137 86.15 8.48 42.56
C TYR J 137 87.61 8.65 42.99
N LEU J 138 88.09 7.74 43.85
CA LEU J 138 89.47 7.86 44.34
C LEU J 138 90.47 7.68 43.22
N ILE J 139 90.21 6.75 42.29
CA ILE J 139 91.15 6.47 41.22
C ILE J 139 91.32 7.67 40.31
N GLU J 140 90.21 8.30 39.93
CA GLU J 140 90.30 9.48 39.08
C GLU J 140 90.91 10.66 39.82
N GLN J 141 90.82 10.68 41.15
CA GLN J 141 91.46 11.73 41.93
C GLN J 141 92.93 11.45 42.17
N SER J 142 93.44 10.30 41.71
CA SER J 142 94.84 9.92 41.86
C SER J 142 95.21 9.74 43.33
N LYS J 143 94.31 9.16 44.11
CA LYS J 143 94.58 8.83 45.51
C LYS J 143 94.64 7.33 45.77
N ALA J 144 94.24 6.51 44.82
CA ALA J 144 94.28 5.06 44.98
C ALA J 144 95.70 4.55 44.82
N GLN J 145 96.19 3.83 45.83
CA GLN J 145 97.50 3.20 45.75
C GLN J 145 97.44 1.74 45.34
N LEU J 146 96.31 1.08 45.58
CA LEU J 146 96.10 -0.29 45.14
C LEU J 146 94.60 -0.50 44.97
N VAL J 147 94.22 -1.16 43.88
CA VAL J 147 92.83 -1.49 43.60
C VAL J 147 92.71 -3.00 43.52
N VAL J 148 91.74 -3.55 44.24
CA VAL J 148 91.45 -4.98 44.22
C VAL J 148 90.05 -5.17 43.66
N ILE J 149 89.95 -5.93 42.58
CA ILE J 149 88.70 -6.11 41.84
C ILE J 149 88.28 -7.57 41.95
N ALA J 150 87.02 -7.80 42.29
CA ALA J 150 86.46 -9.15 42.29
C ALA J 150 86.25 -9.64 40.87
N HIS J 151 86.39 -10.95 40.67
CA HIS J 151 86.31 -11.55 39.35
C HIS J 151 84.90 -11.97 38.95
N ASP J 152 83.91 -11.87 39.84
CA ASP J 152 82.60 -12.46 39.62
C ASP J 152 81.48 -11.48 39.91
N VAL J 153 81.58 -10.26 39.40
CA VAL J 153 80.50 -9.30 39.49
C VAL J 153 79.45 -9.67 38.45
N ASP J 154 78.25 -10.05 38.92
CA ASP J 154 77.29 -10.69 38.02
C ASP J 154 76.87 -9.80 36.86
N PRO J 155 76.46 -8.54 37.07
CA PRO J 155 76.47 -7.62 35.94
C PRO J 155 77.91 -7.22 35.70
N ILE J 156 78.54 -7.83 34.68
CA ILE J 156 79.98 -7.69 34.52
C ILE J 156 80.33 -6.31 34.00
N GLU J 157 79.36 -5.58 33.44
CA GLU J 157 79.56 -4.22 32.96
C GLU J 157 79.80 -3.24 34.08
N LEU J 158 79.64 -3.66 35.33
CA LEU J 158 79.94 -2.78 36.46
C LEU J 158 81.44 -2.54 36.60
N VAL J 159 82.26 -3.54 36.30
CA VAL J 159 83.69 -3.46 36.58
C VAL J 159 84.53 -3.84 35.37
N VAL J 160 83.90 -4.04 34.22
CA VAL J 160 84.63 -4.50 33.03
C VAL J 160 85.59 -3.43 32.53
N TRP J 161 85.26 -2.16 32.75
CA TRP J 161 86.11 -1.04 32.36
C TRP J 161 87.13 -0.67 33.42
N LEU J 162 87.06 -1.29 34.61
CA LEU J 162 87.90 -0.84 35.71
C LEU J 162 89.38 -1.07 35.46
N PRO J 163 89.84 -2.23 34.97
CA PRO J 163 91.28 -2.36 34.68
C PRO J 163 91.81 -1.34 33.69
N ALA J 164 90.97 -0.90 32.75
CA ALA J 164 91.41 0.13 31.80
C ALA J 164 91.57 1.47 32.48
N LEU J 165 90.67 1.81 33.40
CA LEU J 165 90.76 3.09 34.10
C LEU J 165 91.96 3.11 35.04
N CYS J 166 92.19 2.02 35.77
CA CYS J 166 93.33 1.96 36.67
C CYS J 166 94.65 2.01 35.91
N ARG J 167 94.72 1.33 34.77
CA ARG J 167 95.93 1.36 33.96
C ARG J 167 96.14 2.75 33.35
N LYS J 168 95.06 3.42 32.94
CA LYS J 168 95.16 4.76 32.39
C LYS J 168 95.63 5.76 33.43
N MET J 169 95.20 5.61 34.68
CA MET J 169 95.59 6.50 35.75
C MET J 169 96.86 6.07 36.46
N GLU J 170 97.53 5.01 35.98
CA GLU J 170 98.82 4.56 36.49
C GLU J 170 98.71 3.98 37.90
N VAL J 171 97.61 3.29 38.17
CA VAL J 171 97.28 2.78 39.50
C VAL J 171 97.47 1.27 39.50
N PRO J 172 98.24 0.70 40.42
CA PRO J 172 98.35 -0.75 40.50
C PRO J 172 97.00 -1.38 40.85
N TYR J 173 96.65 -2.44 40.13
CA TYR J 173 95.39 -3.12 40.36
C TYR J 173 95.61 -4.61 40.14
N CYS J 174 94.68 -5.39 40.68
CA CYS J 174 94.69 -6.84 40.49
C CYS J 174 93.24 -7.31 40.46
N ILE J 175 93.06 -8.52 39.96
CA ILE J 175 91.76 -9.19 39.99
C ILE J 175 91.92 -10.44 40.85
N VAL J 176 91.09 -10.54 41.88
CA VAL J 176 91.17 -11.66 42.81
C VAL J 176 89.85 -12.40 42.80
N LYS J 177 89.90 -13.67 43.21
CA LYS J 177 88.73 -14.52 43.20
C LYS J 177 87.88 -14.25 44.43
N GLY J 178 86.61 -13.96 44.22
CA GLY J 178 85.67 -13.84 45.30
C GLY J 178 85.22 -12.44 45.64
N LYS J 179 84.03 -12.05 45.20
CA LYS J 179 83.41 -10.85 45.73
C LYS J 179 82.98 -11.05 47.18
N SER J 180 82.56 -12.27 47.53
CA SER J 180 82.17 -12.55 48.91
C SER J 180 83.37 -12.50 49.85
N ARG J 181 84.56 -12.81 49.34
CA ARG J 181 85.76 -12.67 50.14
C ARG J 181 86.09 -11.20 50.37
N LEU J 182 85.94 -10.36 49.35
CA LEU J 182 86.13 -8.92 49.53
C LEU J 182 85.07 -8.35 50.45
N GLY J 183 83.85 -8.86 50.36
CA GLY J 183 82.79 -8.39 51.24
C GLY J 183 83.03 -8.69 52.69
N SER J 184 83.67 -9.83 52.98
CA SER J 184 83.93 -10.20 54.37
C SER J 184 84.88 -9.22 55.04
N ILE J 185 85.84 -8.68 54.30
CA ILE J 185 86.81 -7.75 54.88
C ILE J 185 86.13 -6.49 55.38
N VAL J 186 85.13 -6.00 54.63
CA VAL J 186 84.46 -4.77 54.98
C VAL J 186 83.14 -5.04 55.71
N HIS J 187 82.98 -6.22 56.30
CA HIS J 187 81.81 -6.60 57.09
C HIS J 187 80.53 -6.49 56.28
N LYS J 188 80.62 -6.78 54.98
CA LYS J 188 79.45 -6.80 54.10
C LYS J 188 79.41 -8.14 53.38
N LYS J 189 78.58 -8.23 52.37
CA LYS J 189 78.64 -9.34 51.41
C LYS J 189 78.87 -8.74 50.03
N THR J 190 79.83 -9.30 49.29
CA THR J 190 80.09 -8.92 47.90
C THR J 190 80.45 -7.43 47.79
N ALA J 191 81.62 -7.10 48.32
CA ALA J 191 82.14 -5.74 48.19
C ALA J 191 82.38 -5.37 46.74
N SER J 192 82.95 -6.29 45.95
CA SER J 192 83.15 -6.17 44.51
C SER J 192 84.27 -5.22 44.07
N VAL J 193 84.81 -4.41 44.98
CA VAL J 193 86.04 -3.67 44.72
C VAL J 193 86.56 -3.09 46.04
N LEU J 194 87.88 -3.15 46.22
CA LEU J 194 88.53 -2.59 47.40
C LEU J 194 89.66 -1.67 46.94
N CYS J 195 89.90 -0.63 47.73
CA CYS J 195 90.93 0.36 47.42
C CYS J 195 91.76 0.63 48.66
N LEU J 196 93.08 0.68 48.49
CA LEU J 196 94.00 1.12 49.52
C LEU J 196 94.60 2.46 49.10
N THR J 197 94.39 3.49 49.90
CA THR J 197 95.00 4.78 49.65
C THR J 197 96.22 5.03 50.52
N THR J 198 96.17 4.63 51.79
CA THR J 198 97.26 4.83 52.72
C THR J 198 97.59 3.51 53.42
N VAL J 199 98.86 3.35 53.76
CA VAL J 199 99.32 2.20 54.53
C VAL J 199 100.13 2.71 55.71
N LYS J 200 100.19 1.90 56.76
CA LYS J 200 100.93 2.28 57.95
C LYS J 200 102.44 2.18 57.70
N ASN J 201 103.20 2.97 58.47
CA ASN J 201 104.64 2.97 58.31
C ASN J 201 105.25 1.63 58.69
N GLU J 202 104.58 0.87 59.56
CA GLU J 202 105.02 -0.47 59.87
C GLU J 202 104.86 -1.43 58.69
N ASP J 203 104.13 -1.04 57.65
CA ASP J 203 103.86 -1.89 56.50
C ASP J 203 104.40 -1.31 55.20
N LYS J 204 105.19 -0.24 55.25
CA LYS J 204 105.68 0.40 54.02
C LYS J 204 106.50 -0.57 53.19
N LEU J 205 107.37 -1.34 53.83
CA LEU J 205 108.21 -2.28 53.08
C LEU J 205 107.38 -3.45 52.56
N GLU J 206 106.50 -4.01 53.39
CA GLU J 206 105.67 -5.13 52.95
C GLU J 206 104.71 -4.69 51.86
N PHE J 207 104.11 -3.51 51.99
CA PHE J 207 103.19 -3.02 50.97
C PHE J 207 103.92 -2.76 49.66
N SER J 208 105.17 -2.30 49.73
CA SER J 208 105.93 -2.03 48.51
C SER J 208 106.30 -3.31 47.79
N LYS J 209 106.69 -4.35 48.53
CA LYS J 209 106.98 -5.63 47.90
C LYS J 209 105.74 -6.22 47.25
N ILE J 210 104.59 -6.11 47.93
CA ILE J 210 103.32 -6.52 47.33
C ILE J 210 103.05 -5.72 46.07
N LEU J 211 103.30 -4.41 46.13
CA LEU J 211 102.92 -3.52 45.04
C LEU J 211 103.65 -3.85 43.74
N GLU J 212 104.94 -4.19 43.83
CA GLU J 212 105.71 -4.41 42.61
C GLU J 212 105.28 -5.70 41.91
N ALA J 213 104.85 -6.70 42.67
CA ALA J 213 104.38 -7.94 42.04
C ALA J 213 103.05 -7.72 41.34
N ILE J 214 102.16 -6.96 41.97
CA ILE J 214 100.89 -6.63 41.35
C ILE J 214 101.10 -5.76 40.12
N LYS J 215 102.17 -4.96 40.10
CA LYS J 215 102.47 -4.15 38.92
C LYS J 215 103.05 -4.99 37.80
N ALA J 216 103.88 -5.99 38.13
CA ALA J 216 104.46 -6.84 37.10
C ALA J 216 103.38 -7.59 36.33
N ASN J 217 102.38 -8.10 37.03
CA ASN J 217 101.16 -8.57 36.40
C ASN J 217 100.19 -7.41 36.24
N PHE J 218 99.15 -7.63 35.45
CA PHE J 218 97.96 -6.80 35.45
C PHE J 218 98.16 -5.38 34.93
N ASN J 219 99.38 -4.86 34.92
CA ASN J 219 99.60 -3.48 34.53
C ASN J 219 100.58 -3.34 33.37
N ASP J 220 101.75 -3.97 33.48
CA ASP J 220 102.70 -3.95 32.39
C ASP J 220 102.26 -4.86 31.25
N LYS J 221 101.41 -5.84 31.54
CA LYS J 221 100.89 -6.74 30.52
C LYS J 221 99.58 -6.27 29.91
N PHE J 222 98.99 -5.19 30.43
CA PHE J 222 97.67 -4.76 29.98
C PHE J 222 97.60 -4.57 28.47
N ASP J 223 98.69 -4.08 27.87
CA ASP J 223 98.69 -3.84 26.43
C ASP J 223 98.63 -5.15 25.65
N GLU J 224 99.46 -6.13 26.03
CA GLU J 224 99.42 -7.42 25.36
C GLU J 224 98.14 -8.17 25.72
N VAL J 225 97.64 -7.96 26.93
CA VAL J 225 96.37 -8.56 27.36
C VAL J 225 95.21 -8.13 26.48
N ARG J 226 95.20 -6.88 26.03
CA ARG J 226 94.07 -6.32 25.30
C ARG J 226 93.84 -6.97 23.94
N LYS J 227 94.58 -8.03 23.62
CA LYS J 227 94.49 -8.68 22.33
C LYS J 227 94.20 -10.18 22.41
N LYS J 228 94.07 -10.74 23.61
CA LYS J 228 93.88 -12.17 23.78
C LYS J 228 92.39 -12.47 23.94
N TRP J 229 91.88 -13.37 23.11
CA TRP J 229 90.44 -13.67 23.12
C TRP J 229 90.12 -14.86 24.02
N GLY J 230 90.71 -16.02 23.73
CA GLY J 230 90.60 -17.18 24.59
C GLY J 230 89.22 -17.55 25.09
N GLY J 231 88.34 -18.01 24.21
CA GLY J 231 87.05 -18.50 24.66
C GLY J 231 86.46 -19.67 23.88
N GLY J 232 87.28 -20.44 23.19
CA GLY J 232 86.73 -21.45 22.30
C GLY J 232 86.99 -22.91 22.67
N VAL J 233 86.85 -23.24 23.96
CA VAL J 233 87.14 -24.59 24.43
C VAL J 233 85.91 -25.46 24.25
N MET J 234 86.09 -26.60 23.60
CA MET J 234 84.99 -27.53 23.35
C MET J 234 84.88 -28.55 24.47
N GLY J 235 83.88 -29.42 24.36
CA GLY J 235 83.67 -30.45 25.35
C GLY J 235 84.70 -31.55 25.23
N SER J 236 84.78 -32.37 26.28
CA SER J 236 85.74 -33.46 26.31
C SER J 236 85.47 -34.48 25.20
N LYS J 237 84.20 -34.83 24.98
CA LYS J 237 83.87 -35.76 23.93
C LYS J 237 84.15 -35.16 22.56
N SER J 238 83.85 -33.88 22.37
CA SER J 238 84.17 -33.22 21.11
C SER J 238 85.68 -33.14 20.90
N GLN J 239 86.43 -32.90 21.97
CA GLN J 239 87.89 -32.87 21.86
C GLN J 239 88.44 -34.23 21.50
N ALA J 240 87.91 -35.29 22.12
CA ALA J 240 88.44 -36.63 21.90
C ALA J 240 88.15 -37.11 20.47
N LYS J 241 87.01 -36.72 19.91
CA LYS J 241 86.66 -37.15 18.57
C LYS J 241 87.29 -36.29 17.48
N THR J 242 87.88 -35.15 17.83
CA THR J 242 88.69 -34.42 16.87
C THR J 242 90.14 -34.90 16.90
N LYS J 243 90.64 -35.27 18.08
CA LYS J 243 91.97 -35.85 18.18
C LYS J 243 92.06 -37.15 17.37
N ALA J 244 91.01 -37.96 17.40
CA ALA J 244 91.01 -39.18 16.59
C ALA J 244 91.03 -38.84 15.09
N ARG J 245 90.19 -37.90 14.67
CA ARG J 245 90.18 -37.50 13.27
C ARG J 245 91.52 -36.90 12.86
N GLU J 246 92.18 -36.19 13.78
CA GLU J 246 93.52 -35.69 13.50
C GLU J 246 94.54 -36.82 13.46
N ARG J 247 94.32 -37.88 14.24
CA ARG J 247 95.23 -39.02 14.21
C ARG J 247 95.00 -39.92 13.02
N LEU J 248 93.86 -39.79 12.34
CA LEU J 248 93.57 -40.56 11.13
C LEU J 248 94.16 -39.93 9.89
N ILE J 249 95.13 -39.03 10.05
CA ILE J 249 95.78 -38.38 8.92
C ILE J 249 97.28 -38.63 8.95
N MET K 1 -52.92 10.61 -58.68
CA MET K 1 -53.98 11.57 -58.44
C MET K 1 -55.34 10.90 -58.42
N LYS K 2 -56.26 11.47 -57.65
CA LYS K 2 -57.60 10.93 -57.49
C LYS K 2 -58.54 11.57 -58.51
N THR K 3 -59.23 10.74 -59.29
CA THR K 3 -60.25 11.25 -60.19
C THR K 3 -61.48 11.68 -59.39
N ILE K 4 -62.14 12.73 -59.85
CA ILE K 4 -63.29 13.26 -59.13
C ILE K 4 -64.38 12.19 -59.03
N LEU K 5 -64.72 11.58 -60.16
CA LEU K 5 -65.77 10.57 -60.21
C LEU K 5 -65.43 9.53 -61.25
N ALA K 6 -65.32 8.28 -60.82
CA ALA K 6 -65.25 7.13 -61.72
C ALA K 6 -66.52 6.32 -61.52
N SER K 7 -67.23 6.04 -62.61
CA SER K 7 -68.49 5.33 -62.51
C SER K 7 -68.58 4.27 -63.61
N GLU K 8 -69.26 3.18 -63.28
CA GLU K 8 -69.58 2.14 -64.24
C GLU K 8 -70.99 1.65 -63.94
N THR K 9 -71.79 1.50 -64.99
CA THR K 9 -73.18 1.07 -64.86
C THR K 9 -73.40 -0.21 -65.66
N MET K 10 -74.51 -0.88 -65.35
CA MET K 10 -74.80 -2.16 -65.97
C MET K 10 -76.31 -2.33 -66.10
N GLU K 11 -76.72 -3.29 -66.94
CA GLU K 11 -78.11 -3.57 -67.18
C GLU K 11 -78.63 -4.63 -66.20
N ILE K 12 -79.92 -4.58 -65.94
CA ILE K 12 -80.60 -5.56 -65.10
C ILE K 12 -81.84 -6.04 -65.85
N PRO K 13 -81.86 -7.29 -66.32
CA PRO K 13 -82.98 -7.74 -67.14
C PRO K 13 -84.24 -7.95 -66.32
N GLU K 14 -85.38 -7.94 -67.04
CA GLU K 14 -86.65 -8.25 -66.42
C GLU K 14 -86.67 -9.71 -65.95
N GLU K 15 -87.64 -10.03 -65.11
CA GLU K 15 -87.76 -11.28 -64.37
C GLU K 15 -86.70 -11.41 -63.28
N VAL K 16 -85.80 -10.44 -63.15
CA VAL K 16 -84.81 -10.40 -62.09
C VAL K 16 -85.03 -9.11 -61.30
N THR K 17 -85.19 -9.23 -59.99
CA THR K 17 -85.35 -8.08 -59.12
C THR K 17 -84.12 -7.94 -58.24
N VAL K 18 -83.46 -6.78 -58.30
CA VAL K 18 -82.25 -6.51 -57.56
C VAL K 18 -82.58 -5.52 -56.46
N LYS K 19 -82.07 -5.77 -55.26
CA LYS K 19 -82.35 -4.94 -54.10
C LYS K 19 -81.03 -4.51 -53.47
N VAL K 20 -80.89 -3.21 -53.22
CA VAL K 20 -79.70 -2.65 -52.58
C VAL K 20 -80.12 -2.03 -51.26
N SER K 21 -79.53 -2.51 -50.17
CA SER K 21 -79.81 -2.01 -48.83
C SER K 21 -78.48 -1.80 -48.10
N ALA K 22 -77.90 -0.61 -48.27
CA ALA K 22 -76.64 -0.25 -47.63
C ALA K 22 -75.57 -1.31 -47.89
N LYS K 23 -75.24 -1.46 -49.17
CA LYS K 23 -74.18 -2.32 -49.69
C LYS K 23 -74.50 -3.81 -49.59
N MET K 24 -75.72 -4.19 -49.26
CA MET K 24 -76.17 -5.58 -49.35
C MET K 24 -77.00 -5.73 -50.61
N ILE K 25 -76.56 -6.59 -51.52
CA ILE K 25 -77.24 -6.79 -52.80
C ILE K 25 -77.92 -8.14 -52.78
N SER K 26 -79.24 -8.13 -52.97
CA SER K 26 -80.03 -9.35 -53.11
C SER K 26 -80.56 -9.41 -54.54
N VAL K 27 -80.39 -10.56 -55.17
CA VAL K 27 -80.83 -10.78 -56.54
C VAL K 27 -81.77 -11.98 -56.54
N THR K 28 -82.97 -11.80 -57.08
CA THR K 28 -84.01 -12.82 -57.09
C THR K 28 -84.47 -13.08 -58.51
N GLY K 29 -84.53 -14.35 -58.88
CA GLY K 29 -84.98 -14.75 -60.19
C GLY K 29 -85.73 -16.07 -60.14
N PRO K 30 -85.96 -16.69 -61.30
CA PRO K 30 -86.66 -17.98 -61.31
C PRO K 30 -85.96 -19.06 -60.51
N ARG K 31 -84.63 -19.09 -60.51
CA ARG K 31 -83.89 -20.13 -59.82
C ARG K 31 -83.79 -19.90 -58.31
N GLY K 32 -84.13 -18.72 -57.82
CA GLY K 32 -84.07 -18.44 -56.41
C GLY K 32 -83.40 -17.11 -56.16
N THR K 33 -82.90 -16.94 -54.94
CA THR K 33 -82.29 -15.69 -54.51
C THR K 33 -80.81 -15.89 -54.22
N LEU K 34 -80.03 -14.86 -54.49
CA LEU K 34 -78.60 -14.81 -54.17
C LEU K 34 -78.29 -13.49 -53.49
N THR K 35 -77.33 -13.51 -52.58
CA THR K 35 -77.01 -12.35 -51.77
C THR K 35 -75.51 -12.20 -51.65
N ARG K 36 -75.02 -10.95 -51.76
CA ARG K 36 -73.62 -10.64 -51.58
C ARG K 36 -73.47 -9.40 -50.71
N ASN K 37 -72.66 -9.52 -49.66
CA ASN K 37 -72.31 -8.37 -48.85
C ASN K 37 -71.17 -7.62 -49.51
N PHE K 38 -71.28 -6.29 -49.54
CA PHE K 38 -70.27 -5.44 -50.16
C PHE K 38 -69.83 -4.32 -49.22
N LYS K 39 -70.10 -4.45 -47.92
CA LYS K 39 -69.75 -3.40 -46.97
C LYS K 39 -68.26 -3.16 -46.89
N HIS K 40 -67.44 -4.13 -47.33
CA HIS K 40 -66.00 -3.91 -47.37
C HIS K 40 -65.63 -2.91 -48.46
N LEU K 41 -66.37 -2.91 -49.58
CA LEU K 41 -66.17 -1.90 -50.60
C LEU K 41 -66.67 -0.55 -50.11
N ASN K 42 -66.07 0.52 -50.66
CA ASN K 42 -66.39 1.86 -50.20
C ASN K 42 -66.97 2.70 -51.32
N LEU K 43 -67.93 2.15 -52.05
CA LEU K 43 -68.62 2.82 -53.15
C LEU K 43 -70.10 2.97 -52.78
N ASP K 44 -70.86 3.57 -53.69
CA ASP K 44 -72.30 3.70 -53.51
C ASP K 44 -73.02 3.08 -54.69
N PHE K 45 -74.05 2.29 -54.39
CA PHE K 45 -74.81 1.56 -55.39
C PHE K 45 -76.19 2.20 -55.56
N GLN K 46 -76.50 2.61 -56.78
CA GLN K 46 -77.75 3.33 -57.06
C GLN K 46 -78.45 2.68 -58.25
N LEU K 47 -79.73 2.37 -58.08
CA LEU K 47 -80.45 1.60 -59.10
C LEU K 47 -80.76 2.44 -60.33
N GLN K 48 -81.13 3.70 -60.16
CA GLN K 48 -81.24 4.72 -61.21
C GLN K 48 -82.16 4.34 -62.36
N GLU K 49 -83.02 3.34 -62.18
CA GLU K 49 -84.04 3.04 -63.18
C GLU K 49 -85.25 2.47 -62.44
N GLY K 50 -86.15 1.84 -63.18
CA GLY K 50 -87.19 1.07 -62.54
C GLY K 50 -86.68 -0.29 -62.12
N GLY K 51 -85.49 -0.31 -61.53
CA GLY K 51 -84.82 -1.55 -61.22
C GLY K 51 -84.20 -2.25 -62.40
N ARG K 52 -83.96 -1.53 -63.50
CA ARG K 52 -83.38 -2.11 -64.70
C ARG K 52 -82.01 -1.53 -65.03
N LYS K 53 -81.35 -0.89 -64.08
CA LYS K 53 -79.97 -0.46 -64.21
C LYS K 53 -79.33 -0.50 -62.83
N LEU K 54 -78.01 -0.39 -62.79
CA LEU K 54 -77.30 -0.32 -61.51
C LEU K 54 -75.99 0.40 -61.75
N LYS K 55 -75.83 1.56 -61.13
CA LYS K 55 -74.65 2.39 -61.31
C LYS K 55 -73.84 2.42 -60.01
N VAL K 56 -72.55 2.09 -60.12
CA VAL K 56 -71.64 2.08 -59.00
C VAL K 56 -70.52 3.05 -59.28
N ASP K 57 -70.27 3.97 -58.35
CA ASP K 57 -69.25 4.99 -58.57
C ASP K 57 -68.47 5.22 -57.29
N ALA K 58 -67.26 5.77 -57.47
CA ALA K 58 -66.40 6.17 -56.36
C ALA K 58 -65.97 7.61 -56.54
N TRP K 59 -65.96 8.36 -55.46
CA TRP K 59 -65.61 9.78 -55.48
C TRP K 59 -64.23 9.96 -54.87
N PHE K 60 -63.34 10.63 -55.62
CA PHE K 60 -61.96 10.86 -55.20
C PHE K 60 -61.25 9.55 -54.91
N GLY K 61 -61.28 8.64 -55.87
CA GLY K 61 -60.66 7.35 -55.73
C GLY K 61 -59.30 7.27 -56.40
N THR K 62 -58.43 6.43 -55.85
CA THR K 62 -57.15 6.12 -56.46
C THR K 62 -57.31 4.90 -57.34
N ARG K 63 -56.23 4.51 -58.02
CA ARG K 63 -56.31 3.46 -59.02
C ARG K 63 -56.74 2.13 -58.41
N LYS K 64 -56.47 1.92 -57.11
CA LYS K 64 -56.86 0.68 -56.47
C LYS K 64 -58.36 0.66 -56.19
N THR K 65 -58.95 1.81 -55.87
CA THR K 65 -60.38 1.86 -55.58
C THR K 65 -61.21 1.66 -56.83
N MET K 66 -60.80 2.26 -57.95
CA MET K 66 -61.53 2.09 -59.20
C MET K 66 -61.43 0.66 -59.72
N ALA K 67 -60.44 -0.10 -59.27
CA ALA K 67 -60.38 -1.50 -59.63
C ALA K 67 -61.53 -2.28 -58.99
N ALA K 68 -62.04 -1.80 -57.87
CA ALA K 68 -63.14 -2.48 -57.19
C ALA K 68 -64.46 -2.27 -57.89
N ILE K 69 -64.59 -1.21 -58.70
CA ILE K 69 -65.86 -0.93 -59.36
C ILE K 69 -66.20 -2.02 -60.36
N ARG K 70 -65.23 -2.39 -61.21
CA ARG K 70 -65.46 -3.47 -62.16
C ARG K 70 -65.58 -4.82 -61.44
N THR K 71 -64.85 -4.98 -60.34
CA THR K 71 -64.99 -6.17 -59.52
C THR K 71 -66.41 -6.32 -59.00
N ALA K 72 -66.97 -5.23 -58.46
CA ALA K 72 -68.33 -5.28 -57.92
C ALA K 72 -69.35 -5.54 -59.02
N ILE K 73 -69.18 -4.92 -60.19
CA ILE K 73 -70.12 -5.12 -61.29
C ILE K 73 -70.14 -6.59 -61.70
N SER K 74 -68.95 -7.18 -61.86
CA SER K 74 -68.87 -8.57 -62.28
C SER K 74 -69.43 -9.51 -61.22
N HIS K 75 -69.21 -9.20 -59.95
CA HIS K 75 -69.82 -9.99 -58.88
C HIS K 75 -71.33 -9.93 -58.93
N VAL K 76 -71.90 -8.73 -59.14
CA VAL K 76 -73.35 -8.61 -59.22
C VAL K 76 -73.88 -9.25 -60.50
N GLN K 77 -73.13 -9.14 -61.60
CA GLN K 77 -73.50 -9.84 -62.82
C GLN K 77 -73.50 -11.35 -62.60
N ASN K 78 -72.59 -11.85 -61.76
CA ASN K 78 -72.57 -13.27 -61.46
C ASN K 78 -73.86 -13.70 -60.78
N LEU K 79 -74.39 -12.85 -59.90
CA LEU K 79 -75.64 -13.16 -59.21
C LEU K 79 -76.81 -13.20 -60.19
N ILE K 80 -76.77 -12.38 -61.24
CA ILE K 80 -77.86 -12.36 -62.21
C ILE K 80 -77.86 -13.65 -63.04
N THR K 81 -76.70 -14.03 -63.58
CA THR K 81 -76.65 -15.25 -64.39
C THR K 81 -76.75 -16.49 -63.51
N GLY K 82 -76.48 -16.36 -62.22
CA GLY K 82 -76.70 -17.47 -61.32
C GLY K 82 -78.17 -17.78 -61.12
N VAL K 83 -79.02 -16.75 -61.05
CA VAL K 83 -80.44 -16.94 -60.79
C VAL K 83 -81.27 -17.03 -62.07
N THR K 84 -80.68 -16.77 -63.22
CA THR K 84 -81.40 -16.89 -64.49
C THR K 84 -81.04 -18.16 -65.24
N LYS K 85 -79.76 -18.54 -65.26
CA LYS K 85 -79.31 -19.72 -65.97
C LYS K 85 -78.60 -20.74 -65.09
N GLY K 86 -78.08 -20.35 -63.93
CA GLY K 86 -77.30 -21.23 -63.11
C GLY K 86 -75.88 -21.37 -63.61
N PHE K 87 -75.10 -22.17 -62.88
CA PHE K 87 -73.71 -22.43 -63.21
C PHE K 87 -73.47 -23.93 -63.21
N ARG K 88 -72.53 -24.38 -64.05
CA ARG K 88 -72.24 -25.79 -64.19
C ARG K 88 -70.77 -26.01 -64.50
N TYR K 89 -70.10 -26.80 -63.67
CA TYR K 89 -68.69 -27.14 -63.82
C TYR K 89 -68.57 -28.61 -64.11
N LYS K 90 -67.80 -28.97 -65.13
CA LYS K 90 -67.61 -30.35 -65.53
C LYS K 90 -66.17 -30.76 -65.25
N MET K 91 -66.00 -31.79 -64.42
CA MET K 91 -64.69 -32.32 -64.07
C MET K 91 -64.50 -33.67 -64.78
N ARG K 92 -63.25 -34.01 -65.05
CA ARG K 92 -62.92 -35.25 -65.73
C ARG K 92 -62.00 -36.11 -64.88
N PHE K 93 -62.21 -37.42 -64.96
CA PHE K 93 -61.35 -38.39 -64.28
C PHE K 93 -60.20 -38.77 -65.19
N VAL K 94 -58.98 -38.45 -64.77
CA VAL K 94 -57.77 -38.80 -65.52
C VAL K 94 -57.01 -39.84 -64.71
N TYR K 95 -56.72 -40.97 -65.34
CA TYR K 95 -55.98 -42.03 -64.67
C TYR K 95 -55.33 -42.92 -65.72
N ALA K 96 -54.16 -43.45 -65.38
CA ALA K 96 -53.42 -44.30 -66.29
C ALA K 96 -53.72 -45.78 -66.08
N HIS K 97 -53.63 -46.26 -64.84
CA HIS K 97 -53.78 -47.68 -64.56
C HIS K 97 -54.95 -47.98 -63.63
N PHE K 98 -55.07 -47.26 -62.52
CA PHE K 98 -56.10 -47.55 -61.53
C PHE K 98 -57.35 -46.76 -61.85
N PRO K 99 -58.46 -47.40 -62.19
CA PRO K 99 -59.69 -46.65 -62.51
C PRO K 99 -60.25 -45.98 -61.27
N ILE K 100 -60.42 -44.66 -61.33
CA ILE K 100 -60.96 -43.90 -60.21
C ILE K 100 -62.45 -44.21 -60.08
N ASN K 101 -62.85 -44.67 -58.91
CA ASN K 101 -64.24 -45.00 -58.62
C ASN K 101 -64.86 -43.88 -57.79
N ALA K 102 -65.92 -43.27 -58.30
CA ALA K 102 -66.62 -42.20 -57.61
C ALA K 102 -68.05 -42.64 -57.30
N SER K 103 -68.52 -42.27 -56.12
CA SER K 103 -69.86 -42.63 -55.67
C SER K 103 -70.54 -41.42 -55.06
N ILE K 104 -71.74 -41.11 -55.54
CA ILE K 104 -72.52 -39.99 -55.04
C ILE K 104 -73.29 -40.47 -53.82
N THR K 105 -73.05 -39.81 -52.68
CA THR K 105 -73.58 -40.30 -51.41
C THR K 105 -75.06 -39.99 -51.26
N ALA K 106 -75.39 -38.71 -51.18
CA ALA K 106 -76.78 -38.28 -51.10
C ALA K 106 -77.35 -38.21 -52.50
N ALA K 107 -78.51 -37.56 -52.65
CA ALA K 107 -79.01 -37.30 -53.99
C ALA K 107 -78.03 -36.45 -54.78
N ASN K 108 -77.45 -35.44 -54.13
CA ASN K 108 -76.42 -34.63 -54.77
C ASN K 108 -75.24 -34.25 -53.88
N LYS K 109 -75.32 -34.43 -52.57
CA LYS K 109 -74.47 -33.67 -51.66
C LYS K 109 -73.03 -34.18 -51.64
N GLY K 110 -72.81 -35.47 -51.80
CA GLY K 110 -71.51 -36.06 -51.56
C GLY K 110 -70.92 -36.80 -52.75
N ILE K 111 -69.60 -36.92 -52.73
CA ILE K 111 -68.88 -37.76 -53.67
C ILE K 111 -67.87 -38.59 -52.89
N GLU K 112 -67.69 -39.84 -53.31
CA GLU K 112 -66.79 -40.78 -52.66
C GLU K 112 -65.76 -41.26 -53.66
N ILE K 113 -64.52 -40.82 -53.49
CA ILE K 113 -63.43 -41.20 -54.38
C ILE K 113 -62.63 -42.31 -53.70
N ARG K 114 -62.47 -43.43 -54.39
CA ARG K 114 -61.64 -44.52 -53.93
C ARG K 114 -60.86 -45.09 -55.11
N ASN K 115 -59.80 -45.83 -54.79
CA ASN K 115 -58.87 -46.41 -55.74
C ASN K 115 -58.10 -45.36 -56.52
N PHE K 116 -57.95 -44.15 -55.98
CA PHE K 116 -57.09 -43.17 -56.62
C PHE K 116 -55.65 -43.60 -56.46
N LEU K 117 -54.98 -43.87 -57.58
CA LEU K 117 -53.64 -44.43 -57.59
C LEU K 117 -53.57 -45.75 -56.82
N GLY K 118 -54.67 -46.49 -56.81
CA GLY K 118 -54.72 -47.78 -56.16
C GLY K 118 -54.55 -47.74 -54.66
N GLU K 119 -55.05 -46.70 -54.00
CA GLU K 119 -54.89 -46.54 -52.56
C GLU K 119 -56.13 -47.04 -51.83
N LYS K 120 -55.95 -47.34 -50.56
CA LYS K 120 -57.03 -47.81 -49.70
C LYS K 120 -57.74 -46.68 -48.97
N LYS K 121 -57.22 -45.46 -49.01
CA LYS K 121 -57.86 -44.33 -48.36
C LYS K 121 -59.11 -43.94 -49.14
N VAL K 122 -60.14 -43.49 -48.43
CA VAL K 122 -61.39 -43.04 -49.02
C VAL K 122 -61.44 -41.53 -48.90
N ARG K 123 -61.56 -40.85 -50.03
CA ARG K 123 -61.63 -39.39 -50.07
C ARG K 123 -63.08 -38.97 -50.13
N LYS K 124 -63.52 -38.19 -49.15
CA LYS K 124 -64.89 -37.72 -49.06
C LYS K 124 -64.92 -36.21 -49.22
N VAL K 125 -65.73 -35.73 -50.16
CA VAL K 125 -65.93 -34.30 -50.37
C VAL K 125 -67.41 -34.01 -50.27
N ASP K 126 -67.78 -33.10 -49.37
CA ASP K 126 -69.15 -32.64 -49.25
C ASP K 126 -69.33 -31.39 -50.09
N MET K 127 -70.34 -31.40 -50.96
CA MET K 127 -70.66 -30.22 -51.73
C MET K 127 -71.08 -29.09 -50.82
N LEU K 128 -70.69 -27.87 -51.21
CA LEU K 128 -71.08 -26.70 -50.43
C LEU K 128 -72.57 -26.43 -50.60
N ASP K 129 -73.09 -25.56 -49.74
CA ASP K 129 -74.53 -25.34 -49.69
C ASP K 129 -75.06 -24.84 -51.03
N GLY K 130 -76.06 -25.56 -51.56
CA GLY K 130 -76.68 -25.22 -52.81
C GLY K 130 -76.02 -25.80 -54.04
N VAL K 131 -75.06 -26.71 -53.89
CA VAL K 131 -74.34 -27.29 -55.01
C VAL K 131 -74.73 -28.76 -55.14
N THR K 132 -74.97 -29.19 -56.38
CA THR K 132 -75.35 -30.56 -56.68
C THR K 132 -74.30 -31.19 -57.58
N ILE K 133 -74.15 -32.51 -57.47
CA ILE K 133 -73.15 -33.25 -58.25
C ILE K 133 -73.78 -34.56 -58.75
N LEU K 134 -73.42 -34.95 -59.97
CA LEU K 134 -73.97 -36.14 -60.60
C LEU K 134 -72.92 -36.81 -61.45
N ARG K 135 -72.74 -38.12 -61.26
CA ARG K 135 -71.89 -38.89 -62.15
C ARG K 135 -72.53 -38.92 -63.54
N SER K 136 -71.93 -38.19 -64.47
CA SER K 136 -72.58 -37.90 -65.74
C SER K 136 -72.75 -39.15 -66.60
N GLU K 137 -73.74 -39.07 -67.48
CA GLU K 137 -73.91 -40.02 -68.58
C GLU K 137 -73.55 -39.33 -69.88
N LYS K 138 -73.43 -40.14 -70.93
CA LYS K 138 -73.08 -39.70 -72.28
C LYS K 138 -71.61 -39.30 -72.36
N VAL K 139 -70.95 -39.24 -71.21
CA VAL K 139 -69.51 -39.01 -71.14
C VAL K 139 -68.92 -40.13 -70.28
N LYS K 140 -67.66 -40.47 -70.54
CA LYS K 140 -67.07 -41.64 -69.93
C LYS K 140 -66.84 -41.44 -68.44
N ASP K 141 -66.07 -40.43 -68.07
CA ASP K 141 -65.62 -40.26 -66.69
C ASP K 141 -65.78 -38.81 -66.23
N GLU K 142 -66.97 -38.26 -66.42
CA GLU K 142 -67.25 -36.87 -66.07
C GLU K 142 -68.20 -36.79 -64.90
N ILE K 143 -67.93 -35.84 -64.00
CA ILE K 143 -68.86 -35.45 -62.95
C ILE K 143 -69.26 -34.00 -63.19
N VAL K 144 -70.53 -33.68 -62.98
CA VAL K 144 -71.09 -32.38 -63.28
C VAL K 144 -71.59 -31.76 -61.98
N LEU K 145 -71.09 -30.58 -61.67
CA LEU K 145 -71.53 -29.82 -60.51
C LEU K 145 -72.45 -28.69 -60.96
N ASP K 146 -73.52 -28.47 -60.20
CA ASP K 146 -74.55 -27.50 -60.54
C ASP K 146 -74.88 -26.63 -59.34
N GLY K 147 -75.29 -25.40 -59.62
CA GLY K 147 -75.68 -24.51 -58.54
C GLY K 147 -75.98 -23.11 -59.04
N ASN K 148 -76.24 -22.22 -58.10
CA ASN K 148 -76.55 -20.82 -58.40
C ASN K 148 -75.39 -19.88 -58.13
N ASP K 149 -74.61 -20.12 -57.08
CA ASP K 149 -73.50 -19.24 -56.73
C ASP K 149 -72.24 -19.69 -57.46
N ILE K 150 -71.59 -18.75 -58.16
CA ILE K 150 -70.40 -19.10 -58.93
C ILE K 150 -69.24 -19.46 -58.00
N GLU K 151 -69.11 -18.77 -56.87
CA GLU K 151 -68.01 -19.05 -55.96
C GLU K 151 -68.21 -20.39 -55.26
N LEU K 152 -69.45 -20.73 -54.91
CA LEU K 152 -69.71 -21.97 -54.19
C LEU K 152 -69.57 -23.19 -55.11
N VAL K 153 -69.98 -23.06 -56.37
CA VAL K 153 -69.83 -24.17 -57.31
C VAL K 153 -68.36 -24.36 -57.67
N SER K 154 -67.66 -23.25 -57.91
CA SER K 154 -66.24 -23.34 -58.27
C SER K 154 -65.39 -23.80 -57.09
N ARG K 155 -65.78 -23.44 -55.87
CA ARG K 155 -65.01 -23.88 -54.71
C ARG K 155 -65.21 -25.37 -54.43
N SER K 156 -66.39 -25.89 -54.75
CA SER K 156 -66.65 -27.31 -54.55
C SER K 156 -65.86 -28.15 -55.55
N ALA K 157 -65.72 -27.66 -56.78
CA ALA K 157 -64.88 -28.34 -57.75
C ALA K 157 -63.41 -28.27 -57.35
N ALA K 158 -63.01 -27.16 -56.73
CA ALA K 158 -61.64 -27.02 -56.24
C ALA K 158 -61.35 -28.01 -55.12
N LEU K 159 -62.34 -28.27 -54.26
CA LEU K 159 -62.16 -29.23 -53.19
C LEU K 159 -61.92 -30.63 -53.73
N ILE K 160 -62.67 -31.02 -54.76
CA ILE K 160 -62.53 -32.35 -55.34
C ILE K 160 -61.14 -32.50 -55.97
N ASN K 161 -60.70 -31.49 -56.72
CA ASN K 161 -59.42 -31.58 -57.39
C ASN K 161 -58.27 -31.65 -56.40
N GLN K 162 -58.34 -30.86 -55.32
CA GLN K 162 -57.22 -30.76 -54.39
C GLN K 162 -57.11 -31.97 -53.47
N LYS K 163 -58.16 -32.75 -53.31
CA LYS K 163 -58.07 -33.98 -52.54
C LYS K 163 -57.52 -35.14 -53.35
N CYS K 164 -57.18 -34.92 -54.62
CA CYS K 164 -56.65 -35.94 -55.50
C CYS K 164 -55.32 -35.51 -56.08
N HIS K 165 -54.44 -35.01 -55.22
CA HIS K 165 -53.09 -34.65 -55.59
C HIS K 165 -52.15 -35.82 -55.41
N VAL K 166 -51.26 -36.02 -56.37
CA VAL K 166 -50.28 -37.09 -56.30
C VAL K 166 -49.12 -36.65 -55.41
N LYS K 167 -48.79 -37.48 -54.42
CA LYS K 167 -47.74 -37.18 -53.46
C LYS K 167 -46.51 -38.02 -53.77
N ASN K 168 -45.33 -37.42 -53.58
CA ASN K 168 -44.05 -38.12 -53.57
C ASN K 168 -43.69 -38.76 -54.91
N LYS K 169 -44.29 -38.29 -56.00
CA LYS K 169 -44.01 -38.84 -57.32
C LYS K 169 -43.91 -37.70 -58.33
N ASP K 170 -43.18 -37.95 -59.40
CA ASP K 170 -43.13 -37.01 -60.52
C ASP K 170 -44.51 -36.85 -61.13
N ILE K 171 -45.13 -35.69 -60.94
CA ILE K 171 -46.49 -35.46 -61.43
C ILE K 171 -46.54 -35.16 -62.93
N ARG K 172 -45.41 -34.85 -63.55
CA ARG K 172 -45.38 -34.77 -65.01
C ARG K 172 -45.59 -36.14 -65.63
N LYS K 173 -45.18 -37.20 -64.94
CA LYS K 173 -45.41 -38.58 -65.36
C LYS K 173 -46.69 -39.14 -64.76
N PHE K 174 -46.94 -38.88 -63.48
CA PHE K 174 -48.13 -39.40 -62.80
C PHE K 174 -49.22 -38.34 -62.86
N LEU K 175 -49.91 -38.31 -63.99
CA LEU K 175 -50.86 -37.25 -64.32
C LEU K 175 -52.27 -37.54 -63.83
N ASP K 176 -52.45 -38.53 -62.97
CA ASP K 176 -53.78 -38.90 -62.50
C ASP K 176 -54.36 -37.83 -61.59
N GLY K 177 -55.65 -37.55 -61.78
CA GLY K 177 -56.34 -36.59 -60.95
C GLY K 177 -57.73 -36.33 -61.45
N ILE K 178 -58.41 -35.40 -60.79
CA ILE K 178 -59.73 -34.93 -61.17
C ILE K 178 -59.60 -33.44 -61.49
N TYR K 179 -59.84 -33.08 -62.74
CA TYR K 179 -59.57 -31.72 -63.20
C TYR K 179 -60.82 -31.12 -63.83
N VAL K 180 -61.03 -29.83 -63.59
CA VAL K 180 -62.11 -29.11 -64.25
C VAL K 180 -61.86 -29.11 -65.74
N SER K 181 -62.87 -29.49 -66.52
CA SER K 181 -62.76 -29.53 -67.97
C SER K 181 -63.55 -28.44 -68.67
N ASP K 182 -64.64 -27.95 -68.06
CA ASP K 182 -65.46 -26.91 -68.65
C ASP K 182 -66.22 -26.19 -67.55
N LYS K 183 -66.14 -24.86 -67.54
CA LYS K 183 -66.88 -24.03 -66.60
C LYS K 183 -67.76 -23.08 -67.40
N GLY K 184 -69.05 -23.03 -67.05
CA GLY K 184 -69.98 -22.22 -67.79
C GLY K 184 -71.26 -22.04 -67.01
N ALA K 185 -72.19 -21.32 -67.63
CA ALA K 185 -73.46 -20.96 -67.01
C ALA K 185 -74.63 -21.62 -67.71
N ILE K 186 -74.47 -22.89 -68.07
CA ILE K 186 -75.53 -23.67 -68.69
C ILE K 186 -76.04 -23.00 -69.97
N GLY L 2 -6.04 -15.90 -50.69
CA GLY L 2 -5.39 -15.07 -51.68
C GLY L 2 -5.08 -13.68 -51.19
N ARG L 3 -5.75 -12.69 -51.77
CA ARG L 3 -5.59 -11.30 -51.37
C ARG L 3 -6.80 -10.85 -50.58
N ARG L 4 -6.63 -9.73 -49.87
CA ARG L 4 -7.69 -9.20 -49.03
C ARG L 4 -8.86 -8.74 -49.88
N PRO L 5 -10.09 -8.84 -49.36
CA PRO L 5 -11.25 -8.30 -50.08
C PRO L 5 -11.12 -6.80 -50.28
N ALA L 6 -11.66 -6.33 -51.41
CA ALA L 6 -11.42 -4.96 -51.85
C ALA L 6 -11.97 -3.91 -50.88
N ARG L 7 -12.85 -4.30 -49.96
CA ARG L 7 -13.36 -3.34 -48.98
C ARG L 7 -12.26 -2.82 -48.07
N CYS L 8 -11.18 -3.59 -47.89
CA CYS L 8 -10.09 -3.18 -47.03
C CYS L 8 -9.28 -2.03 -47.62
N TYR L 9 -9.39 -1.78 -48.92
CA TYR L 9 -8.62 -0.73 -49.59
C TYR L 9 -9.50 0.15 -50.46
N ARG L 10 -10.80 0.18 -50.20
CA ARG L 10 -11.73 0.83 -51.11
C ARG L 10 -11.62 2.35 -51.05
N GLN L 11 -11.52 2.90 -49.85
CA GLN L 11 -11.54 4.35 -49.67
C GLN L 11 -10.13 4.91 -49.84
N ILE L 12 -10.06 6.10 -50.42
CA ILE L 12 -8.79 6.82 -50.58
C ILE L 12 -8.44 7.41 -49.22
N LYS L 13 -7.54 6.76 -48.50
CA LYS L 13 -7.16 7.20 -47.16
C LYS L 13 -5.77 7.79 -47.08
N ASN L 14 -4.84 7.32 -47.90
CA ASN L 14 -3.45 7.76 -47.85
C ASN L 14 -3.17 8.79 -48.94
N LYS L 15 -2.01 9.42 -48.83
CA LYS L 15 -1.43 10.16 -49.93
C LYS L 15 -1.01 9.17 -51.01
N PRO L 16 -0.90 9.63 -52.26
CA PRO L 16 -0.45 8.73 -53.33
C PRO L 16 0.92 8.15 -53.03
N TYR L 17 1.08 6.87 -53.34
CA TYR L 17 2.28 6.11 -53.00
C TYR L 17 2.75 5.40 -54.27
N PRO L 18 3.36 6.14 -55.19
CA PRO L 18 3.75 5.54 -56.46
C PRO L 18 4.97 4.65 -56.33
N LYS L 19 5.11 3.76 -57.31
CA LYS L 19 6.33 2.98 -57.47
C LYS L 19 7.45 3.87 -57.97
N SER L 20 8.54 3.93 -57.23
CA SER L 20 9.60 4.91 -57.48
C SER L 20 10.90 4.39 -56.88
N ARG L 21 11.89 5.27 -56.77
CA ARG L 21 13.16 4.89 -56.15
C ARG L 21 13.03 4.66 -54.66
N TYR L 22 12.03 5.27 -54.01
CA TYR L 22 11.78 5.10 -52.59
C TYR L 22 10.83 3.96 -52.27
N CYS L 23 10.19 3.36 -53.28
CA CYS L 23 9.25 2.28 -53.09
C CYS L 23 9.59 1.19 -54.09
N ARG L 24 10.25 0.13 -53.63
CA ARG L 24 10.79 -0.90 -54.49
C ARG L 24 10.22 -2.26 -54.09
N GLY L 25 10.29 -3.21 -55.03
CA GLY L 25 9.65 -4.49 -54.84
C GLY L 25 8.16 -4.48 -55.08
N VAL L 26 7.71 -3.72 -56.08
CA VAL L 26 6.29 -3.52 -56.34
C VAL L 26 5.85 -4.54 -57.38
N PRO L 27 4.90 -5.42 -57.08
CA PRO L 27 4.40 -6.35 -58.11
C PRO L 27 3.73 -5.61 -59.25
N ASP L 28 3.82 -6.20 -60.43
CA ASP L 28 3.31 -5.57 -61.64
C ASP L 28 1.78 -5.51 -61.62
N PRO L 29 1.19 -4.56 -62.33
CA PRO L 29 -0.28 -4.50 -62.40
C PRO L 29 -0.84 -5.68 -63.16
N LYS L 30 -2.10 -6.02 -62.84
CA LYS L 30 -2.74 -7.11 -63.56
C LYS L 30 -3.16 -6.67 -64.97
N ILE L 31 -3.52 -5.40 -65.15
CA ILE L 31 -3.93 -4.91 -66.46
C ILE L 31 -2.71 -4.35 -67.18
N ARG L 32 -2.41 -4.90 -68.36
CA ARG L 32 -1.32 -4.42 -69.19
C ARG L 32 -1.77 -3.86 -70.53
N ILE L 33 -2.93 -4.27 -71.03
CA ILE L 33 -3.50 -3.72 -72.27
C ILE L 33 -4.58 -2.73 -71.89
N TYR L 34 -4.60 -1.60 -72.60
CA TYR L 34 -5.59 -0.56 -72.34
C TYR L 34 -6.47 -0.23 -73.53
N ASP L 35 -6.12 -0.70 -74.73
CA ASP L 35 -6.94 -0.51 -75.92
C ASP L 35 -7.19 -1.86 -76.56
N VAL L 36 -8.46 -2.17 -76.82
CA VAL L 36 -8.85 -3.39 -77.50
C VAL L 36 -9.85 -3.04 -78.59
N GLY L 37 -10.12 -4.02 -79.44
CA GLY L 37 -10.90 -3.75 -80.63
C GLY L 37 -10.04 -3.15 -81.73
N MET L 38 -10.66 -2.34 -82.58
CA MET L 38 -9.95 -1.70 -83.68
C MET L 38 -9.36 -0.39 -83.19
N LYS L 39 -8.14 -0.47 -82.65
CA LYS L 39 -7.48 0.73 -82.16
C LYS L 39 -7.00 1.60 -83.32
N LYS L 40 -6.46 0.99 -84.37
CA LYS L 40 -5.96 1.72 -85.53
C LYS L 40 -7.07 1.99 -86.53
N LYS L 41 -8.15 2.61 -86.07
CA LYS L 41 -9.30 2.94 -86.89
C LYS L 41 -9.39 4.45 -87.05
N GLY L 42 -9.71 4.89 -88.26
CA GLY L 42 -9.69 6.31 -88.56
C GLY L 42 -10.70 7.10 -87.75
N VAL L 43 -10.39 8.38 -87.54
CA VAL L 43 -11.26 9.23 -86.74
C VAL L 43 -12.61 9.49 -87.41
N ASP L 44 -12.69 9.34 -88.73
CA ASP L 44 -13.95 9.57 -89.44
C ASP L 44 -14.85 8.35 -89.47
N GLU L 45 -14.43 7.24 -88.87
CA GLU L 45 -15.20 6.00 -88.93
C GLU L 45 -16.15 5.84 -87.75
N PHE L 46 -15.70 6.15 -86.53
CA PHE L 46 -16.51 5.92 -85.33
C PHE L 46 -16.93 7.26 -84.74
N PRO L 47 -18.16 7.72 -84.99
CA PRO L 47 -18.64 8.95 -84.37
C PRO L 47 -19.40 8.74 -83.07
N SER L 48 -19.70 7.49 -82.71
CA SER L 48 -20.47 7.19 -81.52
C SER L 48 -19.53 6.99 -80.34
N CYS L 49 -19.83 7.63 -79.22
CA CYS L 49 -18.99 7.55 -78.03
C CYS L 49 -19.86 7.39 -76.79
N VAL L 50 -19.59 6.36 -76.01
CA VAL L 50 -20.25 6.17 -74.72
C VAL L 50 -19.18 6.02 -73.65
N HIS L 51 -19.52 6.43 -72.43
CA HIS L 51 -18.58 6.41 -71.31
C HIS L 51 -19.16 5.63 -70.14
N LEU L 52 -18.28 4.96 -69.39
CA LEU L 52 -18.61 4.44 -68.07
C LEU L 52 -17.96 5.38 -67.05
N VAL L 53 -18.77 6.18 -66.38
CA VAL L 53 -18.28 7.26 -65.52
C VAL L 53 -18.49 6.85 -64.07
N SER L 54 -17.41 6.91 -63.28
CA SER L 54 -17.51 6.63 -61.86
C SER L 54 -18.16 7.80 -61.13
N TRP L 55 -19.13 7.48 -60.28
CA TRP L 55 -19.83 8.48 -59.48
C TRP L 55 -19.38 8.48 -58.03
N GLU L 56 -18.30 7.78 -57.71
CA GLU L 56 -17.75 7.72 -56.37
C GLU L 56 -16.27 8.09 -56.41
N LYS L 57 -15.76 8.49 -55.26
CA LYS L 57 -14.33 8.75 -55.07
C LYS L 57 -13.76 7.61 -54.25
N GLU L 58 -12.97 6.75 -54.89
CA GLU L 58 -12.55 5.51 -54.26
C GLU L 58 -11.33 4.96 -54.98
N ASN L 59 -10.80 3.86 -54.46
CA ASN L 59 -9.75 3.10 -55.12
C ASN L 59 -10.37 2.03 -56.00
N VAL L 60 -9.79 1.81 -57.17
CA VAL L 60 -10.14 0.72 -58.05
C VAL L 60 -8.89 -0.10 -58.32
N SER L 61 -8.97 -1.40 -58.09
CA SER L 61 -7.80 -2.25 -58.22
C SER L 61 -7.49 -2.54 -59.68
N SER L 62 -6.24 -2.94 -59.93
CA SER L 62 -5.86 -3.39 -61.27
C SER L 62 -6.63 -4.63 -61.68
N GLU L 63 -6.96 -5.49 -60.71
CA GLU L 63 -7.77 -6.67 -60.99
C GLU L 63 -9.14 -6.29 -61.53
N ALA L 64 -9.82 -5.37 -60.83
CA ALA L 64 -11.17 -4.99 -61.23
C ALA L 64 -11.18 -4.30 -62.59
N LEU L 65 -10.09 -3.60 -62.93
CA LEU L 65 -9.99 -2.95 -64.23
C LEU L 65 -9.87 -3.96 -65.36
N GLU L 66 -9.02 -4.97 -65.17
CA GLU L 66 -8.84 -5.99 -66.21
C GLU L 66 -10.09 -6.83 -66.40
N ALA L 67 -10.76 -7.21 -65.31
CA ALA L 67 -11.99 -7.99 -65.41
C ALA L 67 -13.06 -7.22 -66.18
N ALA L 68 -13.21 -5.92 -65.90
CA ALA L 68 -14.18 -5.12 -66.63
C ALA L 68 -13.81 -4.98 -68.10
N ARG L 69 -12.52 -4.83 -68.40
CA ARG L 69 -12.09 -4.72 -69.79
C ARG L 69 -12.42 -5.99 -70.56
N ILE L 70 -12.17 -7.16 -69.95
CA ILE L 70 -12.46 -8.43 -70.62
C ILE L 70 -13.97 -8.58 -70.81
N ALA L 71 -14.75 -8.31 -69.76
CA ALA L 71 -16.19 -8.49 -69.83
C ALA L 71 -16.83 -7.53 -70.82
N CYS L 72 -16.37 -6.28 -70.84
CA CYS L 72 -16.85 -5.33 -71.84
C CYS L 72 -16.44 -5.77 -73.24
N ASN L 73 -15.21 -6.25 -73.38
CA ASN L 73 -14.71 -6.66 -74.70
C ASN L 73 -15.49 -7.83 -75.27
N LYS L 74 -15.71 -8.86 -74.45
CA LYS L 74 -16.27 -10.13 -74.96
C LYS L 74 -17.68 -9.94 -75.49
N TYR L 75 -18.49 -9.14 -74.79
CA TYR L 75 -19.84 -8.89 -75.30
C TYR L 75 -19.81 -8.12 -76.61
N MET L 76 -18.92 -7.13 -76.72
CA MET L 76 -18.87 -6.29 -77.91
C MET L 76 -18.48 -7.10 -79.14
N THR L 77 -17.45 -7.93 -79.04
CA THR L 77 -17.03 -8.73 -80.18
C THR L 77 -18.12 -9.71 -80.60
N LYS L 78 -18.80 -10.31 -79.63
CA LYS L 78 -19.80 -11.32 -79.96
C LYS L 78 -21.06 -10.71 -80.56
N ASN L 79 -21.56 -9.64 -79.96
CA ASN L 79 -22.85 -9.07 -80.34
C ASN L 79 -22.75 -7.92 -81.34
N ALA L 80 -21.54 -7.47 -81.66
CA ALA L 80 -21.37 -6.40 -82.63
C ALA L 80 -20.25 -6.64 -83.63
N GLY L 81 -19.38 -7.62 -83.42
CA GLY L 81 -18.28 -7.85 -84.32
C GLY L 81 -16.96 -7.38 -83.74
N LYS L 82 -15.89 -8.12 -84.02
CA LYS L 82 -14.57 -7.75 -83.56
C LYS L 82 -14.03 -6.50 -84.24
N ASP L 83 -14.69 -6.05 -85.30
CA ASP L 83 -14.20 -4.95 -86.12
C ASP L 83 -14.99 -3.68 -85.95
N ALA L 84 -16.04 -3.67 -85.13
CA ALA L 84 -17.03 -2.61 -85.13
C ALA L 84 -16.87 -1.62 -83.97
N PHE L 85 -15.83 -1.75 -83.16
CA PHE L 85 -15.73 -0.91 -81.97
C PHE L 85 -14.27 -0.71 -81.58
N HIS L 86 -14.06 0.28 -80.73
CA HIS L 86 -12.78 0.50 -80.07
C HIS L 86 -13.06 0.82 -78.60
N LEU L 87 -12.40 0.09 -77.70
CA LEU L 87 -12.64 0.24 -76.27
C LEU L 87 -11.35 0.67 -75.58
N ARG L 88 -11.44 1.70 -74.75
CA ARG L 88 -10.28 2.30 -74.11
C ARG L 88 -10.47 2.34 -72.60
N VAL L 89 -9.50 1.79 -71.87
CA VAL L 89 -9.46 1.95 -70.43
C VAL L 89 -8.83 3.31 -70.11
N ARG L 90 -9.51 4.11 -69.32
CA ARG L 90 -9.12 5.49 -69.08
C ARG L 90 -8.50 5.71 -67.72
N VAL L 91 -8.12 4.66 -67.01
CA VAL L 91 -7.50 4.78 -65.69
C VAL L 91 -6.33 3.82 -65.60
N HIS L 92 -5.23 4.29 -65.01
CA HIS L 92 -4.03 3.50 -64.83
C HIS L 92 -3.73 3.34 -63.35
N PRO L 93 -3.43 2.13 -62.88
CA PRO L 93 -3.15 1.91 -61.45
C PRO L 93 -1.73 2.35 -61.10
N TYR L 94 -1.63 3.48 -60.40
CA TYR L 94 -0.33 4.03 -60.02
C TYR L 94 -0.12 4.05 -58.51
N HIS L 95 -1.13 3.70 -57.72
CA HIS L 95 -1.03 3.73 -56.27
C HIS L 95 -0.68 2.33 -55.75
N VAL L 96 0.26 2.27 -54.82
CA VAL L 96 0.72 1.03 -54.23
C VAL L 96 0.06 0.87 -52.86
N LEU L 97 -0.62 -0.26 -52.66
CA LEU L 97 -1.25 -0.56 -51.39
C LEU L 97 -0.32 -1.41 -50.54
N ARG L 98 -0.21 -1.08 -49.26
CA ARG L 98 0.69 -1.77 -48.35
C ARG L 98 -0.08 -2.73 -47.46
N ILE L 99 0.55 -3.86 -47.15
CA ILE L 99 -0.01 -4.85 -46.23
C ILE L 99 1.00 -5.10 -45.11
N ASN L 100 0.50 -5.17 -43.88
CA ASN L 100 1.32 -5.41 -42.71
C ASN L 100 1.11 -6.85 -42.28
N LYS L 101 1.87 -7.76 -42.88
CA LYS L 101 1.75 -9.18 -42.57
C LYS L 101 2.69 -9.57 -41.43
N GLY L 114 3.53 -7.27 -32.59
CA GLY L 114 2.18 -6.76 -32.81
C GLY L 114 2.15 -5.55 -33.72
N MET L 115 2.02 -4.36 -33.13
CA MET L 115 2.01 -3.12 -33.88
C MET L 115 3.38 -2.45 -33.96
N ARG L 116 4.42 -3.11 -33.44
CA ARG L 116 5.76 -2.56 -33.51
C ARG L 116 6.30 -2.66 -34.93
N GLY L 117 6.75 -1.54 -35.46
CA GLY L 117 7.25 -1.50 -36.82
C GLY L 117 6.24 -2.00 -37.82
N ALA L 118 5.10 -1.33 -37.93
CA ALA L 118 3.96 -1.83 -38.68
C ALA L 118 3.92 -1.37 -40.13
N PHE L 119 4.88 -0.56 -40.57
CA PHE L 119 4.87 -0.08 -41.95
C PHE L 119 4.90 -1.27 -42.91
N GLY L 120 4.00 -1.25 -43.89
CA GLY L 120 3.73 -2.41 -44.69
C GLY L 120 4.50 -2.47 -45.98
N LYS L 121 4.65 -3.68 -46.48
CA LYS L 121 5.25 -4.02 -47.76
C LYS L 121 4.20 -3.93 -48.86
N PRO L 122 4.63 -3.77 -50.12
CA PRO L 122 3.68 -3.66 -51.22
C PRO L 122 2.77 -4.88 -51.33
N LEU L 123 1.49 -4.63 -51.57
CA LEU L 123 0.49 -5.67 -51.79
C LEU L 123 0.02 -5.71 -53.23
N GLY L 124 -0.37 -4.56 -53.78
CA GLY L 124 -0.85 -4.50 -55.15
C GLY L 124 -0.98 -3.06 -55.59
N THR L 125 -1.42 -2.89 -56.82
CA THR L 125 -1.56 -1.57 -57.42
C THR L 125 -3.03 -1.28 -57.66
N CYS L 126 -3.40 -0.01 -57.53
CA CYS L 126 -4.78 0.40 -57.73
C CYS L 126 -4.79 1.82 -58.28
N ALA L 127 -5.89 2.16 -58.92
CA ALA L 127 -6.13 3.51 -59.41
C ALA L 127 -6.93 4.30 -58.41
N ARG L 128 -6.63 5.59 -58.31
CA ARG L 128 -7.38 6.52 -57.49
C ARG L 128 -8.28 7.34 -58.41
N VAL L 129 -9.60 7.21 -58.22
CA VAL L 129 -10.57 7.83 -59.10
C VAL L 129 -11.49 8.73 -58.28
N ASP L 130 -12.14 9.67 -58.96
CA ASP L 130 -13.02 10.62 -58.33
C ASP L 130 -14.37 10.60 -59.04
N ILE L 131 -15.28 11.45 -58.57
CA ILE L 131 -16.62 11.54 -59.15
C ILE L 131 -16.54 12.31 -60.45
N GLY L 132 -17.18 11.78 -61.50
CA GLY L 132 -17.09 12.33 -62.82
C GLY L 132 -15.95 11.80 -63.66
N GLN L 133 -15.07 10.99 -63.08
CA GLN L 133 -13.93 10.46 -63.81
C GLN L 133 -14.37 9.34 -64.75
N VAL L 134 -13.95 9.43 -66.01
CA VAL L 134 -14.28 8.39 -66.99
C VAL L 134 -13.47 7.14 -66.69
N LEU L 135 -14.16 6.01 -66.56
CA LEU L 135 -13.48 4.74 -66.36
C LEU L 135 -13.24 4.01 -67.68
N LEU L 136 -14.25 3.95 -68.54
CA LEU L 136 -14.17 3.23 -69.80
C LEU L 136 -14.82 4.05 -70.91
N SER L 137 -14.32 3.86 -72.12
CA SER L 137 -14.86 4.56 -73.29
C SER L 137 -14.91 3.60 -74.47
N VAL L 138 -16.04 3.63 -75.18
CA VAL L 138 -16.26 2.80 -76.36
C VAL L 138 -16.67 3.72 -77.50
N ARG L 139 -15.99 3.61 -78.63
CA ARG L 139 -16.39 4.30 -79.85
C ARG L 139 -16.74 3.28 -80.91
N CYS L 140 -17.90 3.46 -81.53
CA CYS L 140 -18.44 2.54 -82.52
C CYS L 140 -19.29 3.34 -83.51
N LYS L 141 -20.14 2.66 -84.27
CA LYS L 141 -21.09 3.30 -85.15
C LYS L 141 -22.46 3.39 -84.46
N GLU L 142 -23.31 4.25 -85.02
CA GLU L 142 -24.60 4.53 -84.39
C GLU L 142 -25.48 3.29 -84.33
N SER L 143 -25.38 2.41 -85.33
CA SER L 143 -26.18 1.19 -85.32
C SER L 143 -25.83 0.29 -84.15
N ASN L 144 -24.63 0.39 -83.60
CA ASN L 144 -24.19 -0.46 -82.51
C ASN L 144 -24.16 0.26 -81.17
N ALA L 145 -24.74 1.46 -81.08
CA ALA L 145 -24.69 2.23 -79.83
C ALA L 145 -25.46 1.53 -78.73
N VAL L 146 -26.53 0.81 -79.07
CA VAL L 146 -27.31 0.11 -78.06
C VAL L 146 -26.50 -1.04 -77.47
N HIS L 147 -25.76 -1.76 -78.31
CA HIS L 147 -24.88 -2.81 -77.80
C HIS L 147 -23.77 -2.22 -76.94
N ALA L 148 -23.41 -0.96 -77.19
CA ALA L 148 -22.37 -0.32 -76.39
C ALA L 148 -22.84 -0.07 -74.97
N ASP L 149 -24.11 0.26 -74.81
CA ASP L 149 -24.65 0.44 -73.48
C ASP L 149 -24.72 -0.88 -72.74
N GLU L 150 -24.95 -1.98 -73.45
CA GLU L 150 -25.06 -3.27 -72.79
C GLU L 150 -23.69 -3.76 -72.31
N ALA L 151 -22.63 -3.51 -73.08
CA ALA L 151 -21.32 -3.95 -72.65
C ALA L 151 -20.80 -3.11 -71.48
N LEU L 152 -21.10 -1.82 -71.47
CA LEU L 152 -20.75 -1.00 -70.33
C LEU L 152 -21.58 -1.37 -69.09
N ARG L 153 -22.84 -1.76 -69.30
CA ARG L 153 -23.67 -2.23 -68.19
C ARG L 153 -23.12 -3.51 -67.60
N ARG L 154 -22.60 -4.41 -68.45
CA ARG L 154 -21.99 -5.62 -67.94
C ARG L 154 -20.66 -5.33 -67.26
N ALA L 155 -19.95 -4.30 -67.71
CA ALA L 155 -18.65 -3.97 -67.12
C ALA L 155 -18.80 -3.38 -65.72
N LYS L 156 -19.86 -2.60 -65.49
CA LYS L 156 -20.02 -1.91 -64.22
C LYS L 156 -20.24 -2.86 -63.05
N PHE L 157 -20.58 -4.12 -63.31
CA PHE L 157 -20.72 -5.08 -62.21
C PHE L 157 -19.38 -5.52 -61.67
N LYS L 158 -18.28 -5.21 -62.34
CA LYS L 158 -16.95 -5.54 -61.87
C LYS L 158 -16.35 -4.48 -60.97
N PHE L 159 -16.92 -3.33 -60.91
CA PHE L 159 -16.37 -2.25 -60.13
C PHE L 159 -17.12 -2.08 -58.83
N PRO L 160 -16.45 -1.64 -57.77
CA PRO L 160 -17.15 -1.24 -56.55
C PRO L 160 -17.79 0.12 -56.73
N GLY L 161 -18.85 0.36 -55.95
CA GLY L 161 -19.49 1.65 -55.96
C GLY L 161 -20.47 1.84 -57.10
N ARG L 162 -20.76 3.11 -57.36
CA ARG L 162 -21.80 3.50 -58.31
C ARG L 162 -21.17 4.06 -59.57
N GLN L 163 -21.59 3.55 -60.72
CA GLN L 163 -21.13 4.03 -62.01
C GLN L 163 -22.31 4.37 -62.89
N LYS L 164 -22.10 5.31 -63.79
CA LYS L 164 -23.11 5.73 -64.76
C LYS L 164 -22.59 5.48 -66.16
N ILE L 165 -23.52 5.25 -67.09
CA ILE L 165 -23.23 5.15 -68.51
C ILE L 165 -23.79 6.39 -69.16
N ILE L 166 -22.93 7.16 -69.83
CA ILE L 166 -23.28 8.48 -70.35
C ILE L 166 -22.96 8.53 -71.84
N ARG L 167 -23.92 9.02 -72.63
CA ARG L 167 -23.75 9.20 -74.07
C ARG L 167 -23.00 10.50 -74.30
N SER L 168 -21.78 10.40 -74.83
CA SER L 168 -20.95 11.57 -75.04
C SER L 168 -21.44 12.38 -76.24
N ARG L 169 -21.25 13.69 -76.16
CA ARG L 169 -21.60 14.56 -77.27
C ARG L 169 -20.50 14.66 -78.31
N LYS L 170 -19.28 14.20 -77.99
CA LYS L 170 -18.15 14.36 -78.88
C LYS L 170 -18.18 13.32 -80.00
N TRP L 171 -17.40 13.59 -81.04
CA TRP L 171 -17.22 12.68 -82.16
C TRP L 171 -16.10 11.71 -81.80
N GLY L 172 -16.44 10.45 -81.57
CA GLY L 172 -15.43 9.46 -81.25
C GLY L 172 -14.67 9.81 -79.99
N PHE L 173 -13.36 9.71 -80.04
CA PHE L 173 -12.49 9.96 -78.89
C PHE L 173 -11.88 11.36 -78.91
N THR L 174 -12.32 12.23 -79.81
CA THR L 174 -11.77 13.57 -79.90
C THR L 174 -12.39 14.49 -78.85
N LYS L 175 -11.95 15.74 -78.85
CA LYS L 175 -12.51 16.78 -78.00
C LYS L 175 -13.50 17.66 -78.75
N PHE L 176 -13.97 17.24 -79.92
CA PHE L 176 -14.85 18.04 -80.76
C PHE L 176 -16.27 17.53 -80.70
N ASN L 177 -17.22 18.44 -80.52
CA ASN L 177 -18.62 18.10 -80.66
C ASN L 177 -18.93 17.72 -82.11
N ARG L 178 -19.90 16.81 -82.28
CA ARG L 178 -20.23 16.34 -83.61
C ARG L 178 -20.74 17.47 -84.50
N ALA L 179 -21.46 18.43 -83.91
CA ALA L 179 -21.98 19.55 -84.70
C ALA L 179 -20.85 20.43 -85.23
N ASP L 180 -19.72 20.47 -84.53
CA ASP L 180 -18.59 21.30 -84.93
C ASP L 180 -17.50 20.53 -85.65
N TYR L 181 -17.35 19.23 -85.36
CA TYR L 181 -16.42 18.41 -86.12
C TYR L 181 -16.83 18.34 -87.58
N ILE L 182 -18.13 18.21 -87.84
CA ILE L 182 -18.63 18.18 -89.21
C ILE L 182 -18.48 19.53 -89.88
N LYS L 183 -18.72 20.62 -89.14
CA LYS L 183 -18.57 21.95 -89.71
C LYS L 183 -17.12 22.23 -90.10
N TYR L 184 -16.17 21.80 -89.26
CA TYR L 184 -14.76 21.96 -89.61
C TYR L 184 -14.41 21.12 -90.83
N LYS L 185 -14.94 19.89 -90.91
CA LYS L 185 -14.60 19.01 -92.01
C LYS L 185 -15.03 19.58 -93.35
N SER L 186 -16.22 20.21 -93.40
CA SER L 186 -16.68 20.83 -94.63
C SER L 186 -15.76 21.96 -95.05
N GLU L 187 -15.34 22.79 -94.09
CA GLU L 187 -14.47 23.93 -94.37
C GLU L 187 -13.06 23.52 -94.76
N GLY L 188 -12.69 22.25 -94.60
CA GLY L 188 -11.36 21.81 -94.93
C GLY L 188 -10.35 22.27 -93.89
N ARG L 189 -10.65 22.00 -92.62
CA ARG L 189 -9.86 22.53 -91.52
C ARG L 189 -9.51 21.47 -90.47
N ILE L 190 -9.63 20.18 -90.80
CA ILE L 190 -9.32 19.10 -89.88
C ILE L 190 -8.40 18.10 -90.59
N VAL L 191 -7.24 17.87 -90.01
CA VAL L 191 -6.28 16.88 -90.52
C VAL L 191 -6.31 15.68 -89.59
N PRO L 192 -6.63 14.48 -90.09
CA PRO L 192 -6.81 13.31 -89.21
C PRO L 192 -5.47 12.64 -88.92
N ASP L 193 -5.10 12.61 -87.65
CA ASP L 193 -3.90 11.90 -87.18
C ASP L 193 -4.37 10.74 -86.31
N GLY L 194 -4.67 9.62 -86.96
CA GLY L 194 -5.19 8.46 -86.26
C GLY L 194 -6.60 8.68 -85.76
N VAL L 195 -6.75 8.86 -84.45
CA VAL L 195 -8.04 9.22 -83.85
C VAL L 195 -8.08 10.66 -83.36
N ASN L 196 -6.98 11.41 -83.47
CA ASN L 196 -6.89 12.66 -82.72
C ASN L 196 -7.52 13.83 -83.47
N ALA L 197 -7.38 13.88 -84.78
CA ALA L 197 -8.06 14.87 -85.63
C ALA L 197 -7.71 16.30 -85.22
N LYS L 198 -6.45 16.64 -85.42
CA LYS L 198 -5.97 17.97 -85.07
C LYS L 198 -6.64 19.03 -85.94
N LEU L 199 -7.11 20.10 -85.31
CA LEU L 199 -7.77 21.20 -86.01
C LEU L 199 -6.72 22.27 -86.32
N LEU L 200 -6.28 22.32 -87.58
CA LEU L 200 -5.30 23.31 -87.99
C LEU L 200 -5.89 24.71 -87.91
N GLY L 201 -5.02 25.69 -87.64
CA GLY L 201 -5.48 27.04 -87.37
C GLY L 201 -4.89 28.12 -88.25
N VAL L 202 -4.30 29.14 -87.61
CA VAL L 202 -3.84 30.34 -88.29
C VAL L 202 -2.41 30.73 -87.93
N HIS L 203 -1.63 29.85 -87.31
CA HIS L 203 -0.27 30.18 -86.85
C HIS L 203 0.81 29.30 -87.56
N GLY L 204 2.10 29.56 -87.27
CA GLY L 204 3.21 28.87 -87.87
C GLY L 204 3.62 29.50 -89.14
N PRO L 205 4.66 28.92 -89.76
CA PRO L 205 5.10 29.53 -91.07
C PRO L 205 4.02 29.43 -92.12
N ILE L 206 3.84 30.46 -92.94
CA ILE L 206 2.85 30.40 -94.01
C ILE L 206 3.29 29.43 -95.10
N ALA L 207 4.60 29.31 -95.31
CA ALA L 207 5.11 28.34 -96.27
C ALA L 207 4.93 26.91 -95.78
N LYS L 208 4.66 26.74 -94.48
CA LYS L 208 4.48 25.40 -93.94
C LYS L 208 3.12 24.82 -94.33
N ARG L 209 2.17 25.68 -94.67
CA ARG L 209 0.84 25.22 -95.07
C ARG L 209 0.84 24.80 -96.53
N ALA L 210 -0.29 24.27 -96.96
CA ALA L 210 -0.51 23.77 -98.30
C ALA L 210 -1.66 24.50 -98.97
N PRO L 211 -1.70 24.56 -100.30
CA PRO L 211 -2.81 25.24 -100.98
C PRO L 211 -4.16 24.69 -100.56
N GLY L 212 -4.95 25.52 -99.89
CA GLY L 212 -6.21 25.12 -99.31
C GLY L 212 -6.17 24.86 -97.82
N GLN L 213 -4.98 24.79 -97.23
CA GLN L 213 -4.83 24.51 -95.81
C GLN L 213 -4.32 25.70 -95.02
N ALA L 214 -4.36 26.90 -95.59
CA ALA L 214 -4.01 28.13 -94.90
C ALA L 214 -5.25 29.00 -94.79
N ILE L 215 -5.63 29.33 -93.56
CA ILE L 215 -6.83 30.11 -93.29
C ILE L 215 -6.46 31.33 -92.48
N LEU L 216 -6.95 32.49 -92.92
CA LEU L 216 -6.88 33.70 -92.10
C LEU L 216 -7.94 33.62 -91.01
N ALA L 217 -7.53 33.88 -89.77
CA ALA L 217 -8.41 33.81 -88.61
C ALA L 217 -9.14 32.48 -88.54
N GLN M 7 29.36 36.50 -103.87
CA GLN M 7 29.90 37.86 -103.91
C GLN M 7 31.40 37.85 -104.08
N LEU M 8 31.90 38.68 -104.99
CA LEU M 8 33.33 38.77 -105.27
C LEU M 8 34.01 39.85 -104.43
N ASN M 9 33.77 39.82 -103.12
CA ASN M 9 34.44 40.73 -102.22
C ASN M 9 35.91 40.30 -102.08
N PRO M 10 36.85 41.26 -102.08
CA PRO M 10 38.26 40.88 -101.90
C PRO M 10 38.56 40.36 -100.50
N MET M 11 37.66 40.59 -99.54
CA MET M 11 37.81 39.98 -98.23
C MET M 11 37.30 38.55 -98.20
N ARG M 12 36.51 38.15 -99.18
CA ARG M 12 35.96 36.79 -99.26
C ARG M 12 36.89 35.86 -100.04
N GLU M 13 38.17 35.82 -99.64
CA GLU M 13 39.12 34.89 -100.22
C GLU M 13 39.44 33.81 -99.20
N ILE M 14 39.48 32.56 -99.65
CA ILE M 14 39.75 31.43 -98.78
C ILE M 14 41.26 31.25 -98.62
N LYS M 15 41.70 31.16 -97.38
CA LYS M 15 43.10 30.90 -97.07
C LYS M 15 43.17 29.81 -96.00
N VAL M 16 44.30 29.12 -95.96
CA VAL M 16 44.49 28.05 -94.97
C VAL M 16 44.76 28.72 -93.62
N GLN M 17 43.86 28.51 -92.67
CA GLN M 17 44.07 29.07 -91.33
C GLN M 17 45.21 28.35 -90.63
N LYS M 18 45.19 27.03 -90.64
CA LYS M 18 46.24 26.25 -90.01
C LYS M 18 46.16 24.82 -90.54
N LEU M 19 47.27 24.10 -90.37
CA LEU M 19 47.36 22.70 -90.73
C LEU M 19 47.89 21.94 -89.52
N VAL M 20 47.21 20.85 -89.17
CA VAL M 20 47.54 20.08 -87.98
C VAL M 20 48.01 18.70 -88.39
N LEU M 21 49.22 18.34 -87.99
CA LEU M 21 49.79 17.02 -88.24
C LEU M 21 49.62 16.18 -86.99
N ASN M 22 48.82 15.13 -87.07
CA ASN M 22 48.58 14.24 -85.96
C ASN M 22 49.30 12.92 -86.18
N ILE M 23 49.98 12.43 -85.15
CA ILE M 23 50.52 11.08 -85.10
C ILE M 23 49.99 10.42 -83.84
N SER M 24 49.35 9.27 -83.99
CA SER M 24 48.74 8.54 -82.88
C SER M 24 49.39 7.17 -82.78
N VAL M 25 50.37 7.04 -81.89
CA VAL M 25 51.08 5.78 -81.71
C VAL M 25 50.27 4.83 -80.84
N GLY M 26 49.87 5.30 -79.66
CA GLY M 26 49.12 4.48 -78.72
C GLY M 26 49.89 4.06 -77.49
N GLU M 27 51.17 4.41 -77.39
CA GLU M 27 51.98 4.02 -76.24
C GLU M 27 53.04 5.09 -76.01
N SER M 28 53.89 4.85 -75.01
CA SER M 28 54.96 5.76 -74.67
C SER M 28 56.29 5.00 -74.65
N GLY M 29 57.36 5.73 -74.95
CA GLY M 29 58.68 5.12 -74.99
C GLY M 29 59.51 5.59 -76.16
N ASP M 30 60.35 4.71 -76.70
CA ASP M 30 61.18 5.08 -77.85
C ASP M 30 60.33 5.36 -79.08
N ARG M 31 59.16 4.72 -79.20
CA ARG M 31 58.31 4.94 -80.35
C ARG M 31 57.76 6.37 -80.36
N LEU M 32 57.29 6.85 -79.21
CA LEU M 32 56.79 8.21 -79.14
C LEU M 32 57.90 9.23 -79.38
N THR M 33 59.08 9.00 -78.81
CA THR M 33 60.18 9.95 -78.96
C THR M 33 60.63 10.04 -80.42
N ARG M 34 60.71 8.90 -81.11
CA ARG M 34 61.06 8.93 -82.53
C ARG M 34 59.90 9.51 -83.34
N ALA M 35 58.67 9.30 -82.90
CA ALA M 35 57.51 9.92 -83.56
C ALA M 35 57.57 11.44 -83.46
N ALA M 36 57.93 11.95 -82.29
CA ALA M 36 57.99 13.39 -82.10
C ALA M 36 59.07 14.01 -82.97
N LYS M 37 60.23 13.35 -83.10
CA LYS M 37 61.33 13.91 -83.88
C LYS M 37 60.95 14.09 -85.35
N VAL M 38 60.11 13.20 -85.88
CA VAL M 38 59.68 13.35 -87.27
C VAL M 38 58.92 14.66 -87.45
N LEU M 39 58.03 14.98 -86.52
CA LEU M 39 57.33 16.26 -86.58
C LEU M 39 58.28 17.43 -86.34
N GLU M 40 59.32 17.22 -85.52
CA GLU M 40 60.33 18.26 -85.35
C GLU M 40 61.02 18.59 -86.66
N GLN M 41 61.35 17.55 -87.44
CA GLN M 41 62.01 17.78 -88.72
C GLN M 41 61.09 18.50 -89.70
N LEU M 42 59.82 18.10 -89.75
CA LEU M 42 58.91 18.60 -90.77
C LEU M 42 58.33 19.97 -90.44
N SER M 43 58.48 20.46 -89.21
CA SER M 43 57.91 21.73 -88.81
C SER M 43 58.93 22.71 -88.26
N GLY M 44 59.90 22.23 -87.49
CA GLY M 44 60.87 23.10 -86.85
C GLY M 44 60.48 23.56 -85.45
N GLN M 45 59.31 23.17 -84.97
CA GLN M 45 58.84 23.55 -83.64
C GLN M 45 58.60 22.30 -82.81
N SER M 46 58.67 22.47 -81.50
CA SER M 46 58.53 21.34 -80.59
C SER M 46 57.11 20.78 -80.67
N PRO M 47 56.93 19.49 -80.90
CA PRO M 47 55.58 18.92 -80.89
C PRO M 47 55.04 18.87 -79.48
N VAL M 48 53.71 18.82 -79.40
CA VAL M 48 53.01 18.76 -78.13
C VAL M 48 52.37 17.37 -78.01
N PHE M 49 52.63 16.72 -76.89
CA PHE M 49 52.12 15.38 -76.65
C PHE M 49 50.69 15.43 -76.16
N SER M 50 49.95 14.33 -76.38
CA SER M 50 48.59 14.21 -75.91
C SER M 50 48.45 12.96 -75.06
N LYS M 51 47.81 13.11 -73.91
CA LYS M 51 47.64 12.01 -72.98
C LYS M 51 46.36 11.24 -73.29
N ALA M 52 46.23 10.06 -72.69
CA ALA M 52 45.02 9.28 -72.79
C ALA M 52 44.05 9.71 -71.71
N ARG M 53 42.76 9.61 -72.01
CA ARG M 53 41.72 10.05 -71.08
C ARG M 53 40.93 8.90 -70.45
N TYR M 54 41.04 7.68 -70.98
CA TYR M 54 40.36 6.53 -70.39
C TYR M 54 41.28 5.32 -70.48
N THR M 55 41.03 4.36 -69.60
CA THR M 55 41.74 3.08 -69.62
C THR M 55 40.95 2.11 -70.48
N VAL M 56 41.54 1.69 -71.60
CA VAL M 56 40.90 0.80 -72.56
C VAL M 56 41.80 -0.42 -72.72
N ARG M 57 41.27 -1.60 -72.36
CA ARG M 57 42.08 -2.80 -72.37
C ARG M 57 42.40 -3.25 -73.78
N SER M 58 41.46 -3.08 -74.72
CA SER M 58 41.67 -3.55 -76.08
C SER M 58 42.86 -2.87 -76.73
N PHE M 59 43.00 -1.56 -76.55
CA PHE M 59 44.15 -0.84 -77.08
C PHE M 59 45.34 -0.86 -76.14
N GLY M 60 45.17 -1.34 -74.91
CA GLY M 60 46.26 -1.39 -73.95
C GLY M 60 46.76 -0.02 -73.52
N ILE M 61 45.84 0.85 -73.11
CA ILE M 61 46.19 2.21 -72.70
C ILE M 61 45.60 2.49 -71.31
N ARG M 62 46.40 3.10 -70.46
CA ARG M 62 45.96 3.50 -69.14
C ARG M 62 45.69 5.00 -69.08
N ARG M 63 45.06 5.42 -67.98
CA ARG M 63 44.72 6.82 -67.81
C ARG M 63 45.96 7.69 -67.78
N ASN M 64 45.87 8.85 -68.41
CA ASN M 64 46.92 9.87 -68.39
C ASN M 64 48.25 9.31 -68.91
N GLU M 65 48.18 8.52 -69.97
CA GLU M 65 49.37 7.96 -70.59
C GLU M 65 49.64 8.67 -71.92
N LYS M 66 50.88 9.09 -72.13
CA LYS M 66 51.30 9.65 -73.40
C LYS M 66 51.15 8.63 -74.51
N ILE M 67 50.21 8.85 -75.43
CA ILE M 67 49.95 7.90 -76.50
C ILE M 67 50.02 8.54 -77.88
N ALA M 68 50.02 9.87 -77.99
CA ALA M 68 49.99 10.53 -79.28
C ALA M 68 50.71 11.85 -79.20
N CYS M 69 50.92 12.48 -80.36
CA CYS M 69 51.60 13.76 -80.45
C CYS M 69 51.14 14.47 -81.71
N TYR M 70 51.16 15.80 -81.67
CA TYR M 70 50.67 16.61 -82.78
C TYR M 70 51.36 17.97 -82.76
N VAL M 71 51.04 18.78 -83.77
CA VAL M 71 51.66 20.09 -83.92
C VAL M 71 50.77 20.93 -84.84
N THR M 72 50.77 22.24 -84.62
CA THR M 72 49.99 23.18 -85.41
C THR M 72 50.95 24.06 -86.20
N ILE M 73 50.78 24.09 -87.52
CA ILE M 73 51.60 24.88 -88.42
C ILE M 73 50.72 25.85 -89.19
N ARG M 74 51.21 27.07 -89.39
CA ARG M 74 50.53 28.05 -90.20
C ARG M 74 51.57 28.90 -90.92
N GLY M 75 51.15 29.49 -92.03
CA GLY M 75 52.05 30.27 -92.86
C GLY M 75 52.52 29.48 -94.07
N GLU M 76 53.61 29.98 -94.67
CA GLU M 76 54.15 29.32 -95.86
C GLU M 76 54.62 27.90 -95.56
N LYS M 77 55.08 27.64 -94.33
CA LYS M 77 55.53 26.30 -93.97
C LYS M 77 54.40 25.29 -94.09
N ALA M 78 53.21 25.64 -93.60
CA ALA M 78 52.06 24.75 -93.74
C ALA M 78 51.61 24.67 -95.19
N MET M 79 51.89 25.70 -95.97
CA MET M 79 51.56 25.65 -97.39
C MET M 79 52.42 24.64 -98.12
N GLN M 80 53.71 24.60 -97.78
CA GLN M 80 54.61 23.67 -98.45
C GLN M 80 54.39 22.25 -97.97
N LEU M 81 54.07 22.08 -96.68
CA LEU M 81 53.79 20.75 -96.15
C LEU M 81 52.54 20.16 -96.77
N LEU M 82 51.50 20.99 -96.94
CA LEU M 82 50.27 20.51 -97.57
C LEU M 82 50.52 20.18 -99.04
N GLU M 83 51.35 20.97 -99.71
CA GLU M 83 51.67 20.69 -101.11
C GLU M 83 52.36 19.36 -101.26
N SER M 84 53.32 19.08 -100.38
CA SER M 84 54.04 17.81 -100.45
C SER M 84 53.16 16.65 -99.99
N GLY M 85 52.34 16.88 -98.96
CA GLY M 85 51.46 15.82 -98.51
C GLY M 85 50.42 15.45 -99.54
N LEU M 86 49.80 16.46 -100.16
CA LEU M 86 48.82 16.19 -101.19
C LEU M 86 49.47 15.60 -102.44
N LYS M 87 50.76 15.87 -102.64
CA LYS M 87 51.48 15.26 -103.75
C LYS M 87 51.62 13.75 -103.56
N VAL M 88 51.77 13.30 -102.31
CA VAL M 88 51.83 11.87 -102.03
C VAL M 88 50.55 11.18 -102.49
N LYS M 89 49.41 11.83 -102.28
CA LYS M 89 48.15 11.33 -102.83
C LYS M 89 48.05 11.52 -104.33
N GLU M 90 49.02 12.21 -104.94
CA GLU M 90 48.99 12.56 -106.35
C GLU M 90 47.75 13.39 -106.69
N TYR M 91 47.32 14.23 -105.74
CA TYR M 91 46.16 15.09 -105.90
C TYR M 91 44.91 14.27 -106.18
N GLU M 92 44.63 13.32 -105.29
CA GLU M 92 43.44 12.47 -105.40
C GLU M 92 42.85 12.33 -103.99
N LEU M 93 41.95 13.24 -103.65
CA LEU M 93 41.23 13.21 -102.39
C LEU M 93 39.95 12.38 -102.55
N LEU M 94 39.07 12.45 -101.57
CA LEU M 94 37.78 11.77 -101.62
C LEU M 94 36.67 12.77 -101.28
N ARG M 95 35.46 12.46 -101.73
CA ARG M 95 34.32 13.32 -101.42
C ARG M 95 34.09 13.40 -99.91
N ARG M 96 34.22 12.27 -99.22
CA ARG M 96 34.02 12.23 -97.78
C ARG M 96 35.08 12.99 -97.01
N ASN M 97 36.26 13.23 -97.61
CA ASN M 97 37.37 13.83 -96.87
C ASN M 97 37.05 15.23 -96.38
N PHE M 98 36.07 15.91 -96.97
CA PHE M 98 35.74 17.28 -96.62
C PHE M 98 34.62 17.30 -95.60
N SER M 99 34.86 17.97 -94.47
CA SER M 99 33.80 18.21 -93.51
C SER M 99 32.94 19.38 -93.97
N ASP M 100 31.74 19.47 -93.39
CA ASP M 100 30.77 20.45 -93.84
C ASP M 100 31.03 21.84 -93.29
N THR M 101 32.00 22.00 -92.39
CA THR M 101 32.37 23.29 -91.84
C THR M 101 33.47 23.98 -92.62
N GLY M 102 33.92 23.39 -93.73
CA GLY M 102 34.97 23.98 -94.52
C GLY M 102 36.35 23.49 -94.11
N CYS M 103 36.43 22.24 -93.68
CA CYS M 103 37.69 21.62 -93.32
C CYS M 103 37.79 20.25 -93.98
N PHE M 104 39.01 19.83 -94.26
CA PHE M 104 39.25 18.53 -94.88
C PHE M 104 40.57 17.98 -94.36
N GLY M 105 40.79 16.70 -94.62
CA GLY M 105 42.03 16.06 -94.23
C GLY M 105 42.26 14.82 -95.06
N PHE M 106 43.44 14.24 -94.86
CA PHE M 106 43.79 12.96 -95.47
C PHE M 106 44.82 12.29 -94.56
N GLY M 107 45.45 11.24 -95.06
CA GLY M 107 46.46 10.54 -94.32
C GLY M 107 47.69 10.29 -95.16
N ILE M 108 48.80 10.03 -94.47
CA ILE M 108 50.05 9.62 -95.10
C ILE M 108 50.50 8.34 -94.43
N GLN M 109 50.69 7.29 -95.21
CA GLN M 109 51.13 6.02 -94.64
C GLN M 109 52.59 6.08 -94.22
N GLU M 110 53.44 6.70 -95.03
CA GLU M 110 54.87 6.72 -94.78
C GLU M 110 55.43 8.11 -95.02
N HIS M 111 56.15 8.64 -94.04
CA HIS M 111 56.69 9.99 -94.16
C HIS M 111 57.88 10.08 -95.09
N ILE M 112 58.34 8.95 -95.63
CA ILE M 112 59.45 9.00 -96.59
C ILE M 112 59.03 9.71 -97.87
N ASP M 113 57.77 9.59 -98.26
CA ASP M 113 57.27 10.27 -99.46
C ASP M 113 57.23 11.78 -99.28
N LEU M 114 57.25 12.27 -98.03
CA LEU M 114 57.34 13.69 -97.80
C LEU M 114 58.73 14.25 -98.11
N GLY M 115 59.73 13.39 -98.24
CA GLY M 115 61.04 13.81 -98.66
C GLY M 115 62.17 13.44 -97.71
N MET M 116 61.92 13.53 -96.41
CA MET M 116 62.97 13.25 -95.44
C MET M 116 63.28 11.76 -95.42
N LYS M 117 64.58 11.42 -95.50
CA LYS M 117 64.98 10.03 -95.55
C LYS M 117 64.59 9.30 -94.26
N TYR M 118 64.98 9.85 -93.11
CA TYR M 118 64.60 9.34 -91.80
C TYR M 118 64.81 7.83 -91.69
N ASP M 119 65.92 7.36 -92.26
CA ASP M 119 66.24 5.94 -92.21
C ASP M 119 67.25 5.65 -91.11
N THR M 122 64.69 7.66 -88.31
CA THR M 122 64.00 7.38 -87.06
C THR M 122 63.20 6.10 -87.17
N GLY M 123 62.64 5.86 -88.33
CA GLY M 123 61.92 4.62 -88.56
C GLY M 123 60.81 4.83 -89.58
N ILE M 124 59.78 4.02 -89.43
CA ILE M 124 58.64 3.99 -90.34
C ILE M 124 57.43 4.56 -89.60
N TYR M 125 56.87 5.65 -90.13
CA TYR M 125 55.83 6.40 -89.44
C TYR M 125 54.88 7.04 -90.44
N GLY M 126 53.60 7.06 -90.09
CA GLY M 126 52.61 7.82 -90.83
C GLY M 126 52.07 8.97 -90.00
N MET M 127 51.20 9.75 -90.63
CA MET M 127 50.63 10.90 -89.96
C MET M 127 49.24 11.21 -90.51
N ASP M 128 48.44 11.86 -89.68
CA ASP M 128 47.13 12.35 -90.08
C ASP M 128 47.27 13.83 -90.45
N PHE M 129 46.93 14.16 -91.70
CA PHE M 129 46.90 15.54 -92.15
C PHE M 129 45.49 16.08 -91.99
N PHE M 130 45.36 17.22 -91.33
CA PHE M 130 44.10 17.95 -91.30
C PHE M 130 44.37 19.42 -91.60
N VAL M 131 43.50 20.03 -92.39
CA VAL M 131 43.68 21.40 -92.85
C VAL M 131 42.37 22.16 -92.63
N VAL M 132 42.46 23.31 -91.98
CA VAL M 132 41.32 24.18 -91.73
C VAL M 132 41.35 25.30 -92.75
N LEU M 133 40.26 25.45 -93.50
CA LEU M 133 40.10 26.56 -94.42
C LEU M 133 39.24 27.64 -93.78
N GLU M 134 39.62 28.89 -94.00
CA GLU M 134 38.90 30.01 -93.42
C GLU M 134 39.06 31.22 -94.34
N ARG M 135 38.19 32.20 -94.14
CA ARG M 135 38.29 33.50 -94.76
C ARG M 135 38.69 34.53 -93.71
N ALA M 136 38.76 35.79 -94.12
CA ALA M 136 39.06 36.84 -93.18
C ALA M 136 37.89 37.07 -92.23
N GLY M 137 38.18 37.70 -91.11
CA GLY M 137 37.15 38.01 -90.14
C GLY M 137 36.80 36.90 -89.18
N TYR M 138 37.46 35.75 -89.27
CA TYR M 138 37.24 34.68 -88.31
C TYR M 138 37.71 35.03 -86.91
N ARG M 139 38.45 36.11 -86.76
CA ARG M 139 38.90 36.56 -85.44
C ARG M 139 37.74 36.86 -84.51
N VAL M 140 36.57 37.22 -85.04
CA VAL M 140 35.46 37.62 -84.19
C VAL M 140 35.03 36.48 -83.27
N SER M 141 35.25 35.24 -83.68
CA SER M 141 34.88 34.09 -82.86
C SER M 141 36.01 33.61 -81.95
N ARG M 142 37.18 34.23 -82.01
CA ARG M 142 38.31 33.80 -81.19
C ARG M 142 38.93 34.90 -80.33
N ARG M 143 38.67 36.16 -80.64
CA ARG M 143 39.13 37.25 -79.78
C ARG M 143 38.40 37.20 -78.44
N ARG M 144 39.09 37.63 -77.39
CA ARG M 144 38.54 37.52 -76.04
C ARG M 144 37.32 38.41 -75.86
N ARG M 145 37.45 39.69 -76.21
CA ARG M 145 36.39 40.66 -76.00
C ARG M 145 35.47 40.70 -77.22
N CYS M 146 34.15 40.70 -76.96
CA CYS M 146 33.13 40.86 -78.00
C CYS M 146 33.13 39.67 -78.97
N LYS M 147 33.16 38.46 -78.41
CA LYS M 147 33.09 37.24 -79.20
C LYS M 147 31.77 37.16 -79.94
N ALA M 148 31.80 36.61 -81.14
CA ALA M 148 30.60 36.56 -81.98
C ALA M 148 30.76 35.46 -83.02
N ARG M 149 29.63 35.07 -83.61
CA ARG M 149 29.63 34.12 -84.72
C ARG M 149 30.06 34.81 -86.01
N VAL M 150 30.66 34.03 -86.91
CA VAL M 150 31.37 34.62 -88.05
C VAL M 150 30.49 34.92 -89.25
N GLY M 151 29.19 34.66 -89.17
CA GLY M 151 28.29 35.02 -90.25
C GLY M 151 28.34 34.05 -91.42
N ILE M 152 27.17 33.67 -91.93
CA ILE M 152 27.08 32.57 -92.90
C ILE M 152 27.70 32.96 -94.24
N HIS M 153 27.65 34.24 -94.63
CA HIS M 153 28.23 34.62 -95.92
C HIS M 153 29.75 34.62 -95.88
N GLN M 154 30.36 34.70 -94.70
CA GLN M 154 31.80 34.66 -94.54
C GLN M 154 32.30 33.28 -94.12
N ARG M 155 31.44 32.28 -94.13
CA ARG M 155 31.84 30.92 -93.76
C ARG M 155 32.23 30.11 -94.98
N VAL M 156 33.16 29.19 -94.76
CA VAL M 156 33.59 28.23 -95.78
C VAL M 156 32.80 26.94 -95.58
N THR M 157 32.13 26.47 -96.63
CA THR M 157 31.38 25.24 -96.55
C THR M 157 31.99 24.21 -97.51
N LYS M 158 31.34 23.05 -97.62
CA LYS M 158 31.88 21.96 -98.43
C LYS M 158 31.99 22.36 -99.89
N GLU M 159 31.04 23.15 -100.39
CA GLU M 159 31.07 23.56 -101.79
C GLU M 159 32.30 24.41 -102.08
N ASP M 160 32.62 25.35 -101.19
CA ASP M 160 33.77 26.21 -101.42
C ASP M 160 35.08 25.45 -101.21
N ALA M 161 35.15 24.63 -100.17
CA ALA M 161 36.38 23.90 -99.88
C ALA M 161 36.73 22.92 -100.99
N MET M 162 35.72 22.22 -101.51
CA MET M 162 35.95 21.30 -102.62
C MET M 162 36.36 22.05 -103.87
N LYS M 163 35.70 23.18 -104.15
CA LYS M 163 36.12 24.02 -105.26
C LYS M 163 37.53 24.54 -105.06
N TRP M 164 37.88 24.89 -103.83
CA TRP M 164 39.21 25.43 -103.54
C TRP M 164 40.30 24.40 -103.85
N PHE M 165 40.06 23.14 -103.51
CA PHE M 165 41.04 22.09 -103.77
C PHE M 165 41.16 21.82 -105.26
N GLN M 166 40.04 21.89 -105.99
CA GLN M 166 40.07 21.58 -107.42
C GLN M 166 40.95 22.57 -108.19
N VAL M 167 40.85 23.86 -107.87
CA VAL M 167 41.49 24.89 -108.70
C VAL M 167 42.85 25.31 -108.19
N LYS M 168 43.28 24.85 -107.02
CA LYS M 168 44.56 25.26 -106.46
C LYS M 168 45.64 24.20 -106.61
N TYR M 169 45.30 22.93 -106.38
CA TYR M 169 46.23 21.82 -106.52
C TYR M 169 45.89 20.92 -107.70
N GLU M 170 45.13 21.44 -108.66
CA GLU M 170 44.57 20.67 -109.78
C GLU M 170 44.08 19.30 -109.32
N GLY M 171 43.46 19.25 -108.14
CA GLY M 171 43.02 18.00 -107.58
C GLY M 171 41.61 17.63 -108.04
N VAL M 172 41.33 16.33 -108.02
CA VAL M 172 40.06 15.79 -108.46
C VAL M 172 39.43 15.04 -107.29
N ILE M 173 38.16 15.32 -107.03
CA ILE M 173 37.43 14.65 -105.96
C ILE M 173 36.89 13.34 -106.50
N LEU M 174 37.26 12.25 -105.84
CA LEU M 174 36.78 10.92 -106.21
C LEU M 174 35.48 10.61 -105.47
N ASN M 175 34.76 9.62 -105.99
CA ASN M 175 33.51 9.20 -105.38
C ASN M 175 33.51 7.69 -105.15
N VAL N 2 17.19 20.81 -2.78
CA VAL N 2 17.52 22.18 -3.10
C VAL N 2 16.69 22.64 -4.29
N LYS N 3 16.01 23.78 -4.16
CA LYS N 3 15.01 24.17 -5.14
C LYS N 3 15.09 25.61 -5.63
N HIS N 4 15.73 26.53 -4.92
CA HIS N 4 15.63 27.93 -5.32
C HIS N 4 17.02 28.55 -5.28
N ASN N 5 17.06 29.88 -5.33
CA ASN N 5 18.30 30.64 -5.20
C ASN N 5 18.60 30.86 -3.73
N ASN N 6 19.20 29.85 -3.12
CA ASN N 6 19.62 29.90 -1.72
C ASN N 6 21.14 29.81 -1.66
N VAL N 7 21.69 29.87 -0.45
CA VAL N 7 23.08 29.47 -0.28
C VAL N 7 23.17 27.95 -0.37
N ILE N 8 24.35 27.46 -0.70
CA ILE N 8 24.60 26.03 -0.63
C ILE N 8 24.60 25.65 0.84
N PRO N 9 23.71 24.77 1.27
CA PRO N 9 23.62 24.44 2.70
C PRO N 9 24.80 23.61 3.16
N ASN N 10 25.31 23.92 4.36
CA ASN N 10 26.34 23.11 5.00
C ASN N 10 25.98 22.95 6.48
N GLY N 11 25.15 21.93 6.77
CA GLY N 11 24.76 21.62 8.13
C GLY N 11 25.56 20.47 8.67
N HIS N 12 26.35 20.74 9.71
CA HIS N 12 27.18 19.72 10.36
C HIS N 12 26.34 19.01 11.43
N PHE N 13 25.37 18.25 10.96
CA PHE N 13 24.46 17.54 11.86
C PHE N 13 24.21 16.13 11.35
N LYS N 14 25.26 15.47 10.86
CA LYS N 14 25.16 14.11 10.35
C LYS N 14 25.53 13.05 11.38
N LYS N 15 26.16 13.44 12.49
CA LYS N 15 26.50 12.51 13.56
C LYS N 15 25.37 12.50 14.60
N HIS N 16 25.63 11.91 15.75
CA HIS N 16 24.66 11.87 16.85
C HIS N 16 24.77 13.15 17.70
N TRP N 17 24.55 14.29 17.04
CA TRP N 17 24.74 15.58 17.69
C TRP N 17 23.82 15.79 18.88
N GLN N 18 22.72 15.04 18.96
CA GLN N 18 21.75 15.23 20.02
C GLN N 18 22.17 14.59 21.33
N ASN N 19 23.21 13.78 21.33
CA ASN N 19 23.81 13.27 22.56
C ASN N 19 24.92 14.18 23.06
N TYR N 20 25.17 15.30 22.39
CA TYR N 20 26.24 16.23 22.73
C TYR N 20 25.74 17.67 22.76
N VAL N 21 24.49 17.87 23.16
CA VAL N 21 23.93 19.21 23.30
C VAL N 21 24.29 19.73 24.68
N LYS N 22 24.83 20.94 24.72
CA LYS N 22 25.23 21.58 25.96
C LYS N 22 24.31 22.79 26.18
N THR N 23 23.42 22.69 27.13
CA THR N 23 22.58 23.81 27.49
C THR N 23 23.25 24.62 28.60
N TRP N 24 22.66 25.78 28.90
CA TRP N 24 23.27 26.74 29.81
C TRP N 24 22.30 27.14 30.91
N PHE N 25 21.42 26.22 31.31
CA PHE N 25 20.48 26.50 32.40
C PHE N 25 21.17 26.67 33.74
N ASN N 26 22.44 26.26 33.86
CA ASN N 26 23.22 26.44 35.08
C ASN N 26 24.08 27.69 35.02
N GLN N 27 23.85 28.58 34.04
CA GLN N 27 24.64 29.80 33.95
C GLN N 27 24.46 30.73 35.15
N PRO N 28 23.24 31.05 35.59
CA PRO N 28 23.13 31.88 36.80
C PRO N 28 23.61 31.19 38.07
N ALA N 29 23.58 29.85 38.10
CA ALA N 29 24.12 29.14 39.26
C ALA N 29 25.65 29.14 39.23
N ARG N 30 26.24 29.07 38.04
CA ARG N 30 27.69 29.19 37.93
C ARG N 30 28.16 30.55 38.40
N LYS N 31 27.38 31.60 38.09
CA LYS N 31 27.74 32.95 38.52
C LYS N 31 27.73 33.07 40.03
N GLN N 32 26.77 32.43 40.70
CA GLN N 32 26.70 32.50 42.15
C GLN N 32 27.78 31.66 42.81
N ARG N 33 28.07 30.48 42.26
CA ARG N 33 29.14 29.66 42.81
C ARG N 33 30.49 30.33 42.69
N ARG N 34 30.74 31.00 41.57
CA ARG N 34 31.98 31.73 41.40
C ARG N 34 32.04 32.95 42.32
N ARG N 35 30.90 33.61 42.54
CA ARG N 35 30.88 34.74 43.46
C ARG N 35 31.12 34.30 44.89
N ILE N 36 30.55 33.17 45.30
CA ILE N 36 30.69 32.69 46.66
C ILE N 36 32.13 32.32 46.96
N ALA N 37 32.82 31.71 45.99
CA ALA N 37 34.21 31.33 46.20
C ALA N 37 35.12 32.56 46.27
N ARG N 38 34.76 33.62 45.56
CA ARG N 38 35.54 34.85 45.64
C ARG N 38 35.43 35.50 47.01
N GLN N 39 34.26 35.42 47.63
CA GLN N 39 34.09 35.96 48.97
C GLN N 39 34.78 35.08 50.01
N LYS N 40 34.75 33.76 49.82
CA LYS N 40 35.47 32.86 50.72
C LYS N 40 36.97 33.07 50.60
N ASN N 41 37.47 33.20 49.38
CA ASN N 41 38.89 33.45 49.16
C ASN N 41 39.30 34.80 49.74
N ALA N 42 38.42 35.79 49.66
CA ALA N 42 38.72 37.11 50.22
C ALA N 42 38.87 37.05 51.74
N VAL N 43 38.01 36.29 52.41
CA VAL N 43 38.10 36.18 53.86
C VAL N 43 39.32 35.35 54.26
N LYS N 44 39.67 34.34 53.46
CA LYS N 44 40.84 33.53 53.75
C LYS N 44 42.11 34.38 53.75
N ILE N 45 42.21 35.36 52.86
CA ILE N 45 43.31 36.31 52.90
C ILE N 45 42.73 37.69 53.15
N PHE N 46 42.61 38.08 54.42
CA PHE N 46 41.86 39.30 54.73
C PHE N 46 42.56 40.56 54.24
N PRO N 47 43.82 40.83 54.58
CA PRO N 47 44.42 42.08 54.10
C PRO N 47 45.02 41.97 52.71
N ARG N 48 45.33 40.77 52.24
CA ARG N 48 45.92 40.62 50.93
C ARG N 48 44.92 41.05 49.86
N PRO N 49 45.38 41.69 48.79
CA PRO N 49 44.45 42.14 47.74
C PRO N 49 43.77 40.95 47.07
N THR N 50 42.50 41.12 46.75
CA THR N 50 41.69 40.04 46.17
C THR N 50 41.99 39.80 44.69
N SER N 51 42.71 40.70 44.05
CA SER N 51 42.97 40.61 42.62
C SER N 51 44.20 39.78 42.29
N GLY N 52 44.85 39.20 43.28
CA GLY N 52 46.00 38.36 43.05
C GLY N 52 47.30 39.13 43.05
N PRO N 53 48.40 38.44 42.73
CA PRO N 53 49.71 39.09 42.76
C PRO N 53 49.86 40.13 41.67
N LEU N 54 50.87 40.97 41.84
CA LEU N 54 51.17 42.03 40.88
C LEU N 54 51.63 41.44 39.55
N ARG N 55 51.15 42.04 38.46
CA ARG N 55 51.49 41.59 37.12
C ARG N 55 52.29 42.67 36.38
N PRO N 56 53.15 42.28 35.46
CA PRO N 56 53.88 43.26 34.65
C PRO N 56 53.05 43.78 33.47
N ILE N 57 53.70 44.61 32.66
CA ILE N 57 53.12 45.15 31.44
C ILE N 57 53.89 44.61 30.26
N VAL N 58 53.16 44.07 29.27
CA VAL N 58 53.76 43.50 28.08
C VAL N 58 52.98 43.96 26.86
N GLN N 59 53.64 43.86 25.70
CA GLN N 59 52.98 44.08 24.43
C GLN N 59 52.36 42.77 23.95
N CYS N 60 51.11 42.82 23.50
CA CYS N 60 50.51 41.65 22.87
C CYS N 60 51.28 41.31 21.60
N GLN N 61 51.48 40.02 21.34
CA GLN N 61 52.32 39.64 20.22
C GLN N 61 51.52 39.72 18.92
N THR N 62 52.23 39.51 17.80
CA THR N 62 51.66 39.48 16.46
C THR N 62 51.31 40.89 15.98
N ARG N 63 51.33 41.11 14.66
CA ARG N 63 51.20 42.45 14.10
C ARG N 63 49.83 43.06 14.35
N LYS N 64 48.79 42.24 14.49
CA LYS N 64 47.46 42.78 14.75
C LYS N 64 47.36 43.47 16.11
N TYR N 65 48.07 42.95 17.11
CA TYR N 65 48.00 43.46 18.47
C TYR N 65 49.35 44.00 18.95
N ASN N 66 50.20 44.42 18.01
CA ASN N 66 51.51 44.97 18.33
C ASN N 66 51.41 46.09 19.36
N MET N 67 50.47 47.01 19.15
CA MET N 67 50.43 48.29 19.82
C MET N 67 49.60 48.30 21.10
N LYS N 68 49.09 47.15 21.52
CA LYS N 68 48.30 47.07 22.74
C LYS N 68 49.13 46.47 23.86
N ALA N 69 48.96 47.02 25.06
CA ALA N 69 49.60 46.50 26.26
C ALA N 69 48.60 45.75 27.11
N ARG N 70 49.09 44.79 27.89
CA ARG N 70 48.24 44.00 28.76
C ARG N 70 49.07 43.47 29.91
N ALA N 71 48.41 42.69 30.78
CA ALA N 71 49.09 42.03 31.87
C ALA N 71 49.80 40.76 31.39
N GLY N 72 51.00 40.55 31.88
CA GLY N 72 51.78 39.36 31.56
C GLY N 72 51.53 38.26 32.56
N ARG N 73 52.43 37.28 32.54
CA ARG N 73 52.37 36.22 33.54
C ARG N 73 53.11 36.64 34.82
N GLY N 74 54.39 36.97 34.70
CA GLY N 74 55.15 37.42 35.85
C GLY N 74 56.30 38.30 35.42
N PHE N 75 57.01 38.82 36.41
CA PHE N 75 58.16 39.68 36.18
C PHE N 75 59.40 38.84 35.85
N THR N 76 60.25 39.36 34.98
CA THR N 76 61.47 38.67 34.63
C THR N 76 62.44 38.66 35.81
N LEU N 77 63.37 37.70 35.78
CA LEU N 77 64.40 37.63 36.81
C LEU N 77 65.32 38.84 36.76
N GLU N 78 65.44 39.46 35.58
CA GLU N 78 66.27 40.65 35.44
C GLU N 78 65.55 41.88 35.98
N GLU N 79 64.22 41.95 35.83
CA GLU N 79 63.48 43.08 36.36
C GLU N 79 63.48 43.07 37.88
N LEU N 80 63.32 41.90 38.49
CA LEU N 80 63.33 41.79 39.95
C LEU N 80 64.70 42.16 40.52
N LYS N 81 65.77 41.78 39.83
CA LYS N 81 67.11 42.11 40.30
C LYS N 81 67.36 43.61 40.24
N SER N 82 66.87 44.28 39.20
CA SER N 82 67.09 45.71 39.07
C SER N 82 66.26 46.52 40.06
N ALA N 83 65.17 45.95 40.57
CA ALA N 83 64.38 46.62 41.60
C ALA N 83 64.80 46.25 43.02
N GLY N 84 65.68 45.26 43.18
CA GLY N 84 66.19 44.89 44.48
C GLY N 84 65.41 43.82 45.21
N ILE N 85 64.53 43.10 44.53
CA ILE N 85 63.64 42.13 45.16
C ILE N 85 64.17 40.73 44.87
N PRO N 86 64.59 39.97 45.88
CA PRO N 86 65.03 38.59 45.63
C PRO N 86 63.91 37.76 45.01
N LYS N 87 64.28 36.91 44.06
CA LYS N 87 63.27 36.15 43.32
C LYS N 87 62.55 35.15 44.21
N LYS N 88 63.18 34.70 45.30
CA LYS N 88 62.48 33.83 46.23
C LYS N 88 61.51 34.60 47.11
N LEU N 89 61.81 35.87 47.40
CA LEU N 89 60.91 36.69 48.20
C LEU N 89 59.70 37.16 47.42
N ALA N 90 59.83 37.37 46.12
CA ALA N 90 58.78 38.01 45.34
C ALA N 90 57.43 37.30 45.41
N PRO N 91 57.32 35.99 45.22
CA PRO N 91 56.00 35.36 45.32
C PRO N 91 55.39 35.48 46.70
N THR N 92 56.20 35.51 47.76
CA THR N 92 55.67 35.50 49.11
C THR N 92 55.06 36.85 49.51
N ILE N 93 55.47 37.94 48.85
CA ILE N 93 54.94 39.26 49.14
C ILE N 93 54.01 39.77 48.05
N GLY N 94 53.56 38.89 47.15
CA GLY N 94 52.51 39.23 46.21
C GLY N 94 52.98 39.70 44.85
N ILE N 95 54.09 39.17 44.36
CA ILE N 95 54.61 39.52 43.04
C ILE N 95 54.79 38.24 42.23
N SER N 96 54.37 38.26 40.98
CA SER N 96 54.48 37.10 40.12
C SER N 96 55.84 37.04 39.44
N VAL N 97 56.37 35.83 39.28
CA VAL N 97 57.69 35.60 38.70
C VAL N 97 57.53 34.75 37.45
N ASP N 98 58.17 35.17 36.36
CA ASP N 98 58.13 34.45 35.09
C ASP N 98 59.56 34.29 34.58
N HIS N 99 60.17 33.14 34.86
CA HIS N 99 61.54 32.87 34.42
C HIS N 99 61.64 32.61 32.93
N ARG N 100 60.51 32.39 32.25
CA ARG N 100 60.56 32.14 30.82
C ARG N 100 60.78 33.42 30.02
N ARG N 101 60.17 34.52 30.45
CA ARG N 101 60.22 35.76 29.68
C ARG N 101 61.60 36.41 29.75
N LYS N 102 61.94 37.12 28.68
CA LYS N 102 63.20 37.84 28.58
C LYS N 102 62.92 39.30 28.24
N ASN N 103 63.93 40.14 28.45
CA ASN N 103 63.84 41.57 28.18
C ASN N 103 64.72 41.87 26.97
N ARG N 104 64.08 42.15 25.83
CA ARG N 104 64.82 42.43 24.61
C ARG N 104 64.99 43.92 24.34
N SER N 105 64.05 44.74 24.81
CA SER N 105 64.12 46.18 24.64
C SER N 105 64.21 46.84 26.01
N LEU N 106 64.81 48.04 26.02
CA LEU N 106 65.00 48.76 27.28
C LEU N 106 63.71 49.36 27.81
N GLU N 107 62.85 49.90 26.95
CA GLU N 107 61.68 50.61 27.44
C GLU N 107 60.69 49.67 28.13
N GLY N 108 60.49 48.47 27.56
CA GLY N 108 59.65 47.49 28.22
C GLY N 108 60.17 47.12 29.59
N MET N 109 61.50 47.02 29.71
CA MET N 109 62.11 46.65 30.99
C MET N 109 61.96 47.75 32.03
N GLN N 110 62.20 49.01 31.63
CA GLN N 110 62.16 50.11 32.60
C GLN N 110 60.77 50.32 33.16
N SER N 111 59.76 50.24 32.31
CA SER N 111 58.38 50.44 32.78
C SER N 111 57.96 49.35 33.76
N ASN N 112 58.52 48.15 33.62
CA ASN N 112 58.21 47.09 34.57
C ASN N 112 58.97 47.27 35.87
N ILE N 113 60.23 47.72 35.79
CA ILE N 113 61.00 48.03 36.99
C ILE N 113 60.32 49.16 37.78
N GLN N 114 59.84 50.18 37.07
CA GLN N 114 59.11 51.27 37.71
C GLN N 114 57.85 50.76 38.38
N ARG N 115 57.16 49.82 37.74
CA ARG N 115 55.95 49.24 38.30
C ARG N 115 56.23 48.57 39.63
N LEU N 116 57.35 47.87 39.74
CA LEU N 116 57.71 47.20 40.98
C LEU N 116 58.02 48.22 42.08
N LYS N 117 58.67 49.32 41.72
CA LYS N 117 58.97 50.36 42.70
C LYS N 117 57.71 51.03 43.21
N THR N 118 56.74 51.28 42.33
CA THR N 118 55.46 51.81 42.76
C THR N 118 54.73 50.85 43.68
N TYR N 119 54.83 49.54 43.39
CA TYR N 119 54.22 48.53 44.24
C TYR N 119 54.88 48.49 45.60
N LYS N 120 56.20 48.61 45.64
CA LYS N 120 56.91 48.53 46.92
C LYS N 120 56.63 49.73 47.81
N ALA N 121 56.24 50.86 47.22
CA ALA N 121 55.88 52.03 48.02
C ALA N 121 54.46 51.92 48.56
N LYS N 122 53.67 50.99 48.03
CA LYS N 122 52.30 50.79 48.48
C LYS N 122 52.14 49.54 49.33
N LEU N 123 53.14 48.67 49.35
CA LEU N 123 53.05 47.43 50.09
C LEU N 123 53.32 47.64 51.57
N VAL N 124 52.50 47.01 52.40
CA VAL N 124 52.66 47.04 53.86
C VAL N 124 52.84 45.59 54.31
N ILE N 125 53.99 45.29 54.91
CA ILE N 125 54.35 43.93 55.28
C ILE N 125 54.18 43.75 56.78
N PHE N 126 53.49 42.68 57.18
CA PHE N 126 53.26 42.35 58.57
C PHE N 126 54.37 41.43 59.08
N PRO N 127 54.92 41.69 60.26
CA PRO N 127 55.92 40.78 60.82
C PRO N 127 55.35 39.40 61.07
N ARG N 128 56.18 38.37 60.88
CA ARG N 128 55.77 37.00 61.15
C ARG N 128 55.72 36.66 62.63
N ARG N 129 55.90 37.65 63.50
CA ARG N 129 55.77 37.46 64.94
C ARG N 129 55.53 38.83 65.56
N ALA N 130 55.34 38.84 66.88
CA ALA N 130 55.17 40.11 67.59
C ALA N 130 56.42 40.97 67.49
N ARG N 131 57.59 40.37 67.60
CA ARG N 131 58.85 41.08 67.47
C ARG N 131 59.14 41.37 66.00
N LYS N 132 59.40 42.64 65.68
CA LYS N 132 59.71 43.04 64.31
C LYS N 132 61.21 42.96 64.04
N VAL N 133 61.79 41.80 64.33
CA VAL N 133 63.22 41.60 64.08
C VAL N 133 63.52 41.56 62.60
N LYS N 134 62.54 41.27 61.76
CA LYS N 134 62.75 41.29 60.33
C LYS N 134 62.91 42.73 59.83
N ALA N 135 63.55 42.86 58.68
CA ALA N 135 63.90 44.17 58.13
C ALA N 135 62.79 44.78 57.27
N GLY N 136 62.12 43.97 56.46
CA GLY N 136 61.12 44.47 55.54
C GLY N 136 59.76 44.77 56.14
N ASP N 137 59.60 44.57 57.44
CA ASP N 137 58.31 44.81 58.06
C ASP N 137 58.02 46.31 58.18
N SER N 138 56.76 46.63 58.43
CA SER N 138 56.29 48.00 58.51
C SER N 138 56.14 48.44 59.96
N THR N 139 56.02 49.76 60.14
CA THR N 139 55.81 50.34 61.45
C THR N 139 54.42 49.99 61.97
N PRO N 140 54.22 50.02 63.30
CA PRO N 140 52.89 49.70 63.84
C PRO N 140 51.79 50.60 63.32
N GLU N 141 52.10 51.87 63.05
CA GLU N 141 51.11 52.78 62.50
C GLU N 141 50.65 52.33 61.12
N GLU N 142 51.59 51.90 60.28
CA GLU N 142 51.24 51.47 58.93
C GLU N 142 50.34 50.24 58.96
N LEU N 143 50.60 49.33 59.90
CA LEU N 143 49.77 48.14 60.02
C LEU N 143 48.42 48.45 60.65
N ALA N 144 48.37 49.47 61.51
CA ALA N 144 47.15 49.74 62.26
C ALA N 144 45.99 50.11 61.34
N ASN N 145 46.27 50.70 60.18
CA ASN N 145 45.24 51.01 59.20
C ASN N 145 45.66 50.35 57.88
N ALA N 146 45.30 49.09 57.71
CA ALA N 146 45.64 48.31 56.53
C ALA N 146 44.40 47.52 56.12
N THR N 147 43.71 47.99 55.09
CA THR N 147 42.48 47.38 54.64
C THR N 147 42.74 46.48 53.44
N GLN N 148 41.67 45.98 52.83
CA GLN N 148 41.74 45.12 51.67
C GLN N 148 41.20 45.87 50.46
N VAL N 149 42.01 45.94 49.41
CA VAL N 149 41.61 46.63 48.19
C VAL N 149 40.93 45.65 47.26
N GLN N 150 39.96 46.16 46.48
CA GLN N 150 39.21 45.36 45.53
C GLN N 150 39.47 45.87 44.13
N GLY N 151 39.41 44.96 43.17
CA GLY N 151 39.66 45.33 41.79
C GLY N 151 41.14 45.51 41.51
N ASP N 152 41.43 46.23 40.43
CA ASP N 152 42.80 46.41 39.96
C ASP N 152 43.38 47.67 40.58
N TYR N 153 44.24 47.49 41.58
CA TYR N 153 44.87 48.63 42.23
C TYR N 153 45.94 49.28 41.34
N MET N 154 46.44 48.56 40.34
CA MET N 154 47.43 49.11 39.40
C MET N 154 46.98 48.80 37.98
N PRO N 155 46.17 49.68 37.38
CA PRO N 155 45.59 49.38 36.06
C PRO N 155 46.63 49.45 34.96
N ILE N 156 46.29 48.78 33.85
CA ILE N 156 47.13 48.71 32.66
C ILE N 156 46.43 49.49 31.55
N ALA N 157 47.18 50.36 30.88
CA ALA N 157 46.63 51.19 29.81
C ALA N 157 46.79 50.48 28.48
N ARG N 158 45.67 50.19 27.84
CA ARG N 158 45.65 49.54 26.53
C ARG N 158 45.73 50.62 25.45
N GLY N 159 46.74 50.55 24.59
CA GLY N 159 46.85 51.47 23.48
C GLY N 159 47.31 52.87 23.84
N GLU N 160 47.95 53.54 22.88
CA GLU N 160 48.42 54.90 23.06
C GLU N 160 47.25 55.88 23.06
N LYS N 161 47.23 56.78 24.04
CA LYS N 161 46.11 57.70 24.20
C LYS N 161 46.01 58.64 23.00
N ARG N 162 44.78 58.88 22.55
CA ARG N 162 44.54 59.74 21.40
C ARG N 162 44.94 61.17 21.72
N SER N 163 45.67 61.79 20.80
CA SER N 163 46.15 63.16 21.01
C SER N 163 46.39 63.78 19.63
N VAL N 164 45.50 64.66 19.22
CA VAL N 164 45.66 65.42 17.98
C VAL N 164 46.42 66.70 18.34
N GLU N 165 47.63 66.83 17.82
CA GLU N 165 48.46 68.00 18.03
C GLU N 165 48.30 68.97 16.87
N VAL N 166 48.74 70.21 17.10
CA VAL N 166 48.75 71.25 16.08
C VAL N 166 50.20 71.60 15.81
N VAL N 167 50.62 71.47 14.54
CA VAL N 167 52.00 71.66 14.14
C VAL N 167 52.04 72.54 12.90
N LYS N 168 53.20 73.14 12.66
CA LYS N 168 53.43 73.91 11.45
C LYS N 168 54.01 72.99 10.38
N VAL N 169 53.38 72.99 9.21
CA VAL N 169 53.82 72.13 8.11
C VAL N 169 54.96 72.85 7.40
N THR N 170 56.17 72.35 7.55
CA THR N 170 57.34 72.97 6.95
C THR N 170 57.38 72.64 5.46
N GLU N 171 58.43 73.13 4.78
CA GLU N 171 58.61 72.82 3.38
C GLU N 171 59.28 71.46 3.17
N GLU N 172 59.88 70.89 4.21
CA GLU N 172 60.39 69.53 4.14
C GLU N 172 59.34 68.49 4.51
N MET N 173 58.34 68.89 5.31
CA MET N 173 57.21 68.01 5.57
C MET N 173 56.48 67.68 4.27
N LYS N 174 56.27 68.68 3.43
CA LYS N 174 55.76 68.44 2.10
C LYS N 174 56.86 67.85 1.23
N GLU N 175 56.50 67.52 -0.01
CA GLU N 175 57.39 66.92 -1.02
C GLU N 175 58.24 65.78 -0.45
N PHE N 176 57.77 65.12 0.62
CA PHE N 176 58.49 63.96 1.13
C PHE N 176 58.29 62.74 0.26
N LYS N 177 57.17 62.66 -0.46
CA LYS N 177 56.86 61.53 -1.34
C LYS N 177 56.76 60.22 -0.54
N ALA N 178 55.74 60.18 0.32
CA ALA N 178 55.56 59.05 1.22
C ALA N 178 55.24 57.77 0.46
N TYR N 179 54.45 57.86 -0.61
CA TYR N 179 54.16 56.66 -1.40
C TYR N 179 55.40 56.17 -2.12
N GLY N 180 56.23 57.09 -2.64
CA GLY N 180 57.46 56.67 -3.28
C GLY N 180 58.42 55.98 -2.33
N LYS N 181 58.48 56.45 -1.09
CA LYS N 181 59.32 55.81 -0.09
C LYS N 181 58.87 54.40 0.20
N LEU N 182 57.55 54.18 0.29
CA LEU N 182 57.03 52.84 0.54
C LEU N 182 57.37 51.90 -0.60
N ARG N 183 57.32 52.40 -1.84
CA ARG N 183 57.58 51.53 -2.99
C ARG N 183 59.06 51.22 -3.14
N VAL N 184 59.93 52.21 -2.89
CA VAL N 184 61.36 51.97 -3.05
C VAL N 184 61.87 51.01 -1.97
N GLU N 185 61.35 51.13 -0.75
CA GLU N 185 61.74 50.22 0.31
C GLU N 185 61.25 48.80 0.04
N ARG N 186 60.06 48.66 -0.53
CA ARG N 186 59.59 47.34 -0.96
C ARG N 186 60.48 46.76 -2.04
N MET N 187 60.92 47.59 -2.99
CA MET N 187 61.84 47.13 -4.04
C MET N 187 63.17 46.71 -3.45
N ASN N 188 63.71 47.50 -2.53
CA ASN N 188 64.98 47.16 -1.91
C ASN N 188 64.89 45.82 -1.19
N GLN N 189 63.71 45.47 -0.68
CA GLN N 189 63.53 44.17 -0.05
C GLN N 189 63.56 43.04 -1.07
N ARG N 190 62.82 43.18 -2.17
CA ARG N 190 62.72 42.11 -3.15
C ARG N 190 63.94 42.01 -4.06
N GLN N 191 64.79 43.04 -4.10
CA GLN N 191 66.02 43.00 -4.88
C GLN N 191 67.23 42.61 -4.06
N LEU N 192 67.04 42.29 -2.78
CA LEU N 192 68.19 42.04 -1.91
C LEU N 192 68.91 40.76 -2.28
N GLY N 193 68.16 39.70 -2.59
CA GLY N 193 68.81 38.43 -2.91
C GLY N 193 69.59 38.48 -4.21
N ALA N 194 69.02 39.13 -5.22
CA ALA N 194 69.74 39.28 -6.48
C ALA N 194 70.97 40.18 -6.32
N ARG N 195 70.85 41.24 -5.51
CA ARG N 195 71.98 42.12 -5.29
C ARG N 195 73.10 41.40 -4.55
N GLN N 196 72.75 40.57 -3.57
CA GLN N 196 73.76 39.83 -2.83
C GLN N 196 74.43 38.77 -3.71
N LYS N 197 73.66 38.17 -4.63
CA LYS N 197 74.23 37.17 -5.52
C LYS N 197 75.28 37.81 -6.44
N LYS N 198 74.95 38.95 -7.04
CA LYS N 198 75.91 39.64 -7.90
C LYS N 198 77.12 40.09 -7.10
N ALA N 199 76.91 40.53 -5.86
CA ALA N 199 78.03 40.99 -5.03
C ALA N 199 79.01 39.85 -4.76
N ALA N 200 78.49 38.65 -4.47
CA ALA N 200 79.37 37.51 -4.23
C ALA N 200 80.16 37.14 -5.48
N GLU N 201 79.50 37.16 -6.64
CA GLU N 201 80.19 36.84 -7.88
C GLU N 201 81.10 37.99 -8.31
N PRO O 2 -76.97 7.46 -53.36
CA PRO O 2 -77.57 8.76 -53.64
C PRO O 2 -77.30 9.77 -52.53
N PHE O 3 -76.24 10.57 -52.68
CA PHE O 3 -75.96 11.59 -51.70
C PHE O 3 -76.93 12.75 -51.86
N LYS O 4 -77.04 13.54 -50.80
CA LYS O 4 -78.03 14.62 -50.75
C LYS O 4 -77.44 15.98 -51.10
N ARG O 5 -76.25 16.30 -50.63
CA ARG O 5 -75.63 17.60 -50.88
C ARG O 5 -74.31 17.42 -51.61
N PHE O 6 -74.16 18.10 -52.73
CA PHE O 6 -72.91 18.19 -53.45
C PHE O 6 -72.42 19.62 -53.44
N VAL O 7 -71.11 19.79 -53.65
CA VAL O 7 -70.56 21.10 -53.96
C VAL O 7 -70.54 21.25 -55.48
N GLU O 8 -71.22 22.27 -55.97
CA GLU O 8 -71.12 22.69 -57.37
C GLU O 8 -71.37 24.19 -57.41
N ILE O 9 -71.41 24.73 -58.62
CA ILE O 9 -71.64 26.17 -58.78
C ILE O 9 -73.07 26.48 -58.34
N GLY O 10 -73.21 27.27 -57.28
CA GLY O 10 -74.51 27.67 -56.79
C GLY O 10 -74.92 27.05 -55.47
N ARG O 11 -74.09 26.19 -54.88
CA ARG O 11 -74.40 25.62 -53.58
C ARG O 11 -74.18 26.67 -52.50
N VAL O 12 -75.15 26.78 -51.59
CA VAL O 12 -75.03 27.68 -50.45
C VAL O 12 -74.46 26.89 -49.28
N ALA O 13 -73.38 27.40 -48.69
CA ALA O 13 -72.66 26.71 -47.63
C ALA O 13 -72.62 27.57 -46.38
N LEU O 14 -72.52 26.91 -45.24
CA LEU O 14 -72.35 27.57 -43.96
C LEU O 14 -70.90 27.44 -43.50
N VAL O 15 -70.31 28.56 -43.10
CA VAL O 15 -68.93 28.56 -42.60
C VAL O 15 -68.94 28.15 -41.15
N ASN O 16 -68.33 27.00 -40.84
CA ASN O 16 -68.06 26.62 -39.47
C ASN O 16 -66.57 26.73 -39.19
N TYR O 17 -66.24 26.87 -37.91
CA TYR O 17 -64.85 26.94 -37.46
C TYR O 17 -64.11 28.10 -38.11
N GLY O 18 -64.50 29.30 -37.70
CA GLY O 18 -63.73 30.46 -38.11
C GLY O 18 -64.19 31.69 -37.38
N LYS O 19 -63.48 32.79 -37.63
CA LYS O 19 -63.98 34.09 -37.21
C LYS O 19 -65.27 34.44 -37.95
N ASP O 20 -65.39 34.01 -39.21
CA ASP O 20 -66.58 34.19 -40.01
C ASP O 20 -67.61 33.09 -39.79
N TYR O 21 -67.56 32.40 -38.65
CA TYR O 21 -68.49 31.32 -38.38
C TYR O 21 -69.92 31.83 -38.37
N GLY O 22 -70.84 30.99 -38.87
CA GLY O 22 -72.25 31.33 -38.90
C GLY O 22 -72.68 32.18 -40.06
N ARG O 23 -71.78 32.51 -40.98
CA ARG O 23 -72.11 33.29 -42.16
C ARG O 23 -72.39 32.39 -43.35
N LEU O 24 -73.18 32.91 -44.29
CA LEU O 24 -73.58 32.16 -45.47
C LEU O 24 -72.77 32.60 -46.67
N VAL O 25 -72.23 31.64 -47.41
CA VAL O 25 -71.45 31.91 -48.60
C VAL O 25 -71.98 31.03 -49.73
N VAL O 26 -71.67 31.43 -50.96
CA VAL O 26 -72.08 30.69 -52.15
C VAL O 26 -70.84 30.20 -52.88
N ILE O 27 -70.84 28.93 -53.23
CA ILE O 27 -69.74 28.32 -53.98
C ILE O 27 -69.85 28.76 -55.43
N VAL O 28 -68.92 29.60 -55.88
CA VAL O 28 -68.93 30.11 -57.23
C VAL O 28 -67.89 29.43 -58.12
N ASP O 29 -66.84 28.85 -57.54
CA ASP O 29 -65.82 28.14 -58.30
C ASP O 29 -65.11 27.18 -57.38
N VAL O 30 -64.53 26.13 -57.97
CA VAL O 30 -63.84 25.08 -57.23
C VAL O 30 -62.38 25.09 -57.63
N VAL O 31 -61.50 25.32 -56.66
CA VAL O 31 -60.07 25.35 -56.93
C VAL O 31 -59.51 23.95 -57.10
N ASP O 32 -59.61 23.13 -56.06
CA ASP O 32 -59.17 21.75 -56.12
C ASP O 32 -59.99 20.94 -55.12
N GLN O 33 -59.51 19.75 -54.78
CA GLN O 33 -60.25 18.83 -53.92
C GLN O 33 -60.46 19.37 -52.51
N ASN O 34 -59.70 20.37 -52.09
CA ASN O 34 -59.82 20.91 -50.75
C ASN O 34 -60.29 22.35 -50.69
N ARG O 35 -60.31 23.07 -51.80
CA ARG O 35 -60.55 24.50 -51.79
C ARG O 35 -61.63 24.87 -52.80
N ALA O 36 -62.40 25.90 -52.46
CA ALA O 36 -63.42 26.45 -53.34
C ALA O 36 -63.42 27.96 -53.25
N LEU O 37 -63.75 28.60 -54.36
CA LEU O 37 -64.04 30.03 -54.38
C LEU O 37 -65.45 30.26 -53.85
N VAL O 38 -65.59 31.17 -52.88
CA VAL O 38 -66.88 31.46 -52.26
C VAL O 38 -67.08 32.96 -52.27
N ASP O 39 -68.31 33.38 -52.59
CA ASP O 39 -68.66 34.80 -52.65
C ASP O 39 -69.96 35.05 -51.91
N ALA O 40 -70.00 36.14 -51.18
CA ALA O 40 -71.13 36.50 -50.34
C ALA O 40 -71.50 37.95 -50.61
N PRO O 41 -72.72 38.37 -50.23
CA PRO O 41 -73.09 39.78 -50.42
C PRO O 41 -72.17 40.75 -49.72
N ASP O 42 -71.61 40.39 -48.56
CA ASP O 42 -70.93 41.34 -47.70
C ASP O 42 -69.42 41.13 -47.63
N MET O 43 -68.84 40.34 -48.54
CA MET O 43 -67.41 40.11 -48.49
C MET O 43 -66.87 39.93 -49.91
N VAL O 44 -65.56 40.14 -50.05
CA VAL O 44 -64.87 39.99 -51.32
C VAL O 44 -64.57 38.51 -51.55
N ARG O 45 -64.66 38.08 -52.81
CA ARG O 45 -64.48 36.67 -53.15
C ARG O 45 -63.12 36.17 -52.70
N CYS O 46 -63.11 34.95 -52.14
CA CYS O 46 -61.90 34.35 -51.62
C CYS O 46 -62.04 32.84 -51.67
N GLN O 47 -60.91 32.15 -51.62
CA GLN O 47 -60.90 30.70 -51.59
C GLN O 47 -60.96 30.21 -50.15
N MET O 48 -61.69 29.12 -49.93
CA MET O 48 -61.89 28.57 -48.60
C MET O 48 -61.67 27.07 -48.63
N ASN O 49 -61.27 26.54 -47.49
CA ASN O 49 -61.11 25.09 -47.34
C ASN O 49 -62.45 24.43 -47.11
N PHE O 50 -62.68 23.31 -47.80
CA PHE O 50 -63.89 22.55 -47.59
C PHE O 50 -63.99 22.02 -46.16
N LYS O 51 -62.87 21.96 -45.44
CA LYS O 51 -62.89 21.56 -44.04
C LYS O 51 -63.60 22.57 -43.16
N ARG O 52 -63.82 23.80 -43.64
CA ARG O 52 -64.50 24.84 -42.89
C ARG O 52 -65.88 25.17 -43.46
N LEU O 53 -66.41 24.33 -44.34
CA LEU O 53 -67.68 24.58 -45.00
C LEU O 53 -68.64 23.43 -44.73
N SER O 54 -69.87 23.77 -44.37
CA SER O 54 -70.97 22.80 -44.28
C SER O 54 -72.01 23.15 -45.32
N LEU O 55 -72.21 22.25 -46.28
CA LEU O 55 -73.18 22.48 -47.34
C LEU O 55 -74.60 22.43 -46.79
N THR O 56 -75.42 23.39 -47.19
CA THR O 56 -76.82 23.40 -46.85
C THR O 56 -77.62 22.70 -47.94
N ASP O 57 -78.94 22.63 -47.75
CA ASP O 57 -79.84 22.07 -48.74
C ASP O 57 -80.29 23.08 -49.79
N ILE O 58 -79.80 24.32 -49.71
CA ILE O 58 -80.17 25.37 -50.64
C ILE O 58 -79.16 25.40 -51.78
N LYS O 59 -79.66 25.65 -53.00
CA LYS O 59 -78.79 25.82 -54.15
C LYS O 59 -79.42 26.83 -55.09
N ILE O 60 -78.65 27.82 -55.51
CA ILE O 60 -79.13 28.90 -56.35
C ILE O 60 -78.63 28.69 -57.78
N ASP O 61 -79.15 29.50 -58.69
CA ASP O 61 -78.84 29.41 -60.12
C ASP O 61 -77.92 30.55 -60.49
N ILE O 62 -76.67 30.23 -60.84
CA ILE O 62 -75.68 31.21 -61.26
C ILE O 62 -74.73 30.54 -62.25
N LYS O 63 -73.89 31.33 -62.89
CA LYS O 63 -72.81 30.84 -63.71
C LYS O 63 -71.54 30.79 -62.87
N ARG O 64 -70.40 30.49 -63.51
CA ARG O 64 -69.17 30.30 -62.76
C ARG O 64 -68.75 31.57 -62.03
N ILE O 65 -68.65 32.69 -62.75
CA ILE O 65 -68.12 33.89 -62.13
C ILE O 65 -69.15 35.02 -62.26
N PRO O 66 -70.22 35.00 -61.47
CA PRO O 66 -71.18 36.10 -61.52
C PRO O 66 -70.56 37.38 -60.97
N LYS O 67 -71.00 38.51 -61.49
CA LYS O 67 -70.69 39.77 -60.86
C LYS O 67 -71.43 39.88 -59.54
N LYS O 68 -71.02 40.84 -58.72
CA LYS O 68 -71.63 40.99 -57.40
C LYS O 68 -73.13 41.29 -57.53
N ALA O 69 -73.50 42.14 -58.48
CA ALA O 69 -74.92 42.44 -58.69
C ALA O 69 -75.68 41.19 -59.12
N THR O 70 -75.11 40.40 -60.02
CA THR O 70 -75.75 39.16 -60.44
C THR O 70 -75.90 38.19 -59.27
N LEU O 71 -74.89 38.15 -58.38
CA LEU O 71 -74.96 37.28 -57.22
C LEU O 71 -76.07 37.71 -56.26
N ILE O 72 -76.25 39.02 -56.06
CA ILE O 72 -77.29 39.50 -55.17
C ILE O 72 -78.68 39.13 -55.69
N LYS O 73 -78.89 39.28 -57.00
CA LYS O 73 -80.20 39.00 -57.58
C LYS O 73 -80.57 37.53 -57.42
N ALA O 74 -79.64 36.62 -57.70
CA ALA O 74 -79.92 35.20 -57.53
C ALA O 74 -80.20 34.86 -56.06
N MET O 75 -79.50 35.53 -55.14
CA MET O 75 -79.76 35.31 -53.72
C MET O 75 -81.10 35.86 -53.28
N GLU O 76 -81.78 36.62 -54.14
CA GLU O 76 -83.14 37.08 -53.85
C GLU O 76 -84.18 36.29 -54.64
N GLU O 77 -83.93 36.08 -55.94
CA GLU O 77 -84.82 35.22 -56.72
C GLU O 77 -84.93 33.84 -56.09
N ALA O 78 -83.78 33.30 -55.68
CA ALA O 78 -83.76 32.16 -54.77
C ALA O 78 -83.73 32.73 -53.35
N ASP O 79 -84.87 32.67 -52.67
CA ASP O 79 -85.04 33.33 -51.38
C ASP O 79 -84.27 32.56 -50.31
N VAL O 80 -83.01 32.92 -50.08
CA VAL O 80 -82.10 32.09 -49.30
C VAL O 80 -82.04 32.53 -47.84
N LYS O 81 -82.09 33.83 -47.56
CA LYS O 81 -81.84 34.29 -46.20
C LYS O 81 -82.90 33.77 -45.23
N THR O 82 -84.16 33.84 -45.61
CA THR O 82 -85.19 33.35 -44.71
C THR O 82 -85.46 31.86 -44.88
N LYS O 83 -85.13 31.27 -46.04
CA LYS O 83 -85.17 29.82 -46.14
C LYS O 83 -84.16 29.19 -45.20
N TRP O 84 -82.97 29.81 -45.08
CA TRP O 84 -82.01 29.39 -44.08
C TRP O 84 -82.56 29.61 -42.67
N GLU O 85 -83.15 30.79 -42.43
CA GLU O 85 -83.56 31.14 -41.08
C GLU O 85 -84.81 30.41 -40.63
N ASN O 86 -85.69 30.05 -41.55
CA ASN O 86 -86.90 29.33 -41.18
C ASN O 86 -86.71 27.81 -41.12
N SER O 87 -85.58 27.30 -41.57
CA SER O 87 -85.25 25.90 -41.35
C SER O 87 -84.82 25.70 -39.90
N SER O 88 -84.95 24.46 -39.42
CA SER O 88 -84.56 24.17 -38.05
C SER O 88 -83.05 24.31 -37.86
N TRP O 89 -82.27 23.94 -38.88
CA TRP O 89 -80.82 24.07 -38.79
C TRP O 89 -80.40 25.53 -38.64
N GLY O 90 -80.89 26.39 -39.54
CA GLY O 90 -80.56 27.80 -39.44
C GLY O 90 -81.15 28.44 -38.20
N LYS O 91 -82.30 27.95 -37.75
CA LYS O 91 -82.92 28.47 -36.53
C LYS O 91 -82.09 28.18 -35.30
N LYS O 92 -81.41 27.03 -35.27
CA LYS O 92 -80.64 26.66 -34.08
C LYS O 92 -79.51 27.64 -33.83
N LEU O 93 -78.83 28.10 -34.89
CA LEU O 93 -77.79 29.10 -34.73
C LEU O 93 -78.37 30.42 -34.24
N ILE O 94 -79.61 30.72 -34.65
CA ILE O 94 -80.22 32.00 -34.32
C ILE O 94 -80.54 32.08 -32.84
N VAL O 95 -81.17 31.04 -32.29
CA VAL O 95 -81.55 31.10 -30.89
C VAL O 95 -80.39 30.81 -29.96
N GLN O 96 -79.31 30.22 -30.47
CA GLN O 96 -78.10 30.08 -29.67
C GLN O 96 -77.52 31.45 -29.34
N LYS O 97 -77.51 32.35 -30.33
CA LYS O 97 -77.16 33.74 -30.08
C LYS O 97 -78.15 34.38 -29.12
N LYS O 98 -79.44 34.12 -29.31
CA LYS O 98 -80.48 34.76 -28.51
C LYS O 98 -80.37 34.37 -27.04
N ARG O 99 -80.17 33.08 -26.77
CA ARG O 99 -80.08 32.63 -25.38
C ARG O 99 -78.89 33.25 -24.67
N ALA O 100 -77.73 33.31 -25.34
CA ALA O 100 -76.54 33.89 -24.71
C ALA O 100 -76.73 35.38 -24.47
N ALA O 101 -77.52 36.04 -25.32
CA ALA O 101 -77.70 37.48 -25.20
C ALA O 101 -78.60 37.87 -24.04
N LEU O 102 -79.49 36.96 -23.62
CA LEU O 102 -80.42 37.26 -22.54
C LEU O 102 -79.67 37.63 -21.27
N ASN O 103 -80.12 38.71 -20.62
CA ASN O 103 -79.50 39.15 -19.39
C ASN O 103 -80.22 38.51 -18.20
N ASP O 104 -79.84 38.94 -16.99
CA ASP O 104 -80.29 38.25 -15.78
C ASP O 104 -81.80 38.37 -15.59
N PHE O 105 -82.36 39.56 -15.81
CA PHE O 105 -83.79 39.74 -15.60
C PHE O 105 -84.61 38.94 -16.60
N ASP O 106 -84.22 38.96 -17.87
CA ASP O 106 -84.96 38.17 -18.86
C ASP O 106 -84.85 36.69 -18.59
N ARG O 107 -83.68 36.23 -18.12
CA ARG O 107 -83.50 34.82 -17.79
C ARG O 107 -84.37 34.41 -16.60
N PHE O 108 -84.58 35.33 -15.66
CA PHE O 108 -85.49 35.06 -14.55
C PHE O 108 -86.93 34.97 -15.03
N LYS O 109 -87.29 35.75 -16.04
CA LYS O 109 -88.64 35.69 -16.58
C LYS O 109 -88.83 34.46 -17.44
N VAL O 110 -87.80 34.04 -18.17
CA VAL O 110 -87.86 32.79 -18.91
C VAL O 110 -88.06 31.63 -17.95
N MET O 111 -87.42 31.69 -16.78
CA MET O 111 -87.63 30.67 -15.76
C MET O 111 -89.07 30.67 -15.26
N LEU O 112 -89.65 31.86 -15.06
CA LEU O 112 -91.04 31.94 -14.63
C LEU O 112 -91.98 31.35 -15.66
N ALA O 113 -91.73 31.62 -16.93
CA ALA O 113 -92.59 31.10 -17.99
C ALA O 113 -92.40 29.60 -18.16
N LYS O 114 -91.15 29.13 -18.09
CA LYS O 114 -90.88 27.70 -18.26
C LYS O 114 -91.51 26.88 -17.15
N ILE O 115 -91.51 27.41 -15.92
CA ILE O 115 -92.15 26.70 -14.82
C ILE O 115 -93.65 26.64 -15.02
N LYS O 116 -94.25 27.74 -15.47
CA LYS O 116 -95.68 27.74 -15.79
C LYS O 116 -95.99 26.74 -16.91
N ARG O 117 -95.18 26.76 -17.96
CA ARG O 117 -95.40 25.85 -19.08
C ARG O 117 -95.24 24.40 -18.64
N GLY O 118 -94.22 24.12 -17.82
CA GLY O 118 -93.96 22.75 -17.40
C GLY O 118 -95.06 22.18 -16.52
N GLY O 119 -95.63 23.00 -15.65
CA GLY O 119 -96.70 22.51 -14.78
C GLY O 119 -97.99 22.26 -15.53
N ALA O 120 -98.17 22.91 -16.68
CA ALA O 120 -99.38 22.71 -17.47
C ALA O 120 -99.33 21.39 -18.23
N ILE O 121 -98.14 21.01 -18.71
CA ILE O 121 -98.00 19.74 -19.42
C ILE O 121 -98.28 18.58 -18.47
N ARG O 122 -97.79 18.68 -17.24
CA ARG O 122 -98.00 17.61 -16.27
C ARG O 122 -99.47 17.45 -15.92
N GLN O 123 -100.19 18.57 -15.81
CA GLN O 123 -101.61 18.52 -15.46
C GLN O 123 -102.44 17.83 -16.54
N GLY P 2 82.37 8.14 41.33
CA GLY P 2 81.17 7.89 40.54
C GLY P 2 81.41 7.01 39.35
N ALA P 3 80.87 5.79 39.40
CA ALA P 3 81.06 4.81 38.34
C ALA P 3 79.87 4.70 37.39
N TYR P 4 78.77 5.40 37.67
CA TYR P 4 77.56 5.21 36.88
C TYR P 4 77.73 5.71 35.46
N LYS P 5 78.53 6.77 35.26
CA LYS P 5 78.75 7.28 33.91
C LYS P 5 79.46 6.26 33.04
N PHE P 6 80.43 5.54 33.60
CA PHE P 6 81.13 4.50 32.84
C PHE P 6 80.15 3.41 32.41
N VAL P 7 79.27 2.99 33.31
CA VAL P 7 78.29 1.97 32.98
C VAL P 7 77.32 2.48 31.91
N SER P 8 76.83 3.71 32.08
CA SER P 8 75.90 4.27 31.11
C SER P 8 76.54 4.42 29.74
N GLU P 9 77.80 4.85 29.69
CA GLU P 9 78.48 5.02 28.41
C GLU P 9 78.69 3.69 27.72
N LEU P 10 79.00 2.64 28.49
CA LEU P 10 79.19 1.33 27.89
C LEU P 10 77.90 0.79 27.27
N TRP P 11 76.76 0.99 27.95
CA TRP P 11 75.50 0.50 27.43
C TRP P 11 75.02 1.27 26.21
N ARG P 12 75.67 2.38 25.88
CA ARG P 12 75.37 3.05 24.63
C ARG P 12 76.02 2.36 23.44
N ARG P 13 77.04 1.53 23.68
CA ARG P 13 77.73 0.81 22.61
C ARG P 13 77.23 -0.64 22.60
N LYS P 14 76.01 -0.82 22.08
CA LYS P 14 75.41 -2.14 22.04
C LYS P 14 76.03 -3.04 20.99
N GLN P 15 76.73 -2.48 20.00
CA GLN P 15 77.28 -3.24 18.91
C GLN P 15 78.76 -3.56 19.09
N SER P 16 79.33 -3.24 20.25
CA SER P 16 80.68 -3.64 20.56
C SER P 16 80.75 -5.15 20.85
N ASP P 17 81.95 -5.69 20.76
CA ASP P 17 82.16 -7.10 21.07
C ASP P 17 81.81 -7.41 22.52
N VAL P 18 82.10 -6.47 23.42
CA VAL P 18 81.85 -6.71 24.85
C VAL P 18 80.36 -6.82 25.11
N MET P 19 79.58 -5.86 24.60
CA MET P 19 78.16 -5.84 24.90
C MET P 19 77.42 -6.94 24.16
N ARG P 20 77.89 -7.29 22.95
CA ARG P 20 77.23 -8.32 22.18
C ARG P 20 77.39 -9.69 22.83
N PHE P 21 78.57 -9.96 23.39
CA PHE P 21 78.80 -11.22 24.07
C PHE P 21 77.97 -11.31 25.34
N VAL P 22 77.95 -10.23 26.12
CA VAL P 22 77.26 -10.25 27.39
C VAL P 22 75.75 -10.32 27.18
N GLN P 23 75.25 -9.65 26.15
CA GLN P 23 73.82 -9.69 25.87
C GLN P 23 73.40 -11.03 25.29
N ARG P 24 74.29 -11.70 24.55
CA ARG P 24 73.93 -12.97 23.92
C ARG P 24 73.79 -14.08 24.95
N VAL P 25 74.66 -14.10 25.95
CA VAL P 25 74.55 -15.10 27.00
C VAL P 25 73.31 -14.85 27.84
N ARG P 26 73.02 -13.58 28.16
CA ARG P 26 71.84 -13.26 28.94
C ARG P 26 70.57 -13.57 28.16
N CYS P 27 70.55 -13.30 26.86
CA CYS P 27 69.36 -13.58 26.06
C CYS P 27 69.05 -15.08 26.04
N TRP P 28 70.08 -15.92 26.00
CA TRP P 28 69.86 -17.35 26.05
C TRP P 28 69.25 -17.77 27.38
N GLU P 29 69.74 -17.20 28.49
CA GLU P 29 69.27 -17.63 29.79
C GLU P 29 67.84 -17.19 30.04
N TYR P 30 67.47 -15.99 29.59
CA TYR P 30 66.09 -15.54 29.75
C TYR P 30 65.13 -16.43 28.96
N ARG P 31 65.61 -17.08 27.90
CA ARG P 31 64.77 -17.95 27.09
C ARG P 31 64.42 -19.25 27.82
N GLN P 32 65.20 -19.63 28.82
CA GLN P 32 64.93 -20.85 29.58
C GLN P 32 64.14 -20.59 30.85
N GLN P 33 63.62 -19.37 31.02
CA GLN P 33 62.90 -18.99 32.23
C GLN P 33 61.44 -18.71 31.91
N PRO P 34 60.56 -18.61 32.90
CA PRO P 34 59.19 -18.19 32.64
C PRO P 34 59.13 -16.74 32.16
N ALA P 35 57.99 -16.39 31.56
CA ALA P 35 57.82 -15.06 31.00
C ALA P 35 57.71 -13.96 32.05
N ILE P 36 57.46 -14.31 33.31
CA ILE P 36 57.37 -13.35 34.41
C ILE P 36 58.22 -13.91 35.54
N VAL P 37 59.36 -13.26 35.83
CA VAL P 37 60.35 -13.77 36.75
C VAL P 37 60.78 -12.64 37.69
N ARG P 38 60.78 -12.93 38.99
CA ARG P 38 61.29 -11.97 39.97
C ARG P 38 62.81 -12.07 40.03
N ILE P 39 63.48 -10.92 40.03
CA ILE P 39 64.93 -10.85 40.11
C ILE P 39 65.29 -10.08 41.37
N THR P 40 66.42 -10.44 41.98
CA THR P 40 66.81 -9.87 43.26
C THR P 40 67.48 -8.51 43.12
N ARG P 41 67.72 -8.05 41.91
CA ARG P 41 68.54 -6.89 41.66
C ARG P 41 68.35 -6.47 40.21
N PRO P 42 68.26 -5.17 39.92
CA PRO P 42 68.24 -4.73 38.52
C PRO P 42 69.51 -5.15 37.80
N THR P 43 69.34 -5.55 36.54
CA THR P 43 70.50 -5.81 35.69
C THR P 43 71.22 -4.52 35.32
N ARG P 44 70.47 -3.43 35.13
CA ARG P 44 71.02 -2.13 34.78
C ARG P 44 70.74 -1.17 35.91
N PRO P 45 71.53 -1.21 36.99
CA PRO P 45 71.27 -0.32 38.13
C PRO P 45 71.30 1.15 37.79
N ASP P 46 72.20 1.59 36.90
CA ASP P 46 72.27 3.00 36.54
C ASP P 46 71.01 3.45 35.81
N ARG P 47 70.50 2.61 34.91
CA ARG P 47 69.26 2.93 34.23
C ARG P 47 68.07 2.91 35.19
N ALA P 48 68.15 2.09 36.24
CA ALA P 48 67.07 2.02 37.22
C ALA P 48 67.05 3.24 38.14
N ARG P 49 68.21 3.81 38.45
CA ARG P 49 68.26 4.99 39.31
C ARG P 49 67.50 6.15 38.70
N ARG P 50 67.69 6.39 37.40
CA ARG P 50 67.06 7.52 36.75
C ARG P 50 65.56 7.35 36.65
N LEU P 51 65.08 6.11 36.62
CA LEU P 51 63.66 5.86 36.52
C LEU P 51 62.96 5.78 37.86
N GLY P 52 63.70 5.96 38.95
CA GLY P 52 63.10 6.05 40.28
C GLY P 52 63.42 4.91 41.21
N PHE P 53 64.11 3.86 40.77
CA PHE P 53 64.42 2.74 41.64
C PHE P 53 65.39 3.16 42.74
N LYS P 54 65.17 2.62 43.94
CA LYS P 54 66.09 2.78 45.06
C LYS P 54 66.36 1.41 45.68
N ALA P 55 67.51 1.28 46.31
CA ALA P 55 67.90 0.01 46.94
C ALA P 55 67.35 -0.04 48.36
N LYS P 56 66.02 -0.15 48.45
CA LYS P 56 65.30 -0.10 49.71
C LYS P 56 64.30 -1.24 49.75
N GLN P 57 63.88 -1.59 50.97
CA GLN P 57 62.84 -2.59 51.13
C GLN P 57 61.49 -2.01 50.69
N GLY P 58 60.91 -2.61 49.66
CA GLY P 58 59.66 -2.11 49.11
C GLY P 58 59.74 -1.91 47.61
N TYR P 59 60.95 -1.85 47.09
CA TYR P 59 61.21 -1.78 45.65
C TYR P 59 61.55 -3.17 45.16
N VAL P 60 60.78 -3.69 44.22
CA VAL P 60 61.03 -5.01 43.67
C VAL P 60 61.13 -4.90 42.16
N VAL P 61 61.87 -5.83 41.56
CA VAL P 61 62.17 -5.81 40.13
C VAL P 61 61.73 -7.13 39.53
N TYR P 62 61.07 -7.07 38.38
CA TYR P 62 60.61 -8.25 37.65
C TYR P 62 61.07 -8.16 36.21
N ARG P 63 61.42 -9.30 35.63
CA ARG P 63 61.72 -9.39 34.20
C ARG P 63 60.52 -9.96 33.45
N ILE P 64 60.09 -9.28 32.41
CA ILE P 64 58.90 -9.64 31.65
C ILE P 64 59.28 -9.91 30.20
N ARG P 65 58.82 -11.04 29.68
CA ARG P 65 59.06 -11.43 28.30
C ARG P 65 57.76 -11.30 27.51
N VAL P 66 57.81 -10.55 26.40
CA VAL P 66 56.65 -10.35 25.54
C VAL P 66 57.02 -10.69 24.11
N ARG P 67 56.02 -11.13 23.34
CA ARG P 67 56.22 -11.52 21.95
C ARG P 67 56.35 -10.30 21.04
N ARG P 68 57.16 -10.45 20.01
CA ARG P 68 57.41 -9.39 19.04
C ARG P 68 56.47 -9.50 17.85
N GLY P 69 56.37 -8.41 17.10
CA GLY P 69 55.59 -8.38 15.87
C GLY P 69 54.31 -7.58 16.01
N GLY P 70 53.50 -7.64 14.96
CA GLY P 70 52.26 -6.91 14.90
C GLY P 70 51.10 -7.66 15.53
N ARG P 71 49.90 -7.12 15.31
CA ARG P 71 48.68 -7.65 15.89
C ARG P 71 47.79 -8.16 14.76
N LYS P 72 47.81 -9.47 14.54
CA LYS P 72 46.88 -10.07 13.60
C LYS P 72 45.45 -9.92 14.13
N ARG P 73 44.53 -9.65 13.22
CA ARG P 73 43.13 -9.51 13.62
C ARG P 73 42.59 -10.87 14.05
N PRO P 74 42.13 -11.01 15.28
CA PRO P 74 41.69 -12.33 15.76
C PRO P 74 40.22 -12.62 15.42
N VAL P 75 39.97 -12.80 14.13
CA VAL P 75 38.63 -13.12 13.64
C VAL P 75 38.65 -14.57 13.12
N PRO P 76 37.50 -15.25 13.15
CA PRO P 76 37.53 -16.73 13.08
C PRO P 76 38.23 -17.35 11.87
N LYS P 77 38.26 -16.72 10.71
CA LYS P 77 39.03 -17.33 9.63
C LYS P 77 39.74 -16.30 8.77
N GLY P 78 40.02 -15.12 9.30
CA GLY P 78 40.40 -14.02 8.44
C GLY P 78 39.24 -13.43 7.69
N ILE P 79 38.02 -13.74 8.10
CA ILE P 79 36.81 -13.34 7.39
C ILE P 79 36.20 -12.14 8.10
N VAL P 80 36.12 -11.03 7.37
CA VAL P 80 35.46 -9.81 7.85
C VAL P 80 34.16 -9.64 7.09
N TYR P 81 33.11 -9.28 7.81
CA TYR P 81 31.81 -8.98 7.20
C TYR P 81 31.67 -7.46 7.18
N GLY P 82 32.12 -6.85 6.10
CA GLY P 82 32.07 -5.40 6.02
C GLY P 82 32.69 -4.92 4.74
N LYS P 83 32.92 -3.62 4.70
CA LYS P 83 33.44 -2.97 3.52
C LYS P 83 34.96 -3.22 3.38
N PRO P 84 35.48 -3.18 2.16
CA PRO P 84 36.89 -3.55 1.93
C PRO P 84 37.91 -2.68 2.65
N LYS P 85 37.55 -1.49 3.14
CA LYS P 85 38.49 -0.73 3.94
C LYS P 85 38.81 -1.42 5.26
N HIS P 86 37.92 -2.29 5.75
CA HIS P 86 38.09 -2.95 7.03
C HIS P 86 38.38 -4.44 6.87
N GLN P 87 38.82 -4.87 5.70
CA GLN P 87 39.03 -6.28 5.41
C GLN P 87 40.45 -6.76 5.67
N GLY P 88 41.36 -5.87 6.09
CA GLY P 88 42.72 -6.29 6.38
C GLY P 88 42.81 -7.12 7.64
N ILE P 89 43.77 -8.04 7.64
CA ILE P 89 43.94 -9.00 8.72
C ILE P 89 45.34 -8.94 9.33
N THR P 90 46.38 -8.95 8.49
CA THR P 90 47.71 -9.32 8.96
C THR P 90 48.62 -8.16 9.29
N GLN P 91 48.62 -7.08 8.49
CA GLN P 91 49.61 -6.02 8.65
C GLN P 91 49.14 -4.89 9.56
N LEU P 92 48.33 -5.19 10.56
CA LEU P 92 47.84 -4.20 11.50
C LEU P 92 48.72 -4.16 12.73
N LYS P 93 48.63 -3.05 13.48
CA LYS P 93 49.55 -2.78 14.56
C LYS P 93 48.79 -2.40 15.83
N PHE P 94 49.22 -2.97 16.94
CA PHE P 94 48.70 -2.61 18.25
C PHE P 94 49.08 -1.17 18.58
N GLN P 95 48.13 -0.44 19.17
CA GLN P 95 48.34 0.98 19.45
C GLN P 95 49.23 1.22 20.66
N ARG P 96 49.38 0.25 21.56
CA ARG P 96 50.29 0.37 22.67
C ARG P 96 51.64 -0.25 22.31
N ASN P 97 52.70 0.28 22.92
CA ASN P 97 54.03 -0.23 22.66
C ASN P 97 54.26 -1.54 23.40
N LYS P 98 55.40 -2.16 23.10
CA LYS P 98 55.76 -3.41 23.78
C LYS P 98 56.15 -3.17 25.23
N ARG P 99 56.71 -1.99 25.53
CA ARG P 99 57.11 -1.69 26.91
C ARG P 99 55.89 -1.62 27.83
N SER P 100 54.80 -1.05 27.35
CA SER P 100 53.60 -0.94 28.18
C SER P 100 52.89 -2.29 28.32
N VAL P 101 52.98 -3.13 27.29
CA VAL P 101 52.41 -4.47 27.37
C VAL P 101 53.12 -5.28 28.45
N ALA P 102 54.43 -5.14 28.54
CA ALA P 102 55.21 -5.90 29.53
C ALA P 102 54.85 -5.48 30.95
N GLU P 103 54.76 -4.18 31.20
CA GLU P 103 54.43 -3.73 32.55
C GLU P 103 52.96 -3.89 32.86
N GLU P 104 52.13 -4.03 31.84
CA GLU P 104 50.72 -4.32 32.07
C GLU P 104 50.51 -5.79 32.42
N ARG P 105 51.29 -6.69 31.83
CA ARG P 105 51.27 -8.09 32.26
C ARG P 105 51.73 -8.23 33.70
N ALA P 106 52.78 -7.49 34.08
CA ALA P 106 53.28 -7.53 35.46
C ALA P 106 52.24 -7.01 36.44
N GLY P 107 51.55 -5.93 36.09
CA GLY P 107 50.53 -5.38 36.98
C GLY P 107 49.39 -6.34 37.23
N ARG P 108 48.94 -7.04 36.18
CA ARG P 108 47.87 -8.01 36.33
C ARG P 108 48.32 -9.19 37.19
N ARG P 109 49.57 -9.58 37.07
CA ARG P 109 50.07 -10.72 37.85
C ARG P 109 50.30 -10.34 39.30
N LEU P 110 50.70 -9.10 39.56
CA LEU P 110 51.04 -8.64 40.90
C LEU P 110 50.09 -7.52 41.29
N GLY P 111 48.92 -7.90 41.80
CA GLY P 111 47.90 -6.92 42.17
C GLY P 111 48.18 -6.18 43.46
N GLY P 112 49.00 -6.74 44.34
CA GLY P 112 49.38 -6.06 45.56
C GLY P 112 50.46 -5.01 45.40
N LEU P 113 51.08 -4.93 44.23
CA LEU P 113 52.16 -3.99 43.97
C LEU P 113 51.68 -2.94 42.98
N ARG P 114 52.49 -1.89 42.83
CA ARG P 114 52.16 -0.80 41.92
C ARG P 114 53.36 -0.50 41.04
N VAL P 115 53.13 -0.43 39.73
CA VAL P 115 54.20 -0.28 38.76
C VAL P 115 54.77 1.13 38.85
N LEU P 116 56.09 1.24 39.00
CA LEU P 116 56.77 2.53 38.91
C LEU P 116 57.08 2.88 37.45
N ASN P 117 57.97 2.11 36.82
CA ASN P 117 58.13 2.10 35.36
C ASN P 117 58.98 0.91 34.98
N SER P 118 59.40 0.88 33.72
CA SER P 118 60.14 -0.25 33.16
C SER P 118 61.20 0.27 32.21
N TYR P 119 62.19 -0.58 31.94
CA TYR P 119 63.22 -0.27 30.96
C TYR P 119 63.53 -1.50 30.14
N TRP P 120 64.07 -1.25 28.94
CA TRP P 120 64.40 -2.30 28.01
C TRP P 120 65.64 -3.07 28.46
N VAL P 121 65.64 -4.38 28.20
CA VAL P 121 66.69 -5.25 28.70
C VAL P 121 67.34 -6.05 27.57
N ASN P 122 66.55 -6.62 26.67
CA ASN P 122 67.08 -7.50 25.64
C ASN P 122 66.02 -7.71 24.56
N GLU P 123 66.38 -8.48 23.53
CA GLU P 123 65.50 -8.96 22.46
C GLU P 123 66.33 -9.87 21.57
N ASP P 124 65.68 -10.88 20.98
CA ASP P 124 66.38 -11.65 19.93
C ASP P 124 65.68 -11.58 18.58
N SER P 125 64.55 -12.25 18.39
CA SER P 125 63.77 -12.12 17.16
C SER P 125 62.29 -12.23 17.45
N THR P 126 61.95 -12.96 18.50
CA THR P 126 60.58 -13.27 18.84
C THR P 126 60.17 -12.75 20.19
N TYR P 127 61.11 -12.36 21.03
CA TYR P 127 60.82 -11.86 22.36
C TYR P 127 61.57 -10.55 22.59
N LYS P 128 60.93 -9.67 23.34
CA LYS P 128 61.56 -8.51 23.92
C LYS P 128 61.49 -8.64 25.44
N TYR P 129 62.55 -8.24 26.11
CA TYR P 129 62.66 -8.36 27.56
C TYR P 129 62.71 -6.98 28.20
N PHE P 130 61.89 -6.79 29.22
CA PHE P 130 61.87 -5.57 30.00
C PHE P 130 61.96 -5.91 31.47
N GLU P 131 62.59 -5.04 32.23
CA GLU P 131 62.56 -5.11 33.68
C GLU P 131 61.64 -4.03 34.21
N VAL P 132 60.65 -4.45 35.01
CA VAL P 132 59.62 -3.56 35.54
C VAL P 132 59.91 -3.32 37.01
N ILE P 133 59.88 -2.06 37.43
CA ILE P 133 60.04 -1.69 38.83
C ILE P 133 58.66 -1.56 39.46
N LEU P 134 58.46 -2.25 40.57
CA LEU P 134 57.21 -2.19 41.31
C LEU P 134 57.49 -1.80 42.74
N VAL P 135 56.49 -1.23 43.39
CA VAL P 135 56.60 -0.71 44.75
C VAL P 135 55.56 -1.41 45.62
N ASP P 136 55.98 -1.85 46.80
CA ASP P 136 55.07 -2.37 47.81
C ASP P 136 54.61 -1.19 48.66
N VAL P 137 53.44 -0.64 48.34
CA VAL P 137 52.94 0.56 49.00
C VAL P 137 52.38 0.27 50.39
N ALA P 138 52.45 -0.97 50.85
CA ALA P 138 52.09 -1.33 52.21
C ALA P 138 53.27 -1.37 53.15
N HIS P 139 54.49 -1.42 52.62
CA HIS P 139 55.69 -1.42 53.45
C HIS P 139 55.93 -0.05 54.06
N SER P 140 56.41 -0.04 55.31
CA SER P 140 56.61 1.22 56.01
C SER P 140 57.76 2.03 55.40
N ALA P 141 58.74 1.38 54.78
CA ALA P 141 59.82 2.11 54.14
C ALA P 141 59.30 2.99 53.01
N VAL P 142 58.35 2.46 52.24
CA VAL P 142 57.71 3.27 51.20
C VAL P 142 56.81 4.32 51.83
N ARG P 143 56.01 3.92 52.82
CA ARG P 143 55.05 4.82 53.43
C ARG P 143 55.71 5.97 54.17
N ASN P 144 56.98 5.81 54.56
CA ASN P 144 57.68 6.86 55.29
C ASN P 144 58.60 7.69 54.40
N ASP P 145 58.81 7.29 53.15
CA ASP P 145 59.65 8.05 52.25
C ASP P 145 58.81 9.12 51.56
N PRO P 146 59.08 10.40 51.78
CA PRO P 146 58.23 11.45 51.19
C PRO P 146 58.40 11.61 49.69
N ARG P 147 59.35 10.92 49.06
CA ARG P 147 59.54 11.00 47.62
C ARG P 147 58.77 9.93 46.86
N ILE P 148 58.33 8.87 47.55
CA ILE P 148 57.52 7.81 46.96
C ILE P 148 56.16 7.69 47.62
N ASN P 149 55.85 8.56 48.59
CA ASN P 149 54.57 8.54 49.28
C ASN P 149 53.40 8.67 48.31
N TRP P 150 53.58 9.44 47.24
CA TRP P 150 52.48 9.68 46.30
C TRP P 150 51.93 8.39 45.73
N LEU P 151 52.76 7.37 45.58
CA LEU P 151 52.30 6.11 45.00
C LEU P 151 51.32 5.37 45.92
N CYS P 152 51.28 5.73 47.20
CA CYS P 152 50.36 5.08 48.14
C CYS P 152 48.95 5.64 48.09
N LYS P 153 48.72 6.75 47.39
CA LYS P 153 47.42 7.36 47.36
C LYS P 153 46.49 6.63 46.39
N PRO P 154 45.18 6.60 46.67
CA PRO P 154 44.27 5.78 45.88
C PRO P 154 44.13 6.19 44.42
N VAL P 155 44.52 7.42 44.06
CA VAL P 155 44.38 7.85 42.67
C VAL P 155 45.41 7.23 41.75
N HIS P 156 46.40 6.50 42.29
CA HIS P 156 47.46 5.89 41.50
C HIS P 156 47.33 4.38 41.45
N LYS P 157 46.10 3.87 41.56
CA LYS P 157 45.85 2.44 41.46
C LYS P 157 45.92 2.00 40.00
N HIS P 158 46.79 1.03 39.71
CA HIS P 158 46.88 0.41 38.39
C HIS P 158 47.11 1.43 37.28
N ARG P 159 48.10 2.30 37.48
CA ARG P 159 48.34 3.34 36.48
C ARG P 159 48.85 2.76 35.17
N GLU P 160 49.42 1.55 35.19
CA GLU P 160 49.83 0.91 33.95
C GLU P 160 48.64 0.53 33.09
N LEU P 161 47.46 0.38 33.68
CA LEU P 161 46.26 0.05 32.93
C LEU P 161 45.50 1.26 32.41
N ARG P 162 45.83 2.45 32.92
CA ARG P 162 45.23 3.68 32.43
C ARG P 162 46.18 4.49 31.57
N GLY P 163 47.34 3.95 31.23
CA GLY P 163 48.30 4.66 30.40
C GLY P 163 49.02 5.78 31.10
N LEU P 164 49.33 5.63 32.39
CA LEU P 164 49.89 6.70 33.18
C LEU P 164 51.37 6.53 33.51
N THR P 165 51.96 5.39 33.16
CA THR P 165 53.39 5.20 33.29
C THR P 165 54.10 5.97 32.17
N SER P 166 55.43 5.90 32.18
CA SER P 166 56.21 6.56 31.12
C SER P 166 55.91 5.95 29.76
N ALA P 167 55.79 4.62 29.70
CA ALA P 167 55.44 3.97 28.44
C ALA P 167 54.05 4.38 27.97
N GLY P 168 53.11 4.57 28.90
CA GLY P 168 51.77 4.96 28.53
C GLY P 168 51.69 6.37 27.96
N LYS P 169 52.47 7.28 28.53
CA LYS P 169 52.51 8.65 27.98
C LYS P 169 53.11 8.65 26.59
N LYS P 170 53.97 7.69 26.28
CA LYS P 170 54.55 7.60 24.96
C LYS P 170 53.48 7.27 23.91
N PHE P 171 52.66 6.25 24.16
CA PHE P 171 51.68 5.88 23.14
C PHE P 171 50.43 6.74 23.17
N ARG P 172 50.21 7.51 24.24
CA ARG P 172 49.10 8.44 24.29
C ARG P 172 49.39 9.74 23.55
N GLY P 173 50.60 9.93 23.04
CA GLY P 173 50.96 11.16 22.38
C GLY P 173 51.29 12.30 23.30
N LEU P 174 51.69 12.02 24.54
CA LEU P 174 52.02 13.06 25.51
C LEU P 174 53.52 13.29 25.63
N ARG P 175 54.31 12.74 24.73
CA ARG P 175 55.74 13.00 24.67
C ARG P 175 56.08 14.10 23.68
N GLY P 176 55.20 15.08 23.55
CA GLY P 176 55.43 16.25 22.74
C GLY P 176 54.40 17.29 23.08
N LYS P 177 54.68 18.52 22.68
CA LYS P 177 53.85 19.65 23.06
C LYS P 177 53.56 20.55 21.87
N GLY P 178 52.66 21.50 22.08
CA GLY P 178 52.27 22.46 21.07
C GLY P 178 51.45 21.82 19.97
N HIS P 179 51.49 22.45 18.79
CA HIS P 179 50.92 21.82 17.62
C HIS P 179 51.69 20.55 17.32
N ARG P 180 51.03 19.62 16.64
CA ARG P 180 51.36 18.22 16.45
C ARG P 180 51.03 17.37 17.67
N HIS P 181 50.65 17.95 18.80
CA HIS P 181 50.30 17.17 19.98
C HIS P 181 49.11 17.70 20.75
N HIS P 182 48.47 18.78 20.30
CA HIS P 182 47.43 19.41 21.09
C HIS P 182 46.15 18.58 21.16
N LYS P 183 45.95 17.65 20.24
CA LYS P 183 44.75 16.84 20.23
C LYS P 183 44.77 15.74 21.29
N ASN P 184 45.90 15.51 21.94
CA ASN P 184 46.06 14.47 22.92
C ASN P 184 45.88 14.95 24.36
N ARG P 185 45.55 16.21 24.57
CA ARG P 185 45.39 16.77 25.91
C ARG P 185 44.00 17.37 26.05
N PRO P 186 43.26 17.06 27.13
CA PRO P 186 43.59 16.16 28.25
C PRO P 186 43.65 14.70 27.79
N SER P 187 42.82 14.35 26.82
CA SER P 187 42.97 13.09 26.10
C SER P 187 42.40 13.32 24.71
N ARG P 188 42.67 12.37 23.81
CA ARG P 188 42.10 12.44 22.47
C ARG P 188 40.58 12.34 22.50
N ARG P 189 40.04 11.48 23.35
CA ARG P 189 38.58 11.36 23.47
C ARG P 189 37.97 12.59 24.13
N ALA P 190 38.67 13.18 25.10
CA ALA P 190 38.21 14.43 25.68
C ALA P 190 38.22 15.55 24.65
N THR P 191 39.26 15.60 23.82
CA THR P 191 39.33 16.59 22.76
C THR P 191 38.20 16.41 21.76
N TRP P 192 37.92 15.16 21.39
CA TRP P 192 36.89 14.88 20.40
C TRP P 192 35.51 15.24 20.92
N LYS P 193 35.24 14.93 22.19
CA LYS P 193 33.95 15.27 22.79
C LYS P 193 33.75 16.78 22.88
N ARG P 194 34.84 17.51 23.13
CA ARG P 194 34.75 18.97 23.20
C ARG P 194 34.40 19.57 21.86
N ASN P 195 34.90 18.98 20.78
CA ASN P 195 34.65 19.46 19.43
C ASN P 195 33.34 18.95 18.84
N GLN P 196 32.67 18.00 19.50
CA GLN P 196 31.37 17.54 19.05
C GLN P 196 30.23 18.31 19.68
N THR P 197 30.49 19.04 20.76
CA THR P 197 29.45 19.70 21.53
C THR P 197 28.70 20.71 20.68
N VAL P 198 27.39 20.72 20.81
CA VAL P 198 26.53 21.75 20.24
C VAL P 198 26.12 22.66 21.39
N SER P 199 26.79 23.81 21.51
CA SER P 199 26.58 24.72 22.62
C SER P 199 25.36 25.59 22.34
N LEU P 200 24.29 25.34 23.08
CA LEU P 200 23.02 26.06 22.90
C LEU P 200 22.84 26.93 24.14
N ARG P 201 23.35 28.14 24.08
CA ARG P 201 23.24 29.07 25.19
C ARG P 201 21.79 29.51 25.35
N ARG P 202 21.48 30.05 26.51
CA ARG P 202 20.11 30.49 26.74
C ARG P 202 19.83 31.85 26.12
N TYR P 203 20.87 32.61 25.78
CA TYR P 203 20.73 33.87 25.06
C TYR P 203 21.48 33.72 23.75
N ARG P 204 20.78 33.25 22.73
CA ARG P 204 21.36 32.98 21.43
C ARG P 204 20.42 33.44 20.32
N VAL Q 2 -53.48 17.20 -23.35
CA VAL Q 2 -54.77 16.74 -22.89
C VAL Q 2 -54.93 16.96 -21.40
N SER Q 3 -55.95 17.71 -21.02
CA SER Q 3 -56.34 17.89 -19.63
C SER Q 3 -57.60 17.10 -19.35
N GLY Q 4 -58.06 17.16 -18.11
CA GLY Q 4 -59.23 16.42 -17.73
C GLY Q 4 -60.52 17.00 -18.31
N SER Q 5 -61.59 16.24 -18.10
CA SER Q 5 -62.91 16.69 -18.55
C SER Q 5 -63.35 17.95 -17.81
N GLY Q 6 -63.11 18.00 -16.50
CA GLY Q 6 -63.60 19.08 -15.69
C GLY Q 6 -65.06 18.98 -15.30
N VAL Q 7 -65.73 17.88 -15.65
CA VAL Q 7 -67.17 17.78 -15.47
C VAL Q 7 -67.58 17.48 -14.04
N CYS Q 8 -66.64 17.04 -13.19
CA CYS Q 8 -66.83 16.92 -11.74
C CYS Q 8 -68.16 16.24 -11.37
N ALA Q 9 -68.27 14.98 -11.75
CA ALA Q 9 -69.40 14.13 -11.41
C ALA Q 9 -68.97 13.07 -10.39
N LYS Q 10 -69.93 12.23 -10.00
CA LYS Q 10 -69.60 11.12 -9.11
C LYS Q 10 -68.82 10.04 -9.85
N ARG Q 11 -69.26 9.69 -11.06
CA ARG Q 11 -68.57 8.74 -11.91
C ARG Q 11 -69.16 8.84 -13.31
N VAL Q 12 -68.30 8.80 -14.31
CA VAL Q 12 -68.71 8.83 -15.71
C VAL Q 12 -68.64 7.41 -16.25
N VAL Q 13 -69.70 6.97 -16.92
CA VAL Q 13 -69.75 5.66 -17.56
C VAL Q 13 -69.55 5.88 -19.05
N VAL Q 14 -68.54 5.24 -19.60
CA VAL Q 14 -68.16 5.39 -21.01
C VAL Q 14 -68.49 4.10 -21.73
N ASP Q 15 -69.25 4.22 -22.81
CA ASP Q 15 -69.51 3.09 -23.70
C ASP Q 15 -68.34 2.95 -24.66
N ALA Q 16 -67.51 1.92 -24.46
CA ALA Q 16 -66.26 1.77 -25.16
C ALA Q 16 -66.39 1.26 -26.58
N ARG Q 17 -67.60 0.92 -27.02
CA ARG Q 17 -67.77 0.35 -28.35
C ARG Q 17 -67.26 1.30 -29.43
N HIS Q 18 -66.45 0.75 -30.33
CA HIS Q 18 -65.98 1.46 -31.52
C HIS Q 18 -65.13 2.69 -31.18
N HIS Q 19 -64.33 2.57 -30.13
CA HIS Q 19 -63.30 3.54 -29.81
C HIS Q 19 -61.92 2.92 -30.11
N MET Q 20 -60.95 3.76 -30.42
CA MET Q 20 -59.58 3.31 -30.61
C MET Q 20 -58.94 3.05 -29.24
N LEU Q 21 -58.27 1.91 -29.11
CA LEU Q 21 -57.88 1.42 -27.79
C LEU Q 21 -56.90 2.37 -27.11
N GLY Q 22 -55.84 2.77 -27.81
CA GLY Q 22 -54.83 3.60 -27.17
C GLY Q 22 -55.24 5.04 -27.01
N ARG Q 23 -56.15 5.51 -27.86
CA ARG Q 23 -56.67 6.86 -27.69
C ARG Q 23 -57.71 6.91 -26.58
N LEU Q 24 -58.49 5.85 -26.41
CA LEU Q 24 -59.40 5.77 -25.28
C LEU Q 24 -58.64 5.66 -23.97
N ALA Q 25 -57.60 4.83 -23.92
CA ALA Q 25 -56.83 4.64 -22.70
C ALA Q 25 -56.09 5.92 -22.32
N SER Q 26 -55.71 6.73 -23.30
CA SER Q 26 -54.97 7.95 -23.01
C SER Q 26 -55.86 8.96 -22.29
N ILE Q 27 -57.10 9.13 -22.77
CA ILE Q 27 -58.01 10.08 -22.17
C ILE Q 27 -58.47 9.60 -20.81
N VAL Q 28 -58.77 8.30 -20.70
CA VAL Q 28 -59.21 7.76 -19.41
C VAL Q 28 -58.12 7.92 -18.37
N ALA Q 29 -56.86 7.69 -18.75
CA ALA Q 29 -55.76 7.79 -17.79
C ALA Q 29 -55.63 9.20 -17.26
N LYS Q 30 -55.83 10.21 -18.11
CA LYS Q 30 -55.82 11.58 -17.63
C LYS Q 30 -56.97 11.86 -16.67
N GLU Q 31 -58.15 11.29 -16.95
CA GLU Q 31 -59.30 11.48 -16.06
C GLU Q 31 -59.03 10.87 -14.70
N LEU Q 32 -58.51 9.65 -14.66
CA LEU Q 32 -58.23 8.99 -13.39
C LEU Q 32 -57.17 9.75 -12.60
N LEU Q 33 -56.12 10.21 -13.29
CA LEU Q 33 -55.06 10.94 -12.61
C LEU Q 33 -55.56 12.26 -12.04
N ASN Q 34 -56.62 12.82 -12.61
CA ASN Q 34 -57.16 14.08 -12.13
C ASN Q 34 -58.18 13.90 -11.01
N GLY Q 35 -58.57 12.67 -10.70
CA GLY Q 35 -59.48 12.40 -9.61
C GLY Q 35 -60.84 11.88 -10.02
N GLN Q 36 -61.13 11.71 -11.31
CA GLN Q 36 -62.43 11.23 -11.75
C GLN Q 36 -62.50 9.71 -11.68
N ARG Q 37 -63.67 9.21 -11.30
CA ARG Q 37 -63.98 7.79 -11.39
C ARG Q 37 -64.56 7.52 -12.77
N VAL Q 38 -63.99 6.55 -13.47
CA VAL Q 38 -64.41 6.20 -14.83
C VAL Q 38 -64.80 4.73 -14.83
N VAL Q 39 -65.96 4.44 -15.38
CA VAL Q 39 -66.42 3.07 -15.58
C VAL Q 39 -66.51 2.86 -17.08
N VAL Q 40 -65.76 1.89 -17.59
CA VAL Q 40 -65.75 1.56 -19.00
C VAL Q 40 -66.45 0.22 -19.18
N VAL Q 41 -67.50 0.21 -20.00
CA VAL Q 41 -68.23 -1.00 -20.29
C VAL Q 41 -68.04 -1.33 -21.76
N ARG Q 42 -68.40 -2.57 -22.12
CA ARG Q 42 -68.29 -3.08 -23.48
C ARG Q 42 -66.86 -2.97 -24.01
N CYS Q 43 -65.91 -3.41 -23.19
CA CYS Q 43 -64.51 -3.40 -23.61
C CYS Q 43 -64.21 -4.46 -24.66
N GLU Q 44 -65.15 -5.37 -24.92
CA GLU Q 44 -64.98 -6.38 -25.95
C GLU Q 44 -65.13 -5.82 -27.36
N GLU Q 45 -65.65 -4.61 -27.53
CA GLU Q 45 -65.84 -4.00 -28.84
C GLU Q 45 -64.96 -2.79 -29.06
N ILE Q 46 -63.90 -2.64 -28.25
CA ILE Q 46 -62.88 -1.65 -28.55
C ILE Q 46 -62.16 -2.05 -29.83
N CYS Q 47 -61.72 -1.05 -30.60
CA CYS Q 47 -61.05 -1.27 -31.87
C CYS Q 47 -59.58 -0.87 -31.78
N MET Q 48 -58.74 -1.62 -32.46
CA MET Q 48 -57.33 -1.27 -32.63
C MET Q 48 -57.01 -1.23 -34.11
N SER Q 49 -56.35 -0.15 -34.54
CA SER Q 49 -55.94 -0.04 -35.93
C SER Q 49 -54.90 -1.09 -36.25
N GLY Q 50 -54.85 -1.48 -37.51
CA GLY Q 50 -54.15 -2.69 -37.88
C GLY Q 50 -55.09 -3.85 -37.64
N GLY Q 51 -55.21 -4.75 -38.60
CA GLY Q 51 -56.19 -5.81 -38.51
C GLY Q 51 -55.87 -6.82 -37.43
N LEU Q 52 -56.53 -7.97 -37.53
CA LEU Q 52 -56.33 -9.04 -36.56
C LEU Q 52 -54.90 -9.58 -36.61
N VAL Q 53 -54.34 -9.72 -37.81
CA VAL Q 53 -53.05 -10.40 -37.96
C VAL Q 53 -51.95 -9.62 -37.26
N ARG Q 54 -51.87 -8.31 -37.50
CA ARG Q 54 -50.84 -7.50 -36.86
C ARG Q 54 -51.03 -7.47 -35.35
N GLN Q 55 -52.28 -7.32 -34.90
CA GLN Q 55 -52.55 -7.26 -33.48
C GLN Q 55 -52.31 -8.59 -32.80
N LYS Q 56 -52.59 -9.69 -33.50
CA LYS Q 56 -52.41 -11.01 -32.91
C LYS Q 56 -50.94 -11.33 -32.68
N MET Q 57 -50.08 -11.02 -33.65
CA MET Q 57 -48.67 -11.30 -33.47
C MET Q 57 -48.02 -10.36 -32.47
N LYS Q 58 -48.56 -9.16 -32.30
CA LYS Q 58 -48.08 -8.28 -31.25
C LYS Q 58 -48.30 -8.91 -29.88
N TYR Q 59 -49.47 -9.54 -29.67
CA TYR Q 59 -49.73 -10.23 -28.42
C TYR Q 59 -48.85 -11.46 -28.28
N LEU Q 60 -48.61 -12.18 -29.37
CA LEU Q 60 -47.78 -13.37 -29.31
C LEU Q 60 -46.34 -13.02 -28.94
N ARG Q 61 -45.83 -11.90 -29.43
CA ARG Q 61 -44.52 -11.43 -28.99
C ARG Q 61 -44.53 -11.08 -27.51
N PHE Q 62 -45.60 -10.42 -27.05
CA PHE Q 62 -45.77 -10.15 -25.63
C PHE Q 62 -45.88 -11.45 -24.83
N LEU Q 63 -46.59 -12.44 -25.36
CA LEU Q 63 -46.71 -13.73 -24.70
C LEU Q 63 -45.35 -14.43 -24.57
N ARG Q 64 -44.41 -14.11 -25.46
CA ARG Q 64 -43.07 -14.68 -25.37
C ARG Q 64 -42.35 -14.22 -24.11
N LYS Q 65 -42.59 -12.99 -23.68
CA LYS Q 65 -41.86 -12.42 -22.56
C LYS Q 65 -42.23 -13.12 -21.27
N ARG Q 66 -41.22 -13.57 -20.53
CA ARG Q 66 -41.44 -14.38 -19.35
C ARG Q 66 -40.13 -14.53 -18.61
N MET Q 67 -40.17 -14.39 -17.28
CA MET Q 67 -38.96 -14.56 -16.49
C MET Q 67 -38.47 -16.00 -16.63
N ASN Q 68 -37.23 -16.15 -17.11
CA ASN Q 68 -36.73 -17.46 -17.50
C ASN Q 68 -36.67 -18.41 -16.31
N THR Q 69 -36.32 -17.90 -15.13
CA THR Q 69 -36.11 -18.74 -13.97
C THR Q 69 -37.37 -18.95 -13.13
N LYS Q 70 -38.38 -18.08 -13.25
CA LYS Q 70 -39.63 -18.25 -12.50
C LYS Q 70 -40.75 -17.54 -13.23
N PRO Q 71 -41.49 -18.24 -14.09
CA PRO Q 71 -42.52 -17.58 -14.91
C PRO Q 71 -43.66 -16.96 -14.12
N SER Q 72 -44.02 -17.52 -12.97
CA SER Q 72 -45.11 -16.94 -12.18
C SER Q 72 -44.72 -15.60 -11.58
N HIS Q 73 -43.44 -15.26 -11.62
CA HIS Q 73 -42.96 -13.92 -11.28
C HIS Q 73 -43.02 -12.98 -12.47
N GLY Q 74 -42.84 -13.51 -13.68
CA GLY Q 74 -42.66 -12.71 -14.86
C GLY Q 74 -43.89 -11.93 -15.24
N PRO Q 75 -43.92 -11.43 -16.48
CA PRO Q 75 -45.10 -10.69 -16.94
C PRO Q 75 -46.34 -11.57 -16.91
N ILE Q 76 -47.45 -10.97 -16.47
CA ILE Q 76 -48.75 -11.63 -16.46
C ILE Q 76 -49.49 -11.21 -17.72
N HIS Q 77 -49.90 -12.19 -18.51
CA HIS Q 77 -50.56 -11.94 -19.79
C HIS Q 77 -52.05 -12.22 -19.62
N PHE Q 78 -52.82 -11.17 -19.40
CA PHE Q 78 -54.27 -11.28 -19.28
C PHE Q 78 -54.90 -11.45 -20.65
N ARG Q 79 -55.95 -12.26 -20.71
CA ARG Q 79 -56.61 -12.59 -21.96
C ARG Q 79 -57.94 -11.89 -22.17
N ALA Q 80 -58.61 -11.47 -21.12
CA ALA Q 80 -59.91 -10.84 -21.24
C ALA Q 80 -59.77 -9.42 -21.80
N PRO Q 81 -60.77 -8.95 -22.56
CA PRO Q 81 -60.72 -7.57 -23.06
C PRO Q 81 -60.69 -6.51 -21.98
N ALA Q 82 -61.35 -6.72 -20.84
CA ALA Q 82 -61.36 -5.69 -19.81
C ALA Q 82 -60.02 -5.63 -19.07
N LYS Q 83 -59.37 -6.77 -18.89
CA LYS Q 83 -58.05 -6.76 -18.26
C LYS Q 83 -56.98 -6.30 -19.23
N ILE Q 84 -57.17 -6.54 -20.53
CA ILE Q 84 -56.25 -5.99 -21.51
C ILE Q 84 -56.32 -4.47 -21.51
N LEU Q 85 -57.53 -3.91 -21.49
CA LEU Q 85 -57.67 -2.46 -21.43
C LEU Q 85 -57.17 -1.92 -20.10
N TRP Q 86 -57.35 -2.69 -19.02
CA TRP Q 86 -56.82 -2.28 -17.72
C TRP Q 86 -55.30 -2.16 -17.77
N ARG Q 87 -54.64 -3.08 -18.46
CA ARG Q 87 -53.18 -3.05 -18.51
C ARG Q 87 -52.67 -1.98 -19.47
N THR Q 88 -53.41 -1.72 -20.55
CA THR Q 88 -53.06 -0.62 -21.45
C THR Q 88 -53.13 0.72 -20.73
N ILE Q 89 -54.14 0.91 -19.88
CA ILE Q 89 -54.24 2.15 -19.12
C ILE Q 89 -53.13 2.22 -18.08
N ARG Q 90 -52.83 1.10 -17.42
CA ARG Q 90 -51.77 1.09 -16.42
C ARG Q 90 -50.44 1.51 -17.01
N GLY Q 91 -50.19 1.18 -18.29
CA GLY Q 91 -48.97 1.59 -18.94
C GLY Q 91 -48.85 3.10 -19.13
N MET Q 92 -49.95 3.82 -19.00
CA MET Q 92 -49.98 5.26 -19.18
C MET Q 92 -50.08 6.00 -17.85
N ILE Q 93 -49.79 5.33 -16.75
CA ILE Q 93 -49.98 5.88 -15.42
C ILE Q 93 -48.73 5.62 -14.58
N PRO Q 94 -48.29 6.57 -13.76
CA PRO Q 94 -47.19 6.29 -12.83
C PRO Q 94 -47.62 5.36 -11.70
N HIS Q 95 -47.84 4.08 -12.03
CA HIS Q 95 -48.56 3.17 -11.14
C HIS Q 95 -47.72 2.66 -9.98
N LYS Q 96 -46.40 2.85 -10.00
CA LYS Q 96 -45.58 2.45 -8.88
C LYS Q 96 -45.52 3.50 -7.78
N THR Q 97 -46.13 4.67 -8.00
CA THR Q 97 -46.30 5.68 -6.97
C THR Q 97 -47.70 5.57 -6.36
N ALA Q 98 -47.84 6.12 -5.15
CA ALA Q 98 -49.12 6.06 -4.46
C ALA Q 98 -50.19 6.85 -5.20
N ARG Q 99 -49.80 7.91 -5.92
CA ARG Q 99 -50.75 8.68 -6.70
C ARG Q 99 -51.29 7.86 -7.86
N GLY Q 100 -50.40 7.18 -8.59
CA GLY Q 100 -50.86 6.31 -9.66
C GLY Q 100 -51.59 5.09 -9.16
N GLU Q 101 -51.24 4.61 -7.97
CA GLU Q 101 -51.99 3.52 -7.35
C GLU Q 101 -53.43 3.94 -7.06
N ALA Q 102 -53.61 5.15 -6.55
CA ALA Q 102 -54.95 5.66 -6.31
C ALA Q 102 -55.68 5.95 -7.61
N ALA Q 103 -54.95 6.43 -8.63
CA ALA Q 103 -55.59 6.73 -9.91
C ALA Q 103 -56.17 5.49 -10.56
N LEU Q 104 -55.42 4.39 -10.53
CA LEU Q 104 -55.86 3.16 -11.16
C LEU Q 104 -56.96 2.47 -10.37
N ALA Q 105 -57.12 2.80 -9.10
CA ALA Q 105 -58.21 2.25 -8.29
C ALA Q 105 -59.55 2.91 -8.59
N ARG Q 106 -59.56 4.01 -9.33
CA ARG Q 106 -60.79 4.68 -9.71
C ARG Q 106 -61.33 4.20 -11.05
N LEU Q 107 -60.69 3.21 -11.67
CA LEU Q 107 -61.11 2.72 -12.97
C LEU Q 107 -61.78 1.36 -12.80
N LYS Q 108 -62.97 1.22 -13.39
CA LYS Q 108 -63.67 -0.05 -13.48
C LYS Q 108 -63.90 -0.37 -14.96
N ALA Q 109 -63.53 -1.58 -15.37
CA ALA Q 109 -63.65 -2.00 -16.75
C ALA Q 109 -64.44 -3.31 -16.81
N TYR Q 110 -65.36 -3.40 -17.76
CA TYR Q 110 -66.24 -4.55 -17.87
C TYR Q 110 -66.38 -4.97 -19.32
N GLU Q 111 -66.65 -6.26 -19.52
CA GLU Q 111 -67.09 -6.77 -20.81
C GLU Q 111 -68.61 -6.85 -20.78
N GLY Q 112 -69.25 -6.39 -21.84
CA GLY Q 112 -70.68 -6.21 -21.81
C GLY Q 112 -71.04 -5.04 -20.90
N VAL Q 113 -72.33 -4.95 -20.60
CA VAL Q 113 -72.83 -3.91 -19.70
C VAL Q 113 -73.51 -4.58 -18.51
N PRO Q 114 -72.79 -4.93 -17.45
CA PRO Q 114 -73.43 -5.52 -16.28
C PRO Q 114 -74.21 -4.47 -15.50
N PRO Q 115 -75.16 -4.89 -14.66
CA PRO Q 115 -75.87 -3.93 -13.83
C PRO Q 115 -74.92 -3.26 -12.84
N PRO Q 116 -75.23 -2.04 -12.41
CA PRO Q 116 -76.41 -1.23 -12.70
C PRO Q 116 -76.25 -0.34 -13.94
N TYR Q 117 -75.16 -0.47 -14.69
CA TYR Q 117 -74.88 0.43 -15.79
C TYR Q 117 -75.74 0.18 -17.02
N ASP Q 118 -76.48 -0.93 -17.06
CA ASP Q 118 -77.44 -1.12 -18.15
C ASP Q 118 -78.57 -0.11 -18.10
N ARG Q 119 -78.82 0.50 -16.94
CA ARG Q 119 -79.88 1.48 -16.77
C ARG Q 119 -79.37 2.88 -16.50
N THR Q 120 -78.07 3.12 -16.70
CA THR Q 120 -77.51 4.45 -16.56
C THR Q 120 -77.12 4.99 -17.95
N LYS Q 121 -76.65 6.23 -17.96
CA LYS Q 121 -76.23 6.87 -19.20
C LYS Q 121 -74.77 6.55 -19.49
N ARG Q 122 -74.49 6.14 -20.72
CA ARG Q 122 -73.15 5.82 -21.16
C ARG Q 122 -72.73 6.83 -22.21
N MET Q 123 -71.60 7.49 -21.98
CA MET Q 123 -71.12 8.54 -22.88
C MET Q 123 -70.14 7.96 -23.90
N VAL Q 124 -69.68 8.82 -24.80
CA VAL Q 124 -68.67 8.49 -25.79
C VAL Q 124 -67.59 9.56 -25.74
N ILE Q 125 -66.40 9.20 -26.22
CA ILE Q 125 -65.28 10.13 -26.33
C ILE Q 125 -65.13 10.49 -27.80
N PRO Q 126 -65.43 11.73 -28.21
CA PRO Q 126 -65.38 12.05 -29.64
C PRO Q 126 -64.02 11.84 -30.29
N ASP Q 127 -62.93 12.17 -29.61
CA ASP Q 127 -61.60 12.05 -30.20
C ASP Q 127 -60.96 10.68 -29.93
N ALA Q 128 -61.78 9.67 -29.66
CA ALA Q 128 -61.34 8.28 -29.66
C ALA Q 128 -62.20 7.40 -30.55
N LEU Q 129 -63.33 7.91 -31.03
CA LEU Q 129 -64.22 7.13 -31.88
C LEU Q 129 -63.56 6.76 -33.19
N LYS Q 130 -63.78 5.53 -33.63
CA LYS Q 130 -63.17 5.04 -34.86
C LYS Q 130 -63.67 5.83 -36.07
N VAL Q 131 -64.95 6.18 -36.09
CA VAL Q 131 -65.55 6.87 -37.23
C VAL Q 131 -64.90 8.24 -37.45
N LEU Q 132 -64.32 8.84 -36.43
CA LEU Q 132 -63.61 10.10 -36.59
C LEU Q 132 -62.09 9.93 -36.60
N ARG Q 133 -61.57 8.74 -36.28
CA ARG Q 133 -60.14 8.54 -36.14
C ARG Q 133 -59.51 7.73 -37.26
N LEU Q 134 -60.28 6.90 -37.95
CA LEU Q 134 -59.72 5.96 -38.92
C LEU Q 134 -60.34 6.18 -40.30
N GLN Q 135 -59.51 6.13 -41.33
CA GLN Q 135 -60.01 6.16 -42.68
C GLN Q 135 -60.87 4.93 -42.93
N PRO Q 136 -61.94 5.05 -43.73
CA PRO Q 136 -62.89 3.93 -43.87
C PRO Q 136 -62.32 2.67 -44.50
N GLY Q 137 -61.21 2.74 -45.21
CA GLY Q 137 -60.69 1.55 -45.86
C GLY Q 137 -59.63 0.78 -45.11
N HIS Q 138 -59.10 1.35 -44.03
CA HIS Q 138 -57.97 0.76 -43.33
C HIS Q 138 -58.40 -0.34 -42.37
N ARG Q 139 -57.52 -1.30 -42.15
CA ARG Q 139 -57.84 -2.48 -41.37
C ARG Q 139 -57.89 -2.16 -39.88
N TYR Q 140 -58.62 -2.98 -39.16
CA TYR Q 140 -58.75 -2.90 -37.71
C TYR Q 140 -59.37 -4.20 -37.23
N CYS Q 141 -59.34 -4.42 -35.93
CA CYS Q 141 -59.99 -5.56 -35.32
C CYS Q 141 -60.66 -5.14 -34.02
N LEU Q 142 -61.55 -5.99 -33.54
CA LEU Q 142 -62.19 -5.78 -32.25
C LEU Q 142 -61.40 -6.45 -31.14
N LEU Q 143 -61.47 -5.87 -29.94
CA LEU Q 143 -60.73 -6.42 -28.80
C LEU Q 143 -61.18 -7.85 -28.49
N GLY Q 144 -62.48 -8.10 -28.53
CA GLY Q 144 -62.97 -9.45 -28.25
C GLY Q 144 -62.49 -10.47 -29.26
N GLN Q 145 -62.33 -10.07 -30.52
CA GLN Q 145 -61.79 -10.97 -31.52
C GLN Q 145 -60.34 -11.31 -31.23
N LEU Q 146 -59.54 -10.30 -30.87
CA LEU Q 146 -58.16 -10.58 -30.48
C LEU Q 146 -58.11 -11.44 -29.24
N SER Q 147 -58.93 -11.14 -28.23
CA SER Q 147 -58.94 -11.91 -27.00
C SER Q 147 -59.38 -13.35 -27.25
N LYS Q 148 -60.38 -13.55 -28.10
CA LYS Q 148 -60.82 -14.89 -28.43
C LYS Q 148 -59.72 -15.69 -29.12
N GLU Q 149 -58.84 -15.01 -29.85
CA GLU Q 149 -57.80 -15.69 -30.61
C GLU Q 149 -56.64 -16.14 -29.72
N VAL Q 150 -56.51 -15.56 -28.53
CA VAL Q 150 -55.34 -15.78 -27.70
C VAL Q 150 -55.68 -16.43 -26.36
N GLY Q 151 -56.93 -16.86 -26.17
CA GLY Q 151 -57.23 -17.65 -25.00
C GLY Q 151 -58.49 -17.31 -24.21
N TRP Q 152 -59.09 -16.16 -24.47
CA TRP Q 152 -60.32 -15.81 -23.78
C TRP Q 152 -61.43 -16.78 -24.14
N ASN Q 153 -62.18 -17.22 -23.13
CA ASN Q 153 -63.16 -18.29 -23.33
C ASN Q 153 -64.56 -17.89 -22.88
N TYR Q 154 -64.79 -16.62 -22.55
CA TYR Q 154 -66.10 -16.16 -22.13
C TYR Q 154 -66.74 -15.24 -23.16
N ALA Q 155 -66.36 -15.40 -24.42
CA ALA Q 155 -66.99 -14.60 -25.48
C ALA Q 155 -68.44 -15.00 -25.69
N ASP Q 156 -68.75 -16.29 -25.56
CA ASP Q 156 -70.11 -16.76 -25.80
C ASP Q 156 -71.07 -16.29 -24.70
N THR Q 157 -70.65 -16.38 -23.45
CA THR Q 157 -71.53 -15.92 -22.37
C THR Q 157 -71.71 -14.42 -22.41
N ILE Q 158 -70.68 -13.68 -22.83
CA ILE Q 158 -70.82 -12.23 -23.01
C ILE Q 158 -71.83 -11.94 -24.11
N ARG Q 159 -71.74 -12.66 -25.22
CA ARG Q 159 -72.67 -12.44 -26.33
C ARG Q 159 -74.10 -12.80 -25.94
N GLU Q 160 -74.28 -13.92 -25.25
CA GLU Q 160 -75.63 -14.33 -24.85
C GLU Q 160 -76.25 -13.35 -23.87
N LEU Q 161 -75.47 -12.86 -22.91
CA LEU Q 161 -75.97 -11.87 -21.98
C LEU Q 161 -76.31 -10.57 -22.70
N GLU Q 162 -75.49 -10.18 -23.67
CA GLU Q 162 -75.70 -8.91 -24.35
C GLU Q 162 -76.94 -8.94 -25.23
N GLU Q 163 -77.27 -10.08 -25.82
CA GLU Q 163 -78.51 -10.21 -26.56
C GLU Q 163 -79.72 -10.06 -25.65
N LYS Q 164 -79.66 -10.66 -24.46
CA LYS Q 164 -80.75 -10.53 -23.49
C LYS Q 164 -80.91 -9.08 -23.06
N ARG Q 165 -79.80 -8.38 -22.84
CA ARG Q 165 -79.87 -6.98 -22.43
C ARG Q 165 -80.49 -6.12 -23.53
N LYS Q 166 -80.13 -6.37 -24.79
CA LYS Q 166 -80.63 -5.56 -25.89
C LYS Q 166 -82.12 -5.79 -26.11
N GLU Q 167 -82.61 -7.00 -25.83
CA GLU Q 167 -84.04 -7.25 -25.91
C GLU Q 167 -84.79 -6.40 -24.90
N LYS Q 168 -84.30 -6.36 -23.66
CA LYS Q 168 -84.97 -5.58 -22.62
C LYS Q 168 -84.91 -4.09 -22.93
N ALA Q 169 -83.80 -3.62 -23.51
CA ALA Q 169 -83.68 -2.21 -23.85
C ALA Q 169 -84.58 -1.85 -25.03
N LYS Q 170 -84.78 -2.80 -25.94
CA LYS Q 170 -85.66 -2.54 -27.08
C LYS Q 170 -87.11 -2.40 -26.62
N VAL Q 171 -87.51 -3.15 -25.61
CA VAL Q 171 -88.86 -3.03 -25.08
C VAL Q 171 -89.01 -1.71 -24.32
N SER Q 172 -87.98 -1.33 -23.55
CA SER Q 172 -88.01 -0.06 -22.85
C SER Q 172 -88.00 1.11 -23.83
N TYR Q 173 -87.44 0.91 -25.02
CA TYR Q 173 -87.44 1.97 -26.02
C TYR Q 173 -88.82 2.15 -26.64
N ASP Q 174 -89.53 1.06 -26.89
CA ASP Q 174 -90.89 1.15 -27.40
C ASP Q 174 -91.80 1.89 -26.43
N ARG Q 175 -91.67 1.57 -25.14
CA ARG Q 175 -92.46 2.24 -24.11
C ARG Q 175 -92.14 3.73 -24.04
N ARG Q 176 -90.86 4.08 -24.19
CA ARG Q 176 -90.46 5.48 -24.11
C ARG Q 176 -90.99 6.28 -25.29
N LYS Q 177 -91.15 5.63 -26.45
CA LYS Q 177 -91.68 6.33 -27.61
C LYS Q 177 -93.16 6.63 -27.45
N GLN Q 178 -93.91 5.72 -26.84
CA GLN Q 178 -95.32 5.98 -26.57
C GLN Q 178 -95.48 7.12 -25.59
N LEU Q 179 -94.63 7.17 -24.57
CA LEU Q 179 -94.70 8.25 -23.59
C LEU Q 179 -94.26 9.58 -24.20
N ALA Q 180 -93.44 9.54 -25.27
CA ALA Q 180 -93.02 10.78 -25.91
C ALA Q 180 -94.14 11.35 -26.78
N LYS Q 181 -94.87 10.48 -27.47
CA LYS Q 181 -96.02 10.94 -28.24
C LYS Q 181 -97.10 11.51 -27.33
N LEU Q 182 -97.32 10.88 -26.17
CA LEU Q 182 -98.25 11.42 -25.19
C LEU Q 182 -97.76 12.78 -24.69
N ARG Q 183 -96.45 12.93 -24.50
CA ARG Q 183 -95.90 14.20 -24.03
C ARG Q 183 -96.10 15.31 -25.05
N VAL Q 184 -95.93 15.01 -26.33
CA VAL Q 184 -96.07 16.04 -27.36
C VAL Q 184 -97.50 16.50 -27.48
N LYS Q 185 -98.47 15.58 -27.31
CA LYS Q 185 -99.87 15.98 -27.26
C LYS Q 185 -100.15 16.85 -26.03
N ALA Q 186 -99.54 16.51 -24.89
CA ALA Q 186 -99.77 17.26 -23.68
C ALA Q 186 -99.21 18.68 -23.78
N GLU Q 187 -98.03 18.84 -24.37
CA GLU Q 187 -97.47 20.18 -24.52
C GLU Q 187 -98.20 20.96 -25.60
N LYS Q 188 -98.86 20.28 -26.54
CA LYS Q 188 -99.68 20.99 -27.52
C LYS Q 188 -100.96 21.52 -26.89
N ALA Q 189 -101.63 20.70 -26.09
CA ALA Q 189 -102.85 21.14 -25.43
C ALA Q 189 -102.55 22.20 -24.36
N ALA Q 190 -101.46 22.01 -23.63
CA ALA Q 190 -101.05 22.99 -22.64
C ALA Q 190 -100.48 24.26 -23.25
N GLU Q 191 -100.20 24.24 -24.56
CA GLU Q 191 -99.70 25.45 -25.22
C GLU Q 191 -100.79 26.50 -25.38
N GLU Q 192 -101.98 26.08 -25.81
CA GLU Q 192 -103.08 27.02 -25.98
C GLU Q 192 -103.71 27.42 -24.65
N LYS Q 193 -103.80 26.47 -23.71
CA LYS Q 193 -104.42 26.77 -22.42
C LYS Q 193 -103.70 27.90 -21.70
N LEU Q 194 -102.38 28.02 -21.90
CA LEU Q 194 -101.62 29.13 -21.36
C LEU Q 194 -100.91 29.85 -22.49
N GLY Q 195 -101.63 30.11 -23.59
CA GLY Q 195 -100.99 30.71 -24.76
C GLY Q 195 -100.39 32.07 -24.50
N THR Q 196 -101.08 32.89 -23.71
CA THR Q 196 -100.62 34.27 -23.50
C THR Q 196 -99.34 34.31 -22.67
N GLN Q 197 -99.21 33.44 -21.68
CA GLN Q 197 -98.10 33.53 -20.74
C GLN Q 197 -96.76 33.22 -21.39
N LEU Q 198 -96.72 32.32 -22.36
CA LEU Q 198 -95.48 31.81 -22.92
C LEU Q 198 -95.05 32.56 -24.16
N GLU Q 199 -95.35 33.85 -24.25
CA GLU Q 199 -94.92 34.63 -25.40
C GLU Q 199 -93.41 34.87 -25.39
N ILE Q 200 -92.81 34.95 -24.19
CA ILE Q 200 -91.38 35.23 -24.11
C ILE Q 200 -90.54 34.02 -24.51
N LEU Q 201 -91.12 32.82 -24.53
CA LEU Q 201 -90.39 31.63 -24.91
C LEU Q 201 -90.37 31.39 -26.41
N ALA Q 202 -91.16 32.14 -27.18
CA ALA Q 202 -91.25 31.92 -28.62
C ALA Q 202 -89.94 32.12 -29.36
N PRO Q 203 -89.17 33.20 -29.14
CA PRO Q 203 -87.97 33.41 -29.97
C PRO Q 203 -86.82 32.47 -29.65
N ILE Q 204 -86.92 31.64 -28.60
CA ILE Q 204 -85.86 30.73 -28.21
C ILE Q 204 -86.39 29.29 -28.20
N LYS Q 205 -87.32 28.99 -29.11
CA LYS Q 205 -88.05 27.72 -29.10
C LYS Q 205 -87.29 26.57 -29.78
N TYR Q 206 -86.22 26.85 -30.52
CA TYR Q 206 -85.53 25.84 -31.32
C TYR Q 206 -86.46 25.20 -32.35
N VAL R 2 -34.99 0.32 46.57
CA VAL R 2 -34.68 0.09 45.17
C VAL R 2 -35.76 0.66 44.28
N LYS R 3 -35.34 1.28 43.17
CA LYS R 3 -36.26 1.81 42.18
C LYS R 3 -36.33 0.83 41.01
N TYR R 4 -37.54 0.38 40.70
CA TYR R 4 -37.78 -0.41 39.50
C TYR R 4 -38.00 0.54 38.33
N SER R 5 -38.08 -0.02 37.13
CA SER R 5 -38.29 0.82 35.96
C SER R 5 -39.72 1.34 35.86
N THR R 6 -40.64 0.79 36.63
CA THR R 6 -42.04 1.20 36.63
C THR R 6 -42.51 1.36 38.07
N ASP R 7 -43.22 2.45 38.34
CA ASP R 7 -43.88 2.61 39.63
C ASP R 7 -45.20 1.84 39.66
N PRO R 8 -45.61 1.34 40.82
CA PRO R 8 -46.85 0.56 40.89
C PRO R 8 -48.10 1.34 40.47
N ALA R 9 -48.13 2.65 40.75
CA ALA R 9 -49.28 3.53 40.51
C ALA R 9 -50.40 3.24 41.51
N ASN R 10 -50.21 2.22 42.32
CA ASN R 10 -51.06 1.88 43.45
C ASN R 10 -50.17 1.23 44.51
N PRO R 11 -49.21 1.98 45.05
CA PRO R 11 -48.15 1.34 45.85
C PRO R 11 -48.66 0.59 47.06
N THR R 12 -49.77 1.01 47.67
CA THR R 12 -50.31 0.29 48.80
C THR R 12 -50.91 -1.05 48.38
N LYS R 13 -51.45 -1.13 47.16
CA LYS R 13 -52.14 -2.31 46.68
C LYS R 13 -51.27 -3.18 45.79
N SER R 14 -49.96 -3.13 45.95
CA SER R 14 -49.04 -3.82 45.06
C SER R 14 -47.87 -4.38 45.86
N ALA R 15 -47.22 -5.40 45.29
CA ALA R 15 -46.04 -6.01 45.87
C ALA R 15 -45.01 -6.25 44.78
N LYS R 16 -43.74 -6.21 45.16
CA LYS R 16 -42.66 -6.34 44.18
C LYS R 16 -41.69 -7.43 44.60
N ALA R 17 -40.94 -7.93 43.62
CA ALA R 17 -39.88 -8.91 43.82
C ALA R 17 -38.80 -8.65 42.79
N MET R 18 -37.58 -9.05 43.12
CA MET R 18 -36.42 -8.64 42.33
C MET R 18 -35.35 -9.72 42.38
N GLY R 19 -34.55 -9.79 41.32
CA GLY R 19 -33.42 -10.69 41.25
C GLY R 19 -32.31 -10.19 40.35
N ARG R 20 -31.09 -10.15 40.86
CA ARG R 20 -29.95 -9.63 40.12
C ARG R 20 -28.96 -10.74 39.82
N ASP R 21 -28.39 -10.70 38.61
CA ASP R 21 -27.31 -11.59 38.19
C ASP R 21 -27.69 -13.06 38.34
N LEU R 22 -28.90 -13.40 37.88
CA LEU R 22 -29.37 -14.76 37.95
C LEU R 22 -28.82 -15.57 36.78
N ARG R 23 -28.24 -16.73 37.09
CA ARG R 23 -27.56 -17.55 36.09
C ARG R 23 -28.59 -18.32 35.27
N VAL R 24 -29.23 -17.61 34.35
CA VAL R 24 -30.19 -18.19 33.43
C VAL R 24 -30.14 -17.36 32.15
N HIS R 25 -30.30 -18.03 31.00
CA HIS R 25 -30.15 -17.37 29.71
C HIS R 25 -31.14 -16.22 29.57
N PHE R 26 -30.62 -15.04 29.22
CA PHE R 26 -31.44 -13.84 29.12
C PHE R 26 -32.48 -13.97 28.01
N LYS R 27 -32.09 -14.50 26.85
CA LYS R 27 -33.00 -14.59 25.72
C LYS R 27 -34.17 -15.51 26.02
N ASN R 28 -33.93 -16.62 26.72
CA ASN R 28 -35.03 -17.52 27.10
C ASN R 28 -35.97 -16.86 28.09
N THR R 29 -35.42 -16.12 29.06
CA THR R 29 -36.23 -15.53 30.11
C THR R 29 -37.03 -14.34 29.61
N ARG R 30 -36.52 -13.62 28.61
CA ARG R 30 -37.25 -12.50 28.04
C ARG R 30 -38.55 -12.98 27.38
N GLU R 31 -38.51 -14.12 26.67
CA GLU R 31 -39.73 -14.66 26.07
C GLU R 31 -40.70 -15.16 27.13
N THR R 32 -40.17 -15.78 28.19
CA THR R 32 -41.02 -16.25 29.27
C THR R 32 -41.73 -15.09 29.95
N ALA R 33 -41.00 -14.00 30.20
CA ALA R 33 -41.59 -12.82 30.83
C ALA R 33 -42.62 -12.16 29.92
N PHE R 34 -42.39 -12.21 28.61
CA PHE R 34 -43.33 -11.61 27.67
C PHE R 34 -44.64 -12.40 27.62
N ALA R 35 -44.58 -13.72 27.82
CA ALA R 35 -45.77 -14.55 27.73
C ALA R 35 -46.76 -14.28 28.85
N LEU R 36 -46.31 -13.77 29.99
CA LEU R 36 -47.18 -13.38 31.09
C LEU R 36 -46.94 -11.92 31.41
N ARG R 37 -47.62 -11.04 30.68
CA ARG R 37 -47.43 -9.60 30.85
C ARG R 37 -48.52 -8.95 31.68
N LYS R 38 -49.78 -9.32 31.47
CA LYS R 38 -50.88 -8.84 32.29
C LYS R 38 -51.62 -9.99 32.96
N MET R 39 -50.96 -11.13 33.13
CA MET R 39 -51.60 -12.33 33.62
C MET R 39 -51.98 -12.22 35.08
N SER R 40 -53.07 -12.86 35.45
CA SER R 40 -53.41 -13.01 36.85
C SER R 40 -52.42 -13.96 37.52
N LEU R 41 -52.23 -13.77 38.84
CA LEU R 41 -51.18 -14.48 39.54
C LEU R 41 -51.41 -15.99 39.54
N ASN R 42 -52.66 -16.42 39.73
CA ASN R 42 -52.93 -17.84 39.80
C ASN R 42 -52.83 -18.50 38.43
N LYS R 43 -53.28 -17.81 37.38
CA LYS R 43 -53.12 -18.34 36.04
C LYS R 43 -51.65 -18.35 35.61
N ALA R 44 -50.88 -17.38 36.09
CA ALA R 44 -49.46 -17.35 35.77
C ALA R 44 -48.71 -18.51 36.41
N LYS R 45 -49.07 -18.87 37.64
CA LYS R 45 -48.41 -19.99 38.30
C LYS R 45 -48.72 -21.31 37.58
N ARG R 46 -49.98 -21.52 37.24
CA ARG R 46 -50.37 -22.75 36.55
C ARG R 46 -49.75 -22.82 35.16
N TYR R 47 -49.65 -21.70 34.47
CA TYR R 47 -49.02 -21.67 33.16
C TYR R 47 -47.55 -22.06 33.25
N LEU R 48 -46.84 -21.54 34.26
CA LEU R 48 -45.42 -21.86 34.38
C LEU R 48 -45.18 -23.28 34.85
N GLU R 49 -46.09 -23.85 35.66
CA GLU R 49 -45.96 -25.27 36.01
C GLU R 49 -46.23 -26.16 34.80
N ASP R 50 -47.18 -25.76 33.95
CA ASP R 50 -47.42 -26.51 32.73
C ASP R 50 -46.22 -26.47 31.80
N VAL R 51 -45.52 -25.33 31.74
CA VAL R 51 -44.30 -25.24 30.96
C VAL R 51 -43.25 -26.19 31.52
N LEU R 52 -43.13 -26.24 32.85
CA LEU R 52 -42.20 -27.17 33.48
C LEU R 52 -42.57 -28.61 33.18
N ALA R 53 -43.85 -28.89 32.98
CA ALA R 53 -44.35 -30.24 32.75
C ALA R 53 -44.54 -30.54 31.26
N HIS R 54 -44.08 -29.67 30.37
CA HIS R 54 -44.16 -29.86 28.92
C HIS R 54 -45.59 -29.89 28.40
N LYS R 55 -46.55 -29.33 29.14
CA LYS R 55 -47.94 -29.31 28.71
C LYS R 55 -48.36 -28.01 28.04
N GLN R 56 -47.63 -26.93 28.26
CA GLN R 56 -47.87 -25.66 27.58
C GLN R 56 -46.55 -25.08 27.14
N ALA R 57 -46.47 -24.67 25.89
CA ALA R 57 -45.24 -24.10 25.34
C ALA R 57 -45.21 -22.58 25.56
N ILE R 58 -44.01 -22.04 25.49
CA ILE R 58 -43.78 -20.60 25.55
C ILE R 58 -43.54 -20.10 24.13
N PRO R 59 -44.25 -19.07 23.68
CA PRO R 59 -44.03 -18.58 22.31
C PRO R 59 -42.77 -17.73 22.19
N PHE R 60 -41.96 -18.07 21.19
CA PHE R 60 -40.71 -17.38 20.89
C PHE R 60 -40.95 -16.51 19.66
N ARG R 61 -40.99 -15.19 19.85
CA ARG R 61 -41.35 -14.25 18.78
C ARG R 61 -40.13 -13.54 18.22
N ARG R 62 -39.36 -12.86 19.05
CA ARG R 62 -38.00 -12.48 18.70
C ARG R 62 -37.07 -13.45 19.41
N TYR R 63 -35.78 -13.39 19.08
CA TYR R 63 -34.83 -14.42 19.51
C TYR R 63 -35.39 -15.81 19.20
N CYS R 64 -35.85 -15.99 17.98
CA CYS R 64 -36.59 -17.19 17.60
C CYS R 64 -35.96 -17.95 16.44
N ARG R 65 -34.85 -17.47 15.89
CA ARG R 65 -34.27 -18.10 14.71
C ARG R 65 -33.75 -19.49 15.06
N GLY R 66 -34.25 -20.50 14.34
CA GLY R 66 -33.86 -21.87 14.59
C GLY R 66 -34.58 -22.53 15.73
N VAL R 67 -35.80 -22.10 16.02
CA VAL R 67 -36.63 -22.70 17.06
C VAL R 67 -37.68 -23.57 16.39
N GLY R 68 -37.90 -24.76 16.94
CA GLY R 68 -38.80 -25.72 16.34
C GLY R 68 -40.26 -25.30 16.41
N ARG R 69 -41.11 -26.18 15.90
CA ARG R 69 -42.55 -25.97 15.87
C ARG R 69 -43.24 -27.13 16.56
N THR R 70 -44.25 -26.84 17.36
CA THR R 70 -44.72 -27.85 18.30
C THR R 70 -46.21 -28.15 18.20
N ALA R 71 -47.05 -27.17 17.92
CA ALA R 71 -48.51 -27.15 17.98
C ALA R 71 -49.05 -26.95 19.39
N GLN R 72 -48.24 -27.02 20.44
CA GLN R 72 -48.71 -26.66 21.76
C GLN R 72 -48.82 -25.16 21.93
N VAL R 73 -48.18 -24.41 21.04
CA VAL R 73 -48.14 -22.95 21.07
C VAL R 73 -48.97 -22.35 19.95
N LYS R 74 -49.79 -23.16 19.28
CA LYS R 74 -50.46 -22.72 18.06
C LYS R 74 -51.45 -21.60 18.34
N ASN R 75 -52.20 -21.68 19.44
CA ASN R 75 -52.94 -20.52 19.90
C ASN R 75 -51.96 -19.41 20.22
N ARG R 76 -52.36 -18.17 19.94
CA ARG R 76 -51.57 -16.95 20.21
C ARG R 76 -50.15 -17.01 19.64
N GLN R 77 -49.88 -17.95 18.74
CA GLN R 77 -48.71 -17.95 17.86
C GLN R 77 -48.97 -18.93 16.73
N PRO R 78 -49.62 -18.50 15.64
CA PRO R 78 -50.06 -19.47 14.61
C PRO R 78 -48.94 -20.28 13.97
N ASN R 79 -47.77 -19.70 13.72
CA ASN R 79 -46.64 -20.54 13.36
C ASN R 79 -46.14 -21.24 14.62
N GLY R 80 -45.72 -22.49 14.49
CA GLY R 80 -45.53 -23.29 15.68
C GLY R 80 -44.34 -22.96 16.56
N GLN R 81 -43.73 -21.80 16.38
CA GLN R 81 -42.46 -21.48 17.04
C GLN R 81 -42.67 -21.29 18.53
N GLY R 82 -42.27 -22.30 19.33
CA GLY R 82 -42.35 -22.23 20.77
C GLY R 82 -41.44 -23.28 21.40
N ARG R 83 -41.24 -23.14 22.71
CA ARG R 83 -40.33 -24.01 23.45
C ARG R 83 -40.74 -24.04 24.91
N TRP R 84 -40.00 -24.81 25.71
CA TRP R 84 -40.30 -25.03 27.12
C TRP R 84 -39.08 -24.72 27.97
N PRO R 85 -38.70 -23.45 28.10
CA PRO R 85 -37.51 -23.13 28.90
C PRO R 85 -37.74 -23.35 30.38
N ALA R 86 -37.19 -24.46 30.89
CA ALA R 86 -37.46 -24.87 32.28
C ALA R 86 -36.72 -23.99 33.28
N LYS R 87 -35.44 -23.71 33.04
CA LYS R 87 -34.69 -22.87 33.97
C LYS R 87 -35.28 -21.47 34.03
N SER R 88 -35.63 -20.91 32.88
CA SER R 88 -36.20 -19.57 32.87
C SER R 88 -37.59 -19.57 33.52
N ALA R 89 -38.31 -20.68 33.42
CA ALA R 89 -39.62 -20.76 34.08
C ALA R 89 -39.50 -20.92 35.58
N LYS R 90 -38.56 -21.76 36.02
CA LYS R 90 -38.35 -21.98 37.46
C LYS R 90 -37.86 -20.72 38.15
N PHE R 91 -37.01 -19.94 37.48
CA PHE R 91 -36.50 -18.72 38.07
C PHE R 91 -37.61 -17.68 38.23
N VAL R 92 -38.50 -17.57 37.26
CA VAL R 92 -39.63 -16.66 37.37
C VAL R 92 -40.60 -17.13 38.44
N LEU R 93 -40.84 -18.44 38.51
CA LEU R 93 -41.72 -18.99 39.53
C LEU R 93 -41.24 -18.62 40.93
N ASP R 94 -39.93 -18.67 41.15
CA ASP R 94 -39.38 -18.31 42.46
C ASP R 94 -39.66 -16.85 42.79
N LEU R 95 -39.53 -15.96 41.80
CA LEU R 95 -39.83 -14.56 42.01
C LEU R 95 -41.31 -14.34 42.29
N LEU R 96 -42.17 -15.10 41.61
CA LEU R 96 -43.61 -14.98 41.82
C LEU R 96 -44.00 -15.40 43.23
N LYS R 97 -43.28 -16.37 43.81
CA LYS R 97 -43.57 -16.78 45.17
C LYS R 97 -43.06 -15.75 46.19
N ASN R 98 -41.97 -15.06 45.85
CA ASN R 98 -41.47 -14.02 46.73
C ASN R 98 -42.44 -12.84 46.77
N ALA R 99 -42.88 -12.37 45.61
CA ALA R 99 -43.82 -11.26 45.58
C ALA R 99 -45.15 -11.64 46.21
N GLU R 100 -45.55 -12.90 46.07
CA GLU R 100 -46.79 -13.36 46.67
C GLU R 100 -46.73 -13.28 48.19
N SER R 101 -45.60 -13.67 48.79
CA SER R 101 -45.48 -13.58 50.24
C SER R 101 -45.31 -12.14 50.69
N ASN R 102 -44.74 -11.29 49.84
CA ASN R 102 -44.66 -9.87 50.16
C ASN R 102 -46.05 -9.24 50.17
N ALA R 103 -46.95 -9.76 49.33
CA ALA R 103 -48.32 -9.27 49.32
C ALA R 103 -49.09 -9.78 50.53
N GLU R 104 -48.81 -11.01 50.96
CA GLU R 104 -49.50 -11.56 52.13
C GLU R 104 -49.13 -10.78 53.39
N VAL R 105 -47.89 -10.33 53.50
CA VAL R 105 -47.49 -9.50 54.62
C VAL R 105 -48.28 -8.20 54.61
N LYS R 106 -48.43 -7.59 53.43
CA LYS R 106 -49.26 -6.39 53.29
C LYS R 106 -50.75 -6.68 53.48
N GLY R 107 -51.15 -7.95 53.44
CA GLY R 107 -52.54 -8.30 53.62
C GLY R 107 -53.39 -8.30 52.37
N LEU R 108 -52.84 -7.91 51.22
CA LEU R 108 -53.56 -8.02 49.96
C LEU R 108 -53.91 -9.48 49.69
N ASP R 109 -55.11 -9.71 49.16
CA ASP R 109 -55.55 -11.07 48.89
C ASP R 109 -54.82 -11.64 47.67
N VAL R 110 -54.40 -12.89 47.79
CA VAL R 110 -53.70 -13.55 46.69
C VAL R 110 -54.57 -13.60 45.45
N ASP R 111 -55.86 -13.85 45.63
CA ASP R 111 -56.79 -13.73 44.52
C ASP R 111 -56.92 -12.27 44.09
N ALA R 112 -57.26 -12.07 42.82
CA ALA R 112 -57.36 -10.73 42.22
C ALA R 112 -56.01 -10.03 42.19
N LEU R 113 -54.93 -10.79 42.13
CA LEU R 113 -53.58 -10.27 41.96
C LEU R 113 -53.10 -10.61 40.56
N TYR R 114 -52.53 -9.63 39.87
CA TYR R 114 -52.04 -9.85 38.52
C TYR R 114 -50.68 -9.18 38.35
N ILE R 115 -49.93 -9.66 37.37
CA ILE R 115 -48.62 -9.09 37.05
C ILE R 115 -48.82 -7.78 36.29
N SER R 116 -48.58 -6.66 36.97
CA SER R 116 -48.66 -5.36 36.31
C SER R 116 -47.35 -4.93 35.69
N HIS R 117 -46.24 -5.58 36.05
CA HIS R 117 -44.94 -5.21 35.53
C HIS R 117 -44.00 -6.41 35.64
N ILE R 118 -43.34 -6.74 34.54
CA ILE R 118 -42.30 -7.76 34.53
C ILE R 118 -41.25 -7.35 33.52
N GLN R 119 -39.98 -7.46 33.90
CA GLN R 119 -38.89 -6.96 33.07
C GLN R 119 -37.67 -7.85 33.25
N VAL R 120 -37.00 -8.14 32.13
CA VAL R 120 -35.75 -8.88 32.12
C VAL R 120 -34.68 -7.97 31.51
N ASN R 121 -33.62 -7.72 32.25
CA ASN R 121 -32.51 -6.90 31.79
C ASN R 121 -31.23 -7.75 31.80
N GLN R 122 -30.28 -7.36 30.97
CA GLN R 122 -29.02 -8.10 30.85
C GLN R 122 -28.08 -7.77 32.01
N ALA R 123 -27.61 -8.80 32.69
CA ALA R 123 -26.57 -8.68 33.69
C ALA R 123 -25.19 -8.70 33.03
N GLN R 124 -24.18 -8.39 33.83
CA GLN R 124 -22.80 -8.50 33.35
C GLN R 124 -22.47 -9.95 33.01
N LYS R 125 -21.86 -10.16 31.86
CA LYS R 125 -21.57 -11.50 31.36
C LYS R 125 -20.39 -12.11 32.09
N GLN R 126 -20.43 -13.43 32.23
CA GLN R 126 -19.36 -14.18 32.88
C GLN R 126 -18.53 -14.93 31.84
N ARG R 127 -17.25 -15.09 32.13
CA ARG R 127 -16.28 -15.57 31.15
C ARG R 127 -15.89 -17.01 31.41
N ARG R 128 -15.97 -17.85 30.38
CA ARG R 128 -15.30 -19.14 30.36
C ARG R 128 -14.59 -19.30 29.03
N ARG R 129 -14.06 -20.48 28.76
CA ARG R 129 -13.12 -20.68 27.68
C ARG R 129 -13.47 -21.93 26.88
N THR R 130 -13.13 -21.91 25.60
CA THR R 130 -13.24 -23.10 24.75
C THR R 130 -12.04 -23.15 23.82
N TYR R 131 -11.74 -24.35 23.35
CA TYR R 131 -10.55 -24.60 22.54
C TYR R 131 -10.96 -25.01 21.14
N ARG R 132 -10.26 -24.47 20.15
CA ARG R 132 -10.58 -24.68 18.75
C ARG R 132 -9.41 -25.36 18.05
N ALA R 133 -9.65 -25.72 16.80
CA ALA R 133 -8.61 -26.32 15.97
C ALA R 133 -7.46 -25.35 15.75
N HIS R 134 -6.27 -25.91 15.53
CA HIS R 134 -5.06 -25.15 15.23
C HIS R 134 -4.65 -24.26 16.40
N GLY R 135 -4.87 -24.75 17.61
CA GLY R 135 -4.35 -24.11 18.81
C GLY R 135 -4.93 -22.75 19.11
N ARG R 136 -6.21 -22.55 18.83
CA ARG R 136 -6.86 -21.27 19.05
C ARG R 136 -7.82 -21.35 20.24
N ILE R 137 -7.96 -20.23 20.93
CA ILE R 137 -8.85 -20.11 22.08
C ILE R 137 -9.97 -19.15 21.71
N ASN R 138 -11.19 -19.48 22.13
CA ASN R 138 -12.36 -18.67 21.85
C ASN R 138 -13.15 -18.44 23.12
N PRO R 139 -13.90 -17.34 23.20
CA PRO R 139 -14.74 -17.10 24.37
C PRO R 139 -15.87 -18.12 24.49
N TYR R 140 -16.32 -18.32 25.73
CA TYR R 140 -17.41 -19.24 26.07
C TYR R 140 -18.18 -18.55 27.18
N MET R 141 -19.22 -17.82 26.81
CA MET R 141 -19.84 -16.84 27.70
C MET R 141 -21.26 -17.23 28.09
N SER R 142 -21.62 -16.95 29.34
CA SER R 142 -23.00 -16.96 29.77
C SER R 142 -23.59 -15.56 29.68
N ASN R 143 -24.92 -15.50 29.68
CA ASN R 143 -25.67 -14.24 29.61
C ASN R 143 -26.70 -14.21 30.72
N PRO R 144 -26.29 -13.87 31.94
CA PRO R 144 -27.26 -13.77 33.04
C PRO R 144 -28.13 -12.53 32.91
N CYS R 145 -29.16 -12.48 33.74
CA CYS R 145 -30.14 -11.41 33.61
C CYS R 145 -30.59 -10.91 34.98
N HIS R 146 -31.12 -9.69 34.97
CA HIS R 146 -31.86 -9.13 36.09
C HIS R 146 -33.35 -9.21 35.78
N ILE R 147 -34.14 -9.63 36.76
CA ILE R 147 -35.58 -9.76 36.60
C ILE R 147 -36.27 -8.89 37.63
N GLU R 148 -37.24 -8.10 37.19
CA GLU R 148 -38.06 -7.26 38.03
C GLU R 148 -39.51 -7.68 37.89
N LEU R 149 -40.26 -7.62 38.98
CA LEU R 149 -41.61 -8.16 39.01
C LEU R 149 -42.46 -7.38 40.01
N ILE R 150 -43.59 -6.85 39.55
CA ILE R 150 -44.56 -6.18 40.40
C ILE R 150 -45.91 -6.84 40.23
N LEU R 151 -46.49 -7.33 41.32
CA LEU R 151 -47.88 -7.76 41.33
C LEU R 151 -48.77 -6.64 41.84
N SER R 152 -49.93 -6.48 41.21
CA SER R 152 -50.89 -5.46 41.60
C SER R 152 -52.27 -6.06 41.77
N GLU R 153 -53.06 -5.49 42.68
CA GLU R 153 -54.46 -5.88 42.80
C GLU R 153 -55.25 -5.40 41.59
N LYS R 154 -55.10 -4.13 41.25
CA LYS R 154 -55.78 -3.55 40.09
C LYS R 154 -55.05 -2.30 39.60
N GLY S 2 -24.15 34.85 -17.40
CA GLY S 2 -22.74 34.93 -17.68
C GLY S 2 -22.33 36.16 -18.45
N ILE S 3 -21.29 36.83 -17.97
CA ILE S 3 -20.69 37.96 -18.67
C ILE S 3 -19.18 37.73 -18.74
N ASP S 4 -18.61 37.93 -19.92
CA ASP S 4 -17.19 37.64 -20.15
C ASP S 4 -16.34 38.68 -19.45
N LEU S 5 -15.72 38.30 -18.33
CA LEU S 5 -14.89 39.18 -17.54
C LEU S 5 -13.80 38.36 -16.87
N VAL S 6 -12.76 39.04 -16.40
CA VAL S 6 -11.66 38.39 -15.70
C VAL S 6 -11.85 38.63 -14.21
N ALA S 7 -11.90 37.53 -13.45
CA ALA S 7 -12.09 37.58 -11.99
C ALA S 7 -13.35 38.33 -11.61
N GLY S 8 -14.32 38.39 -12.51
CA GLY S 8 -15.53 39.14 -12.29
C GLY S 8 -15.38 40.64 -12.44
N GLY S 9 -14.26 41.10 -12.98
CA GLY S 9 -13.99 42.52 -13.09
C GLY S 9 -13.42 43.17 -11.85
N ARG S 10 -13.19 42.42 -10.79
CA ARG S 10 -12.66 42.97 -9.55
C ARG S 10 -11.17 43.27 -9.69
N ASN S 11 -10.70 44.21 -8.88
CA ASN S 11 -9.31 44.61 -8.90
C ASN S 11 -8.46 43.56 -8.20
N LYS S 12 -7.44 43.06 -8.90
CA LYS S 12 -6.56 42.04 -8.35
C LYS S 12 -5.23 42.61 -7.88
N ARG S 13 -4.91 43.85 -8.20
CA ARG S 13 -3.74 44.51 -7.64
C ARG S 13 -3.98 44.90 -6.20
N THR S 14 -2.95 44.81 -5.37
CA THR S 14 -3.03 45.15 -3.97
C THR S 14 -2.20 46.39 -3.67
N LYS S 15 -2.62 47.13 -2.65
CA LYS S 15 -1.92 48.33 -2.23
C LYS S 15 -2.27 48.60 -0.77
N ARG S 16 -1.49 49.47 -0.14
CA ARG S 16 -1.67 49.77 1.27
C ARG S 16 -2.65 50.91 1.43
N VAL S 17 -3.66 50.70 2.27
CA VAL S 17 -4.65 51.73 2.60
C VAL S 17 -4.52 52.16 4.06
N ALA S 18 -3.49 51.70 4.75
CA ALA S 18 -3.25 52.02 6.14
C ALA S 18 -1.83 51.56 6.48
N PRO S 19 -1.23 52.13 7.51
CA PRO S 19 0.08 51.61 7.96
C PRO S 19 -0.09 50.25 8.62
N LYS S 20 0.83 49.34 8.30
CA LYS S 20 0.80 48.03 8.96
C LYS S 20 1.23 48.11 10.42
N SER S 21 1.98 49.13 10.80
CA SER S 21 2.46 49.29 12.15
C SER S 21 1.32 49.73 13.08
N ASP S 22 1.61 49.70 14.39
CA ASP S 22 0.64 50.01 15.43
C ASP S 22 1.05 51.23 16.27
N ASP S 23 1.98 52.04 15.77
CA ASP S 23 2.41 53.22 16.51
C ASP S 23 1.26 54.23 16.57
N VAL S 24 0.94 54.67 17.80
CA VAL S 24 -0.20 55.56 18.00
C VAL S 24 0.10 56.95 17.46
N TYR S 25 1.36 57.39 17.57
CA TYR S 25 1.72 58.69 17.02
C TYR S 25 1.66 58.69 15.50
N LEU S 26 1.96 57.56 14.87
CA LEU S 26 1.79 57.45 13.44
C LEU S 26 0.32 57.36 13.04
N LYS S 27 -0.48 56.70 13.88
CA LYS S 27 -1.91 56.64 13.61
C LYS S 27 -2.55 58.01 13.72
N LEU S 28 -2.02 58.86 14.61
CA LEU S 28 -2.53 60.22 14.73
C LEU S 28 -2.10 61.07 13.55
N LEU S 29 -0.91 60.83 13.01
CA LEU S 29 -0.47 61.53 11.81
C LEU S 29 -1.34 61.14 10.61
N VAL S 30 -1.73 59.86 10.54
CA VAL S 30 -2.54 59.40 9.42
C VAL S 30 -3.93 60.02 9.47
N LYS S 31 -4.52 60.13 10.65
CA LYS S 31 -5.82 60.77 10.78
C LYS S 31 -5.75 62.23 10.37
N LEU S 32 -4.68 62.92 10.77
CA LEU S 32 -4.51 64.32 10.40
C LEU S 32 -4.39 64.49 8.90
N TYR S 33 -3.63 63.62 8.25
CA TYR S 33 -3.40 63.77 6.81
C TYR S 33 -4.50 63.14 5.97
N ARG S 34 -5.32 62.26 6.55
CA ARG S 34 -6.54 61.86 5.88
C ARG S 34 -7.50 63.04 5.77
N PHE S 35 -7.57 63.85 6.82
CA PHE S 35 -8.42 65.04 6.81
C PHE S 35 -7.92 66.06 5.78
N LEU S 36 -6.61 66.26 5.72
CA LEU S 36 -6.04 67.29 4.84
C LEU S 36 -6.27 66.95 3.37
N VAL S 37 -6.14 65.68 3.00
CA VAL S 37 -6.35 65.33 1.59
C VAL S 37 -7.83 65.26 1.25
N ARG S 38 -8.71 65.22 2.24
CA ARG S 38 -10.13 65.22 1.94
C ARG S 38 -10.64 66.63 1.65
N ARG S 39 -10.12 67.62 2.37
CA ARG S 39 -10.73 68.95 2.38
C ARG S 39 -9.79 70.06 1.94
N THR S 40 -8.61 69.72 1.42
CA THR S 40 -7.75 70.68 0.74
C THR S 40 -7.45 70.31 -0.70
N LYS S 41 -7.61 69.04 -1.07
CA LYS S 41 -7.46 68.57 -2.46
C LYS S 41 -6.08 68.88 -3.02
N SER S 42 -5.05 68.72 -2.19
CA SER S 42 -3.68 69.06 -2.55
C SER S 42 -2.95 67.82 -3.04
N LYS S 43 -2.20 67.97 -4.14
CA LYS S 43 -1.39 66.87 -4.64
C LYS S 43 -0.27 66.51 -3.67
N PHE S 44 0.30 67.51 -3.01
CA PHE S 44 1.37 67.27 -2.05
C PHE S 44 0.87 66.43 -0.88
N ASN S 45 -0.28 66.80 -0.32
CA ASN S 45 -0.81 66.08 0.85
C ASN S 45 -1.18 64.66 0.48
N ALA S 46 -1.57 64.42 -0.77
CA ALA S 46 -1.95 63.08 -1.19
C ALA S 46 -0.73 62.16 -1.21
N VAL S 47 0.43 62.68 -1.59
CA VAL S 47 1.65 61.88 -1.58
C VAL S 47 2.09 61.58 -0.16
N ILE S 48 1.97 62.56 0.74
CA ILE S 48 2.38 62.36 2.13
C ILE S 48 1.58 61.25 2.77
N LEU S 49 0.26 61.23 2.54
CA LEU S 49 -0.58 60.21 3.12
C LEU S 49 -0.20 58.82 2.62
N LYS S 50 0.12 58.70 1.33
CA LYS S 50 0.49 57.40 0.78
C LYS S 50 1.80 56.90 1.37
N ARG S 51 2.81 57.77 1.46
CA ARG S 51 4.10 57.35 2.01
C ARG S 51 4.03 57.07 3.50
N LEU S 52 3.08 57.68 4.21
CA LEU S 52 2.89 57.37 5.62
C LEU S 52 2.44 55.93 5.83
N PHE S 53 1.92 55.28 4.79
CA PHE S 53 1.56 53.86 4.85
C PHE S 53 2.72 52.93 4.54
N MET S 54 3.79 53.44 3.96
CA MET S 54 4.82 52.59 3.39
C MET S 54 5.62 51.87 4.47
N SER S 55 6.19 50.74 4.09
CA SER S 55 6.98 49.91 4.98
C SER S 55 8.39 50.48 5.14
N LYS S 56 9.20 49.83 5.97
CA LYS S 56 10.52 50.34 6.30
C LYS S 56 11.44 50.36 5.08
N THR S 57 11.44 49.30 4.27
CA THR S 57 12.33 49.27 3.12
C THR S 57 11.87 50.20 2.01
N ASN S 58 10.60 50.59 2.00
CA ASN S 58 10.09 51.55 1.04
C ASN S 58 10.26 52.99 1.50
N ARG S 59 10.86 53.21 2.67
CA ARG S 59 11.17 54.54 3.18
C ARG S 59 12.65 54.55 3.56
N PRO S 60 13.54 54.62 2.56
CA PRO S 60 14.96 54.50 2.85
C PRO S 60 15.46 55.69 3.66
N PRO S 61 16.51 55.52 4.44
CA PRO S 61 17.09 56.65 5.16
C PRO S 61 17.80 57.60 4.20
N LEU S 62 17.77 58.88 4.55
CA LEU S 62 18.46 59.92 3.80
C LEU S 62 19.58 60.50 4.66
N SER S 63 20.75 60.68 4.06
CA SER S 63 21.90 61.20 4.76
C SER S 63 21.98 62.72 4.62
N MET S 64 22.90 63.31 5.38
CA MET S 64 23.13 64.75 5.30
C MET S 64 23.72 65.16 3.97
N ARG S 65 24.61 64.34 3.42
CA ARG S 65 25.26 64.67 2.16
C ARG S 65 24.24 64.86 1.05
N ARG S 66 23.26 63.95 0.95
CA ARG S 66 22.21 64.12 -0.04
C ARG S 66 21.37 65.36 0.24
N LEU S 67 21.02 65.59 1.51
CA LEU S 67 20.14 66.69 1.86
C LEU S 67 20.82 68.03 1.59
N SER S 68 22.10 68.17 1.94
CA SER S 68 22.80 69.42 1.73
C SER S 68 23.11 69.69 0.27
N ASN S 69 22.90 68.71 -0.61
CA ASN S 69 23.12 68.88 -2.03
C ASN S 69 21.83 68.97 -2.81
N PHE S 70 20.77 68.30 -2.34
CA PHE S 70 19.45 68.50 -2.92
C PHE S 70 18.87 69.86 -2.57
N MET S 71 19.25 70.41 -1.41
CA MET S 71 18.76 71.69 -0.91
C MET S 71 19.81 72.78 -1.04
N LYS S 72 20.56 72.79 -2.14
CA LYS S 72 21.80 73.56 -2.22
C LYS S 72 21.60 75.06 -2.06
N GLY S 73 20.93 75.69 -3.02
CA GLY S 73 20.71 77.12 -2.93
C GLY S 73 19.32 77.44 -2.46
N LYS S 74 18.43 76.47 -2.55
CA LYS S 74 17.02 76.63 -2.21
C LYS S 74 16.72 76.26 -0.76
N GLU S 75 17.50 76.79 0.19
CA GLU S 75 17.29 76.50 1.59
C GLU S 75 16.66 77.66 2.35
N GLU S 76 16.34 78.75 1.66
CA GLU S 76 15.61 79.87 2.25
C GLU S 76 14.20 79.87 1.68
N LYS S 77 13.21 79.95 2.56
CA LYS S 77 11.80 79.84 2.19
C LYS S 77 11.53 78.51 1.48
N ASN S 78 12.13 77.44 1.99
CA ASN S 78 11.90 76.09 1.47
C ASN S 78 12.18 75.09 2.56
N ILE S 79 11.18 74.26 2.87
CA ILE S 79 11.32 73.22 3.89
C ILE S 79 11.52 71.89 3.18
N ALA S 80 12.60 71.19 3.52
CA ALA S 80 12.84 69.86 3.00
C ALA S 80 11.93 68.86 3.72
N VAL S 81 11.29 68.01 2.94
CA VAL S 81 10.32 67.04 3.45
C VAL S 81 10.76 65.64 3.05
N VAL S 82 10.97 64.77 4.02
CA VAL S 82 11.23 63.36 3.77
C VAL S 82 10.37 62.54 4.73
N VAL S 83 9.69 61.52 4.19
CA VAL S 83 8.94 60.58 5.02
C VAL S 83 9.90 59.44 5.33
N GLY S 84 10.69 59.63 6.38
CA GLY S 84 11.70 58.64 6.73
C GLY S 84 12.62 59.16 7.81
N THR S 85 13.87 58.75 7.73
CA THR S 85 14.88 59.09 8.73
C THR S 85 15.97 59.94 8.08
N ILE S 86 16.43 60.94 8.82
CA ILE S 86 17.61 61.71 8.44
C ILE S 86 18.78 61.20 9.26
N THR S 87 19.81 60.68 8.60
CA THR S 87 21.01 60.22 9.26
C THR S 87 22.14 61.22 9.05
N ASP S 88 23.16 61.11 9.89
CA ASP S 88 24.30 62.01 9.84
C ASP S 88 25.34 61.53 8.83
N ASP S 89 26.26 62.43 8.48
CA ASP S 89 27.30 62.16 7.49
C ASP S 89 28.57 62.87 7.92
N MET S 90 29.62 62.10 8.22
CA MET S 90 30.89 62.68 8.63
C MET S 90 31.73 63.15 7.45
N ARG S 91 31.39 62.72 6.23
CA ARG S 91 32.21 63.01 5.06
C ARG S 91 32.08 64.44 4.57
N ILE S 92 31.17 65.23 5.15
CA ILE S 92 31.00 66.63 4.77
C ILE S 92 31.29 67.50 5.98
N GLN S 93 31.74 68.73 5.69
CA GLN S 93 32.16 69.66 6.74
C GLN S 93 31.28 70.89 6.84
N GLU S 94 30.70 71.35 5.74
CA GLU S 94 29.82 72.51 5.74
C GLU S 94 28.37 72.05 5.70
N VAL S 95 27.58 72.54 6.65
CA VAL S 95 26.16 72.21 6.70
C VAL S 95 25.37 73.52 6.70
N PRO S 96 24.65 73.84 5.63
CA PRO S 96 23.88 75.08 5.62
C PRO S 96 22.67 74.99 6.54
N ALA S 97 22.10 76.15 6.84
CA ALA S 97 20.88 76.20 7.63
C ALA S 97 19.70 75.77 6.78
N MET S 98 19.05 74.67 7.17
CA MET S 98 17.93 74.13 6.42
C MET S 98 16.79 73.82 7.39
N LYS S 99 15.57 74.02 6.92
CA LYS S 99 14.38 73.56 7.62
C LYS S 99 14.02 72.18 7.07
N VAL S 100 14.01 71.17 7.93
CA VAL S 100 13.83 69.78 7.54
C VAL S 100 12.74 69.16 8.39
N THR S 101 11.78 68.52 7.76
CA THR S 101 10.79 67.72 8.46
C THR S 101 10.98 66.26 8.08
N ALA S 102 10.90 65.38 9.08
CA ALA S 102 11.13 63.96 8.87
C ALA S 102 10.36 63.18 9.93
N LEU S 103 10.21 61.88 9.68
CA LEU S 103 9.60 61.01 10.67
C LEU S 103 10.53 60.81 11.86
N ARG S 104 11.82 60.67 11.62
CA ARG S 104 12.80 60.49 12.67
C ARG S 104 14.10 61.19 12.28
N PHE S 105 14.83 61.65 13.29
CA PHE S 105 16.18 62.14 13.15
C PHE S 105 17.09 61.32 14.06
N THR S 106 18.28 61.00 13.57
CA THR S 106 19.28 60.50 14.50
C THR S 106 19.76 61.65 15.38
N GLU S 107 20.28 61.30 16.55
CA GLU S 107 20.70 62.35 17.48
C GLU S 107 21.90 63.12 16.95
N THR S 108 22.67 62.51 16.06
CA THR S 108 23.77 63.22 15.43
C THR S 108 23.27 64.14 14.33
N ALA S 109 22.26 63.71 13.59
CA ALA S 109 21.68 64.55 12.56
C ALA S 109 20.90 65.71 13.17
N ARG S 110 20.18 65.47 14.26
CA ARG S 110 19.47 66.55 14.93
C ARG S 110 20.44 67.59 15.46
N ALA S 111 21.55 67.15 16.06
CA ALA S 111 22.57 68.09 16.52
C ALA S 111 23.18 68.85 15.36
N ARG S 112 23.44 68.17 14.24
CA ARG S 112 24.06 68.82 13.10
C ARG S 112 23.17 69.91 12.51
N ILE S 113 21.87 69.65 12.41
CA ILE S 113 20.95 70.63 11.83
C ILE S 113 20.80 71.84 12.74
N ILE S 114 20.59 71.59 14.04
CA ILE S 114 20.33 72.67 14.98
C ILE S 114 21.54 73.56 15.12
N ASN S 115 22.73 72.97 15.22
CA ASN S 115 23.95 73.77 15.38
C ASN S 115 24.21 74.63 14.16
N ALA S 116 23.74 74.18 12.99
CA ALA S 116 23.93 74.95 11.77
C ALA S 116 22.92 76.09 11.63
N GLY S 117 21.93 76.16 12.52
CA GLY S 117 20.89 77.15 12.45
C GLY S 117 19.55 76.65 11.92
N GLY S 118 19.44 75.37 11.59
CA GLY S 118 18.21 74.84 11.04
C GLY S 118 17.22 74.44 12.11
N GLU S 119 16.11 73.86 11.64
CA GLU S 119 15.07 73.34 12.52
C GLU S 119 14.73 71.92 12.10
N CYS S 120 14.44 71.08 13.09
CA CYS S 120 13.94 69.74 12.86
C CYS S 120 12.46 69.72 13.19
N LEU S 121 11.63 69.43 12.21
CA LEU S 121 10.19 69.48 12.36
C LEU S 121 9.59 68.09 12.23
N THR S 122 8.47 67.90 12.93
CA THR S 122 7.62 66.73 12.73
C THR S 122 6.57 67.06 11.68
N PHE S 123 5.86 66.03 11.23
CA PHE S 123 4.87 66.24 10.18
C PHE S 123 3.62 66.93 10.70
N ASP S 124 3.42 66.94 12.02
CA ASP S 124 2.34 67.72 12.57
C ASP S 124 2.70 69.20 12.67
N GLN S 125 4.00 69.54 12.61
CA GLN S 125 4.44 70.92 12.57
C GLN S 125 4.48 71.46 11.14
N LEU S 126 4.80 70.60 10.18
CA LEU S 126 4.75 71.01 8.78
C LEU S 126 3.33 71.30 8.34
N ALA S 127 2.35 70.59 8.91
CA ALA S 127 0.96 70.86 8.57
C ALA S 127 0.55 72.28 8.97
N LEU S 128 1.09 72.78 10.09
CA LEU S 128 0.76 74.15 10.49
C LEU S 128 1.50 75.16 9.62
N ARG S 129 2.76 74.89 9.29
CA ARG S 129 3.53 75.82 8.48
C ARG S 129 3.11 75.78 7.02
N ALA S 130 2.93 74.58 6.47
CA ALA S 130 2.61 74.37 5.07
C ALA S 130 1.44 73.41 4.95
N PRO S 131 0.21 73.87 5.19
CA PRO S 131 -0.94 72.96 5.14
C PRO S 131 -1.13 72.28 3.79
N THR S 132 -0.81 72.96 2.70
CA THR S 132 -0.92 72.39 1.36
C THR S 132 0.44 72.07 0.76
N GLY S 133 1.49 72.09 1.57
CA GLY S 133 2.84 71.82 1.09
C GLY S 133 3.42 72.86 0.16
N GLU S 134 3.16 74.14 0.43
CA GLU S 134 3.71 75.20 -0.39
C GLU S 134 5.15 75.49 0.03
N ASN S 135 6.01 75.71 -0.96
CA ASN S 135 7.43 76.04 -0.75
C ASN S 135 8.15 74.92 0.00
N THR S 136 7.99 73.70 -0.51
CA THR S 136 8.60 72.52 0.08
C THR S 136 9.36 71.75 -0.98
N ILE S 137 10.31 70.94 -0.53
CA ILE S 137 11.04 70.02 -1.38
C ILE S 137 10.76 68.62 -0.86
N LEU S 138 10.06 67.82 -1.65
CA LEU S 138 9.81 66.42 -1.30
C LEU S 138 11.00 65.58 -1.72
N LEU S 139 11.50 64.76 -0.80
CA LEU S 139 12.70 63.98 -1.05
C LEU S 139 12.49 62.52 -0.68
N ARG S 140 13.24 61.66 -1.36
CA ARG S 140 13.28 60.24 -1.08
C ARG S 140 14.74 59.79 -0.98
N GLY S 141 14.96 58.79 -0.15
CA GLY S 141 16.26 58.15 -0.10
C GLY S 141 16.41 57.14 -1.20
N PRO S 142 17.62 56.63 -1.35
CA PRO S 142 17.88 55.61 -2.38
C PRO S 142 17.13 54.32 -2.12
N LYS S 143 16.15 54.00 -2.97
CA LYS S 143 15.35 52.80 -2.77
C LYS S 143 16.18 51.54 -3.01
N ASN S 144 17.05 51.55 -4.00
CA ASN S 144 17.75 50.36 -4.45
C ASN S 144 19.18 50.29 -3.92
N ALA S 145 19.56 51.15 -3.00
CA ALA S 145 20.87 51.06 -2.36
C ALA S 145 20.77 50.13 -1.15
N ARG S 146 20.61 48.84 -1.48
CA ARG S 146 20.50 47.80 -0.47
C ARG S 146 21.30 46.59 -0.94
N GLU S 147 21.84 45.84 0.02
CA GLU S 147 22.54 44.61 -0.30
C GLU S 147 21.58 43.55 -0.85
N ALA S 148 20.33 43.55 -0.39
CA ALA S 148 19.34 42.60 -0.90
C ALA S 148 19.06 42.83 -2.38
N VAL S 149 18.95 44.10 -2.79
CA VAL S 149 18.69 44.42 -4.19
C VAL S 149 19.82 43.94 -5.09
N ARG S 150 21.03 43.81 -4.55
CA ARG S 150 22.16 43.36 -5.36
C ARG S 150 22.00 41.92 -5.79
N HIS S 151 21.28 41.11 -5.02
CA HIS S 151 20.96 39.74 -5.39
C HIS S 151 19.72 39.65 -6.27
N PHE S 152 19.04 40.75 -6.54
CA PHE S 152 17.85 40.73 -7.37
C PHE S 152 18.23 40.80 -8.85
N GLY S 153 17.30 40.43 -9.71
CA GLY S 153 17.50 40.53 -11.14
C GLY S 153 17.78 39.20 -11.81
N LYS S 154 18.55 39.24 -12.91
CA LYS S 154 18.91 38.02 -13.60
C LYS S 154 19.79 37.15 -12.70
N ALA S 155 19.77 35.85 -12.97
CA ALA S 155 20.55 34.92 -12.17
C ALA S 155 22.04 35.19 -12.36
N PRO S 156 22.85 34.92 -11.33
CA PRO S 156 24.30 35.16 -11.45
C PRO S 156 24.97 34.34 -12.54
N GLY S 157 24.39 33.23 -12.96
CA GLY S 157 25.00 32.37 -13.95
C GLY S 157 24.43 32.50 -15.35
N VAL S 158 24.03 33.69 -15.75
CA VAL S 158 23.61 33.94 -17.13
C VAL S 158 24.47 35.06 -17.68
N PRO S 159 24.62 35.14 -19.00
CA PRO S 159 25.44 36.19 -19.60
C PRO S 159 24.90 37.58 -19.34
N HIS S 160 25.83 38.54 -19.23
CA HIS S 160 25.55 39.96 -18.99
C HIS S 160 24.96 40.23 -17.62
N SER S 161 25.12 39.31 -16.67
CA SER S 161 24.53 39.45 -15.35
C SER S 161 25.61 39.79 -14.34
N HIS S 162 25.35 40.80 -13.52
CA HIS S 162 26.22 41.16 -12.40
C HIS S 162 25.49 41.02 -11.08
N THR S 163 24.59 40.05 -10.99
CA THR S 163 23.87 39.79 -9.76
C THR S 163 24.77 39.10 -8.74
N LYS S 164 24.67 39.52 -7.49
CA LYS S 164 25.44 38.89 -6.43
C LYS S 164 24.94 37.47 -6.19
N PRO S 165 25.82 36.48 -6.12
CA PRO S 165 25.41 35.16 -5.64
C PRO S 165 25.23 35.14 -4.13
N TYR S 166 24.61 34.08 -3.65
CA TYR S 166 24.46 33.84 -2.22
C TYR S 166 25.54 32.85 -1.82
N VAL S 167 26.62 33.34 -1.22
CA VAL S 167 27.76 32.53 -0.85
C VAL S 167 27.98 32.64 0.65
N ARG S 168 28.34 31.51 1.27
CA ARG S 168 28.54 31.52 2.72
C ARG S 168 29.80 32.26 3.13
N SER S 169 30.83 32.23 2.29
CA SER S 169 32.08 32.92 2.58
C SER S 169 32.65 33.49 1.29
N LYS S 170 33.73 34.24 1.43
CA LYS S 170 34.42 34.86 0.31
C LYS S 170 35.87 34.41 0.30
N GLY S 171 36.35 34.04 -0.88
CA GLY S 171 37.71 33.57 -1.02
C GLY S 171 37.88 32.84 -2.32
N ARG S 172 39.08 32.27 -2.50
CA ARG S 172 39.40 31.58 -3.73
C ARG S 172 38.66 30.26 -3.90
N LYS S 173 38.19 29.66 -2.80
CA LYS S 173 37.52 28.37 -2.86
C LYS S 173 36.00 28.48 -2.84
N PHE S 174 35.46 29.69 -2.94
CA PHE S 174 34.02 29.90 -2.85
C PHE S 174 33.52 30.46 -4.18
N GLU S 175 33.16 29.55 -5.09
CA GLU S 175 32.46 29.84 -6.33
C GLU S 175 33.28 30.75 -7.27
N LYS S 176 34.42 30.23 -7.70
CA LYS S 176 35.30 30.96 -8.61
C LYS S 176 35.84 30.10 -9.76
N ALA S 177 35.36 28.87 -9.93
CA ALA S 177 35.90 27.94 -10.91
C ALA S 177 34.77 27.21 -11.63
N ARG S 178 34.96 26.93 -12.93
CA ARG S 178 33.98 26.21 -13.74
C ARG S 178 32.67 26.99 -13.82
N GLY S 179 32.73 28.10 -14.54
CA GLY S 179 31.58 28.94 -14.75
C GLY S 179 31.95 30.38 -14.51
N ARG S 180 33.17 30.59 -14.02
CA ARG S 180 33.68 31.91 -13.70
C ARG S 180 34.96 32.27 -14.46
N ARG S 181 35.53 31.33 -15.20
CA ARG S 181 36.73 31.60 -15.98
C ARG S 181 36.88 30.53 -17.05
N ASN S 182 37.61 30.89 -18.11
CA ASN S 182 37.73 29.99 -19.26
C ASN S 182 38.62 28.79 -18.97
N SER S 183 39.55 28.92 -18.02
CA SER S 183 40.47 27.82 -17.72
C SER S 183 39.75 26.64 -17.06
N ARG S 184 38.58 26.85 -16.51
CA ARG S 184 37.76 25.78 -15.95
C ARG S 184 36.43 25.82 -16.68
N GLY S 185 36.27 24.98 -17.69
CA GLY S 185 35.02 24.94 -18.42
C GLY S 185 34.72 26.18 -19.22
N PHE S 186 33.80 26.99 -18.73
CA PHE S 186 33.32 28.18 -19.42
C PHE S 186 33.29 29.35 -18.45
N LYS S 187 32.90 30.51 -18.96
CA LYS S 187 32.72 31.70 -18.15
C LYS S 187 31.41 32.36 -18.58
N VAL S 188 30.34 32.15 -17.82
CA VAL S 188 29.09 32.85 -18.08
C VAL S 188 29.15 34.27 -17.53
N VAL T 2 -25.55 -40.96 52.55
CA VAL T 2 -24.63 -41.73 53.38
C VAL T 2 -23.67 -42.52 52.49
N SER T 3 -22.59 -41.88 52.08
CA SER T 3 -21.59 -42.53 51.25
C SER T 3 -20.77 -43.50 52.09
N LEU T 4 -20.53 -44.69 51.54
CA LEU T 4 -19.73 -45.72 52.20
C LEU T 4 -18.46 -46.01 51.43
N LYS T 5 -17.95 -45.06 50.66
CA LYS T 5 -16.79 -45.33 49.81
C LYS T 5 -15.52 -45.52 50.62
N LEU T 6 -15.47 -44.96 51.84
CA LEU T 6 -14.32 -45.21 52.71
C LEU T 6 -14.37 -46.62 53.30
N GLN T 7 -15.56 -47.07 53.68
CA GLN T 7 -15.70 -48.39 54.29
C GLN T 7 -15.43 -49.50 53.29
N LYS T 8 -15.87 -49.33 52.04
CA LYS T 8 -15.60 -50.35 51.02
C LYS T 8 -14.10 -50.43 50.72
N ARG T 9 -13.41 -49.29 50.73
CA ARG T 9 -11.97 -49.31 50.50
C ARG T 9 -11.24 -49.96 51.66
N LEU T 10 -11.67 -49.69 52.89
CA LEU T 10 -11.01 -50.26 54.06
C LEU T 10 -11.30 -51.75 54.17
N ALA T 11 -12.54 -52.16 53.92
CA ALA T 11 -12.89 -53.58 53.98
C ALA T 11 -12.15 -54.37 52.91
N SER T 12 -11.96 -53.76 51.73
CA SER T 12 -11.22 -54.43 50.67
C SER T 12 -9.79 -54.71 51.11
N SER T 13 -9.17 -53.76 51.80
CA SER T 13 -7.81 -53.96 52.29
C SER T 13 -7.78 -54.96 53.44
N VAL T 14 -8.77 -54.90 54.33
CA VAL T 14 -8.78 -55.77 55.51
C VAL T 14 -9.01 -57.23 55.11
N LEU T 15 -9.96 -57.47 54.21
CA LEU T 15 -10.28 -58.82 53.77
C LEU T 15 -9.36 -59.34 52.69
N LYS T 16 -8.47 -58.50 52.16
CA LYS T 16 -7.50 -58.89 51.14
C LYS T 16 -8.19 -59.41 49.88
N CYS T 17 -9.04 -58.57 49.32
CA CYS T 17 -9.75 -58.87 48.09
C CYS T 17 -9.93 -57.59 47.30
N GLY T 18 -10.58 -57.70 46.14
CA GLY T 18 -10.92 -56.53 45.39
C GLY T 18 -12.15 -55.82 45.94
N LYS T 19 -12.31 -54.56 45.53
CA LYS T 19 -13.51 -53.81 45.91
C LYS T 19 -14.77 -54.44 45.34
N GLY T 20 -14.64 -55.18 44.24
CA GLY T 20 -15.77 -55.88 43.66
C GLY T 20 -16.18 -57.15 44.37
N LYS T 21 -15.45 -57.54 45.40
CA LYS T 21 -15.80 -58.70 46.21
C LYS T 21 -16.28 -58.31 47.60
N VAL T 22 -16.34 -57.04 47.92
CA VAL T 22 -16.79 -56.57 49.22
C VAL T 22 -18.31 -56.43 49.19
N TRP T 23 -18.97 -57.03 50.17
CA TRP T 23 -20.42 -56.93 50.31
C TRP T 23 -20.71 -56.22 51.63
N LEU T 24 -21.33 -55.04 51.53
CA LEU T 24 -21.77 -54.29 52.70
C LEU T 24 -23.27 -54.46 52.85
N ASP T 25 -23.71 -54.83 54.04
CA ASP T 25 -25.12 -55.11 54.29
C ASP T 25 -25.99 -53.92 53.94
N PRO T 26 -26.88 -54.02 52.95
CA PRO T 26 -27.74 -52.88 52.61
C PRO T 26 -28.68 -52.47 53.72
N ASN T 27 -28.97 -53.36 54.67
CA ASN T 27 -29.84 -53.02 55.79
C ASN T 27 -29.07 -52.51 57.00
N GLU T 28 -27.76 -52.36 56.89
CA GLU T 28 -26.92 -51.87 57.98
C GLU T 28 -26.10 -50.69 57.52
N VAL T 29 -26.67 -49.88 56.63
CA VAL T 29 -25.93 -48.78 56.02
C VAL T 29 -25.45 -47.79 57.08
N ASN T 30 -26.28 -47.51 58.09
CA ASN T 30 -25.90 -46.56 59.11
C ASN T 30 -24.87 -47.14 60.07
N GLU T 31 -25.02 -48.41 60.43
CA GLU T 31 -24.05 -49.04 61.34
C GLU T 31 -22.67 -49.11 60.71
N ILE T 32 -22.60 -49.45 59.42
CA ILE T 32 -21.31 -49.49 58.74
C ILE T 32 -20.74 -48.09 58.59
N SER T 33 -21.62 -47.09 58.43
CA SER T 33 -21.17 -45.73 58.18
C SER T 33 -20.37 -45.17 59.35
N MET T 34 -20.80 -45.43 60.59
CA MET T 34 -20.11 -44.88 61.74
C MET T 34 -18.71 -45.44 61.92
N ALA T 35 -18.39 -46.57 61.28
CA ALA T 35 -17.04 -47.09 61.31
C ALA T 35 -16.11 -46.23 60.47
N ASN T 36 -14.93 -45.92 61.01
CA ASN T 36 -13.96 -45.13 60.28
C ASN T 36 -12.54 -45.63 60.45
N SER T 37 -12.32 -46.74 61.15
CA SER T 37 -10.99 -47.28 61.34
C SER T 37 -10.98 -48.75 60.92
N ARG T 38 -9.78 -49.27 60.67
CA ARG T 38 -9.65 -50.66 60.30
C ARG T 38 -10.06 -51.59 61.44
N GLN T 39 -9.95 -51.13 62.68
CA GLN T 39 -10.43 -51.91 63.81
C GLN T 39 -11.94 -52.04 63.81
N ASN T 40 -12.65 -50.96 63.52
CA ASN T 40 -14.10 -51.02 63.40
C ASN T 40 -14.53 -51.93 62.25
N ILE T 41 -13.82 -51.85 61.13
CA ILE T 41 -14.12 -52.71 59.98
C ILE T 41 -13.99 -54.17 60.37
N ARG T 42 -12.97 -54.49 61.16
CA ARG T 42 -12.77 -55.87 61.62
C ARG T 42 -13.93 -56.34 62.49
N LYS T 43 -14.41 -55.48 63.39
CA LYS T 43 -15.56 -55.83 64.22
C LYS T 43 -16.80 -56.06 63.38
N LEU T 44 -16.93 -55.33 62.27
CA LEU T 44 -18.09 -55.52 61.39
C LEU T 44 -17.96 -56.80 60.58
N VAL T 45 -16.73 -57.21 60.25
CA VAL T 45 -16.52 -58.47 59.55
C VAL T 45 -16.85 -59.65 60.45
N LYS T 46 -16.43 -59.58 61.71
CA LYS T 46 -16.72 -60.65 62.66
C LYS T 46 -18.20 -60.73 62.96
N ASP T 47 -18.87 -59.58 63.05
CA ASP T 47 -20.31 -59.58 63.28
C ASP T 47 -21.06 -60.20 62.10
N GLY T 48 -20.66 -59.86 60.88
CA GLY T 48 -21.29 -60.43 59.70
C GLY T 48 -21.91 -59.40 58.78
N PHE T 49 -21.65 -58.12 59.03
CA PHE T 49 -22.18 -57.08 58.17
C PHE T 49 -21.29 -56.82 56.96
N ILE T 50 -20.06 -57.28 56.98
CA ILE T 50 -19.14 -57.15 55.86
C ILE T 50 -18.65 -58.54 55.49
N ILE T 51 -18.72 -58.89 54.22
CA ILE T 51 -18.47 -60.24 53.74
C ILE T 51 -17.66 -60.16 52.46
N ARG T 52 -16.74 -61.12 52.29
CA ARG T 52 -16.04 -61.29 51.02
C ARG T 52 -16.87 -62.21 50.13
N LYS T 53 -17.33 -61.68 49.00
CA LYS T 53 -18.13 -62.47 48.08
C LYS T 53 -17.27 -63.55 47.41
N PRO T 54 -17.87 -64.69 47.07
CA PRO T 54 -17.10 -65.76 46.44
C PRO T 54 -16.66 -65.40 45.03
N GLN T 55 -15.61 -66.09 44.59
CA GLN T 55 -15.12 -65.95 43.24
C GLN T 55 -16.19 -66.32 42.22
N LYS T 56 -16.17 -65.64 41.08
CA LYS T 56 -17.02 -66.07 39.98
C LYS T 56 -16.56 -67.44 39.50
N ILE T 57 -17.52 -68.30 39.20
CA ILE T 57 -17.20 -69.67 38.84
C ILE T 57 -16.65 -69.72 37.43
N HIS T 58 -15.45 -70.26 37.27
CA HIS T 58 -14.91 -70.65 35.98
C HIS T 58 -14.59 -72.14 36.08
N SER T 59 -15.44 -72.96 35.49
CA SER T 59 -15.28 -74.40 35.56
C SER T 59 -14.34 -74.91 34.47
N ARG T 60 -13.61 -75.97 34.80
CA ARG T 60 -12.75 -76.66 33.86
C ARG T 60 -13.35 -77.99 33.41
N SER T 61 -14.67 -78.15 33.56
CA SER T 61 -15.33 -79.38 33.15
C SER T 61 -15.19 -79.63 31.65
N ARG T 62 -15.40 -78.59 30.85
CA ARG T 62 -15.39 -78.75 29.40
C ARG T 62 -13.99 -79.06 28.89
N ALA T 63 -12.97 -78.43 29.47
CA ALA T 63 -11.60 -78.72 29.07
C ALA T 63 -11.23 -80.15 29.44
N ARG T 64 -11.69 -80.63 30.59
CA ARG T 64 -11.46 -82.01 30.97
C ARG T 64 -12.18 -82.98 30.06
N ARG T 65 -13.44 -82.69 29.73
CA ARG T 65 -14.20 -83.54 28.82
C ARG T 65 -13.59 -83.57 27.44
N ALA T 66 -13.20 -82.40 26.92
CA ALA T 66 -12.62 -82.34 25.58
C ALA T 66 -11.28 -83.07 25.54
N HIS T 67 -10.53 -83.03 26.63
CA HIS T 67 -9.23 -83.71 26.68
C HIS T 67 -9.40 -85.22 26.68
N GLU T 68 -10.40 -85.74 27.36
CA GLU T 68 -10.67 -87.18 27.30
C GLU T 68 -11.11 -87.60 25.92
N ALA T 69 -11.86 -86.74 25.22
CA ALA T 69 -12.27 -87.04 23.86
C ALA T 69 -11.08 -87.04 22.91
N LYS T 70 -10.11 -86.15 23.15
CA LYS T 70 -8.91 -86.14 22.32
C LYS T 70 -8.09 -87.41 22.50
N GLN T 71 -8.05 -87.95 23.71
CA GLN T 71 -7.29 -89.18 23.95
C GLN T 71 -7.86 -90.35 23.15
N LYS T 72 -9.18 -90.44 23.06
CA LYS T 72 -9.80 -91.47 22.23
C LYS T 72 -9.55 -91.22 20.75
N GLY T 73 -9.12 -90.02 20.38
CA GLY T 73 -8.81 -89.71 19.00
C GLY T 73 -9.78 -88.76 18.31
N ARG T 74 -10.76 -88.22 19.02
CA ARG T 74 -11.71 -87.32 18.39
C ARG T 74 -11.09 -85.94 18.17
N HIS T 75 -11.69 -85.21 17.23
CA HIS T 75 -11.31 -83.82 16.92
C HIS T 75 -9.83 -83.72 16.52
N SER T 76 -9.33 -84.71 15.80
CA SER T 76 -7.94 -84.71 15.36
C SER T 76 -7.81 -85.01 13.88
N GLY T 77 -8.81 -84.62 13.08
CA GLY T 77 -8.76 -84.81 11.65
C GLY T 77 -8.14 -83.61 10.95
N TYR T 78 -8.05 -83.72 9.63
CA TYR T 78 -7.43 -82.66 8.83
C TYR T 78 -8.20 -81.35 8.91
N GLY T 79 -9.48 -81.39 9.24
CA GLY T 79 -10.24 -80.17 9.43
C GLY T 79 -9.99 -79.46 10.73
N LYS T 80 -9.19 -80.04 11.62
CA LYS T 80 -8.90 -79.46 12.91
C LYS T 80 -7.45 -79.00 13.06
N ARG T 81 -6.63 -79.18 12.04
CA ARG T 81 -5.20 -78.89 12.12
C ARG T 81 -4.91 -77.55 11.49
N ARG T 82 -4.32 -76.63 12.26
CA ARG T 82 -3.98 -75.31 11.79
C ARG T 82 -2.49 -75.10 11.58
N GLY T 83 -1.65 -75.72 12.42
CA GLY T 83 -0.23 -75.69 12.19
C GLY T 83 0.23 -76.83 11.31
N THR T 84 1.45 -76.69 10.80
CA THR T 84 2.05 -77.76 10.03
C THR T 84 2.37 -78.94 10.94
N ARG T 85 2.60 -80.10 10.33
CA ARG T 85 3.00 -81.27 11.11
C ARG T 85 4.25 -80.98 11.92
N GLU T 86 5.20 -80.24 11.35
CA GLU T 86 6.40 -79.84 12.08
C GLU T 86 6.06 -78.88 13.21
N ALA T 87 5.19 -77.90 12.96
CA ALA T 87 4.80 -76.97 14.01
C ALA T 87 4.06 -77.66 15.15
N ARG T 88 3.42 -78.79 14.88
CA ARG T 88 2.69 -79.52 15.93
C ARG T 88 3.64 -80.40 16.74
N LEU T 89 4.37 -81.27 16.07
CA LEU T 89 5.39 -82.07 16.73
C LEU T 89 6.65 -82.08 15.87
N PRO T 90 7.69 -81.35 16.26
CA PRO T 90 8.86 -81.19 15.38
C PRO T 90 9.54 -82.51 15.08
N THR T 91 10.08 -82.61 13.86
CA THR T 91 10.83 -83.80 13.46
C THR T 91 12.08 -83.99 14.30
N LYS T 92 12.69 -82.90 14.77
CA LYS T 92 13.87 -83.01 15.62
C LYS T 92 13.52 -83.64 16.96
N ILE T 93 12.35 -83.32 17.51
CA ILE T 93 11.91 -83.92 18.77
C ILE T 93 11.72 -85.41 18.61
N LEU T 94 11.13 -85.82 17.48
CA LEU T 94 10.97 -87.24 17.21
C LEU T 94 12.32 -87.94 17.07
N TRP T 95 13.27 -87.30 16.37
CA TRP T 95 14.58 -87.91 16.18
C TRP T 95 15.33 -88.03 17.50
N MET T 96 15.23 -87.00 18.35
CA MET T 96 15.88 -87.05 19.65
C MET T 96 15.32 -88.17 20.52
N ARG T 97 14.00 -88.37 20.48
CA ARG T 97 13.40 -89.46 21.26
C ARG T 97 13.85 -90.81 20.76
N ARG T 98 13.99 -90.96 19.43
CA ARG T 98 14.41 -92.25 18.88
C ARG T 98 15.84 -92.58 19.25
N MET T 99 16.75 -91.61 19.18
CA MET T 99 18.14 -91.86 19.55
C MET T 99 18.27 -92.25 21.01
N ARG T 100 17.59 -91.52 21.89
CA ARG T 100 17.67 -91.82 23.31
C ARG T 100 17.07 -93.18 23.62
N VAL T 101 16.01 -93.56 22.91
CA VAL T 101 15.38 -94.85 23.15
C VAL T 101 16.28 -95.98 22.66
N LEU T 102 16.83 -95.83 21.45
CA LEU T 102 17.63 -96.91 20.86
C LEU T 102 19.02 -97.00 21.47
N ARG T 103 19.59 -95.87 21.88
CA ARG T 103 20.90 -95.90 22.52
C ARG T 103 20.80 -96.48 23.92
N ARG T 104 19.70 -96.20 24.62
CA ARG T 104 19.47 -96.81 25.93
C ARG T 104 19.34 -98.33 25.80
N LEU T 105 18.61 -98.79 24.79
CA LEU T 105 18.45 -100.23 24.58
C LEU T 105 19.79 -100.89 24.27
N LEU T 106 20.61 -100.25 23.43
CA LEU T 106 21.92 -100.80 23.11
C LEU T 106 22.81 -100.89 24.35
N ARG T 107 22.82 -99.85 25.17
CA ARG T 107 23.59 -99.89 26.41
C ARG T 107 23.06 -100.96 27.35
N LYS T 108 21.74 -101.16 27.37
CA LYS T 108 21.16 -102.22 28.19
C LYS T 108 21.57 -103.60 27.72
N TYR T 109 21.87 -103.76 26.42
CA TYR T 109 22.26 -105.07 25.92
C TYR T 109 23.76 -105.31 26.04
N ARG T 110 24.58 -104.25 26.00
CA ARG T 110 26.02 -104.44 26.20
C ARG T 110 26.30 -104.88 27.62
N GLU T 111 25.76 -104.18 28.61
CA GLU T 111 25.61 -104.78 29.92
C GLU T 111 24.61 -105.91 29.81
N ALA T 112 24.72 -106.87 30.73
CA ALA T 112 24.01 -108.15 30.67
C ALA T 112 24.53 -109.02 29.53
N LYS T 113 25.49 -108.54 28.74
CA LYS T 113 26.29 -109.36 27.83
C LYS T 113 25.45 -109.98 26.71
N LYS T 114 24.34 -109.35 26.34
CA LYS T 114 23.58 -109.84 25.20
C LYS T 114 24.34 -109.60 23.90
N ILE T 115 25.05 -108.49 23.81
CA ILE T 115 25.92 -108.19 22.68
C ILE T 115 27.29 -107.82 23.25
N ASP T 116 28.31 -107.94 22.41
CA ASP T 116 29.66 -107.54 22.79
C ASP T 116 29.95 -106.13 22.26
N LYS T 117 31.13 -105.64 22.58
CA LYS T 117 31.47 -104.26 22.26
C LYS T 117 31.64 -104.05 20.76
N HIS T 118 32.01 -105.10 20.00
CA HIS T 118 32.11 -104.95 18.56
C HIS T 118 30.73 -104.83 17.93
N MET T 119 29.77 -105.63 18.39
CA MET T 119 28.40 -105.49 17.91
C MET T 119 27.81 -104.15 18.30
N TYR T 120 28.03 -103.73 19.56
CA TYR T 120 27.49 -102.46 20.04
C TYR T 120 27.95 -101.30 19.18
N HIS T 121 29.24 -101.25 18.87
CA HIS T 121 29.78 -100.14 18.09
C HIS T 121 29.20 -100.12 16.69
N ASP T 122 29.03 -101.29 16.07
CA ASP T 122 28.43 -101.35 14.75
C ASP T 122 26.96 -100.93 14.78
N MET T 123 26.23 -101.33 15.81
CA MET T 123 24.82 -100.96 15.90
C MET T 123 24.65 -99.48 16.24
N TYR T 124 25.57 -98.93 17.04
CA TYR T 124 25.50 -97.53 17.42
C TYR T 124 25.60 -96.62 16.20
N LEU T 125 26.48 -96.97 15.26
CA LEU T 125 26.64 -96.16 14.06
C LEU T 125 25.51 -96.39 13.07
N LYS T 126 24.88 -97.56 13.10
CA LYS T 126 23.73 -97.80 12.24
C LYS T 126 22.48 -97.10 12.77
N VAL T 127 22.36 -96.98 14.10
CA VAL T 127 21.26 -96.22 14.66
C VAL T 127 21.39 -94.75 14.29
N LYS T 128 22.60 -94.20 14.41
CA LYS T 128 22.85 -92.82 13.98
C LYS T 128 22.68 -92.66 12.48
N GLY T 129 22.86 -93.73 11.73
CA GLY T 129 22.68 -93.74 10.29
C GLY T 129 21.25 -93.94 9.83
N ASN T 130 20.30 -93.98 10.76
CA ASN T 130 18.87 -94.10 10.44
C ASN T 130 18.57 -95.43 9.75
N MET T 131 19.04 -96.51 10.34
CA MET T 131 18.76 -97.84 9.83
C MET T 131 17.61 -98.54 10.53
N PHE T 132 17.29 -98.15 11.76
CA PHE T 132 16.21 -98.76 12.54
C PHE T 132 15.28 -97.66 13.02
N LYS T 133 13.99 -97.79 12.70
CA LYS T 133 13.02 -96.76 13.02
C LYS T 133 12.39 -96.92 14.39
N ASN T 134 12.62 -98.03 15.09
CA ASN T 134 12.04 -98.26 16.41
C ASN T 134 12.76 -99.43 17.07
N LYS T 135 12.29 -99.78 18.26
CA LYS T 135 12.94 -100.83 19.05
C LYS T 135 12.77 -102.21 18.42
N ARG T 136 11.55 -102.52 17.97
CA ARG T 136 11.28 -103.87 17.47
C ARG T 136 12.12 -104.18 16.25
N VAL T 137 12.40 -103.18 15.42
CA VAL T 137 13.27 -103.38 14.27
C VAL T 137 14.71 -103.65 14.71
N LEU T 138 15.14 -102.97 15.78
CA LEU T 138 16.52 -103.10 16.22
C LEU T 138 16.79 -104.44 16.89
N MET T 139 15.86 -104.90 17.74
CA MET T 139 16.04 -106.21 18.36
C MET T 139 16.05 -107.32 17.33
N GLU T 140 15.17 -107.23 16.32
CA GLU T 140 15.15 -108.23 15.26
C GLU T 140 16.48 -108.27 14.52
N SER T 141 17.06 -107.10 14.24
CA SER T 141 18.36 -107.06 13.58
C SER T 141 19.44 -107.69 14.44
N ILE T 142 19.39 -107.45 15.75
CA ILE T 142 20.36 -108.04 16.66
C ILE T 142 20.23 -109.56 16.68
N HIS T 143 18.99 -110.05 16.75
CA HIS T 143 18.77 -111.49 16.75
C HIS T 143 19.23 -112.13 15.45
N LYS T 144 18.94 -111.48 14.32
CA LYS T 144 19.39 -112.01 13.03
C LYS T 144 20.90 -111.93 12.89
N SER T 145 21.50 -110.86 13.43
CA SER T 145 22.96 -110.74 13.37
C SER T 145 23.64 -111.85 14.18
N LYS T 146 23.10 -112.17 15.35
CA LYS T 146 23.64 -113.26 16.16
C LYS T 146 23.28 -114.62 15.60
N ALA T 147 22.30 -114.68 14.69
CA ALA T 147 21.90 -115.95 14.09
C ALA T 147 23.02 -116.56 13.25
N GLU T 148 23.99 -115.76 12.83
CA GLU T 148 25.17 -116.29 12.16
C GLU T 148 25.96 -117.17 13.13
N LYS T 149 25.89 -118.49 12.92
CA LYS T 149 26.44 -119.48 13.85
C LYS T 149 25.87 -119.27 15.25
N HIS U 4 -49.39 35.78 -46.99
CA HIS U 4 -48.68 34.89 -47.90
C HIS U 4 -47.30 34.56 -47.36
N ARG U 5 -46.91 33.29 -47.47
CA ARG U 5 -45.60 32.87 -47.01
C ARG U 5 -44.51 33.38 -47.94
N PHE U 6 -44.71 33.23 -49.25
CA PHE U 6 -43.72 33.60 -50.24
C PHE U 6 -44.18 34.86 -50.97
N HIS U 7 -43.22 35.73 -51.28
CA HIS U 7 -43.47 36.93 -52.05
C HIS U 7 -42.57 36.93 -53.28
N GLN U 8 -43.06 37.55 -54.35
CA GLN U 8 -42.27 37.75 -55.55
C GLN U 8 -41.68 39.16 -55.52
N TYR U 9 -40.39 39.26 -55.80
CA TYR U 9 -39.68 40.53 -55.80
C TYR U 9 -38.96 40.69 -57.13
N GLN U 10 -38.80 41.94 -57.55
CA GLN U 10 -37.94 42.27 -58.67
C GLN U 10 -36.70 42.98 -58.13
N VAL U 11 -35.55 42.35 -58.28
CA VAL U 11 -34.30 42.85 -57.73
C VAL U 11 -33.44 43.36 -58.88
N VAL U 12 -32.89 44.55 -58.71
CA VAL U 12 -32.10 45.19 -59.76
C VAL U 12 -30.75 45.60 -59.16
N GLY U 13 -29.68 45.25 -59.85
CA GLY U 13 -28.35 45.60 -59.39
C GLY U 13 -27.37 45.56 -60.55
N ARG U 14 -26.12 45.86 -60.23
CA ARG U 14 -25.08 45.92 -61.24
C ARG U 14 -23.73 45.77 -60.55
N ALA U 15 -22.69 45.57 -61.35
CA ALA U 15 -21.33 45.65 -60.85
C ALA U 15 -21.01 47.08 -60.45
N LEU U 16 -20.09 47.21 -59.51
CA LEU U 16 -19.72 48.54 -59.01
C LEU U 16 -19.11 49.35 -60.14
N PRO U 17 -19.54 50.61 -60.33
CA PRO U 17 -18.96 51.43 -61.40
C PRO U 17 -17.49 51.67 -61.15
N ALA U 18 -16.67 51.25 -62.11
CA ALA U 18 -15.22 51.29 -62.03
C ALA U 18 -14.68 52.04 -63.23
N PRO U 19 -13.47 52.61 -63.13
CA PRO U 19 -12.91 53.35 -64.28
C PRO U 19 -12.85 52.53 -65.56
N GLY U 20 -12.83 51.20 -65.45
CA GLY U 20 -12.85 50.38 -66.66
C GLY U 20 -14.12 50.56 -67.48
N ASP U 21 -15.28 50.63 -66.80
CA ASP U 21 -16.55 50.79 -67.48
C ASP U 21 -17.27 52.07 -67.08
N GLU U 22 -17.51 52.29 -65.79
CA GLU U 22 -18.08 53.51 -65.21
C GLU U 22 -19.57 53.64 -65.54
N GLN U 23 -20.08 52.81 -66.45
CA GLN U 23 -21.51 52.73 -66.72
C GLN U 23 -21.84 51.26 -66.97
N PRO U 24 -21.79 50.43 -65.93
CA PRO U 24 -21.91 48.99 -66.13
C PRO U 24 -23.33 48.59 -66.50
N LYS U 25 -23.45 47.34 -66.95
CA LYS U 25 -24.75 46.81 -67.36
C LYS U 25 -25.64 46.57 -66.14
N ILE U 26 -26.95 46.62 -66.36
CA ILE U 26 -27.94 46.47 -65.31
C ILE U 26 -28.56 45.07 -65.41
N TYR U 27 -28.73 44.42 -64.26
CA TYR U 27 -29.25 43.07 -64.20
C TYR U 27 -30.50 43.04 -63.34
N ARG U 28 -31.52 42.32 -63.80
CA ARG U 28 -32.79 42.22 -63.08
C ARG U 28 -33.17 40.75 -62.93
N MET U 29 -33.85 40.44 -61.84
CA MET U 29 -34.31 39.09 -61.58
C MET U 29 -35.67 39.15 -60.90
N LYS U 30 -36.46 38.10 -61.11
CA LYS U 30 -37.72 37.89 -60.39
C LYS U 30 -37.52 36.69 -59.48
N LEU U 31 -37.47 36.94 -58.18
CA LEU U 31 -37.13 35.90 -57.22
C LEU U 31 -38.24 35.74 -56.19
N TRP U 32 -38.37 34.54 -55.68
CA TRP U 32 -39.37 34.19 -54.68
C TRP U 32 -38.68 33.98 -53.34
N ALA U 33 -39.08 34.76 -52.34
CA ALA U 33 -38.46 34.71 -51.02
C ALA U 33 -39.51 35.06 -49.98
N THR U 34 -39.16 34.82 -48.71
CA THR U 34 -40.09 35.11 -47.64
C THR U 34 -40.06 36.58 -47.21
N ASN U 35 -38.93 37.25 -47.36
CA ASN U 35 -38.88 38.71 -47.17
C ASN U 35 -37.81 39.28 -48.09
N GLU U 36 -37.54 40.58 -47.93
CA GLU U 36 -36.63 41.27 -48.85
C GLU U 36 -35.17 40.88 -48.61
N VAL U 37 -34.79 40.70 -47.35
CA VAL U 37 -33.41 40.36 -47.04
C VAL U 37 -33.04 39.02 -47.66
N ARG U 38 -33.99 38.08 -47.67
CA ARG U 38 -33.73 36.79 -48.29
C ARG U 38 -33.82 36.86 -49.80
N ALA U 39 -34.50 37.86 -50.35
CA ALA U 39 -34.57 38.03 -51.79
C ALA U 39 -33.28 38.61 -52.34
N LYS U 40 -32.68 39.56 -51.63
CA LYS U 40 -31.43 40.16 -52.08
C LYS U 40 -30.28 39.17 -51.98
N SER U 41 -30.27 38.34 -50.94
CA SER U 41 -29.23 37.33 -50.81
C SER U 41 -29.30 36.33 -51.95
N LYS U 42 -30.50 35.89 -52.32
CA LYS U 42 -30.64 34.95 -53.43
C LYS U 42 -30.30 35.60 -54.76
N PHE U 43 -30.54 36.91 -54.90
CA PHE U 43 -30.13 37.63 -56.09
C PHE U 43 -28.62 37.64 -56.22
N TRP U 44 -27.92 37.98 -55.14
CA TRP U 44 -26.46 38.00 -55.19
C TRP U 44 -25.88 36.61 -55.37
N TYR U 45 -26.64 35.58 -55.00
CA TYR U 45 -26.22 34.21 -55.25
C TYR U 45 -26.21 33.89 -56.73
N PHE U 46 -27.25 34.31 -57.45
CA PHE U 46 -27.36 34.02 -58.86
C PHE U 46 -26.44 34.93 -59.70
N LEU U 47 -26.26 36.17 -59.27
CA LEU U 47 -25.37 37.06 -60.00
C LEU U 47 -23.92 36.56 -59.92
N ARG U 48 -23.52 36.05 -58.76
CA ARG U 48 -22.18 35.49 -58.62
C ARG U 48 -22.00 34.25 -59.48
N LYS U 49 -23.03 33.41 -59.57
CA LYS U 49 -22.88 32.13 -60.24
C LYS U 49 -23.16 32.20 -61.73
N LEU U 50 -24.04 33.11 -62.16
CA LEU U 50 -24.40 33.22 -63.58
C LEU U 50 -23.60 34.29 -64.29
N LYS U 51 -23.61 35.52 -63.79
CA LYS U 51 -22.62 36.50 -64.19
C LYS U 51 -21.39 36.29 -63.31
N LYS U 52 -20.45 37.23 -63.34
CA LYS U 52 -19.31 37.16 -62.45
C LYS U 52 -19.28 38.33 -61.48
N VAL U 53 -20.45 38.78 -61.04
CA VAL U 53 -20.57 39.90 -60.13
C VAL U 53 -21.08 39.37 -58.79
N LYS U 54 -20.28 39.51 -57.75
CA LYS U 54 -20.69 39.15 -56.41
C LYS U 54 -20.95 40.41 -55.59
N LYS U 55 -21.54 40.21 -54.42
CA LYS U 55 -22.04 41.32 -53.63
C LYS U 55 -20.95 42.32 -53.29
N ALA U 56 -19.73 41.84 -53.05
CA ALA U 56 -18.65 42.74 -52.67
C ALA U 56 -18.19 43.62 -53.82
N ASN U 57 -18.42 43.20 -55.06
CA ASN U 57 -18.04 43.98 -56.23
C ASN U 57 -19.23 44.65 -56.90
N GLY U 58 -20.42 44.51 -56.33
CA GLY U 58 -21.64 44.97 -56.97
C GLY U 58 -22.36 46.03 -56.17
N GLN U 59 -23.43 46.55 -56.79
CA GLN U 59 -24.28 47.57 -56.21
C GLN U 59 -25.73 47.12 -56.32
N MET U 60 -26.50 47.31 -55.26
CA MET U 60 -27.91 46.98 -55.27
C MET U 60 -28.70 48.24 -55.60
N LEU U 61 -29.49 48.18 -56.67
CA LEU U 61 -30.16 49.38 -57.17
C LEU U 61 -31.60 49.48 -56.68
N ALA U 62 -32.41 48.45 -56.89
CA ALA U 62 -33.81 48.50 -56.51
C ALA U 62 -34.30 47.12 -56.14
N ILE U 63 -35.35 47.09 -55.31
CA ILE U 63 -36.07 45.87 -54.96
C ILE U 63 -37.53 46.21 -54.77
N ASN U 64 -38.41 45.56 -55.53
CA ASN U 64 -39.83 45.85 -55.50
C ASN U 64 -40.61 44.56 -55.50
N GLU U 65 -41.68 44.52 -54.70
CA GLU U 65 -42.52 43.34 -54.62
C GLU U 65 -43.55 43.35 -55.75
N ILE U 66 -43.70 42.22 -56.41
CA ILE U 66 -44.71 42.02 -57.44
C ILE U 66 -45.97 41.47 -56.80
N PHE U 67 -47.13 41.92 -57.27
CA PHE U 67 -48.40 41.50 -56.69
C PHE U 67 -49.30 40.91 -57.76
N GLU U 68 -50.20 40.04 -57.32
CA GLU U 68 -51.19 39.45 -58.22
C GLU U 68 -52.15 40.52 -58.70
N LYS U 69 -52.42 40.53 -60.01
CA LYS U 69 -53.34 41.51 -60.58
C LYS U 69 -54.76 41.30 -60.09
N ASN U 70 -55.25 40.06 -60.18
CA ASN U 70 -56.63 39.73 -59.83
C ASN U 70 -56.62 38.60 -58.81
N PRO U 71 -56.57 38.92 -57.53
CA PRO U 71 -56.48 37.87 -56.51
C PRO U 71 -57.82 37.23 -56.16
N THR U 72 -58.84 37.45 -57.00
CA THR U 72 -60.16 36.88 -56.77
C THR U 72 -60.57 35.85 -57.82
N THR U 73 -59.82 35.72 -58.91
CA THR U 73 -60.06 34.70 -59.91
C THR U 73 -59.13 33.51 -59.67
N ILE U 74 -59.36 32.44 -60.41
CA ILE U 74 -58.53 31.24 -60.34
C ILE U 74 -57.75 31.11 -61.63
N LYS U 75 -56.43 31.06 -61.52
CA LYS U 75 -55.53 30.89 -62.66
C LYS U 75 -54.91 29.51 -62.62
N ASN U 76 -54.45 29.04 -63.78
CA ASN U 76 -53.63 27.85 -63.87
C ASN U 76 -52.17 28.28 -63.99
N TYR U 77 -51.32 27.77 -63.10
CA TYR U 77 -49.95 28.24 -62.97
C TYR U 77 -48.99 27.11 -63.26
N GLY U 78 -48.16 27.31 -64.28
CA GLY U 78 -47.06 26.39 -64.57
C GLY U 78 -45.78 26.90 -63.96
N ILE U 79 -44.98 25.98 -63.44
CA ILE U 79 -43.69 26.31 -62.84
C ILE U 79 -42.64 25.36 -63.40
N TRP U 80 -41.56 25.91 -63.93
CA TRP U 80 -40.39 25.15 -64.34
C TRP U 80 -39.34 25.33 -63.27
N LEU U 81 -38.80 24.24 -62.76
CA LEU U 81 -37.89 24.34 -61.63
C LEU U 81 -36.69 23.42 -61.84
N ARG U 82 -35.64 23.70 -61.06
CA ARG U 82 -34.47 22.87 -60.96
C ARG U 82 -34.31 22.45 -59.51
N TYR U 83 -34.14 21.15 -59.27
CA TYR U 83 -33.98 20.67 -57.91
C TYR U 83 -32.83 19.68 -57.84
N GLN U 84 -32.26 19.59 -56.65
CA GLN U 84 -31.18 18.65 -56.35
C GLN U 84 -31.73 17.51 -55.52
N SER U 85 -31.58 16.29 -56.01
CA SER U 85 -31.97 15.10 -55.27
C SER U 85 -30.76 14.56 -54.52
N ARG U 86 -30.91 13.37 -53.92
CA ARG U 86 -29.78 12.77 -53.21
C ARG U 86 -28.67 12.38 -54.18
N THR U 87 -29.01 11.98 -55.40
CA THR U 87 -28.03 11.60 -56.41
C THR U 87 -28.37 12.32 -57.71
N GLY U 88 -27.90 13.55 -57.86
CA GLY U 88 -27.93 14.23 -59.13
C GLY U 88 -28.78 15.48 -59.10
N TYR U 89 -28.93 16.07 -60.29
CA TYR U 89 -29.78 17.23 -60.52
C TYR U 89 -30.81 16.87 -61.58
N HIS U 90 -32.03 17.35 -61.39
CA HIS U 90 -33.10 17.13 -62.35
C HIS U 90 -33.94 18.39 -62.45
N ASN U 91 -34.53 18.60 -63.62
CA ASN U 91 -35.51 19.66 -63.81
C ASN U 91 -36.87 19.04 -64.10
N MET U 92 -37.92 19.71 -63.63
CA MET U 92 -39.27 19.19 -63.76
C MET U 92 -40.24 20.34 -63.94
N TYR U 93 -41.40 20.01 -64.49
CA TYR U 93 -42.47 20.98 -64.71
C TYR U 93 -43.67 20.60 -63.86
N LYS U 94 -44.22 21.59 -63.15
CA LYS U 94 -45.34 21.38 -62.25
C LYS U 94 -46.43 22.38 -62.56
N GLU U 95 -47.68 21.97 -62.33
CA GLU U 95 -48.84 22.80 -62.61
C GLU U 95 -49.71 22.91 -61.36
N TYR U 96 -50.26 24.10 -61.14
CA TYR U 96 -51.06 24.37 -59.94
C TYR U 96 -52.22 25.28 -60.30
N ARG U 97 -53.24 25.24 -59.45
CA ARG U 97 -54.42 26.10 -59.58
C ARG U 97 -54.54 26.93 -58.30
N ASP U 98 -54.54 28.24 -58.46
CA ASP U 98 -54.60 29.12 -57.30
C ASP U 98 -55.13 30.48 -57.71
N THR U 99 -55.55 31.25 -56.71
CA THR U 99 -55.96 32.64 -56.93
C THR U 99 -54.78 33.58 -57.06
N THR U 100 -53.60 33.19 -56.58
CA THR U 100 -52.39 33.95 -56.73
C THR U 100 -51.26 33.02 -57.11
N LEU U 101 -50.25 33.57 -57.80
CA LEU U 101 -49.03 32.81 -58.04
C LEU U 101 -48.25 32.58 -56.76
N ASN U 102 -48.49 33.41 -55.74
CA ASN U 102 -47.89 33.17 -54.43
C ASN U 102 -48.34 31.83 -53.86
N GLY U 103 -49.63 31.51 -54.01
CA GLY U 103 -50.13 30.24 -53.53
C GLY U 103 -49.56 29.07 -54.30
N GLY U 104 -49.36 29.24 -55.61
CA GLY U 104 -48.77 28.19 -56.40
C GLY U 104 -47.34 27.89 -56.00
N VAL U 105 -46.56 28.93 -55.69
CA VAL U 105 -45.19 28.73 -55.28
C VAL U 105 -45.13 28.07 -53.91
N GLU U 106 -46.01 28.46 -52.99
CA GLU U 106 -46.12 27.77 -51.72
C GLU U 106 -46.55 26.33 -51.92
N GLN U 107 -47.47 26.09 -52.86
CA GLN U 107 -47.86 24.73 -53.20
C GLN U 107 -46.70 23.94 -53.78
N MET U 108 -45.92 24.57 -54.66
CA MET U 108 -44.79 23.88 -55.27
C MET U 108 -43.77 23.46 -54.21
N TYR U 109 -43.44 24.36 -53.29
CA TYR U 109 -42.45 24.05 -52.26
C TYR U 109 -42.95 22.94 -51.34
N THR U 110 -44.25 22.96 -51.01
CA THR U 110 -44.80 21.92 -50.16
C THR U 110 -44.83 20.57 -50.87
N GLU U 111 -45.17 20.56 -52.16
CA GLU U 111 -45.23 19.29 -52.89
C GLU U 111 -43.85 18.67 -53.07
N MET U 112 -42.83 19.49 -53.37
CA MET U 112 -41.48 18.96 -53.51
C MET U 112 -40.98 18.39 -52.19
N ALA U 113 -41.38 19.01 -51.07
CA ALA U 113 -40.99 18.51 -49.76
C ALA U 113 -41.62 17.17 -49.45
N SER U 114 -42.83 16.94 -49.95
CA SER U 114 -43.56 15.72 -49.64
C SER U 114 -43.22 14.60 -50.61
N ARG U 115 -43.35 14.86 -51.91
CA ARG U 115 -43.19 13.80 -52.89
C ARG U 115 -41.74 13.43 -53.14
N HIS U 116 -40.80 14.35 -52.93
CA HIS U 116 -39.41 14.10 -53.25
C HIS U 116 -38.46 14.41 -52.10
N ARG U 117 -38.97 14.85 -50.95
CA ARG U 117 -38.16 15.19 -49.78
C ARG U 117 -37.08 16.21 -50.12
N VAL U 118 -37.45 17.20 -50.91
CA VAL U 118 -36.53 18.25 -51.34
C VAL U 118 -36.84 19.51 -50.55
N ARG U 119 -35.81 20.09 -49.95
CA ARG U 119 -35.96 21.28 -49.14
C ARG U 119 -35.81 22.54 -50.00
N ALA U 120 -36.18 23.67 -49.43
CA ALA U 120 -36.14 24.93 -50.17
C ALA U 120 -34.77 25.28 -50.73
N PRO U 121 -33.65 25.12 -50.02
CA PRO U 121 -32.36 25.49 -50.62
C PRO U 121 -32.03 24.73 -51.89
N CYS U 122 -32.49 23.49 -52.04
CA CYS U 122 -32.15 22.65 -53.18
C CYS U 122 -33.08 22.83 -54.37
N ILE U 123 -33.75 23.97 -54.48
CA ILE U 123 -34.72 24.23 -55.53
C ILE U 123 -34.38 25.55 -56.20
N GLN U 124 -34.46 25.59 -57.54
CA GLN U 124 -34.26 26.81 -58.31
C GLN U 124 -35.43 26.99 -59.25
N ILE U 125 -36.19 28.06 -59.08
CA ILE U 125 -37.33 28.33 -59.95
C ILE U 125 -36.79 28.86 -61.28
N ILE U 126 -36.89 28.04 -62.33
CA ILE U 126 -36.42 28.48 -63.64
C ILE U 126 -37.38 29.47 -64.26
N LYS U 127 -38.67 29.19 -64.20
CA LYS U 127 -39.66 29.99 -64.92
C LYS U 127 -41.04 29.77 -64.31
N THR U 128 -41.81 30.85 -64.23
CA THR U 128 -43.20 30.80 -63.82
C THR U 128 -44.05 31.50 -64.87
N ALA U 129 -45.27 31.01 -65.06
CA ALA U 129 -46.17 31.58 -66.06
C ALA U 129 -47.61 31.16 -65.73
N THR U 130 -48.54 31.81 -66.41
CA THR U 130 -49.95 31.44 -66.37
C THR U 130 -50.31 30.71 -67.65
N VAL U 131 -51.02 29.59 -67.51
CA VAL U 131 -51.37 28.73 -68.63
C VAL U 131 -52.87 28.76 -68.83
N ASP U 132 -53.30 28.96 -70.07
CA ASP U 132 -54.72 28.86 -70.39
C ASP U 132 -55.20 27.43 -70.20
N PHE U 133 -56.46 27.29 -69.78
CA PHE U 133 -56.98 25.97 -69.48
C PHE U 133 -56.99 25.06 -70.71
N LYS U 134 -56.94 25.64 -71.92
CA LYS U 134 -56.82 24.83 -73.12
C LYS U 134 -55.45 24.18 -73.25
N LEU U 135 -54.41 24.76 -72.63
CA LEU U 135 -53.04 24.31 -72.82
C LEU U 135 -52.46 23.64 -71.58
N CYS U 136 -53.27 23.38 -70.57
CA CYS U 136 -52.79 22.67 -69.39
C CYS U 136 -52.40 21.24 -69.76
N LYS U 137 -51.31 20.76 -69.18
CA LYS U 137 -50.74 19.47 -69.53
C LYS U 137 -50.99 18.40 -68.49
N ARG U 138 -50.90 18.71 -67.20
CA ARG U 138 -51.01 17.70 -66.16
C ARG U 138 -52.47 17.40 -65.85
N ASP U 139 -52.74 16.11 -65.60
CA ASP U 139 -54.02 15.72 -65.05
C ASP U 139 -54.15 16.24 -63.62
N ASN U 140 -55.37 16.20 -63.10
CA ASN U 140 -55.77 16.79 -61.82
C ASN U 140 -55.84 18.31 -61.89
N THR U 141 -55.42 18.91 -63.00
CA THR U 141 -55.72 20.29 -63.31
C THR U 141 -56.81 20.42 -64.36
N LYS U 142 -56.87 19.49 -65.31
CA LYS U 142 -57.93 19.49 -66.31
C LYS U 142 -59.26 19.05 -65.72
N GLN U 143 -59.24 18.09 -64.78
CA GLN U 143 -60.49 17.58 -64.23
C GLN U 143 -61.23 18.62 -63.41
N PHE U 144 -60.58 19.71 -63.02
CA PHE U 144 -61.24 20.82 -62.36
C PHE U 144 -61.63 21.91 -63.33
N HIS U 145 -61.46 21.67 -64.63
CA HIS U 145 -61.95 22.58 -65.66
C HIS U 145 -63.38 22.26 -66.08
N ASN U 146 -64.04 21.31 -65.43
CA ASN U 146 -65.44 21.03 -65.72
C ASN U 146 -66.31 22.18 -65.26
N SER U 147 -67.14 22.71 -66.16
CA SER U 147 -68.05 23.79 -65.81
C SER U 147 -69.24 23.30 -65.00
N LYS U 148 -69.60 22.02 -65.11
CA LYS U 148 -70.60 21.39 -64.29
C LYS U 148 -69.98 20.55 -63.18
N ILE U 149 -68.88 21.03 -62.61
CA ILE U 149 -68.14 20.24 -61.63
C ILE U 149 -69.01 20.02 -60.40
N LYS U 150 -69.17 18.75 -60.02
CA LYS U 150 -70.04 18.35 -58.93
C LYS U 150 -69.44 17.15 -58.23
N PHE U 151 -69.45 17.16 -56.90
CA PHE U 151 -68.95 16.05 -56.11
C PHE U 151 -69.36 16.29 -54.65
N PRO U 152 -69.39 15.23 -53.84
CA PRO U 152 -69.66 15.41 -52.41
C PRO U 152 -68.36 15.57 -51.62
N LEU U 153 -68.54 15.94 -50.35
CA LEU U 153 -67.42 16.12 -49.43
C LEU U 153 -67.28 14.83 -48.63
N VAL U 154 -66.25 14.03 -48.96
CA VAL U 154 -66.11 12.70 -48.37
C VAL U 154 -65.37 12.69 -47.04
N TYR U 155 -64.85 13.83 -46.59
CA TYR U 155 -64.21 13.93 -45.28
C TYR U 155 -64.63 15.25 -44.66
N GLN U 156 -65.40 15.17 -43.58
CA GLN U 156 -66.08 16.35 -43.02
C GLN U 156 -65.34 17.02 -41.88
N LYS U 157 -64.57 16.28 -41.08
CA LYS U 157 -63.85 16.82 -39.92
C LYS U 157 -64.82 17.43 -38.90
N VAL U 158 -65.60 16.54 -38.29
CA VAL U 158 -66.55 16.94 -37.27
C VAL U 158 -65.81 17.55 -36.07
N ARG U 159 -66.10 18.81 -35.77
CA ARG U 159 -65.43 19.52 -34.70
C ARG U 159 -66.31 20.67 -34.25
N PRO U 160 -66.16 21.13 -33.01
CA PRO U 160 -66.86 22.34 -32.58
C PRO U 160 -66.28 23.57 -33.26
N PRO U 161 -67.02 24.68 -33.29
CA PRO U 161 -66.55 25.84 -34.09
C PRO U 161 -65.49 26.70 -33.43
N THR U 162 -65.52 26.88 -32.11
CA THR U 162 -64.65 27.89 -31.52
C THR U 162 -63.97 27.43 -30.22
N ARG U 163 -63.93 26.13 -29.96
CA ARG U 163 -63.14 25.54 -28.88
C ARG U 163 -63.73 25.82 -27.50
N LYS U 164 -64.72 26.70 -27.41
CA LYS U 164 -65.46 26.86 -26.17
C LYS U 164 -66.47 25.74 -25.99
N LEU U 165 -66.97 25.19 -27.09
CA LEU U 165 -67.96 24.13 -27.08
C LEU U 165 -67.34 22.73 -27.05
N LYS U 166 -66.08 22.63 -26.63
CA LYS U 166 -65.40 21.34 -26.58
C LYS U 166 -65.69 20.66 -25.24
N THR U 167 -66.12 19.40 -25.32
CA THR U 167 -66.34 18.58 -24.14
C THR U 167 -65.66 17.24 -24.33
N THR U 168 -65.20 16.66 -23.22
CA THR U 168 -64.57 15.35 -23.27
C THR U 168 -65.58 14.26 -23.62
N TYR U 169 -66.80 14.37 -23.11
CA TYR U 169 -67.84 13.37 -23.31
C TYR U 169 -69.01 13.94 -24.09
N LYS U 170 -69.72 13.06 -24.78
CA LYS U 170 -70.94 13.39 -25.49
C LYS U 170 -71.95 12.26 -25.27
N ALA U 171 -73.24 12.62 -25.28
CA ALA U 171 -74.28 11.66 -24.94
C ALA U 171 -74.59 10.69 -26.07
N THR U 172 -74.25 11.02 -27.30
CA THR U 172 -74.53 10.12 -28.42
C THR U 172 -73.45 10.28 -29.47
N ARG U 173 -73.36 9.27 -30.33
CA ARG U 173 -72.39 9.30 -31.41
C ARG U 173 -72.80 10.32 -32.46
N PRO U 174 -71.84 10.96 -33.11
CA PRO U 174 -72.17 11.95 -34.13
C PRO U 174 -72.82 11.30 -35.34
N ASN U 175 -73.74 12.02 -35.96
CA ASN U 175 -74.30 11.63 -37.25
C ASN U 175 -73.78 12.59 -38.29
N LEU U 176 -73.07 12.05 -39.28
CA LEU U 176 -72.53 12.83 -40.38
C LEU U 176 -72.87 12.13 -41.67
N PHE U 177 -73.16 12.90 -42.71
CA PHE U 177 -73.59 12.36 -43.99
C PHE U 177 -73.15 13.29 -45.09
N MET U 178 -73.07 12.75 -46.30
CA MET U 178 -72.68 13.52 -47.47
C MET U 178 -73.44 13.08 -48.71
N PRO V 2 21.71 21.85 -34.53
CA PRO V 2 21.94 21.15 -33.26
C PRO V 2 20.67 20.51 -32.71
N ALA V 3 20.85 19.43 -31.93
CA ALA V 3 19.77 18.79 -31.19
C ALA V 3 18.63 18.33 -32.11
N GLY V 4 18.98 17.80 -33.28
CA GLY V 4 18.05 17.16 -34.17
C GLY V 4 17.86 17.84 -35.50
N HIS V 5 18.16 19.12 -35.62
CA HIS V 5 17.95 19.87 -36.86
C HIS V 5 19.13 20.78 -37.09
N GLY V 6 19.76 20.67 -38.25
CA GLY V 6 20.89 21.52 -38.60
C GLY V 6 20.45 22.92 -38.95
N LEU V 7 21.44 23.76 -39.25
CA LEU V 7 21.20 25.18 -39.42
C LEU V 7 20.26 25.47 -40.59
N ARG V 8 20.43 24.76 -41.70
CA ARG V 8 19.64 25.01 -42.90
C ARG V 8 18.62 23.90 -43.17
N SER V 9 18.11 23.28 -42.12
CA SER V 9 17.15 22.20 -42.30
C SER V 9 15.82 22.75 -42.82
N ARG V 10 15.14 21.93 -43.61
CA ARG V 10 13.91 22.26 -44.34
C ARG V 10 13.95 23.68 -44.91
N THR V 11 14.96 23.91 -45.75
CA THR V 11 15.08 25.15 -46.52
C THR V 11 15.20 24.86 -48.01
N ARG V 12 14.72 23.70 -48.46
CA ARG V 12 14.90 23.28 -49.84
C ARG V 12 14.19 24.22 -50.81
N ASP V 13 12.98 24.65 -50.47
CA ASP V 13 12.28 25.64 -51.27
C ASP V 13 12.55 27.06 -50.82
N LEU V 14 12.86 27.26 -49.54
CA LEU V 14 12.97 28.61 -49.01
C LEU V 14 14.20 29.34 -49.54
N PHE V 15 15.34 28.67 -49.56
CA PHE V 15 16.59 29.31 -49.96
C PHE V 15 16.94 29.12 -51.43
N ALA V 16 16.10 28.43 -52.19
CA ALA V 16 16.31 28.30 -53.62
C ALA V 16 16.08 29.65 -54.31
N ARG V 17 16.78 29.86 -55.44
CA ARG V 17 16.58 31.09 -56.19
C ARG V 17 15.31 31.00 -57.02
N PRO V 18 14.69 32.14 -57.31
CA PRO V 18 13.51 32.13 -58.18
C PRO V 18 13.84 31.65 -59.59
N PHE V 19 12.81 31.20 -60.29
CA PHE V 19 12.98 30.55 -61.59
C PHE V 19 13.56 31.51 -62.62
N ARG V 20 14.60 31.05 -63.33
CA ARG V 20 15.28 31.84 -64.35
C ARG V 20 15.76 33.18 -63.79
N LYS V 21 16.21 33.16 -62.54
CA LYS V 21 16.71 34.36 -61.86
C LYS V 21 17.94 34.01 -61.04
N LYS V 22 18.81 33.18 -61.58
CA LYS V 22 20.04 32.75 -60.94
C LYS V 22 21.22 33.51 -61.54
N GLY V 23 22.42 33.12 -61.16
CA GLY V 23 23.64 33.63 -61.78
C GLY V 23 24.11 34.93 -61.12
N TYR V 24 24.25 35.98 -61.92
CA TYR V 24 24.80 37.24 -61.43
C TYR V 24 23.82 37.93 -60.49
N ILE V 25 24.38 38.74 -59.59
CA ILE V 25 23.60 39.58 -58.69
C ILE V 25 23.69 41.01 -59.20
N PRO V 26 22.55 41.69 -59.39
CA PRO V 26 22.58 43.03 -59.97
C PRO V 26 23.30 44.03 -59.08
N LEU V 27 23.83 45.08 -59.72
CA LEU V 27 24.54 46.11 -58.99
C LEU V 27 23.64 46.92 -58.07
N THR V 28 22.33 46.95 -58.32
CA THR V 28 21.42 47.70 -57.46
C THR V 28 21.44 47.15 -56.04
N THR V 29 21.56 45.83 -55.89
CA THR V 29 21.65 45.21 -54.58
C THR V 29 22.81 45.79 -53.78
N TYR V 30 23.92 46.09 -54.44
CA TYR V 30 25.16 46.37 -53.75
C TYR V 30 25.38 47.83 -53.41
N LEU V 31 24.71 48.76 -54.08
CA LEU V 31 24.90 50.18 -53.79
C LEU V 31 23.59 50.85 -53.39
N ARG V 32 22.76 50.14 -52.65
CA ARG V 32 21.69 50.77 -51.91
C ARG V 32 22.22 51.19 -50.55
N THR V 33 21.71 52.30 -50.03
CA THR V 33 22.24 52.93 -48.83
C THR V 33 21.29 52.68 -47.68
N TYR V 34 21.84 52.19 -46.57
CA TYR V 34 21.07 51.93 -45.36
C TYR V 34 21.62 52.77 -44.23
N LYS V 35 20.72 53.33 -43.42
CA LYS V 35 21.10 54.12 -42.27
C LYS V 35 20.40 53.57 -41.04
N VAL V 36 20.92 53.93 -39.88
CA VAL V 36 20.36 53.47 -38.61
C VAL V 36 18.96 54.04 -38.45
N GLY V 37 18.01 53.18 -38.08
CA GLY V 37 16.62 53.56 -37.95
C GLY V 37 15.76 53.22 -39.14
N GLU V 38 16.36 52.82 -40.25
CA GLU V 38 15.61 52.48 -41.45
C GLU V 38 14.98 51.09 -41.31
N HIS V 39 13.95 50.87 -42.13
CA HIS V 39 13.25 49.58 -42.15
C HIS V 39 13.67 48.80 -43.38
N VAL V 40 13.93 47.51 -43.19
CA VAL V 40 14.39 46.63 -44.26
C VAL V 40 13.67 45.30 -44.16
N ASP V 41 13.37 44.70 -45.31
CA ASP V 41 12.90 43.33 -45.36
C ASP V 41 14.08 42.38 -45.54
N VAL V 42 13.97 41.21 -44.92
CA VAL V 42 15.00 40.19 -45.01
C VAL V 42 14.53 39.13 -45.99
N LYS V 43 15.32 38.87 -47.03
CA LYS V 43 15.01 37.83 -48.01
C LYS V 43 16.33 37.16 -48.37
N VAL V 44 16.56 35.97 -47.81
CA VAL V 44 17.78 35.23 -48.09
C VAL V 44 17.82 34.86 -49.56
N ASN V 45 19.00 34.97 -50.16
CA ASN V 45 19.24 34.36 -51.46
C ASN V 45 20.31 33.28 -51.31
N GLY V 46 20.11 32.17 -52.01
CA GLY V 46 20.90 30.98 -51.74
C GLY V 46 22.23 30.91 -52.42
N ALA V 47 22.61 31.91 -53.22
CA ALA V 47 23.91 31.93 -53.85
C ALA V 47 24.98 32.59 -52.98
N VAL V 48 24.59 33.36 -51.98
CA VAL V 48 25.52 34.08 -51.12
C VAL V 48 25.49 33.41 -49.75
N HIS V 49 26.62 32.82 -49.35
CA HIS V 49 26.65 32.00 -48.16
C HIS V 49 27.29 32.68 -46.96
N LYS V 50 28.02 33.76 -47.17
CA LYS V 50 28.46 34.60 -46.07
C LYS V 50 27.35 35.55 -45.65
N GLY V 51 27.29 35.83 -44.36
CA GLY V 51 26.28 36.72 -43.83
C GLY V 51 24.87 36.20 -43.92
N MET V 52 24.71 34.89 -44.06
CA MET V 52 23.39 34.30 -44.30
C MET V 52 22.60 34.28 -43.01
N PRO V 53 21.41 34.89 -42.97
CA PRO V 53 20.58 34.79 -41.78
C PRO V 53 19.90 33.44 -41.66
N HIS V 54 19.54 33.10 -40.43
CA HIS V 54 18.79 31.89 -40.19
C HIS V 54 17.41 31.97 -40.85
N LYS V 55 16.85 30.79 -41.14
CA LYS V 55 15.61 30.70 -41.92
C LYS V 55 14.43 31.39 -41.25
N PHE V 56 14.49 31.65 -39.94
CA PHE V 56 13.38 32.30 -39.26
C PHE V 56 13.17 33.73 -39.74
N TYR V 57 14.25 34.43 -40.07
CA TYR V 57 14.18 35.85 -40.40
C TYR V 57 13.84 36.10 -41.87
N HIS V 58 13.77 35.06 -42.69
CA HIS V 58 13.28 35.23 -44.05
C HIS V 58 11.81 35.63 -44.02
N GLY V 59 11.50 36.74 -44.67
CA GLY V 59 10.15 37.26 -44.68
C GLY V 59 9.77 38.11 -43.50
N ARG V 60 10.73 38.65 -42.76
CA ARG V 60 10.47 39.54 -41.64
C ARG V 60 11.10 40.90 -41.90
N THR V 61 10.46 41.92 -41.36
CA THR V 61 10.90 43.30 -41.54
C THR V 61 11.39 43.85 -40.21
N GLY V 62 12.49 44.58 -40.25
CA GLY V 62 13.06 45.10 -39.03
C GLY V 62 13.81 46.39 -39.26
N ARG V 63 14.28 46.94 -38.15
CA ARG V 63 14.97 48.22 -38.14
C ARG V 63 16.48 48.03 -38.25
N VAL V 64 17.14 49.02 -38.84
CA VAL V 64 18.60 49.01 -38.93
C VAL V 64 19.16 49.67 -37.68
N TRP V 65 20.04 48.95 -36.98
CA TRP V 65 20.66 49.46 -35.77
C TRP V 65 22.18 49.58 -35.86
N ASN V 66 22.82 48.95 -36.83
CA ASN V 66 24.26 49.04 -37.01
C ASN V 66 24.59 48.90 -38.49
N VAL V 67 25.69 49.54 -38.90
CA VAL V 67 26.17 49.47 -40.27
C VAL V 67 27.67 49.18 -40.24
N THR V 68 28.09 48.11 -40.91
CA THR V 68 29.50 47.76 -41.05
C THR V 68 29.89 47.82 -42.52
N LYS V 69 31.07 47.31 -42.84
CA LYS V 69 31.58 47.40 -44.21
C LYS V 69 30.73 46.59 -45.19
N ARG V 70 30.46 45.33 -44.89
CA ARG V 70 29.73 44.47 -45.82
C ARG V 70 28.37 44.02 -45.30
N ALA V 71 27.96 44.48 -44.11
CA ALA V 71 26.73 44.00 -43.51
C ALA V 71 26.04 45.16 -42.78
N ILE V 72 24.80 44.92 -42.37
CA ILE V 72 24.06 45.84 -41.53
C ILE V 72 23.49 45.06 -40.35
N GLY V 73 23.29 45.76 -39.24
CA GLY V 73 22.60 45.19 -38.10
C GLY V 73 21.11 45.42 -38.25
N VAL V 74 20.34 44.35 -38.08
CA VAL V 74 18.89 44.40 -38.21
C VAL V 74 18.26 43.90 -36.92
N GLU V 75 17.24 44.61 -36.45
CA GLU V 75 16.51 44.27 -35.24
C GLU V 75 15.16 43.68 -35.63
N ILE V 76 14.90 42.45 -35.17
CA ILE V 76 13.72 41.70 -35.57
C ILE V 76 13.06 41.11 -34.34
N ASN V 77 11.74 41.23 -34.25
CA ASN V 77 11.00 40.66 -33.14
C ASN V 77 10.85 39.15 -33.29
N LYS V 78 11.05 38.44 -32.19
CA LYS V 78 10.85 36.99 -32.14
C LYS V 78 10.05 36.66 -30.90
N GLN V 79 8.94 35.93 -31.08
CA GLN V 79 8.11 35.53 -29.96
C GLN V 79 8.64 34.21 -29.40
N VAL V 80 9.02 34.22 -28.13
CA VAL V 80 9.61 33.05 -27.47
C VAL V 80 8.78 32.80 -26.21
N GLY V 81 7.74 31.98 -26.35
CA GLY V 81 6.85 31.72 -25.24
C GLY V 81 5.98 32.90 -24.87
N ASN V 82 6.29 33.51 -23.73
CA ASN V 82 5.45 34.55 -23.15
C ASN V 82 5.66 35.92 -23.76
N ARG V 83 6.79 36.18 -24.40
CA ARG V 83 7.19 37.54 -24.71
C ARG V 83 7.81 37.61 -26.09
N ILE V 84 8.13 38.83 -26.51
CA ILE V 84 8.82 39.12 -27.76
C ILE V 84 10.24 39.51 -27.42
N ILE V 85 11.21 38.87 -28.08
CA ILE V 85 12.62 39.19 -27.93
C ILE V 85 13.08 39.93 -29.18
N LYS V 86 13.62 41.13 -28.98
CA LYS V 86 14.17 41.94 -30.07
C LYS V 86 15.51 41.36 -30.46
N LYS V 87 15.49 40.44 -31.43
CA LYS V 87 16.73 39.81 -31.89
C LYS V 87 17.55 40.78 -32.73
N ARG V 88 18.85 40.77 -32.51
CA ARG V 88 19.79 41.62 -33.23
C ARG V 88 20.74 40.74 -34.02
N ILE V 89 20.64 40.78 -35.35
CA ILE V 89 21.47 39.96 -36.22
C ILE V 89 22.16 40.86 -37.23
N HIS V 90 23.30 40.38 -37.73
CA HIS V 90 24.02 41.03 -38.81
C HIS V 90 23.85 40.21 -40.07
N VAL V 91 23.49 40.88 -41.17
CA VAL V 91 23.23 40.22 -42.43
C VAL V 91 23.92 40.99 -43.54
N ARG V 92 24.52 40.26 -44.47
CA ARG V 92 25.11 40.89 -45.65
C ARG V 92 24.03 41.53 -46.50
N VAL V 93 24.42 42.57 -47.25
CA VAL V 93 23.46 43.35 -48.00
C VAL V 93 22.75 42.54 -49.07
N GLU V 94 23.31 41.40 -49.48
CA GLU V 94 22.69 40.59 -50.52
C GLU V 94 21.36 40.01 -50.07
N HIS V 95 21.19 39.76 -48.76
CA HIS V 95 19.99 39.14 -48.24
C HIS V 95 19.01 40.15 -47.66
N VAL V 96 19.18 41.43 -47.95
CA VAL V 96 18.36 42.48 -47.37
C VAL V 96 17.95 43.44 -48.48
N GLN V 97 16.74 43.98 -48.35
CA GLN V 97 16.23 45.01 -49.24
C GLN V 97 15.54 46.09 -48.41
N PRO V 98 15.58 47.33 -48.87
CA PRO V 98 14.87 48.39 -48.14
C PRO V 98 13.37 48.12 -48.14
N SER V 99 12.73 48.48 -47.04
CA SER V 99 11.31 48.21 -46.84
C SER V 99 10.48 49.40 -47.30
N ARG V 100 9.31 49.11 -47.87
CA ARG V 100 8.34 50.12 -48.24
C ARG V 100 7.17 50.17 -47.26
N CYS V 101 7.36 49.64 -46.06
CA CYS V 101 6.29 49.57 -45.07
C CYS V 101 5.88 50.93 -44.52
N ASN V 102 6.68 51.97 -44.76
CA ASN V 102 6.33 53.31 -44.31
C ASN V 102 6.39 54.34 -45.43
N GLU V 103 6.41 53.89 -46.69
CA GLU V 103 6.49 54.83 -47.80
C GLU V 103 5.23 55.67 -47.90
N GLU V 104 4.07 55.04 -47.77
CA GLU V 104 2.81 55.79 -47.81
C GLU V 104 2.68 56.72 -46.61
N PHE V 105 3.29 56.34 -45.48
CA PHE V 105 3.25 57.19 -44.30
C PHE V 105 4.16 58.40 -44.46
N LEU V 106 5.31 58.22 -45.09
CA LEU V 106 6.27 59.31 -45.22
C LEU V 106 5.75 60.40 -46.13
N GLN V 107 5.11 60.03 -47.25
CA GLN V 107 4.54 61.02 -48.14
C GLN V 107 3.34 61.71 -47.51
N ARG V 108 2.52 60.94 -46.79
CA ARG V 108 1.33 61.51 -46.16
C ARG V 108 1.70 62.54 -45.11
N LYS V 109 2.79 62.30 -44.38
CA LYS V 109 3.22 63.26 -43.36
C LYS V 109 3.62 64.58 -43.98
N LEU V 110 4.30 64.54 -45.12
CA LEU V 110 4.63 65.78 -45.83
C LEU V 110 3.38 66.49 -46.31
N ASN V 111 2.41 65.74 -46.84
CA ASN V 111 1.18 66.35 -47.32
C ASN V 111 0.36 66.95 -46.18
N ASN V 112 0.28 66.25 -45.04
CA ASN V 112 -0.45 66.80 -43.90
C ASN V 112 0.18 68.10 -43.43
N ASP V 113 1.51 68.20 -43.53
CA ASP V 113 2.18 69.44 -43.17
C ASP V 113 1.79 70.57 -44.11
N LYS V 114 1.69 70.27 -45.41
CA LYS V 114 1.31 71.30 -46.38
C LYS V 114 -0.15 71.69 -46.21
N LEU V 115 -1.02 70.74 -45.94
CA LEU V 115 -2.44 71.06 -45.76
C LEU V 115 -2.65 71.91 -44.52
N LYS V 116 -2.00 71.56 -43.40
CA LYS V 116 -2.12 72.36 -42.19
C LYS V 116 -1.47 73.72 -42.36
N ALA V 117 -0.51 73.84 -43.27
CA ALA V 117 0.09 75.14 -43.57
C ALA V 117 -0.93 76.08 -44.20
N GLU V 118 -1.74 75.57 -45.12
CA GLU V 118 -2.78 76.37 -45.74
C GLU V 118 -3.81 76.83 -44.71
N ALA V 119 -4.21 75.94 -43.81
CA ALA V 119 -5.17 76.32 -42.77
C ALA V 119 -4.61 77.41 -41.87
N LYS V 120 -3.29 77.45 -41.70
CA LYS V 120 -2.68 78.53 -40.95
C LYS V 120 -2.83 79.86 -41.69
N VAL V 121 -2.64 79.85 -43.01
CA VAL V 121 -2.74 81.08 -43.78
C VAL V 121 -4.17 81.58 -43.81
N ARG V 122 -5.13 80.69 -44.09
CA ARG V 122 -6.52 81.09 -44.18
C ARG V 122 -7.20 81.22 -42.83
N GLY V 123 -6.58 80.76 -41.76
CA GLY V 123 -7.14 80.86 -40.43
C GLY V 123 -8.13 79.78 -40.04
N GLU V 124 -8.29 78.74 -40.87
CA GLU V 124 -9.24 77.68 -40.58
C GLU V 124 -8.62 76.61 -39.67
N VAL V 125 -9.46 75.67 -39.26
CA VAL V 125 -9.04 74.51 -38.49
C VAL V 125 -9.51 73.27 -39.21
N ILE V 126 -8.59 72.34 -39.49
CA ILE V 126 -8.83 71.19 -40.34
C ILE V 126 -8.39 69.93 -39.60
N SER V 127 -8.54 68.78 -40.27
CA SER V 127 -8.21 67.49 -39.67
C SER V 127 -7.04 66.80 -40.35
N THR V 128 -7.12 66.53 -41.66
CA THR V 128 -6.12 65.71 -42.36
C THR V 128 -5.87 64.40 -41.63
N LYS V 129 -6.94 63.70 -41.30
CA LYS V 129 -6.87 62.40 -40.64
C LYS V 129 -7.66 61.40 -41.47
N ARG V 130 -7.07 60.24 -41.70
CA ARG V 130 -7.68 59.25 -42.58
C ARG V 130 -8.96 58.70 -41.97
N GLN V 131 -9.88 58.29 -42.84
CA GLN V 131 -11.14 57.73 -42.43
C GLN V 131 -11.44 56.52 -43.29
N PRO V 132 -11.94 55.44 -42.70
CA PRO V 132 -12.21 54.22 -43.48
C PRO V 132 -13.36 54.43 -44.45
N ALA V 133 -13.37 53.61 -45.49
CA ALA V 133 -14.43 53.67 -46.49
C ALA V 133 -15.78 53.41 -45.84
N GLY V 134 -16.76 54.24 -46.14
CA GLY V 134 -18.04 54.18 -45.48
C GLY V 134 -19.20 54.06 -46.44
N PRO V 135 -20.41 54.34 -45.95
CA PRO V 135 -21.60 54.19 -46.79
C PRO V 135 -21.66 55.23 -47.90
N LYS V 136 -22.03 54.78 -49.09
CA LYS V 136 -22.12 55.63 -50.27
C LYS V 136 -23.36 56.52 -50.21
N PRO V 137 -23.27 57.74 -50.74
CA PRO V 137 -24.44 58.63 -50.76
C PRO V 137 -25.42 58.26 -51.86
N GLY V 138 -26.65 58.74 -51.69
CA GLY V 138 -27.68 58.44 -52.65
C GLY V 138 -27.40 59.05 -54.02
N PHE V 139 -27.94 58.41 -55.05
CA PHE V 139 -27.66 58.80 -56.43
C PHE V 139 -28.72 58.18 -57.32
N MET V 140 -28.79 58.70 -58.55
CA MET V 140 -29.79 58.29 -59.52
C MET V 140 -29.13 57.65 -60.74
N VAL V 141 -29.82 56.69 -61.35
CA VAL V 141 -29.39 56.05 -62.57
C VAL V 141 -30.52 56.15 -63.60
N GLU V 142 -30.17 56.56 -64.81
CA GLU V 142 -31.14 56.82 -65.85
C GLU V 142 -31.78 55.52 -66.35
N GLY V 143 -32.92 55.67 -67.02
CA GLY V 143 -33.60 54.54 -67.61
C GLY V 143 -32.88 53.99 -68.81
N THR V 144 -32.30 52.80 -68.66
CA THR V 144 -31.54 52.19 -69.73
C THR V 144 -31.96 50.74 -69.93
N THR V 145 -31.22 50.00 -70.73
CA THR V 145 -31.51 48.59 -70.95
C THR V 145 -31.24 47.79 -69.68
N ILE V 146 -32.12 46.85 -69.38
CA ILE V 146 -31.99 45.96 -68.23
C ILE V 146 -32.02 44.53 -68.74
N GLU V 147 -30.98 43.77 -68.41
CA GLU V 147 -30.86 42.38 -68.84
C GLU V 147 -31.44 41.47 -67.78
N THR V 148 -32.26 40.50 -68.21
CA THR V 148 -32.91 39.59 -67.29
C THR V 148 -32.03 38.36 -67.08
N VAL V 149 -31.85 37.97 -65.83
CA VAL V 149 -31.04 36.83 -65.44
C VAL V 149 -31.96 35.75 -64.89
N THR V 150 -31.78 34.52 -65.35
CA THR V 150 -32.64 33.42 -64.95
C THR V 150 -31.83 32.18 -64.60
N PRO V 151 -32.32 31.35 -63.69
CA PRO V 151 -31.69 30.04 -63.48
C PRO V 151 -31.73 29.20 -64.75
N ILE V 152 -30.67 28.44 -64.97
CA ILE V 152 -30.48 27.68 -66.19
C ILE V 152 -30.97 26.25 -65.96
N PRO V 153 -31.69 25.64 -66.89
CA PRO V 153 -32.04 24.23 -66.74
C PRO V 153 -30.81 23.35 -66.70
N TYR V 154 -30.87 22.31 -65.87
CA TYR V 154 -29.73 21.44 -65.67
C TYR V 154 -29.53 20.52 -66.86
N ASP V 155 -28.28 20.40 -67.29
CA ASP V 155 -27.90 19.51 -68.38
C ASP V 155 -26.87 18.51 -67.86
N VAL V 156 -27.14 17.22 -68.06
CA VAL V 156 -26.25 16.18 -67.56
C VAL V 156 -24.96 16.15 -68.37
N VAL V 157 -25.05 16.22 -69.70
CA VAL V 157 -23.90 16.03 -70.56
C VAL V 157 -22.86 17.12 -70.33
N ASN V 158 -23.31 18.37 -70.21
CA ASN V 158 -22.41 19.51 -70.08
C ASN V 158 -21.95 19.76 -68.66
N ASP V 159 -22.11 18.79 -67.76
CA ASP V 159 -21.71 18.99 -66.37
C ASP V 159 -20.19 18.92 -66.19
N LEU V 160 -19.53 18.04 -66.94
CA LEU V 160 -18.09 17.81 -66.79
C LEU V 160 -17.30 19.08 -67.07
N GLY W 18 -9.11 -102.00 55.91
CA GLY W 18 -9.72 -102.48 57.13
C GLY W 18 -11.23 -102.38 57.09
N SER W 19 -11.82 -101.87 58.18
CA SER W 19 -13.27 -101.66 58.27
C SER W 19 -13.49 -100.17 58.48
N VAL W 20 -13.69 -99.44 57.38
CA VAL W 20 -13.91 -98.00 57.44
C VAL W 20 -15.38 -97.75 57.78
N SER W 21 -15.62 -96.93 58.80
CA SER W 21 -16.96 -96.63 59.25
C SER W 21 -17.17 -95.12 59.28
N PHE W 22 -18.21 -94.65 58.60
CA PHE W 22 -18.65 -93.27 58.67
C PHE W 22 -20.11 -93.24 59.11
N VAL W 23 -20.44 -92.31 59.99
CA VAL W 23 -21.75 -92.26 60.61
C VAL W 23 -22.29 -90.84 60.53
N ILE W 24 -23.52 -90.69 60.05
CA ILE W 24 -24.23 -89.41 60.02
C ILE W 24 -25.06 -89.31 61.29
N ASP W 25 -24.83 -88.26 62.06
CA ASP W 25 -25.54 -88.06 63.33
C ASP W 25 -26.71 -87.12 63.11
N CYS W 26 -27.92 -87.66 63.16
CA CYS W 26 -29.14 -86.91 62.94
C CYS W 26 -29.93 -86.78 64.23
N THR W 27 -29.23 -86.56 65.34
CA THR W 27 -29.89 -86.54 66.65
C THR W 27 -30.84 -85.36 66.75
N LYS W 28 -30.34 -84.14 66.54
CA LYS W 28 -31.18 -82.96 66.63
C LYS W 28 -32.34 -82.96 65.63
N PRO W 29 -32.15 -83.24 64.34
CA PRO W 29 -33.27 -83.07 63.40
C PRO W 29 -34.48 -83.92 63.71
N VAL W 30 -34.32 -85.07 64.36
CA VAL W 30 -35.47 -85.90 64.68
C VAL W 30 -36.11 -85.49 65.99
N GLU W 31 -35.33 -84.94 66.94
CA GLU W 31 -35.92 -84.44 68.17
C GLU W 31 -36.83 -83.25 67.90
N ASP W 32 -36.58 -82.51 66.82
CA ASP W 32 -37.45 -81.42 66.39
C ASP W 32 -38.39 -81.83 65.27
N LYS W 33 -38.35 -83.09 64.83
CA LYS W 33 -39.28 -83.64 63.85
C LYS W 33 -39.25 -82.84 62.55
N ILE W 34 -38.11 -82.91 61.89
CA ILE W 34 -37.90 -82.27 60.59
C ILE W 34 -37.79 -83.31 59.47
N MET W 35 -37.02 -84.36 59.70
CA MET W 35 -36.85 -85.44 58.75
C MET W 35 -36.96 -86.77 59.49
N GLU W 36 -36.85 -87.87 58.73
CA GLU W 36 -36.92 -89.22 59.28
C GLU W 36 -35.70 -89.99 58.83
N ILE W 37 -34.95 -90.53 59.79
CA ILE W 37 -33.71 -91.24 59.46
C ILE W 37 -33.97 -92.49 58.64
N ALA W 38 -35.18 -93.05 58.71
CA ALA W 38 -35.50 -94.21 57.89
C ALA W 38 -35.47 -93.85 56.41
N SER W 39 -36.01 -92.68 56.07
CA SER W 39 -35.90 -92.19 54.71
C SER W 39 -34.44 -91.90 54.35
N LEU W 40 -33.65 -91.43 55.31
CA LEU W 40 -32.23 -91.20 55.06
C LEU W 40 -31.50 -92.51 54.78
N GLU W 41 -31.72 -93.51 55.63
CA GLU W 41 -31.06 -94.80 55.42
C GLU W 41 -31.46 -95.40 54.08
N LYS W 42 -32.77 -95.39 53.78
CA LYS W 42 -33.24 -95.98 52.53
C LYS W 42 -32.65 -95.26 51.32
N PHE W 43 -32.55 -93.93 51.39
CA PHE W 43 -31.92 -93.17 50.31
C PHE W 43 -30.48 -93.61 50.09
N LEU W 44 -29.79 -94.03 51.16
CA LEU W 44 -28.40 -94.42 51.04
C LEU W 44 -28.24 -95.81 50.43
N GLN W 45 -29.12 -96.74 50.78
CA GLN W 45 -28.99 -98.09 50.24
C GLN W 45 -29.33 -98.13 48.75
N GLU W 46 -30.12 -97.18 48.28
CA GLU W 46 -30.53 -97.16 46.88
C GLU W 46 -29.60 -96.35 45.99
N ARG W 47 -28.69 -95.56 46.56
CA ARG W 47 -27.89 -94.61 45.79
C ARG W 47 -26.43 -94.64 46.21
N ILE W 48 -25.84 -95.82 46.32
CA ILE W 48 -24.42 -95.95 46.59
C ILE W 48 -23.80 -96.86 45.54
N LYS W 49 -22.81 -96.34 44.83
CA LYS W 49 -22.03 -97.11 43.87
C LYS W 49 -20.72 -97.53 44.52
N VAL W 50 -20.38 -98.81 44.43
CA VAL W 50 -19.20 -99.36 45.07
C VAL W 50 -18.31 -100.01 44.02
N ALA W 51 -17.00 -99.79 44.14
CA ALA W 51 -16.00 -100.37 43.25
C ALA W 51 -16.26 -100.00 41.79
N GLY W 52 -16.83 -98.82 41.56
CA GLY W 52 -17.16 -98.41 40.22
C GLY W 52 -18.22 -99.25 39.54
N GLY W 53 -19.20 -99.73 40.29
CA GLY W 53 -20.30 -100.51 39.76
C GLY W 53 -21.52 -99.67 39.46
N LYS W 54 -22.69 -100.28 39.59
CA LYS W 54 -23.94 -99.58 39.35
C LYS W 54 -24.47 -98.99 40.64
N ALA W 55 -25.34 -97.98 40.50
CA ALA W 55 -25.80 -97.20 41.65
C ALA W 55 -26.78 -98.01 42.50
N GLY W 56 -26.53 -98.03 43.81
CA GLY W 56 -27.40 -98.75 44.72
C GLY W 56 -27.41 -100.24 44.52
N ASN W 57 -26.28 -100.83 44.11
CA ASN W 57 -26.25 -102.27 43.87
C ASN W 57 -26.36 -103.06 45.18
N LEU W 58 -25.94 -102.46 46.29
CA LEU W 58 -25.97 -103.10 47.61
C LEU W 58 -25.17 -104.41 47.57
N GLY W 59 -23.88 -104.28 47.32
CA GLY W 59 -22.99 -105.43 47.25
C GLY W 59 -22.72 -106.07 48.59
N ASP W 60 -21.62 -106.82 48.69
CA ASP W 60 -21.23 -107.48 49.93
C ASP W 60 -20.31 -106.61 50.79
N SER W 61 -19.72 -105.55 50.22
CA SER W 61 -18.75 -104.74 50.94
C SER W 61 -19.42 -103.64 51.76
N VAL W 62 -20.15 -102.75 51.10
CA VAL W 62 -20.74 -101.59 51.75
C VAL W 62 -22.10 -101.99 52.35
N THR W 63 -22.31 -101.62 53.61
CA THR W 63 -23.57 -101.88 54.29
C THR W 63 -24.01 -100.64 55.05
N VAL W 64 -25.33 -100.47 55.16
CA VAL W 64 -25.92 -99.32 55.83
C VAL W 64 -26.78 -99.84 56.98
N THR W 65 -26.48 -99.38 58.18
CA THR W 65 -27.19 -99.80 59.38
C THR W 65 -27.82 -98.59 60.07
N ARG W 66 -28.85 -98.85 60.86
CA ARG W 66 -29.66 -97.79 61.44
C ARG W 66 -29.58 -97.81 62.96
N ASP W 67 -29.98 -96.69 63.55
CA ASP W 67 -30.06 -96.53 65.00
C ASP W 67 -31.32 -95.71 65.28
N LYS W 68 -31.41 -95.17 66.50
CA LYS W 68 -32.49 -94.22 66.77
C LYS W 68 -32.21 -92.85 66.17
N SER W 69 -30.94 -92.47 66.06
CA SER W 69 -30.58 -91.14 65.60
C SER W 69 -29.49 -91.09 64.54
N LYS W 70 -28.66 -92.11 64.42
CA LYS W 70 -27.50 -92.06 63.53
C LYS W 70 -27.48 -93.25 62.59
N VAL W 71 -27.18 -92.99 61.33
CA VAL W 71 -27.06 -94.01 60.29
C VAL W 71 -25.58 -94.26 60.04
N THR W 72 -25.20 -95.54 60.01
CA THR W 72 -23.81 -95.95 59.93
C THR W 72 -23.55 -96.66 58.62
N VAL W 73 -22.50 -96.24 57.92
CA VAL W 73 -22.04 -96.87 56.68
C VAL W 73 -20.72 -97.56 56.99
N THR W 74 -20.58 -98.80 56.53
CA THR W 74 -19.38 -99.57 56.81
C THR W 74 -19.03 -100.43 55.60
N SER W 75 -17.73 -100.64 55.38
CA SER W 75 -17.27 -101.50 54.30
C SER W 75 -15.90 -102.07 54.66
N ASP W 76 -15.56 -103.17 53.99
CA ASP W 76 -14.25 -103.79 54.16
C ASP W 76 -13.22 -103.26 53.17
N GLY W 77 -13.62 -102.47 52.19
CA GLY W 77 -12.73 -101.87 51.22
C GLY W 77 -12.41 -100.43 51.57
N ALA W 78 -12.40 -99.58 50.54
CA ALA W 78 -12.11 -98.16 50.69
C ALA W 78 -13.35 -97.35 50.39
N PHE W 79 -13.75 -96.50 51.33
CA PHE W 79 -14.91 -95.62 51.18
C PHE W 79 -14.50 -94.19 51.53
N SER W 80 -14.88 -93.25 50.67
CA SER W 80 -14.56 -91.84 50.87
C SER W 80 -15.66 -91.17 51.67
N LYS W 81 -15.27 -90.46 52.72
CA LYS W 81 -16.24 -89.79 53.57
C LYS W 81 -16.90 -88.61 52.86
N ARG W 82 -16.22 -87.98 51.91
CA ARG W 82 -16.82 -86.87 51.18
C ARG W 82 -17.92 -87.35 50.25
N TYR W 83 -17.89 -88.63 49.87
CA TYR W 83 -19.01 -89.20 49.12
C TYR W 83 -20.28 -89.22 49.95
N LEU W 84 -20.16 -89.59 51.23
CA LEU W 84 -21.33 -89.60 52.11
C LEU W 84 -21.90 -88.20 52.28
N LYS W 85 -21.04 -87.19 52.38
CA LYS W 85 -21.51 -85.82 52.49
C LYS W 85 -22.26 -85.39 51.25
N TYR W 86 -21.78 -85.80 50.07
CA TYR W 86 -22.47 -85.50 48.82
C TYR W 86 -23.84 -86.16 48.77
N LEU W 87 -23.95 -87.39 49.26
CA LEU W 87 -25.23 -88.09 49.23
C LEU W 87 -26.20 -87.54 50.26
N THR W 88 -25.70 -87.12 51.42
CA THR W 88 -26.57 -86.54 52.44
C THR W 88 -27.13 -85.20 51.99
N LYS W 89 -26.29 -84.35 51.39
CA LYS W 89 -26.77 -83.07 50.91
C LYS W 89 -27.77 -83.25 49.79
N LYS W 90 -27.57 -84.27 48.95
CA LYS W 90 -28.55 -84.58 47.90
C LYS W 90 -29.88 -85.00 48.51
N TYR W 91 -29.84 -85.81 49.56
CA TYR W 91 -31.07 -86.22 50.22
C TYR W 91 -31.81 -85.03 50.82
N LEU W 92 -31.06 -84.09 51.40
CA LEU W 92 -31.70 -82.93 52.02
C LEU W 92 -32.41 -82.08 50.97
N LYS W 93 -31.81 -81.91 49.79
CA LYS W 93 -32.49 -81.20 48.72
C LYS W 93 -33.70 -81.98 48.20
N LYS W 94 -33.57 -83.32 48.12
CA LYS W 94 -34.66 -84.15 47.64
C LYS W 94 -35.90 -84.04 48.53
N HIS W 95 -35.71 -83.83 49.83
CA HIS W 95 -36.81 -83.71 50.77
C HIS W 95 -36.95 -82.30 51.34
N ASN W 96 -36.39 -81.30 50.65
CA ASN W 96 -36.60 -79.89 50.96
C ASN W 96 -36.27 -79.56 52.40
N VAL W 97 -35.02 -79.86 52.78
CA VAL W 97 -34.47 -79.45 54.06
C VAL W 97 -33.09 -78.82 53.93
N ARG W 98 -32.57 -78.69 52.71
CA ARG W 98 -31.24 -78.13 52.51
C ARG W 98 -31.16 -76.69 52.99
N ASP W 99 -32.25 -75.93 52.87
CA ASP W 99 -32.25 -74.55 53.36
C ASP W 99 -32.14 -74.50 54.88
N TRP W 100 -32.79 -75.43 55.58
CA TRP W 100 -32.84 -75.38 57.03
C TRP W 100 -31.74 -76.19 57.71
N LEU W 101 -31.11 -77.12 57.01
CA LEU W 101 -30.11 -77.99 57.62
C LEU W 101 -28.82 -77.95 56.81
N ARG W 102 -27.71 -78.15 57.50
CA ARG W 102 -26.40 -78.23 56.87
C ARG W 102 -25.62 -79.40 57.48
N VAL W 103 -24.77 -80.00 56.66
CA VAL W 103 -23.94 -81.11 57.09
C VAL W 103 -22.58 -80.58 57.53
N ILE W 104 -22.17 -80.93 58.75
CA ILE W 104 -20.95 -80.43 59.35
C ILE W 104 -20.20 -81.59 59.96
N ALA W 105 -18.89 -81.64 59.73
CA ALA W 105 -18.05 -82.63 60.37
C ALA W 105 -18.03 -82.42 61.87
N ALA W 106 -18.18 -83.50 62.62
CA ALA W 106 -18.18 -83.40 64.08
C ALA W 106 -16.81 -83.02 64.60
N ASN W 107 -16.78 -82.09 65.56
CA ASN W 107 -15.51 -81.68 66.15
C ASN W 107 -14.84 -82.83 66.88
N LYS W 108 -15.62 -83.72 67.48
CA LYS W 108 -15.03 -84.80 68.28
C LYS W 108 -14.33 -85.84 67.41
N GLU W 109 -14.99 -86.31 66.36
CA GLU W 109 -14.50 -87.42 65.57
C GLU W 109 -14.46 -87.03 64.11
N ARG W 110 -13.44 -87.50 63.41
CA ARG W 110 -13.23 -87.18 62.01
C ARG W 110 -13.85 -88.21 61.07
N ASN W 111 -14.54 -89.21 61.60
CA ASN W 111 -15.32 -90.15 60.79
C ASN W 111 -16.82 -89.91 60.94
N VAL W 112 -17.21 -88.73 61.42
CA VAL W 112 -18.58 -88.44 61.81
C VAL W 112 -19.02 -87.12 61.21
N TYR W 113 -20.19 -87.12 60.57
CA TYR W 113 -20.89 -85.89 60.21
C TYR W 113 -22.07 -85.71 61.14
N GLU W 114 -22.71 -84.55 61.03
CA GLU W 114 -23.94 -84.31 61.75
C GLU W 114 -24.71 -83.19 61.05
N LEU W 115 -26.02 -83.17 61.27
CA LEU W 115 -26.88 -82.14 60.72
C LEU W 115 -27.09 -81.06 61.76
N ARG W 116 -26.90 -79.81 61.35
CA ARG W 116 -27.02 -78.66 62.24
C ARG W 116 -27.90 -77.62 61.59
N TYR W 117 -28.67 -76.92 62.42
CA TYR W 117 -29.47 -75.81 61.94
C TYR W 117 -28.57 -74.61 61.63
N PHE W 118 -29.03 -73.77 60.72
CA PHE W 118 -28.26 -72.60 60.31
C PHE W 118 -28.21 -71.54 61.40
N LYS X 9 -42.67 -59.15 -31.91
CA LYS X 9 -42.26 -59.74 -30.65
C LYS X 9 -42.68 -58.89 -29.46
N PHE X 10 -43.17 -59.54 -28.41
CA PHE X 10 -43.46 -58.83 -27.17
C PHE X 10 -42.17 -58.46 -26.46
N ARG X 11 -42.27 -57.47 -25.58
CA ARG X 11 -41.14 -57.10 -24.74
C ARG X 11 -40.69 -58.27 -23.87
N MET X 12 -39.39 -58.50 -23.81
CA MET X 12 -38.76 -59.46 -22.94
C MET X 12 -37.73 -58.74 -22.06
N SER X 13 -37.43 -59.33 -20.92
CA SER X 13 -36.36 -58.80 -20.08
C SER X 13 -35.02 -58.95 -20.78
N LEU X 14 -34.22 -57.89 -20.78
CA LEU X 14 -32.92 -57.90 -21.41
C LEU X 14 -31.88 -58.36 -20.41
N GLY X 15 -31.10 -59.38 -20.77
CA GLY X 15 -30.13 -59.93 -19.85
C GLY X 15 -28.71 -59.87 -20.32
N LEU X 16 -28.49 -59.47 -21.58
CA LEU X 16 -27.19 -59.58 -22.24
C LEU X 16 -26.75 -58.22 -22.79
N PRO X 17 -26.08 -57.41 -21.99
CA PRO X 17 -25.58 -56.13 -22.50
C PRO X 17 -24.28 -56.32 -23.28
N VAL X 18 -23.84 -55.22 -23.90
CA VAL X 18 -22.61 -55.25 -24.69
C VAL X 18 -21.45 -55.67 -23.80
N ALA X 19 -20.54 -56.46 -24.37
CA ALA X 19 -19.39 -57.14 -23.76
C ALA X 19 -19.77 -58.44 -23.06
N ALA X 20 -21.01 -58.89 -23.17
CA ALA X 20 -21.38 -60.22 -22.68
C ALA X 20 -20.88 -61.28 -23.66
N THR X 21 -20.39 -62.38 -23.11
CA THR X 21 -19.89 -63.50 -23.91
C THR X 21 -20.82 -64.69 -23.69
N VAL X 22 -21.38 -65.20 -24.78
CA VAL X 22 -22.37 -66.26 -24.70
C VAL X 22 -21.83 -67.50 -25.41
N ASN X 23 -22.38 -68.64 -25.04
CA ASN X 23 -22.03 -69.90 -25.67
C ASN X 23 -22.51 -69.94 -27.11
N CYS X 24 -21.76 -70.64 -27.95
CA CYS X 24 -22.14 -70.86 -29.33
C CYS X 24 -22.83 -72.22 -29.42
N ALA X 25 -24.10 -72.23 -29.80
CA ALA X 25 -24.90 -73.45 -29.78
C ALA X 25 -24.92 -74.20 -31.11
N ASP X 26 -24.34 -73.66 -32.16
CA ASP X 26 -24.31 -74.34 -33.45
C ASP X 26 -23.04 -75.17 -33.58
N ASN X 27 -22.79 -75.69 -34.78
CA ASN X 27 -21.67 -76.58 -35.03
C ASN X 27 -20.63 -75.98 -35.97
N THR X 28 -20.64 -74.65 -36.11
CA THR X 28 -19.74 -73.99 -37.06
C THR X 28 -18.27 -74.12 -36.65
N GLY X 29 -18.00 -74.26 -35.36
CA GLY X 29 -16.65 -74.28 -34.85
C GLY X 29 -16.35 -73.23 -33.80
N ALA X 30 -17.23 -72.26 -33.60
CA ALA X 30 -17.02 -71.23 -32.60
C ALA X 30 -17.41 -71.75 -31.22
N LYS X 31 -16.67 -71.34 -30.21
CA LYS X 31 -16.93 -71.76 -28.84
C LYS X 31 -17.72 -70.72 -28.05
N ASN X 32 -17.48 -69.43 -28.30
CA ASN X 32 -18.22 -68.39 -27.62
C ASN X 32 -18.38 -67.20 -28.56
N LEU X 33 -19.39 -66.39 -28.29
CA LEU X 33 -19.66 -65.18 -29.05
C LEU X 33 -19.58 -64.00 -28.11
N TYR X 34 -18.82 -62.98 -28.51
CA TYR X 34 -18.62 -61.78 -27.71
C TYR X 34 -19.47 -60.67 -28.33
N ILE X 35 -20.50 -60.25 -27.63
CA ILE X 35 -21.48 -59.32 -28.17
C ILE X 35 -20.90 -57.91 -28.15
N ILE X 36 -20.86 -57.27 -29.31
CA ILE X 36 -20.35 -55.90 -29.40
C ILE X 36 -21.45 -54.88 -29.66
N SER X 37 -22.59 -55.29 -30.20
CA SER X 37 -23.73 -54.39 -30.32
C SER X 37 -24.98 -55.21 -30.62
N VAL X 38 -26.12 -54.58 -30.41
CA VAL X 38 -27.43 -55.18 -30.62
C VAL X 38 -28.15 -54.40 -31.71
N LYS X 39 -28.63 -55.10 -32.73
CA LYS X 39 -29.24 -54.43 -33.87
C LYS X 39 -30.65 -53.94 -33.55
N GLY X 40 -31.00 -52.81 -34.14
CA GLY X 40 -32.34 -52.29 -34.08
C GLY X 40 -32.65 -51.39 -32.92
N ILE X 41 -31.72 -51.18 -32.00
CA ILE X 41 -32.00 -50.40 -30.80
C ILE X 41 -31.26 -49.07 -30.88
N LYS X 42 -32.03 -48.00 -30.85
CA LYS X 42 -31.49 -46.67 -30.61
C LYS X 42 -31.26 -46.49 -29.13
N GLY X 43 -30.31 -45.64 -28.78
CA GLY X 43 -29.78 -45.63 -27.43
C GLY X 43 -30.23 -44.46 -26.58
N ARG X 44 -29.76 -44.50 -25.34
CA ARG X 44 -29.83 -43.41 -24.40
C ARG X 44 -28.42 -43.16 -23.88
N LEU X 45 -28.16 -41.94 -23.43
CA LEU X 45 -26.84 -41.62 -22.91
C LEU X 45 -26.50 -42.52 -21.74
N ASN X 46 -25.38 -43.21 -21.83
CA ASN X 46 -24.75 -44.09 -20.85
C ASN X 46 -25.44 -45.46 -20.75
N ARG X 47 -26.55 -45.69 -21.42
CA ARG X 47 -27.20 -47.00 -21.36
C ARG X 47 -26.47 -47.99 -22.26
N LEU X 48 -26.16 -49.16 -21.72
CA LEU X 48 -25.51 -50.20 -22.51
C LEU X 48 -26.53 -50.90 -23.39
N PRO X 49 -26.26 -51.04 -24.69
CA PRO X 49 -27.16 -51.83 -25.55
C PRO X 49 -27.24 -53.27 -25.06
N SER X 50 -28.46 -53.78 -25.03
CA SER X 50 -28.74 -55.06 -24.38
C SER X 50 -29.62 -55.91 -25.27
N ALA X 51 -29.35 -57.21 -25.30
CA ALA X 51 -30.06 -58.15 -26.14
C ALA X 51 -30.80 -59.18 -25.30
N CYS X 52 -31.81 -59.79 -25.90
CA CYS X 52 -32.53 -60.90 -25.31
C CYS X 52 -32.76 -61.96 -26.36
N VAL X 53 -33.50 -63.01 -26.00
CA VAL X 53 -33.78 -64.10 -26.91
C VAL X 53 -34.54 -63.59 -28.13
N GLY X 54 -34.07 -63.98 -29.32
CA GLY X 54 -34.68 -63.58 -30.56
C GLY X 54 -34.10 -62.33 -31.18
N ASP X 55 -33.08 -61.73 -30.57
CA ASP X 55 -32.44 -60.54 -31.10
C ASP X 55 -31.22 -60.93 -31.91
N MET X 56 -31.07 -60.31 -33.07
CA MET X 56 -29.85 -60.42 -33.84
C MET X 56 -28.82 -59.45 -33.28
N VAL X 57 -27.59 -59.93 -33.09
CA VAL X 57 -26.52 -59.13 -32.53
C VAL X 57 -25.31 -59.23 -33.44
N MET X 58 -24.42 -58.25 -33.32
CA MET X 58 -23.10 -58.32 -33.91
C MET X 58 -22.13 -58.85 -32.87
N ALA X 59 -21.40 -59.89 -33.20
CA ALA X 59 -20.50 -60.53 -32.26
C ALA X 59 -19.19 -60.89 -32.96
N THR X 60 -18.18 -61.18 -32.16
CA THR X 60 -16.95 -61.80 -32.61
C THR X 60 -16.79 -63.14 -31.92
N VAL X 61 -15.81 -63.91 -32.36
CA VAL X 61 -15.51 -65.23 -31.81
C VAL X 61 -14.17 -65.12 -31.09
N LYS X 62 -14.18 -65.30 -29.78
CA LYS X 62 -12.94 -65.24 -29.01
C LYS X 62 -12.26 -66.60 -28.91
N LYS X 63 -13.04 -67.65 -28.74
CA LYS X 63 -12.54 -69.02 -28.73
C LYS X 63 -13.18 -69.77 -29.87
N GLY X 64 -12.37 -70.52 -30.62
CA GLY X 64 -12.88 -71.31 -31.71
C GLY X 64 -11.86 -71.39 -32.84
N LYS X 65 -12.36 -71.69 -34.03
CA LYS X 65 -11.49 -71.85 -35.19
C LYS X 65 -10.81 -70.52 -35.51
N PRO X 66 -9.53 -70.56 -35.91
CA PRO X 66 -8.85 -69.29 -36.24
C PRO X 66 -9.51 -68.50 -37.34
N ASP X 67 -10.08 -69.16 -38.34
CA ASP X 67 -10.71 -68.44 -39.44
C ASP X 67 -11.99 -67.74 -39.01
N LEU X 68 -12.64 -68.23 -37.96
CA LEU X 68 -13.83 -67.57 -37.44
C LEU X 68 -13.48 -66.35 -36.59
N ARG X 69 -12.27 -66.29 -36.03
CA ARG X 69 -11.91 -65.21 -35.14
C ARG X 69 -11.57 -63.95 -35.90
N LYS X 70 -11.53 -62.83 -35.16
CA LYS X 70 -11.06 -61.53 -35.62
C LYS X 70 -11.98 -60.88 -36.64
N LYS X 71 -13.23 -61.33 -36.76
CA LYS X 71 -14.20 -60.73 -37.66
C LYS X 71 -15.52 -60.49 -36.93
N VAL X 72 -16.23 -59.44 -37.35
CA VAL X 72 -17.57 -59.16 -36.87
C VAL X 72 -18.57 -59.93 -37.73
N MET X 73 -19.48 -60.65 -37.08
CA MET X 73 -20.49 -61.41 -37.78
C MET X 73 -21.81 -61.34 -37.01
N PRO X 74 -22.94 -61.49 -37.70
CA PRO X 74 -24.23 -61.52 -37.01
C PRO X 74 -24.48 -62.84 -36.29
N ALA X 75 -25.33 -62.76 -35.27
CA ALA X 75 -25.75 -63.93 -34.52
C ALA X 75 -27.09 -63.63 -33.86
N VAL X 76 -27.82 -64.69 -33.53
CA VAL X 76 -29.12 -64.58 -32.87
C VAL X 76 -29.06 -65.27 -31.52
N ILE X 77 -29.53 -64.59 -30.48
CA ILE X 77 -29.58 -65.15 -29.15
C ILE X 77 -30.70 -66.19 -29.08
N VAL X 78 -30.36 -67.40 -28.61
CA VAL X 78 -31.32 -68.47 -28.52
C VAL X 78 -31.67 -68.84 -27.09
N ARG X 79 -30.76 -68.66 -26.13
CA ARG X 79 -31.00 -68.98 -24.74
C ARG X 79 -30.46 -67.86 -23.86
N GLN X 80 -31.18 -67.54 -22.79
CA GLN X 80 -30.78 -66.47 -21.89
C GLN X 80 -30.99 -66.92 -20.45
N ARG X 81 -30.08 -66.50 -19.58
CA ARG X 81 -30.15 -66.86 -18.17
C ARG X 81 -31.09 -65.97 -17.38
N LYS X 82 -31.31 -64.73 -17.83
CA LYS X 82 -32.16 -63.79 -17.11
C LYS X 82 -33.62 -64.20 -17.24
N PRO X 83 -34.33 -64.40 -16.14
CA PRO X 83 -35.75 -64.80 -16.24
C PRO X 83 -36.58 -63.71 -16.91
N TRP X 84 -37.51 -64.14 -17.76
CA TRP X 84 -38.43 -63.23 -18.40
C TRP X 84 -39.85 -63.77 -18.26
N ARG X 85 -40.80 -62.84 -18.26
CA ARG X 85 -42.20 -63.18 -18.07
C ARG X 85 -42.87 -63.48 -19.41
N ARG X 86 -43.57 -64.60 -19.47
CA ARG X 86 -44.43 -64.88 -20.61
C ARG X 86 -45.83 -64.32 -20.33
N LYS X 87 -46.60 -64.15 -21.41
CA LYS X 87 -47.91 -63.52 -21.28
C LYS X 87 -48.85 -64.34 -20.40
N ASP X 88 -48.69 -65.66 -20.38
CA ASP X 88 -49.45 -66.50 -19.47
C ASP X 88 -49.03 -66.35 -18.01
N GLY X 89 -48.11 -65.45 -17.71
CA GLY X 89 -47.76 -65.14 -16.33
C GLY X 89 -46.74 -66.04 -15.69
N VAL X 90 -45.94 -66.74 -16.47
CA VAL X 90 -44.91 -67.64 -15.96
C VAL X 90 -43.55 -67.07 -16.34
N PHE X 91 -42.65 -67.05 -15.36
CA PHE X 91 -41.29 -66.56 -15.58
C PHE X 91 -40.37 -67.72 -15.94
N MET X 92 -39.63 -67.55 -17.04
CA MET X 92 -38.82 -68.59 -17.65
C MET X 92 -37.37 -68.15 -17.75
N TYR X 93 -36.46 -69.11 -17.63
CA TYR X 93 -35.05 -68.86 -17.87
C TYR X 93 -34.37 -70.17 -18.23
N PHE X 94 -33.16 -70.05 -18.78
CA PHE X 94 -32.35 -71.19 -19.19
C PHE X 94 -31.15 -71.33 -18.27
N GLU X 95 -30.48 -72.48 -18.38
CA GLU X 95 -29.29 -72.73 -17.58
C GLU X 95 -28.10 -71.90 -18.05
N ASP X 96 -28.08 -71.48 -19.31
CA ASP X 96 -26.95 -70.75 -19.86
C ASP X 96 -27.45 -69.74 -20.89
N ASN X 97 -26.52 -68.91 -21.35
CA ASN X 97 -26.75 -67.97 -22.44
C ASN X 97 -26.08 -68.49 -23.70
N ALA X 98 -26.83 -68.54 -24.80
CA ALA X 98 -26.34 -69.16 -26.01
C ALA X 98 -26.82 -68.38 -27.23
N GLY X 99 -26.12 -68.57 -28.35
CA GLY X 99 -26.46 -67.92 -29.60
C GLY X 99 -25.94 -68.74 -30.75
N VAL X 100 -26.35 -68.36 -31.96
CA VAL X 100 -26.00 -69.08 -33.17
C VAL X 100 -25.60 -68.07 -34.24
N ILE X 101 -24.49 -68.34 -34.94
CA ILE X 101 -24.02 -67.46 -36.00
C ILE X 101 -24.97 -67.54 -37.19
N VAL X 102 -25.36 -66.39 -37.71
CA VAL X 102 -26.20 -66.31 -38.90
C VAL X 102 -25.57 -65.31 -39.87
N ASN X 103 -26.20 -65.17 -41.02
CA ASN X 103 -25.87 -64.14 -42.00
C ASN X 103 -26.84 -62.99 -41.87
N PRO X 104 -26.54 -61.82 -42.44
CA PRO X 104 -27.43 -60.67 -42.27
C PRO X 104 -28.83 -60.89 -42.81
N LYS X 105 -29.03 -61.85 -43.70
CA LYS X 105 -30.37 -62.21 -44.17
C LYS X 105 -31.08 -63.19 -43.25
N GLY X 106 -30.42 -63.64 -42.18
CA GLY X 106 -31.05 -64.47 -41.17
C GLY X 106 -30.85 -65.96 -41.31
N GLU X 107 -30.04 -66.42 -42.26
CA GLU X 107 -29.82 -67.85 -42.46
C GLU X 107 -28.69 -68.34 -41.57
N MET X 108 -28.85 -69.53 -41.02
CA MET X 108 -27.84 -70.10 -40.15
C MET X 108 -26.58 -70.45 -40.93
N LYS X 109 -25.44 -70.12 -40.34
CA LYS X 109 -24.17 -70.48 -40.96
C LYS X 109 -23.90 -71.97 -40.82
N GLY X 110 -24.23 -72.56 -39.68
CA GLY X 110 -24.06 -73.97 -39.44
C GLY X 110 -25.26 -74.78 -39.90
N SER X 111 -25.37 -75.98 -39.34
CA SER X 111 -26.46 -76.89 -39.69
C SER X 111 -27.15 -77.53 -38.51
N ALA X 112 -26.52 -77.62 -37.34
CA ALA X 112 -27.08 -78.30 -36.19
C ALA X 112 -26.97 -77.41 -34.96
N ILE X 113 -27.94 -77.56 -34.06
CA ILE X 113 -28.02 -76.78 -32.84
C ILE X 113 -27.93 -77.74 -31.66
N THR X 114 -27.11 -77.36 -30.67
CA THR X 114 -27.00 -78.11 -29.43
C THR X 114 -27.90 -77.47 -28.37
N GLY X 115 -28.72 -78.30 -27.72
CA GLY X 115 -29.56 -77.84 -26.65
C GLY X 115 -30.89 -77.28 -27.12
N PRO X 116 -31.73 -76.86 -26.18
CA PRO X 116 -33.02 -76.29 -26.55
C PRO X 116 -32.89 -74.83 -26.99
N ILE X 117 -33.99 -74.31 -27.52
CA ILE X 117 -34.09 -72.92 -27.93
C ILE X 117 -35.43 -72.36 -27.43
N GLY X 118 -35.52 -71.04 -27.39
CA GLY X 118 -36.75 -70.39 -26.99
C GLY X 118 -37.79 -70.38 -28.09
N LYS X 119 -39.06 -70.36 -27.68
CA LYS X 119 -40.13 -70.19 -28.65
C LYS X 119 -40.11 -68.81 -29.29
N GLU X 120 -39.65 -67.80 -28.55
CA GLU X 120 -39.55 -66.46 -29.10
C GLU X 120 -38.49 -66.39 -30.21
N CYS X 121 -37.43 -67.20 -30.09
CA CYS X 121 -36.43 -67.25 -31.15
C CYS X 121 -36.96 -67.98 -32.38
N ALA X 122 -37.66 -69.09 -32.17
CA ALA X 122 -38.14 -69.89 -33.29
C ALA X 122 -39.18 -69.15 -34.11
N ASP X 123 -40.02 -68.34 -33.45
CA ASP X 123 -41.07 -67.62 -34.16
C ASP X 123 -40.48 -66.63 -35.17
N LEU X 124 -39.42 -65.93 -34.78
CA LEU X 124 -38.86 -64.88 -35.63
C LEU X 124 -37.99 -65.45 -36.76
N TRP X 125 -37.31 -66.56 -36.51
CA TRP X 125 -36.27 -67.05 -37.41
C TRP X 125 -36.61 -68.46 -37.87
N PRO X 126 -37.31 -68.60 -39.00
CA PRO X 126 -37.73 -69.94 -39.44
C PRO X 126 -36.60 -70.88 -39.75
N ARG X 127 -35.43 -70.37 -40.16
CA ARG X 127 -34.31 -71.25 -40.47
C ARG X 127 -33.63 -71.76 -39.20
N ILE X 128 -33.57 -70.94 -38.16
CA ILE X 128 -33.11 -71.42 -36.86
C ILE X 128 -34.13 -72.39 -36.27
N ALA X 129 -35.42 -72.09 -36.47
CA ALA X 129 -36.47 -72.97 -35.96
C ALA X 129 -36.46 -74.32 -36.66
N SER X 130 -35.99 -74.37 -37.90
CA SER X 130 -35.97 -75.64 -38.64
C SER X 130 -34.84 -76.54 -38.16
N ALA X 131 -33.70 -75.95 -37.78
CA ALA X 131 -32.55 -76.72 -37.35
C ALA X 131 -32.56 -77.05 -35.86
N ALA X 132 -33.55 -76.55 -35.12
CA ALA X 132 -33.58 -76.75 -33.67
C ALA X 132 -34.08 -78.15 -33.32
N ASN X 133 -33.61 -78.65 -32.16
CA ASN X 133 -34.09 -79.92 -31.64
C ASN X 133 -35.38 -79.74 -30.86
N ALA X 134 -35.33 -78.96 -29.78
CA ALA X 134 -36.47 -78.74 -28.91
C ALA X 134 -36.74 -77.24 -28.80
N ILE X 135 -38.01 -76.88 -28.82
CA ILE X 135 -38.44 -75.48 -28.81
C ILE X 135 -39.35 -75.29 -27.61
N VAL X 136 -38.80 -74.79 -26.51
CA VAL X 136 -39.54 -74.65 -25.28
C VAL X 136 -39.96 -73.21 -25.06
N VAL Y 2 -57.60 -73.30 -12.20
CA VAL Y 2 -58.81 -74.07 -12.48
C VAL Y 2 -58.48 -75.53 -12.69
N LEU Y 3 -58.65 -75.98 -13.93
CA LEU Y 3 -58.33 -77.35 -14.34
C LEU Y 3 -56.89 -77.46 -14.79
N LYS Y 4 -56.44 -76.54 -15.64
CA LYS Y 4 -55.06 -76.50 -16.10
C LYS Y 4 -54.20 -75.97 -14.96
N THR Y 5 -53.89 -76.85 -14.01
CA THR Y 5 -52.98 -76.56 -12.92
C THR Y 5 -51.81 -77.52 -12.99
N GLU Y 6 -50.64 -77.04 -12.56
CA GLU Y 6 -49.41 -77.79 -12.67
C GLU Y 6 -48.88 -78.18 -11.28
N LEU Y 7 -47.98 -79.16 -11.28
CA LEU Y 7 -47.31 -79.60 -10.07
C LEU Y 7 -45.90 -79.05 -10.01
N CYS Y 8 -45.44 -78.74 -8.80
CA CYS Y 8 -44.08 -78.32 -8.60
C CYS Y 8 -43.13 -79.50 -8.75
N ARG Y 9 -42.04 -79.30 -9.49
CA ARG Y 9 -41.09 -80.39 -9.70
C ARG Y 9 -40.34 -80.73 -8.43
N PHE Y 10 -40.15 -79.77 -7.53
CA PHE Y 10 -39.38 -79.98 -6.31
C PHE Y 10 -40.26 -80.38 -5.13
N SER Y 11 -41.35 -79.68 -4.89
CA SER Y 11 -42.19 -79.90 -3.73
C SER Y 11 -43.46 -80.69 -4.04
N GLY Y 12 -43.81 -80.85 -5.31
CA GLY Y 12 -44.95 -81.64 -5.67
C GLY Y 12 -46.30 -81.05 -5.34
N GLN Y 13 -46.37 -79.74 -5.13
CA GLN Y 13 -47.63 -79.08 -4.81
C GLN Y 13 -48.23 -78.44 -6.06
N LYS Y 14 -49.52 -78.13 -5.95
CA LYS Y 14 -50.28 -77.60 -7.07
C LYS Y 14 -49.88 -76.16 -7.38
N ILE Y 15 -49.84 -75.83 -8.66
CA ILE Y 15 -49.57 -74.48 -9.13
C ILE Y 15 -50.76 -74.01 -9.94
N TYR Y 16 -51.29 -72.85 -9.61
CA TYR Y 16 -52.45 -72.29 -10.26
C TYR Y 16 -52.05 -71.31 -11.34
N PRO Y 17 -52.89 -71.10 -12.35
CA PRO Y 17 -52.48 -70.26 -13.50
C PRO Y 17 -52.13 -68.84 -13.09
N GLY Y 18 -51.14 -68.28 -13.77
CA GLY Y 18 -50.63 -66.97 -13.45
C GLY Y 18 -49.42 -66.96 -12.54
N LYS Y 19 -48.96 -68.12 -12.08
CA LYS Y 19 -47.78 -68.23 -11.23
C LYS Y 19 -46.89 -69.34 -11.75
N GLY Y 20 -45.72 -69.49 -11.15
CA GLY Y 20 -44.81 -70.57 -11.47
C GLY Y 20 -43.50 -70.07 -12.05
N ILE Y 21 -42.41 -70.70 -11.63
CA ILE Y 21 -41.07 -70.44 -12.16
C ILE Y 21 -40.67 -71.65 -12.98
N ARG Y 22 -40.42 -71.45 -14.27
CA ARG Y 22 -40.06 -72.54 -15.17
C ARG Y 22 -38.58 -72.45 -15.51
N PHE Y 23 -37.83 -73.50 -15.19
CA PHE Y 23 -36.41 -73.58 -15.45
C PHE Y 23 -36.16 -74.66 -16.49
N ILE Y 24 -35.39 -74.33 -17.52
CA ILE Y 24 -35.00 -75.29 -18.56
C ILE Y 24 -33.54 -75.65 -18.33
N ARG Y 25 -33.31 -76.92 -18.01
CA ARG Y 25 -31.95 -77.42 -17.84
C ARG Y 25 -31.25 -77.53 -19.19
N SER Y 26 -29.93 -77.68 -19.14
CA SER Y 26 -29.13 -77.72 -20.35
C SER Y 26 -29.49 -78.89 -21.27
N ASP Y 27 -30.08 -79.96 -20.73
CA ASP Y 27 -30.48 -81.11 -21.52
C ASP Y 27 -31.97 -81.10 -21.87
N SER Y 28 -32.56 -79.91 -21.96
CA SER Y 28 -33.95 -79.72 -22.40
C SER Y 28 -34.95 -80.35 -21.43
N GLN Y 29 -34.69 -80.21 -20.14
CA GLN Y 29 -35.60 -80.67 -19.10
C GLN Y 29 -36.30 -79.48 -18.49
N VAL Y 30 -37.62 -79.56 -18.38
CA VAL Y 30 -38.45 -78.46 -17.90
C VAL Y 30 -38.76 -78.69 -16.43
N PHE Y 31 -38.29 -77.80 -15.58
CA PHE Y 31 -38.59 -77.82 -14.16
C PHE Y 31 -39.46 -76.63 -13.81
N LEU Y 32 -40.67 -76.90 -13.32
CA LEU Y 32 -41.59 -75.86 -12.88
C LEU Y 32 -41.58 -75.80 -11.37
N PHE Y 33 -41.36 -74.61 -10.82
CA PHE Y 33 -41.21 -74.41 -9.39
C PHE Y 33 -42.37 -73.58 -8.87
N ALA Y 34 -42.83 -73.92 -7.66
CA ALA Y 34 -43.97 -73.24 -7.08
C ALA Y 34 -43.62 -71.81 -6.67
N ASN Y 35 -42.47 -71.62 -6.05
CA ASN Y 35 -42.08 -70.31 -5.55
C ASN Y 35 -40.57 -70.28 -5.36
N SER Y 36 -40.10 -69.18 -4.77
CA SER Y 36 -38.67 -68.90 -4.65
C SER Y 36 -37.96 -69.90 -3.74
N LYS Y 37 -38.64 -70.41 -2.72
CA LYS Y 37 -38.02 -71.38 -1.82
C LYS Y 37 -37.70 -72.67 -2.55
N CYS Y 38 -38.67 -73.22 -3.28
CA CYS Y 38 -38.45 -74.47 -3.99
C CYS Y 38 -37.47 -74.30 -5.15
N LYS Y 39 -37.28 -73.07 -5.62
CA LYS Y 39 -36.34 -72.83 -6.71
C LYS Y 39 -34.92 -72.64 -6.17
N ARG Y 40 -34.76 -71.97 -5.03
CA ARG Y 40 -33.44 -71.85 -4.42
C ARG Y 40 -32.91 -73.21 -4.00
N TYR Y 41 -33.74 -74.01 -3.33
CA TYR Y 41 -33.48 -75.43 -3.28
C TYR Y 41 -33.59 -76.00 -4.69
N PHE Y 42 -32.89 -77.10 -4.94
CA PHE Y 42 -32.65 -77.65 -6.28
C PHE Y 42 -31.60 -76.83 -7.02
N HIS Y 43 -31.29 -75.64 -6.53
CA HIS Y 43 -30.14 -74.92 -7.03
C HIS Y 43 -29.00 -74.95 -6.04
N ASN Y 44 -29.32 -75.15 -4.77
CA ASN Y 44 -28.37 -75.54 -3.74
C ASN Y 44 -28.14 -77.04 -3.70
N ARG Y 45 -28.82 -77.79 -4.59
CA ARG Y 45 -28.62 -79.22 -4.78
C ARG Y 45 -29.20 -80.04 -3.63
N LEU Y 46 -30.23 -79.54 -2.96
CA LEU Y 46 -30.90 -80.31 -1.92
C LEU Y 46 -31.89 -81.28 -2.54
N LYS Y 47 -31.87 -82.51 -2.04
CA LYS Y 47 -32.76 -83.53 -2.58
C LYS Y 47 -34.14 -83.41 -1.93
N PRO Y 48 -35.22 -83.39 -2.72
CA PRO Y 48 -36.56 -83.22 -2.12
C PRO Y 48 -36.96 -84.34 -1.17
N ALA Y 49 -36.39 -85.55 -1.34
CA ALA Y 49 -36.72 -86.64 -0.45
C ALA Y 49 -36.18 -86.45 0.97
N LYS Y 50 -35.30 -85.47 1.17
CA LYS Y 50 -34.72 -85.22 2.49
C LYS Y 50 -35.43 -84.11 3.25
N LEU Y 51 -36.33 -83.37 2.62
CA LEU Y 51 -37.06 -82.28 3.26
C LEU Y 51 -38.43 -82.78 3.65
N CYS Y 52 -38.78 -82.65 4.93
CA CYS Y 52 -39.96 -83.30 5.47
C CYS Y 52 -41.27 -82.75 4.91
N TRP Y 53 -41.26 -81.53 4.40
CA TRP Y 53 -42.49 -80.86 3.98
C TRP Y 53 -42.84 -81.11 2.52
N THR Y 54 -42.06 -81.90 1.78
CA THR Y 54 -42.30 -82.11 0.37
C THR Y 54 -43.10 -83.37 0.14
N ALA Y 55 -43.71 -83.44 -1.05
CA ALA Y 55 -44.57 -84.57 -1.39
C ALA Y 55 -43.79 -85.88 -1.46
N MET Y 56 -42.57 -85.83 -2.03
CA MET Y 56 -41.78 -87.05 -2.18
C MET Y 56 -41.42 -87.64 -0.83
N TYR Y 57 -40.99 -86.81 0.11
CA TYR Y 57 -40.62 -87.30 1.44
C TYR Y 57 -41.80 -87.99 2.11
N ARG Y 58 -42.98 -87.39 2.04
CA ARG Y 58 -44.15 -87.98 2.69
C ARG Y 58 -44.56 -89.28 2.01
N LYS Y 59 -44.33 -89.37 0.70
CA LYS Y 59 -44.65 -90.61 -0.01
C LYS Y 59 -43.72 -91.75 0.41
N GLN Y 60 -42.43 -91.47 0.60
CA GLN Y 60 -41.51 -92.52 1.01
C GLN Y 60 -41.66 -92.87 2.48
N HIS Y 61 -42.10 -91.93 3.31
CA HIS Y 61 -42.22 -92.15 4.74
C HIS Y 61 -43.60 -92.61 5.17
N LYS Y 62 -44.51 -92.87 4.23
CA LYS Y 62 -45.84 -93.35 4.58
C LYS Y 62 -46.11 -94.68 3.89
N ARG Z 37 73.82 -40.27 45.03
CA ARG Z 37 72.53 -40.15 44.36
C ARG Z 37 72.17 -41.42 43.62
N THR Z 38 71.85 -42.48 44.37
CA THR Z 38 71.54 -43.77 43.76
C THR Z 38 70.31 -43.72 42.86
N SER Z 39 69.49 -42.69 42.97
CA SER Z 39 68.36 -42.48 42.10
C SER Z 39 68.71 -41.46 41.03
N VAL Z 40 68.37 -41.76 39.78
CA VAL Z 40 68.49 -40.75 38.72
C VAL Z 40 67.34 -39.76 38.73
N THR Z 41 66.39 -39.92 39.65
CA THR Z 41 65.24 -39.05 39.78
C THR Z 41 65.43 -38.14 40.98
N PHE Z 42 65.26 -36.83 40.78
CA PHE Z 42 65.35 -35.87 41.86
C PHE Z 42 63.98 -35.66 42.49
N HIS Z 43 63.92 -35.76 43.80
CA HIS Z 43 62.72 -35.45 44.56
C HIS Z 43 62.96 -34.23 45.42
N ARG Z 44 61.93 -33.43 45.60
CA ARG Z 44 62.02 -32.29 46.48
C ARG Z 44 62.39 -32.75 47.89
N PRO Z 45 63.39 -32.15 48.52
CA PRO Z 45 63.82 -32.60 49.85
C PRO Z 45 62.80 -32.21 50.92
N LYS Z 46 62.89 -32.92 52.04
CA LYS Z 46 62.00 -32.69 53.16
C LYS Z 46 62.54 -31.56 54.03
N THR Z 47 61.74 -30.53 54.23
CA THR Z 47 62.16 -29.32 54.91
C THR Z 47 61.28 -29.08 56.13
N LEU Z 48 61.85 -28.40 57.13
CA LEU Z 48 61.11 -28.13 58.34
C LEU Z 48 60.06 -27.05 58.11
N SER Z 49 58.88 -27.27 58.69
CA SER Z 49 57.80 -26.29 58.65
C SER Z 49 57.26 -26.13 60.06
N LYS Z 50 57.13 -24.88 60.51
CA LYS Z 50 56.64 -24.59 61.85
C LYS Z 50 55.12 -24.42 61.84
N ALA Z 51 54.52 -24.52 63.02
CA ALA Z 51 53.10 -24.32 63.17
C ALA Z 51 52.78 -22.85 63.40
N ARG Z 52 51.49 -22.53 63.36
CA ARG Z 52 51.05 -21.15 63.53
C ARG Z 52 51.04 -20.78 65.01
N ASP Z 53 51.76 -19.72 65.35
CA ASP Z 53 51.77 -19.16 66.70
C ASP Z 53 51.55 -17.66 66.58
N PRO Z 54 50.30 -17.22 66.46
CA PRO Z 54 50.03 -15.83 66.11
C PRO Z 54 50.41 -14.86 67.23
N LYS Z 55 50.65 -13.61 66.83
CA LYS Z 55 50.92 -12.53 67.76
C LYS Z 55 49.65 -11.89 68.30
N TYR Z 56 48.50 -12.21 67.73
CA TYR Z 56 47.21 -11.75 68.22
C TYR Z 56 46.15 -12.71 67.72
N PRO Z 57 45.06 -12.90 68.46
CA PRO Z 57 44.00 -13.79 68.00
C PRO Z 57 43.09 -13.09 67.00
N ARG Z 58 42.75 -13.82 65.93
CA ARG Z 58 41.86 -13.25 64.91
C ARG Z 58 40.43 -13.13 65.45
N ILE Z 59 40.01 -14.07 66.28
CA ILE Z 59 38.73 -14.00 66.98
C ILE Z 59 39.01 -13.93 68.47
N SER Z 60 38.42 -12.95 69.14
CA SER Z 60 38.56 -12.80 70.59
C SER Z 60 37.30 -13.15 71.36
N THR Z 61 36.14 -13.11 70.72
CA THR Z 61 34.93 -13.60 71.36
C THR Z 61 35.06 -15.11 71.57
N PRO Z 62 34.70 -15.61 72.76
CA PRO Z 62 34.89 -17.04 73.02
C PRO Z 62 34.20 -17.98 72.04
N GLY Z 63 33.00 -17.64 71.58
CA GLY Z 63 32.26 -18.55 70.74
C GLY Z 63 31.27 -19.35 71.57
N ARG Z 64 29.99 -19.03 71.45
CA ARG Z 64 28.98 -19.64 72.30
C ARG Z 64 28.15 -20.64 71.52
N ASN Z 65 27.75 -21.71 72.19
CA ASN Z 65 26.97 -22.77 71.58
C ASN Z 65 25.57 -22.25 71.29
N LYS Z 66 25.34 -21.84 70.05
CA LYS Z 66 24.03 -21.34 69.66
C LYS Z 66 23.07 -22.47 69.35
N LEU Z 67 23.57 -23.67 69.09
CA LEU Z 67 22.72 -24.85 68.94
C LEU Z 67 22.70 -25.66 70.24
N ASP Z 68 22.16 -25.04 71.28
CA ASP Z 68 22.08 -25.66 72.58
C ASP Z 68 20.79 -26.48 72.66
N GLN Z 69 20.48 -27.01 73.84
CA GLN Z 69 19.37 -27.95 73.97
C GLN Z 69 18.02 -27.28 73.68
N TYR Z 70 17.89 -25.99 73.96
CA TYR Z 70 16.61 -25.32 73.71
C TYR Z 70 16.39 -25.07 72.23
N GLN Z 71 17.46 -24.90 71.46
CA GLN Z 71 17.31 -24.85 70.01
C GLN Z 71 17.09 -26.22 69.41
N ILE Z 72 17.72 -27.25 69.97
CA ILE Z 72 17.54 -28.61 69.44
C ILE Z 72 16.12 -29.09 69.67
N LEU Z 73 15.61 -28.95 70.89
CA LEU Z 73 14.26 -29.38 71.23
C LEU Z 73 13.36 -28.15 71.28
N LYS Z 74 12.68 -27.89 70.17
CA LYS Z 74 11.81 -26.72 70.10
C LYS Z 74 10.52 -26.95 70.89
N TYR Z 75 9.72 -27.93 70.48
CA TYR Z 75 8.49 -28.27 71.18
C TYR Z 75 8.08 -29.67 70.76
N PRO Z 76 7.29 -30.37 71.57
CA PRO Z 76 6.77 -31.67 71.16
C PRO Z 76 5.55 -31.55 70.25
N LEU Z 77 5.30 -32.63 69.52
CA LEU Z 77 4.10 -32.74 68.70
C LEU Z 77 2.96 -33.28 69.55
N THR Z 78 1.76 -32.75 69.30
CA THR Z 78 0.58 -33.13 70.08
C THR Z 78 -0.58 -33.57 69.19
N THR Z 79 -0.29 -33.94 67.94
CA THR Z 79 -1.32 -34.44 67.05
C THR Z 79 -1.82 -35.80 67.54
N GLU Z 80 -2.94 -36.23 66.98
CA GLU Z 80 -3.50 -37.53 67.37
C GLU Z 80 -2.57 -38.67 67.02
N SER Z 81 -1.89 -38.58 65.88
CA SER Z 81 -0.91 -39.60 65.52
C SER Z 81 0.28 -39.58 66.46
N ALA Z 82 0.72 -38.38 66.86
CA ALA Z 82 1.85 -38.26 67.77
C ALA Z 82 1.52 -38.75 69.17
N MET Z 83 0.26 -38.59 69.61
CA MET Z 83 -0.12 -39.04 70.94
C MET Z 83 -0.24 -40.56 71.01
N LYS Z 84 -0.53 -41.20 69.88
CA LYS Z 84 -0.62 -42.66 69.86
C LYS Z 84 0.74 -43.28 70.15
N LYS Z 85 1.82 -42.64 69.71
CA LYS Z 85 3.15 -43.20 69.89
C LYS Z 85 3.56 -43.25 71.36
N ILE Z 86 2.92 -42.45 72.21
CA ILE Z 86 3.33 -42.39 73.61
C ILE Z 86 3.01 -43.70 74.33
N GLU Z 87 1.79 -44.19 74.17
CA GLU Z 87 1.38 -45.39 74.90
C GLU Z 87 1.54 -46.67 74.09
N ASP Z 88 1.75 -46.57 72.78
CA ASP Z 88 1.96 -47.76 71.96
C ASP Z 88 3.43 -48.11 71.81
N ASN Z 89 4.34 -47.14 71.76
CA ASN Z 89 5.74 -47.44 71.51
C ASN Z 89 6.69 -46.66 72.40
N ASN Z 90 6.21 -46.09 73.51
CA ASN Z 90 7.07 -45.41 74.48
C ASN Z 90 7.89 -44.30 73.83
N THR Z 91 7.25 -43.57 72.91
CA THR Z 91 7.94 -42.66 72.02
C THR Z 91 7.42 -41.25 72.20
N LEU Z 92 8.33 -40.29 72.26
CA LEU Z 92 7.99 -38.87 72.24
C LEU Z 92 8.35 -38.27 70.90
N VAL Z 93 7.45 -37.48 70.35
CA VAL Z 93 7.68 -36.79 69.08
C VAL Z 93 8.02 -35.34 69.37
N PHE Z 94 9.10 -34.85 68.77
CA PHE Z 94 9.55 -33.49 68.97
C PHE Z 94 9.75 -32.80 67.63
N ILE Z 95 9.57 -31.49 67.63
CA ILE Z 95 10.01 -30.65 66.53
C ILE Z 95 11.41 -30.18 66.86
N VAL Z 96 12.36 -30.44 65.95
CA VAL Z 96 13.77 -30.23 66.23
C VAL Z 96 14.34 -29.28 65.19
N ASP Z 97 15.51 -28.73 65.50
CA ASP Z 97 16.24 -27.87 64.58
C ASP Z 97 16.69 -28.65 63.35
N LEU Z 98 16.76 -27.94 62.22
CA LEU Z 98 17.25 -28.56 61.00
C LEU Z 98 18.71 -28.97 61.10
N LYS Z 99 19.50 -28.24 61.89
CA LYS Z 99 20.91 -28.51 62.04
C LYS Z 99 21.21 -29.61 63.06
N ALA Z 100 20.21 -30.15 63.74
CA ALA Z 100 20.42 -31.14 64.79
C ALA Z 100 20.39 -32.54 64.20
N ASP Z 101 21.46 -33.30 64.43
CA ASP Z 101 21.54 -34.69 64.02
C ASP Z 101 21.10 -35.60 65.16
N LYS Z 102 21.09 -36.91 64.90
CA LYS Z 102 20.52 -37.85 65.85
C LYS Z 102 21.29 -37.88 67.16
N LYS Z 103 22.61 -37.65 67.11
CA LYS Z 103 23.42 -37.70 68.31
C LYS Z 103 23.11 -36.52 69.24
N LYS Z 104 22.95 -35.33 68.67
CA LYS Z 104 22.61 -34.17 69.48
C LYS Z 104 21.21 -34.30 70.07
N ILE Z 105 20.32 -35.01 69.40
CA ILE Z 105 18.94 -35.13 69.86
C ILE Z 105 18.89 -35.97 71.15
N LYS Z 106 19.57 -37.12 71.15
CA LYS Z 106 19.51 -37.97 72.35
C LYS Z 106 20.27 -37.34 73.50
N ALA Z 107 21.33 -36.59 73.21
CA ALA Z 107 22.01 -35.84 74.25
C ALA Z 107 21.13 -34.72 74.79
N ALA Z 108 20.32 -34.10 73.92
CA ALA Z 108 19.46 -33.01 74.34
C ALA Z 108 18.32 -33.49 75.22
N VAL Z 109 17.69 -34.61 74.88
CA VAL Z 109 16.58 -35.11 75.70
C VAL Z 109 17.09 -35.55 77.06
N LYS Z 110 18.34 -36.02 77.12
CA LYS Z 110 18.92 -36.42 78.40
C LYS Z 110 19.17 -35.22 79.29
N LYS Z 111 19.65 -34.12 78.71
CA LYS Z 111 19.95 -32.92 79.48
C LYS Z 111 18.72 -32.07 79.76
N MET Z 112 17.61 -32.33 79.07
CA MET Z 112 16.37 -31.58 79.26
C MET Z 112 15.40 -32.27 80.20
N TYR Z 113 15.18 -33.57 80.00
CA TYR Z 113 14.17 -34.30 80.75
C TYR Z 113 14.72 -35.44 81.59
N ASP Z 114 16.04 -35.64 81.59
CA ASP Z 114 16.68 -36.68 82.39
C ASP Z 114 16.11 -38.05 82.06
N ILE Z 115 15.92 -38.32 80.77
CA ILE Z 115 15.45 -39.60 80.28
C ILE Z 115 16.43 -40.11 79.23
N GLN Z 116 16.45 -41.41 79.03
CA GLN Z 116 17.37 -42.07 78.12
C GLN Z 116 16.61 -42.53 76.88
N ALA Z 117 17.10 -42.14 75.71
CA ALA Z 117 16.49 -42.53 74.45
C ALA Z 117 17.13 -43.82 73.96
N LYS Z 118 16.29 -44.80 73.61
CA LYS Z 118 16.79 -46.02 73.00
C LYS Z 118 17.26 -45.77 71.57
N LYS Z 119 16.45 -45.06 70.79
CA LYS Z 119 16.83 -44.71 69.43
C LYS Z 119 16.03 -43.47 69.00
N VAL Z 120 16.52 -42.81 67.96
CA VAL Z 120 15.93 -41.60 67.43
C VAL Z 120 15.74 -41.78 65.93
N ASN Z 121 14.50 -41.64 65.47
CA ASN Z 121 14.20 -41.61 64.03
C ASN Z 121 13.80 -40.19 63.67
N THR Z 122 14.40 -39.64 62.63
CA THR Z 122 14.15 -38.28 62.21
C THR Z 122 13.61 -38.22 60.79
N LEU Z 123 12.89 -37.15 60.50
CA LEU Z 123 12.45 -36.86 59.14
C LEU Z 123 12.30 -35.36 59.00
N ILE Z 124 12.37 -34.89 57.76
CA ILE Z 124 12.03 -33.52 57.42
C ILE Z 124 10.63 -33.54 56.81
N ARG Z 125 9.73 -32.77 57.38
CA ARG Z 125 8.34 -32.73 56.95
C ARG Z 125 8.17 -31.89 55.69
N PRO Z 126 7.07 -32.06 54.97
CA PRO Z 126 6.84 -31.23 53.77
C PRO Z 126 6.72 -29.74 54.06
N ASP Z 127 6.49 -29.35 55.31
CA ASP Z 127 6.48 -27.93 55.63
C ASP Z 127 7.88 -27.36 55.84
N GLY Z 128 8.91 -28.21 55.83
CA GLY Z 128 10.27 -27.77 55.93
C GLY Z 128 10.91 -27.97 57.28
N LYS Z 129 10.13 -28.31 58.30
CA LYS Z 129 10.65 -28.50 59.63
C LYS Z 129 11.12 -29.94 59.83
N LYS Z 130 11.89 -30.16 60.89
CA LYS Z 130 12.41 -31.48 61.21
C LYS Z 130 11.65 -32.05 62.40
N LYS Z 131 11.28 -33.32 62.28
CA LYS Z 131 10.52 -34.04 63.30
C LYS Z 131 11.31 -35.25 63.76
N ALA Z 132 11.36 -35.47 65.06
CA ALA Z 132 12.14 -36.55 65.66
C ALA Z 132 11.23 -37.51 66.40
N TYR Z 133 11.43 -38.80 66.17
CA TYR Z 133 10.76 -39.85 66.94
C TYR Z 133 11.77 -40.39 67.95
N VAL Z 134 11.50 -40.14 69.23
CA VAL Z 134 12.43 -40.49 70.30
C VAL Z 134 11.79 -41.60 71.11
N LYS Z 135 12.27 -42.82 70.94
CA LYS Z 135 11.79 -43.96 71.71
C LYS Z 135 12.63 -44.09 72.98
N LEU Z 136 11.95 -44.15 74.13
CA LEU Z 136 12.64 -44.25 75.40
C LEU Z 136 12.96 -45.70 75.73
N THR Z 137 14.04 -45.88 76.48
CA THR Z 137 14.43 -47.21 76.91
C THR Z 137 13.38 -47.76 77.89
N PRO Z 138 13.24 -49.08 77.98
CA PRO Z 138 12.42 -49.65 79.03
C PRO Z 138 12.97 -49.25 80.39
N ASP Z 139 12.06 -49.08 81.35
CA ASP Z 139 12.19 -48.41 82.66
C ASP Z 139 12.00 -46.90 82.55
N TYR Z 140 11.70 -46.36 81.37
CA TYR Z 140 11.20 -45.01 81.22
C TYR Z 140 9.83 -45.08 80.58
N ASP Z 141 8.86 -44.42 81.19
CA ASP Z 141 7.47 -44.47 80.74
C ASP Z 141 7.14 -43.12 80.10
N ALA Z 142 6.88 -43.13 78.79
CA ALA Z 142 6.64 -41.89 78.08
C ALA Z 142 5.39 -41.19 78.57
N LEU Z 143 4.39 -41.96 79.02
CA LEU Z 143 3.17 -41.36 79.56
C LEU Z 143 3.45 -40.52 80.80
N ASP Z 144 4.32 -41.02 81.69
CA ASP Z 144 4.73 -40.22 82.84
C ASP Z 144 5.54 -39.00 82.40
N VAL Z 145 6.44 -39.18 81.45
CA VAL Z 145 7.19 -38.05 80.92
C VAL Z 145 6.26 -37.05 80.24
N ALA Z 146 5.26 -37.56 79.52
CA ALA Z 146 4.30 -36.67 78.87
C ALA Z 146 3.49 -35.88 79.89
N ASN Z 147 3.24 -36.46 81.05
CA ASN Z 147 2.51 -35.74 82.09
C ASN Z 147 3.36 -34.62 82.70
N LYS Z 148 4.65 -34.90 82.91
CA LYS Z 148 5.53 -33.87 83.48
C LYS Z 148 5.72 -32.71 82.51
N ILE Z 149 5.88 -32.99 81.22
CA ILE Z 149 6.08 -31.92 80.24
C ILE Z 149 4.84 -31.04 80.16
N GLY Z 150 3.67 -31.65 80.14
CA GLY Z 150 2.42 -30.92 80.04
C GLY Z 150 1.61 -31.21 78.80
N ILE Z 151 2.05 -32.14 77.94
CA ILE Z 151 1.35 -32.41 76.69
C ILE Z 151 0.11 -33.27 76.88
N ILE Z 152 -0.13 -33.77 78.08
CA ILE Z 152 -1.31 -34.57 78.34
C ILE Z 152 -2.11 -33.96 79.48
N MET AA 1 5.82 36.04 53.50
CA MET AA 1 6.48 35.24 52.47
C MET AA 1 7.70 34.53 53.05
N LYS AA 2 7.77 33.22 52.81
CA LYS AA 2 8.88 32.42 53.31
C LYS AA 2 10.20 32.83 52.66
N ARG AA 3 11.26 32.84 53.45
CA ARG AA 3 12.59 33.19 52.99
C ARG AA 3 13.61 32.06 53.07
N ASN AA 4 13.35 31.03 53.87
CA ASN AA 4 14.33 29.99 54.11
C ASN AA 4 14.55 29.15 52.86
N PRO AA 5 15.78 29.02 52.38
CA PRO AA 5 16.04 28.10 51.26
C PRO AA 5 15.76 26.64 51.60
N ARG AA 6 15.82 26.27 52.88
CA ARG AA 6 15.70 24.87 53.29
C ARG AA 6 14.26 24.45 53.56
N VAL AA 7 13.30 25.35 53.38
CA VAL AA 7 11.89 25.06 53.65
C VAL AA 7 11.16 24.98 52.32
N THR AA 8 10.40 23.91 52.12
CA THR AA 8 9.72 23.67 50.87
C THR AA 8 8.29 24.21 50.93
N SER AA 9 7.90 24.92 49.87
CA SER AA 9 6.54 25.38 49.70
C SER AA 9 5.73 24.46 48.80
N SER AA 10 6.31 23.34 48.38
CA SER AA 10 5.63 22.44 47.46
C SER AA 10 4.45 21.79 48.14
N ARG AA 11 3.29 21.86 47.50
CA ARG AA 11 2.08 21.27 48.07
C ARG AA 11 2.19 19.75 48.13
N ARG AA 12 2.79 19.15 47.11
CA ARG AA 12 3.01 17.70 47.13
C ARG AA 12 3.92 17.30 48.29
N LYS AA 13 4.98 18.06 48.54
CA LYS AA 13 5.92 17.71 49.59
C LYS AA 13 5.32 17.93 50.98
N CYS AA 14 4.52 18.98 51.14
CA CYS AA 14 3.93 19.25 52.45
C CYS AA 14 2.86 18.22 52.80
N ARG AA 15 2.09 17.77 51.82
CA ARG AA 15 1.09 16.75 52.09
C ARG AA 15 1.73 15.39 52.38
N LYS AA 16 2.83 15.08 51.71
CA LYS AA 16 3.54 13.84 51.97
C LYS AA 16 4.15 13.85 53.36
N ALA AA 17 4.71 14.98 53.77
CA ALA AA 17 5.30 15.09 55.09
C ALA AA 17 4.23 15.00 56.18
N HIS AA 18 3.06 15.58 55.94
CA HIS AA 18 2.00 15.52 56.93
C HIS AA 18 1.47 14.10 57.11
N PHE AA 19 1.17 13.41 56.01
CA PHE AA 19 0.48 12.14 56.11
C PHE AA 19 1.41 10.97 56.39
N THR AA 20 2.66 11.04 55.97
CA THR AA 20 3.65 10.03 56.34
C THR AA 20 4.45 10.48 57.55
N ALA AA 21 3.77 10.87 58.62
CA ALA AA 21 4.49 11.37 59.78
C ALA AA 21 4.60 10.28 60.84
N PRO AA 22 5.73 10.23 61.54
CA PRO AA 22 5.87 9.26 62.63
C PRO AA 22 4.98 9.64 63.81
N SER AA 23 4.91 8.72 64.76
CA SER AA 23 4.03 8.92 65.91
C SER AA 23 4.44 10.15 66.72
N SER AA 24 5.74 10.35 66.90
CA SER AA 24 6.22 11.44 67.75
C SER AA 24 6.00 12.80 67.11
N VAL AA 25 5.86 12.85 65.79
CA VAL AA 25 5.56 14.11 65.12
C VAL AA 25 4.06 14.38 65.09
N ARG AA 26 3.24 13.34 65.00
CA ARG AA 26 1.79 13.53 65.05
C ARG AA 26 1.36 14.10 66.39
N ARG AA 27 2.14 13.87 67.45
CA ARG AA 27 1.81 14.46 68.74
C ARG AA 27 1.81 15.98 68.67
N VAL AA 28 2.81 16.56 68.02
CA VAL AA 28 2.84 18.01 67.85
C VAL AA 28 1.78 18.47 66.86
N LEU AA 29 1.57 17.70 65.79
CA LEU AA 29 0.55 18.06 64.81
C LEU AA 29 -0.84 17.99 65.41
N MET AA 30 -1.06 17.08 66.36
CA MET AA 30 -2.37 16.90 67.00
C MET AA 30 -2.45 17.73 68.29
N SER AA 31 -2.23 19.03 68.15
CA SER AA 31 -2.28 19.94 69.28
C SER AA 31 -3.65 20.61 69.38
N ALA AA 32 -3.98 21.07 70.58
CA ALA AA 32 -5.25 21.71 70.85
C ALA AA 32 -5.03 23.07 71.48
N ALA AA 33 -5.99 23.96 71.26
CA ALA AA 33 -5.98 25.25 71.92
C ALA AA 33 -6.33 25.10 73.39
N LEU AA 34 -5.80 25.98 74.21
CA LEU AA 34 -6.20 26.07 75.60
C LEU AA 34 -7.42 26.97 75.73
N SER AA 35 -8.18 26.76 76.81
CA SER AA 35 -9.30 27.62 77.08
C SER AA 35 -8.81 29.02 77.48
N SER AA 36 -9.76 29.96 77.52
CA SER AA 36 -9.41 31.34 77.87
C SER AA 36 -8.81 31.42 79.27
N GLU AA 37 -9.42 30.72 80.23
CA GLU AA 37 -8.92 30.74 81.59
C GLU AA 37 -7.55 30.11 81.71
N LEU AA 38 -7.32 28.99 81.00
CA LEU AA 38 -6.03 28.32 81.08
C LEU AA 38 -4.95 29.11 80.36
N ARG AA 39 -5.29 29.73 79.23
CA ARG AA 39 -4.32 30.55 78.51
C ARG AA 39 -3.86 31.72 79.35
N HIS AA 40 -4.79 32.33 80.09
CA HIS AA 40 -4.43 33.43 80.98
C HIS AA 40 -3.56 32.96 82.13
N LYS AA 41 -3.84 31.77 82.66
CA LYS AA 41 -3.11 31.29 83.83
C LYS AA 41 -1.69 30.85 83.48
N TYR AA 42 -1.52 30.21 82.32
CA TYR AA 42 -0.23 29.66 81.93
C TYR AA 42 0.50 30.50 80.88
N ASN AA 43 -0.17 31.48 80.29
CA ASN AA 43 0.41 32.32 79.25
C ASN AA 43 0.95 31.49 78.10
N VAL AA 44 0.21 30.44 77.76
CA VAL AA 44 0.50 29.64 76.58
C VAL AA 44 -0.79 29.51 75.79
N ARG AA 45 -0.65 29.35 74.47
CA ARG AA 45 -1.79 29.35 73.56
C ARG AA 45 -2.30 27.95 73.25
N SER AA 46 -1.42 27.06 72.80
CA SER AA 46 -1.81 25.73 72.36
C SER AA 46 -0.89 24.69 72.95
N ILE AA 47 -1.42 23.48 73.11
CA ILE AA 47 -0.68 22.37 73.70
C ILE AA 47 -1.04 21.08 72.98
N PRO AA 48 -0.11 20.14 72.89
CA PRO AA 48 -0.45 18.82 72.35
C PRO AA 48 -1.44 18.09 73.22
N ILE AA 49 -2.43 17.46 72.57
CA ILE AA 49 -3.46 16.74 73.30
C ILE AA 49 -2.85 15.53 73.99
N ARG AA 50 -3.44 15.14 75.12
CA ARG AA 50 -2.96 14.01 75.90
C ARG AA 50 -4.15 13.24 76.43
N LYS AA 51 -3.91 11.98 76.78
CA LYS AA 51 -4.92 11.17 77.43
C LYS AA 51 -5.18 11.68 78.85
N ASP AA 52 -6.45 11.66 79.25
CA ASP AA 52 -6.94 12.16 80.53
C ASP AA 52 -6.92 13.68 80.64
N ASP AA 53 -6.79 14.39 79.52
CA ASP AA 53 -7.05 15.81 79.50
C ASP AA 53 -8.55 16.05 79.43
N GLU AA 54 -9.02 17.10 80.11
CA GLU AA 54 -10.42 17.48 80.04
C GLU AA 54 -10.61 18.47 78.89
N VAL AA 55 -11.60 18.20 78.05
CA VAL AA 55 -11.73 18.87 76.76
C VAL AA 55 -13.17 19.29 76.55
N GLN AA 56 -13.35 20.39 75.82
CA GLN AA 56 -14.66 20.83 75.36
C GLN AA 56 -14.65 20.94 73.84
N VAL AA 57 -15.72 20.47 73.23
CA VAL AA 57 -15.87 20.51 71.77
C VAL AA 57 -16.48 21.84 71.38
N VAL AA 58 -15.83 22.55 70.45
CA VAL AA 58 -16.25 23.88 70.06
C VAL AA 58 -16.63 23.98 68.59
N ARG AA 59 -16.61 22.86 67.86
CA ARG AA 59 -17.00 22.84 66.47
C ARG AA 59 -17.69 21.52 66.17
N GLY AA 60 -18.55 21.52 65.15
CA GLY AA 60 -19.25 20.31 64.78
C GLY AA 60 -20.60 20.18 65.46
N THR AA 61 -21.18 18.99 65.33
CA THR AA 61 -22.48 18.74 65.94
C THR AA 61 -22.39 18.49 67.43
N TYR AA 62 -21.21 18.18 67.96
CA TYR AA 62 -21.00 17.99 69.38
C TYR AA 62 -20.41 19.24 70.04
N LYS AA 63 -20.50 20.38 69.37
CA LYS AA 63 -20.02 21.64 69.92
C LYS AA 63 -20.72 21.93 71.25
N GLY AA 64 -19.93 22.27 72.26
CA GLY AA 64 -20.43 22.53 73.59
C GLY AA 64 -20.31 21.37 74.55
N ARG AA 65 -20.18 20.15 74.05
CA ARG AA 65 -20.10 18.99 74.91
C ARG AA 65 -18.71 18.85 75.51
N GLU AA 66 -18.65 18.27 76.70
CA GLU AA 66 -17.42 18.16 77.46
C GLU AA 66 -17.13 16.70 77.80
N GLY AA 67 -15.90 16.45 78.19
CA GLY AA 67 -15.51 15.12 78.59
C GLY AA 67 -14.02 15.05 78.81
N LYS AA 68 -13.51 13.84 78.99
CA LYS AA 68 -12.09 13.61 79.17
C LYS AA 68 -11.58 12.67 78.07
N VAL AA 69 -10.34 12.91 77.65
CA VAL AA 69 -9.79 12.18 76.52
C VAL AA 69 -9.53 10.74 76.92
N VAL AA 70 -10.23 9.82 76.30
CA VAL AA 70 -10.06 8.40 76.58
C VAL AA 70 -9.13 7.72 75.58
N GLN AA 71 -8.86 8.34 74.44
CA GLN AA 71 -8.04 7.72 73.41
C GLN AA 71 -7.47 8.80 72.49
N VAL AA 72 -6.22 8.62 72.12
CA VAL AA 72 -5.56 9.47 71.13
C VAL AA 72 -5.15 8.56 69.98
N TYR AA 73 -6.03 8.42 69.00
CA TYR AA 73 -5.78 7.57 67.84
C TYR AA 73 -4.95 8.37 66.84
N ARG AA 74 -3.63 8.40 67.07
CA ARG AA 74 -2.74 9.19 66.22
C ARG AA 74 -2.75 8.70 64.78
N ARG AA 75 -2.98 7.40 64.57
CA ARG AA 75 -3.03 6.85 63.22
C ARG AA 75 -4.18 7.42 62.42
N ARG AA 76 -5.26 7.80 63.09
CA ARG AA 76 -6.45 8.33 62.42
C ARG AA 76 -6.62 9.83 62.63
N TRP AA 77 -5.69 10.49 63.31
CA TRP AA 77 -5.73 11.93 63.55
C TRP AA 77 -6.96 12.36 64.32
N VAL AA 78 -7.50 11.51 65.19
CA VAL AA 78 -8.68 11.84 65.97
C VAL AA 78 -8.46 11.48 67.42
N ILE AA 79 -9.18 12.18 68.29
CA ILE AA 79 -9.24 11.85 69.71
C ILE AA 79 -10.66 11.39 70.03
N HIS AA 80 -10.76 10.55 71.06
CA HIS AA 80 -12.04 10.09 71.56
C HIS AA 80 -12.30 10.73 72.92
N VAL AA 81 -13.48 11.30 73.09
CA VAL AA 81 -13.85 12.00 74.32
C VAL AA 81 -14.91 11.17 75.03
N GLU AA 82 -14.86 11.18 76.37
CA GLU AA 82 -15.76 10.37 77.17
C GLU AA 82 -17.21 10.74 76.91
N ARG AA 83 -18.03 9.71 76.66
CA ARG AA 83 -19.48 9.83 76.47
C ARG AA 83 -19.86 10.63 75.23
N ILE AA 84 -18.94 10.85 74.30
CA ILE AA 84 -19.26 11.43 73.00
C ILE AA 84 -19.34 10.25 72.04
N THR AA 85 -20.56 9.73 71.86
CA THR AA 85 -20.74 8.42 71.26
C THR AA 85 -21.90 8.46 70.26
N ARG AA 86 -22.17 7.31 69.68
CA ARG AA 86 -23.26 7.15 68.73
C ARG AA 86 -23.70 5.69 68.76
N GLU AA 87 -24.99 5.48 68.53
CA GLU AA 87 -25.53 4.12 68.44
C GLU AA 87 -25.40 3.62 67.01
N LYS AA 88 -25.06 2.34 66.88
CA LYS AA 88 -25.00 1.71 65.57
C LYS AA 88 -26.40 1.26 65.15
N VAL AA 89 -26.48 0.63 63.98
CA VAL AA 89 -27.76 0.07 63.54
C VAL AA 89 -28.16 -1.10 64.44
N ASN AA 90 -27.19 -1.81 65.01
CA ASN AA 90 -27.49 -2.91 65.91
C ASN AA 90 -27.67 -2.46 67.36
N GLY AA 91 -27.59 -1.16 67.64
CA GLY AA 91 -27.81 -0.64 68.97
C GLY AA 91 -26.57 -0.50 69.83
N SER AA 92 -25.41 -0.99 69.37
CA SER AA 92 -24.20 -0.87 70.15
C SER AA 92 -23.69 0.58 70.13
N THR AA 93 -22.70 0.83 70.98
CA THR AA 93 -22.15 2.17 71.20
C THR AA 93 -20.75 2.26 70.62
N VAL AA 94 -20.46 3.33 69.89
CA VAL AA 94 -19.15 3.58 69.32
C VAL AA 94 -18.73 5.01 69.65
N ASN AA 95 -17.47 5.16 70.07
CA ASN AA 95 -16.92 6.48 70.32
C ASN AA 95 -16.73 7.24 69.02
N VAL AA 96 -17.06 8.52 69.04
CA VAL AA 96 -16.91 9.39 67.88
C VAL AA 96 -15.56 10.09 67.94
N GLY AA 97 -14.87 10.13 66.81
CA GLY AA 97 -13.56 10.75 66.73
C GLY AA 97 -13.65 12.21 66.32
N ILE AA 98 -12.90 13.06 67.01
CA ILE AA 98 -12.90 14.49 66.78
C ILE AA 98 -11.46 14.95 66.59
N HIS AA 99 -11.24 15.83 65.63
CA HIS AA 99 -9.91 16.39 65.42
C HIS AA 99 -9.55 17.32 66.57
N PRO AA 100 -8.34 17.23 67.13
CA PRO AA 100 -7.99 18.06 68.29
C PRO AA 100 -7.88 19.54 67.99
N SER AA 101 -7.90 19.94 66.72
CA SER AA 101 -7.91 21.35 66.37
C SER AA 101 -9.29 21.98 66.50
N LYS AA 102 -10.30 21.19 66.86
CA LYS AA 102 -11.66 21.67 67.03
C LYS AA 102 -12.13 21.56 68.47
N VAL AA 103 -11.21 21.42 69.42
CA VAL AA 103 -11.51 21.38 70.84
C VAL AA 103 -10.63 22.40 71.55
N ILE AA 104 -10.96 22.67 72.81
CA ILE AA 104 -10.13 23.47 73.70
C ILE AA 104 -9.90 22.67 74.97
N VAL AA 105 -8.68 22.69 75.48
CA VAL AA 105 -8.37 22.00 76.73
C VAL AA 105 -8.80 22.89 77.89
N THR AA 106 -9.60 22.34 78.79
CA THR AA 106 -10.10 23.07 79.96
C THR AA 106 -9.40 22.68 81.25
N LYS AA 107 -9.05 21.42 81.42
CA LYS AA 107 -8.23 20.98 82.54
C LYS AA 107 -7.06 20.18 81.99
N LEU AA 108 -5.87 20.42 82.53
CA LEU AA 108 -4.66 19.78 82.04
C LEU AA 108 -4.22 18.69 83.01
N LYS AA 109 -3.77 17.56 82.45
CA LYS AA 109 -3.12 16.52 83.23
C LYS AA 109 -1.62 16.80 83.24
N LEU AA 110 -1.08 17.07 84.42
CA LEU AA 110 0.30 17.50 84.59
C LEU AA 110 1.05 16.45 85.40
N ASP AA 111 2.07 15.82 84.80
CA ASP AA 111 2.87 14.93 85.61
C ASP AA 111 4.19 15.55 86.07
N LYS AA 112 5.18 15.66 85.20
CA LYS AA 112 6.38 16.43 85.51
C LYS AA 112 6.91 17.10 84.25
N ASP AA 113 6.65 16.50 83.10
CA ASP AA 113 7.09 17.03 81.82
C ASP AA 113 6.06 17.97 81.21
N ARG AA 114 4.79 17.87 81.61
CA ARG AA 114 3.81 18.86 81.19
C ARG AA 114 4.15 20.23 81.77
N LYS AA 115 4.54 20.27 83.04
CA LYS AA 115 4.94 21.54 83.65
C LYS AA 115 6.19 22.11 82.99
N ALA AA 116 7.17 21.25 82.72
CA ALA AA 116 8.39 21.72 82.06
C ALA AA 116 8.09 22.25 80.67
N LEU AA 117 7.22 21.55 79.94
CA LEU AA 117 6.80 22.04 78.62
C LEU AA 117 6.07 23.36 78.73
N LEU AA 118 5.20 23.50 79.73
CA LEU AA 118 4.48 24.75 79.92
C LEU AA 118 5.43 25.90 80.25
N ASP AA 119 6.50 25.62 80.98
CA ASP AA 119 7.48 26.65 81.29
C ASP AA 119 8.22 27.12 80.04
N ARG AA 120 8.62 26.17 79.20
CA ARG AA 120 9.35 26.53 77.98
C ARG AA 120 8.49 27.39 77.07
N LYS AA 121 7.22 27.01 76.88
CA LYS AA 121 6.37 27.72 75.94
C LYS AA 121 5.92 29.07 76.50
N ALA AA 122 5.82 29.19 77.83
CA ALA AA 122 5.44 30.46 78.42
C ALA AA 122 6.48 31.53 78.18
N ARG AA 123 7.77 31.19 78.31
CA ARG AA 123 8.83 32.19 78.25
C ARG AA 123 8.84 32.91 76.91
N GLY AA 124 8.69 32.16 75.82
CA GLY AA 124 8.60 32.80 74.52
C GLY AA 124 7.34 33.64 74.38
N ARG AA 125 6.21 33.11 74.85
CA ARG AA 125 4.94 33.81 74.79
C ARG AA 125 4.80 34.88 75.86
N ALA AA 126 5.76 34.99 76.79
CA ALA AA 126 5.77 36.04 77.80
C ALA AA 126 6.66 37.22 77.42
N ALA AA 127 7.80 36.94 76.78
CA ALA AA 127 8.73 37.99 76.40
C ALA AA 127 8.23 38.77 75.18
N LYS BA 3 66.59 -98.92 39.63
CA LYS BA 3 67.77 -99.27 40.42
C LYS BA 3 68.33 -98.06 41.14
N PHE BA 4 67.82 -96.88 40.80
CA PHE BA 4 68.24 -95.63 41.43
C PHE BA 4 67.30 -95.18 42.54
N LEU BA 5 66.28 -95.96 42.87
CA LEU BA 5 65.39 -95.67 43.99
C LEU BA 5 65.78 -96.63 45.12
N LYS BA 6 66.76 -96.21 45.91
CA LYS BA 6 67.30 -96.99 47.01
C LYS BA 6 67.36 -96.12 48.25
N PRO BA 7 67.37 -96.73 49.43
CA PRO BA 7 67.54 -95.94 50.65
C PRO BA 7 68.83 -95.14 50.59
N GLY BA 8 68.74 -93.87 51.01
CA GLY BA 8 69.86 -92.96 50.96
C GLY BA 8 69.86 -92.01 49.78
N LYS BA 9 69.05 -92.30 48.75
CA LYS BA 9 68.98 -91.45 47.58
C LYS BA 9 68.02 -90.30 47.81
N ALA BA 10 68.37 -89.13 47.28
CA ALA BA 10 67.59 -87.92 47.48
C ALA BA 10 66.56 -87.76 46.37
N VAL BA 11 65.37 -87.30 46.74
CA VAL BA 11 64.26 -87.11 45.81
C VAL BA 11 63.66 -85.74 46.04
N ILE BA 12 62.74 -85.37 45.15
CA ILE BA 12 61.94 -84.16 45.30
C ILE BA 12 60.47 -84.56 45.18
N LEU BA 13 59.66 -84.10 46.13
CA LEU BA 13 58.22 -84.34 46.09
C LEU BA 13 57.56 -83.40 45.09
N LEU BA 14 56.66 -83.95 44.27
CA LEU BA 14 56.03 -83.18 43.22
C LEU BA 14 54.60 -82.78 43.52
N GLN BA 15 53.95 -83.41 44.49
CA GLN BA 15 52.54 -83.18 44.76
C GLN BA 15 52.31 -83.17 46.26
N GLY BA 16 51.13 -82.71 46.66
CA GLY BA 16 50.72 -82.79 48.05
C GLY BA 16 51.07 -81.56 48.87
N ARG BA 17 51.02 -81.75 50.19
CA ARG BA 17 51.35 -80.68 51.12
C ARG BA 17 52.82 -80.31 51.06
N PHE BA 18 53.70 -81.28 50.82
CA PHE BA 18 55.14 -81.05 50.79
C PHE BA 18 55.69 -80.99 49.37
N ALA BA 19 54.92 -80.47 48.43
CA ALA BA 19 55.40 -80.35 47.06
C ALA BA 19 56.60 -79.41 46.98
N GLY BA 20 57.60 -79.80 46.21
CA GLY BA 20 58.80 -79.00 46.07
C GLY BA 20 59.80 -79.15 47.18
N ARG BA 21 59.59 -80.06 48.13
CA ARG BA 21 60.51 -80.26 49.23
C ARG BA 21 61.48 -81.39 48.92
N LYS BA 22 62.67 -81.30 49.50
CA LYS BA 22 63.70 -82.31 49.31
C LYS BA 22 63.60 -83.35 50.42
N ALA BA 23 63.73 -84.62 50.03
CA ALA BA 23 63.61 -85.73 50.97
C ALA BA 23 64.63 -86.80 50.63
N VAL BA 24 64.91 -87.64 51.62
CA VAL BA 24 65.79 -88.79 51.45
C VAL BA 24 64.95 -90.06 51.61
N ILE BA 25 65.23 -91.05 50.78
CA ILE BA 25 64.54 -92.34 50.87
C ILE BA 25 65.09 -93.11 52.06
N VAL BA 26 64.20 -93.79 52.79
CA VAL BA 26 64.57 -94.61 53.93
C VAL BA 26 64.30 -96.09 53.67
N ARG BA 27 63.18 -96.41 53.04
CA ARG BA 27 62.81 -97.78 52.72
C ARG BA 27 62.01 -97.77 51.43
N VAL BA 28 62.26 -98.76 50.58
CA VAL BA 28 61.61 -98.85 49.27
C VAL BA 28 60.75 -100.10 49.23
N PHE BA 29 59.46 -99.91 48.99
CA PHE BA 29 58.54 -101.02 48.70
C PHE BA 29 58.30 -101.04 47.20
N GLU BA 30 59.26 -101.63 46.47
CA GLU BA 30 59.24 -101.54 45.01
C GLU BA 30 57.99 -102.17 44.43
N GLU BA 31 57.63 -103.36 44.91
CA GLU BA 31 56.42 -104.01 44.42
C GLU BA 31 55.17 -103.40 45.03
N GLY BA 32 55.24 -102.92 46.26
CA GLY BA 32 54.09 -102.39 46.95
C GLY BA 32 53.48 -103.40 47.91
N THR BA 33 52.87 -102.88 48.97
CA THR BA 33 52.22 -103.73 49.96
C THR BA 33 50.82 -104.09 49.48
N ARG BA 34 50.05 -104.76 50.33
CA ARG BA 34 48.66 -105.08 49.97
C ARG BA 34 47.77 -103.86 50.11
N ASP BA 35 48.03 -103.01 51.10
CA ASP BA 35 47.31 -101.74 51.20
C ASP BA 35 47.63 -100.84 50.01
N ARG BA 36 48.90 -100.79 49.60
CA ARG BA 36 49.34 -99.98 48.47
C ARG BA 36 49.87 -100.87 47.36
N PRO BA 37 49.06 -101.20 46.35
CA PRO BA 37 49.55 -102.05 45.25
C PRO BA 37 50.71 -101.44 44.47
N TYR BA 38 50.73 -100.11 44.32
CA TYR BA 38 51.77 -99.45 43.55
C TYR BA 38 53.08 -99.42 44.33
N GLY BA 39 54.18 -99.27 43.59
CA GLY BA 39 55.47 -99.05 44.22
C GLY BA 39 55.50 -97.72 44.96
N HIS BA 40 56.11 -97.72 46.14
CA HIS BA 40 56.16 -96.53 46.98
C HIS BA 40 57.31 -96.68 47.95
N CYS BA 41 57.73 -95.54 48.51
CA CYS BA 41 58.84 -95.54 49.46
C CYS BA 41 58.50 -94.66 50.65
N LEU BA 42 59.13 -94.97 51.78
CA LEU BA 42 59.11 -94.09 52.94
C LEU BA 42 60.25 -93.08 52.80
N VAL BA 43 59.92 -91.80 52.96
CA VAL BA 43 60.90 -90.73 52.80
C VAL BA 43 60.93 -89.88 54.06
N ALA BA 44 62.07 -89.23 54.29
CA ALA BA 44 62.24 -88.25 55.34
C ALA BA 44 62.67 -86.95 54.68
N GLY BA 45 61.82 -85.92 54.79
CA GLY BA 45 62.04 -84.68 54.09
C GLY BA 45 62.12 -83.49 55.03
N LEU BA 46 62.47 -82.34 54.44
CA LEU BA 46 62.61 -81.09 55.17
C LEU BA 46 61.32 -80.29 55.01
N ALA BA 47 60.57 -80.15 56.10
CA ALA BA 47 59.42 -79.25 56.10
C ALA BA 47 59.86 -77.80 56.22
N LYS BA 48 60.94 -77.54 56.94
CA LYS BA 48 61.50 -76.21 57.10
C LYS BA 48 63.00 -76.28 56.88
N TYR BA 49 63.49 -75.57 55.87
CA TYR BA 49 64.92 -75.57 55.58
C TYR BA 49 65.68 -74.72 56.58
N PRO BA 50 66.91 -75.11 56.91
CA PRO BA 50 67.76 -74.21 57.71
C PRO BA 50 68.03 -72.93 56.94
N LYS BA 51 68.04 -71.82 57.67
CA LYS BA 51 68.10 -70.52 57.03
C LYS BA 51 69.54 -70.13 56.73
N LYS BA 52 69.69 -69.06 55.95
CA LYS BA 52 71.01 -68.63 55.49
C LYS BA 52 71.86 -68.17 56.66
N VAL BA 53 73.00 -68.83 56.85
CA VAL BA 53 73.88 -68.61 57.99
C VAL BA 53 75.11 -67.85 57.51
N ILE BA 54 75.37 -66.69 58.10
CA ILE BA 54 76.44 -65.81 57.67
C ILE BA 54 77.30 -65.43 58.87
N ARG BA 55 78.52 -64.97 58.56
CA ARG BA 55 79.50 -64.66 59.60
C ARG BA 55 79.04 -63.48 60.47
N LYS BA 56 78.43 -62.46 59.86
CA LYS BA 56 78.06 -61.25 60.59
C LYS BA 56 77.11 -61.54 61.75
N ASP BA 57 76.40 -62.65 61.69
CA ASP BA 57 75.38 -62.99 62.68
C ASP BA 57 76.01 -63.24 64.05
N SER BA 58 75.20 -63.04 65.09
CA SER BA 58 75.62 -63.35 66.45
C SER BA 58 75.50 -64.85 66.71
N ALA BA 59 76.09 -65.29 67.82
CA ALA BA 59 76.17 -66.72 68.10
C ALA BA 59 74.81 -67.33 68.41
N LYS BA 60 73.97 -66.62 69.17
CA LYS BA 60 72.64 -67.13 69.47
C LYS BA 60 71.78 -67.20 68.22
N LYS BA 61 71.87 -66.18 67.36
CA LYS BA 61 71.01 -66.13 66.18
C LYS BA 61 71.36 -67.24 65.19
N THR BA 62 72.65 -67.50 64.97
CA THR BA 62 73.02 -68.56 64.02
C THR BA 62 72.64 -69.94 64.54
N ALA BA 63 72.50 -70.08 65.85
CA ALA BA 63 71.99 -71.34 66.39
C ALA BA 63 70.51 -71.52 66.05
N LYS BA 64 69.77 -70.41 65.99
CA LYS BA 64 68.36 -70.49 65.64
C LYS BA 64 68.16 -70.73 64.15
N LYS BA 65 69.07 -70.23 63.32
CA LYS BA 65 68.92 -70.38 61.87
C LYS BA 65 69.30 -71.76 61.39
N SER BA 66 70.03 -72.54 62.20
CA SER BA 66 70.47 -73.86 61.81
C SER BA 66 69.42 -74.94 62.08
N ARG BA 67 68.30 -74.60 62.68
CA ARG BA 67 67.29 -75.60 63.03
C ARG BA 67 66.56 -76.07 61.77
N VAL BA 68 66.10 -77.33 61.82
CA VAL BA 68 65.32 -77.93 60.74
C VAL BA 68 64.09 -78.59 61.32
N LYS BA 69 63.08 -78.75 60.48
CA LYS BA 69 61.95 -79.61 60.78
C LYS BA 69 61.90 -80.74 59.76
N CYS BA 70 61.51 -81.92 60.23
CA CYS BA 70 61.49 -83.11 59.42
C CYS BA 70 60.08 -83.68 59.36
N PHE BA 71 59.71 -84.19 58.19
CA PHE BA 71 58.45 -84.89 58.01
C PHE BA 71 58.71 -86.30 57.49
N LEU BA 72 57.84 -87.23 57.86
CA LEU BA 72 57.87 -88.60 57.37
C LEU BA 72 56.63 -88.82 56.51
N LYS BA 73 56.81 -89.47 55.37
CA LYS BA 73 55.71 -89.59 54.41
C LYS BA 73 55.94 -90.80 53.51
N LEU BA 74 54.87 -91.52 53.21
CA LEU BA 74 54.88 -92.55 52.19
C LEU BA 74 54.43 -91.92 50.87
N VAL BA 75 55.24 -92.06 49.83
CA VAL BA 75 54.99 -91.38 48.57
C VAL BA 75 54.99 -92.39 47.44
N ASN BA 76 53.94 -92.35 46.61
CA ASN BA 76 53.94 -93.04 45.33
C ASN BA 76 55.17 -92.67 44.52
N PHE BA 77 55.68 -93.64 43.75
CA PHE BA 77 56.85 -93.38 42.90
C PHE BA 77 56.58 -92.26 41.90
N THR BA 78 55.34 -92.15 41.41
CA THR BA 78 55.00 -91.16 40.40
C THR BA 78 54.90 -89.75 40.94
N HIS BA 79 54.92 -89.57 42.27
CA HIS BA 79 54.92 -88.24 42.86
C HIS BA 79 56.30 -87.81 43.31
N ILE BA 80 57.34 -88.44 42.78
CA ILE BA 80 58.71 -88.22 43.21
C ILE BA 80 59.57 -87.91 41.99
N MET BA 81 60.41 -86.89 42.11
CA MET BA 81 61.43 -86.60 41.11
C MET BA 81 62.75 -87.11 41.64
N PRO BA 82 63.31 -88.19 41.11
CA PRO BA 82 64.57 -88.73 41.64
C PRO BA 82 65.76 -87.93 41.14
N THR BA 83 66.62 -87.53 42.07
CA THR BA 83 67.80 -86.76 41.75
C THR BA 83 69.03 -87.67 41.71
N ARG BA 84 70.18 -87.08 41.43
CA ARG BA 84 71.44 -87.81 41.41
C ARG BA 84 72.20 -87.74 42.73
N TYR BA 85 71.71 -86.95 43.68
CA TYR BA 85 72.41 -86.72 44.92
C TYR BA 85 72.12 -87.84 45.93
N THR BA 86 72.94 -87.89 46.97
CA THR BA 86 72.87 -88.95 47.97
C THR BA 86 73.14 -88.37 49.35
N LEU BA 87 72.32 -88.75 50.32
CA LEU BA 87 72.48 -88.31 51.71
C LEU BA 87 72.31 -89.52 52.61
N ASP BA 88 73.40 -89.95 53.26
CA ASP BA 88 73.38 -91.13 54.12
C ASP BA 88 73.63 -90.73 55.57
N VAL BA 89 72.68 -91.02 56.44
CA VAL BA 89 72.80 -90.66 57.86
C VAL BA 89 72.41 -91.81 58.76
N ASP BA 90 72.29 -93.02 58.20
CA ASP BA 90 72.03 -94.24 58.95
C ASP BA 90 70.72 -94.14 59.74
N PHE BA 91 69.61 -94.03 59.00
CA PHE BA 91 68.30 -93.96 59.61
C PHE BA 91 67.77 -95.35 59.98
N LYS BA 92 67.59 -96.20 58.97
CA LYS BA 92 67.14 -97.59 59.17
C LYS BA 92 65.80 -97.64 59.91
N ASP BA 93 64.79 -97.06 59.27
CA ASP BA 93 63.45 -97.01 59.85
C ASP BA 93 62.45 -97.80 59.01
N ALA BA 103 53.51 -95.56 63.03
CA ALA BA 103 52.18 -96.11 63.26
C ALA BA 103 51.34 -95.19 64.13
N THR BA 104 51.70 -95.07 65.40
CA THR BA 104 50.97 -94.20 66.32
C THR BA 104 51.37 -92.75 66.10
N ARG BA 105 50.50 -91.84 66.56
CA ARG BA 105 50.82 -90.42 66.51
C ARG BA 105 51.93 -90.03 67.46
N ASP BA 106 52.30 -90.90 68.40
CA ASP BA 106 53.39 -90.65 69.33
C ASP BA 106 54.70 -91.27 68.85
N LYS BA 107 54.63 -92.45 68.24
CA LYS BA 107 55.82 -93.06 67.66
C LYS BA 107 56.29 -92.30 66.43
N LYS BA 108 55.35 -91.76 65.65
CA LYS BA 108 55.71 -91.04 64.43
C LYS BA 108 56.45 -89.74 64.76
N VAL BA 109 55.91 -88.97 65.70
CA VAL BA 109 56.52 -87.69 66.04
C VAL BA 109 57.87 -87.88 66.72
N ALA BA 110 58.00 -88.92 67.54
CA ALA BA 110 59.29 -89.21 68.17
C ALA BA 110 60.34 -89.59 67.14
N SER BA 111 59.97 -90.40 66.15
CA SER BA 111 60.90 -90.77 65.10
C SER BA 111 61.28 -89.56 64.25
N CYS BA 112 60.36 -88.60 64.13
CA CYS BA 112 60.68 -87.37 63.41
C CYS BA 112 61.74 -86.56 64.15
N LYS BA 113 61.68 -86.55 65.48
CA LYS BA 113 62.64 -85.78 66.27
C LYS BA 113 64.04 -86.38 66.19
N ALA BA 114 64.13 -87.71 66.11
CA ALA BA 114 65.43 -88.35 65.96
C ALA BA 114 66.09 -87.97 64.64
N ALA BA 115 65.32 -88.00 63.56
CA ALA BA 115 65.87 -87.63 62.25
C ALA BA 115 66.23 -86.15 62.20
N LYS BA 116 65.51 -85.32 62.96
CA LYS BA 116 65.83 -83.90 63.03
C LYS BA 116 67.21 -83.68 63.65
N ALA BA 117 67.53 -84.44 64.70
CA ALA BA 117 68.83 -84.31 65.34
C ALA BA 117 69.95 -84.74 64.40
N ARG BA 118 69.74 -85.83 63.66
CA ARG BA 118 70.76 -86.30 62.74
C ARG BA 118 70.94 -85.35 61.57
N LEU BA 119 69.85 -84.78 61.06
CA LEU BA 119 69.95 -83.89 59.90
C LEU BA 119 70.49 -82.52 60.28
N GLU BA 120 70.19 -82.05 61.49
CA GLU BA 120 70.79 -80.80 61.94
C GLU BA 120 72.30 -80.96 62.13
N GLU BA 121 72.72 -82.13 62.59
CA GLU BA 121 74.14 -82.39 62.78
C GLU BA 121 74.87 -82.49 61.44
N ARG BA 122 74.22 -83.11 60.44
CA ARG BA 122 74.81 -83.19 59.12
C ARG BA 122 74.95 -81.81 58.48
N PHE BA 123 73.95 -80.95 58.69
CA PHE BA 123 74.01 -79.61 58.11
C PHE BA 123 75.17 -78.80 58.68
N LYS BA 124 75.41 -78.91 60.00
CA LYS BA 124 76.50 -78.18 60.61
C LYS BA 124 77.86 -78.63 60.09
N THR BA 125 77.95 -79.89 59.65
CA THR BA 125 79.21 -80.42 59.15
C THR BA 125 79.69 -79.65 57.92
N GLY BA 126 78.76 -79.09 57.15
CA GLY BA 126 79.09 -78.33 55.97
C GLY BA 126 78.87 -79.08 54.67
N LYS BA 127 78.66 -80.39 54.74
CA LYS BA 127 78.43 -81.21 53.56
C LYS BA 127 76.97 -81.09 53.10
N ASN BA 128 76.70 -81.66 51.93
CA ASN BA 128 75.36 -81.72 51.37
C ASN BA 128 74.69 -80.35 51.34
N ARG BA 129 75.40 -79.39 50.75
CA ARG BA 129 74.87 -78.03 50.69
C ARG BA 129 73.63 -77.94 49.80
N TRP BA 130 73.57 -78.77 48.75
CA TRP BA 130 72.40 -78.79 47.88
C TRP BA 130 71.16 -79.26 48.64
N PHE BA 131 71.32 -80.23 49.54
CA PHE BA 131 70.17 -80.83 50.19
C PHE BA 131 69.44 -79.86 51.12
N PHE BA 132 70.15 -78.89 51.69
CA PHE BA 132 69.57 -78.00 52.68
C PHE BA 132 69.27 -76.60 52.13
N THR BA 133 69.30 -76.41 50.82
CA THR BA 133 69.26 -75.06 50.27
C THR BA 133 68.00 -74.78 49.45
N LYS BA 134 66.91 -75.50 49.72
CA LYS BA 134 65.61 -75.19 49.13
C LYS BA 134 65.60 -75.33 47.61
N LEU BA 135 64.43 -75.13 47.01
CA LEU BA 135 64.29 -75.08 45.56
C LEU BA 135 63.46 -73.86 45.21
N ARG BA 136 63.75 -73.26 44.07
CA ARG BA 136 63.13 -71.99 43.68
C ARG BA 136 62.33 -72.19 42.40
N PHE BA 137 61.02 -72.07 42.51
CA PHE BA 137 60.12 -72.22 41.38
C PHE BA 137 58.98 -71.22 41.47
N THR CA 2 5.75 30.62 16.43
CA THR CA 2 4.65 30.43 17.36
C THR CA 2 3.50 29.69 16.69
N THR CA 3 3.04 28.63 17.36
CA THR CA 3 2.18 27.63 16.72
C THR CA 3 0.85 28.22 16.26
N ARG CA 4 0.36 29.27 16.93
CA ARG CA 4 -0.98 29.77 16.63
C ARG CA 4 -1.04 30.48 15.27
N PHE CA 5 0.09 30.90 14.73
CA PHE CA 5 0.13 31.62 13.46
C PHE CA 5 0.61 30.78 12.30
N LYS CA 6 0.94 29.51 12.54
CA LYS CA 6 1.42 28.64 11.48
C LYS CA 6 0.30 28.27 10.51
N LYS CA 7 0.66 28.05 9.26
CA LYS CA 7 -0.30 27.73 8.21
C LYS CA 7 -0.82 26.31 8.30
N ASN CA 8 -0.17 25.43 9.06
CA ASN CA 8 -0.71 24.10 9.29
C ASN CA 8 -2.01 24.17 10.08
N ARG CA 9 -2.16 25.18 10.94
CA ARG CA 9 -3.41 25.36 11.68
C ARG CA 9 -4.55 25.79 10.76
N LYS CA 10 -4.23 26.44 9.64
CA LYS CA 10 -5.25 26.80 8.66
C LYS CA 10 -5.59 25.66 7.71
N LYS CA 11 -4.81 24.59 7.72
CA LYS CA 11 -5.00 23.45 6.83
C LYS CA 11 -5.64 22.26 7.53
N ARG CA 12 -6.15 22.44 8.74
CA ARG CA 12 -6.83 21.36 9.43
C ARG CA 12 -8.18 21.10 8.79
N GLY CA 13 -8.43 19.86 8.42
CA GLY CA 13 -9.59 19.48 7.65
C GLY CA 13 -9.34 19.34 6.17
N HIS CA 14 -8.25 19.91 5.67
CA HIS CA 14 -7.86 19.76 4.28
C HIS CA 14 -6.85 18.63 4.17
N VAL CA 15 -7.12 17.70 3.24
CA VAL CA 15 -6.57 16.35 3.35
C VAL CA 15 -5.05 16.36 3.26
N SER CA 16 -4.50 17.01 2.25
CA SER CA 16 -3.10 16.86 1.90
C SER CA 16 -2.18 17.84 2.62
N ALA CA 17 -2.72 18.75 3.43
CA ALA CA 17 -1.93 19.74 4.16
C ALA CA 17 -1.14 20.63 3.22
N GLY CA 18 -1.70 20.92 2.06
CA GLY CA 18 -1.08 21.82 1.11
C GLY CA 18 0.06 21.25 0.30
N HIS CA 19 0.17 19.93 0.19
CA HIS CA 19 1.27 19.31 -0.54
C HIS CA 19 0.82 18.55 -1.78
N GLY CA 20 -0.45 18.56 -2.09
CA GLY CA 20 -0.91 17.95 -3.33
C GLY CA 20 -1.36 16.52 -3.14
N ARG CA 21 -2.31 16.11 -3.99
CA ARG CA 21 -2.78 14.74 -4.01
C ARG CA 21 -1.99 13.85 -4.94
N VAL CA 22 -1.25 14.42 -5.90
CA VAL CA 22 -0.54 13.65 -6.91
C VAL CA 22 0.94 13.60 -6.55
N GLY CA 23 1.60 14.75 -6.54
CA GLY CA 23 2.97 14.89 -6.10
C GLY CA 23 3.04 15.09 -4.60
N LYS CA 24 2.91 14.02 -3.86
CA LYS CA 24 2.70 14.08 -2.41
C LYS CA 24 3.96 14.59 -1.71
N HIS CA 25 3.92 14.60 -0.39
CA HIS CA 25 5.09 14.88 0.43
C HIS CA 25 5.77 13.57 0.80
N ARG CA 26 6.90 13.30 0.18
CA ARG CA 26 7.69 12.10 0.41
C ARG CA 26 8.96 12.46 1.19
N LYS CA 27 9.86 11.50 1.33
CA LYS CA 27 10.99 11.65 2.23
C LYS CA 27 12.09 12.50 1.61
N HIS CA 28 12.71 12.03 0.52
CA HIS CA 28 13.80 12.77 -0.12
C HIS CA 28 13.79 12.51 -1.63
N PRO CA 29 12.77 13.00 -2.33
CA PRO CA 29 12.82 12.97 -3.80
C PRO CA 29 13.80 14.01 -4.32
N GLY CA 30 14.82 13.55 -5.01
CA GLY CA 30 15.94 14.37 -5.43
C GLY CA 30 17.22 14.12 -4.68
N GLY CA 31 17.18 13.38 -3.58
CA GLY CA 31 18.36 13.12 -2.78
C GLY CA 31 18.40 13.95 -1.52
N ARG CA 32 19.55 13.89 -0.86
CA ARG CA 32 19.76 14.56 0.42
C ARG CA 32 20.78 15.67 0.25
N GLY CA 33 20.49 16.84 0.82
CA GLY CA 33 21.44 17.93 0.81
C GLY CA 33 21.76 18.41 -0.60
N ASN CA 34 23.06 18.47 -0.90
CA ASN CA 34 23.55 18.92 -2.19
C ASN CA 34 23.75 17.79 -3.18
N ALA CA 35 23.01 16.70 -3.03
CA ALA CA 35 23.13 15.55 -3.92
C ALA CA 35 22.77 15.91 -5.36
N GLY CA 36 23.45 15.27 -6.29
CA GLY CA 36 23.15 15.41 -7.70
C GLY CA 36 23.42 16.77 -8.28
N GLY CA 37 24.30 17.55 -7.65
CA GLY CA 37 24.60 18.91 -8.11
C GLY CA 37 25.24 18.97 -9.47
N MET CA 38 25.69 17.84 -10.01
CA MET CA 38 26.18 17.76 -11.37
C MET CA 38 25.32 16.88 -12.26
N HIS CA 39 24.30 16.21 -11.72
CA HIS CA 39 23.51 15.27 -12.50
C HIS CA 39 22.07 15.72 -12.73
N HIS CA 40 21.26 15.88 -11.68
CA HIS CA 40 19.89 16.33 -11.87
C HIS CA 40 19.64 17.68 -11.23
N HIS CA 41 20.62 18.24 -10.53
CA HIS CA 41 20.56 19.60 -10.02
C HIS CA 41 21.57 20.50 -10.72
N ARG CA 42 22.05 20.09 -11.89
CA ARG CA 42 23.11 20.83 -12.57
C ARG CA 42 22.64 22.22 -13.01
N ILE CA 43 21.41 22.32 -13.53
CA ILE CA 43 20.90 23.61 -13.97
C ILE CA 43 20.80 24.58 -12.80
N LEU CA 44 20.34 24.09 -11.64
CA LEU CA 44 20.24 24.93 -10.45
C LEU CA 44 21.62 25.39 -9.98
N PHE CA 45 22.59 24.49 -9.98
CA PHE CA 45 23.94 24.86 -9.56
C PHE CA 45 24.61 25.79 -10.56
N ASP CA 46 24.36 25.57 -11.85
CA ASP CA 46 24.97 26.43 -12.86
C ASP CA 46 24.34 27.82 -12.89
N LYS CA 47 23.04 27.90 -12.68
CA LYS CA 47 22.32 29.18 -12.78
C LYS CA 47 22.57 30.07 -11.58
N TYR CA 48 22.55 29.52 -10.37
CA TYR CA 48 22.61 30.31 -9.16
C TYR CA 48 23.96 30.26 -8.48
N HIS CA 49 24.81 29.29 -8.80
CA HIS CA 49 26.15 29.20 -8.23
C HIS CA 49 27.17 28.85 -9.30
N PRO CA 50 27.39 29.75 -10.27
CA PRO CA 50 28.55 29.59 -11.14
C PRO CA 50 29.82 29.68 -10.31
N GLY CA 51 30.79 28.83 -10.64
CA GLY CA 51 32.03 28.79 -9.91
C GLY CA 51 32.14 27.69 -8.88
N TYR CA 52 31.09 26.90 -8.67
CA TYR CA 52 31.02 26.05 -7.48
C TYR CA 52 32.03 24.91 -7.53
N PHE CA 53 32.12 24.19 -8.65
CA PHE CA 53 33.03 23.06 -8.76
C PHE CA 53 34.38 23.52 -9.32
N GLY CA 54 35.40 22.70 -9.06
CA GLY CA 54 36.74 22.98 -9.56
C GLY CA 54 37.66 23.57 -8.52
N LYS CA 55 38.87 23.87 -8.96
CA LYS CA 55 39.97 24.28 -8.09
C LYS CA 55 40.76 25.38 -8.77
N VAL CA 56 40.83 26.56 -8.15
CA VAL CA 56 41.64 27.66 -8.66
C VAL CA 56 42.53 28.18 -7.54
N GLY CA 57 43.74 28.57 -7.90
CA GLY CA 57 44.66 29.17 -6.95
C GLY CA 57 45.56 28.17 -6.27
N MET CA 58 46.42 28.69 -5.41
CA MET CA 58 47.37 27.87 -4.68
C MET CA 58 47.02 27.83 -3.21
N ARG CA 59 47.38 26.72 -2.57
CA ARG CA 59 47.11 26.52 -1.17
C ARG CA 59 48.06 27.33 -0.30
N TYR CA 60 47.65 27.54 0.94
CA TYR CA 60 48.43 28.24 1.95
C TYR CA 60 48.26 27.42 3.23
N PHE CA 61 49.26 26.62 3.56
CA PHE CA 61 49.22 25.87 4.81
C PHE CA 61 49.42 26.82 5.99
N HIS CA 62 48.61 26.62 7.03
CA HIS CA 62 48.71 27.36 8.28
C HIS CA 62 48.63 28.87 8.06
N LYS CA 63 47.62 29.28 7.29
CA LYS CA 63 47.44 30.68 6.94
C LYS CA 63 46.85 31.42 8.14
N LEU CA 64 47.67 32.23 8.80
CA LEU CA 64 47.23 33.00 9.95
C LEU CA 64 46.59 34.30 9.49
N SER CA 65 45.39 34.58 10.00
CA SER CA 65 44.65 35.76 9.57
C SER CA 65 45.36 37.05 9.97
N ASN CA 66 45.98 37.06 11.15
CA ASN CA 66 46.57 38.29 11.68
C ASN CA 66 47.75 38.77 10.84
N ARG CA 67 48.31 37.92 9.98
CA ARG CA 67 49.37 38.36 9.09
C ARG CA 67 48.85 39.35 8.04
N PHE CA 68 47.59 39.24 7.67
CA PHE CA 68 46.98 40.06 6.63
C PHE CA 68 46.08 41.13 7.19
N TYR CA 69 46.21 41.44 8.49
CA TYR CA 69 45.36 42.44 9.13
C TYR CA 69 45.85 43.83 8.73
N THR CA 70 45.09 44.51 7.88
CA THR CA 70 45.37 45.88 7.47
C THR CA 70 44.05 46.63 7.39
N PRO CA 71 43.59 47.18 8.51
CA PRO CA 71 42.40 48.04 8.46
C PRO CA 71 42.71 49.35 7.75
N THR CA 72 41.73 49.86 7.01
CA THR CA 72 41.92 51.01 6.14
C THR CA 72 40.89 52.08 6.43
N VAL CA 73 41.25 53.33 6.15
CA VAL CA 73 40.37 54.48 6.32
C VAL CA 73 40.59 55.43 5.14
N ASN CA 74 39.50 56.04 4.67
CA ASN CA 74 39.56 56.96 3.54
C ASN CA 74 39.84 58.38 4.02
N VAL CA 75 40.33 59.21 3.10
CA VAL CA 75 40.64 60.60 3.44
C VAL CA 75 39.37 61.36 3.80
N GLU CA 76 38.24 61.03 3.18
CA GLU CA 76 36.99 61.75 3.41
C GLU CA 76 36.51 61.66 4.85
N ARG CA 77 37.12 60.81 5.67
CA ARG CA 77 36.73 60.65 7.07
C ARG CA 77 37.79 61.15 8.04
N LEU CA 78 38.92 61.65 7.55
CA LEU CA 78 40.03 62.02 8.43
C LEU CA 78 39.66 63.16 9.37
N TRP CA 79 38.93 64.16 8.86
CA TRP CA 79 38.66 65.35 9.65
C TRP CA 79 37.63 65.13 10.76
N SER CA 80 36.92 64.00 10.75
CA SER CA 80 36.03 63.69 11.85
C SER CA 80 36.79 63.28 13.10
N MET CA 81 38.04 62.84 12.94
CA MET CA 81 38.89 62.51 14.07
C MET CA 81 39.52 63.74 14.72
N VAL CA 82 39.50 64.89 14.05
CA VAL CA 82 40.03 66.12 14.60
C VAL CA 82 38.93 66.77 15.43
N PRO CA 83 39.17 67.06 16.71
CA PRO CA 83 38.13 67.70 17.54
C PRO CA 83 37.89 69.14 17.12
N SER CA 84 36.76 69.67 17.58
CA SER CA 84 36.35 71.01 17.18
C SER CA 84 37.37 72.07 17.62
N GLU CA 85 37.81 71.99 18.87
CA GLU CA 85 38.72 73.01 19.39
C GLU CA 85 40.10 72.91 18.75
N LYS CA 86 40.49 71.75 18.25
CA LYS CA 86 41.75 71.63 17.54
C LYS CA 86 41.66 72.24 16.15
N ALA CA 87 40.52 72.07 15.49
CA ALA CA 87 40.34 72.70 14.18
C ALA CA 87 40.27 74.21 14.29
N ALA CA 88 39.64 74.72 15.37
CA ALA CA 88 39.61 76.16 15.58
C ALA CA 88 41.01 76.71 15.79
N GLU CA 89 41.86 75.99 16.53
CA GLU CA 89 43.21 76.45 16.77
C GLU CA 89 44.04 76.46 15.50
N ALA CA 90 43.75 75.56 14.57
CA ALA CA 90 44.53 75.43 13.36
C ALA CA 90 44.05 76.41 12.30
N LYS CA 94 48.84 76.49 10.52
CA LYS CA 94 49.20 75.22 11.13
C LYS CA 94 48.13 74.18 10.87
N ALA CA 95 48.51 72.91 10.98
CA ALA CA 95 47.61 71.81 10.64
C ALA CA 95 47.56 70.81 11.78
N PRO CA 96 46.38 70.28 12.10
CA PRO CA 96 46.32 69.16 13.04
C PRO CA 96 46.99 67.93 12.47
N VAL CA 97 47.63 67.16 13.33
CA VAL CA 97 48.30 65.93 12.94
C VAL CA 97 47.57 64.76 13.58
N VAL CA 98 47.13 63.82 12.75
CA VAL CA 98 46.33 62.69 13.17
C VAL CA 98 47.14 61.42 12.94
N ASP CA 99 47.35 60.64 14.01
CA ASP CA 99 47.91 59.30 13.89
C ASP CA 99 46.74 58.33 13.79
N VAL CA 100 46.48 57.83 12.59
CA VAL CA 100 45.31 56.99 12.39
C VAL CA 100 45.45 55.64 13.06
N SER CA 101 46.66 55.29 13.52
CA SER CA 101 46.84 54.04 14.24
C SER CA 101 46.20 54.08 15.62
N GLN CA 102 46.14 55.26 16.23
CA GLN CA 102 45.44 55.43 17.49
C GLN CA 102 43.94 55.29 17.35
N PHE CA 103 43.42 55.26 16.12
CA PHE CA 103 42.02 55.01 15.86
C PHE CA 103 41.78 53.65 15.24
N GLY CA 104 42.80 52.82 15.14
CA GLY CA 104 42.67 51.47 14.64
C GLY CA 104 42.87 51.27 13.15
N TYR CA 105 43.69 52.09 12.50
CA TYR CA 105 43.84 52.03 11.06
C TYR CA 105 45.31 51.88 10.68
N PHE CA 106 45.55 51.13 9.59
CA PHE CA 106 46.90 50.87 9.10
C PHE CA 106 47.21 51.67 7.82
N LYS CA 107 46.36 51.57 6.81
CA LYS CA 107 46.58 52.20 5.52
C LYS CA 107 45.53 53.28 5.29
N VAL CA 108 45.92 54.37 4.64
CA VAL CA 108 45.03 55.47 4.31
C VAL CA 108 44.74 55.41 2.82
N LEU CA 109 43.45 55.37 2.47
CA LEU CA 109 43.00 55.34 1.09
C LEU CA 109 42.36 56.68 0.73
N GLY CA 110 42.18 56.90 -0.56
CA GLY CA 110 41.85 58.23 -1.03
C GLY CA 110 40.50 58.41 -1.69
N LYS CA 111 39.45 57.83 -1.12
CA LYS CA 111 38.11 58.05 -1.63
C LYS CA 111 37.49 59.27 -0.95
N GLY CA 112 36.88 60.14 -1.74
CA GLY CA 112 36.18 61.29 -1.20
C GLY CA 112 37.02 62.54 -1.24
N MET CA 113 36.39 63.64 -0.82
CA MET CA 113 36.97 64.97 -0.88
C MET CA 113 37.47 65.40 0.49
N LEU CA 114 38.65 65.90 0.53
CA LEU CA 114 39.17 66.58 1.70
C LEU CA 114 38.81 68.06 1.66
N PRO CA 115 38.56 68.68 2.80
CA PRO CA 115 38.41 70.14 2.83
C PRO CA 115 39.73 70.82 2.50
N GLU CA 116 39.63 72.03 1.95
CA GLU CA 116 40.81 72.79 1.52
C GLU CA 116 41.52 73.41 2.72
N LYS CA 117 41.96 72.54 3.63
CA LYS CA 117 42.67 72.94 4.84
C LYS CA 117 43.80 71.96 5.07
N PRO CA 118 44.96 72.43 5.54
CA PRO CA 118 46.10 71.53 5.74
C PRO CA 118 45.85 70.53 6.86
N ILE CA 119 46.41 69.34 6.68
CA ILE CA 119 46.32 68.28 7.68
C ILE CA 119 47.55 67.39 7.55
N VAL CA 120 48.10 66.98 8.68
CA VAL CA 120 49.22 66.04 8.71
C VAL CA 120 48.70 64.67 9.13
N VAL CA 121 49.03 63.65 8.34
CA VAL CA 121 48.52 62.30 8.56
C VAL CA 121 49.70 61.37 8.84
N LYS CA 122 49.65 60.68 9.98
CA LYS CA 122 50.64 59.67 10.34
C LYS CA 122 50.02 58.29 10.14
N ALA CA 123 50.67 57.47 9.31
CA ALA CA 123 50.15 56.13 9.05
C ALA CA 123 51.31 55.21 8.67
N LYS CA 124 51.09 53.91 8.85
CA LYS CA 124 52.04 52.93 8.36
C LYS CA 124 52.04 52.87 6.84
N LEU CA 125 50.86 52.95 6.23
CA LEU CA 125 50.72 52.80 4.80
C LEU CA 125 49.78 53.86 4.25
N ILE CA 126 49.88 54.12 2.96
CA ILE CA 126 49.02 55.08 2.28
C ILE CA 126 49.08 54.80 0.79
N SER CA 127 47.98 55.09 0.09
CA SER CA 127 47.95 54.96 -1.35
C SER CA 127 48.51 56.22 -2.02
N LYS CA 128 48.70 56.14 -3.33
CA LYS CA 128 49.28 57.27 -4.06
C LYS CA 128 48.26 58.40 -4.24
N ILE CA 129 46.99 58.07 -4.47
CA ILE CA 129 45.99 59.12 -4.63
C ILE CA 129 45.71 59.80 -3.30
N ALA CA 130 45.65 59.03 -2.21
CA ALA CA 130 45.45 59.63 -0.90
C ALA CA 130 46.57 60.59 -0.55
N GLU CA 131 47.80 60.25 -0.91
CA GLU CA 131 48.92 61.15 -0.70
C GLU CA 131 48.81 62.39 -1.59
N LYS CA 132 48.38 62.20 -2.84
CA LYS CA 132 48.22 63.33 -3.75
C LYS CA 132 47.12 64.26 -3.27
N LYS CA 133 46.02 63.71 -2.75
CA LYS CA 133 44.93 64.52 -2.25
C LYS CA 133 45.33 65.29 -1.01
N ILE CA 134 46.11 64.67 -0.12
CA ILE CA 134 46.53 65.33 1.11
C ILE CA 134 47.49 66.47 0.78
N LYS CA 135 48.39 66.26 -0.18
CA LYS CA 135 49.33 67.30 -0.56
C LYS CA 135 48.65 68.45 -1.28
N ALA CA 136 47.60 68.15 -2.05
CA ALA CA 136 46.87 69.18 -2.77
C ALA CA 136 46.10 70.10 -1.84
N ALA CA 137 45.76 69.61 -0.64
CA ALA CA 137 45.10 70.44 0.36
C ALA CA 137 46.08 71.25 1.19
N GLY CA 138 47.37 71.10 0.95
CA GLY CA 138 48.38 71.79 1.74
C GLY CA 138 48.92 71.02 2.92
N GLY CA 139 48.67 69.72 2.99
CA GLY CA 139 49.09 68.90 4.10
C GLY CA 139 50.34 68.10 3.84
N ALA CA 140 50.56 67.08 4.65
CA ALA CA 140 51.77 66.27 4.58
C ALA CA 140 51.48 64.91 5.20
N VAL CA 141 52.37 63.96 4.95
CA VAL CA 141 52.25 62.60 5.47
C VAL CA 141 53.55 62.22 6.15
N VAL CA 142 53.45 61.57 7.30
CA VAL CA 142 54.59 61.04 8.03
C VAL CA 142 54.40 59.54 8.20
N LEU CA 143 55.37 58.77 7.73
CA LEU CA 143 55.29 57.31 7.78
C LEU CA 143 55.79 56.83 9.14
N VAL CA 144 54.96 56.05 9.83
CA VAL CA 144 55.28 55.56 11.16
C VAL CA 144 55.24 54.04 11.16
N ALA CA 145 55.61 53.43 12.28
CA ALA CA 145 55.54 51.98 12.41
C ALA CA 145 55.06 51.59 13.81
N ALA DA 2 5.97 0.87 -19.88
CA ALA DA 2 4.84 1.76 -20.11
C ALA DA 2 5.22 2.95 -20.98
N LYS DA 3 4.49 3.14 -22.07
CA LYS DA 3 4.69 4.26 -22.98
C LYS DA 3 3.82 5.44 -22.56
N SER DA 4 4.25 6.64 -22.95
CA SER DA 4 3.55 7.87 -22.63
C SER DA 4 3.57 8.77 -23.86
N LYS DA 5 2.96 9.94 -23.74
CA LYS DA 5 2.95 10.90 -24.85
C LYS DA 5 4.32 11.52 -25.02
N ASN DA 6 4.61 11.94 -26.25
CA ASN DA 6 5.94 12.44 -26.61
C ASN DA 6 6.02 13.96 -26.61
N HIS DA 7 5.09 14.64 -27.29
CA HIS DA 7 5.14 16.09 -27.36
C HIS DA 7 3.77 16.61 -27.78
N THR DA 8 3.40 17.77 -27.25
CA THR DA 8 2.24 18.49 -27.76
C THR DA 8 2.39 19.96 -27.43
N ALA DA 9 1.81 20.80 -28.28
CA ALA DA 9 1.69 22.23 -28.01
C ALA DA 9 0.32 22.58 -27.46
N HIS DA 10 -0.49 21.59 -27.11
CA HIS DA 10 -1.79 21.83 -26.53
C HIS DA 10 -1.66 22.65 -25.25
N ASN DA 11 -2.50 23.68 -25.13
CA ASN DA 11 -2.58 24.58 -24.00
C ASN DA 11 -1.37 25.50 -23.86
N GLN DA 12 -0.39 25.42 -24.76
CA GLN DA 12 0.82 26.24 -24.59
C GLN DA 12 0.56 27.69 -24.98
N SER DA 13 -0.20 27.94 -26.05
CA SER DA 13 -0.48 29.31 -26.44
C SER DA 13 -1.49 29.96 -25.50
N TYR DA 14 -2.41 29.19 -24.94
CA TYR DA 14 -3.26 29.70 -23.87
C TYR DA 14 -2.42 30.12 -22.67
N LYS DA 15 -1.42 29.31 -22.32
CA LYS DA 15 -0.50 29.67 -21.25
C LYS DA 15 0.28 30.93 -21.59
N ALA DA 16 0.59 31.13 -22.88
CA ALA DA 16 1.41 32.25 -23.28
C ALA DA 16 0.63 33.57 -23.25
N HIS DA 17 -0.69 33.50 -23.26
CA HIS DA 17 -1.52 34.70 -23.34
C HIS DA 17 -2.18 35.08 -22.02
N ARG DA 18 -1.98 34.30 -20.95
CA ARG DA 18 -2.51 34.69 -19.65
C ARG DA 18 -1.96 36.04 -19.25
N ASN DA 19 -0.64 36.18 -19.27
CA ASN DA 19 0.05 37.46 -19.24
C ASN DA 19 0.45 37.74 -20.68
N GLY DA 20 -0.52 38.21 -21.47
CA GLY DA 20 -0.45 38.26 -22.92
C GLY DA 20 0.85 38.76 -23.47
N ILE DA 21 1.21 38.34 -24.69
CA ILE DA 21 2.58 38.44 -25.20
C ILE DA 21 3.21 39.79 -24.86
N LYS DA 22 4.36 39.76 -24.22
CA LYS DA 22 4.98 40.94 -23.65
C LYS DA 22 5.92 41.57 -24.68
N LYS DA 23 5.56 42.74 -25.16
CA LYS DA 23 6.43 43.53 -26.04
C LYS DA 23 7.46 44.28 -25.20
N PRO DA 24 8.72 44.31 -25.62
CA PRO DA 24 9.74 45.02 -24.84
C PRO DA 24 9.46 46.51 -24.79
N LYS DA 25 9.90 47.12 -23.70
CA LYS DA 25 9.64 48.54 -23.45
C LYS DA 25 10.35 49.40 -24.49
N ARG DA 26 9.58 50.23 -25.20
CA ARG DA 26 10.16 51.17 -26.15
C ARG DA 26 10.91 52.24 -25.39
N GLN DA 27 12.23 52.28 -25.54
CA GLN DA 27 13.07 53.23 -24.84
C GLN DA 27 13.76 54.14 -25.84
N ARG DA 28 13.72 55.44 -25.57
CA ARG DA 28 14.63 56.36 -26.24
C ARG DA 28 16.06 56.03 -25.80
N GLN DA 29 17.02 56.32 -26.68
CA GLN DA 29 18.42 55.95 -26.47
C GLN DA 29 18.56 54.43 -26.38
N ALA DA 30 18.36 53.80 -27.53
CA ALA DA 30 18.64 52.37 -27.65
C ALA DA 30 20.12 52.10 -27.36
N SER DA 31 20.38 50.93 -26.75
CA SER DA 31 21.73 50.59 -26.34
C SER DA 31 22.65 50.44 -27.55
N THR DA 32 23.89 50.91 -27.40
CA THR DA 32 24.88 50.88 -28.45
C THR DA 32 25.75 49.63 -28.42
N LYS DA 33 25.46 48.70 -27.53
CA LYS DA 33 26.24 47.47 -27.46
C LYS DA 33 26.13 46.69 -28.76
N GLY DA 34 27.26 46.13 -29.20
CA GLY DA 34 27.32 45.39 -30.43
C GLY DA 34 27.56 46.22 -31.67
N MET DA 35 27.41 47.54 -31.57
CA MET DA 35 27.79 48.40 -32.67
C MET DA 35 29.30 48.34 -32.86
N ASP DA 36 29.74 48.67 -34.07
CA ASP DA 36 31.16 48.52 -34.36
C ASP DA 36 31.98 49.45 -33.48
N PRO DA 37 33.09 48.96 -32.90
CA PRO DA 37 33.85 49.79 -31.96
C PRO DA 37 34.41 51.06 -32.56
N LYS DA 38 34.78 51.04 -33.84
CA LYS DA 38 35.02 52.28 -34.56
C LYS DA 38 33.69 53.00 -34.77
N PHE DA 39 33.72 54.33 -34.69
CA PHE DA 39 32.54 55.18 -34.66
C PHE DA 39 31.86 55.12 -33.29
N LEU DA 40 32.26 54.17 -32.46
CA LEU DA 40 31.76 54.17 -31.09
C LEU DA 40 32.73 54.91 -30.17
N ARG DA 41 34.02 54.61 -30.30
CA ARG DA 41 35.03 55.41 -29.62
C ARG DA 41 35.09 56.82 -30.19
N ASN DA 42 34.91 56.97 -31.50
CA ASN DA 42 34.91 58.29 -32.11
C ASN DA 42 33.76 59.15 -31.59
N LEU DA 43 32.56 58.56 -31.49
CA LEU DA 43 31.45 59.27 -30.89
C LEU DA 43 31.74 59.63 -29.44
N ARG DA 44 32.42 58.75 -28.71
CA ARG DA 44 32.82 59.06 -27.35
C ARG DA 44 33.81 60.22 -27.32
N TYR DA 45 34.77 60.25 -28.24
CA TYR DA 45 35.73 61.35 -28.28
C TYR DA 45 35.05 62.66 -28.64
N SER DA 46 34.12 62.63 -29.59
CA SER DA 46 33.44 63.86 -29.98
C SER DA 46 32.62 64.43 -28.83
N ARG DA 47 31.95 63.57 -28.07
CA ARG DA 47 31.17 64.04 -26.92
C ARG DA 47 32.07 64.62 -25.84
N LYS DA 48 33.23 64.01 -25.63
CA LYS DA 48 34.17 64.49 -24.62
C LYS DA 48 34.68 65.89 -24.95
N HIS DA 49 34.86 66.18 -26.24
CA HIS DA 49 35.42 67.44 -26.69
C HIS DA 49 34.38 68.48 -27.04
N ASN DA 50 33.11 68.23 -26.74
CA ASN DA 50 32.04 69.17 -27.05
C ASN DA 50 32.28 70.52 -26.41
N ASN EA 13 68.66 -96.55 8.19
CA ASN EA 13 67.85 -97.74 8.38
C ASN EA 13 67.46 -97.92 9.85
N ILE EA 14 66.40 -97.23 10.27
CA ILE EA 14 65.89 -97.38 11.63
C ILE EA 14 64.39 -97.69 11.60
N ASN EA 15 63.73 -97.32 10.50
CA ASN EA 15 62.30 -97.63 10.39
C ASN EA 15 62.07 -99.12 10.22
N ASN EA 16 62.99 -99.82 9.52
CA ASN EA 16 62.83 -101.25 9.33
C ASN EA 16 63.15 -102.02 10.61
N LYS EA 17 64.21 -101.62 11.31
CA LYS EA 17 64.58 -102.30 12.55
C LYS EA 17 63.52 -102.12 13.63
N LEU EA 18 62.97 -100.91 13.74
CA LEU EA 18 61.85 -100.69 14.66
C LEU EA 18 60.63 -101.48 14.22
N GLN EA 19 60.45 -101.65 12.92
CA GLN EA 19 59.34 -102.45 12.42
C GLN EA 19 59.52 -103.91 12.82
N LEU EA 20 60.76 -104.36 12.93
CA LEU EA 20 61.01 -105.75 13.33
C LEU EA 20 60.83 -105.93 14.83
N VAL EA 21 61.10 -104.90 15.63
CA VAL EA 21 60.93 -105.00 17.08
C VAL EA 21 59.46 -105.19 17.43
N MET EA 22 58.57 -104.49 16.73
CA MET EA 22 57.14 -104.66 17.00
C MET EA 22 56.64 -106.03 16.55
N LYS EA 23 57.36 -106.71 15.67
CA LYS EA 23 56.93 -107.99 15.15
C LYS EA 23 57.40 -109.17 15.99
N SER EA 24 58.52 -109.02 16.72
CA SER EA 24 59.11 -110.14 17.45
C SER EA 24 59.52 -109.82 18.88
N GLY EA 25 59.71 -108.56 19.25
CA GLY EA 25 60.24 -108.19 20.54
C GLY EA 25 59.18 -107.76 21.54
N LYS EA 26 59.65 -107.20 22.65
CA LYS EA 26 58.79 -106.66 23.70
C LYS EA 26 59.10 -105.20 23.89
N TYR EA 27 58.06 -104.38 24.04
CA TYR EA 27 58.20 -102.94 24.09
C TYR EA 27 57.03 -102.36 24.87
N THR EA 28 57.09 -101.06 25.12
CA THR EA 28 55.97 -100.35 25.69
C THR EA 28 55.93 -98.97 25.04
N LEU EA 29 54.71 -98.45 24.87
CA LEU EA 29 54.47 -97.20 24.15
C LEU EA 29 53.79 -96.21 25.06
N GLY EA 30 54.32 -95.00 25.12
CA GLY EA 30 53.68 -93.96 25.89
C GLY EA 30 54.49 -93.47 27.07
N TYR EA 31 54.18 -92.26 27.52
CA TYR EA 31 54.98 -91.60 28.56
C TYR EA 31 54.99 -92.40 29.86
N LYS EA 32 53.81 -92.79 30.35
CA LYS EA 32 53.72 -93.30 31.71
C LYS EA 32 54.35 -94.68 31.84
N THR EA 33 54.35 -95.47 30.76
CA THR EA 33 54.95 -96.79 30.83
C THR EA 33 56.44 -96.75 30.53
N VAL EA 34 56.90 -95.71 29.83
CA VAL EA 34 58.33 -95.49 29.66
C VAL EA 34 58.96 -95.17 31.02
N LEU EA 35 58.30 -94.33 31.81
CA LEU EA 35 58.83 -93.98 33.13
C LEU EA 35 58.82 -95.18 34.07
N LYS EA 36 57.79 -96.03 33.97
CA LYS EA 36 57.72 -97.19 34.85
C LYS EA 36 58.85 -98.17 34.57
N THR EA 37 59.19 -98.39 33.29
CA THR EA 37 60.27 -99.31 32.97
C THR EA 37 61.63 -98.74 33.37
N LEU EA 38 61.78 -97.42 33.30
CA LEU EA 38 63.02 -96.80 33.77
C LEU EA 38 63.16 -96.94 35.28
N ARG EA 39 62.06 -96.81 36.03
CA ARG EA 39 62.11 -96.99 37.47
C ARG EA 39 62.50 -98.41 37.84
N SER EA 40 61.97 -99.40 37.12
CA SER EA 40 62.33 -100.79 37.35
C SER EA 40 63.51 -101.25 36.51
N SER EA 41 64.10 -100.36 35.72
CA SER EA 41 65.29 -100.66 34.91
C SER EA 41 65.08 -101.87 34.02
N LYS EA 42 63.94 -101.92 33.35
CA LYS EA 42 63.66 -102.97 32.37
C LYS EA 42 63.91 -102.55 30.94
N GLY EA 43 63.88 -101.25 30.65
CA GLY EA 43 64.06 -100.79 29.29
C GLY EA 43 65.52 -100.87 28.86
N LYS EA 44 65.74 -101.33 27.64
CA LYS EA 44 67.08 -101.34 27.05
C LYS EA 44 67.37 -100.11 26.22
N LEU EA 45 66.34 -99.44 25.71
CA LEU EA 45 66.52 -98.25 24.88
C LEU EA 45 65.25 -97.42 24.92
N ILE EA 46 65.42 -96.11 24.96
CA ILE EA 46 64.33 -95.15 24.88
C ILE EA 46 64.38 -94.46 23.53
N ILE EA 47 63.22 -94.29 22.90
CA ILE EA 47 63.11 -93.58 21.63
C ILE EA 47 62.15 -92.42 21.84
N LEU EA 48 62.58 -91.22 21.46
CA LEU EA 48 61.82 -89.99 21.63
C LEU EA 48 61.51 -89.39 20.28
N ALA EA 49 60.26 -88.99 20.07
CA ALA EA 49 59.88 -88.23 18.89
C ALA EA 49 60.45 -86.82 18.98
N ASN EA 50 60.58 -86.18 17.82
CA ASN EA 50 61.24 -84.88 17.76
C ASN EA 50 60.35 -83.72 18.22
N ASN EA 51 59.05 -83.93 18.37
CA ASN EA 51 58.16 -82.91 18.91
C ASN EA 51 57.70 -83.23 20.33
N CYS EA 52 58.32 -84.21 20.98
CA CYS EA 52 57.99 -84.51 22.36
C CYS EA 52 58.20 -83.26 23.22
N PRO EA 53 57.27 -82.94 24.11
CA PRO EA 53 57.34 -81.66 24.84
C PRO EA 53 58.69 -81.49 25.52
N PRO EA 54 59.29 -80.30 25.42
CA PRO EA 54 60.67 -80.13 25.90
C PRO EA 54 60.82 -80.41 27.39
N LEU EA 55 59.83 -80.08 28.22
CA LEU EA 55 59.88 -80.46 29.62
C LEU EA 55 59.83 -81.97 29.77
N ARG EA 56 58.95 -82.62 29.00
CA ARG EA 56 58.86 -84.08 29.03
C ARG EA 56 60.14 -84.72 28.51
N LYS EA 57 60.71 -84.16 27.45
CA LYS EA 57 61.95 -84.70 26.90
C LYS EA 57 63.08 -84.62 27.92
N SER EA 58 63.21 -83.47 28.60
CA SER EA 58 64.29 -83.32 29.57
C SER EA 58 64.17 -84.30 30.72
N GLU EA 59 62.94 -84.56 31.18
CA GLU EA 59 62.75 -85.45 32.31
C GLU EA 59 63.07 -86.90 31.96
N ILE EA 60 62.78 -87.31 30.73
CA ILE EA 60 63.06 -88.68 30.33
C ILE EA 60 64.56 -88.90 30.19
N GLU EA 61 65.28 -87.94 29.62
CA GLU EA 61 66.72 -88.07 29.51
C GLU EA 61 67.38 -88.08 30.89
N TYR EA 62 66.85 -87.30 31.84
CA TYR EA 62 67.39 -87.33 33.19
C TYR EA 62 67.12 -88.67 33.87
N TYR EA 63 65.94 -89.24 33.65
CA TYR EA 63 65.65 -90.57 34.16
C TYR EA 63 66.59 -91.60 33.56
N ALA EA 64 66.86 -91.49 32.26
CA ALA EA 64 67.75 -92.44 31.59
C ALA EA 64 69.19 -92.24 32.01
N MET EA 65 69.58 -91.02 32.39
CA MET EA 65 70.92 -90.80 32.89
C MET EA 65 71.09 -91.32 34.31
N LEU EA 66 70.01 -91.33 35.10
CA LEU EA 66 70.07 -91.93 36.43
C LEU EA 66 70.32 -93.42 36.34
N ALA EA 67 69.60 -94.12 35.46
CA ALA EA 67 69.96 -95.45 35.05
C ALA EA 67 71.07 -95.34 34.00
N LYS EA 68 71.38 -96.42 33.31
CA LYS EA 68 72.41 -96.35 32.28
C LYS EA 68 71.83 -96.73 30.93
N ILE EA 69 70.67 -96.17 30.60
CA ILE EA 69 69.92 -96.54 29.40
C ILE EA 69 70.15 -95.47 28.35
N SER EA 70 70.35 -95.91 27.10
CA SER EA 70 70.56 -94.98 26.01
C SER EA 70 69.23 -94.42 25.51
N VAL EA 71 69.28 -93.19 25.01
CA VAL EA 71 68.13 -92.53 24.42
C VAL EA 71 68.46 -92.19 22.97
N HIS EA 72 67.60 -92.62 22.06
CA HIS EA 72 67.71 -92.25 20.66
C HIS EA 72 66.62 -91.24 20.32
N HIS EA 73 66.99 -90.20 19.58
CA HIS EA 73 66.06 -89.19 19.13
C HIS EA 73 65.55 -89.58 17.75
N PHE EA 74 64.29 -89.97 17.68
CA PHE EA 74 63.71 -90.39 16.41
C PHE EA 74 63.70 -89.23 15.43
N HIS EA 75 64.07 -89.52 14.18
CA HIS EA 75 64.26 -88.48 13.18
C HIS EA 75 62.97 -87.75 12.82
N GLY EA 76 61.81 -88.29 13.18
CA GLY EA 76 60.56 -87.69 12.76
C GLY EA 76 59.58 -87.35 13.87
N ASN EA 77 58.34 -87.10 13.47
CA ASN EA 77 57.28 -86.60 14.33
C ASN EA 77 56.77 -87.69 15.26
N ASN EA 78 55.89 -87.29 16.19
CA ASN EA 78 55.14 -88.25 16.98
C ASN EA 78 54.01 -88.88 16.20
N VAL EA 79 53.56 -88.24 15.12
CA VAL EA 79 52.70 -88.91 14.15
C VAL EA 79 53.49 -89.95 13.36
N ASP EA 80 54.74 -89.62 13.00
CA ASP EA 80 55.59 -90.55 12.28
C ASP EA 80 55.96 -91.75 13.15
N LEU EA 81 56.36 -91.51 14.40
CA LEU EA 81 56.44 -92.59 15.37
C LEU EA 81 55.04 -93.13 15.64
N GLY EA 82 54.96 -94.42 15.85
CA GLY EA 82 53.64 -95.05 15.92
C GLY EA 82 53.21 -95.58 14.58
N THR EA 83 53.26 -94.72 13.56
CA THR EA 83 53.20 -95.23 12.19
C THR EA 83 54.37 -96.15 11.90
N ALA EA 84 55.57 -95.74 12.34
CA ALA EA 84 56.72 -96.63 12.26
C ALA EA 84 56.51 -97.89 13.09
N CYS EA 85 55.80 -97.78 14.20
CA CYS EA 85 55.45 -98.92 15.04
C CYS EA 85 54.15 -99.58 14.59
N GLY EA 86 53.56 -99.13 13.50
CA GLY EA 86 52.37 -99.73 12.95
C GLY EA 86 51.10 -99.56 13.76
N LYS EA 87 50.94 -98.41 14.42
CA LYS EA 87 49.71 -98.11 15.14
C LYS EA 87 49.08 -96.84 14.56
N TYR EA 88 47.78 -96.71 14.79
CA TYR EA 88 46.99 -95.62 14.24
C TYR EA 88 46.87 -94.45 15.20
N TYR EA 89 47.56 -94.50 16.33
CA TYR EA 89 47.61 -93.39 17.28
C TYR EA 89 49.03 -92.86 17.35
N ARG EA 90 49.17 -91.65 17.90
CA ARG EA 90 50.47 -91.02 18.03
C ARG EA 90 51.25 -91.60 19.20
N VAL EA 91 52.57 -91.66 19.04
CA VAL EA 91 53.48 -92.18 20.06
C VAL EA 91 54.53 -91.11 20.32
N CYS EA 92 54.60 -90.63 21.56
CA CYS EA 92 55.58 -89.62 21.92
C CYS EA 92 56.92 -90.24 22.32
N CYS EA 93 56.89 -91.34 23.07
CA CYS EA 93 58.12 -92.03 23.46
C CYS EA 93 57.88 -93.52 23.45
N LEU EA 94 58.95 -94.26 23.23
CA LEU EA 94 58.93 -95.71 23.17
C LEU EA 94 60.03 -96.24 24.06
N SER EA 95 59.81 -97.43 24.63
CA SER EA 95 60.81 -98.10 25.45
C SER EA 95 60.96 -99.54 24.99
N ILE EA 96 62.17 -99.95 24.70
CA ILE EA 96 62.48 -101.30 24.27
C ILE EA 96 63.01 -102.08 25.47
N LEU EA 97 62.39 -103.20 25.79
CA LEU EA 97 62.89 -104.08 26.82
C LEU EA 97 63.29 -105.45 26.31
N ASP EA 98 62.97 -105.78 25.06
CA ASP EA 98 63.45 -107.00 24.43
C ASP EA 98 63.41 -106.84 22.92
N PRO EA 99 64.54 -106.81 22.23
CA PRO EA 99 64.52 -106.76 20.78
C PRO EA 99 64.42 -108.14 20.14
N GLY EA 100 64.95 -109.15 20.84
CA GLY EA 100 65.02 -110.48 20.27
C GLY EA 100 65.97 -110.54 19.10
N ASP EA 101 65.42 -110.65 17.89
CA ASP EA 101 66.21 -110.80 16.67
C ASP EA 101 66.46 -109.48 15.96
N SER EA 102 66.55 -108.38 16.70
CA SER EA 102 66.76 -107.05 16.12
C SER EA 102 68.06 -106.47 16.62
N ASP EA 103 68.83 -105.88 15.72
CA ASP EA 103 70.09 -105.24 16.07
C ASP EA 103 69.93 -103.76 16.36
N ILE EA 104 68.76 -103.34 16.85
CA ILE EA 104 68.53 -101.92 17.12
C ILE EA 104 69.38 -101.46 18.31
N ILE EA 105 69.58 -102.33 19.30
CA ILE EA 105 70.28 -101.92 20.51
C ILE EA 105 71.76 -101.67 20.23
N SER EA 106 72.38 -102.53 19.40
CA SER EA 106 73.80 -102.38 19.12
C SER EA 106 74.04 -101.37 18.02
N THR EA 107 73.47 -100.17 18.17
CA THR EA 107 73.56 -99.14 17.15
C THR EA 107 73.15 -97.77 17.71
N GLU FA 14 -58.73 -46.92 44.24
CA GLU FA 14 -59.07 -48.16 44.92
C GLU FA 14 -57.89 -49.12 44.95
N VAL FA 15 -57.93 -50.08 45.87
CA VAL FA 15 -56.89 -51.08 45.99
C VAL FA 15 -57.36 -52.34 45.25
N VAL FA 16 -56.63 -52.71 44.20
CA VAL FA 16 -57.00 -53.86 43.39
C VAL FA 16 -55.73 -54.45 42.79
N THR FA 17 -55.76 -55.76 42.54
CA THR FA 17 -54.62 -56.50 42.04
C THR FA 17 -55.07 -57.37 40.87
N ARG FA 18 -54.39 -57.24 39.74
CA ARG FA 18 -54.75 -57.98 38.54
C ARG FA 18 -53.51 -58.57 37.89
N GLU FA 19 -53.73 -59.60 37.08
CA GLU FA 19 -52.66 -60.25 36.32
C GLU FA 19 -52.89 -60.02 34.84
N TYR FA 20 -51.90 -59.43 34.17
CA TYR FA 20 -51.94 -59.15 32.75
C TYR FA 20 -50.82 -59.88 32.04
N THR FA 21 -51.05 -60.15 30.76
CA THR FA 21 -50.00 -60.61 29.86
C THR FA 21 -49.66 -59.46 28.94
N VAL FA 22 -48.39 -59.03 28.98
CA VAL FA 22 -47.92 -57.95 28.14
C VAL FA 22 -47.20 -58.55 26.94
N ASN FA 23 -47.64 -58.16 25.75
CA ASN FA 23 -46.99 -58.56 24.50
C ASN FA 23 -45.85 -57.59 24.24
N LEU FA 24 -44.66 -57.93 24.74
CA LEU FA 24 -43.50 -57.07 24.55
C LEU FA 24 -42.92 -57.17 23.15
N HIS FA 25 -43.19 -58.27 22.43
CA HIS FA 25 -42.62 -58.46 21.10
C HIS FA 25 -43.09 -57.37 20.14
N LYS FA 26 -44.40 -57.08 20.12
CA LYS FA 26 -44.89 -56.07 19.20
C LYS FA 26 -44.61 -54.66 19.67
N ARG FA 27 -44.40 -54.45 20.98
CA ARG FA 27 -44.08 -53.11 21.46
C ARG FA 27 -42.63 -52.74 21.13
N LEU FA 28 -41.74 -53.72 21.00
CA LEU FA 28 -40.33 -53.48 20.80
C LEU FA 28 -39.87 -53.83 19.39
N HIS FA 29 -40.80 -54.03 18.46
CA HIS FA 29 -40.44 -54.37 17.10
C HIS FA 29 -39.60 -53.25 16.46
N GLY FA 30 -38.49 -53.64 15.85
CA GLY FA 30 -37.62 -52.68 15.19
C GLY FA 30 -36.80 -51.80 16.09
N CYS FA 31 -36.73 -52.10 17.39
CA CYS FA 31 -35.95 -51.30 18.31
C CYS FA 31 -34.45 -51.59 18.18
N THR FA 32 -33.65 -50.59 18.51
CA THR FA 32 -32.20 -50.74 18.48
C THR FA 32 -31.75 -51.73 19.54
N PHE FA 33 -30.73 -52.52 19.19
CA PHE FA 33 -30.29 -53.62 20.04
C PHE FA 33 -29.86 -53.14 21.43
N LYS FA 34 -29.10 -52.05 21.50
CA LYS FA 34 -28.59 -51.57 22.77
C LYS FA 34 -29.64 -50.89 23.63
N LYS FA 35 -30.90 -50.95 23.22
CA LYS FA 35 -31.98 -50.30 23.94
C LYS FA 35 -33.20 -51.19 24.12
N LYS FA 36 -33.14 -52.45 23.69
CA LYS FA 36 -34.32 -53.30 23.71
C LYS FA 36 -34.74 -53.65 25.13
N ALA FA 37 -33.79 -54.09 25.97
CA ALA FA 37 -34.12 -54.30 27.38
C ALA FA 37 -34.43 -52.99 28.10
N PRO FA 38 -33.67 -51.90 27.92
CA PRO FA 38 -34.11 -50.64 28.55
C PRO FA 38 -35.48 -50.16 28.09
N ASN FA 39 -35.84 -50.37 26.82
CA ASN FA 39 -37.16 -49.94 26.36
C ASN FA 39 -38.27 -50.84 26.85
N ALA FA 40 -37.98 -52.13 27.05
CA ALA FA 40 -38.98 -53.04 27.61
C ALA FA 40 -39.40 -52.58 29.00
N ILE FA 41 -38.46 -52.10 29.80
CA ILE FA 41 -38.77 -51.55 31.12
C ILE FA 41 -39.64 -50.32 30.99
N LYS FA 42 -39.40 -49.50 29.97
CA LYS FA 42 -40.21 -48.30 29.76
C LYS FA 42 -41.60 -48.65 29.23
N GLU FA 43 -41.70 -49.67 28.39
CA GLU FA 43 -43.00 -50.13 27.93
C GLU FA 43 -43.81 -50.73 29.07
N ILE FA 44 -43.13 -51.44 29.99
CA ILE FA 44 -43.82 -51.98 31.16
C ILE FA 44 -44.39 -50.86 32.01
N ARG FA 45 -43.63 -49.78 32.18
CA ARG FA 45 -44.13 -48.62 32.93
C ARG FA 45 -45.31 -47.98 32.21
N LYS FA 46 -45.22 -47.83 30.89
CA LYS FA 46 -46.32 -47.25 30.13
C LYS FA 46 -47.56 -48.11 30.21
N PHE FA 47 -47.40 -49.42 30.15
CA PHE FA 47 -48.52 -50.35 30.26
C PHE FA 47 -49.26 -50.18 31.59
N ALA FA 48 -48.51 -50.09 32.69
CA ALA FA 48 -49.14 -50.00 34.00
C ALA FA 48 -49.86 -48.66 34.17
N GLN FA 49 -49.28 -47.58 33.63
CA GLN FA 49 -49.92 -46.28 33.74
C GLN FA 49 -51.27 -46.25 33.03
N LYS FA 50 -51.39 -46.96 31.91
CA LYS FA 50 -52.65 -46.99 31.20
C LYS FA 50 -53.62 -48.00 31.81
N ALA FA 51 -53.11 -49.09 32.36
CA ALA FA 51 -53.97 -50.15 32.87
C ALA FA 51 -54.60 -49.79 34.22
N MET FA 52 -53.88 -49.07 35.07
CA MET FA 52 -54.40 -48.69 36.38
C MET FA 52 -54.52 -47.19 36.58
N GLY FA 53 -54.01 -46.36 35.67
CA GLY FA 53 -54.19 -44.94 35.78
C GLY FA 53 -53.28 -44.24 36.76
N THR FA 54 -52.30 -44.93 37.32
CA THR FA 54 -51.38 -44.34 38.29
C THR FA 54 -50.13 -43.86 37.58
N ASN FA 55 -49.76 -42.60 37.81
CA ASN FA 55 -48.55 -42.05 37.23
C ASN FA 55 -47.29 -42.55 37.94
N ASP FA 56 -47.41 -43.13 39.12
CA ASP FA 56 -46.29 -43.67 39.87
C ASP FA 56 -46.33 -45.18 39.69
N VAL FA 57 -45.36 -45.73 38.97
CA VAL FA 57 -45.26 -47.15 38.72
C VAL FA 57 -43.92 -47.62 39.25
N ARG FA 58 -43.95 -48.63 40.11
CA ARG FA 58 -42.75 -49.20 40.71
C ARG FA 58 -42.55 -50.60 40.16
N ILE FA 59 -41.40 -50.84 39.57
CA ILE FA 59 -41.10 -52.12 38.96
C ILE FA 59 -40.31 -52.97 39.96
N ASP FA 60 -40.82 -54.15 40.25
CA ASP FA 60 -40.20 -55.04 41.23
C ASP FA 60 -38.85 -55.54 40.71
N VAL FA 61 -37.93 -55.78 41.65
CA VAL FA 61 -36.55 -56.13 41.27
C VAL FA 61 -36.52 -57.48 40.56
N LYS FA 62 -37.37 -58.41 40.98
CA LYS FA 62 -37.42 -59.70 40.31
C LYS FA 62 -37.95 -59.56 38.89
N LEU FA 63 -38.88 -58.61 38.67
CA LEU FA 63 -39.34 -58.34 37.31
C LEU FA 63 -38.23 -57.71 36.47
N ASN FA 64 -37.38 -56.88 37.09
CA ASN FA 64 -36.23 -56.34 36.38
C ASN FA 64 -35.27 -57.43 35.97
N LYS FA 65 -35.02 -58.41 36.85
CA LYS FA 65 -34.14 -59.51 36.52
C LYS FA 65 -34.70 -60.35 35.39
N HIS FA 66 -36.01 -60.60 35.40
CA HIS FA 66 -36.65 -61.41 34.38
C HIS FA 66 -36.54 -60.77 33.01
N ILE FA 67 -36.71 -59.45 32.93
CA ILE FA 67 -36.61 -58.74 31.66
C ILE FA 67 -35.18 -58.81 31.12
N TRP FA 68 -34.19 -58.80 32.02
CA TRP FA 68 -32.79 -58.76 31.64
C TRP FA 68 -32.12 -60.13 31.63
N SER FA 69 -32.86 -61.21 31.89
CA SER FA 69 -32.23 -62.51 32.11
C SER FA 69 -31.62 -63.11 30.85
N SER FA 70 -31.87 -62.52 29.67
CA SER FA 70 -31.25 -62.97 28.43
C SER FA 70 -30.40 -61.88 27.80
N GLY FA 71 -29.91 -60.95 28.60
CA GLY FA 71 -29.12 -59.85 28.10
C GLY FA 71 -29.95 -58.71 27.56
N ILE FA 72 -29.23 -57.76 26.96
CA ILE FA 72 -29.83 -56.52 26.47
C ILE FA 72 -30.65 -56.71 25.21
N ARG FA 73 -30.60 -57.90 24.61
CA ARG FA 73 -31.11 -58.13 23.27
C ARG FA 73 -32.38 -58.94 23.24
N SER FA 74 -32.41 -60.08 23.94
CA SER FA 74 -33.52 -61.03 23.83
C SER FA 74 -34.47 -60.86 25.02
N VAL FA 75 -35.34 -59.87 24.90
CA VAL FA 75 -36.42 -59.71 25.87
C VAL FA 75 -37.49 -60.76 25.60
N PRO FA 76 -38.10 -61.36 26.62
CA PRO FA 76 -39.18 -62.32 26.37
C PRO FA 76 -40.32 -61.69 25.57
N ARG FA 77 -40.87 -62.47 24.65
CA ARG FA 77 -41.93 -61.97 23.79
C ARG FA 77 -43.18 -61.63 24.59
N ARG FA 78 -43.55 -62.47 25.55
CA ARG FA 78 -44.71 -62.26 26.39
C ARG FA 78 -44.32 -62.49 27.84
N VAL FA 79 -44.82 -61.64 28.74
CA VAL FA 79 -44.51 -61.72 30.16
C VAL FA 79 -45.80 -61.57 30.95
N ARG FA 80 -46.09 -62.54 31.81
CA ARG FA 80 -47.24 -62.48 32.70
C ARG FA 80 -46.85 -61.69 33.94
N VAL FA 81 -47.45 -60.52 34.11
CA VAL FA 81 -47.13 -59.64 35.23
C VAL FA 81 -48.38 -59.44 36.07
N ARG FA 82 -48.16 -59.17 37.36
CA ARG FA 82 -49.23 -58.80 38.28
C ARG FA 82 -49.03 -57.35 38.69
N ILE FA 83 -50.09 -56.56 38.58
CA ILE FA 83 -50.06 -55.12 38.90
C ILE FA 83 -50.99 -54.88 40.07
N ALA FA 84 -50.42 -54.52 41.21
CA ALA FA 84 -51.17 -54.23 42.43
C ALA FA 84 -51.18 -52.73 42.63
N ARG FA 85 -52.36 -52.12 42.50
CA ARG FA 85 -52.51 -50.70 42.78
C ARG FA 85 -52.77 -50.51 44.27
N LYS FA 86 -51.98 -49.65 44.90
CA LYS FA 86 -52.01 -49.47 46.34
C LYS FA 86 -51.98 -47.99 46.69
N ARG FA 87 -52.45 -47.68 47.89
CA ARG FA 87 -52.50 -46.30 48.38
C ARG FA 87 -51.16 -45.92 49.00
N ASN FA 88 -50.76 -44.66 48.79
CA ASN FA 88 -49.50 -44.17 49.30
C ASN FA 88 -49.54 -44.00 50.82
N GLU FA 96 -53.20 -40.07 45.71
CA GLU FA 96 -51.89 -40.66 45.96
C GLU FA 96 -51.95 -42.17 45.92
N LEU FA 97 -52.00 -42.72 44.70
CA LEU FA 97 -51.96 -44.15 44.44
C LEU FA 97 -50.78 -44.46 43.55
N TYR FA 98 -50.21 -45.64 43.75
CA TYR FA 98 -49.11 -46.10 42.91
C TYR FA 98 -49.31 -47.56 42.55
N SER FA 99 -48.73 -47.96 41.42
CA SER FA 99 -48.81 -49.34 40.95
C SER FA 99 -47.50 -50.07 41.23
N LEU FA 100 -47.61 -51.27 41.76
CA LEU FA 100 -46.47 -52.15 41.96
C LEU FA 100 -46.59 -53.31 40.98
N VAL FA 101 -45.60 -53.45 40.12
CA VAL FA 101 -45.61 -54.44 39.04
C VAL FA 101 -44.61 -55.52 39.38
N THR FA 102 -45.08 -56.76 39.47
CA THR FA 102 -44.25 -57.90 39.80
C THR FA 102 -44.45 -58.99 38.76
N VAL FA 103 -43.61 -60.01 38.81
CA VAL FA 103 -43.72 -61.14 37.90
C VAL FA 103 -44.77 -62.10 38.45
N ALA FA 104 -45.68 -62.53 37.59
CA ALA FA 104 -46.77 -63.41 37.98
C ALA FA 104 -46.41 -64.87 37.72
N GLU FA 105 -47.12 -65.76 38.41
CA GLU FA 105 -46.89 -67.19 38.24
C GLU FA 105 -47.59 -67.68 36.98
N VAL FA 106 -46.84 -68.38 36.13
CA VAL FA 106 -47.37 -68.95 34.89
C VAL FA 106 -47.92 -70.34 35.18
N PRO FA 107 -49.17 -70.63 34.81
CA PRO FA 107 -49.67 -72.01 34.94
C PRO FA 107 -49.05 -72.92 33.90
N GLN FA 108 -49.35 -74.21 33.97
CA GLN FA 108 -48.93 -75.12 32.91
C GLN FA 108 -49.69 -74.80 31.63
N GLU FA 109 -49.24 -75.39 30.53
CA GLU FA 109 -49.76 -75.14 29.19
C GLU FA 109 -49.57 -73.70 28.75
N GLY FA 110 -48.68 -72.98 29.43
CA GLY FA 110 -48.30 -71.64 29.00
C GLY FA 110 -49.41 -70.62 29.15
N LEU FA 111 -49.32 -69.57 28.34
CA LEU FA 111 -50.24 -68.43 28.39
C LEU FA 111 -51.45 -68.61 27.49
N LYS FA 112 -51.60 -69.77 26.85
CA LYS FA 112 -52.72 -69.98 25.95
C LYS FA 112 -54.04 -69.95 26.69
N GLY FA 113 -54.99 -69.17 26.17
CA GLY FA 113 -56.29 -69.05 26.78
C GLY FA 113 -56.35 -68.16 28.01
N LEU FA 114 -55.27 -67.46 28.34
CA LEU FA 114 -55.18 -66.68 29.57
C LEU FA 114 -55.47 -65.22 29.27
N GLY FA 115 -56.60 -64.73 29.77
CA GLY FA 115 -56.93 -63.32 29.71
C GLY FA 115 -56.50 -62.60 30.97
N THR FA 116 -56.97 -61.36 31.11
CA THR FA 116 -56.70 -60.60 32.31
C THR FA 116 -57.48 -61.17 33.49
N LYS FA 117 -56.79 -61.39 34.60
CA LYS FA 117 -57.38 -62.04 35.78
C LYS FA 117 -57.32 -61.09 36.97
N VAL FA 118 -58.31 -61.22 37.85
CA VAL FA 118 -58.37 -60.45 39.09
C VAL FA 118 -57.88 -61.35 40.22
N VAL FA 119 -56.97 -60.81 41.04
CA VAL FA 119 -56.38 -61.55 42.14
C VAL FA 119 -57.13 -61.20 43.42
N GLU FA 120 -57.63 -62.23 44.10
CA GLU FA 120 -58.35 -62.09 45.37
C GLU FA 120 -59.56 -61.16 45.24
N ALA GA 2 -38.82 48.21 27.33
CA ALA GA 2 -39.81 49.22 27.01
C ALA GA 2 -40.59 48.85 25.75
N VAL GA 3 -40.67 49.79 24.82
CA VAL GA 3 -41.24 49.56 23.50
C VAL GA 3 -40.08 49.41 22.51
N PRO GA 4 -40.01 48.31 21.76
CA PRO GA 4 -38.88 48.12 20.84
C PRO GA 4 -38.83 49.22 19.79
N LEU GA 5 -37.62 49.73 19.54
CA LEU GA 5 -37.41 50.75 18.54
C LEU GA 5 -37.33 50.18 17.12
N LEU GA 6 -37.07 48.89 16.99
CA LEU GA 6 -36.97 48.27 15.67
C LEU GA 6 -38.32 48.21 14.99
N THR GA 7 -38.37 48.63 13.73
CA THR GA 7 -39.61 48.64 12.96
C THR GA 7 -39.54 47.87 11.66
N ARG GA 8 -38.35 47.69 11.10
CA ARG GA 8 -38.21 46.85 9.91
C ARG GA 8 -38.50 45.40 10.26
N LYS GA 9 -39.24 44.73 9.39
CA LYS GA 9 -39.60 43.34 9.65
C LYS GA 9 -38.36 42.45 9.55
N ILE GA 10 -38.25 41.49 10.46
CA ILE GA 10 -37.14 40.56 10.46
C ILE GA 10 -37.47 39.42 9.51
N VAL GA 11 -36.68 39.28 8.45
CA VAL GA 11 -36.85 38.20 7.50
C VAL GA 11 -35.65 37.26 7.62
N LYS GA 12 -35.91 35.96 7.54
CA LYS GA 12 -34.87 34.95 7.57
C LYS GA 12 -34.82 34.26 6.22
N LYS GA 13 -33.63 34.20 5.62
CA LYS GA 13 -33.49 33.50 4.36
C LYS GA 13 -33.55 32.00 4.53
N ARG GA 14 -33.30 31.49 5.73
CA ARG GA 14 -33.39 30.06 5.99
C ARG GA 14 -33.56 29.86 7.49
N VAL GA 15 -34.76 29.48 7.92
CA VAL GA 15 -34.95 28.98 9.30
C VAL GA 15 -34.80 27.47 9.21
N LYS GA 16 -33.56 27.03 9.18
CA LYS GA 16 -33.23 25.62 9.03
C LYS GA 16 -31.73 25.49 9.19
N HIS GA 17 -31.31 24.43 9.84
CA HIS GA 17 -29.90 24.27 10.10
C HIS GA 17 -29.21 23.54 8.95
N PHE GA 18 -27.93 23.82 8.79
CA PHE GA 18 -27.08 23.09 7.85
C PHE GA 18 -26.47 21.91 8.59
N LYS GA 19 -27.13 20.77 8.53
CA LYS GA 19 -26.62 19.58 9.21
C LYS GA 19 -25.54 18.93 8.35
N ARG GA 20 -24.48 18.47 9.02
CA ARG GA 20 -23.35 17.89 8.32
C ARG GA 20 -23.76 16.66 7.52
N ALA GA 21 -23.29 16.59 6.28
CA ALA GA 21 -23.65 15.49 5.40
C ALA GA 21 -23.29 14.15 6.00
N HIS GA 22 -24.20 13.19 5.87
CA HIS GA 22 -24.09 11.81 6.34
C HIS GA 22 -24.08 11.69 7.86
N SER GA 23 -24.37 12.76 8.59
CA SER GA 23 -24.51 12.65 10.03
C SER GA 23 -25.73 11.83 10.42
N ASP GA 24 -26.70 11.72 9.52
CA ASP GA 24 -27.81 10.78 9.71
C ASP GA 24 -27.34 9.33 9.58
N ARG GA 25 -26.38 9.07 8.69
CA ARG GA 25 -25.97 7.69 8.43
C ARG GA 25 -25.14 7.13 9.58
N TYR GA 26 -24.28 7.95 10.19
CA TYR GA 26 -23.37 7.48 11.22
C TYR GA 26 -23.74 8.12 12.56
N ILE GA 27 -23.73 7.30 13.61
CA ILE GA 27 -24.05 7.78 14.96
C ILE GA 27 -22.94 8.69 15.47
N GLY GA 28 -21.68 8.38 15.15
CA GLY GA 28 -20.57 9.15 15.66
C GLY GA 28 -20.35 10.48 14.97
N LEU GA 29 -20.92 10.67 13.79
CA LEU GA 29 -20.82 11.96 13.11
C LEU GA 29 -21.79 12.94 13.75
N LYS GA 30 -21.30 14.13 14.07
CA LYS GA 30 -22.12 15.15 14.70
C LYS GA 30 -22.70 16.10 13.65
N GLN GA 31 -23.73 16.83 14.06
CA GLN GA 31 -24.48 17.65 13.13
C GLN GA 31 -23.82 18.98 12.82
N SER GA 32 -22.81 19.39 13.60
CA SER GA 32 -22.12 20.63 13.31
C SER GA 32 -21.55 20.61 11.91
N TRP GA 33 -21.73 21.70 11.19
CA TRP GA 33 -21.38 21.72 9.77
C TRP GA 33 -19.88 21.50 9.57
N ARG GA 34 -19.55 20.62 8.65
CA ARG GA 34 -18.20 20.44 8.16
C ARG GA 34 -18.27 20.50 6.64
N ARG GA 35 -17.40 21.30 6.05
CA ARG GA 35 -17.38 21.41 4.61
C ARG GA 35 -16.83 20.13 4.00
N PRO GA 36 -17.59 19.42 3.17
CA PRO GA 36 -17.05 18.23 2.51
C PRO GA 36 -15.86 18.59 1.64
N LYS GA 37 -14.90 17.67 1.59
CA LYS GA 37 -13.68 17.94 0.85
C LYS GA 37 -13.19 16.73 0.06
N GLY GA 38 -14.01 15.69 -0.10
CA GLY GA 38 -13.62 14.57 -0.92
C GLY GA 38 -13.67 14.89 -2.40
N ILE GA 39 -12.85 14.17 -3.17
CA ILE GA 39 -12.73 14.43 -4.60
C ILE GA 39 -14.01 14.10 -5.35
N ASP GA 40 -14.75 13.09 -4.91
CA ASP GA 40 -15.95 12.64 -5.60
C ASP GA 40 -17.23 13.10 -4.92
N SER GA 41 -17.16 14.04 -3.99
CA SER GA 41 -18.28 14.35 -3.11
C SER GA 41 -19.43 14.98 -3.89
N ARG GA 42 -20.62 14.36 -3.78
CA ARG GA 42 -21.83 14.93 -4.37
C ARG GA 42 -22.17 16.25 -3.70
N VAL GA 43 -22.01 16.35 -2.39
CA VAL GA 43 -22.40 17.54 -1.66
C VAL GA 43 -21.46 18.70 -2.00
N ARG GA 44 -20.17 18.43 -2.13
CA ARG GA 44 -19.24 19.48 -2.55
C ARG GA 44 -19.52 19.94 -3.97
N ARG GA 45 -19.87 19.01 -4.85
CA ARG GA 45 -20.10 19.33 -6.25
C ARG GA 45 -21.49 19.90 -6.51
N LYS GA 46 -22.35 19.95 -5.49
CA LYS GA 46 -23.63 20.63 -5.55
C LYS GA 46 -24.57 19.98 -6.56
N PHE GA 47 -24.64 18.66 -6.54
CA PHE GA 47 -25.67 17.97 -7.31
C PHE GA 47 -27.03 18.23 -6.68
N LYS GA 48 -28.06 18.25 -7.53
CA LYS GA 48 -29.39 18.57 -7.04
C LYS GA 48 -29.96 17.41 -6.23
N GLY GA 49 -30.69 17.75 -5.17
CA GLY GA 49 -31.23 16.76 -4.27
C GLY GA 49 -30.34 16.40 -3.10
N CYS GA 50 -29.12 16.93 -3.04
CA CYS GA 50 -28.16 16.60 -2.01
C CYS GA 50 -28.18 17.66 -0.90
N THR GA 51 -27.33 17.45 0.10
CA THR GA 51 -27.22 18.37 1.22
C THR GA 51 -26.75 19.74 0.75
N LEU GA 52 -27.35 20.78 1.33
CA LEU GA 52 -26.99 22.15 1.00
C LEU GA 52 -25.77 22.60 1.80
N MET GA 53 -24.98 23.49 1.18
CA MET GA 53 -23.80 24.03 1.83
C MET GA 53 -23.99 25.52 2.14
N PRO GA 54 -23.62 25.96 3.33
CA PRO GA 54 -23.72 27.38 3.67
C PRO GA 54 -22.82 28.25 2.79
N ASN GA 55 -23.30 29.46 2.53
CA ASN GA 55 -22.49 30.45 1.82
C ASN GA 55 -22.98 31.85 2.19
N ILE GA 56 -22.21 32.85 1.78
CA ILE GA 56 -22.44 34.21 2.24
C ILE GA 56 -23.74 34.79 1.73
N GLY GA 57 -24.34 34.21 0.68
CA GLY GA 57 -25.59 34.71 0.17
C GLY GA 57 -26.77 34.51 1.09
N TYR GA 58 -26.65 33.61 2.08
CA TYR GA 58 -27.70 33.34 3.05
C TYR GA 58 -27.74 34.36 4.17
N GLY GA 59 -26.78 35.28 4.23
CA GLY GA 59 -26.67 36.16 5.38
C GLY GA 59 -27.87 37.07 5.51
N SER GA 60 -28.13 37.52 6.73
CA SER GA 60 -29.32 38.27 7.05
C SER GA 60 -29.04 39.76 6.99
N ASP GA 61 -30.12 40.54 6.85
CA ASP GA 61 -30.04 41.98 6.75
C ASP GA 61 -29.25 42.55 7.92
N LYS GA 62 -28.41 43.55 7.63
CA LYS GA 62 -27.57 44.13 8.67
C LYS GA 62 -28.40 44.90 9.70
N LYS GA 63 -29.54 45.45 9.27
CA LYS GA 63 -30.36 46.23 10.18
C LYS GA 63 -31.11 45.37 11.17
N THR GA 64 -31.40 44.12 10.83
CA THR GA 64 -32.17 43.24 11.72
C THR GA 64 -31.38 42.05 12.24
N ARG GA 65 -30.10 41.91 11.90
CA ARG GA 65 -29.35 40.74 12.34
C ARG GA 65 -29.05 40.82 13.83
N HIS GA 66 -29.10 39.67 14.49
CA HIS GA 66 -28.88 39.47 15.92
C HIS GA 66 -30.05 39.96 16.77
N TYR GA 67 -31.15 40.39 16.17
CA TYR GA 67 -32.32 40.80 16.93
C TYR GA 67 -33.14 39.57 17.30
N LEU GA 68 -33.54 39.50 18.57
CA LEU GA 68 -34.36 38.40 19.04
C LEU GA 68 -35.78 38.54 18.51
N PRO GA 69 -36.58 37.47 18.57
CA PRO GA 69 -37.97 37.56 18.10
C PRO GA 69 -38.77 38.69 18.75
N ASN GA 70 -38.47 39.06 19.99
CA ASN GA 70 -39.13 40.18 20.64
C ASN GA 70 -38.58 41.54 20.19
N LYS GA 71 -37.85 41.57 19.08
CA LYS GA 71 -37.33 42.78 18.44
C LYS GA 71 -36.31 43.51 19.29
N PHE GA 72 -35.69 42.84 20.24
CA PHE GA 72 -34.59 43.38 21.03
C PHE GA 72 -33.31 42.62 20.73
N LYS GA 73 -32.19 43.27 21.03
CA LYS GA 73 -30.88 42.65 20.93
C LYS GA 73 -30.39 42.26 22.33
N LYS GA 74 -29.76 41.10 22.43
CA LYS GA 74 -29.48 40.48 23.72
C LYS GA 74 -28.15 40.94 24.31
N PHE GA 75 -28.13 41.13 25.62
CA PHE GA 75 -26.90 41.39 26.36
C PHE GA 75 -26.94 40.62 27.67
N VAL GA 76 -25.91 39.79 27.90
CA VAL GA 76 -25.87 38.90 29.05
C VAL GA 76 -25.25 39.62 30.23
N VAL GA 77 -25.93 39.59 31.37
CA VAL GA 77 -25.46 40.25 32.58
C VAL GA 77 -25.16 39.21 33.64
N HIS GA 78 -24.30 39.59 34.59
CA HIS GA 78 -23.91 38.73 35.68
C HIS GA 78 -24.20 39.31 37.05
N ASN GA 79 -24.46 40.60 37.14
CA ASN GA 79 -24.78 41.26 38.40
C ASN GA 79 -25.57 42.52 38.08
N VAL GA 80 -25.82 43.32 39.12
CA VAL GA 80 -26.64 44.52 38.95
C VAL GA 80 -25.88 45.58 38.16
N SER GA 81 -24.58 45.73 38.41
CA SER GA 81 -23.82 46.81 37.77
C SER GA 81 -23.77 46.63 36.26
N GLU GA 82 -23.68 45.39 35.78
CA GLU GA 82 -23.72 45.15 34.34
C GLU GA 82 -25.11 45.43 33.77
N LEU GA 83 -26.14 45.31 34.60
CA LEU GA 83 -27.50 45.60 34.15
C LEU GA 83 -27.76 47.09 34.06
N GLU GA 84 -27.03 47.91 34.84
CA GLU GA 84 -27.20 49.35 34.77
C GLU GA 84 -26.77 49.93 33.44
N LEU GA 85 -25.93 49.21 32.69
CA LEU GA 85 -25.40 49.72 31.43
C LEU GA 85 -26.44 49.74 30.32
N LEU GA 86 -27.58 49.11 30.51
CA LEU GA 86 -28.62 49.07 29.49
C LEU GA 86 -29.71 50.12 29.70
N MET GA 87 -29.57 50.96 30.73
CA MET GA 87 -30.63 51.91 31.04
C MET GA 87 -30.78 52.97 29.94
N MET GA 88 -29.69 53.34 29.28
CA MET GA 88 -29.76 54.29 28.18
C MET GA 88 -30.03 53.62 26.85
N HIS GA 89 -30.11 52.29 26.81
CA HIS GA 89 -30.35 51.53 25.60
C HIS GA 89 -31.53 50.58 25.79
N ASN GA 90 -32.44 50.90 26.70
CA ASN GA 90 -33.51 49.98 27.05
C ASN GA 90 -34.52 49.78 25.92
N ARG GA 91 -34.47 50.60 24.87
CA ARG GA 91 -35.35 50.43 23.73
C ARG GA 91 -34.75 49.55 22.65
N THR GA 92 -33.45 49.30 22.69
CA THR GA 92 -32.78 48.48 21.70
C THR GA 92 -32.14 47.21 22.27
N TYR GA 93 -31.92 47.15 23.56
CA TYR GA 93 -31.23 46.03 24.19
C TYR GA 93 -32.09 45.42 25.30
N CYS GA 94 -32.09 44.09 25.36
CA CYS GA 94 -32.68 43.35 26.47
C CYS GA 94 -31.59 42.62 27.23
N ALA GA 95 -31.87 42.32 28.49
CA ALA GA 95 -30.90 41.70 29.38
C ALA GA 95 -31.25 40.24 29.60
N GLU GA 96 -30.23 39.38 29.52
CA GLU GA 96 -30.36 37.98 29.92
C GLU GA 96 -29.42 37.73 31.08
N ILE GA 97 -29.94 37.18 32.17
CA ILE GA 97 -29.09 36.84 33.29
C ILE GA 97 -28.32 35.57 32.98
N ALA GA 98 -27.03 35.57 33.31
CA ALA GA 98 -26.16 34.44 33.01
C ALA GA 98 -26.70 33.15 33.62
N HIS GA 99 -26.28 32.03 33.06
CA HIS GA 99 -26.86 30.74 33.41
C HIS GA 99 -26.48 30.31 34.82
N ASN GA 100 -25.31 30.72 35.31
CA ASN GA 100 -24.81 30.28 36.59
C ASN GA 100 -25.05 31.28 37.73
N VAL GA 101 -25.75 32.38 37.46
CA VAL GA 101 -26.09 33.33 38.51
C VAL GA 101 -27.15 32.71 39.42
N SER GA 102 -26.98 32.85 40.72
CA SER GA 102 -27.84 32.19 41.70
C SER GA 102 -29.20 32.87 41.79
N THR GA 103 -30.09 32.26 42.59
CA THR GA 103 -31.44 32.80 42.72
C THR GA 103 -31.46 34.07 43.56
N LYS GA 104 -30.53 34.21 44.51
CA LYS GA 104 -30.49 35.41 45.33
C LYS GA 104 -30.14 36.64 44.49
N LYS GA 105 -29.14 36.51 43.62
CA LYS GA 105 -28.75 37.63 42.78
C LYS GA 105 -29.72 37.87 41.64
N ARG GA 106 -30.42 36.82 41.19
CA ARG GA 106 -31.42 37.00 40.16
C ARG GA 106 -32.55 37.89 40.65
N LYS GA 107 -32.90 37.77 41.92
CA LYS GA 107 -33.92 38.65 42.50
C LYS GA 107 -33.47 40.10 42.43
N ASP GA 108 -32.21 40.37 42.76
CA ASP GA 108 -31.71 41.74 42.77
C ASP GA 108 -31.68 42.33 41.36
N ILE GA 109 -31.26 41.54 40.37
CA ILE GA 109 -31.20 42.05 39.00
C ILE GA 109 -32.59 42.30 38.45
N VAL GA 110 -33.53 41.40 38.77
CA VAL GA 110 -34.89 41.55 38.26
C VAL GA 110 -35.58 42.76 38.90
N GLU GA 111 -35.29 43.03 40.17
CA GLU GA 111 -35.84 44.21 40.81
C GLU GA 111 -35.28 45.50 40.20
N ARG GA 112 -33.97 45.55 40.00
CA ARG GA 112 -33.35 46.77 39.47
C ARG GA 112 -33.78 47.01 38.03
N ALA GA 113 -33.97 45.94 37.25
CA ALA GA 113 -34.40 46.09 35.86
C ALA GA 113 -35.84 46.55 35.77
N ALA GA 114 -36.67 46.23 36.76
CA ALA GA 114 -38.03 46.74 36.78
C ALA GA 114 -38.05 48.24 37.06
N GLN GA 115 -37.15 48.71 37.93
CA GLN GA 115 -37.04 50.15 38.19
C GLN GA 115 -36.58 50.89 36.95
N LEU GA 116 -35.62 50.33 36.23
CA LEU GA 116 -35.00 50.98 35.08
C LEU GA 116 -35.74 50.73 33.78
N ASP GA 117 -36.83 49.96 33.82
CA ASP GA 117 -37.61 49.62 32.63
C ASP GA 117 -36.78 48.83 31.61
N ILE GA 118 -35.84 48.05 32.09
CA ILE GA 118 -35.05 47.16 31.24
C ILE GA 118 -35.74 45.80 31.19
N VAL GA 119 -35.87 45.24 29.99
CA VAL GA 119 -36.55 43.96 29.83
C VAL GA 119 -35.54 42.83 30.07
N VAL GA 120 -35.92 41.88 30.91
CA VAL GA 120 -35.13 40.68 31.16
C VAL GA 120 -35.84 39.51 30.52
N THR GA 121 -35.12 38.78 29.65
CA THR GA 121 -35.76 37.73 28.87
C THR GA 121 -36.07 36.49 29.71
N ASN GA 122 -35.25 36.20 30.72
CA ASN GA 122 -35.43 34.99 31.52
C ASN GA 122 -35.66 35.31 32.98
N LYS GA 123 -36.53 36.28 33.28
CA LYS GA 123 -36.70 36.73 34.65
C LYS GA 123 -37.51 35.78 35.51
N LEU GA 124 -38.24 34.84 34.90
CA LEU GA 124 -39.04 33.88 35.64
C LEU GA 124 -38.29 32.59 35.93
N ALA GA 125 -37.01 32.52 35.61
CA ALA GA 125 -36.22 31.32 35.77
C ALA GA 125 -35.63 31.22 37.17
N ARG GA 126 -35.48 29.98 37.64
CA ARG GA 126 -34.83 29.68 38.92
C ARG GA 126 -35.59 30.27 40.10
N LYS HA 2 -88.16 17.69 -6.65
CA LYS HA 2 -87.10 17.20 -5.78
C LYS HA 2 -86.93 18.06 -4.53
N GLY HA 3 -86.91 17.40 -3.37
CA GLY HA 3 -86.63 18.09 -2.13
C GLY HA 3 -85.25 17.74 -1.60
N ARG HA 4 -84.30 18.66 -1.76
CA ARG HA 4 -82.92 18.43 -1.39
C ARG HA 4 -82.54 19.25 -0.16
N GLN HA 5 -81.41 18.88 0.43
CA GLN HA 5 -80.87 19.55 1.59
C GLN HA 5 -79.44 19.98 1.30
N GLY HA 6 -78.95 20.92 2.11
CA GLY HA 6 -77.61 21.44 1.95
C GLY HA 6 -77.63 22.92 1.59
N GLN HA 7 -76.63 23.32 0.80
CA GLN HA 7 -76.50 24.71 0.40
C GLN HA 7 -77.66 25.12 -0.49
N ARG HA 8 -78.13 26.35 -0.32
CA ARG HA 8 -79.28 26.84 -1.07
C ARG HA 8 -78.90 27.61 -2.32
N VAL HA 9 -77.77 28.32 -2.30
CA VAL HA 9 -77.26 29.03 -3.46
C VAL HA 9 -75.80 28.64 -3.66
N ARG HA 10 -75.34 28.80 -4.89
CA ARG HA 10 -73.94 28.51 -5.25
C ARG HA 10 -73.38 29.71 -6.00
N LEU HA 11 -72.48 30.44 -5.35
CA LEU HA 11 -71.84 31.62 -5.93
C LEU HA 11 -70.37 31.37 -6.26
N TYR HA 12 -70.03 30.11 -6.52
CA TYR HA 12 -68.67 29.76 -6.91
C TYR HA 12 -68.73 28.69 -7.98
N VAL HA 13 -67.64 28.57 -8.73
CA VAL HA 13 -67.48 27.50 -9.70
C VAL HA 13 -66.45 26.53 -9.16
N ARG HA 14 -66.61 25.26 -9.54
CA ARG HA 14 -65.79 24.18 -9.01
C ARG HA 14 -64.53 24.02 -9.83
N GLY HA 15 -63.38 24.14 -9.17
CA GLY HA 15 -62.09 23.88 -9.79
C GLY HA 15 -61.47 22.61 -9.23
N THR HA 16 -60.61 21.98 -10.01
CA THR HA 16 -59.87 20.80 -9.58
C THR HA 16 -58.38 21.08 -9.67
N ILE HA 17 -57.65 20.71 -8.63
CA ILE HA 17 -56.20 20.90 -8.57
C ILE HA 17 -55.53 19.79 -9.36
N LEU HA 18 -54.73 20.17 -10.36
CA LEU HA 18 -54.02 19.19 -11.17
C LEU HA 18 -52.60 18.94 -10.67
N GLY HA 19 -51.97 19.94 -10.07
CA GLY HA 19 -50.62 19.77 -9.59
C GLY HA 19 -49.89 21.07 -9.39
N TYR HA 20 -48.60 21.09 -9.70
CA TYR HA 20 -47.73 22.23 -9.49
C TYR HA 20 -47.18 22.71 -10.82
N LYS HA 21 -46.69 23.95 -10.82
CA LYS HA 21 -45.84 24.41 -11.91
C LYS HA 21 -44.66 23.46 -12.04
N ARG HA 22 -44.50 22.87 -13.22
CA ARG HA 22 -43.60 21.74 -13.38
C ARG HA 22 -42.80 21.88 -14.67
N SER HA 23 -41.68 21.19 -14.67
CA SER HA 23 -40.99 20.78 -15.90
C SER HA 23 -40.92 19.26 -15.88
N LYS HA 24 -40.17 18.69 -16.81
CA LYS HA 24 -39.97 17.26 -16.80
C LYS HA 24 -39.13 16.80 -15.60
N SER HA 25 -38.39 17.70 -14.95
CA SER HA 25 -37.41 17.27 -13.95
C SER HA 25 -37.42 18.04 -12.63
N ASN HA 26 -38.19 19.11 -12.48
CA ASN HA 26 -38.38 19.67 -11.15
C ASN HA 26 -39.70 20.42 -11.10
N GLN HA 27 -40.17 20.66 -9.87
CA GLN HA 27 -41.48 21.22 -9.64
C GLN HA 27 -41.40 22.35 -8.63
N TYR HA 28 -42.42 23.20 -8.66
CA TYR HA 28 -42.43 24.44 -7.88
C TYR HA 28 -43.76 24.57 -7.17
N GLU HA 29 -43.72 24.58 -5.84
CA GLU HA 29 -44.92 24.62 -5.03
C GLU HA 29 -45.52 26.01 -4.91
N ASN HA 30 -44.76 27.05 -5.26
CA ASN HA 30 -45.23 28.42 -5.12
C ASN HA 30 -46.42 28.73 -6.01
N THR HA 31 -46.71 27.89 -7.00
CA THR HA 31 -47.89 28.05 -7.84
C THR HA 31 -48.49 26.69 -8.15
N SER HA 32 -49.81 26.61 -8.11
CA SER HA 32 -50.57 25.42 -8.41
C SER HA 32 -51.26 25.55 -9.76
N LEU HA 33 -51.49 24.42 -10.40
CA LEU HA 33 -52.20 24.38 -11.66
C LEU HA 33 -53.63 23.91 -11.41
N LEU HA 34 -54.60 24.64 -11.95
CA LEU HA 34 -55.99 24.41 -11.60
C LEU HA 34 -56.87 24.44 -12.85
N GLN HA 35 -57.78 23.48 -12.94
CA GLN HA 35 -58.74 23.41 -14.03
C GLN HA 35 -60.10 23.85 -13.51
N ILE HA 36 -60.65 24.88 -14.13
CA ILE HA 36 -61.95 25.42 -13.76
C ILE HA 36 -63.00 24.92 -14.72
N GLU HA 37 -64.14 24.47 -14.18
CA GLU HA 37 -65.19 23.92 -15.03
C GLU HA 37 -65.76 24.99 -15.94
N GLY HA 38 -65.88 24.67 -17.23
CA GLY HA 38 -66.46 25.57 -18.21
C GLY HA 38 -65.48 26.49 -18.89
N VAL HA 39 -64.25 26.61 -18.40
CA VAL HA 39 -63.23 27.46 -18.98
C VAL HA 39 -62.39 26.60 -19.92
N ASN HA 40 -62.53 26.82 -21.22
CA ASN HA 40 -61.92 25.96 -22.23
C ASN HA 40 -60.83 26.62 -23.05
N THR HA 41 -60.60 27.92 -22.91
CA THR HA 41 -59.62 28.62 -23.72
C THR HA 41 -58.78 29.52 -22.84
N LYS HA 42 -57.58 29.85 -23.34
CA LYS HA 42 -56.74 30.84 -22.69
C LYS HA 42 -57.36 32.23 -22.70
N GLU HA 43 -58.23 32.51 -23.67
CA GLU HA 43 -58.80 33.84 -23.80
C GLU HA 43 -59.83 34.13 -22.72
N GLU HA 44 -60.70 33.16 -22.42
CA GLU HA 44 -61.72 33.37 -21.41
C GLU HA 44 -61.22 33.13 -20.00
N VAL HA 45 -59.94 32.79 -19.86
CA VAL HA 45 -59.31 32.74 -18.53
C VAL HA 45 -59.20 34.14 -17.95
N GLY HA 46 -58.99 35.15 -18.80
CA GLY HA 46 -58.79 36.50 -18.31
C GLY HA 46 -59.93 37.03 -17.47
N TRP HA 47 -61.14 36.53 -17.68
CA TRP HA 47 -62.26 36.89 -16.81
C TRP HA 47 -61.98 36.48 -15.37
N TYR HA 48 -61.40 35.31 -15.17
CA TYR HA 48 -61.16 34.77 -13.84
C TYR HA 48 -59.86 35.25 -13.21
N ALA HA 49 -59.00 35.93 -13.97
CA ALA HA 49 -57.74 36.41 -13.41
C ALA HA 49 -58.00 37.35 -12.24
N GLY HA 50 -57.32 37.10 -11.12
CA GLY HA 50 -57.51 37.86 -9.91
C GLY HA 50 -58.62 37.38 -9.00
N LYS HA 51 -59.39 36.38 -9.41
CA LYS HA 51 -60.51 35.92 -8.60
C LYS HA 51 -60.01 35.08 -7.43
N ARG HA 52 -60.67 35.24 -6.29
CA ARG HA 52 -60.26 34.56 -5.07
C ARG HA 52 -60.66 33.08 -5.12
N ILE HA 53 -59.87 32.26 -4.44
CA ILE HA 53 -60.00 30.80 -4.48
C ILE HA 53 -59.84 30.27 -3.07
N ALA HA 54 -60.64 29.26 -2.72
CA ALA HA 54 -60.57 28.65 -1.41
C ALA HA 54 -60.43 27.14 -1.55
N TYR HA 55 -59.46 26.55 -0.84
CA TYR HA 55 -59.34 25.12 -0.71
C TYR HA 55 -59.90 24.71 0.65
N VAL HA 56 -60.90 23.84 0.64
CA VAL HA 56 -61.61 23.46 1.86
C VAL HA 56 -61.36 21.99 2.12
N TYR HA 57 -60.86 21.69 3.32
CA TYR HA 57 -60.58 20.32 3.73
C TYR HA 57 -60.96 20.16 5.20
N LYS HA 58 -61.22 18.92 5.59
CA LYS HA 58 -61.58 18.58 6.96
C LYS HA 58 -60.33 18.11 7.69
N ALA HA 59 -60.00 18.78 8.78
CA ALA HA 59 -58.88 18.37 9.61
C ALA HA 59 -59.31 17.26 10.57
N LYS HA 60 -58.47 16.93 11.53
CA LYS HA 60 -58.75 15.87 12.48
C LYS HA 60 -59.26 16.38 13.83
N THR HA 61 -58.83 17.56 14.25
CA THR HA 61 -59.30 18.17 15.48
C THR HA 61 -60.23 19.33 15.17
N LYS HA 62 -60.91 19.80 16.21
CA LYS HA 62 -61.74 21.00 16.09
C LYS HA 62 -60.90 22.22 16.39
N SER HA 63 -61.20 23.32 15.70
CA SER HA 63 -60.44 24.55 15.85
C SER HA 63 -61.27 25.69 16.43
N ASN HA 64 -62.41 25.98 15.83
CA ASN HA 64 -63.35 26.97 16.34
C ASN HA 64 -64.71 26.33 16.48
N ASP HA 65 -64.73 25.16 17.12
CA ASP HA 65 -65.88 24.26 17.12
C ASP HA 65 -66.23 23.82 15.71
N SER HA 66 -65.21 23.76 14.85
CA SER HA 66 -65.36 23.38 13.46
C SER HA 66 -64.25 22.41 13.09
N THR HA 67 -64.57 21.48 12.20
CA THR HA 67 -63.61 20.47 11.74
C THR HA 67 -63.12 20.74 10.32
N ILE HA 68 -63.45 21.90 9.76
CA ILE HA 68 -63.11 22.25 8.38
C ILE HA 68 -62.12 23.41 8.40
N ARG HA 69 -61.09 23.30 7.58
CA ARG HA 69 -60.07 24.32 7.42
C ARG HA 69 -60.16 24.89 6.01
N CYS HA 70 -59.63 26.10 5.83
CA CYS HA 70 -59.65 26.78 4.55
C CYS HA 70 -58.29 27.42 4.26
N ILE HA 71 -57.84 27.27 3.02
CA ILE HA 71 -56.65 27.95 2.52
C ILE HA 71 -57.07 28.81 1.34
N TRP HA 72 -56.69 30.08 1.36
CA TRP HA 72 -57.15 31.05 0.38
C TRP HA 72 -56.07 31.31 -0.66
N GLY HA 73 -56.50 31.46 -1.92
CA GLY HA 73 -55.62 31.81 -3.00
C GLY HA 73 -56.40 32.58 -4.04
N LYS HA 74 -55.71 32.95 -5.11
CA LYS HA 74 -56.31 33.67 -6.22
C LYS HA 74 -55.77 33.12 -7.52
N VAL HA 75 -56.53 33.35 -8.59
CA VAL HA 75 -56.08 33.01 -9.93
C VAL HA 75 -55.09 34.07 -10.38
N THR HA 76 -53.93 33.63 -10.88
CA THR HA 76 -52.86 34.54 -11.24
C THR HA 76 -52.74 34.77 -12.74
N ARG HA 77 -52.82 33.73 -13.54
CA ARG HA 77 -52.66 33.86 -14.99
C ARG HA 77 -53.14 32.57 -15.63
N PRO HA 78 -53.29 32.55 -16.95
CA PRO HA 78 -53.54 31.29 -17.64
C PRO HA 78 -52.31 30.40 -17.69
N HIS HA 79 -52.55 29.12 -17.94
CA HIS HA 79 -51.50 28.14 -18.16
C HIS HA 79 -51.84 27.36 -19.42
N GLY HA 80 -51.07 27.57 -20.48
CA GLY HA 80 -51.34 26.91 -21.74
C GLY HA 80 -52.49 27.55 -22.50
N ASN HA 81 -52.97 26.82 -23.50
CA ASN HA 81 -54.00 27.30 -24.41
C ASN HA 81 -55.41 26.85 -24.04
N SER HA 82 -55.57 25.93 -23.09
CA SER HA 82 -56.81 25.19 -22.95
C SER HA 82 -57.58 25.51 -21.67
N GLY HA 83 -57.27 26.60 -21.00
CA GLY HA 83 -58.07 27.04 -19.87
C GLY HA 83 -57.51 26.74 -18.49
N VAL HA 84 -56.45 25.94 -18.38
CA VAL HA 84 -55.83 25.71 -17.09
C VAL HA 84 -55.14 26.98 -16.61
N VAL HA 85 -55.16 27.22 -15.30
CA VAL HA 85 -54.68 28.48 -14.74
C VAL HA 85 -53.65 28.22 -13.66
N ARG HA 86 -52.82 29.22 -13.42
CA ARG HA 86 -51.89 29.22 -12.30
C ARG HA 86 -52.49 29.96 -11.12
N ALA HA 87 -52.36 29.37 -9.93
CA ALA HA 87 -52.95 29.93 -8.72
C ALA HA 87 -51.91 30.00 -7.61
N LYS HA 88 -51.94 31.10 -6.87
CA LYS HA 88 -51.04 31.31 -5.73
C LYS HA 88 -51.85 31.35 -4.45
N PHE HA 89 -51.50 30.48 -3.51
CA PHE HA 89 -52.16 30.43 -2.22
C PHE HA 89 -51.24 31.00 -1.14
N ARG HA 90 -51.82 31.31 0.02
CA ARG HA 90 -51.05 31.92 1.09
C ARG HA 90 -49.90 31.00 1.51
N SER HA 91 -50.22 29.75 1.78
CA SER HA 91 -49.25 28.68 1.90
C SER HA 91 -49.37 27.77 0.69
N ASN HA 92 -48.27 27.12 0.32
CA ASN HA 92 -48.32 26.18 -0.79
C ASN HA 92 -49.30 25.06 -0.47
N LEU HA 93 -50.04 24.63 -1.48
CA LEU HA 93 -50.98 23.54 -1.28
C LEU HA 93 -50.22 22.25 -1.01
N PRO HA 94 -50.70 21.41 -0.09
CA PRO HA 94 -50.12 20.08 0.07
C PRO HA 94 -50.24 19.29 -1.21
N PRO HA 95 -49.22 18.50 -1.57
CA PRO HA 95 -49.35 17.66 -2.77
C PRO HA 95 -50.47 16.65 -2.65
N THR HA 96 -50.91 16.34 -1.44
CA THR HA 96 -52.05 15.46 -1.24
C THR HA 96 -53.34 16.06 -1.77
N SER HA 97 -53.40 17.38 -1.96
CA SER HA 97 -54.60 18.04 -2.43
C SER HA 97 -54.80 17.97 -3.94
N MET HA 98 -53.81 17.51 -4.70
CA MET HA 98 -53.98 17.45 -6.14
C MET HA 98 -54.99 16.35 -6.50
N GLY HA 99 -55.89 16.68 -7.42
CA GLY HA 99 -57.03 15.84 -7.72
C GLY HA 99 -58.28 16.20 -6.95
N LYS HA 100 -58.19 17.07 -5.96
CA LYS HA 100 -59.33 17.47 -5.16
C LYS HA 100 -60.00 18.72 -5.75
N LYS HA 101 -61.02 19.19 -5.07
CA LYS HA 101 -61.86 20.28 -5.56
C LYS HA 101 -61.52 21.59 -4.87
N VAL HA 102 -61.66 22.67 -5.63
CA VAL HA 102 -61.44 24.02 -5.12
C VAL HA 102 -62.62 24.87 -5.55
N ARG HA 103 -62.88 25.93 -4.78
CA ARG HA 103 -63.99 26.85 -5.04
C ARG HA 103 -63.43 28.15 -5.59
N VAL HA 104 -63.89 28.54 -6.78
CA VAL HA 104 -63.49 29.78 -7.40
C VAL HA 104 -64.65 30.76 -7.30
N PHE HA 105 -64.44 31.85 -6.56
CA PHE HA 105 -65.49 32.83 -6.32
C PHE HA 105 -65.44 33.91 -7.38
N MET HA 106 -66.20 34.99 -7.14
CA MET HA 106 -66.16 36.18 -7.99
C MET HA 106 -65.97 37.44 -7.16
N TYR HA 107 -65.40 37.31 -5.96
CA TYR HA 107 -65.45 38.41 -4.98
C TYR HA 107 -64.82 39.69 -5.49
N PRO HA 108 -63.56 39.71 -5.98
CA PRO HA 108 -63.07 40.94 -6.60
C PRO HA 108 -63.61 41.05 -8.01
N SER HA 109 -64.60 41.92 -8.21
CA SER HA 109 -65.35 41.98 -9.44
C SER HA 109 -65.03 43.26 -10.19
N SER HA 110 -64.68 43.13 -11.46
CA SER HA 110 -64.54 44.27 -12.35
C SER HA 110 -65.81 44.55 -13.13
N ILE HA 111 -66.82 43.70 -13.01
CA ILE HA 111 -68.08 43.88 -13.70
C ILE HA 111 -69.25 43.64 -12.75
N VAL IA 2 -2.79 -64.85 38.90
CA VAL IA 2 -1.99 -65.93 39.47
C VAL IA 2 -0.95 -65.36 40.42
N GLN IA 3 -1.28 -64.24 41.07
CA GLN IA 3 -0.31 -63.52 41.90
C GLN IA 3 0.89 -63.07 41.05
N ARG IA 4 0.59 -62.08 40.22
CA ARG IA 4 1.64 -61.32 39.55
C ARG IA 4 2.45 -60.55 40.59
N LEU IA 5 3.69 -60.20 40.23
CA LEU IA 5 4.66 -59.66 41.17
C LEU IA 5 5.10 -58.26 40.79
N THR IA 6 5.66 -57.56 41.77
CA THR IA 6 6.27 -56.26 41.58
C THR IA 6 7.69 -56.30 42.12
N TYR IA 7 8.52 -55.38 41.64
CA TYR IA 7 9.82 -55.14 42.24
C TYR IA 7 9.64 -54.57 43.64
N ARG IA 8 10.58 -54.89 44.54
CA ARG IA 8 10.50 -54.43 45.91
C ARG IA 8 11.35 -53.21 46.20
N LYS IA 9 12.26 -52.84 45.33
CA LYS IA 9 12.97 -51.58 45.44
C LYS IA 9 12.67 -50.72 44.21
N ARG IA 10 13.32 -49.56 44.14
CA ARG IA 10 13.06 -48.58 43.11
C ARG IA 10 13.88 -48.78 41.85
N HIS IA 11 14.50 -49.95 41.70
CA HIS IA 11 15.12 -50.34 40.44
C HIS IA 11 14.04 -50.91 39.51
N SER IA 12 13.86 -50.27 38.35
CA SER IA 12 12.76 -50.62 37.46
C SER IA 12 13.23 -51.28 36.18
N TYR IA 13 14.51 -51.61 36.04
CA TYR IA 13 15.06 -52.12 34.81
C TYR IA 13 15.70 -53.48 35.06
N ALA IA 14 15.50 -54.40 34.12
CA ALA IA 14 15.97 -55.77 34.25
C ALA IA 14 17.44 -55.85 33.86
N THR IA 15 18.28 -55.32 34.75
CA THR IA 15 19.72 -55.40 34.61
C THR IA 15 20.25 -56.65 35.32
N LYS IA 16 21.51 -56.98 35.04
CA LYS IA 16 22.11 -58.15 35.66
C LYS IA 16 22.22 -58.00 37.18
N SER IA 17 22.32 -56.76 37.67
CA SER IA 17 22.37 -56.51 39.10
C SER IA 17 20.99 -56.43 39.74
N ASN IA 18 19.91 -56.63 38.98
CA ASN IA 18 18.55 -56.55 39.49
C ASN IA 18 17.82 -57.88 39.35
N GLN IA 19 18.55 -58.98 39.23
CA GLN IA 19 17.93 -60.28 39.02
C GLN IA 19 17.22 -60.77 40.27
N THR IA 20 16.05 -61.34 40.07
CA THR IA 20 15.17 -61.76 41.15
C THR IA 20 14.90 -63.25 41.07
N ARG IA 21 14.34 -63.80 42.14
CA ARG IA 21 13.77 -65.13 42.14
C ARG IA 21 12.43 -65.09 42.85
N VAL IA 22 11.57 -66.05 42.52
CA VAL IA 22 10.25 -66.14 43.12
C VAL IA 22 10.31 -67.13 44.28
N VAL IA 23 9.81 -66.71 45.43
CA VAL IA 23 9.76 -67.58 46.60
C VAL IA 23 8.36 -67.55 47.18
N LYS IA 24 7.96 -68.65 47.82
CA LYS IA 24 6.71 -68.72 48.55
C LYS IA 24 6.98 -68.45 50.03
N THR IA 25 6.22 -67.56 50.60
CA THR IA 25 6.39 -67.18 51.99
C THR IA 25 5.47 -68.00 52.89
N PRO IA 26 5.75 -68.03 54.19
CA PRO IA 26 4.78 -68.62 55.14
C PRO IA 26 3.45 -67.87 55.17
N GLY IA 27 3.38 -66.66 54.65
CA GLY IA 27 2.12 -65.97 54.47
C GLY IA 27 1.29 -66.48 53.32
N GLY IA 28 1.78 -67.47 52.58
CA GLY IA 28 1.02 -68.08 51.51
C GLY IA 28 1.03 -67.33 50.22
N LYS IA 29 1.95 -66.39 50.04
CA LYS IA 29 2.01 -65.56 48.85
C LYS IA 29 3.37 -65.70 48.18
N LEU IA 30 3.49 -65.08 47.01
CA LEU IA 30 4.73 -65.04 46.26
C LEU IA 30 5.33 -63.65 46.34
N VAL IA 31 6.63 -63.59 46.62
CA VAL IA 31 7.36 -62.34 46.64
C VAL IA 31 8.64 -62.54 45.84
N TYR IA 32 9.24 -61.44 45.45
CA TYR IA 32 10.53 -61.45 44.80
C TYR IA 32 11.64 -61.42 45.85
N GLN IA 33 12.67 -62.21 45.64
CA GLN IA 33 13.90 -62.08 46.40
C GLN IA 33 15.04 -61.81 45.44
N TYR IA 34 15.89 -60.86 45.79
CA TYR IA 34 16.99 -60.47 44.93
C TYR IA 34 18.18 -61.39 45.16
N THR IA 35 18.73 -61.91 44.07
CA THR IA 35 19.83 -62.87 44.12
C THR IA 35 21.15 -62.16 43.84
N LYS IA 36 22.24 -62.91 43.94
CA LYS IA 36 23.56 -62.39 43.63
C LYS IA 36 23.98 -62.87 42.25
N LYS IA 37 24.72 -62.02 41.54
CA LYS IA 37 25.19 -62.37 40.21
C LYS IA 37 26.10 -63.58 40.28
N ARG IA 38 25.99 -64.45 39.28
CA ARG IA 38 26.89 -65.59 39.17
C ARG IA 38 28.32 -65.11 38.99
N ALA IA 39 29.23 -65.68 39.76
CA ALA IA 39 30.63 -65.30 39.74
C ALA IA 39 31.52 -66.48 39.39
N SER IA 40 32.54 -66.22 38.61
CA SER IA 40 33.60 -67.20 38.43
C SER IA 40 34.37 -67.37 39.74
N GLY IA 41 34.96 -68.54 39.92
CA GLY IA 41 35.83 -68.76 41.03
C GLY IA 41 37.25 -68.37 40.68
N PRO IA 42 38.21 -68.81 41.49
CA PRO IA 42 39.63 -68.61 41.12
C PRO IA 42 39.98 -69.40 39.87
N LYS IA 43 40.91 -68.85 39.09
CA LYS IA 43 41.34 -69.46 37.85
C LYS IA 43 42.85 -69.60 37.85
N CYS IA 44 43.33 -70.62 37.14
CA CYS IA 44 44.77 -70.82 37.01
C CYS IA 44 45.30 -70.00 35.84
N PRO IA 45 46.41 -69.27 36.01
CA PRO IA 45 46.91 -68.46 34.90
C PRO IA 45 47.66 -69.23 33.84
N VAL IA 46 48.19 -70.41 34.13
CA VAL IA 46 48.97 -71.15 33.13
C VAL IA 46 48.16 -72.23 32.43
N THR IA 47 47.10 -72.74 33.05
CA THR IA 47 46.23 -73.69 32.36
C THR IA 47 44.86 -73.13 32.00
N GLY IA 48 44.40 -72.09 32.69
CA GLY IA 48 43.09 -71.54 32.46
C GLY IA 48 41.96 -72.31 33.12
N LYS IA 49 42.27 -73.38 33.84
CA LYS IA 49 41.27 -74.25 34.42
C LYS IA 49 40.88 -73.76 35.81
N LYS IA 50 39.80 -74.33 36.34
CA LYS IA 50 39.29 -73.93 37.63
C LYS IA 50 40.22 -74.40 38.75
N ILE IA 51 40.30 -73.58 39.81
CA ILE IA 51 41.08 -73.90 40.99
C ILE IA 51 40.20 -74.73 41.93
N GLN IA 52 40.62 -75.96 42.20
CA GLN IA 52 39.83 -76.86 43.02
C GLN IA 52 39.85 -76.42 44.49
N GLY IA 53 38.76 -76.72 45.19
CA GLY IA 53 38.69 -76.55 46.62
C GLY IA 53 38.21 -75.20 47.11
N ILE IA 54 37.86 -74.27 46.24
CA ILE IA 54 37.42 -72.95 46.69
C ILE IA 54 36.07 -72.62 46.06
N PRO IA 55 35.11 -72.10 46.83
CA PRO IA 55 33.78 -71.82 46.26
C PRO IA 55 33.78 -70.61 45.34
N HIS IA 56 32.72 -70.54 44.52
CA HIS IA 56 32.55 -69.48 43.54
C HIS IA 56 31.64 -68.41 44.12
N LEU IA 57 32.23 -67.30 44.57
CA LEU IA 57 31.50 -66.25 45.27
C LEU IA 57 31.81 -64.89 44.65
N ARG IA 58 31.00 -63.91 45.03
CA ARG IA 58 31.33 -62.53 44.76
C ARG IA 58 32.60 -62.15 45.54
N PRO IA 59 33.40 -61.22 45.02
CA PRO IA 59 34.72 -60.96 45.64
C PRO IA 59 34.67 -60.58 47.10
N THR IA 60 33.65 -59.84 47.53
CA THR IA 60 33.56 -59.40 48.91
C THR IA 60 33.00 -60.46 49.84
N GLU IA 61 32.46 -61.55 49.31
CA GLU IA 61 32.06 -62.70 50.13
C GLU IA 61 33.23 -63.57 50.53
N TYR IA 62 34.41 -63.37 49.93
CA TYR IA 62 35.63 -64.06 50.33
C TYR IA 62 36.33 -63.37 51.49
N LYS IA 63 35.80 -62.24 51.98
CA LYS IA 63 36.45 -61.49 53.04
C LYS IA 63 36.67 -62.36 54.27
N ARG IA 64 37.78 -62.12 54.96
CA ARG IA 64 38.19 -63.01 56.04
C ARG IA 64 37.16 -63.08 57.14
N SER IA 65 36.57 -61.94 57.51
CA SER IA 65 35.52 -61.92 58.51
C SER IA 65 34.27 -62.66 58.08
N ARG IA 66 34.12 -62.96 56.79
CA ARG IA 66 32.92 -63.57 56.27
C ARG IA 66 33.10 -65.00 55.79
N LEU IA 67 34.33 -65.46 55.61
CA LEU IA 67 34.60 -66.80 55.12
C LEU IA 67 35.69 -67.45 55.96
N SER IA 68 35.53 -68.74 56.20
CA SER IA 68 36.49 -69.51 56.97
C SER IA 68 37.79 -69.69 56.18
N ARG IA 69 38.87 -69.97 56.91
CA ARG IA 69 40.19 -70.02 56.28
C ARG IA 69 40.36 -71.25 55.41
N ASN IA 70 39.79 -72.38 55.81
CA ASN IA 70 39.92 -73.59 55.01
C ASN IA 70 39.26 -73.41 53.65
N ARG IA 71 38.16 -72.66 53.60
CA ARG IA 71 37.48 -72.42 52.33
C ARG IA 71 38.29 -71.50 51.42
N ARG IA 72 39.14 -70.65 51.99
CA ARG IA 72 39.85 -69.65 51.20
C ARG IA 72 41.12 -70.19 50.57
N THR IA 73 41.72 -71.24 51.14
CA THR IA 73 43.08 -71.63 50.78
C THR IA 73 43.13 -73.09 50.36
N VAL IA 74 44.26 -73.46 49.75
CA VAL IA 74 44.63 -74.84 49.46
C VAL IA 74 46.02 -75.07 50.05
N ASN IA 75 46.24 -76.24 50.64
CA ASN IA 75 47.48 -76.54 51.36
C ASN IA 75 48.48 -77.18 50.40
N ARG IA 76 49.18 -76.32 49.69
CA ARG IA 76 50.23 -76.65 48.74
C ARG IA 76 50.89 -75.33 48.36
N PRO IA 77 52.16 -75.32 47.97
CA PRO IA 77 52.74 -74.10 47.42
C PRO IA 77 51.93 -73.60 46.23
N TYR IA 78 51.76 -72.28 46.16
CA TYR IA 78 50.91 -71.64 45.16
C TYR IA 78 49.46 -72.12 45.25
N GLY IA 79 48.99 -72.30 46.48
CA GLY IA 79 47.74 -73.00 46.76
C GLY IA 79 46.53 -72.60 45.95
N GLY IA 80 46.00 -71.40 46.16
CA GLY IA 80 44.86 -70.96 45.39
C GLY IA 80 45.21 -70.25 44.10
N VAL IA 81 46.48 -70.22 43.72
CA VAL IA 81 46.94 -69.49 42.55
C VAL IA 81 47.17 -70.42 41.36
N LEU IA 82 47.94 -71.47 41.56
CA LEU IA 82 48.26 -72.42 40.51
C LEU IA 82 47.63 -73.77 40.81
N SER IA 83 47.23 -74.45 39.76
CA SER IA 83 46.71 -75.80 39.91
C SER IA 83 47.85 -76.78 40.16
N GLY IA 84 47.49 -77.99 40.53
CA GLY IA 84 48.44 -79.06 40.75
C GLY IA 84 49.33 -79.38 39.56
N PRO IA 85 48.74 -79.51 38.36
CA PRO IA 85 49.60 -79.73 37.18
C PRO IA 85 50.59 -78.63 36.93
N ALA IA 86 50.20 -77.37 37.18
CA ALA IA 86 51.11 -76.25 36.97
C ALA IA 86 52.26 -76.28 37.98
N VAL IA 87 51.96 -76.66 39.22
CA VAL IA 87 52.99 -76.69 40.25
C VAL IA 87 53.97 -77.82 40.00
N ARG IA 88 53.49 -78.97 39.54
CA ARG IA 88 54.37 -80.08 39.21
C ARG IA 88 55.32 -79.69 38.08
N GLU IA 89 54.81 -79.03 37.04
CA GLU IA 89 55.66 -78.64 35.93
C GLU IA 89 56.72 -77.63 36.35
N ARG IA 90 56.36 -76.70 37.23
CA ARG IA 90 57.34 -75.69 37.67
C ARG IA 90 58.43 -76.32 38.52
N ILE IA 91 58.08 -77.24 39.41
CA ILE IA 91 59.07 -77.92 40.23
C ILE IA 91 60.04 -78.69 39.34
N ILE IA 92 59.51 -79.43 38.37
CA ILE IA 92 60.37 -80.22 37.48
C ILE IA 92 61.22 -79.31 36.60
N ARG IA 93 60.63 -78.25 36.06
CA ARG IA 93 61.39 -77.30 35.25
C ARG IA 93 62.47 -76.62 36.07
N ALA IA 94 62.15 -76.22 37.31
CA ALA IA 94 63.12 -75.54 38.16
C ALA IA 94 64.32 -76.42 38.44
N PHE IA 95 64.07 -77.71 38.72
CA PHE IA 95 65.17 -78.61 39.04
C PHE IA 95 65.96 -79.00 37.80
N LEU IA 96 65.27 -79.28 36.69
CA LEU IA 96 65.96 -79.80 35.51
C LEU IA 96 66.80 -78.74 34.82
N VAL IA 97 66.30 -77.50 34.77
CA VAL IA 97 67.08 -76.42 34.21
C VAL IA 97 68.27 -76.10 35.10
N GLU IA 98 68.09 -76.20 36.42
CA GLU IA 98 69.20 -75.96 37.34
C GLU IA 98 70.30 -76.98 37.15
N GLU IA 99 69.94 -78.25 36.91
CA GLU IA 99 70.96 -79.25 36.62
C GLU IA 99 71.70 -78.93 35.32
N GLN IA 100 70.99 -78.41 34.32
CA GLN IA 100 71.61 -78.05 33.06
C GLN IA 100 72.60 -76.92 33.23
N LYS IA 101 72.32 -75.99 34.15
CA LYS IA 101 73.26 -74.90 34.41
C LYS IA 101 74.58 -75.43 34.95
N ILE IA 102 74.52 -76.44 35.83
CA ILE IA 102 75.74 -77.07 36.33
C ILE IA 102 76.47 -77.78 35.21
N VAL IA 103 75.74 -78.48 34.35
CA VAL IA 103 76.38 -79.20 33.26
C VAL IA 103 77.03 -78.23 32.28
N LYS IA 104 76.39 -77.09 32.03
CA LYS IA 104 77.01 -76.06 31.20
C LYS IA 104 78.30 -75.56 31.82
N LYS IA 105 78.31 -75.40 33.15
CA LYS IA 105 79.51 -74.92 33.82
C LYS IA 105 80.65 -75.91 33.71
N VAL IA 106 80.36 -77.21 33.89
CA VAL IA 106 81.41 -78.23 33.81
C VAL IA 106 81.94 -78.34 32.39
N LEU IA 107 81.05 -78.38 31.40
CA LEU IA 107 81.45 -78.50 30.01
C LEU IA 107 81.85 -77.15 29.42
N VAL JA 6 14.80 -7.96 82.44
CA VAL JA 6 13.99 -7.01 83.19
C VAL JA 6 14.89 -6.02 83.93
N LYS JA 7 14.71 -4.74 83.65
CA LYS JA 7 15.46 -3.66 84.30
C LYS JA 7 16.97 -3.83 84.05
N ALA JA 8 17.35 -3.61 82.79
CA ALA JA 8 18.75 -3.71 82.37
C ALA JA 8 19.70 -3.02 83.33
N GLY JA 9 19.25 -1.97 84.02
CA GLY JA 9 20.08 -1.35 85.04
C GLY JA 9 20.48 -2.32 86.13
N GLU JA 10 19.54 -3.17 86.56
CA GLU JA 10 19.87 -4.22 87.52
C GLU JA 10 20.77 -5.28 86.89
N LEU JA 11 20.56 -5.59 85.61
CA LEU JA 11 21.38 -6.57 84.91
C LEU JA 11 22.84 -6.15 84.88
N TRP JA 12 23.11 -4.86 84.68
CA TRP JA 12 24.49 -4.38 84.65
C TRP JA 12 25.15 -4.49 86.03
N ASN JA 13 24.35 -4.53 87.10
CA ASN JA 13 24.91 -4.71 88.44
C ASN JA 13 25.36 -6.15 88.67
N LYS JA 14 24.59 -7.12 88.18
CA LYS JA 14 24.83 -8.51 88.52
C LYS JA 14 26.14 -9.00 87.91
N SER JA 15 26.76 -9.95 88.60
CA SER JA 15 28.03 -10.53 88.16
C SER JA 15 27.79 -11.51 87.01
N LYS JA 16 28.87 -12.10 86.52
CA LYS JA 16 28.75 -12.97 85.35
C LYS JA 16 28.08 -14.30 85.70
N ASP JA 17 28.37 -14.84 86.88
CA ASP JA 17 27.69 -16.07 87.32
C ASP JA 17 26.19 -15.82 87.50
N ASP JA 18 25.82 -14.66 88.03
CA ASP JA 18 24.41 -14.33 88.20
C ASP JA 18 23.73 -14.08 86.86
N LEU JA 19 24.46 -13.49 85.92
CA LEU JA 19 23.88 -13.19 84.61
C LEU JA 19 23.62 -14.46 83.82
N THR JA 20 24.52 -15.44 83.91
CA THR JA 20 24.29 -16.70 83.22
C THR JA 20 23.22 -17.54 83.92
N LYS JA 21 23.06 -17.36 85.23
CA LYS JA 21 21.98 -18.03 85.93
C LYS JA 21 20.63 -17.47 85.50
N GLN JA 22 20.56 -16.14 85.28
CA GLN JA 22 19.35 -15.56 84.73
C GLN JA 22 19.10 -16.05 83.31
N LEU JA 23 20.15 -16.21 82.52
CA LEU JA 23 20.00 -16.69 81.16
C LEU JA 23 19.43 -18.10 81.12
N ALA JA 24 19.88 -18.96 82.05
CA ALA JA 24 19.36 -20.33 82.09
C ALA JA 24 17.89 -20.35 82.46
N GLU JA 25 17.48 -19.53 83.43
CA GLU JA 25 16.09 -19.52 83.87
C GLU JA 25 15.16 -19.08 82.75
N LEU JA 26 15.54 -18.04 82.02
CA LEU JA 26 14.66 -17.54 80.96
C LEU JA 26 14.58 -18.49 79.78
N LYS JA 27 15.61 -19.31 79.56
CA LYS JA 27 15.55 -20.31 78.50
C LYS JA 27 14.62 -21.45 78.88
N THR JA 28 14.70 -21.92 80.12
CA THR JA 28 13.74 -22.92 80.62
C THR JA 28 12.31 -22.40 80.52
N GLU JA 29 12.13 -21.09 80.71
CA GLU JA 29 10.78 -20.56 80.83
C GLU JA 29 10.18 -20.28 79.47
N LEU JA 30 11.01 -19.93 78.50
CA LEU JA 30 10.52 -19.80 77.12
C LEU JA 30 10.14 -21.16 76.55
N GLY JA 31 10.84 -22.22 76.97
CA GLY JA 31 10.47 -23.56 76.55
C GLY JA 31 9.13 -24.00 77.10
N GLN JA 32 8.87 -23.68 78.37
CA GLN JA 32 7.58 -24.03 78.97
C GLN JA 32 6.44 -23.29 78.28
N LEU JA 33 6.72 -22.12 77.71
CA LEU JA 33 5.69 -21.38 76.98
C LEU JA 33 5.43 -21.98 75.61
N ARG JA 34 6.49 -22.43 74.93
CA ARG JA 34 6.31 -23.06 73.62
C ARG JA 34 5.56 -24.37 73.74
N ILE JA 35 5.65 -25.03 74.89
CA ILE JA 35 4.83 -26.20 75.15
C ILE JA 35 3.38 -25.77 75.36
N GLN JA 36 3.19 -24.68 76.10
CA GLN JA 36 1.86 -24.13 76.32
C GLN JA 36 1.24 -23.64 75.01
N LYS JA 37 2.04 -23.06 74.13
CA LYS JA 37 1.53 -22.51 72.89
C LYS JA 37 0.94 -23.60 72.00
N VAL JA 38 1.58 -24.77 71.95
CA VAL JA 38 1.07 -25.84 71.11
C VAL JA 38 -0.07 -26.59 71.77
N ALA JA 39 -0.27 -26.47 73.08
CA ALA JA 39 -1.38 -27.18 73.73
C ALA JA 39 -2.60 -26.29 73.88
N SER JA 40 -2.54 -25.30 74.76
CA SER JA 40 -3.63 -24.35 74.96
C SER JA 40 -3.27 -23.26 75.95
N SER JA 41 -3.61 -22.01 75.65
CA SER JA 41 -3.65 -20.91 76.62
C SER JA 41 -4.12 -19.64 75.90
N GLY JA 42 -4.42 -18.62 76.69
CA GLY JA 42 -4.86 -17.34 76.16
C GLY JA 42 -4.06 -16.13 76.59
N SER JA 43 -3.43 -16.21 77.77
CA SER JA 43 -2.61 -15.11 78.27
C SER JA 43 -1.17 -15.51 78.53
N LYS JA 44 -0.82 -16.77 78.39
CA LYS JA 44 0.58 -17.17 78.35
C LYS JA 44 1.24 -16.90 77.01
N LEU JA 45 0.45 -16.58 75.97
CA LEU JA 45 1.03 -16.33 74.65
C LEU JA 45 1.76 -15.00 74.59
N ASN JA 46 1.31 -13.99 75.33
CA ASN JA 46 2.01 -12.72 75.32
C ASN JA 46 3.26 -12.73 76.17
N ARG JA 47 3.42 -13.72 77.05
CA ARG JA 47 4.67 -13.89 77.78
C ARG JA 47 5.81 -14.28 76.86
N ILE JA 48 5.51 -14.84 75.69
CA ILE JA 48 6.56 -15.25 74.76
C ILE JA 48 7.38 -14.05 74.32
N HIS JA 49 6.70 -12.97 73.93
CA HIS JA 49 7.39 -11.77 73.50
C HIS JA 49 8.17 -11.14 74.66
N ASP JA 50 7.57 -11.10 75.85
CA ASP JA 50 8.25 -10.52 77.00
C ASP JA 50 9.50 -11.31 77.37
N ILE JA 51 9.44 -12.63 77.29
CA ILE JA 51 10.57 -13.45 77.75
C ILE JA 51 11.63 -13.57 76.68
N ARG JA 52 11.22 -13.69 75.42
CA ARG JA 52 12.18 -13.68 74.33
C ARG JA 52 13.01 -12.41 74.33
N LYS JA 53 12.39 -11.27 74.62
CA LYS JA 53 13.12 -10.01 74.69
C LYS JA 53 14.05 -9.98 75.90
N SER JA 54 13.66 -10.62 77.00
CA SER JA 54 14.53 -10.69 78.17
C SER JA 54 15.77 -11.53 77.89
N ILE JA 55 15.63 -12.60 77.11
CA ILE JA 55 16.80 -13.39 76.73
C ILE JA 55 17.75 -12.56 75.89
N ALA JA 56 17.20 -11.79 74.94
CA ALA JA 56 18.01 -10.86 74.17
C ALA JA 56 18.66 -9.82 75.07
N ARG JA 57 17.91 -9.31 76.04
CA ARG JA 57 18.44 -8.30 76.95
C ARG JA 57 19.61 -8.82 77.75
N VAL JA 58 19.52 -10.04 78.26
CA VAL JA 58 20.60 -10.61 79.07
C VAL JA 58 21.83 -10.86 78.22
N LEU JA 59 21.64 -11.40 77.01
CA LEU JA 59 22.77 -11.71 76.14
C LEU JA 59 23.47 -10.45 75.65
N THR JA 60 22.71 -9.35 75.48
CA THR JA 60 23.32 -8.07 75.13
C THR JA 60 24.24 -7.59 76.23
N VAL JA 61 23.78 -7.67 77.48
CA VAL JA 61 24.57 -7.18 78.61
C VAL JA 61 25.83 -8.02 78.78
N ILE JA 62 25.69 -9.35 78.69
CA ILE JA 62 26.86 -10.22 78.81
C ILE JA 62 27.86 -9.93 77.72
N ASN JA 63 27.37 -9.74 76.49
CA ASN JA 63 28.27 -9.46 75.38
C ASN JA 63 28.97 -8.12 75.53
N ALA JA 64 28.23 -7.09 75.93
CA ALA JA 64 28.83 -5.75 76.07
C ALA JA 64 29.89 -5.73 77.16
N LYS JA 65 29.68 -6.51 78.23
CA LYS JA 65 30.71 -6.62 79.26
C LYS JA 65 31.95 -7.32 78.74
N GLN JA 66 31.76 -8.39 77.96
CA GLN JA 66 32.90 -9.14 77.42
C GLN JA 66 33.78 -8.26 76.55
N ARG JA 67 33.18 -7.51 75.63
CA ARG JA 67 33.96 -6.67 74.72
C ARG JA 67 34.69 -5.57 75.48
N ALA JA 68 34.02 -4.93 76.43
CA ALA JA 68 34.68 -3.88 77.22
C ALA JA 68 35.84 -4.45 78.01
N GLN JA 69 35.68 -5.65 78.56
CA GLN JA 69 36.78 -6.32 79.24
C GLN JA 69 37.94 -6.62 78.30
N LEU JA 70 37.65 -7.12 77.10
CA LEU JA 70 38.70 -7.45 76.14
C LEU JA 70 39.39 -6.19 75.63
N ARG JA 71 38.63 -5.11 75.42
CA ARG JA 71 39.23 -3.86 75.01
C ARG JA 71 40.17 -3.31 76.07
N LEU JA 72 39.88 -3.59 77.35
CA LEU JA 72 40.78 -3.17 78.41
C LEU JA 72 42.03 -4.05 78.47
N PHE JA 73 41.85 -5.35 78.28
CA PHE JA 73 42.97 -6.28 78.38
C PHE JA 73 43.93 -6.18 77.20
N TYR JA 74 43.55 -5.51 76.12
CA TYR JA 74 44.36 -5.45 74.91
C TYR JA 74 44.83 -4.04 74.60
N LYS JA 75 44.76 -3.13 75.56
CA LYS JA 75 45.18 -1.75 75.33
C LYS JA 75 46.60 -1.52 75.84
N LYS JA 78 48.42 -4.90 73.14
CA LYS JA 78 49.36 -4.81 72.03
C LYS JA 78 48.63 -4.76 70.70
N TYR JA 79 48.94 -5.73 69.84
CA TYR JA 79 48.15 -5.92 68.64
C TYR JA 79 46.70 -6.19 69.02
N ALA JA 80 45.82 -5.61 68.30
CA ALA JA 80 44.43 -5.84 68.67
C ALA JA 80 43.85 -6.99 67.87
N PRO JA 81 42.93 -7.76 68.46
CA PRO JA 81 42.25 -8.80 67.70
C PRO JA 81 41.44 -8.23 66.56
N LEU JA 82 41.29 -9.01 65.49
CA LEU JA 82 40.70 -8.49 64.26
C LEU JA 82 39.29 -7.99 64.47
N ASP JA 83 38.52 -8.63 65.36
CA ASP JA 83 37.17 -8.15 65.63
C ASP JA 83 37.14 -6.91 66.51
N LEU JA 84 38.23 -6.61 67.23
CA LEU JA 84 38.29 -5.44 68.08
C LEU JA 84 38.83 -4.20 67.37
N ARG JA 85 39.32 -4.35 66.14
CA ARG JA 85 39.97 -3.24 65.47
C ARG JA 85 38.95 -2.23 64.97
N ALA JA 86 39.39 -0.99 64.84
CA ALA JA 86 38.53 0.08 64.36
C ALA JA 86 37.99 -0.24 62.97
N LYS JA 87 36.67 -0.42 62.86
CA LYS JA 87 36.05 -0.75 61.59
C LYS JA 87 35.60 0.54 60.91
N GLN JA 88 36.13 0.79 59.73
CA GLN JA 88 35.77 1.96 58.93
C GLN JA 88 35.44 1.41 57.55
N THR JA 89 35.35 2.28 56.55
CA THR JA 89 35.40 1.75 55.20
C THR JA 89 36.79 1.18 54.92
N ARG JA 90 36.86 0.29 53.92
CA ARG JA 90 38.12 -0.35 53.60
C ARG JA 90 39.12 0.64 53.05
N ALA JA 91 38.66 1.69 52.37
CA ALA JA 91 39.56 2.69 51.82
C ALA JA 91 40.11 3.60 52.92
N ILE JA 92 39.30 3.90 53.94
CA ILE JA 92 39.78 4.73 55.04
C ILE JA 92 40.90 4.03 55.79
N ARG JA 93 40.79 2.70 55.95
CA ARG JA 93 41.83 1.94 56.66
C ARG JA 93 43.14 1.92 55.88
N ARG JA 94 43.09 2.07 54.56
CA ARG JA 94 44.30 2.04 53.74
C ARG JA 94 44.99 3.39 53.63
N ARG JA 95 44.47 4.43 54.27
CA ARG JA 95 45.00 5.77 54.11
C ARG JA 95 46.30 5.97 54.88
N LEU JA 96 47.13 6.89 54.38
CA LEU JA 96 48.31 7.34 55.09
C LEU JA 96 47.91 8.12 56.34
N SER JA 97 48.78 8.04 57.35
CA SER JA 97 48.58 8.81 58.57
C SER JA 97 48.83 10.29 58.33
N PRO JA 98 48.33 11.16 59.22
CA PRO JA 98 48.72 12.58 59.13
C PRO JA 98 50.21 12.82 59.20
N ASP JA 99 50.93 12.04 60.00
CA ASP JA 99 52.38 12.15 60.01
C ASP JA 99 52.95 11.82 58.64
N GLU JA 100 52.41 10.81 57.98
CA GLU JA 100 52.87 10.44 56.65
C GLU JA 100 52.38 11.41 55.59
N LYS JA 101 51.17 11.95 55.74
CA LYS JA 101 50.66 12.92 54.78
C LYS JA 101 51.37 14.26 54.88
N SER JA 102 51.83 14.63 56.07
CA SER JA 102 52.46 15.93 56.28
C SER JA 102 53.97 15.90 56.16
N ARG JA 103 54.55 14.78 55.77
CA ARG JA 103 56.01 14.71 55.69
C ARG JA 103 56.50 15.20 54.34
N VAL JA 104 57.50 16.09 54.38
CA VAL JA 104 58.14 16.61 53.20
C VAL JA 104 59.64 16.56 53.44
N LEU JA 105 60.39 16.66 52.35
CA LEU JA 105 61.84 16.55 52.41
C LEU JA 105 62.50 17.88 52.78
N GLU JA 106 63.81 17.82 52.96
CA GLU JA 106 64.56 18.95 53.51
C GLU JA 106 64.47 20.18 52.63
N LYS JA 107 64.63 20.02 51.32
CA LYS JA 107 64.60 21.15 50.41
C LYS JA 107 63.25 21.85 50.43
N THR JA 108 62.18 21.16 50.81
CA THR JA 108 60.87 21.78 50.95
C THR JA 108 60.66 22.37 52.34
N LYS JA 109 61.20 21.70 53.37
CA LYS JA 109 61.09 22.25 54.72
C LYS JA 109 61.93 23.51 54.87
N LYS JA 110 63.03 23.62 54.13
CA LYS JA 110 63.86 24.81 54.19
C LYS JA 110 63.14 26.02 53.61
N ARG JA 111 62.51 25.84 52.44
CA ARG JA 111 61.86 26.96 51.77
C ARG JA 111 60.70 27.51 52.60
N THR JA 112 60.02 26.64 53.35
CA THR JA 112 58.98 27.11 54.26
C THR JA 112 59.59 27.86 55.44
N VAL JA 113 60.75 27.44 55.93
CA VAL JA 113 61.40 28.13 57.02
C VAL JA 113 61.87 29.52 56.59
N HIS JA 114 62.53 29.60 55.42
CA HIS JA 114 63.14 30.85 54.98
C HIS JA 114 62.18 31.75 54.24
N PHE JA 115 61.29 31.20 53.41
CA PHE JA 115 60.37 31.99 52.60
C PHE JA 115 58.96 31.45 52.71
N PRO JA 116 58.28 31.69 53.82
CA PRO JA 116 56.85 31.42 53.90
C PRO JA 116 56.06 32.57 53.28
N GLN JA 117 54.80 32.28 52.99
CA GLN JA 117 53.91 33.31 52.49
C GLN JA 117 53.68 34.36 53.57
N ARG JA 118 53.74 35.63 53.18
CA ARG JA 118 53.68 36.72 54.12
C ARG JA 118 52.28 37.32 54.19
N LYS JA 119 52.06 38.10 55.24
CA LYS JA 119 50.84 38.87 55.42
C LYS JA 119 51.14 40.31 54.98
N PHE JA 120 50.40 40.80 53.99
CA PHE JA 120 50.68 42.11 53.44
C PHE JA 120 49.37 42.78 53.05
N ALA JA 121 49.47 44.05 52.70
CA ALA JA 121 48.32 44.83 52.24
C ALA JA 121 48.81 45.92 51.31
N ILE JA 122 47.89 46.43 50.50
CA ILE JA 122 48.16 47.53 49.57
C ILE JA 122 47.57 48.80 50.17
N LYS JA 123 48.38 49.85 50.25
CA LYS JA 123 47.94 51.12 50.80
C LYS JA 123 46.77 51.71 50.01
N SER KA 4 70.75 42.57 18.05
CA SER KA 4 71.53 43.69 18.55
C SER KA 4 71.30 44.94 17.70
N GLN KA 5 70.36 44.86 16.77
CA GLN KA 5 70.10 45.94 15.84
C GLN KA 5 68.68 46.45 15.99
N PRO KA 6 68.47 47.75 16.16
CA PRO KA 6 67.12 48.30 16.12
C PRO KA 6 66.58 48.29 14.71
N LYS KA 7 65.25 48.29 14.62
CA LYS KA 7 64.57 48.29 13.33
C LYS KA 7 64.37 49.72 12.84
N SER KA 8 64.28 49.87 11.53
CA SER KA 8 63.85 51.12 10.93
C SER KA 8 62.33 51.18 10.98
N GLY KA 9 61.78 52.30 11.45
CA GLY KA 9 60.35 52.33 11.58
C GLY KA 9 59.67 52.75 10.29
N LEU KA 10 59.31 51.76 9.48
CA LEU KA 10 58.65 52.01 8.21
C LEU KA 10 57.52 51.05 7.87
N PHE KA 11 57.40 49.92 8.57
CA PHE KA 11 56.37 48.92 8.37
C PHE KA 11 56.56 48.10 7.09
N VAL KA 12 57.49 48.50 6.23
CA VAL KA 12 57.86 47.71 5.06
C VAL KA 12 59.36 47.86 4.86
N GLY KA 13 59.96 46.83 4.26
CA GLY KA 13 61.37 46.89 3.92
C GLY KA 13 62.25 45.87 4.62
N ILE KA 14 63.56 46.16 4.67
CA ILE KA 14 64.52 45.18 5.16
C ILE KA 14 64.35 44.97 6.67
N ASN KA 15 64.24 46.04 7.43
CA ASN KA 15 64.04 45.90 8.87
C ASN KA 15 62.56 45.95 9.25
N LYS KA 16 61.85 46.97 8.78
CA LYS KA 16 60.39 47.07 8.87
C LYS KA 16 59.87 46.76 10.27
N GLY KA 17 60.16 47.65 11.20
CA GLY KA 17 59.57 47.48 12.51
C GLY KA 17 59.71 48.71 13.38
N HIS KA 18 59.00 48.65 14.52
CA HIS KA 18 59.07 49.66 15.56
C HIS KA 18 60.47 49.69 16.18
N VAL KA 19 60.89 50.88 16.60
CA VAL KA 19 62.21 51.09 17.19
C VAL KA 19 62.09 51.05 18.70
N VAL KA 20 62.88 50.19 19.35
CA VAL KA 20 62.74 49.98 20.79
C VAL KA 20 64.07 49.98 21.56
N THR KA 21 65.14 50.49 20.96
CA THR KA 21 66.46 50.61 21.61
C THR KA 21 66.86 49.33 22.37
N LYS KA 22 67.15 48.30 21.57
CA LYS KA 22 67.49 46.96 22.03
C LYS KA 22 68.59 46.92 23.09
N ARG KA 23 68.65 45.81 23.84
CA ARG KA 23 69.65 45.60 24.87
C ARG KA 23 70.22 44.19 24.74
N GLU KA 24 71.40 44.00 25.32
CA GLU KA 24 72.06 42.70 25.27
C GLU KA 24 71.42 41.73 26.25
N LEU KA 25 71.07 40.54 25.75
CA LEU KA 25 70.47 39.50 26.58
C LEU KA 25 71.53 38.83 27.44
N PRO KA 26 71.25 38.60 28.73
CA PRO KA 26 72.27 38.02 29.60
C PRO KA 26 72.42 36.53 29.34
N PRO KA 27 73.57 35.95 29.69
CA PRO KA 27 73.75 34.50 29.55
C PRO KA 27 72.78 33.73 30.45
N ARG KA 28 72.30 32.61 29.94
CA ARG KA 28 71.46 31.70 30.69
C ARG KA 28 72.15 30.34 30.81
N PRO KA 29 71.79 29.55 31.83
CA PRO KA 29 72.44 28.23 31.97
C PRO KA 29 72.26 27.34 30.76
N SER KA 30 71.11 27.40 30.09
CA SER KA 30 70.82 26.57 28.94
C SER KA 30 71.60 26.98 27.70
N ASP KA 31 72.32 28.09 27.75
CA ASP KA 31 73.23 28.45 26.67
C ASP KA 31 74.40 27.49 26.56
N ARG KA 32 74.69 26.72 27.60
CA ARG KA 32 75.81 25.80 27.63
C ARG KA 32 75.41 24.36 27.37
N LYS KA 33 74.18 24.14 26.89
CA LYS KA 33 73.73 22.79 26.57
C LYS KA 33 74.52 22.21 25.42
N GLY KA 34 74.73 20.89 25.47
CA GLY KA 34 75.46 20.20 24.43
C GLY KA 34 76.90 20.64 24.30
N LYS KA 35 77.58 20.84 25.42
CA LYS KA 35 78.96 21.32 25.43
C LYS KA 35 79.79 20.37 26.25
N GLY KA 36 80.77 19.73 25.62
CA GLY KA 36 81.67 18.85 26.34
C GLY KA 36 82.46 19.63 27.35
N THR KA 37 82.32 19.28 28.62
CA THR KA 37 82.94 20.10 29.66
C THR KA 37 84.30 19.55 30.06
N LYS KA 38 84.29 18.37 30.69
CA LYS KA 38 85.45 17.56 31.05
C LYS KA 38 84.92 16.37 31.84
N ARG KA 39 85.69 15.30 31.87
CA ARG KA 39 85.38 14.12 32.66
C ARG KA 39 84.19 13.37 32.07
N VAL KA 40 83.48 14.01 31.14
CA VAL KA 40 82.50 13.30 30.35
C VAL KA 40 83.12 12.88 29.02
N HIS KA 41 83.98 13.74 28.46
CA HIS KA 41 84.84 13.32 27.36
C HIS KA 41 85.79 12.22 27.81
N PHE KA 42 86.33 12.34 29.02
CA PHE KA 42 87.23 11.32 29.55
C PHE KA 42 86.54 9.98 29.65
N VAL KA 43 85.33 9.95 30.25
CA VAL KA 43 84.60 8.70 30.38
C VAL KA 43 84.22 8.15 29.01
N ARG KA 44 83.77 9.02 28.11
CA ARG KA 44 83.42 8.58 26.76
C ARG KA 44 84.64 8.04 26.03
N ASN KA 45 85.79 8.70 26.17
CA ASN KA 45 87.00 8.25 25.48
C ASN KA 45 87.49 6.92 26.03
N LEU KA 46 87.41 6.73 27.35
CA LEU KA 46 87.84 5.46 27.94
C LEU KA 46 86.94 4.31 27.52
N ILE KA 47 85.63 4.55 27.49
CA ILE KA 47 84.70 3.50 27.06
C ILE KA 47 84.93 3.16 25.59
N ARG KA 48 85.32 4.15 24.79
CA ARG KA 48 85.56 3.89 23.37
C ARG KA 48 86.68 2.89 23.17
N GLU KA 49 87.78 3.00 23.92
CA GLU KA 49 88.87 2.05 23.75
C GLU KA 49 88.52 0.70 24.37
N VAL KA 50 87.67 0.67 25.40
CA VAL KA 50 87.21 -0.60 25.94
C VAL KA 50 86.26 -1.29 24.99
N ALA KA 51 85.31 -0.54 24.41
CA ALA KA 51 84.28 -1.11 23.55
C ALA KA 51 84.73 -1.29 22.11
N GLY KA 52 85.48 -0.34 21.56
CA GLY KA 52 85.85 -0.42 20.16
C GLY KA 52 84.91 0.34 19.25
N PHE KA 53 84.71 -0.15 18.03
CA PHE KA 53 83.88 0.54 17.06
C PHE KA 53 82.81 -0.39 16.51
N ALA KA 54 81.67 0.18 16.18
CA ALA KA 54 80.62 -0.57 15.52
C ALA KA 54 81.05 -0.94 14.10
N PRO KA 55 80.57 -2.07 13.58
CA PRO KA 55 81.02 -2.49 12.23
C PRO KA 55 80.71 -1.48 11.14
N TYR KA 56 79.61 -0.73 11.24
CA TYR KA 56 79.35 0.29 10.23
C TYR KA 56 80.33 1.46 10.36
N GLU KA 57 80.80 1.72 11.58
CA GLU KA 57 81.83 2.73 11.75
C GLU KA 57 83.15 2.30 11.12
N LYS KA 58 83.49 1.02 11.23
CA LYS KA 58 84.69 0.51 10.59
C LYS KA 58 84.59 0.60 9.07
N ARG KA 59 83.42 0.27 8.53
CA ARG KA 59 83.22 0.38 7.08
C ARG KA 59 83.42 1.82 6.61
N ILE KA 60 83.03 2.80 7.44
CA ILE KA 60 83.30 4.20 7.11
C ILE KA 60 84.80 4.49 7.19
N THR KA 61 85.48 3.93 8.20
CA THR KA 61 86.90 4.20 8.36
C THR KA 61 87.71 3.63 7.20
N GLU KA 62 87.39 2.41 6.76
CA GLU KA 62 88.10 1.84 5.61
C GLU KA 62 87.82 2.62 4.34
N LEU KA 63 86.62 3.18 4.20
CA LEU KA 63 86.32 4.02 3.05
C LEU KA 63 87.15 5.31 3.08
N LEU KA 64 87.35 5.87 4.27
CA LEU KA 64 88.14 7.09 4.37
C LEU KA 64 89.62 6.84 4.18
N LYS KA 65 90.08 5.62 4.49
CA LYS KA 65 91.49 5.29 4.29
C LYS KA 65 91.85 5.31 2.82
N VAL KA 66 90.97 4.78 1.96
CA VAL KA 66 91.21 4.76 0.52
C VAL KA 66 90.77 6.04 -0.16
N GLY KA 67 90.38 7.06 0.59
CA GLY KA 67 90.04 8.35 0.02
C GLY KA 67 88.62 8.50 -0.47
N LYS KA 68 87.78 7.48 -0.33
CA LYS KA 68 86.39 7.56 -0.81
C LYS KA 68 85.55 8.29 0.22
N ASP KA 69 85.67 9.61 0.22
CA ASP KA 69 84.99 10.43 1.21
C ASP KA 69 83.50 10.58 0.88
N LYS KA 70 83.16 10.61 -0.40
CA LYS KA 70 81.74 10.67 -0.77
C LYS KA 70 81.04 9.35 -0.49
N ARG KA 71 81.73 8.23 -0.71
CA ARG KA 71 81.14 6.93 -0.39
C ARG KA 71 80.97 6.77 1.12
N ALA KA 72 81.85 7.39 1.90
CA ALA KA 72 81.70 7.36 3.35
C ALA KA 72 80.45 8.11 3.79
N LEU KA 73 80.17 9.25 3.15
CA LEU KA 73 79.00 10.03 3.52
C LEU KA 73 77.71 9.29 3.17
N LYS KA 74 77.71 8.54 2.08
CA LYS KA 74 76.50 7.83 1.68
C LYS KA 74 76.26 6.62 2.57
N VAL KA 75 77.33 6.00 3.07
CA VAL KA 75 77.17 4.88 4.00
C VAL KA 75 76.68 5.39 5.35
N ALA KA 76 77.24 6.50 5.83
CA ALA KA 76 76.76 7.08 7.08
C ALA KA 76 75.34 7.58 6.95
N LYS KA 77 74.99 8.13 5.79
CA LYS KA 77 73.61 8.56 5.57
C LYS KA 77 72.66 7.36 5.56
N ARG KA 78 73.09 6.24 4.96
CA ARG KA 78 72.28 5.04 5.00
C ARG KA 78 72.08 4.55 6.42
N LYS KA 79 73.14 4.56 7.23
CA LYS KA 79 73.08 4.00 8.57
C LYS KA 79 72.36 4.93 9.55
N LEU KA 80 72.76 6.19 9.58
CA LEU KA 80 72.21 7.14 10.55
C LEU KA 80 70.91 7.77 10.08
N GLY KA 81 70.70 7.89 8.78
CA GLY KA 81 69.44 8.32 8.23
C GLY KA 81 69.34 9.80 7.91
N THR KA 82 70.26 10.62 8.40
CA THR KA 82 70.18 12.06 8.25
C THR KA 82 71.52 12.59 7.75
N HIS KA 83 71.45 13.54 6.81
CA HIS KA 83 72.67 14.11 6.23
C HIS KA 83 73.51 14.81 7.29
N LYS KA 84 72.85 15.56 8.18
CA LYS KA 84 73.57 16.29 9.22
C LYS KA 84 74.30 15.34 10.16
N ARG KA 85 73.65 14.22 10.52
CA ARG KA 85 74.31 13.23 11.37
C ARG KA 85 75.41 12.51 10.61
N ALA KA 86 75.22 12.27 9.31
CA ALA KA 86 76.25 11.63 8.51
C ALA KA 86 77.51 12.50 8.42
N LYS KA 87 77.32 13.82 8.29
CA LYS KA 87 78.45 14.73 8.23
C LYS KA 87 79.24 14.71 9.54
N LYS KA 88 78.53 14.70 10.66
CA LYS KA 88 79.19 14.66 11.96
C LYS KA 88 79.91 13.34 12.19
N LYS KA 89 79.29 12.23 11.79
CA LYS KA 89 79.90 10.92 12.01
C LYS KA 89 81.13 10.71 11.15
N ARG KA 90 81.11 11.21 9.91
CA ARG KA 90 82.30 11.13 9.07
C ARG KA 90 83.43 11.96 9.66
N GLU KA 91 83.11 13.15 10.18
CA GLU KA 91 84.14 14.00 10.79
C GLU KA 91 84.79 13.32 11.98
N GLU KA 92 83.99 12.67 12.83
CA GLU KA 92 84.56 11.91 13.94
C GLU KA 92 85.45 10.79 13.42
N MET KA 93 85.00 10.09 12.38
CA MET KA 93 85.80 9.01 11.81
C MET KA 93 87.11 9.53 11.24
N SER KA 94 87.08 10.71 10.61
CA SER KA 94 88.30 11.28 10.05
C SER KA 94 89.26 11.71 11.15
N SER KA 95 88.75 12.23 12.26
CA SER KA 95 89.60 12.65 13.35
C SER KA 95 90.25 11.45 14.03
N VAL KA 96 89.55 10.32 14.08
CA VAL KA 96 90.12 9.11 14.65
C VAL KA 96 91.30 8.64 13.81
N LEU KA 97 91.16 8.70 12.48
CA LEU KA 97 92.30 8.45 11.60
C LEU KA 97 93.37 9.52 11.77
N ARG KA 98 92.97 10.78 11.91
CA ARG KA 98 93.94 11.86 12.07
C ARG KA 98 94.74 11.71 13.36
N LYS KA 99 94.05 11.39 14.46
CA LYS KA 99 94.75 11.12 15.71
C LYS KA 99 95.65 9.90 15.58
N MET KA 100 95.18 8.85 14.92
CA MET KA 100 95.99 7.66 14.73
C MET KA 100 97.19 7.93 13.83
N ARG KA 101 97.13 8.98 13.01
CA ARG KA 101 98.22 9.29 12.10
C ARG KA 101 99.50 9.64 12.86
N SER KA 102 99.36 10.16 14.07
CA SER KA 102 100.51 10.57 14.87
C SER KA 102 100.92 9.47 15.83
N THR LA 2 5.26 -35.67 13.08
CA THR LA 2 5.79 -35.21 14.36
C THR LA 2 6.02 -33.71 14.34
N LYS LA 3 7.16 -33.29 14.91
CA LYS LA 3 7.67 -31.94 14.79
C LYS LA 3 6.84 -30.94 15.59
N GLY LA 4 5.68 -31.37 16.05
CA GLY LA 4 4.75 -30.50 16.74
C GLY LA 4 4.29 -31.13 18.04
N THR LA 5 2.98 -31.34 18.14
CA THR LA 5 2.40 -31.94 19.34
C THR LA 5 3.11 -33.23 19.73
N GLY LA 6 3.39 -34.09 18.75
CA GLY LA 6 4.04 -35.34 19.05
C GLY LA 6 5.46 -35.17 19.56
N SER LA 7 6.20 -34.22 18.98
CA SER LA 7 7.57 -33.99 19.43
C SER LA 7 7.61 -33.22 20.75
N PHE LA 8 6.59 -32.41 21.02
CA PHE LA 8 6.53 -31.68 22.29
C PHE LA 8 6.30 -32.60 23.48
N GLY LA 9 5.97 -33.87 23.23
CA GLY LA 9 5.69 -34.78 24.32
C GLY LA 9 6.90 -35.27 25.07
N LYS LA 10 8.09 -35.17 24.45
CA LYS LA 10 9.28 -35.74 25.08
C LYS LA 10 9.60 -35.06 26.41
N ARG LA 11 10.09 -33.81 26.35
CA ARG LA 11 10.23 -32.91 27.49
C ARG LA 11 10.55 -33.56 28.83
N ARG LA 12 11.53 -34.46 28.88
CA ARG LA 12 11.86 -35.21 30.08
C ARG LA 12 13.18 -34.80 30.73
N ASN LA 13 14.12 -34.26 29.97
CA ASN LA 13 15.44 -33.91 30.48
C ASN LA 13 15.49 -32.42 30.76
N LYS LA 14 16.54 -31.98 31.43
CA LYS LA 14 16.67 -30.58 31.85
C LYS LA 14 17.97 -30.01 31.32
N THR LA 15 17.88 -28.87 30.65
CA THR LA 15 19.08 -28.15 30.24
C THR LA 15 19.62 -27.33 31.39
N HIS LA 16 18.74 -26.62 32.08
CA HIS LA 16 19.12 -25.75 33.18
C HIS LA 16 18.49 -26.21 34.48
N THR LA 17 19.22 -26.05 35.55
CA THR LA 17 18.69 -26.13 36.90
C THR LA 17 18.95 -24.79 37.60
N LEU LA 18 18.59 -24.71 38.87
CA LEU LA 18 18.76 -23.47 39.62
C LEU LA 18 20.23 -23.16 39.84
N CYS LA 19 20.56 -21.87 39.81
CA CYS LA 19 21.94 -21.43 39.93
C CYS LA 19 22.29 -21.17 41.40
N ILE LA 20 23.51 -21.54 41.76
CA ILE LA 20 24.02 -21.31 43.11
C ILE LA 20 24.08 -19.83 43.44
N ARG LA 21 24.48 -19.01 42.47
CA ARG LA 21 24.81 -17.62 42.72
C ARG LA 21 23.62 -16.66 42.56
N CYS LA 22 22.73 -16.91 41.61
CA CYS LA 22 21.64 -15.98 41.35
C CYS LA 22 20.26 -16.57 41.47
N GLY LA 23 20.11 -17.89 41.51
CA GLY LA 23 18.85 -18.51 41.81
C GLY LA 23 17.87 -18.62 40.67
N ARG LA 24 18.20 -18.12 39.49
CA ARG LA 24 17.38 -18.38 38.32
C ARG LA 24 17.60 -19.81 37.84
N ARG LA 25 16.62 -20.33 37.11
CA ARG LA 25 16.80 -21.63 36.45
C ARG LA 25 17.52 -21.36 35.14
N SER LA 26 18.82 -21.10 35.25
CA SER LA 26 19.63 -20.75 34.10
C SER LA 26 20.98 -21.45 34.13
N PHE LA 27 21.23 -22.34 35.07
CA PHE LA 27 22.51 -23.03 35.17
C PHE LA 27 22.51 -24.20 34.21
N HIS LA 28 23.17 -24.02 33.06
CA HIS LA 28 23.33 -25.08 32.09
C HIS LA 28 24.13 -26.23 32.70
N LEU LA 29 23.50 -27.40 32.83
CA LEU LA 29 24.11 -28.50 33.54
C LEU LA 29 25.31 -29.07 32.79
N GLN LA 30 25.19 -29.25 31.47
CA GLN LA 30 26.30 -29.83 30.71
C GLN LA 30 27.41 -28.81 30.48
N LYS LA 31 27.06 -27.55 30.24
CA LYS LA 31 28.07 -26.51 30.14
C LYS LA 31 28.67 -26.14 31.49
N SER LA 32 27.92 -26.36 32.58
CA SER LA 32 28.32 -26.00 33.93
C SER LA 32 28.52 -24.49 34.07
N THR LA 33 27.68 -23.72 33.40
CA THR LA 33 27.75 -22.27 33.45
C THR LA 33 26.32 -21.73 33.56
N CYS LA 34 26.17 -20.62 34.27
CA CYS LA 34 24.88 -19.95 34.33
C CYS LA 34 24.73 -19.05 33.12
N SER LA 35 23.58 -19.13 32.45
CA SER LA 35 23.34 -18.30 31.28
C SER LA 35 22.88 -16.89 31.64
N SER LA 36 22.56 -16.63 32.91
CA SER LA 36 22.14 -15.32 33.35
C SER LA 36 23.27 -14.54 34.01
N CYS LA 37 23.96 -15.13 34.98
CA CYS LA 37 25.04 -14.48 35.70
C CYS LA 37 26.41 -15.03 35.36
N GLY LA 38 26.50 -16.18 34.68
CA GLY LA 38 27.78 -16.78 34.36
C GLY LA 38 28.53 -17.24 35.58
N TYR LA 39 27.84 -17.95 36.48
CA TYR LA 39 28.26 -18.09 37.87
C TYR LA 39 29.71 -18.53 38.06
N PRO LA 40 30.21 -19.59 37.41
CA PRO LA 40 31.59 -20.01 37.73
C PRO LA 40 32.62 -18.94 37.45
N ALA LA 41 32.41 -18.09 36.45
CA ALA LA 41 33.25 -16.93 36.26
C ALA LA 41 33.18 -16.02 37.47
N ALA LA 42 34.32 -15.45 37.84
CA ALA LA 42 34.38 -14.60 39.04
C ALA LA 42 33.53 -13.35 38.88
N ARG LA 43 33.55 -12.73 37.70
CA ARG LA 43 32.75 -11.55 37.43
C ARG LA 43 31.35 -11.93 37.00
N ILE LA 44 30.42 -11.01 37.21
CA ILE LA 44 29.02 -11.23 36.89
C ILE LA 44 28.75 -10.91 35.43
N ARG LA 45 27.98 -11.77 34.77
CA ARG LA 45 27.60 -11.55 33.38
C ARG LA 45 26.67 -10.34 33.26
N LYS LA 46 27.03 -9.40 32.39
CA LYS LA 46 26.37 -8.11 32.32
C LYS LA 46 26.72 -7.46 30.98
N TYR LA 47 25.71 -6.93 30.28
CA TYR LA 47 25.90 -6.40 28.94
C TYR LA 47 25.18 -5.08 28.77
N ASN LA 48 25.84 -4.13 28.09
CA ASN LA 48 25.28 -2.81 27.85
C ASN LA 48 24.20 -2.79 26.79
N TRP LA 49 24.03 -3.86 26.02
CA TRP LA 49 22.95 -3.87 25.04
C TRP LA 49 21.61 -4.23 25.66
N SER LA 50 21.56 -4.51 26.96
CA SER LA 50 20.30 -4.72 27.68
C SER LA 50 20.35 -3.90 28.96
N VAL LA 51 19.94 -2.64 28.88
CA VAL LA 51 19.83 -1.83 30.08
C VAL LA 51 18.65 -2.29 30.93
N LYS LA 52 17.69 -2.97 30.31
CA LYS LA 52 16.61 -3.58 31.07
C LYS LA 52 17.11 -4.75 31.91
N ALA LA 53 18.00 -5.58 31.34
CA ALA LA 53 18.58 -6.68 32.10
C ALA LA 53 19.48 -6.18 33.22
N ILE LA 54 20.22 -5.09 32.97
CA ILE LA 54 21.07 -4.52 34.01
C ILE LA 54 20.22 -3.99 35.16
N ARG LA 55 19.16 -3.26 34.84
CA ARG LA 55 18.37 -2.60 35.86
C ARG LA 55 17.58 -3.62 36.69
N ARG LA 56 17.33 -4.81 36.15
CA ARG LA 56 16.62 -5.84 36.89
C ARG LA 56 17.48 -6.46 37.98
N LYS LA 57 18.78 -6.23 37.99
CA LYS LA 57 19.65 -6.76 39.04
C LYS LA 57 20.81 -5.80 39.24
N THR LA 58 20.68 -4.91 40.21
CA THR LA 58 21.80 -4.07 40.63
C THR LA 58 21.64 -3.72 42.09
N THR LA 59 22.51 -2.85 42.57
CA THR LA 59 22.41 -2.35 43.93
C THR LA 59 21.11 -1.60 44.11
N GLY LA 60 20.25 -2.14 44.97
CA GLY LA 60 18.93 -1.57 45.20
C GLY LA 60 17.79 -2.51 44.89
N THR LA 61 17.98 -3.43 43.93
CA THR LA 61 16.94 -4.41 43.63
C THR LA 61 16.84 -5.47 44.70
N GLY LA 62 17.92 -5.69 45.45
CA GLY LA 62 17.89 -6.55 46.61
C GLY LA 62 17.88 -5.76 47.90
N ARG LA 63 18.27 -6.43 48.97
CA ARG LA 63 18.40 -5.80 50.27
C ARG LA 63 19.88 -5.59 50.55
N MET LA 64 20.26 -4.36 50.87
CA MET LA 64 21.66 -4.05 51.17
C MET LA 64 21.86 -4.26 52.66
N ARG LA 65 22.37 -5.43 53.03
CA ARG LA 65 22.55 -5.72 54.45
C ARG LA 65 23.59 -4.80 55.08
N TYR LA 66 24.67 -4.52 54.35
CA TYR LA 66 25.76 -3.70 54.88
C TYR LA 66 25.67 -2.26 54.42
N MET LA 67 25.63 -2.02 53.11
CA MET LA 67 25.21 -0.73 52.63
C MET LA 67 23.78 -0.47 53.10
N ARG LA 68 23.30 0.76 52.92
CA ARG LA 68 22.15 1.37 53.57
C ARG LA 68 22.50 1.84 54.98
N HIS LA 69 23.66 1.49 55.51
CA HIS LA 69 24.14 2.03 56.77
C HIS LA 69 25.36 2.92 56.60
N VAL LA 70 26.04 2.86 55.45
CA VAL LA 70 27.21 3.72 55.23
C VAL LA 70 26.84 5.19 55.28
N PRO LA 71 25.75 5.66 54.65
CA PRO LA 71 25.43 7.09 54.78
C PRO LA 71 25.22 7.54 56.22
N ARG LA 72 24.69 6.67 57.07
CA ARG LA 72 24.49 7.04 58.47
C ARG LA 72 25.80 7.03 59.25
N ARG LA 73 26.70 6.12 58.93
CA ARG LA 73 28.03 6.13 59.54
C ARG LA 73 28.91 7.23 58.98
N PHE LA 74 28.69 7.63 57.73
CA PHE LA 74 29.45 8.73 57.16
C PHE LA 74 29.08 10.06 57.82
N LYS LA 75 27.80 10.23 58.16
CA LYS LA 75 27.35 11.46 58.80
C LYS LA 75 28.04 11.68 60.13
N SER LA 76 28.18 10.62 60.92
CA SER LA 76 28.85 10.69 62.20
C SER LA 76 30.36 10.55 62.10
N ASN LA 77 30.91 10.65 60.89
CA ASN LA 77 32.35 10.58 60.63
C ASN LA 77 32.95 9.24 61.04
N PHE LA 78 32.13 8.18 61.04
CA PHE LA 78 32.57 6.85 61.44
C PHE LA 78 33.18 6.86 62.84
N ARG LA 79 32.48 7.48 63.79
CA ARG LA 79 33.08 7.76 65.09
C ARG LA 79 33.55 6.48 65.77
N GLU LA 80 32.69 5.46 65.82
CA GLU LA 80 33.07 4.12 66.26
C GLU LA 80 33.78 4.11 67.61
N GLY LA 81 33.57 5.13 68.43
CA GLY LA 81 34.31 5.22 69.68
C GLY LA 81 33.49 5.07 70.94
N THR LA 82 33.14 6.20 71.55
CA THR LA 82 32.44 6.22 72.83
C THR LA 82 30.94 6.00 72.60
N GLU LA 83 30.15 6.26 73.63
CA GLU LA 83 28.71 6.23 73.59
C GLU LA 83 28.19 7.49 74.25
N ALA LA 84 26.95 7.86 73.94
CA ALA LA 84 26.36 9.06 74.51
C ALA LA 84 26.45 9.02 76.04
N ALA LA 85 26.71 10.19 76.63
CA ALA LA 85 26.89 10.26 78.07
C ALA LA 85 25.59 9.87 78.77
N PRO LA 86 25.68 9.10 79.86
CA PRO LA 86 24.46 8.62 80.52
C PRO LA 86 23.59 9.76 81.03
N ARG LA 87 22.28 9.55 80.99
CA ARG LA 87 21.31 10.53 81.44
C ARG LA 87 21.44 10.79 82.94
N PRO MA 2 19.51 -69.06 64.23
CA PRO MA 2 19.16 -70.13 65.17
C PRO MA 2 20.01 -71.37 64.99
N LYS MA 3 20.35 -72.04 66.08
CA LYS MA 3 21.17 -73.25 66.04
C LYS MA 3 20.52 -74.33 66.88
N GLN MA 4 20.77 -75.58 66.50
CA GLN MA 4 20.27 -76.73 67.24
C GLN MA 4 21.37 -77.32 68.11
N ILE MA 5 20.98 -77.77 69.30
CA ILE MA 5 21.86 -78.52 70.20
C ILE MA 5 21.39 -79.97 70.20
N HIS MA 6 22.35 -80.90 70.18
CA HIS MA 6 22.03 -82.32 70.07
C HIS MA 6 22.06 -83.03 71.43
N GLU MA 7 23.18 -82.96 72.14
CA GLU MA 7 23.27 -83.63 73.42
C GLU MA 7 22.81 -82.71 74.56
N ILE MA 8 22.33 -83.33 75.64
CA ILE MA 8 21.70 -82.59 76.72
C ILE MA 8 22.73 -81.75 77.47
N LYS MA 9 23.94 -82.28 77.66
CA LYS MA 9 24.93 -81.60 78.49
C LYS MA 9 25.35 -80.26 77.89
N ASP MA 10 25.46 -80.18 76.57
CA ASP MA 10 25.85 -78.93 75.93
C ASP MA 10 24.78 -77.87 76.09
N PHE MA 11 23.50 -78.29 76.15
CA PHE MA 11 22.44 -77.35 76.47
C PHE MA 11 22.56 -76.87 77.91
N LEU MA 12 23.02 -77.75 78.81
CA LEU MA 12 23.15 -77.38 80.20
C LEU MA 12 24.17 -76.26 80.39
N LEU MA 13 25.32 -76.37 79.72
CA LEU MA 13 26.35 -75.34 79.83
C LEU MA 13 25.92 -74.04 79.18
N THR MA 14 25.17 -74.13 78.08
CA THR MA 14 24.71 -72.92 77.41
C THR MA 14 23.67 -72.18 78.25
N ALA MA 15 22.77 -72.91 78.91
CA ALA MA 15 21.81 -72.27 79.79
C ALA MA 15 22.50 -71.66 81.01
N ARG MA 16 23.69 -72.14 81.36
CA ARG MA 16 24.45 -71.60 82.47
C ARG MA 16 25.31 -70.40 82.06
N ARG MA 17 25.36 -70.07 80.78
CA ARG MA 17 26.10 -68.91 80.33
C ARG MA 17 25.50 -67.64 80.94
N LYS MA 18 26.38 -66.67 81.22
CA LYS MA 18 25.93 -65.43 81.82
C LYS MA 18 25.01 -64.65 80.87
N ASP MA 19 25.31 -64.69 79.57
CA ASP MA 19 24.53 -63.96 78.59
C ASP MA 19 23.21 -64.63 78.26
N ALA MA 20 22.97 -65.84 78.75
CA ALA MA 20 21.66 -66.48 78.56
C ALA MA 20 20.60 -65.73 79.35
N ARG MA 21 19.47 -65.47 78.72
CA ARG MA 21 18.43 -64.63 79.30
C ARG MA 21 17.20 -65.41 79.73
N SER MA 22 16.68 -66.27 78.86
CA SER MA 22 15.45 -66.98 79.17
C SER MA 22 15.45 -68.33 78.47
N VAL MA 23 14.63 -69.24 78.99
CA VAL MA 23 14.39 -70.54 78.41
C VAL MA 23 12.91 -70.65 78.10
N ARG MA 24 12.59 -71.00 76.86
CA ARG MA 24 11.22 -71.26 76.45
C ARG MA 24 11.04 -72.76 76.22
N ILE MA 25 9.97 -73.32 76.76
CA ILE MA 25 9.64 -74.73 76.59
C ILE MA 25 8.42 -74.82 75.71
N LYS MA 26 8.59 -75.40 74.52
CA LYS MA 26 7.52 -75.57 73.55
C LYS MA 26 7.18 -77.05 73.44
N ARG MA 27 5.90 -77.37 73.63
CA ARG MA 27 5.43 -78.75 73.58
C ARG MA 27 4.82 -79.03 72.22
N THR MA 28 5.32 -80.06 71.55
CA THR MA 28 4.75 -80.56 70.32
C THR MA 28 4.13 -81.92 70.55
N LYS MA 29 3.41 -82.41 69.55
CA LYS MA 29 2.84 -83.75 69.66
C LYS MA 29 3.90 -84.84 69.61
N ASP MA 30 5.12 -84.51 69.18
CA ASP MA 30 6.21 -85.47 69.10
C ASP MA 30 7.19 -85.36 70.26
N ALA MA 31 7.75 -84.18 70.49
CA ALA MA 31 8.82 -84.02 71.48
C ALA MA 31 8.62 -82.69 72.20
N VAL MA 32 9.62 -82.33 73.01
CA VAL MA 32 9.61 -81.09 73.78
C VAL MA 32 10.86 -80.30 73.43
N LYS MA 33 10.67 -79.08 72.97
CA LYS MA 33 11.77 -78.23 72.51
C LYS MA 33 12.18 -77.27 73.63
N PHE MA 34 13.47 -77.24 73.94
CA PHE MA 34 14.02 -76.30 74.89
C PHE MA 34 14.82 -75.26 74.13
N LYS MA 35 14.42 -74.00 74.26
CA LYS MA 35 15.06 -72.91 73.54
C LYS MA 35 15.60 -71.90 74.55
N VAL MA 36 16.91 -71.68 74.53
CA VAL MA 36 17.55 -70.71 75.39
C VAL MA 36 18.00 -69.53 74.55
N ARG MA 37 17.57 -68.33 74.94
CA ARG MA 37 17.89 -67.11 74.23
C ARG MA 37 19.22 -66.57 74.74
N CYS MA 38 20.24 -66.63 73.91
CA CYS MA 38 21.55 -66.10 74.26
C CYS MA 38 21.75 -64.76 73.54
N SER MA 39 22.98 -64.24 73.61
CA SER MA 39 23.25 -62.91 73.06
C SER MA 39 23.12 -62.89 71.55
N ARG MA 40 23.78 -63.83 70.87
CA ARG MA 40 23.78 -63.84 69.41
C ARG MA 40 22.78 -64.83 68.81
N TYR MA 41 22.62 -66.01 69.41
CA TYR MA 41 21.81 -67.06 68.82
C TYR MA 41 20.73 -67.54 69.77
N LEU MA 42 19.70 -68.11 69.19
CA LEU MA 42 18.70 -68.89 69.91
C LEU MA 42 19.02 -70.36 69.70
N TYR MA 43 19.26 -71.08 70.79
CA TYR MA 43 19.66 -72.47 70.74
C TYR MA 43 18.46 -73.36 71.08
N THR MA 44 18.21 -74.35 70.25
CA THR MA 44 17.08 -75.26 70.42
C THR MA 44 17.59 -76.68 70.63
N LEU MA 45 17.06 -77.35 71.63
CA LEU MA 45 17.33 -78.76 71.89
C LEU MA 45 16.02 -79.52 71.92
N CYS MA 46 15.97 -80.64 71.20
CA CYS MA 46 14.75 -81.43 71.09
C CYS MA 46 14.87 -82.67 71.97
N VAL MA 47 13.97 -82.79 72.95
CA VAL MA 47 13.92 -83.92 73.85
C VAL MA 47 12.72 -84.78 73.48
N HIS MA 48 12.98 -86.00 73.02
CA HIS MA 48 11.94 -86.92 72.59
C HIS MA 48 11.39 -87.77 73.74
N ASP MA 49 11.91 -87.60 74.95
CA ASP MA 49 11.53 -88.41 76.10
C ASP MA 49 10.80 -87.54 77.12
N THR MA 50 9.72 -88.08 77.69
CA THR MA 50 8.89 -87.30 78.60
C THR MA 50 9.62 -87.03 79.92
N ASP MA 51 10.25 -88.05 80.51
CA ASP MA 51 10.92 -87.86 81.78
C ASP MA 51 12.21 -87.07 81.65
N LYS MA 52 12.94 -87.24 80.54
CA LYS MA 52 14.15 -86.44 80.32
C LYS MA 52 13.80 -84.97 80.19
N ALA MA 53 12.62 -84.67 79.64
CA ALA MA 53 12.15 -83.29 79.63
C ALA MA 53 11.92 -82.80 81.06
N ASN MA 54 11.32 -83.64 81.91
CA ASN MA 54 11.08 -83.25 83.29
C ASN MA 54 12.38 -83.09 84.05
N LYS MA 55 13.32 -84.03 83.87
CA LYS MA 55 14.61 -83.94 84.54
C LYS MA 55 15.36 -82.69 84.10
N LEU MA 56 15.27 -82.35 82.81
CA LEU MA 56 15.84 -81.10 82.33
C LEU MA 56 15.14 -79.90 82.95
N LYS MA 57 13.82 -79.96 83.09
CA LYS MA 57 13.07 -78.85 83.68
C LYS MA 57 13.52 -78.58 85.10
N GLN MA 58 13.71 -79.64 85.89
CA GLN MA 58 14.05 -79.47 87.30
C GLN MA 58 15.51 -79.08 87.48
N SER MA 59 16.38 -79.49 86.57
CA SER MA 59 17.82 -79.28 86.71
C SER MA 59 18.31 -77.98 86.08
N LEU MA 60 17.41 -77.14 85.59
CA LEU MA 60 17.82 -75.87 85.00
C LEU MA 60 18.45 -74.98 86.07
N PRO MA 61 19.33 -74.06 85.67
CA PRO MA 61 19.88 -73.10 86.64
C PRO MA 61 18.79 -72.28 87.29
N PRO MA 62 18.80 -72.16 88.62
CA PRO MA 62 17.75 -71.39 89.31
C PRO MA 62 17.73 -69.92 88.95
N GLY MA 63 18.84 -69.37 88.45
CA GLY MA 63 18.87 -67.95 88.13
C GLY MA 63 18.23 -67.59 86.81
N LEU MA 64 18.04 -68.55 85.91
CA LEU MA 64 17.53 -68.27 84.58
C LEU MA 64 16.00 -68.28 84.59
N ASN MA 65 15.42 -67.34 83.86
CA ASN MA 65 13.97 -67.30 83.70
C ASN MA 65 13.50 -68.46 82.85
N VAL MA 66 12.32 -68.97 83.17
CA VAL MA 66 11.75 -70.12 82.48
C VAL MA 66 10.32 -69.76 82.07
N GLN MA 67 9.99 -69.99 80.80
CA GLN MA 67 8.69 -69.65 80.25
C GLN MA 67 8.09 -70.88 79.57
N GLU MA 68 6.77 -71.02 79.69
CA GLU MA 68 6.03 -72.09 79.06
C GLU MA 68 5.31 -71.56 77.84
N VAL MA 69 5.55 -72.20 76.69
CA VAL MA 69 4.89 -71.82 75.45
C VAL MA 69 3.87 -72.87 75.05
N PRO NA 2 10.11 -35.95 41.51
CA PRO NA 2 10.09 -37.38 41.81
C PRO NA 2 10.17 -37.66 43.30
N SER NA 3 10.06 -38.93 43.66
CA SER NA 3 10.34 -39.34 45.04
C SER NA 3 11.78 -39.01 45.41
N HIS NA 4 12.72 -39.27 44.51
CA HIS NA 4 14.12 -38.90 44.71
C HIS NA 4 14.26 -37.40 44.57
N LYS NA 5 14.56 -36.73 45.67
CA LYS NA 5 14.64 -35.28 45.75
C LYS NA 5 15.98 -34.87 46.29
N THR NA 6 16.54 -33.80 45.74
CA THR NA 6 17.62 -33.12 46.43
C THR NA 6 17.06 -32.30 47.59
N PHE NA 7 17.88 -32.12 48.62
CA PHE NA 7 17.42 -31.35 49.78
C PHE NA 7 17.06 -29.93 49.38
N ARG NA 8 17.85 -29.32 48.50
CA ARG NA 8 17.61 -27.93 48.12
C ARG NA 8 16.29 -27.77 47.38
N ILE NA 9 15.89 -28.80 46.62
CA ILE NA 9 14.60 -28.76 45.95
C ILE NA 9 13.47 -28.91 46.94
N LYS NA 10 13.63 -29.79 47.93
CA LYS NA 10 12.59 -29.98 48.95
C LYS NA 10 12.41 -28.73 49.80
N GLN NA 11 13.50 -28.05 50.14
CA GLN NA 11 13.40 -26.83 50.95
C GLN NA 11 12.64 -25.74 50.21
N LYS NA 12 12.89 -25.60 48.90
CA LYS NA 12 12.15 -24.62 48.11
C LYS NA 12 10.67 -25.01 47.98
N LEU NA 13 10.39 -26.30 47.82
CA LEU NA 13 9.00 -26.74 47.70
C LEU NA 13 8.22 -26.49 48.98
N ALA NA 14 8.89 -26.61 50.13
CA ALA NA 14 8.24 -26.33 51.41
C ALA NA 14 7.84 -24.86 51.53
N LYS NA 15 8.72 -23.95 51.08
CA LYS NA 15 8.39 -22.53 51.16
C LYS NA 15 7.22 -22.18 50.26
N LYS NA 16 7.21 -22.71 49.03
CA LYS NA 16 6.09 -22.47 48.12
C LYS NA 16 4.79 -23.05 48.66
N GLN NA 17 4.86 -24.10 49.46
CA GLN NA 17 3.65 -24.65 50.07
C GLN NA 17 3.07 -23.69 51.10
N ARG NA 18 3.94 -23.06 51.90
CA ARG NA 18 3.46 -22.14 52.92
C ARG NA 18 2.90 -20.86 52.31
N GLN NA 19 3.42 -20.45 51.15
CA GLN NA 19 3.09 -19.13 50.62
C GLN NA 19 1.74 -19.07 49.93
N ASN NA 20 1.16 -20.20 49.50
CA ASN NA 20 -0.13 -20.15 48.82
C ASN NA 20 -1.24 -20.50 49.84
N ARG NA 21 -1.55 -19.52 50.65
CA ARG NA 21 -2.65 -19.54 51.60
C ARG NA 21 -3.47 -18.28 51.38
N PRO NA 22 -4.72 -18.27 51.80
CA PRO NA 22 -5.49 -17.02 51.80
C PRO NA 22 -4.91 -16.02 52.78
N ILE NA 23 -5.09 -14.74 52.48
CA ILE NA 23 -4.65 -13.69 53.39
C ILE NA 23 -5.53 -13.74 54.64
N PRO NA 24 -4.98 -13.43 55.82
CA PRO NA 24 -5.81 -13.44 57.03
C PRO NA 24 -6.93 -12.41 56.93
N TYR NA 25 -8.06 -12.73 57.55
CA TYR NA 25 -9.23 -11.89 57.43
C TYR NA 25 -9.02 -10.53 58.10
N TRP NA 26 -8.29 -10.50 59.21
CA TRP NA 26 -8.10 -9.27 59.96
C TRP NA 26 -7.19 -8.28 59.25
N ILE NA 27 -6.47 -8.70 58.21
CA ILE NA 27 -5.67 -7.77 57.43
C ILE NA 27 -6.57 -6.77 56.71
N ARG NA 28 -7.73 -7.24 56.24
CA ARG NA 28 -8.65 -6.36 55.54
C ARG NA 28 -9.28 -5.32 56.44
N MET NA 29 -9.20 -5.48 57.76
CA MET NA 29 -9.81 -4.55 58.69
C MET NA 29 -8.88 -3.43 59.12
N ARG NA 30 -7.63 -3.42 58.64
CA ARG NA 30 -6.67 -2.43 59.10
C ARG NA 30 -7.02 -1.05 58.55
N THR NA 31 -6.40 -0.03 59.14
CA THR NA 31 -6.84 1.35 58.95
C THR NA 31 -6.83 1.75 57.48
N ASP NA 32 -5.66 1.72 56.84
CA ASP NA 32 -5.54 2.08 55.44
C ASP NA 32 -5.13 0.82 54.68
N ASN NA 33 -6.11 0.02 54.31
CA ASN NA 33 -5.88 -1.28 53.69
C ASN NA 33 -6.44 -1.29 52.27
N THR NA 34 -5.60 -1.72 51.33
CA THR NA 34 -6.02 -1.87 49.95
C THR NA 34 -5.94 -3.32 49.46
N ILE NA 35 -5.48 -4.24 50.29
CA ILE NA 35 -5.28 -5.63 49.87
C ILE NA 35 -6.62 -6.35 49.82
N ARG NA 36 -6.90 -7.00 48.68
CA ARG NA 36 -8.12 -7.76 48.52
C ARG NA 36 -7.89 -9.26 48.59
N TYR NA 37 -7.03 -9.81 47.72
CA TYR NA 37 -6.73 -11.24 47.72
C TYR NA 37 -5.23 -11.46 47.70
N ASN NA 38 -4.80 -12.70 47.52
CA ASN NA 38 -3.38 -13.01 47.60
C ASN NA 38 -2.60 -12.58 46.36
N ALA NA 39 -3.25 -12.55 45.20
CA ALA NA 39 -2.61 -12.08 43.96
C ALA NA 39 -1.39 -12.91 43.60
N LYS NA 40 -1.07 -13.91 44.42
CA LYS NA 40 0.08 -14.78 44.18
C LYS NA 40 -0.24 -16.23 44.53
N ARG NA 41 -1.51 -16.59 44.55
CA ARG NA 41 -1.89 -17.99 44.65
C ARG NA 41 -1.51 -18.73 43.39
N ARG NA 42 -1.00 -19.95 43.56
CA ARG NA 42 -0.71 -20.82 42.43
C ARG NA 42 -1.36 -22.17 42.66
N HIS NA 43 -1.96 -22.71 41.61
CA HIS NA 43 -2.45 -24.06 41.62
C HIS NA 43 -1.47 -24.94 40.85
N TRP NA 44 -1.22 -26.15 41.36
CA TRP NA 44 -0.21 -27.01 40.77
C TRP NA 44 -0.54 -27.37 39.34
N ARG NA 45 -1.82 -27.48 39.00
CA ARG NA 45 -2.19 -27.92 37.67
C ARG NA 45 -1.99 -26.81 36.63
N ARG NA 46 -2.22 -25.57 37.01
CA ARG NA 46 -1.81 -24.43 36.21
C ARG NA 46 -0.40 -24.01 36.61
N THR NA 47 0.12 -22.97 35.95
CA THR NA 47 1.25 -22.16 36.41
C THR NA 47 2.35 -22.94 37.15
N LYS NA 48 3.01 -23.86 36.45
CA LYS NA 48 4.10 -24.63 37.03
C LYS NA 48 5.24 -23.72 37.47
N LEU NA 49 5.90 -24.10 38.57
CA LEU NA 49 7.13 -23.44 39.01
C LEU NA 49 8.30 -24.20 38.42
N GLY NA 50 9.05 -23.56 37.54
CA GLY NA 50 10.10 -24.27 36.83
C GLY NA 50 11.37 -24.39 37.64
N PHE NA 51 11.59 -25.54 38.24
CA PHE NA 51 12.72 -25.77 39.12
C PHE NA 51 13.75 -26.67 38.44
N ILE OA 78 -53.78 -43.31 -70.63
CA ILE OA 78 -54.50 -42.04 -70.73
C ILE OA 78 -54.62 -41.62 -72.19
N GLU OA 79 -55.83 -41.26 -72.60
CA GLU OA 79 -56.03 -40.75 -73.94
C GLU OA 79 -55.32 -39.42 -74.11
N PRO OA 80 -54.86 -39.10 -75.33
CA PRO OA 80 -54.12 -37.84 -75.53
C PRO OA 80 -54.91 -36.60 -75.17
N SER OA 81 -56.22 -36.59 -75.38
CA SER OA 81 -57.01 -35.41 -75.03
C SER OA 81 -57.06 -35.20 -73.52
N LEU OA 82 -57.21 -36.28 -72.75
CA LEU OA 82 -57.16 -36.17 -71.30
C LEU OA 82 -55.75 -35.88 -70.80
N GLN OA 83 -54.74 -36.29 -71.56
CA GLN OA 83 -53.37 -35.93 -71.22
C GLN OA 83 -53.17 -34.43 -71.27
N ALA OA 84 -53.73 -33.78 -72.29
CA ALA OA 84 -53.62 -32.33 -72.41
C ALA OA 84 -54.33 -31.62 -71.26
N LEU OA 85 -55.43 -32.18 -70.77
CA LEU OA 85 -56.12 -31.58 -69.64
C LEU OA 85 -55.26 -31.63 -68.39
N ALA OA 86 -54.61 -32.77 -68.14
CA ALA OA 86 -53.80 -32.90 -66.93
C ALA OA 86 -52.52 -32.07 -67.02
N ARG OA 87 -52.03 -31.79 -68.23
CA ARG OA 87 -50.85 -30.95 -68.37
C ARG OA 87 -51.16 -29.47 -68.16
N LYS OA 88 -52.45 -29.09 -68.22
CA LYS OA 88 -52.81 -27.70 -67.95
C LYS OA 88 -52.59 -27.35 -66.49
N TYR OA 89 -52.50 -28.34 -65.61
CA TYR OA 89 -52.34 -28.11 -64.19
C TYR OA 89 -51.00 -28.57 -63.65
N ASN OA 90 -50.39 -29.59 -64.24
CA ASN OA 90 -49.14 -30.14 -63.76
C ASN OA 90 -47.92 -29.67 -64.53
N GLN OA 91 -48.07 -29.29 -65.80
CA GLN OA 91 -46.92 -29.08 -66.66
C GLN OA 91 -46.80 -27.65 -67.19
N GLU OA 92 -47.88 -27.07 -67.71
CA GLU OA 92 -47.82 -25.75 -68.35
C GLU OA 92 -47.76 -24.67 -67.26
N LYS OA 93 -46.55 -24.45 -66.75
CA LYS OA 93 -46.34 -23.56 -65.63
C LYS OA 93 -45.01 -22.86 -65.77
N MET OA 94 -44.84 -21.78 -65.01
CA MET OA 94 -43.57 -21.07 -64.89
C MET OA 94 -43.01 -21.27 -63.49
N ILE OA 95 -41.69 -21.23 -63.40
CA ILE OA 95 -40.97 -21.41 -62.14
C ILE OA 95 -40.18 -20.14 -61.84
N CYS OA 96 -40.32 -19.65 -60.61
CA CYS OA 96 -39.43 -18.59 -60.15
C CYS OA 96 -38.02 -19.14 -59.99
N ARG OA 97 -37.04 -18.40 -60.51
CA ARG OA 97 -35.64 -18.80 -60.38
C ARG OA 97 -35.07 -18.49 -59.00
N LYS OA 98 -35.81 -17.76 -58.16
CA LYS OA 98 -35.38 -17.47 -56.81
C LYS OA 98 -36.06 -18.37 -55.79
N CYS OA 99 -37.39 -18.36 -55.76
CA CYS OA 99 -38.15 -19.02 -54.71
C CYS OA 99 -38.86 -20.28 -55.19
N TYR OA 100 -38.66 -20.69 -56.43
CA TYR OA 100 -39.18 -21.93 -57.01
C TYR OA 100 -40.70 -21.97 -57.08
N ALA OA 101 -41.38 -20.83 -56.94
CA ALA OA 101 -42.83 -20.84 -56.96
C ALA OA 101 -43.36 -21.25 -58.33
N ARG OA 102 -44.44 -22.02 -58.32
CA ARG OA 102 -45.12 -22.43 -59.54
C ARG OA 102 -46.12 -21.36 -59.95
N LEU OA 103 -46.01 -20.90 -61.20
CA LEU OA 103 -46.76 -19.74 -61.67
C LEU OA 103 -47.52 -20.08 -62.94
N HIS OA 104 -48.52 -19.26 -63.24
CA HIS OA 104 -49.27 -19.43 -64.48
C HIS OA 104 -48.38 -19.11 -65.68
N PRO OA 105 -48.64 -19.74 -66.83
CA PRO OA 105 -47.66 -19.67 -67.94
C PRO OA 105 -47.42 -18.27 -68.48
N ARG OA 106 -48.35 -17.34 -68.29
CA ARG OA 106 -48.20 -15.98 -68.77
C ARG OA 106 -47.61 -15.05 -67.72
N ALA OA 107 -47.03 -15.59 -66.65
CA ALA OA 107 -46.48 -14.75 -65.61
C ALA OA 107 -45.20 -14.06 -66.07
N VAL OA 108 -44.99 -12.85 -65.56
CA VAL OA 108 -43.80 -12.06 -65.84
C VAL OA 108 -43.08 -11.81 -64.52
N ASN OA 109 -43.85 -11.74 -63.44
CA ASN OA 109 -43.31 -11.50 -62.12
C ASN OA 109 -43.81 -12.56 -61.16
N CYS OA 110 -43.05 -12.80 -60.11
CA CYS OA 110 -43.46 -13.77 -59.10
C CYS OA 110 -44.45 -13.16 -58.13
N ARG OA 111 -45.29 -14.03 -57.56
CA ARG OA 111 -46.35 -13.65 -56.64
C ARG OA 111 -45.89 -13.54 -55.19
N LYS OA 112 -44.61 -13.82 -54.91
CA LYS OA 112 -44.14 -14.03 -53.55
C LYS OA 112 -43.37 -12.82 -53.04
N LYS OA 113 -43.60 -12.49 -51.77
CA LYS OA 113 -42.95 -11.36 -51.14
C LYS OA 113 -41.49 -11.66 -50.78
N LYS OA 114 -41.17 -12.93 -50.51
CA LYS OA 114 -39.84 -13.26 -50.01
C LYS OA 114 -38.76 -13.12 -51.08
N CYS OA 115 -39.13 -13.25 -52.35
CA CYS OA 115 -38.19 -13.05 -53.45
C CYS OA 115 -38.29 -11.66 -54.05
N GLY OA 116 -39.13 -10.79 -53.50
CA GLY OA 116 -39.25 -9.44 -54.02
C GLY OA 116 -40.03 -9.31 -55.31
N HIS OA 117 -40.89 -10.28 -55.62
CA HIS OA 117 -41.67 -10.29 -56.86
C HIS OA 117 -40.75 -10.24 -58.09
N SER OA 118 -39.86 -11.22 -58.16
CA SER OA 118 -38.81 -11.23 -59.17
C SER OA 118 -39.37 -11.54 -60.55
N ASN OA 119 -38.75 -10.95 -61.56
CA ASN OA 119 -39.08 -11.23 -62.96
C ASN OA 119 -38.20 -12.31 -63.56
N GLN OA 120 -37.27 -12.86 -62.78
CA GLN OA 120 -36.37 -13.92 -63.25
C GLN OA 120 -37.12 -15.24 -63.21
N LEU OA 121 -37.79 -15.58 -64.30
CA LEU OA 121 -38.62 -16.78 -64.37
C LEU OA 121 -38.15 -17.65 -65.51
N ARG OA 122 -38.43 -18.95 -65.39
CA ARG OA 122 -38.11 -19.92 -66.41
C ARG OA 122 -39.27 -20.89 -66.55
N PRO OA 123 -39.45 -21.48 -67.72
CA PRO OA 123 -40.53 -22.45 -67.88
C PRO OA 123 -40.30 -23.71 -67.08
N LYS OA 124 -41.39 -24.37 -66.71
CA LYS OA 124 -41.31 -25.66 -66.04
C LYS OA 124 -40.80 -26.71 -67.01
N LYS OA 125 -39.81 -27.48 -66.58
CA LYS OA 125 -39.18 -28.44 -67.47
C LYS OA 125 -40.13 -29.59 -67.78
N LYS OA 126 -40.09 -30.04 -69.04
CA LYS OA 126 -40.96 -31.11 -69.50
C LYS OA 126 -40.25 -32.45 -69.44
N ILE OA 127 -41.03 -33.52 -69.33
CA ILE OA 127 -40.51 -34.88 -69.34
C ILE OA 127 -39.72 -35.12 -70.61
N VAL PA 2 46.89 12.73 -43.68
CA VAL PA 2 47.24 14.13 -43.56
C VAL PA 2 48.75 14.29 -43.66
N ASN PA 3 49.19 15.26 -44.45
CA ASN PA 3 50.60 15.56 -44.63
C ASN PA 3 50.82 17.06 -44.40
N VAL PA 4 51.78 17.38 -43.56
CA VAL PA 4 52.07 18.76 -43.18
C VAL PA 4 53.53 19.04 -43.46
N PRO PA 5 53.91 20.22 -43.95
CA PRO PA 5 55.33 20.52 -44.18
C PRO PA 5 56.03 20.80 -42.86
N LYS PA 6 57.33 21.06 -42.96
CA LYS PA 6 58.17 21.25 -41.78
C LYS PA 6 58.78 22.64 -41.68
N THR PA 7 58.40 23.57 -42.56
CA THR PA 7 58.99 24.90 -42.58
C THR PA 7 57.92 25.96 -42.77
N LYS PA 8 56.85 25.86 -41.98
CA LYS PA 8 55.74 26.80 -42.09
C LYS PA 8 56.14 28.19 -41.61
N LYS PA 9 55.68 29.21 -42.34
CA LYS PA 9 55.85 30.60 -41.95
C LYS PA 9 54.56 31.09 -41.30
N THR PA 10 54.65 31.54 -40.05
CA THR PA 10 53.46 31.84 -39.27
C THR PA 10 53.78 32.91 -38.24
N TYR PA 11 52.73 33.48 -37.65
CA TYR PA 11 52.89 34.57 -36.70
C TYR PA 11 53.51 34.08 -35.39
N CYS PA 12 54.53 34.78 -34.93
CA CYS PA 12 55.18 34.53 -33.65
C CYS PA 12 54.77 35.62 -32.67
N LYS PA 13 54.26 35.22 -31.51
CA LYS PA 13 53.77 36.17 -30.53
C LYS PA 13 54.84 36.58 -29.51
N ASN PA 14 56.05 36.06 -29.63
CA ASN PA 14 57.11 36.44 -28.72
C ASN PA 14 57.40 37.93 -28.81
N LYS PA 15 57.72 38.54 -27.67
CA LYS PA 15 57.96 39.98 -27.63
C LYS PA 15 59.16 40.38 -28.47
N GLU PA 16 60.09 39.46 -28.71
CA GLU PA 16 61.23 39.78 -29.57
C GLU PA 16 60.78 40.09 -30.99
N CYS PA 17 59.86 39.28 -31.54
CA CYS PA 17 59.36 39.48 -32.90
C CYS PA 17 57.88 39.14 -32.91
N LYS PA 18 57.03 40.16 -32.88
CA LYS PA 18 55.59 39.96 -33.00
C LYS PA 18 55.17 40.15 -34.44
N LYS PA 19 55.57 39.19 -35.27
CA LYS PA 19 55.33 39.23 -36.70
C LYS PA 19 55.38 37.80 -37.23
N HIS PA 20 55.41 37.67 -38.57
CA HIS PA 20 55.49 36.37 -39.22
C HIS PA 20 56.95 35.99 -39.36
N THR PA 21 57.30 34.83 -38.80
CA THR PA 21 58.66 34.29 -38.87
C THR PA 21 58.59 32.84 -39.32
N LEU PA 22 59.73 32.31 -39.72
CA LEU PA 22 59.81 30.90 -40.12
C LEU PA 22 59.82 30.01 -38.88
N HIS PA 23 59.07 28.90 -38.96
CA HIS PA 23 58.95 27.96 -37.86
C HIS PA 23 59.33 26.57 -38.33
N LYS PA 24 60.00 25.81 -37.47
CA LYS PA 24 60.15 24.38 -37.65
C LYS PA 24 58.94 23.66 -37.05
N VAL PA 25 58.56 22.55 -37.67
CA VAL PA 25 57.34 21.83 -37.29
C VAL PA 25 57.74 20.46 -36.79
N THR PA 26 57.35 20.14 -35.56
CA THR PA 26 57.50 18.82 -34.97
C THR PA 26 56.18 18.43 -34.33
N GLN PA 27 56.06 17.15 -33.99
CA GLN PA 27 54.85 16.63 -33.38
C GLN PA 27 55.01 16.59 -31.87
N TYR PA 28 53.99 17.07 -31.16
CA TYR PA 28 54.01 17.05 -29.70
C TYR PA 28 53.80 15.63 -29.19
N LYS PA 29 54.50 15.30 -28.11
CA LYS PA 29 54.31 14.06 -27.38
C LYS PA 29 54.21 14.38 -25.90
N LYS PA 30 53.37 13.63 -25.20
CA LYS PA 30 53.20 13.85 -23.77
C LYS PA 30 54.51 13.56 -23.03
N GLY PA 31 54.90 14.49 -22.17
CA GLY PA 31 56.13 14.33 -21.42
C GLY PA 31 56.02 13.23 -20.39
N LYS PA 32 57.19 12.88 -19.84
CA LYS PA 32 57.26 11.80 -18.86
C LYS PA 32 56.55 12.20 -17.57
N ASP PA 33 55.74 11.29 -17.04
CA ASP PA 33 54.99 11.55 -15.82
C ASP PA 33 55.94 11.64 -14.63
N SER PA 34 55.78 12.70 -13.83
CA SER PA 34 56.63 12.91 -12.67
C SER PA 34 56.03 12.19 -11.47
N LEU PA 35 56.87 11.42 -10.77
CA LEU PA 35 56.44 10.75 -9.55
C LEU PA 35 56.29 11.72 -8.38
N SER PA 36 56.75 12.96 -8.52
CA SER PA 36 56.66 13.95 -7.46
C SER PA 36 55.48 14.90 -7.62
N ALA PA 37 54.65 14.73 -8.64
CA ALA PA 37 53.50 15.59 -8.82
C ALA PA 37 52.52 15.39 -7.68
N GLN PA 38 51.90 16.48 -7.23
CA GLN PA 38 51.09 16.43 -6.02
C GLN PA 38 49.92 15.47 -6.17
N GLY PA 39 49.25 15.48 -7.32
CA GLY PA 39 48.19 14.52 -7.55
C GLY PA 39 48.67 13.09 -7.57
N LYS PA 40 49.93 12.88 -7.96
CA LYS PA 40 50.52 11.55 -7.90
C LYS PA 40 50.87 11.16 -6.47
N ARG PA 41 51.44 12.09 -5.70
CA ARG PA 41 51.72 11.83 -4.30
C ARG PA 41 50.44 11.62 -3.50
N ARG PA 42 49.40 12.40 -3.81
CA ARG PA 42 48.11 12.23 -3.15
C ARG PA 42 47.49 10.88 -3.51
N TYR PA 43 47.61 10.48 -4.77
CA TYR PA 43 47.05 9.22 -5.22
C TYR PA 43 47.75 8.03 -4.56
N ASP PA 44 49.08 8.11 -4.42
CA ASP PA 44 49.82 7.01 -3.84
C ASP PA 44 49.53 6.87 -2.35
N ARG PA 45 49.37 8.00 -1.66
CA ARG PA 45 48.95 7.95 -0.26
C ARG PA 45 47.55 7.34 -0.13
N LYS PA 46 46.66 7.66 -1.07
CA LYS PA 46 45.30 7.14 -1.01
C LYS PA 46 45.26 5.65 -1.32
N GLN PA 47 46.10 5.18 -2.23
CA GLN PA 47 46.06 3.78 -2.62
C GLN PA 47 46.69 2.88 -1.56
N SER PA 48 47.55 3.42 -0.71
CA SER PA 48 48.19 2.62 0.34
C SER PA 48 47.16 2.19 1.37
N GLY PA 49 47.38 1.02 1.94
CA GLY PA 49 46.48 0.47 2.93
C GLY PA 49 45.43 -0.43 2.32
N TYR PA 50 44.34 -0.59 3.06
CA TYR PA 50 43.25 -1.46 2.67
C TYR PA 50 42.08 -0.63 2.15
N GLY PA 51 41.41 -1.16 1.14
CA GLY PA 51 40.27 -0.49 0.55
C GLY PA 51 40.18 -0.74 -0.94
N GLY PA 52 41.24 -1.31 -1.50
CA GLY PA 52 41.24 -1.64 -2.91
C GLY PA 52 41.51 -0.42 -3.78
N GLN PA 53 40.89 -0.42 -4.95
CA GLN PA 53 40.97 0.73 -5.86
C GLN PA 53 40.12 1.86 -5.31
N THR PA 54 40.68 3.06 -5.28
CA THR PA 54 40.05 4.19 -4.63
C THR PA 54 39.58 5.23 -5.65
N PRO PA 56 38.19 5.91 -9.91
CA PRO PA 56 37.64 5.32 -11.14
C PRO PA 56 38.71 5.03 -12.19
N VAL PA 57 38.64 3.86 -12.80
CA VAL PA 57 39.57 3.45 -13.86
C VAL PA 57 38.79 3.40 -15.15
N PHE PA 58 39.05 4.37 -16.03
CA PHE PA 58 38.26 4.51 -17.25
C PHE PA 58 38.50 3.35 -18.20
N HIS PA 59 37.40 2.77 -18.70
CA HIS PA 59 37.46 1.62 -19.60
C HIS PA 59 36.89 1.91 -20.98
N LYS PA 60 35.71 2.52 -21.05
CA LYS PA 60 34.91 2.54 -22.28
C LYS PA 60 35.49 3.51 -23.29
N LYS PA 61 36.53 3.06 -23.98
CA LYS PA 61 37.11 3.87 -25.05
C LYS PA 61 36.20 3.88 -26.27
N ALA PA 62 36.04 5.04 -26.87
CA ALA PA 62 35.25 5.17 -28.08
C ALA PA 62 36.00 5.83 -29.23
N LYS PA 63 36.86 6.80 -28.94
CA LYS PA 63 37.62 7.47 -30.00
C LYS PA 63 38.66 6.52 -30.58
N THR PA 64 38.80 6.57 -31.90
CA THR PA 64 39.84 5.82 -32.60
C THR PA 64 40.95 6.71 -33.13
N THR PA 65 40.88 8.01 -32.91
CA THR PA 65 41.88 8.96 -33.38
C THR PA 65 42.31 9.83 -32.21
N LYS PA 66 43.17 10.80 -32.51
CA LYS PA 66 43.55 11.83 -31.55
C LYS PA 66 43.71 13.13 -32.31
N LYS PA 67 43.63 14.24 -31.58
CA LYS PA 67 43.95 15.54 -32.13
C LYS PA 67 45.47 15.70 -32.11
N ILE PA 68 46.09 15.74 -33.29
CA ILE PA 68 47.53 15.92 -33.38
C ILE PA 68 47.87 17.37 -33.04
N VAL PA 69 48.86 17.55 -32.18
CA VAL PA 69 49.35 18.87 -31.80
C VAL PA 69 50.70 19.08 -32.46
N LEU PA 70 50.84 20.20 -33.15
CA LEU PA 70 52.08 20.54 -33.83
C LEU PA 70 52.83 21.56 -32.99
N LYS PA 71 54.08 21.26 -32.67
CA LYS PA 71 54.96 22.22 -32.04
C LYS PA 71 55.62 23.06 -33.13
N LEU PA 72 55.49 24.37 -33.03
CA LEU PA 72 56.07 25.29 -34.01
C LEU PA 72 57.16 26.08 -33.29
N GLN PA 73 58.40 25.94 -33.76
CA GLN PA 73 59.54 26.60 -33.14
C GLN PA 73 60.00 27.76 -34.03
N CYS PA 74 59.88 28.97 -33.52
CA CYS PA 74 60.41 30.13 -34.22
C CYS PA 74 61.92 30.01 -34.35
N GLN PA 75 62.43 30.32 -35.54
CA GLN PA 75 63.86 30.21 -35.81
C GLN PA 75 64.63 31.47 -35.43
N SER PA 76 63.95 32.46 -34.86
CA SER PA 76 64.61 33.62 -34.28
C SER PA 76 64.67 33.57 -32.77
N CYS PA 77 63.51 33.38 -32.10
CA CYS PA 77 63.51 33.28 -30.65
C CYS PA 77 63.97 31.91 -30.16
N LYS PA 78 63.71 30.86 -30.95
CA LYS PA 78 63.78 29.46 -30.53
C LYS PA 78 62.72 29.13 -29.50
N HIS PA 79 61.70 29.97 -29.36
CA HIS PA 79 60.54 29.67 -28.53
C HIS PA 79 59.53 28.85 -29.33
N TYR PA 80 58.54 28.31 -28.63
CA TYR PA 80 57.63 27.34 -29.20
C TYR PA 80 56.19 27.85 -29.24
N SER PA 81 55.43 27.31 -30.18
CA SER PA 81 53.99 27.47 -30.24
C SER PA 81 53.34 26.11 -30.33
N GLN PA 82 52.08 26.03 -29.92
CA GLN PA 82 51.31 24.81 -29.94
C GLN PA 82 50.08 25.00 -30.82
N ARG PA 83 49.79 24.00 -31.64
CA ARG PA 83 48.64 24.05 -32.55
C ARG PA 83 48.11 22.64 -32.77
N ALA PA 84 46.84 22.44 -32.46
CA ALA PA 84 46.19 21.17 -32.73
C ALA PA 84 45.45 21.22 -34.07
N ILE PA 85 45.40 20.08 -34.74
CA ILE PA 85 44.67 19.97 -36.01
C ILE PA 85 43.54 18.96 -35.83
N LYS PA 86 42.73 18.78 -36.87
CA LYS PA 86 41.59 17.90 -36.79
C LYS PA 86 42.02 16.45 -36.69
N ARG PA 87 41.10 15.60 -36.23
CA ARG PA 87 41.39 14.19 -36.05
C ARG PA 87 41.74 13.53 -37.38
N CYS PA 88 42.83 12.78 -37.39
CA CYS PA 88 43.26 12.03 -38.55
C CYS PA 88 43.76 10.67 -38.08
N LYS PA 89 43.62 9.66 -38.96
CA LYS PA 89 44.12 8.33 -38.63
C LYS PA 89 45.60 8.22 -38.93
N HIS PA 90 46.02 8.71 -40.10
CA HIS PA 90 47.42 8.69 -40.51
C HIS PA 90 47.94 10.12 -40.58
N PHE PA 91 49.16 10.32 -40.07
CA PHE PA 91 49.77 11.64 -40.00
C PHE PA 91 51.25 11.51 -40.29
N GLU PA 92 51.82 12.53 -40.92
CA GLU PA 92 53.26 12.62 -41.11
C GLU PA 92 53.64 14.06 -41.39
N ILE PA 93 54.87 14.41 -41.04
CA ILE PA 93 55.41 15.75 -41.22
C ILE PA 93 56.43 15.70 -42.35
N GLY PA 94 56.27 16.57 -43.33
CA GLY PA 94 57.22 16.64 -44.42
C GLY PA 94 57.29 15.39 -45.26
N GLY PA 95 56.15 14.77 -45.55
CA GLY PA 95 56.11 13.63 -46.43
C GLY PA 95 56.26 14.06 -47.88
N ASP PA 96 56.23 13.07 -48.76
CA ASP PA 96 56.38 13.33 -50.18
C ASP PA 96 55.15 14.04 -50.73
N LYS PA 97 55.37 15.14 -51.44
CA LYS PA 97 54.28 15.88 -52.03
C LYS PA 97 53.60 15.06 -53.12
N LYS PA 98 52.31 15.30 -53.32
CA LYS PA 98 51.58 14.69 -54.42
C LYS PA 98 51.75 15.55 -55.67
N GLY PA 99 52.14 14.90 -56.77
CA GLY PA 99 52.34 15.59 -58.03
C GLY PA 99 53.56 16.48 -58.04
N LYS QA 3 25.62 -83.90 -3.20
CA LYS QA 3 24.38 -83.89 -2.44
C LYS QA 3 24.07 -82.49 -1.87
N ARG QA 4 22.79 -82.13 -1.93
CA ARG QA 4 22.23 -80.87 -1.45
C ARG QA 4 22.62 -79.69 -2.33
N THR QA 5 23.58 -79.89 -3.22
CA THR QA 5 24.18 -78.83 -4.00
C THR QA 5 25.17 -79.42 -4.99
N LYS QA 6 25.24 -78.90 -6.21
CA LYS QA 6 26.21 -79.42 -7.16
C LYS QA 6 27.52 -78.66 -7.16
N LYS QA 7 27.51 -77.34 -6.95
CA LYS QA 7 28.75 -76.57 -6.96
C LYS QA 7 28.89 -75.54 -5.85
N ALA QA 8 27.79 -75.08 -5.23
CA ALA QA 8 27.88 -73.97 -4.28
C ALA QA 8 28.73 -74.33 -3.06
N GLY QA 9 28.42 -75.44 -2.41
CA GLY QA 9 29.15 -75.79 -1.19
C GLY QA 9 28.89 -74.78 -0.09
N ILE QA 10 29.94 -74.45 0.67
CA ILE QA 10 29.83 -73.54 1.81
C ILE QA 10 29.22 -72.20 1.40
N VAL QA 11 29.32 -71.84 0.12
CA VAL QA 11 28.88 -70.52 -0.32
C VAL QA 11 27.38 -70.44 -0.54
N GLY QA 12 26.66 -71.56 -0.46
CA GLY QA 12 25.22 -71.57 -0.61
C GLY QA 12 24.47 -70.81 0.46
N LYS QA 13 25.14 -70.45 1.56
CA LYS QA 13 24.54 -69.60 2.57
C LYS QA 13 24.24 -68.20 2.05
N TYR QA 14 24.86 -67.78 0.96
CA TYR QA 14 24.66 -66.45 0.40
C TYR QA 14 23.51 -66.38 -0.58
N GLY QA 15 22.85 -67.50 -0.87
CA GLY QA 15 21.71 -67.48 -1.76
C GLY QA 15 22.09 -67.10 -3.18
N THR QA 16 21.25 -66.25 -3.78
CA THR QA 16 21.46 -65.77 -5.14
C THR QA 16 22.21 -64.44 -5.19
N ARG QA 17 22.66 -63.93 -4.05
CA ARG QA 17 23.18 -62.57 -3.97
C ARG QA 17 24.66 -62.50 -4.34
N TYR QA 18 25.10 -61.28 -4.69
CA TYR QA 18 26.46 -60.77 -4.81
C TYR QA 18 27.16 -61.16 -6.11
N GLY QA 19 26.57 -62.00 -6.95
CA GLY QA 19 27.23 -62.38 -8.18
C GLY QA 19 27.98 -63.69 -8.09
N ALA QA 20 27.99 -64.46 -9.18
CA ALA QA 20 28.60 -65.78 -9.15
C ALA QA 20 30.11 -65.70 -9.02
N SER QA 21 30.74 -64.69 -9.63
CA SER QA 21 32.19 -64.58 -9.58
C SER QA 21 32.68 -64.19 -8.19
N LEU QA 22 31.91 -63.36 -7.49
CA LEU QA 22 32.30 -62.98 -6.14
C LEU QA 22 32.13 -64.13 -5.16
N ARG QA 23 31.06 -64.91 -5.33
CA ARG QA 23 30.86 -66.09 -4.49
C ARG QA 23 31.95 -67.12 -4.71
N LYS QA 24 32.33 -67.33 -5.97
CA LYS QA 24 33.45 -68.22 -6.27
C LYS QA 24 34.76 -67.68 -5.73
N GLN QA 25 34.92 -66.35 -5.69
CA GLN QA 25 36.12 -65.76 -5.12
C GLN QA 25 36.21 -66.01 -3.63
N ILE QA 26 35.11 -65.80 -2.91
CA ILE QA 26 35.12 -65.92 -1.46
C ILE QA 26 35.15 -67.37 -1.01
N LYS QA 27 34.89 -68.31 -1.92
CA LYS QA 27 34.73 -69.72 -1.53
C LYS QA 27 36.00 -70.29 -0.94
N LYS QA 28 37.15 -70.02 -1.57
CA LYS QA 28 38.40 -70.61 -1.10
C LYS QA 28 38.78 -70.10 0.29
N MET QA 29 38.56 -68.81 0.53
CA MET QA 29 38.89 -68.26 1.84
C MET QA 29 37.87 -68.67 2.90
N GLU QA 30 36.60 -68.83 2.52
CA GLU QA 30 35.61 -69.32 3.47
C GLU QA 30 35.93 -70.74 3.89
N VAL QA 31 36.35 -71.58 2.93
CA VAL QA 31 36.73 -72.94 3.26
C VAL QA 31 38.00 -72.95 4.11
N SER QA 32 39.02 -72.21 3.68
CA SER QA 32 40.33 -72.31 4.33
C SER QA 32 40.30 -71.74 5.74
N GLN QA 33 39.53 -70.68 5.96
CA GLN QA 33 39.48 -70.06 7.27
C GLN QA 33 38.66 -70.87 8.27
N HIS QA 34 37.83 -71.79 7.80
CA HIS QA 34 37.07 -72.68 8.66
C HIS QA 34 37.63 -74.09 8.72
N SER QA 35 38.80 -74.32 8.13
CA SER QA 35 39.44 -75.62 8.14
C SER QA 35 40.15 -75.88 9.46
N LYS QA 36 40.52 -77.14 9.67
CA LYS QA 36 41.30 -77.57 10.81
C LYS QA 36 42.72 -77.87 10.35
N TYR QA 37 43.70 -77.32 11.06
CA TYR QA 37 45.08 -77.38 10.63
C TYR QA 37 45.90 -78.22 11.60
N PHE QA 38 46.99 -78.75 11.08
CA PHE QA 38 47.87 -79.61 11.85
C PHE QA 38 48.67 -78.79 12.85
N CYS QA 39 48.73 -79.25 14.10
CA CYS QA 39 49.52 -78.61 15.14
C CYS QA 39 50.89 -79.28 15.18
N GLU QA 40 51.93 -78.53 14.82
CA GLU QA 40 53.28 -79.09 14.86
C GLU QA 40 53.72 -79.38 16.28
N PHE QA 41 53.18 -78.66 17.27
CA PHE QA 41 53.63 -78.85 18.64
C PHE QA 41 53.13 -80.16 19.22
N CYS QA 42 51.86 -80.49 19.01
CA CYS QA 42 51.27 -81.69 19.60
C CYS QA 42 50.98 -82.79 18.60
N GLY QA 43 50.92 -82.49 17.31
CA GLY QA 43 50.70 -83.50 16.30
C GLY QA 43 49.26 -83.81 15.99
N LYS QA 44 48.32 -82.91 16.28
CA LYS QA 44 46.91 -83.12 16.03
C LYS QA 44 46.38 -82.07 15.07
N PHE QA 45 45.29 -82.42 14.39
CA PHE QA 45 44.59 -81.48 13.49
C PHE QA 45 43.54 -80.71 14.28
N ALA QA 46 44.02 -79.84 15.17
CA ALA QA 46 43.15 -79.17 16.11
C ALA QA 46 43.31 -77.65 16.10
N VAL QA 47 44.03 -77.09 15.14
CA VAL QA 47 44.26 -75.66 15.08
C VAL QA 47 43.08 -75.00 14.38
N LYS QA 48 42.49 -74.02 15.04
CA LYS QA 48 41.33 -73.30 14.53
C LYS QA 48 41.59 -71.82 14.62
N ARG QA 49 41.01 -71.08 13.68
CA ARG QA 49 41.16 -69.63 13.65
C ARG QA 49 40.34 -69.01 14.77
N LYS QA 50 40.99 -68.23 15.62
CA LYS QA 50 40.32 -67.48 16.67
C LYS QA 50 39.98 -66.06 16.24
N ALA QA 51 40.86 -65.42 15.48
CA ALA QA 51 40.60 -64.16 14.83
C ALA QA 51 41.55 -64.07 13.66
N VAL QA 52 41.38 -63.04 12.84
CA VAL QA 52 42.23 -62.88 11.66
C VAL QA 52 43.69 -62.83 12.12
N GLY QA 53 44.48 -63.78 11.64
CA GLY QA 53 45.88 -63.90 12.00
C GLY QA 53 46.18 -64.74 13.23
N ILE QA 54 45.18 -65.19 13.96
CA ILE QA 54 45.35 -65.89 15.23
C ILE QA 54 44.85 -67.31 15.09
N TRP QA 55 45.70 -68.28 15.42
CA TRP QA 55 45.41 -69.69 15.20
C TRP QA 55 45.73 -70.46 16.48
N GLY QA 56 44.69 -70.97 17.14
CA GLY QA 56 44.86 -71.66 18.39
C GLY QA 56 44.54 -73.14 18.32
N CYS QA 57 45.40 -73.97 18.90
CA CYS QA 57 45.14 -75.39 19.00
C CYS QA 57 44.16 -75.66 20.13
N LYS QA 58 43.23 -76.58 19.88
CA LYS QA 58 42.20 -76.87 20.87
C LYS QA 58 42.77 -77.60 22.07
N ASP QA 59 43.59 -78.63 21.83
CA ASP QA 59 43.98 -79.54 22.91
C ASP QA 59 45.25 -79.11 23.64
N CYS QA 60 46.33 -78.82 22.92
CA CYS QA 60 47.56 -78.42 23.59
C CYS QA 60 47.55 -76.96 24.00
N GLY QA 61 46.67 -76.14 23.44
CA GLY QA 61 46.51 -74.78 23.88
C GLY QA 61 47.48 -73.78 23.29
N LYS QA 62 48.33 -74.18 22.35
CA LYS QA 62 49.25 -73.25 21.71
C LYS QA 62 48.49 -72.29 20.81
N VAL QA 63 48.88 -71.02 20.84
CA VAL QA 63 48.30 -69.99 19.99
C VAL QA 63 49.41 -69.41 19.13
N LYS QA 64 49.15 -69.29 17.84
CA LYS QA 64 50.17 -68.96 16.86
C LYS QA 64 49.68 -67.84 15.95
N ALA QA 65 50.59 -66.94 15.61
CA ALA QA 65 50.31 -65.85 14.69
C ALA QA 65 50.54 -66.32 13.26
N GLY QA 66 49.51 -66.26 12.43
CA GLY QA 66 49.60 -66.74 11.07
C GLY QA 66 48.92 -65.86 10.08
N GLY QA 67 48.41 -66.43 9.00
CA GLY QA 67 47.76 -65.67 7.95
C GLY QA 67 46.36 -65.23 8.34
N ALA QA 68 45.75 -64.43 7.47
CA ALA QA 68 44.42 -63.93 7.73
C ALA QA 68 43.38 -65.05 7.64
N TYR QA 69 43.42 -65.83 6.57
CA TYR QA 69 42.43 -66.87 6.31
C TYR QA 69 43.04 -68.26 6.16
N THR QA 70 44.36 -68.39 6.27
CA THR QA 70 45.01 -69.68 6.32
C THR QA 70 46.10 -69.62 7.38
N MET QA 71 46.41 -70.78 7.97
CA MET QA 71 47.37 -70.81 9.07
C MET QA 71 48.75 -70.34 8.63
N ASN QA 72 49.29 -70.94 7.57
CA ASN QA 72 50.57 -70.55 7.01
C ASN QA 72 50.36 -69.94 5.64
N THR QA 73 50.80 -68.69 5.46
CA THR QA 73 50.79 -68.12 4.12
C THR QA 73 51.96 -68.66 3.32
N ALA QA 74 51.87 -68.50 1.99
CA ALA QA 74 52.94 -68.96 1.12
C ALA QA 74 54.23 -68.18 1.35
N SER QA 75 54.13 -66.86 1.52
CA SER QA 75 55.32 -66.05 1.75
C SER QA 75 55.94 -66.33 3.10
N ALA QA 76 55.14 -66.78 4.07
CA ALA QA 76 55.67 -67.11 5.39
C ALA QA 76 56.69 -68.24 5.29
N VAL QA 77 56.40 -69.25 4.47
CA VAL QA 77 57.35 -70.33 4.25
C VAL QA 77 58.59 -69.81 3.53
N THR QA 78 58.40 -68.96 2.52
CA THR QA 78 59.51 -68.39 1.79
C THR QA 78 60.37 -67.49 2.68
N VAL QA 79 59.74 -66.70 3.54
CA VAL QA 79 60.48 -65.83 4.44
C VAL QA 79 61.30 -66.65 5.42
N ARG QA 80 60.71 -67.72 5.97
CA ARG QA 80 61.44 -68.57 6.91
C ARG QA 80 62.66 -69.20 6.26
N SER QA 81 62.54 -69.62 5.01
CA SER QA 81 63.69 -70.21 4.31
C SER QA 81 64.77 -69.17 4.05
N THR QA 82 64.37 -67.96 3.68
CA THR QA 82 65.34 -66.89 3.46
C THR QA 82 66.03 -66.50 4.75
N ILE QA 83 65.28 -66.42 5.85
CA ILE QA 83 65.86 -66.09 7.14
C ILE QA 83 66.77 -67.21 7.63
N ARG QA 84 66.39 -68.46 7.36
CA ARG QA 84 67.23 -69.59 7.76
C ARG QA 84 68.53 -69.62 6.97
N ARG QA 85 68.45 -69.40 5.65
CA ARG QA 85 69.65 -69.41 4.84
C ARG QA 85 70.58 -68.26 5.20
N LEU QA 86 70.01 -67.09 5.47
CA LEU QA 86 70.83 -65.95 5.91
C LEU QA 86 71.49 -66.24 7.24
N ARG QA 87 70.77 -66.91 8.15
CA ARG QA 87 71.33 -67.22 9.47
C ARG QA 87 72.50 -68.19 9.37
N GLU QA 88 72.38 -69.22 8.52
CA GLU QA 88 73.47 -70.18 8.39
C GLU QA 88 74.66 -69.57 7.66
N GLN QA 89 74.41 -68.89 6.54
CA GLN QA 89 75.49 -68.26 5.80
C GLN QA 89 76.14 -67.11 6.58
N THR QA 90 75.41 -66.51 7.51
CA THR QA 90 76.01 -65.53 8.41
C THR QA 90 77.16 -66.15 9.20
N GLU QA 91 76.95 -67.36 9.72
CA GLU QA 91 78.02 -68.11 10.37
C GLU QA 91 79.10 -68.43 9.33
N VAL RA 4 -0.94 65.06 27.79
CA VAL RA 4 -1.45 63.99 26.94
C VAL RA 4 -2.90 64.30 26.53
N PRO RA 5 -3.10 64.64 25.27
CA PRO RA 5 -4.43 65.02 24.79
C PRO RA 5 -5.38 63.83 24.71
N GLY RA 6 -6.67 64.16 24.55
CA GLY RA 6 -7.69 63.14 24.50
C GLY RA 6 -7.57 62.20 23.32
N SER RA 7 -7.10 62.71 22.18
CA SER RA 7 -6.91 61.84 21.02
C SER RA 7 -5.86 60.78 21.29
N LEU RA 8 -4.78 61.16 21.97
CA LEU RA 8 -3.75 60.18 22.35
C LEU RA 8 -4.28 59.19 23.37
N VAL RA 9 -5.06 59.67 24.35
CA VAL RA 9 -5.60 58.77 25.38
C VAL RA 9 -6.59 57.79 24.76
N TRP RA 10 -7.36 58.24 23.77
CA TRP RA 10 -8.37 57.37 23.17
C TRP RA 10 -7.75 56.15 22.52
N GLU RA 11 -6.65 56.35 21.79
CA GLU RA 11 -6.03 55.22 21.10
C GLU RA 11 -5.38 54.24 22.07
N LEU RA 12 -4.99 54.71 23.25
CA LEU RA 12 -4.39 53.81 24.24
C LEU RA 12 -5.44 52.95 24.94
N VAL RA 13 -6.63 53.50 25.18
CA VAL RA 13 -7.66 52.82 25.94
C VAL RA 13 -8.73 52.18 25.06
N LYS RA 14 -8.65 52.41 23.74
CA LYS RA 14 -9.69 51.92 22.84
C LYS RA 14 -9.74 50.40 22.78
N LYS RA 15 -8.57 49.74 22.77
CA LYS RA 15 -8.55 48.30 22.52
C LYS RA 15 -9.02 47.52 23.75
N ASN RA 16 -8.41 47.76 24.90
CA ASN RA 16 -8.79 47.07 26.13
C ASN RA 16 -8.84 48.07 27.26
N ASN RA 17 -9.69 47.80 28.23
CA ASN RA 17 -10.01 48.78 29.25
C ASN RA 17 -10.65 48.09 30.43
N CYS RA 18 -10.38 48.61 31.63
CA CYS RA 18 -11.00 48.08 32.83
C CYS RA 18 -12.49 48.37 32.88
N PHE RA 19 -12.98 49.35 32.13
CA PHE RA 19 -14.41 49.67 32.09
C PHE RA 19 -15.11 49.11 30.88
N LEU RA 20 -14.39 48.80 29.81
CA LEU RA 20 -14.99 48.28 28.60
C LEU RA 20 -15.39 46.82 28.78
N ILE RA 21 -16.63 46.50 28.44
CA ILE RA 21 -17.14 45.14 28.45
C ILE RA 21 -17.45 44.74 27.01
N LYS RA 22 -16.82 43.66 26.55
CA LYS RA 22 -17.05 43.13 25.21
C LYS RA 22 -17.70 41.76 25.33
N GLN RA 23 -18.52 41.42 24.34
CA GLN RA 23 -19.26 40.17 24.38
C GLN RA 23 -19.43 39.63 22.96
N PHE RA 24 -19.62 38.31 22.87
CA PHE RA 24 -19.86 37.60 21.62
C PHE RA 24 -18.69 37.72 20.64
N GLY RA 25 -17.48 37.90 21.17
CA GLY RA 25 -16.29 37.79 20.35
C GLY RA 25 -16.07 38.98 19.43
N ASN RA 26 -15.41 38.71 18.30
CA ASN RA 26 -15.01 39.73 17.34
C ASN RA 26 -15.63 39.50 15.97
N SER RA 27 -16.81 38.91 15.93
CA SER RA 27 -17.58 38.77 14.71
C SER RA 27 -18.53 39.97 14.59
N ASN RA 28 -19.51 39.86 13.68
CA ASN RA 28 -20.58 40.85 13.66
C ASN RA 28 -21.45 40.79 14.91
N ALA RA 29 -21.33 39.72 15.70
CA ALA RA 29 -22.10 39.55 16.92
C ALA RA 29 -21.58 40.39 18.09
N LYS RA 30 -20.43 41.04 17.93
CA LYS RA 30 -19.80 41.74 19.04
C LYS RA 30 -20.70 42.84 19.61
N VAL RA 31 -20.81 42.89 20.93
CA VAL RA 31 -21.54 43.92 21.65
C VAL RA 31 -20.61 44.51 22.71
N GLN RA 32 -20.48 45.84 22.71
CA GLN RA 32 -19.57 46.55 23.60
C GLN RA 32 -20.32 47.59 24.41
N PHE RA 33 -19.88 47.77 25.65
CA PHE RA 33 -20.40 48.81 26.53
C PHE RA 33 -19.29 49.30 27.43
N SER RA 34 -19.50 50.47 28.03
CA SER RA 34 -18.60 51.04 29.02
C SER RA 34 -19.28 51.08 30.38
N LYS RA 35 -18.50 50.85 31.44
CA LYS RA 35 -19.03 50.79 32.79
C LYS RA 35 -18.79 52.07 33.58
N GLU RA 36 -17.95 52.96 33.09
CA GLU RA 36 -17.51 54.10 33.86
C GLU RA 36 -18.66 55.06 34.17
N PRO RA 37 -18.57 55.80 35.27
CA PRO RA 37 -19.39 57.01 35.40
C PRO RA 37 -18.91 58.04 34.40
N ASN RA 38 -19.49 59.24 34.40
CA ASN RA 38 -19.29 60.24 33.37
C ASN RA 38 -19.15 59.61 31.98
N ASN RA 39 -20.05 58.68 31.68
CA ASN RA 39 -20.21 58.10 30.36
C ASN RA 39 -21.72 57.97 30.19
N LEU RA 40 -22.33 58.95 29.53
CA LEU RA 40 -23.77 59.12 29.59
C LEU RA 40 -24.52 57.93 29.03
N TYR RA 41 -24.06 57.39 27.89
CA TYR RA 41 -24.74 56.31 27.22
C TYR RA 41 -24.08 54.95 27.43
N ASN RA 42 -23.01 54.88 28.22
CA ASN RA 42 -22.29 53.64 28.49
C ASN RA 42 -21.84 52.96 27.19
N VAL RA 43 -21.33 53.76 26.25
CA VAL RA 43 -20.92 53.28 24.95
C VAL RA 43 -19.43 53.52 24.78
N HIS RA 44 -18.74 52.54 24.21
CA HIS RA 44 -17.30 52.63 23.95
C HIS RA 44 -17.09 53.42 22.67
N SER RA 45 -16.98 54.74 22.82
CA SER RA 45 -16.69 55.63 21.70
C SER RA 45 -15.94 56.84 22.24
N TYR RA 46 -15.22 57.51 21.35
CA TYR RA 46 -14.43 58.67 21.76
C TYR RA 46 -15.31 59.79 22.30
N LYS RA 47 -16.47 60.01 21.68
CA LYS RA 47 -17.35 61.10 22.09
C LYS RA 47 -17.84 60.91 23.51
N PHE RA 48 -18.17 59.67 23.88
CA PHE RA 48 -18.81 59.38 25.15
C PHE RA 48 -17.84 58.94 26.24
N SER RA 49 -16.60 58.60 25.89
CA SER RA 49 -15.69 58.01 26.87
C SER RA 49 -15.42 58.94 28.04
N GLY RA 50 -15.52 58.39 29.24
CA GLY RA 50 -15.16 59.12 30.45
C GLY RA 50 -13.69 59.11 30.77
N LEU RA 51 -12.89 58.39 29.99
CA LEU RA 51 -11.46 58.32 30.20
C LEU RA 51 -10.66 59.12 29.21
N ALA RA 52 -11.14 59.28 27.97
CA ALA RA 52 -10.38 59.88 26.90
C ALA RA 52 -10.78 61.32 26.62
N ASN RA 53 -11.56 61.95 27.49
CA ASN RA 53 -12.02 63.30 27.26
C ASN RA 53 -11.68 64.17 28.46
N SER RA 54 -11.23 65.40 28.18
CA SER RA 54 -10.88 66.33 29.25
C SER RA 54 -12.12 66.90 29.92
N LYS RA 55 -13.17 67.15 29.15
CA LYS RA 55 -14.45 67.65 29.66
C LYS RA 55 -15.48 66.53 29.59
N THR RA 56 -16.15 66.27 30.70
CA THR RA 56 -17.11 65.18 30.78
C THR RA 56 -18.23 65.57 31.73
N VAL RA 57 -19.40 64.98 31.50
CA VAL RA 57 -20.56 65.20 32.36
C VAL RA 57 -21.01 63.85 32.91
N ALA RA 58 -21.38 63.84 34.18
CA ALA RA 58 -21.90 62.65 34.85
C ALA RA 58 -23.27 62.98 35.42
N VAL RA 59 -24.26 62.14 35.11
CA VAL RA 59 -25.62 62.31 35.58
C VAL RA 59 -26.00 61.01 36.28
N GLN RA 60 -25.78 60.96 37.59
CA GLN RA 60 -26.05 59.79 38.39
C GLN RA 60 -26.93 60.17 39.58
N PRO RA 61 -27.73 59.24 40.09
CA PRO RA 61 -28.53 59.51 41.27
C PRO RA 61 -27.67 59.57 42.54
N SER RA 62 -28.32 59.74 43.67
CA SER RA 62 -27.64 59.78 44.95
C SER RA 62 -27.99 58.57 45.80
N ALA RA 68 -33.22 63.16 44.41
CA ALA RA 68 -31.86 63.68 44.47
C ALA RA 68 -31.00 63.13 43.34
N VAL RA 69 -30.51 64.03 42.49
CA VAL RA 69 -29.71 63.67 41.33
C VAL RA 69 -28.42 64.47 41.39
N VAL RA 70 -27.28 63.79 41.24
CA VAL RA 70 -25.98 64.43 41.26
C VAL RA 70 -25.52 64.62 39.83
N LEU RA 71 -25.23 65.86 39.46
CA LEU RA 71 -24.59 66.19 38.20
C LEU RA 71 -23.14 66.55 38.48
N SER RA 72 -22.23 65.96 37.72
CA SER RA 72 -20.80 66.15 37.93
C SER RA 72 -20.14 66.48 36.60
N THR RA 73 -19.36 67.56 36.59
CA THR RA 73 -18.52 67.90 35.46
C THR RA 73 -17.08 68.07 35.93
N THR RA 74 -16.15 67.79 35.03
CA THR RA 74 -14.74 67.77 35.39
C THR RA 74 -14.09 69.10 35.07
N LYS RA 75 -13.06 69.43 35.84
CA LYS RA 75 -12.32 70.68 35.68
C LYS RA 75 -11.11 70.46 34.79
N THR RA 76 -10.93 71.35 33.82
CA THR RA 76 -9.90 71.16 32.81
C THR RA 76 -8.49 71.43 33.34
N LYS RA 77 -8.36 72.36 34.27
CA LYS RA 77 -7.06 72.72 34.83
C LYS RA 77 -6.72 71.90 36.07
N LYS RA 78 -7.53 70.89 36.39
CA LYS RA 78 -7.29 70.02 37.54
C LYS RA 78 -7.16 68.57 37.11
N GLN RA 79 -6.67 68.35 35.89
CA GLN RA 79 -6.49 66.98 35.40
C GLN RA 79 -5.44 66.25 36.23
N ASN RA 80 -4.34 66.92 36.56
CA ASN RA 80 -3.27 66.31 37.32
C ASN RA 80 -3.64 66.05 38.78
N THR RA 81 -4.75 66.63 39.26
CA THR RA 81 -5.18 66.49 40.65
C THR RA 81 -6.54 65.84 40.66
N PRO RA 82 -6.61 64.51 40.80
CA PRO RA 82 -7.91 63.82 40.80
C PRO RA 82 -8.83 64.24 41.94
N ALA RA 83 -8.28 64.58 43.11
CA ALA RA 83 -9.12 64.87 44.27
C ALA RA 83 -9.95 66.12 44.08
N LYS RA 84 -9.49 67.04 43.23
CA LYS RA 84 -10.24 68.25 42.90
C LYS RA 84 -10.62 68.31 41.42
N LEU RA 85 -10.74 67.16 40.76
CA LEU RA 85 -11.04 67.16 39.33
C LEU RA 85 -12.54 67.27 39.05
N GLN RA 86 -13.38 66.82 39.97
CA GLN RA 86 -14.82 66.78 39.76
C GLN RA 86 -15.51 67.90 40.53
N HIS RA 87 -16.22 68.76 39.81
CA HIS RA 87 -17.11 69.74 40.40
C HIS RA 87 -18.51 69.15 40.41
N LYS RA 88 -19.00 68.81 41.60
CA LYS RA 88 -20.22 68.05 41.76
C LYS RA 88 -21.33 68.93 42.32
N THR RA 89 -22.54 68.77 41.78
CA THR RA 89 -23.72 69.46 42.26
C THR RA 89 -24.82 68.44 42.53
N LEU RA 90 -25.53 68.61 43.64
CA LEU RA 90 -26.62 67.72 44.02
C LEU RA 90 -27.91 68.53 43.98
N MET RA 91 -28.88 68.06 43.20
CA MET RA 91 -30.13 68.78 42.98
C MET RA 91 -31.30 67.91 43.41
N ARG RA 92 -32.24 68.51 44.15
CA ARG RA 92 -33.42 67.82 44.65
C ARG RA 92 -34.71 68.54 44.28
N LYS RA 93 -34.69 69.35 43.22
CA LYS RA 93 -35.85 70.12 42.83
C LYS RA 93 -36.71 69.33 41.85
N GLU RA 94 -37.67 70.00 41.22
CA GLU RA 94 -38.53 69.39 40.23
C GLU RA 94 -37.73 69.13 38.94
N PHE RA 95 -38.29 68.28 38.08
CA PHE RA 95 -37.54 67.83 36.90
C PHE RA 95 -37.15 69.00 36.00
N ARG RA 96 -38.07 69.92 35.75
CA ARG RA 96 -37.77 71.02 34.83
C ARG RA 96 -36.66 71.90 35.38
N LYS RA 97 -36.68 72.18 36.67
CA LYS RA 97 -35.60 72.97 37.28
C LYS RA 97 -34.27 72.24 37.19
N MET RA 98 -34.28 70.91 37.37
CA MET RA 98 -33.08 70.13 37.18
C MET RA 98 -32.66 70.09 35.72
N ALA RA 99 -33.63 69.98 34.81
CA ALA RA 99 -33.33 69.98 33.38
C ALA RA 99 -32.76 71.32 32.95
N LYS RA 100 -33.17 72.40 33.59
CA LYS RA 100 -32.65 73.72 33.26
C LYS RA 100 -31.21 73.88 33.70
N SER RA 101 -30.87 73.34 34.87
CA SER RA 101 -29.49 73.42 35.36
C SER RA 101 -28.55 72.59 34.50
N VAL RA 102 -29.00 71.42 34.06
CA VAL RA 102 -28.17 70.59 33.20
C VAL RA 102 -27.89 71.30 31.88
N LYS RA 103 -28.90 71.94 31.31
CA LYS RA 103 -28.69 72.71 30.09
C LYS RA 103 -27.77 73.91 30.34
N ASN RA 104 -27.80 74.46 31.56
CA ASN RA 104 -26.97 75.62 31.85
C ASN RA 104 -25.51 75.24 32.01
N GLN RA 105 -25.24 74.16 32.73
CA GLN RA 105 -23.86 73.79 33.02
C GLN RA 105 -23.21 73.01 31.87
N VAL RA 106 -23.95 72.63 30.85
CA VAL RA 106 -23.45 71.78 29.77
C VAL RA 106 -23.58 72.47 28.41
N CYS RA 107 -24.73 73.08 28.14
CA CYS RA 107 -24.97 73.66 26.83
C CYS RA 107 -24.61 75.16 26.78
N ASP RA 108 -25.26 75.97 27.61
CA ASP RA 108 -25.09 77.42 27.53
C ASP RA 108 -23.67 77.84 27.84
N ASN RA 109 -22.95 77.06 28.66
CA ASN RA 109 -21.57 77.32 29.01
C ASN RA 109 -20.59 76.99 27.90
N TYR RA 110 -21.03 76.31 26.84
CA TYR RA 110 -20.18 75.72 25.82
C TYR RA 110 -19.26 74.63 26.37
N TYR RA 111 -19.61 74.05 27.51
CA TYR RA 111 -18.89 72.92 28.09
C TYR RA 111 -19.50 71.66 27.51
N ARG RA 112 -18.95 71.19 26.39
CA ARG RA 112 -19.48 70.06 25.67
C ARG RA 112 -20.93 70.27 25.27
N PRO RA 113 -21.23 71.19 24.35
CA PRO RA 113 -22.61 71.30 23.84
C PRO RA 113 -23.08 70.07 23.11
N ASP RA 114 -22.17 69.24 22.59
CA ASP RA 114 -22.55 68.01 21.89
C ASP RA 114 -23.13 66.96 22.82
N LEU RA 115 -23.02 67.14 24.13
CA LEU RA 115 -23.54 66.18 25.10
C LEU RA 115 -24.84 66.63 25.75
N THR RA 116 -25.40 67.76 25.32
CA THR RA 116 -26.59 68.29 26.00
C THR RA 116 -27.80 67.39 25.80
N LYS RA 117 -27.92 66.74 24.66
CA LYS RA 117 -29.04 65.83 24.43
C LYS RA 117 -28.82 64.50 25.14
N PRO RA 118 -27.62 63.90 25.09
CA PRO RA 118 -27.40 62.72 25.94
C PRO RA 118 -27.57 62.98 27.42
N ALA RA 119 -27.19 64.18 27.89
CA ALA RA 119 -27.29 64.47 29.33
C ALA RA 119 -28.75 64.65 29.76
N LEU RA 120 -29.54 65.35 28.95
CA LEU RA 120 -30.96 65.52 29.28
C LEU RA 120 -31.70 64.19 29.19
N ALA RA 121 -31.33 63.35 28.21
CA ALA RA 121 -31.93 62.03 28.12
C ALA RA 121 -31.61 61.19 29.34
N ARG RA 122 -30.36 61.23 29.81
CA ARG RA 122 -29.98 60.42 30.96
C ARG RA 122 -30.61 60.95 32.23
N LEU RA 123 -30.75 62.27 32.36
CA LEU RA 123 -31.45 62.83 33.51
C LEU RA 123 -32.90 62.39 33.55
N SER RA 124 -33.55 62.30 32.38
CA SER RA 124 -34.90 61.77 32.32
C SER RA 124 -34.95 60.34 32.82
N ALA RA 125 -34.03 59.50 32.37
CA ALA RA 125 -34.04 58.10 32.77
C ALA RA 125 -33.71 57.94 34.26
N VAL RA 126 -32.79 58.76 34.77
CA VAL RA 126 -32.43 58.66 36.18
C VAL RA 126 -33.57 59.16 37.06
N TYR RA 127 -34.19 60.28 36.69
CA TYR RA 127 -35.31 60.80 37.45
C TYR RA 127 -36.49 59.83 37.42
N ARG RA 128 -36.77 59.26 36.25
CA ARG RA 128 -37.83 58.27 36.15
C ARG RA 128 -37.51 57.04 36.98
N SER RA 129 -36.24 56.62 37.00
CA SER RA 129 -35.85 55.48 37.82
C SER RA 129 -36.07 55.76 39.29
N LEU RA 130 -35.80 56.99 39.72
CA LEU RA 130 -36.03 57.35 41.11
C LEU RA 130 -37.51 57.45 41.42
N GLN RA 131 -38.32 57.87 40.43
CA GLN RA 131 -39.76 58.01 40.64
C GLN RA 131 -40.38 56.69 41.05
N VAL RA 132 -40.02 55.60 40.35
CA VAL RA 132 -40.58 54.30 40.68
C VAL RA 132 -39.93 53.72 41.93
N SER RA 133 -38.73 54.20 42.28
CA SER RA 133 -38.06 53.70 43.47
C SER RA 133 -38.85 54.03 44.74
N LYS RA 134 -39.40 55.24 44.81
CA LYS RA 134 -40.21 55.60 45.98
C LYS RA 134 -41.60 54.98 45.93
N SER RA 135 -42.18 54.85 44.74
CA SER RA 135 -43.51 54.23 44.58
C SER RA 135 -43.42 53.22 43.44
N GLY RA 136 -43.56 51.94 43.78
CA GLY RA 136 -43.38 50.85 42.84
C GLY RA 136 -44.14 50.97 41.53
N ILE RA 137 -43.66 50.26 40.51
CA ILE RA 137 -44.27 50.33 39.18
C ILE RA 137 -45.70 49.83 39.26
N LYS RA 138 -46.65 50.69 38.92
CA LYS RA 138 -48.05 50.31 38.86
C LYS RA 138 -48.54 50.10 37.43
N LYS RA 139 -47.73 50.40 36.42
CA LYS RA 139 -48.08 50.14 35.03
C LYS RA 139 -46.81 49.79 34.27
N LYS RA 140 -46.96 48.87 33.31
CA LYS RA 140 -45.86 48.47 32.46
C LYS RA 140 -45.97 49.20 31.12
N ASN RA 141 -44.80 49.55 30.56
CA ASN RA 141 -44.74 50.40 29.38
C ASN RA 141 -44.43 49.55 28.15
N ARG RA 142 -45.47 48.94 27.58
CA ARG RA 142 -45.34 48.15 26.37
C ARG RA 142 -46.17 48.71 25.21
N GLN RA 143 -46.61 49.96 25.31
CA GLN RA 143 -47.39 50.58 24.24
C GLN RA 143 -46.73 51.85 23.73
#